data_6BNP
#
_entry.id   6BNP
#
_cell.length_a   1
_cell.length_b   1
_cell.length_c   1
_cell.angle_alpha   90.00
_cell.angle_beta   90.00
_cell.angle_gamma   90.00
#
_symmetry.space_group_name_H-M   'P 1'
#
loop_
_entity.id
_entity.type
_entity.pdbx_description
1 polymer 'Unconventional myosin-VI'
2 polymer 'Actin, alpha skeletal muscle'
3 non-polymer 'MAGNESIUM ION'
4 non-polymer "ADENOSINE-5'-DIPHOSPHATE"
#
loop_
_entity_poly.entity_id
_entity_poly.type
_entity_poly.pdbx_seq_one_letter_code
_entity_poly.pdbx_strand_id
1 'polypeptide(L)'
;EDGKPVWAPHPTDGFQVGNIVDIGPDSLTIEPLNQKGKTFLALINQVFPAEEDSKKDVEDNCSLMYLNEATLLHNIKVRY
SKDRIYTYVANILIAVNPYFDIPKIYSSETIKSYQGKSLGTMPPHVFAIADKAFRDMKVLKLSQSIIVSGESGAGKTENT
KFVLRYLTESYGTGQDIDDRIVEANPLLEAFGNAKTVRNNNSSRFGKFVEIHFNEKSSVVGGFVSHYLLEKSRICVQGKE
ERNYHIFYRLCAGASEDIRERLHLSSPDNFRYLNRGCTRYFANKETDKQILQNRKSPEYLKAGSLKDPLLDDHGDFIRMC
TAMKKIGLDDEEKLDLFRVVAGVLHLGNIDFEEAGSTSGGCNLKNKSTQALEYCAELLGLDQDDLRVSLTTRVMLTTAGG
AKGTVIKVPLKVEQANNARDALAKTVYSHLFDHVVNRVNQCFPFETSSYFIGVLDIAGFEYFEHNSFEQFCINYCNEKLQ
QFFNERILKEEQELYQKEGLGVNEVHYVDNQDCIDLIEARLVGILDILDEENRLPQPSDQHFTSAVHQKHKDHFRLSIPR
KSKLAIHRNIRDDEGFIIRHFAGAVCYETTQFVEKNNDALHMSLESLICESRDKFIRELFESSTNNNKDTKQKAGKLSFI
SVGNKFKTQLNLLLDKLRSTGASFIRCIKPNLKMTSHHFEGAQILSQLQCSGMVSVLDLMQGGF
;
I,J,K,L,M,N
2 'polypeptide(L)'
;MCDEDETTALVCDNGSGLVKAGFAGDDAPRAVFPSIVGRPRHQGVMVGMGQKDSYVGDEAQSKRGILTLKYPIEHGIITN
WDDMEKIWHHTFYNELRVAPEEHPTLLTEAPLNPKANREKMTQIMFETFNVPAMYVAIQAVLSLYASGRTTGIVLDSGDG
VTHNVPIYEGYALPHAIMRLDLAGRDLTDYLMKILTERGYSFVTTAEREIVRDIKEKLCYVALDFENEMATAASSSSLEK
SYELPDGQVITIGNERFRCPETLFQPSFIGMESAGIHETTYNSIMKCDIDIRKDLYANNVMSGGTTMYPGIADRMQKEIT
ALAPSTMKIKIIAPPERKYSVWIGGSILASLSTFQQMWITKQEYDEAGPSIVH
;
A,B,C,D,E,F,G,H
#
loop_
_chem_comp.id
_chem_comp.type
_chem_comp.name
_chem_comp.formula
ADP non-polymer ADENOSINE-5'-DIPHOSPHATE 'C10 H15 N5 O10 P2'
MG non-polymer 'MAGNESIUM ION' 'Mg 2'
#
# COMPACT_ATOMS: atom_id res chain seq x y z
N GLU A 1 -87.22 -71.54 58.68
CA GLU A 1 -87.78 -72.91 58.44
C GLU A 1 -86.80 -74.06 58.62
N ASP A 2 -87.29 -75.25 59.02
CA ASP A 2 -86.46 -76.42 59.22
C ASP A 2 -86.98 -77.56 58.36
N GLY A 3 -86.22 -77.91 57.30
CA GLY A 3 -86.49 -79.03 56.40
C GLY A 3 -87.60 -78.86 55.41
N LYS A 4 -88.31 -77.72 55.41
CA LYS A 4 -89.37 -77.40 54.47
C LYS A 4 -88.81 -77.31 53.06
N PRO A 5 -89.52 -77.67 51.98
CA PRO A 5 -89.01 -77.66 50.61
C PRO A 5 -88.14 -76.48 50.19
N VAL A 6 -86.91 -76.78 49.73
CA VAL A 6 -85.90 -75.86 49.29
C VAL A 6 -85.59 -76.19 47.84
N TRP A 7 -84.86 -75.34 47.13
CA TRP A 7 -84.49 -75.63 45.78
C TRP A 7 -83.26 -76.55 45.74
N ALA A 8 -83.25 -77.51 44.80
CA ALA A 8 -82.29 -78.58 44.63
C ALA A 8 -81.53 -78.54 43.30
N PRO A 9 -80.21 -78.75 43.23
CA PRO A 9 -79.43 -78.79 41.98
C PRO A 9 -79.83 -79.80 40.92
N HIS A 10 -80.60 -79.39 39.88
CA HIS A 10 -81.00 -80.29 38.80
C HIS A 10 -80.23 -79.95 37.54
N PRO A 11 -79.38 -80.80 36.96
CA PRO A 11 -78.55 -80.47 35.79
C PRO A 11 -79.21 -79.77 34.63
N THR A 12 -80.46 -80.12 34.30
CA THR A 12 -81.16 -79.61 33.13
C THR A 12 -82.08 -78.43 33.41
N ASP A 13 -82.38 -78.11 34.68
CA ASP A 13 -83.29 -77.01 35.03
C ASP A 13 -82.65 -75.99 35.95
N GLY A 14 -81.42 -76.26 36.42
CA GLY A 14 -80.72 -75.42 37.39
C GLY A 14 -81.16 -75.82 38.77
N PHE A 15 -82.42 -75.48 39.12
CA PHE A 15 -82.99 -75.84 40.39
C PHE A 15 -84.38 -76.46 40.23
N GLN A 16 -84.71 -77.49 41.04
CA GLN A 16 -86.04 -78.09 41.14
C GLN A 16 -86.38 -78.25 42.60
N VAL A 17 -87.61 -78.62 43.00
CA VAL A 17 -87.97 -78.74 44.42
C VAL A 17 -87.27 -79.93 45.12
N GLY A 18 -87.11 -79.89 46.46
CA GLY A 18 -86.38 -80.90 47.19
C GLY A 18 -86.31 -80.60 48.66
N ASN A 19 -85.94 -81.60 49.47
CA ASN A 19 -85.96 -81.51 50.92
C ASN A 19 -84.60 -81.92 51.44
N ILE A 20 -84.31 -81.57 52.70
CA ILE A 20 -83.03 -81.80 53.33
C ILE A 20 -83.28 -82.84 54.38
N VAL A 21 -82.62 -84.01 54.27
CA VAL A 21 -82.90 -85.14 55.16
C VAL A 21 -81.69 -85.50 56.02
N ASP A 22 -80.55 -84.83 55.78
CA ASP A 22 -79.36 -84.97 56.57
C ASP A 22 -78.55 -83.72 56.26
N ILE A 23 -77.66 -83.29 57.15
CA ILE A 23 -76.94 -82.04 56.99
C ILE A 23 -75.58 -82.08 57.68
N GLY A 24 -74.54 -81.50 57.05
CA GLY A 24 -73.19 -81.38 57.59
C GLY A 24 -72.94 -79.95 57.99
N PRO A 25 -71.70 -79.47 58.12
CA PRO A 25 -71.48 -78.08 58.50
C PRO A 25 -71.91 -77.05 57.46
N ASP A 26 -71.37 -77.11 56.23
CA ASP A 26 -71.73 -76.19 55.16
C ASP A 26 -72.36 -76.98 54.01
N SER A 27 -72.44 -78.31 54.17
CA SER A 27 -73.02 -79.27 53.23
C SER A 27 -74.42 -79.67 53.61
N LEU A 28 -75.38 -79.73 52.67
CA LEU A 28 -76.74 -80.16 52.93
C LEU A 28 -77.05 -81.36 52.05
N THR A 29 -77.56 -82.47 52.65
CA THR A 29 -77.90 -83.69 51.93
C THR A 29 -79.30 -83.60 51.34
N ILE A 30 -79.39 -83.14 50.08
CA ILE A 30 -80.63 -82.87 49.34
C ILE A 30 -81.28 -84.05 48.62
N GLU A 31 -82.52 -84.40 48.99
CA GLU A 31 -83.35 -85.36 48.29
C GLU A 31 -84.31 -84.63 47.34
N PRO A 32 -84.31 -84.79 46.02
CA PRO A 32 -85.29 -84.16 45.15
C PRO A 32 -86.74 -84.54 45.42
N LEU A 33 -87.72 -83.67 45.09
CA LEU A 33 -89.14 -83.92 45.28
C LEU A 33 -89.71 -84.87 44.24
N ASN A 34 -89.38 -84.61 42.96
CA ASN A 34 -89.84 -85.37 41.81
C ASN A 34 -88.90 -86.49 41.38
N GLN A 35 -87.90 -86.84 42.20
CA GLN A 35 -86.98 -87.93 41.92
C GLN A 35 -86.37 -88.39 43.23
N LYS A 36 -87.21 -88.92 44.15
CA LYS A 36 -86.79 -89.37 45.47
C LYS A 36 -85.76 -90.50 45.42
N GLY A 37 -84.79 -90.51 46.36
CA GLY A 37 -83.70 -91.49 46.34
C GLY A 37 -82.54 -91.12 45.44
N LYS A 38 -82.55 -89.94 44.80
CA LYS A 38 -81.42 -89.45 44.01
C LYS A 38 -80.39 -88.76 44.92
N THR A 39 -80.84 -88.42 46.14
CA THR A 39 -80.20 -87.87 47.33
C THR A 39 -78.70 -87.67 47.36
N PHE A 40 -78.22 -86.52 46.88
CA PHE A 40 -76.82 -86.12 46.81
C PHE A 40 -76.42 -85.16 47.94
N LEU A 41 -75.19 -84.60 47.86
CA LEU A 41 -74.71 -83.60 48.80
C LEU A 41 -74.51 -82.28 48.04
N ALA A 42 -74.79 -81.13 48.68
CA ALA A 42 -74.67 -79.83 48.05
C ALA A 42 -74.31 -78.76 49.06
N LEU A 43 -73.62 -77.68 48.64
CA LEU A 43 -73.20 -76.57 49.50
C LEU A 43 -74.30 -75.52 49.69
N ILE A 44 -74.02 -74.51 50.54
CA ILE A 44 -74.90 -73.39 50.85
C ILE A 44 -75.34 -72.58 49.64
N ASN A 45 -74.44 -72.32 48.68
CA ASN A 45 -74.77 -71.54 47.50
C ASN A 45 -75.38 -72.36 46.37
N GLN A 46 -75.71 -73.64 46.66
CA GLN A 46 -76.36 -74.53 45.73
C GLN A 46 -77.79 -74.85 46.17
N VAL A 47 -78.28 -74.23 47.27
CA VAL A 47 -79.63 -74.46 47.77
C VAL A 47 -80.21 -73.13 48.22
N PHE A 48 -81.51 -72.92 47.95
CA PHE A 48 -82.18 -71.66 48.23
C PHE A 48 -83.58 -71.91 48.76
N PRO A 49 -84.13 -71.16 49.71
CA PRO A 49 -85.47 -71.39 50.23
C PRO A 49 -86.59 -71.09 49.23
N ALA A 50 -87.63 -71.94 49.20
CA ALA A 50 -88.76 -71.83 48.29
C ALA A 50 -90.02 -71.43 49.05
N GLU A 51 -90.94 -70.68 48.41
CA GLU A 51 -92.23 -70.32 49.01
C GLU A 51 -93.10 -71.54 49.30
N GLU A 52 -94.00 -71.44 50.28
CA GLU A 52 -94.78 -72.56 50.75
C GLU A 52 -95.97 -72.95 49.85
N ASP A 53 -96.38 -72.05 48.93
CA ASP A 53 -97.40 -72.33 47.94
C ASP A 53 -96.67 -72.34 46.60
N SER A 54 -96.92 -73.35 45.74
CA SER A 54 -96.19 -73.57 44.51
C SER A 54 -96.97 -73.26 43.24
N LYS A 55 -98.27 -72.97 43.34
CA LYS A 55 -99.12 -72.64 42.21
C LYS A 55 -99.44 -71.16 42.12
N LYS A 56 -98.52 -70.28 42.58
CA LYS A 56 -98.71 -68.84 42.61
C LYS A 56 -97.63 -68.05 41.89
N ASP A 57 -97.99 -66.84 41.43
CA ASP A 57 -97.07 -65.90 40.80
C ASP A 57 -97.38 -64.50 41.27
N VAL A 58 -96.48 -63.54 40.99
CA VAL A 58 -96.68 -62.14 41.35
C VAL A 58 -96.12 -61.29 40.23
N GLU A 59 -96.78 -60.14 39.95
CA GLU A 59 -96.38 -59.18 38.94
C GLU A 59 -95.13 -58.42 39.40
N ASP A 60 -95.17 -57.98 40.68
CA ASP A 60 -94.12 -57.29 41.38
C ASP A 60 -93.52 -58.28 42.37
N ASN A 61 -92.18 -58.41 42.33
CA ASN A 61 -91.50 -59.42 43.11
C ASN A 61 -91.30 -59.08 44.58
N CYS A 62 -91.68 -57.87 45.03
CA CYS A 62 -91.62 -57.55 46.45
C CYS A 62 -92.89 -57.97 47.17
N SER A 63 -93.74 -58.79 46.51
CA SER A 63 -94.93 -59.38 47.10
C SER A 63 -94.64 -60.81 47.54
N LEU A 64 -93.34 -61.19 47.57
CA LEU A 64 -92.86 -62.48 48.01
C LEU A 64 -92.30 -62.37 49.43
N MET A 65 -92.23 -63.52 50.15
CA MET A 65 -91.67 -63.61 51.49
C MET A 65 -90.32 -64.29 51.45
N TYR A 66 -90.05 -65.08 50.39
CA TYR A 66 -88.80 -65.79 50.19
C TYR A 66 -88.21 -65.43 48.84
N LEU A 67 -87.54 -64.26 48.70
CA LEU A 67 -86.92 -63.87 47.45
C LEU A 67 -85.42 -64.16 47.45
N ASN A 68 -84.97 -64.81 46.36
CA ASN A 68 -83.61 -65.24 46.11
C ASN A 68 -83.54 -65.51 44.61
N GLU A 69 -82.53 -66.24 44.10
CA GLU A 69 -82.42 -66.37 42.65
C GLU A 69 -83.14 -67.59 42.13
N ALA A 70 -83.38 -68.60 42.99
CA ALA A 70 -84.17 -69.74 42.62
C ALA A 70 -85.67 -69.43 42.61
N THR A 71 -86.16 -68.52 43.47
CA THR A 71 -87.57 -68.18 43.51
C THR A 71 -87.92 -67.13 42.49
N LEU A 72 -86.92 -66.40 41.96
CA LEU A 72 -87.11 -65.54 40.81
C LEU A 72 -87.26 -66.37 39.54
N LEU A 73 -86.50 -67.49 39.46
CA LEU A 73 -86.53 -68.46 38.37
C LEU A 73 -87.84 -69.23 38.35
N HIS A 74 -88.39 -69.54 39.54
CA HIS A 74 -89.68 -70.18 39.63
C HIS A 74 -90.81 -69.21 39.35
N ASN A 75 -90.63 -67.90 39.59
CA ASN A 75 -91.65 -66.92 39.26
C ASN A 75 -91.79 -66.77 37.75
N ILE A 76 -90.70 -66.89 36.98
CA ILE A 76 -90.79 -66.78 35.53
C ILE A 76 -91.01 -68.11 34.82
N LYS A 77 -91.26 -69.21 35.56
CA LYS A 77 -91.61 -70.50 34.98
C LYS A 77 -93.12 -70.61 34.98
N VAL A 78 -93.76 -70.19 36.08
CA VAL A 78 -95.21 -70.12 36.21
C VAL A 78 -95.74 -69.00 35.33
N ARG A 79 -95.07 -67.83 35.29
CA ARG A 79 -95.53 -66.76 34.41
C ARG A 79 -95.32 -67.04 32.93
N TYR A 80 -94.38 -67.93 32.56
CA TYR A 80 -94.21 -68.37 31.19
C TYR A 80 -95.37 -69.23 30.69
N SER A 81 -96.05 -70.00 31.57
CA SER A 81 -97.19 -70.80 31.14
C SER A 81 -98.49 -70.06 31.32
N LYS A 82 -98.44 -68.79 31.76
CA LYS A 82 -99.61 -67.93 31.83
C LYS A 82 -99.53 -66.87 30.75
N ASP A 83 -98.46 -66.91 29.93
CA ASP A 83 -98.14 -66.00 28.85
C ASP A 83 -97.90 -64.59 29.37
N ARG A 84 -97.30 -64.46 30.56
CA ARG A 84 -96.94 -63.21 31.18
C ARG A 84 -95.43 -63.07 31.00
N ILE A 85 -95.01 -62.27 30.01
CA ILE A 85 -93.62 -62.18 29.60
C ILE A 85 -92.88 -61.00 30.20
N TYR A 86 -93.59 -60.10 30.92
CA TYR A 86 -92.94 -59.01 31.61
C TYR A 86 -93.02 -59.28 33.10
N THR A 87 -91.91 -59.03 33.82
CA THR A 87 -91.77 -59.35 35.24
C THR A 87 -91.10 -58.21 35.97
N TYR A 88 -91.78 -57.60 36.96
CA TYR A 88 -91.33 -56.40 37.66
C TYR A 88 -90.43 -56.68 38.85
N VAL A 89 -89.11 -56.40 38.75
CA VAL A 89 -88.24 -56.48 39.91
C VAL A 89 -87.76 -55.04 40.12
N ALA A 90 -88.47 -54.27 40.96
CA ALA A 90 -88.19 -52.87 41.24
C ALA A 90 -87.82 -51.98 40.02
N ASN A 91 -86.57 -51.48 39.94
CA ASN A 91 -86.09 -50.67 38.83
C ASN A 91 -85.46 -51.52 37.72
N ILE A 92 -85.68 -52.86 37.75
CA ILE A 92 -85.22 -53.77 36.74
C ILE A 92 -86.44 -54.42 36.11
N LEU A 93 -86.53 -54.34 34.76
CA LEU A 93 -87.59 -55.01 34.05
C LEU A 93 -86.95 -56.18 33.35
N ILE A 94 -87.53 -57.37 33.57
CA ILE A 94 -87.08 -58.62 33.03
C ILE A 94 -88.05 -59.01 31.93
N ALA A 95 -87.57 -58.95 30.68
CA ALA A 95 -88.34 -59.24 29.50
C ALA A 95 -87.73 -60.49 28.88
N VAL A 96 -88.57 -61.47 28.55
CA VAL A 96 -88.13 -62.77 28.04
C VAL A 96 -88.65 -62.87 26.62
N ASN A 97 -87.74 -63.03 25.62
CA ASN A 97 -88.13 -63.08 24.21
C ASN A 97 -88.94 -64.33 23.89
N PRO A 98 -90.21 -64.31 23.49
CA PRO A 98 -90.96 -65.54 23.31
C PRO A 98 -90.71 -66.24 22.00
N TYR A 99 -90.37 -65.51 20.91
CA TYR A 99 -90.20 -66.05 19.56
C TYR A 99 -91.54 -66.39 18.92
N PHE A 100 -92.62 -65.85 19.50
CA PHE A 100 -93.95 -65.97 18.98
C PHE A 100 -94.70 -64.69 19.27
N ASP A 101 -95.86 -64.49 18.64
CA ASP A 101 -96.65 -63.31 18.81
C ASP A 101 -97.76 -63.65 19.80
N ILE A 102 -97.84 -62.94 20.93
CA ILE A 102 -98.90 -63.14 21.89
C ILE A 102 -100.06 -62.25 21.43
N PRO A 103 -101.28 -62.72 21.20
CA PRO A 103 -102.35 -61.89 20.64
C PRO A 103 -102.65 -60.55 21.29
N LYS A 104 -102.52 -59.47 20.50
CA LYS A 104 -102.93 -58.11 20.81
C LYS A 104 -102.43 -57.54 22.13
N ILE A 105 -101.14 -57.74 22.47
CA ILE A 105 -100.58 -57.15 23.67
C ILE A 105 -99.78 -55.89 23.36
N TYR A 106 -99.54 -55.59 22.07
CA TYR A 106 -98.85 -54.41 21.61
C TYR A 106 -99.76 -53.54 20.77
N SER A 107 -101.09 -53.76 20.86
CA SER A 107 -102.09 -53.01 20.10
C SER A 107 -102.25 -51.55 20.49
N SER A 108 -102.82 -50.73 19.60
CA SER A 108 -103.01 -49.30 19.82
C SER A 108 -104.08 -49.00 20.86
N GLU A 109 -105.04 -49.92 21.06
CA GLU A 109 -106.03 -49.84 22.12
C GLU A 109 -105.35 -50.11 23.47
N THR A 110 -104.31 -50.99 23.47
CA THR A 110 -103.49 -51.27 24.64
C THR A 110 -102.65 -50.06 25.03
N ILE A 111 -102.13 -49.30 24.06
CA ILE A 111 -101.35 -48.08 24.30
C ILE A 111 -102.17 -47.00 25.00
N LYS A 112 -103.44 -46.80 24.59
CA LYS A 112 -104.29 -45.80 25.21
C LYS A 112 -104.98 -46.32 26.48
N SER A 113 -104.77 -47.61 26.82
CA SER A 113 -105.20 -48.15 28.09
C SER A 113 -104.09 -47.94 29.11
N TYR A 114 -102.84 -48.25 28.72
CA TYR A 114 -101.68 -48.08 29.59
C TYR A 114 -101.35 -46.67 30.02
N GLN A 115 -101.40 -45.67 29.12
CA GLN A 115 -101.05 -44.28 29.36
C GLN A 115 -101.26 -43.71 30.76
N GLY A 116 -100.17 -43.24 31.39
CA GLY A 116 -100.14 -42.65 32.73
C GLY A 116 -100.06 -43.62 33.89
N LYS A 117 -99.97 -44.94 33.66
CA LYS A 117 -99.97 -45.92 34.74
C LYS A 117 -98.75 -46.86 34.71
N SER A 118 -98.05 -47.02 35.86
CA SER A 118 -96.90 -47.92 35.96
C SER A 118 -96.51 -48.37 37.37
N LEU A 119 -97.14 -47.85 38.44
CA LEU A 119 -96.83 -48.23 39.81
C LEU A 119 -98.11 -48.42 40.60
N GLY A 120 -98.38 -49.64 41.11
CA GLY A 120 -99.57 -49.91 41.93
C GLY A 120 -100.89 -49.66 41.24
N THR A 121 -100.89 -49.81 39.92
CA THR A 121 -101.99 -49.53 39.02
C THR A 121 -102.09 -50.63 37.96
N MET A 122 -101.33 -50.51 36.87
CA MET A 122 -101.27 -51.49 35.80
C MET A 122 -100.10 -52.46 36.01
N PRO A 123 -100.11 -53.68 35.47
CA PRO A 123 -99.01 -54.63 35.64
C PRO A 123 -97.87 -54.31 34.68
N PRO A 124 -96.63 -54.77 34.88
CA PRO A 124 -95.49 -54.46 34.01
C PRO A 124 -95.71 -54.81 32.55
N HIS A 125 -95.19 -53.96 31.66
CA HIS A 125 -95.24 -54.17 30.23
C HIS A 125 -94.16 -53.27 29.71
N VAL A 126 -93.86 -53.26 28.40
CA VAL A 126 -92.80 -52.39 27.91
C VAL A 126 -93.33 -50.97 27.77
N PHE A 127 -94.67 -50.83 27.71
CA PHE A 127 -95.31 -49.54 27.73
C PHE A 127 -95.36 -48.93 29.12
N ALA A 128 -95.07 -49.71 30.20
CA ALA A 128 -95.01 -49.13 31.53
C ALA A 128 -93.64 -48.54 31.86
N ILE A 129 -92.61 -48.78 31.03
CA ILE A 129 -91.30 -48.20 31.28
C ILE A 129 -91.18 -46.91 30.50
N ALA A 130 -91.62 -46.92 29.24
CA ALA A 130 -91.62 -45.74 28.41
C ALA A 130 -92.58 -44.66 28.90
N ASP A 131 -93.72 -45.05 29.52
CA ASP A 131 -94.64 -44.08 30.09
C ASP A 131 -94.11 -43.45 31.36
N LYS A 132 -93.30 -44.18 32.14
CA LYS A 132 -92.63 -43.63 33.32
C LYS A 132 -91.58 -42.62 32.92
N ALA A 133 -90.85 -42.86 31.82
CA ALA A 133 -89.79 -41.98 31.42
C ALA A 133 -90.30 -40.65 30.86
N PHE A 134 -91.53 -40.58 30.33
CA PHE A 134 -92.13 -39.28 30.04
C PHE A 134 -92.58 -38.56 31.31
N ARG A 135 -93.07 -39.30 32.31
CA ARG A 135 -93.52 -38.69 33.56
C ARG A 135 -92.40 -38.27 34.47
N ASP A 136 -91.23 -38.91 34.39
CA ASP A 136 -90.08 -38.51 35.17
C ASP A 136 -89.18 -37.63 34.32
N MET A 137 -89.75 -36.66 33.56
CA MET A 137 -88.97 -35.75 32.74
C MET A 137 -89.11 -34.32 33.24
N LYS A 138 -90.19 -33.60 32.87
CA LYS A 138 -90.42 -32.22 33.27
C LYS A 138 -90.70 -32.09 34.76
N VAL A 139 -91.36 -33.10 35.36
CA VAL A 139 -91.66 -33.16 36.78
C VAL A 139 -90.40 -33.16 37.66
N LEU A 140 -89.35 -33.87 37.21
CA LEU A 140 -88.08 -33.93 37.93
C LEU A 140 -87.08 -32.92 37.42
N LYS A 141 -87.31 -32.40 36.19
CA LYS A 141 -86.44 -31.49 35.46
C LYS A 141 -85.13 -32.18 35.14
N LEU A 142 -85.20 -33.45 34.68
CA LEU A 142 -84.06 -34.32 34.47
C LEU A 142 -84.21 -35.17 33.21
N SER A 143 -83.14 -35.26 32.40
CA SER A 143 -83.11 -36.09 31.20
C SER A 143 -83.04 -37.57 31.55
N GLN A 144 -83.55 -38.46 30.68
CA GLN A 144 -83.68 -39.88 30.99
C GLN A 144 -82.94 -40.76 30.02
N SER A 145 -82.67 -42.00 30.45
CA SER A 145 -81.97 -42.96 29.63
C SER A 145 -82.49 -44.34 29.94
N ILE A 146 -82.74 -45.13 28.90
CA ILE A 146 -83.22 -46.48 29.02
C ILE A 146 -82.02 -47.30 28.65
N ILE A 147 -81.57 -48.17 29.58
CA ILE A 147 -80.33 -48.92 29.43
C ILE A 147 -80.68 -50.37 29.22
N VAL A 148 -80.30 -50.95 28.07
CA VAL A 148 -80.71 -52.31 27.78
C VAL A 148 -79.52 -53.22 27.68
N SER A 149 -79.45 -54.23 28.58
CA SER A 149 -78.37 -55.20 28.62
C SER A 149 -78.84 -56.59 28.20
N GLY A 150 -78.16 -57.67 28.66
CA GLY A 150 -78.54 -59.04 28.32
C GLY A 150 -77.95 -59.58 27.04
N GLU A 151 -78.32 -60.82 26.72
CA GLU A 151 -77.85 -61.58 25.58
C GLU A 151 -78.18 -60.99 24.21
N SER A 152 -77.31 -61.23 23.21
CA SER A 152 -77.56 -60.85 21.83
C SER A 152 -78.79 -61.58 21.30
N GLY A 153 -79.76 -60.90 20.67
CA GLY A 153 -80.97 -61.56 20.20
C GLY A 153 -81.99 -61.88 21.27
N ALA A 154 -81.76 -61.42 22.50
CA ALA A 154 -82.64 -61.73 23.61
C ALA A 154 -83.76 -60.73 23.79
N GLY A 155 -83.85 -59.70 22.93
CA GLY A 155 -84.95 -58.75 22.99
C GLY A 155 -84.50 -57.33 23.04
N LYS A 156 -83.19 -57.03 23.04
CA LYS A 156 -82.75 -55.66 23.16
C LYS A 156 -82.92 -54.88 21.88
N THR A 157 -82.96 -55.56 20.72
CA THR A 157 -83.40 -54.93 19.49
C THR A 157 -84.91 -54.74 19.49
N GLU A 158 -85.67 -55.79 19.86
CA GLU A 158 -87.13 -55.79 19.84
C GLU A 158 -87.79 -54.89 20.87
N ASN A 159 -87.23 -54.75 22.08
CA ASN A 159 -87.76 -53.84 23.09
C ASN A 159 -87.55 -52.40 22.67
N THR A 160 -86.49 -52.12 21.89
CA THR A 160 -86.22 -50.77 21.43
C THR A 160 -87.25 -50.33 20.42
N LYS A 161 -87.70 -51.21 19.51
CA LYS A 161 -88.76 -50.82 18.59
C LYS A 161 -90.14 -50.65 19.25
N PHE A 162 -90.44 -51.37 20.35
CA PHE A 162 -91.65 -51.14 21.13
C PHE A 162 -91.62 -49.86 21.95
N VAL A 163 -90.40 -49.42 22.36
CA VAL A 163 -90.19 -48.17 23.05
C VAL A 163 -90.38 -47.02 22.08
N LEU A 164 -89.79 -47.09 20.88
CA LEU A 164 -89.95 -46.00 19.93
C LEU A 164 -91.37 -45.93 19.34
N ARG A 165 -92.13 -47.05 19.37
CA ARG A 165 -93.52 -47.03 19.02
C ARG A 165 -94.34 -46.32 20.08
N TYR A 166 -94.03 -46.56 21.38
CA TYR A 166 -94.74 -45.93 22.46
C TYR A 166 -94.41 -44.45 22.61
N LEU A 167 -93.20 -44.02 22.25
CA LEU A 167 -92.86 -42.63 22.40
C LEU A 167 -93.44 -41.76 21.31
N THR A 168 -93.77 -42.30 20.13
CA THR A 168 -94.44 -41.50 19.11
C THR A 168 -95.95 -41.57 19.18
N GLU A 169 -96.51 -42.80 19.27
CA GLU A 169 -97.94 -42.99 19.36
C GLU A 169 -98.59 -42.47 20.64
N SER A 170 -97.96 -42.63 21.82
CA SER A 170 -98.59 -42.17 23.06
C SER A 170 -98.37 -40.70 23.35
N TYR A 171 -97.10 -40.25 23.47
CA TYR A 171 -96.79 -38.87 23.83
C TYR A 171 -96.19 -38.03 22.72
N GLY A 172 -95.90 -38.58 21.53
CA GLY A 172 -95.34 -37.78 20.45
C GLY A 172 -96.35 -36.98 19.70
N THR A 173 -97.61 -37.44 19.72
CA THR A 173 -98.77 -36.82 19.06
C THR A 173 -98.55 -36.68 17.57
N GLY A 174 -98.02 -37.78 16.99
CA GLY A 174 -97.58 -37.88 15.61
C GLY A 174 -96.10 -38.15 15.62
N GLN A 175 -95.30 -37.31 14.95
CA GLN A 175 -93.84 -37.40 14.88
C GLN A 175 -93.31 -38.74 14.37
N ASP A 176 -93.32 -38.95 13.03
CA ASP A 176 -92.95 -40.18 12.36
C ASP A 176 -91.45 -40.52 12.32
N ILE A 177 -90.78 -40.35 13.48
CA ILE A 177 -89.39 -40.70 13.67
C ILE A 177 -89.20 -42.19 13.88
N ASP A 178 -90.27 -42.87 14.39
CA ASP A 178 -90.30 -44.27 14.70
C ASP A 178 -89.91 -45.23 13.58
N ASP A 179 -90.40 -45.05 12.35
CA ASP A 179 -90.02 -45.94 11.28
C ASP A 179 -88.93 -45.39 10.38
N ARG A 180 -88.30 -44.23 10.67
CA ARG A 180 -87.12 -43.84 9.90
C ARG A 180 -85.89 -44.57 10.41
N ILE A 181 -85.95 -45.06 11.67
CA ILE A 181 -84.98 -45.90 12.34
C ILE A 181 -85.03 -47.31 11.79
N VAL A 182 -86.27 -47.84 11.65
CA VAL A 182 -86.56 -49.14 11.06
C VAL A 182 -86.18 -49.19 9.58
N GLU A 183 -86.47 -48.13 8.80
CA GLU A 183 -86.12 -48.08 7.39
C GLU A 183 -84.63 -48.05 7.13
N ALA A 184 -83.82 -47.48 8.06
CA ALA A 184 -82.37 -47.55 7.92
C ALA A 184 -81.78 -48.54 8.93
N ASN A 185 -82.55 -49.59 9.30
CA ASN A 185 -82.09 -50.71 10.08
C ASN A 185 -81.24 -51.71 9.30
N PRO A 186 -81.45 -52.07 8.02
CA PRO A 186 -80.56 -53.01 7.34
C PRO A 186 -79.17 -52.43 7.08
N LEU A 187 -79.02 -51.11 7.10
CA LEU A 187 -77.72 -50.47 6.92
C LEU A 187 -76.75 -50.72 8.07
N LEU A 188 -77.25 -50.73 9.34
CA LEU A 188 -76.40 -50.97 10.49
C LEU A 188 -76.19 -52.44 10.76
N GLU A 189 -76.97 -53.32 10.10
CA GLU A 189 -76.82 -54.76 10.16
C GLU A 189 -75.60 -55.20 9.38
N ALA A 190 -75.08 -54.34 8.49
CA ALA A 190 -73.88 -54.61 7.74
C ALA A 190 -72.62 -54.10 8.45
N PHE A 191 -72.57 -52.79 8.78
CA PHE A 191 -71.39 -52.19 9.38
C PHE A 191 -71.07 -52.61 10.81
N GLY A 192 -72.07 -52.67 11.71
CA GLY A 192 -71.83 -52.92 13.13
C GLY A 192 -71.99 -54.32 13.61
N ASN A 193 -72.99 -55.06 13.08
CA ASN A 193 -73.21 -56.45 13.42
C ASN A 193 -72.10 -57.34 12.88
N ALA A 194 -71.51 -58.18 13.74
CA ALA A 194 -70.50 -59.11 13.28
C ALA A 194 -70.92 -60.50 13.72
N LYS A 195 -69.97 -61.44 13.77
CA LYS A 195 -70.20 -62.80 14.22
C LYS A 195 -69.29 -63.07 15.38
N THR A 196 -69.83 -63.55 16.52
CA THR A 196 -69.02 -63.90 17.68
C THR A 196 -69.20 -65.37 17.93
N VAL A 197 -68.33 -65.96 18.77
CA VAL A 197 -68.29 -67.38 19.03
C VAL A 197 -69.59 -67.91 19.62
N ARG A 198 -70.20 -67.16 20.57
CA ARG A 198 -71.47 -67.49 21.20
C ARG A 198 -72.72 -67.35 20.31
N ASN A 199 -72.83 -66.25 19.53
CA ASN A 199 -74.02 -65.96 18.75
C ASN A 199 -73.64 -65.46 17.38
N ASN A 200 -74.37 -65.92 16.35
CA ASN A 200 -74.14 -65.55 14.97
C ASN A 200 -74.39 -64.07 14.65
N ASN A 201 -75.47 -63.48 15.19
CA ASN A 201 -75.83 -62.10 14.95
C ASN A 201 -75.67 -61.30 16.23
N SER A 202 -74.51 -60.65 16.46
CA SER A 202 -74.33 -59.78 17.62
C SER A 202 -73.99 -58.38 17.17
N SER A 203 -74.62 -57.34 17.74
CA SER A 203 -74.22 -55.95 17.53
C SER A 203 -72.98 -55.68 18.35
N ARG A 204 -71.92 -55.08 17.80
CA ARG A 204 -70.67 -54.89 18.54
C ARG A 204 -70.36 -53.44 18.86
N PHE A 205 -71.33 -52.53 18.70
CA PHE A 205 -71.13 -51.12 18.99
C PHE A 205 -72.20 -50.61 19.91
N GLY A 206 -71.93 -49.52 20.64
CA GLY A 206 -72.89 -48.91 21.54
C GLY A 206 -73.80 -48.01 20.78
N LYS A 207 -74.92 -48.55 20.27
CA LYS A 207 -75.93 -47.80 19.55
C LYS A 207 -76.70 -46.94 20.54
N PHE A 208 -76.63 -45.60 20.44
CA PHE A 208 -77.28 -44.71 21.37
C PHE A 208 -78.21 -43.74 20.67
N VAL A 209 -79.39 -44.22 20.26
CA VAL A 209 -80.43 -43.41 19.64
C VAL A 209 -81.11 -42.52 20.67
N GLU A 210 -80.89 -41.19 20.66
CA GLU A 210 -81.49 -40.33 21.65
C GLU A 210 -82.65 -39.62 20.99
N ILE A 211 -83.71 -39.34 21.78
CA ILE A 211 -84.93 -38.69 21.32
C ILE A 211 -85.06 -37.40 22.11
N HIS A 212 -84.82 -36.29 21.41
CA HIS A 212 -84.80 -34.94 21.93
C HIS A 212 -86.16 -34.34 22.24
N PHE A 213 -86.31 -33.73 23.43
CA PHE A 213 -87.49 -33.02 23.84
C PHE A 213 -87.11 -31.55 24.08
N ASN A 214 -88.07 -30.62 23.92
CA ASN A 214 -87.83 -29.21 24.12
C ASN A 214 -88.25 -28.77 25.51
N GLU A 215 -88.45 -27.45 25.77
CA GLU A 215 -88.85 -26.96 27.07
C GLU A 215 -90.37 -26.91 27.21
N LYS A 216 -91.11 -27.45 26.21
CA LYS A 216 -92.56 -27.47 26.20
C LYS A 216 -93.10 -28.89 26.19
N SER A 217 -92.22 -29.88 26.40
CA SER A 217 -92.56 -31.30 26.42
C SER A 217 -93.13 -31.84 25.11
N SER A 218 -92.49 -31.48 23.99
CA SER A 218 -92.83 -31.97 22.65
C SER A 218 -91.63 -32.69 22.10
N VAL A 219 -91.83 -33.76 21.30
CA VAL A 219 -90.73 -34.51 20.68
C VAL A 219 -90.22 -33.71 19.49
N VAL A 220 -88.99 -33.18 19.53
CA VAL A 220 -88.51 -32.32 18.45
C VAL A 220 -87.54 -32.95 17.48
N GLY A 221 -86.97 -34.13 17.79
CA GLY A 221 -85.99 -34.69 16.88
C GLY A 221 -85.25 -35.81 17.53
N GLY A 222 -84.42 -36.50 16.75
CA GLY A 222 -83.66 -37.61 17.29
C GLY A 222 -82.26 -37.52 16.81
N PHE A 223 -81.40 -38.37 17.37
CA PHE A 223 -80.01 -38.38 17.00
C PHE A 223 -79.51 -39.78 17.25
N VAL A 224 -78.67 -40.32 16.35
CA VAL A 224 -78.10 -41.63 16.55
C VAL A 224 -76.66 -41.35 16.85
N SER A 225 -76.20 -41.82 18.02
CA SER A 225 -74.84 -41.67 18.47
C SER A 225 -74.25 -43.05 18.56
N HIS A 226 -72.95 -43.20 18.27
CA HIS A 226 -72.29 -44.48 18.33
C HIS A 226 -71.07 -44.40 19.21
N TYR A 227 -70.83 -45.42 20.05
CA TYR A 227 -69.68 -45.45 20.92
C TYR A 227 -69.09 -46.85 20.88
N LEU A 228 -67.76 -46.94 21.00
CA LEU A 228 -66.94 -48.15 21.04
C LEU A 228 -67.07 -49.07 19.84
N LEU A 229 -66.01 -49.85 19.55
CA LEU A 229 -66.04 -50.80 18.46
C LEU A 229 -64.92 -51.79 18.70
N GLU A 230 -65.03 -53.04 18.23
CA GLU A 230 -63.95 -53.99 18.31
C GLU A 230 -63.02 -53.72 17.14
N LYS A 231 -62.17 -52.67 17.27
CA LYS A 231 -61.27 -52.20 16.24
C LYS A 231 -60.27 -53.24 15.77
N SER A 232 -59.80 -54.11 16.69
CA SER A 232 -58.90 -55.21 16.39
C SER A 232 -59.51 -56.21 15.41
N ARG A 233 -60.81 -56.50 15.56
CA ARG A 233 -61.60 -57.39 14.73
C ARG A 233 -61.60 -57.02 13.25
N ILE A 234 -61.42 -55.73 12.91
CA ILE A 234 -61.36 -55.25 11.55
C ILE A 234 -60.21 -55.91 10.78
N CYS A 235 -59.04 -56.09 11.43
CA CYS A 235 -57.89 -56.67 10.77
C CYS A 235 -57.61 -58.11 11.13
N VAL A 236 -57.76 -58.53 12.40
CA VAL A 236 -57.40 -59.87 12.82
C VAL A 236 -58.51 -60.58 13.58
N GLN A 237 -58.85 -61.81 13.13
CA GLN A 237 -59.93 -62.62 13.66
C GLN A 237 -59.45 -64.04 13.94
N GLY A 238 -59.86 -64.60 15.09
CA GLY A 238 -59.56 -65.99 15.47
C GLY A 238 -60.43 -67.03 14.79
N LYS A 239 -60.29 -68.30 15.20
CA LYS A 239 -61.11 -69.39 14.69
C LYS A 239 -62.59 -69.21 14.97
N GLU A 240 -63.46 -69.60 14.01
CA GLU A 240 -64.92 -69.44 14.00
C GLU A 240 -65.42 -68.00 13.89
N GLU A 241 -64.62 -67.01 14.33
CA GLU A 241 -64.92 -65.60 14.28
C GLU A 241 -64.87 -65.08 12.85
N ARG A 242 -65.64 -64.01 12.56
CA ARG A 242 -65.65 -63.40 11.24
C ARG A 242 -65.25 -61.94 11.45
N ASN A 243 -65.22 -61.15 10.37
CA ASN A 243 -64.96 -59.72 10.46
C ASN A 243 -66.30 -59.01 10.68
N TYR A 244 -66.55 -57.81 10.12
CA TYR A 244 -67.87 -57.22 10.15
C TYR A 244 -68.71 -57.78 9.03
N HIS A 245 -70.05 -57.60 9.06
CA HIS A 245 -70.93 -58.17 8.05
C HIS A 245 -70.95 -57.51 6.69
N ILE A 246 -70.43 -56.28 6.56
CA ILE A 246 -70.29 -55.59 5.27
C ILE A 246 -69.12 -56.17 4.47
N PHE A 247 -68.23 -56.93 5.15
CA PHE A 247 -67.10 -57.60 4.55
C PHE A 247 -67.43 -59.03 4.13
N TYR A 248 -68.72 -59.39 4.13
CA TYR A 248 -69.19 -60.68 3.67
C TYR A 248 -70.35 -60.44 2.76
N ARG A 249 -71.23 -59.48 3.09
CA ARG A 249 -72.33 -59.14 2.22
C ARG A 249 -71.88 -58.44 0.95
N LEU A 250 -70.76 -57.68 0.99
CA LEU A 250 -70.21 -57.13 -0.25
C LEU A 250 -69.42 -58.18 -1.02
N CYS A 251 -68.73 -59.10 -0.32
CA CYS A 251 -67.99 -60.18 -0.96
C CYS A 251 -68.88 -61.20 -1.66
N ALA A 252 -70.00 -61.61 -1.02
CA ALA A 252 -70.95 -62.55 -1.56
C ALA A 252 -72.00 -61.92 -2.47
N GLY A 253 -72.58 -60.78 -2.05
CA GLY A 253 -73.69 -60.15 -2.73
C GLY A 253 -73.37 -59.30 -3.93
N ALA A 254 -72.09 -58.98 -4.18
CA ALA A 254 -71.70 -58.18 -5.34
C ALA A 254 -72.06 -58.80 -6.68
N SER A 255 -72.53 -57.97 -7.63
CA SER A 255 -72.89 -58.39 -8.98
C SER A 255 -71.67 -58.42 -9.88
N GLU A 256 -71.84 -58.80 -11.16
CA GLU A 256 -70.74 -58.96 -12.10
C GLU A 256 -70.52 -57.68 -12.88
N ASP A 257 -71.45 -56.72 -12.77
CA ASP A 257 -71.28 -55.41 -13.38
C ASP A 257 -70.73 -54.45 -12.31
N ILE A 258 -70.61 -54.93 -11.05
CA ILE A 258 -70.04 -54.23 -9.92
C ILE A 258 -68.68 -54.81 -9.57
N ARG A 259 -68.50 -56.14 -9.65
CA ARG A 259 -67.23 -56.78 -9.32
C ARG A 259 -66.11 -56.38 -10.26
N GLU A 260 -66.41 -56.05 -11.53
CA GLU A 260 -65.43 -55.50 -12.45
C GLU A 260 -65.01 -54.06 -12.14
N ARG A 261 -65.80 -53.29 -11.37
CA ARG A 261 -65.44 -51.92 -11.01
C ARG A 261 -64.70 -51.88 -9.68
N LEU A 262 -64.80 -52.95 -8.86
CA LEU A 262 -64.16 -53.01 -7.56
C LEU A 262 -62.98 -53.97 -7.54
N HIS A 263 -62.80 -54.75 -8.63
CA HIS A 263 -61.75 -55.74 -8.81
C HIS A 263 -61.72 -56.83 -7.75
N LEU A 264 -62.89 -57.30 -7.29
CA LEU A 264 -63.00 -58.33 -6.28
C LEU A 264 -62.68 -59.74 -6.77
N SER A 265 -62.27 -60.60 -5.82
CA SER A 265 -61.95 -62.00 -6.03
C SER A 265 -62.43 -62.70 -4.79
N SER A 266 -62.37 -64.04 -4.74
CA SER A 266 -62.87 -64.83 -3.60
C SER A 266 -62.15 -64.56 -2.27
N PRO A 267 -62.79 -64.67 -1.09
CA PRO A 267 -62.20 -64.33 0.22
C PRO A 267 -60.84 -64.86 0.61
N ASP A 268 -60.33 -65.93 0.00
CA ASP A 268 -59.01 -66.48 0.30
C ASP A 268 -57.90 -65.53 -0.16
N ASN A 269 -58.23 -64.60 -1.08
CA ASN A 269 -57.32 -63.63 -1.62
C ASN A 269 -57.28 -62.33 -0.82
N PHE A 270 -57.95 -62.25 0.35
CA PHE A 270 -57.93 -61.07 1.20
C PHE A 270 -57.47 -61.42 2.62
N ARG A 271 -56.31 -60.89 3.06
CA ARG A 271 -55.68 -61.17 4.36
C ARG A 271 -56.52 -60.87 5.57
N TYR A 272 -57.45 -59.90 5.47
CA TYR A 272 -58.34 -59.57 6.57
C TYR A 272 -59.61 -60.42 6.56
N LEU A 273 -59.68 -61.45 5.68
CA LEU A 273 -60.79 -62.37 5.62
C LEU A 273 -60.32 -63.79 5.77
N ASN A 274 -59.21 -64.18 5.11
CA ASN A 274 -58.72 -65.56 5.13
C ASN A 274 -58.21 -66.05 6.47
N ARG A 275 -57.84 -65.11 7.36
CA ARG A 275 -57.41 -65.36 8.72
C ARG A 275 -58.52 -65.93 9.61
N GLY A 276 -59.76 -65.44 9.46
CA GLY A 276 -60.93 -65.93 10.19
C GLY A 276 -61.78 -66.86 9.36
N CYS A 277 -63.10 -66.90 9.61
CA CYS A 277 -64.03 -67.72 8.85
C CYS A 277 -64.58 -66.94 7.67
N THR A 278 -64.57 -67.55 6.46
CA THR A 278 -65.03 -66.92 5.24
C THR A 278 -66.39 -67.41 4.76
N ARG A 279 -66.98 -68.42 5.43
CA ARG A 279 -68.29 -68.94 5.06
C ARG A 279 -69.44 -67.92 5.22
N TYR A 280 -70.32 -67.83 4.21
CA TYR A 280 -71.44 -66.90 4.18
C TYR A 280 -72.68 -67.45 4.86
N PHE A 281 -73.56 -66.59 5.42
CA PHE A 281 -74.84 -67.02 5.94
C PHE A 281 -75.88 -66.98 4.81
N ALA A 282 -76.82 -67.94 4.77
CA ALA A 282 -77.79 -68.02 3.71
C ALA A 282 -78.99 -68.85 4.15
N ASN A 283 -80.00 -68.98 3.26
CA ASN A 283 -81.17 -69.81 3.43
C ASN A 283 -81.28 -70.66 2.19
N LYS A 284 -82.18 -71.66 2.15
CA LYS A 284 -82.27 -72.61 1.05
C LYS A 284 -82.39 -72.00 -0.35
N GLU A 285 -83.21 -70.95 -0.52
CA GLU A 285 -83.34 -70.25 -1.78
C GLU A 285 -82.08 -69.51 -2.21
N THR A 286 -81.44 -68.76 -1.27
CA THR A 286 -80.25 -68.00 -1.59
C THR A 286 -78.99 -68.84 -1.70
N ASP A 287 -78.92 -70.02 -1.02
CA ASP A 287 -77.82 -70.98 -1.06
C ASP A 287 -77.51 -71.45 -2.47
N LYS A 288 -78.57 -71.75 -3.25
CA LYS A 288 -78.47 -72.21 -4.61
C LYS A 288 -78.07 -71.11 -5.59
N GLN A 289 -78.18 -69.83 -5.17
CA GLN A 289 -77.86 -68.68 -5.97
C GLN A 289 -76.49 -68.09 -5.66
N ILE A 290 -75.71 -68.65 -4.71
CA ILE A 290 -74.36 -68.16 -4.44
C ILE A 290 -73.41 -68.66 -5.52
N LEU A 291 -72.89 -67.74 -6.35
CA LEU A 291 -72.07 -68.04 -7.51
C LEU A 291 -70.76 -68.75 -7.18
N GLN A 292 -70.31 -69.66 -8.07
CA GLN A 292 -69.13 -70.49 -7.90
C GLN A 292 -67.83 -69.70 -7.69
N ASN A 293 -67.69 -68.56 -8.39
CA ASN A 293 -66.54 -67.68 -8.27
C ASN A 293 -66.49 -66.84 -6.97
N ARG A 294 -67.60 -66.75 -6.20
CA ARG A 294 -67.64 -66.05 -4.93
C ARG A 294 -67.22 -66.95 -3.80
N LYS A 295 -67.07 -68.26 -4.06
CA LYS A 295 -66.74 -69.26 -3.08
C LYS A 295 -65.23 -69.44 -2.91
N SER A 296 -64.77 -69.41 -1.66
CA SER A 296 -63.40 -69.66 -1.27
C SER A 296 -63.19 -71.17 -1.17
N PRO A 297 -61.99 -71.73 -1.11
CA PRO A 297 -61.81 -73.17 -0.93
C PRO A 297 -62.43 -73.68 0.37
N GLU A 298 -62.45 -72.84 1.42
CA GLU A 298 -63.14 -73.10 2.68
C GLU A 298 -64.65 -73.24 2.48
N TYR A 299 -65.25 -72.36 1.66
CA TYR A 299 -66.65 -72.45 1.30
C TYR A 299 -66.93 -73.71 0.47
N LEU A 300 -66.07 -74.04 -0.52
CA LEU A 300 -66.21 -75.25 -1.31
C LEU A 300 -66.13 -76.52 -0.45
N LYS A 301 -65.29 -76.51 0.58
CA LYS A 301 -65.17 -77.62 1.49
C LYS A 301 -66.36 -77.82 2.44
N ALA A 302 -66.99 -76.73 2.96
CA ALA A 302 -68.05 -76.87 3.96
C ALA A 302 -69.42 -76.22 3.69
N GLY A 303 -69.65 -75.49 2.58
CA GLY A 303 -70.96 -74.90 2.25
C GLY A 303 -71.43 -73.74 3.12
N SER A 304 -72.66 -73.23 2.89
CA SER A 304 -73.21 -72.09 3.62
C SER A 304 -73.46 -72.33 5.09
N LEU A 305 -73.31 -71.29 5.93
CA LEU A 305 -73.59 -71.39 7.35
C LEU A 305 -75.10 -71.45 7.60
N LYS A 306 -75.53 -72.14 8.67
CA LYS A 306 -76.94 -72.38 8.95
C LYS A 306 -77.51 -71.43 10.00
N ASP A 307 -78.45 -70.54 9.61
CA ASP A 307 -79.10 -69.61 10.52
C ASP A 307 -80.46 -69.18 9.96
N PRO A 308 -81.54 -69.00 10.74
CA PRO A 308 -82.81 -68.54 10.21
C PRO A 308 -82.88 -67.04 9.95
N LEU A 309 -82.05 -66.20 10.60
CA LEU A 309 -82.17 -64.74 10.54
C LEU A 309 -81.08 -64.06 9.73
N LEU A 310 -79.93 -64.72 9.50
CA LEU A 310 -78.86 -64.13 8.71
C LEU A 310 -78.84 -64.67 7.29
N ASP A 311 -78.86 -63.76 6.30
CA ASP A 311 -78.83 -64.09 4.89
C ASP A 311 -77.89 -63.10 4.24
N ASP A 312 -76.58 -63.43 4.13
CA ASP A 312 -75.58 -62.54 3.59
C ASP A 312 -75.78 -62.25 2.10
N HIS A 313 -76.22 -63.25 1.30
CA HIS A 313 -76.50 -63.04 -0.11
C HIS A 313 -77.74 -62.17 -0.34
N GLY A 314 -78.83 -62.41 0.42
CA GLY A 314 -80.07 -61.65 0.25
C GLY A 314 -80.15 -60.32 0.92
N ASP A 315 -79.48 -60.11 2.07
CA ASP A 315 -79.59 -58.84 2.75
C ASP A 315 -78.65 -57.80 2.17
N PHE A 316 -77.69 -58.15 1.28
CA PHE A 316 -76.94 -57.12 0.57
C PHE A 316 -77.85 -56.47 -0.48
N ILE A 317 -78.82 -57.25 -0.99
CA ILE A 317 -79.83 -56.81 -1.91
C ILE A 317 -80.82 -55.91 -1.18
N ARG A 318 -81.26 -56.30 0.04
CA ARG A 318 -82.18 -55.47 0.82
C ARG A 318 -81.49 -54.30 1.51
N MET A 319 -80.14 -54.28 1.54
CA MET A 319 -79.33 -53.17 2.01
C MET A 319 -79.38 -52.04 1.01
N CYS A 320 -79.26 -52.36 -0.29
CA CYS A 320 -79.25 -51.35 -1.33
C CYS A 320 -80.64 -50.80 -1.60
N THR A 321 -81.71 -51.50 -1.17
CA THR A 321 -83.07 -50.99 -1.17
C THR A 321 -83.19 -49.91 -0.10
N ALA A 322 -82.54 -50.13 1.05
CA ALA A 322 -82.52 -49.23 2.18
C ALA A 322 -81.68 -47.99 1.91
N MET A 323 -80.77 -48.00 0.92
CA MET A 323 -80.01 -46.81 0.60
C MET A 323 -80.87 -45.77 -0.13
N LYS A 324 -81.99 -46.22 -0.73
CA LYS A 324 -83.00 -45.33 -1.26
C LYS A 324 -83.82 -44.71 -0.13
N LYS A 325 -84.10 -45.51 0.92
CA LYS A 325 -84.83 -45.08 2.10
C LYS A 325 -84.10 -44.05 2.95
N ILE A 326 -82.78 -44.20 3.19
CA ILE A 326 -82.00 -43.23 3.94
C ILE A 326 -81.83 -41.93 3.17
N GLY A 327 -81.73 -42.02 1.83
CA GLY A 327 -81.57 -40.89 0.93
C GLY A 327 -80.17 -40.77 0.39
N LEU A 328 -79.57 -41.91 0.02
CA LEU A 328 -78.25 -41.94 -0.58
C LEU A 328 -78.39 -41.93 -2.09
N ASP A 329 -77.63 -41.08 -2.81
CA ASP A 329 -77.69 -41.02 -4.26
C ASP A 329 -76.93 -42.15 -4.94
N ASP A 330 -77.05 -42.32 -6.27
CA ASP A 330 -76.45 -43.45 -6.96
C ASP A 330 -74.96 -43.25 -7.23
N GLU A 331 -74.50 -42.00 -7.39
CA GLU A 331 -73.07 -41.72 -7.53
C GLU A 331 -72.33 -41.97 -6.22
N GLU A 332 -72.91 -41.53 -5.09
CA GLU A 332 -72.34 -41.72 -3.76
C GLU A 332 -72.41 -43.16 -3.30
N LYS A 333 -73.40 -43.95 -3.78
CA LYS A 333 -73.45 -45.38 -3.53
C LYS A 333 -72.30 -46.13 -4.17
N LEU A 334 -71.87 -45.72 -5.38
CA LEU A 334 -70.71 -46.31 -6.01
C LEU A 334 -69.41 -45.96 -5.28
N ASP A 335 -69.32 -44.76 -4.69
CA ASP A 335 -68.22 -44.33 -3.85
C ASP A 335 -68.22 -45.00 -2.47
N LEU A 336 -69.38 -45.55 -2.04
CA LEU A 336 -69.51 -46.29 -0.79
C LEU A 336 -69.15 -47.75 -1.01
N PHE A 337 -68.81 -48.11 -2.26
CA PHE A 337 -68.28 -49.43 -2.58
C PHE A 337 -66.80 -49.30 -2.90
N ARG A 338 -66.30 -48.13 -3.34
CA ARG A 338 -64.88 -47.97 -3.60
C ARG A 338 -64.04 -47.90 -2.32
N VAL A 339 -64.59 -47.35 -1.21
CA VAL A 339 -63.86 -47.32 0.06
C VAL A 339 -63.78 -48.71 0.65
N VAL A 340 -64.86 -49.51 0.60
CA VAL A 340 -64.84 -50.87 1.11
C VAL A 340 -63.88 -51.73 0.30
N ALA A 341 -63.86 -51.64 -1.04
CA ALA A 341 -62.92 -52.39 -1.85
C ALA A 341 -61.47 -51.95 -1.71
N GLY A 342 -61.21 -50.67 -1.33
CA GLY A 342 -59.87 -50.23 -1.00
C GLY A 342 -59.34 -50.75 0.32
N VAL A 343 -60.24 -51.13 1.26
CA VAL A 343 -59.85 -51.72 2.53
C VAL A 343 -59.49 -53.18 2.31
N LEU A 344 -60.24 -53.87 1.43
CA LEU A 344 -60.03 -55.27 1.17
C LEU A 344 -58.69 -55.58 0.52
N HIS A 345 -58.16 -54.71 -0.37
CA HIS A 345 -56.84 -55.00 -0.93
C HIS A 345 -55.72 -54.33 -0.14
N LEU A 346 -56.01 -53.69 1.01
CA LEU A 346 -54.99 -53.08 1.83
C LEU A 346 -54.17 -54.10 2.57
N GLY A 347 -54.84 -55.11 3.15
CA GLY A 347 -54.20 -56.17 3.91
C GLY A 347 -53.27 -57.06 3.13
N ASN A 348 -53.49 -57.20 1.82
CA ASN A 348 -52.69 -58.04 0.95
C ASN A 348 -51.23 -57.62 0.87
N ILE A 349 -50.95 -56.31 0.84
CA ILE A 349 -49.61 -55.71 0.75
C ILE A 349 -48.67 -56.21 1.84
N ASP A 350 -47.53 -56.86 1.48
CA ASP A 350 -46.57 -57.43 2.42
C ASP A 350 -45.21 -56.71 2.29
N PHE A 351 -44.43 -56.79 3.37
CA PHE A 351 -43.24 -55.99 3.60
C PHE A 351 -42.07 -56.86 4.03
N GLU A 352 -41.00 -56.93 3.21
CA GLU A 352 -39.87 -57.78 3.57
C GLU A 352 -38.78 -56.98 4.26
N GLU A 353 -37.61 -57.60 4.47
CA GLU A 353 -36.46 -56.96 5.07
C GLU A 353 -35.65 -56.30 3.99
N ALA A 354 -35.11 -55.09 4.22
CA ALA A 354 -34.30 -54.38 3.25
C ALA A 354 -33.01 -55.14 2.89
N GLY A 355 -32.35 -54.79 1.77
CA GLY A 355 -31.15 -55.48 1.31
C GLY A 355 -29.90 -55.13 2.08
N SER A 356 -30.02 -54.15 3.00
CA SER A 356 -29.05 -53.61 3.96
C SER A 356 -28.14 -52.54 3.41
N THR A 357 -28.50 -51.93 2.26
CA THR A 357 -27.76 -50.80 1.70
C THR A 357 -28.02 -49.53 2.49
N SER A 358 -29.09 -49.56 3.28
CA SER A 358 -29.53 -48.54 4.19
C SER A 358 -30.44 -49.28 5.13
N GLY A 359 -31.02 -48.62 6.14
CA GLY A 359 -31.97 -49.28 7.04
C GLY A 359 -33.32 -49.44 6.39
N GLY A 360 -34.31 -49.96 7.13
CA GLY A 360 -35.69 -50.04 6.66
C GLY A 360 -36.22 -51.37 6.23
N CYS A 361 -37.31 -51.28 5.44
CA CYS A 361 -38.06 -52.38 4.91
C CYS A 361 -38.56 -51.95 3.55
N ASN A 362 -38.85 -52.88 2.64
CA ASN A 362 -39.34 -52.58 1.32
C ASN A 362 -40.53 -53.47 1.04
N LEU A 363 -41.30 -53.19 -0.03
CA LEU A 363 -42.44 -54.04 -0.37
C LEU A 363 -41.96 -55.28 -1.13
N LYS A 364 -42.79 -56.34 -1.13
CA LYS A 364 -42.48 -57.59 -1.81
C LYS A 364 -42.81 -57.54 -3.30
N ASN A 365 -42.23 -58.46 -4.11
CA ASN A 365 -42.47 -58.57 -5.54
C ASN A 365 -43.92 -58.92 -5.87
N LYS A 366 -44.55 -59.80 -5.07
CA LYS A 366 -45.93 -60.17 -5.22
C LYS A 366 -46.89 -59.05 -4.81
N SER A 367 -46.36 -58.00 -4.14
CA SER A 367 -47.09 -56.87 -3.61
C SER A 367 -46.94 -55.61 -4.45
N THR A 368 -46.55 -55.72 -5.73
CA THR A 368 -46.38 -54.55 -6.60
C THR A 368 -47.70 -54.29 -7.26
N GLN A 369 -48.34 -55.33 -7.84
CA GLN A 369 -49.65 -55.20 -8.43
C GLN A 369 -50.75 -55.07 -7.38
N ALA A 370 -50.46 -55.49 -6.13
CA ALA A 370 -51.38 -55.34 -5.00
C ALA A 370 -51.43 -53.92 -4.46
N LEU A 371 -50.43 -53.08 -4.76
CA LEU A 371 -50.42 -51.70 -4.32
C LEU A 371 -51.04 -50.82 -5.40
N GLU A 372 -50.77 -51.18 -6.67
CA GLU A 372 -51.21 -50.50 -7.87
C GLU A 372 -52.71 -50.53 -8.09
N TYR A 373 -53.36 -51.66 -7.78
CA TYR A 373 -54.81 -51.80 -7.87
C TYR A 373 -55.51 -51.33 -6.61
N CYS A 374 -54.76 -50.88 -5.58
CA CYS A 374 -55.37 -50.43 -4.34
C CYS A 374 -55.31 -48.93 -4.22
N ALA A 375 -54.27 -48.28 -4.76
CA ALA A 375 -54.13 -46.85 -4.62
C ALA A 375 -55.08 -46.05 -5.49
N GLU A 376 -55.63 -46.62 -6.58
CA GLU A 376 -56.63 -45.92 -7.35
C GLU A 376 -58.02 -46.06 -6.74
N LEU A 377 -58.22 -46.98 -5.78
CA LEU A 377 -59.47 -47.11 -5.07
C LEU A 377 -59.60 -46.09 -3.96
N LEU A 378 -58.51 -45.85 -3.19
CA LEU A 378 -58.53 -44.89 -2.10
C LEU A 378 -58.01 -43.52 -2.49
N GLY A 379 -57.67 -43.31 -3.79
CA GLY A 379 -57.24 -42.00 -4.27
C GLY A 379 -55.86 -41.61 -3.86
N LEU A 380 -54.87 -42.48 -4.03
CA LEU A 380 -53.50 -42.22 -3.67
C LEU A 380 -52.67 -42.52 -4.90
N ASP A 381 -51.41 -42.09 -4.95
CA ASP A 381 -50.55 -42.31 -6.09
C ASP A 381 -49.51 -43.37 -5.73
N GLN A 382 -49.11 -44.20 -6.69
CA GLN A 382 -48.22 -45.33 -6.44
C GLN A 382 -46.78 -44.95 -6.13
N ASP A 383 -46.30 -43.76 -6.52
CA ASP A 383 -44.96 -43.32 -6.20
C ASP A 383 -44.97 -42.64 -4.84
N ASP A 384 -46.08 -41.96 -4.49
CA ASP A 384 -46.19 -41.36 -3.17
C ASP A 384 -46.56 -42.39 -2.10
N LEU A 385 -47.35 -43.43 -2.41
CA LEU A 385 -47.74 -44.41 -1.42
C LEU A 385 -46.63 -45.38 -1.02
N ARG A 386 -45.70 -45.73 -1.93
CA ARG A 386 -44.61 -46.64 -1.57
C ARG A 386 -43.67 -46.03 -0.53
N VAL A 387 -43.45 -44.71 -0.61
CA VAL A 387 -42.67 -43.96 0.34
C VAL A 387 -43.31 -43.91 1.73
N SER A 388 -44.63 -43.65 1.78
CA SER A 388 -45.38 -43.54 3.02
C SER A 388 -45.56 -44.82 3.80
N LEU A 389 -45.47 -45.98 3.14
CA LEU A 389 -45.58 -47.25 3.84
C LEU A 389 -44.22 -47.77 4.27
N THR A 390 -43.12 -47.06 3.97
CA THR A 390 -41.78 -47.52 4.31
C THR A 390 -40.93 -46.52 5.08
N THR A 391 -41.21 -45.20 4.99
CA THR A 391 -40.38 -44.24 5.72
C THR A 391 -41.08 -43.47 6.82
N ARG A 392 -40.27 -42.89 7.73
CA ARG A 392 -40.71 -41.96 8.73
C ARG A 392 -40.08 -40.63 8.38
N VAL A 393 -40.93 -39.75 7.84
CA VAL A 393 -40.62 -38.41 7.42
C VAL A 393 -40.57 -37.47 8.63
N MET A 394 -39.45 -36.79 8.91
CA MET A 394 -39.47 -35.84 10.01
C MET A 394 -38.59 -34.66 9.62
N LEU A 395 -38.40 -33.67 10.52
CA LEU A 395 -37.65 -32.47 10.16
C LEU A 395 -36.45 -32.27 11.04
N THR A 396 -35.49 -31.47 10.53
CA THR A 396 -34.31 -31.02 11.26
C THR A 396 -34.46 -29.56 11.62
N THR A 397 -35.56 -28.92 11.15
CA THR A 397 -35.94 -27.56 11.51
C THR A 397 -36.79 -27.64 12.76
N ALA A 398 -36.37 -26.95 13.84
CA ALA A 398 -37.09 -26.96 15.11
C ALA A 398 -36.70 -25.80 16.03
N GLY A 399 -35.88 -24.85 15.55
CA GLY A 399 -35.47 -23.68 16.32
C GLY A 399 -34.04 -23.32 16.05
N GLY A 400 -33.11 -24.26 16.34
CA GLY A 400 -31.69 -24.04 16.10
C GLY A 400 -31.32 -24.18 14.64
N ALA A 401 -30.60 -23.17 14.11
CA ALA A 401 -30.10 -23.10 12.75
C ALA A 401 -31.13 -23.34 11.64
N LYS A 402 -30.68 -23.74 10.43
CA LYS A 402 -31.57 -24.01 9.31
C LYS A 402 -31.46 -25.46 8.89
N GLY A 403 -32.62 -26.11 8.70
CA GLY A 403 -32.73 -27.51 8.32
C GLY A 403 -33.68 -27.71 7.17
N THR A 404 -34.21 -28.93 7.06
CA THR A 404 -35.17 -29.32 6.03
C THR A 404 -35.92 -30.54 6.51
N VAL A 405 -36.54 -31.30 5.59
CA VAL A 405 -37.32 -32.49 5.86
C VAL A 405 -36.51 -33.72 5.53
N ILE A 406 -36.11 -34.54 6.53
CA ILE A 406 -35.37 -35.77 6.25
C ILE A 406 -36.28 -36.98 6.30
N LYS A 407 -35.83 -38.13 5.75
CA LYS A 407 -36.60 -39.37 5.70
C LYS A 407 -35.84 -40.50 6.36
N VAL A 408 -36.37 -41.06 7.48
CA VAL A 408 -35.71 -42.07 8.31
C VAL A 408 -36.43 -43.41 8.22
N PRO A 409 -35.93 -44.46 7.59
CA PRO A 409 -36.68 -45.69 7.39
C PRO A 409 -37.19 -46.45 8.63
N LEU A 410 -38.27 -47.24 8.45
CA LEU A 410 -38.97 -47.99 9.47
C LEU A 410 -38.61 -49.47 9.50
N LYS A 411 -38.68 -50.10 10.69
CA LYS A 411 -38.47 -51.52 10.90
C LYS A 411 -39.60 -52.34 10.27
N VAL A 412 -39.42 -53.65 9.96
CA VAL A 412 -40.49 -54.50 9.42
C VAL A 412 -41.72 -54.58 10.33
N GLU A 413 -41.51 -54.70 11.65
CA GLU A 413 -42.59 -54.71 12.62
C GLU A 413 -43.30 -53.36 12.70
N GLN A 414 -42.60 -52.26 12.38
CA GLN A 414 -43.21 -50.95 12.34
C GLN A 414 -44.05 -50.74 11.08
N ALA A 415 -43.87 -51.54 10.01
CA ALA A 415 -44.63 -51.41 8.79
C ALA A 415 -45.87 -52.27 8.82
N ASN A 416 -45.81 -53.41 9.53
CA ASN A 416 -46.98 -54.23 9.74
C ASN A 416 -47.94 -53.56 10.70
N ASN A 417 -47.42 -52.85 11.72
CA ASN A 417 -48.30 -52.18 12.65
C ASN A 417 -48.87 -50.90 12.05
N ALA A 418 -48.18 -50.26 11.10
CA ALA A 418 -48.70 -49.06 10.48
C ALA A 418 -49.72 -49.34 9.39
N ARG A 419 -49.59 -50.46 8.65
CA ARG A 419 -50.56 -50.77 7.62
C ARG A 419 -51.89 -51.20 8.20
N ASP A 420 -51.89 -51.95 9.31
CA ASP A 420 -53.14 -52.32 9.93
C ASP A 420 -53.74 -51.16 10.74
N ALA A 421 -52.94 -50.14 11.12
CA ALA A 421 -53.48 -48.95 11.76
C ALA A 421 -54.20 -48.05 10.77
N LEU A 422 -53.84 -48.13 9.48
CA LEU A 422 -54.48 -47.40 8.42
C LEU A 422 -55.87 -47.95 8.11
N ALA A 423 -56.08 -49.28 8.24
CA ALA A 423 -57.39 -49.88 8.05
C ALA A 423 -58.36 -49.59 9.21
N LYS A 424 -57.81 -49.25 10.39
CA LYS A 424 -58.56 -48.88 11.58
C LYS A 424 -58.75 -47.38 11.65
N THR A 425 -58.47 -46.69 10.54
CA THR A 425 -58.60 -45.25 10.42
C THR A 425 -59.56 -45.00 9.30
N VAL A 426 -59.36 -45.67 8.15
CA VAL A 426 -60.23 -45.58 7.00
C VAL A 426 -61.61 -46.17 7.25
N TYR A 427 -61.75 -47.39 7.82
CA TYR A 427 -63.08 -47.90 8.10
C TYR A 427 -63.74 -47.18 9.27
N SER A 428 -62.95 -46.62 10.20
CA SER A 428 -63.51 -45.84 11.30
C SER A 428 -64.14 -44.52 10.87
N HIS A 429 -63.55 -43.81 9.89
CA HIS A 429 -64.17 -42.57 9.44
C HIS A 429 -65.27 -42.82 8.41
N LEU A 430 -65.32 -44.03 7.81
CA LEU A 430 -66.40 -44.39 6.91
C LEU A 430 -67.68 -44.64 7.68
N PHE A 431 -67.59 -45.26 8.87
CA PHE A 431 -68.75 -45.52 9.70
C PHE A 431 -69.33 -44.24 10.29
N ASP A 432 -68.52 -43.21 10.51
CA ASP A 432 -69.03 -41.93 10.98
C ASP A 432 -69.79 -41.16 9.89
N HIS A 433 -69.58 -41.50 8.59
CA HIS A 433 -70.27 -40.87 7.48
C HIS A 433 -71.62 -41.54 7.28
N VAL A 434 -71.72 -42.85 7.60
CA VAL A 434 -72.99 -43.55 7.51
C VAL A 434 -73.95 -43.08 8.60
N VAL A 435 -73.46 -42.95 9.85
CA VAL A 435 -74.22 -42.48 10.99
C VAL A 435 -74.64 -41.02 10.81
N ASN A 436 -73.76 -40.14 10.31
CA ASN A 436 -74.10 -38.75 10.07
C ASN A 436 -75.17 -38.57 8.99
N ARG A 437 -75.23 -39.47 7.99
CA ARG A 437 -76.29 -39.46 6.99
C ARG A 437 -77.67 -39.80 7.58
N VAL A 438 -77.74 -40.71 8.59
CA VAL A 438 -78.98 -41.08 9.28
C VAL A 438 -79.52 -39.91 10.09
N ASN A 439 -78.63 -39.09 10.69
CA ASN A 439 -79.02 -37.93 11.47
C ASN A 439 -79.57 -36.80 10.63
N GLN A 440 -79.42 -36.87 9.30
CA GLN A 440 -79.97 -35.92 8.36
C GLN A 440 -81.35 -36.35 7.89
N CYS A 441 -81.88 -37.50 8.39
CA CYS A 441 -83.24 -37.96 8.13
C CYS A 441 -84.25 -37.31 9.07
N PHE A 442 -83.81 -36.81 10.24
CA PHE A 442 -84.67 -36.16 11.20
C PHE A 442 -83.94 -35.05 11.95
N PRO A 443 -83.43 -34.00 11.28
CA PRO A 443 -82.73 -32.90 11.93
C PRO A 443 -83.64 -32.10 12.85
N PHE A 444 -83.08 -31.20 13.64
CA PHE A 444 -83.84 -30.37 14.55
C PHE A 444 -83.04 -29.12 14.77
N GLU A 445 -83.59 -28.11 15.45
CA GLU A 445 -82.92 -26.84 15.64
C GLU A 445 -82.07 -26.84 16.90
N THR A 446 -82.69 -27.11 18.06
CA THR A 446 -82.04 -27.16 19.36
C THR A 446 -82.94 -27.95 20.29
N SER A 447 -82.52 -28.26 21.53
CA SER A 447 -83.31 -29.10 22.41
C SER A 447 -83.01 -28.78 23.86
N SER A 448 -83.71 -29.43 24.80
CA SER A 448 -83.47 -29.23 26.22
C SER A 448 -83.25 -30.59 26.84
N TYR A 449 -84.33 -31.35 27.12
CA TYR A 449 -84.23 -32.68 27.69
C TYR A 449 -84.10 -33.73 26.60
N PHE A 450 -83.75 -34.96 26.99
CA PHE A 450 -83.62 -36.03 26.03
C PHE A 450 -83.89 -37.35 26.71
N ILE A 451 -84.54 -38.26 25.98
CA ILE A 451 -84.84 -39.60 26.45
C ILE A 451 -84.22 -40.52 25.43
N GLY A 452 -83.14 -41.24 25.78
CA GLY A 452 -82.48 -42.12 24.82
C GLY A 452 -82.54 -43.55 25.24
N VAL A 453 -82.19 -44.46 24.32
CA VAL A 453 -82.10 -45.89 24.58
C VAL A 453 -80.66 -46.29 24.36
N LEU A 454 -79.97 -46.73 25.40
CA LEU A 454 -78.61 -47.20 25.31
C LEU A 454 -78.60 -48.72 25.19
N ASP A 455 -78.06 -49.21 24.06
CA ASP A 455 -77.91 -50.60 23.75
C ASP A 455 -76.42 -50.77 23.55
N ILE A 456 -75.85 -51.83 24.13
CA ILE A 456 -74.42 -52.07 24.05
C ILE A 456 -74.22 -53.55 24.30
N ALA A 457 -73.04 -54.13 23.96
CA ALA A 457 -72.75 -55.53 24.13
C ALA A 457 -72.61 -55.93 25.59
N GLY A 458 -73.24 -57.06 26.00
CA GLY A 458 -73.18 -57.53 27.37
C GLY A 458 -72.10 -58.55 27.55
N PHE A 459 -71.79 -58.87 28.84
CA PHE A 459 -70.81 -59.86 29.30
C PHE A 459 -70.64 -61.09 28.42
N GLU A 460 -69.39 -61.35 27.96
CA GLU A 460 -69.14 -62.39 26.98
C GLU A 460 -67.93 -63.23 27.34
N TYR A 461 -68.05 -64.57 27.27
CA TYR A 461 -66.97 -65.48 27.55
C TYR A 461 -67.17 -66.81 26.83
N PHE A 462 -66.07 -67.49 26.48
CA PHE A 462 -66.06 -68.78 25.80
C PHE A 462 -65.00 -69.64 26.49
N GLU A 463 -64.54 -70.71 25.81
CA GLU A 463 -63.48 -71.58 26.30
C GLU A 463 -62.13 -70.86 26.39
N HIS A 464 -61.80 -70.02 25.40
CA HIS A 464 -60.63 -69.17 25.41
C HIS A 464 -61.07 -67.76 25.06
N ASN A 465 -60.80 -66.79 25.95
CA ASN A 465 -61.22 -65.41 25.81
C ASN A 465 -60.07 -64.54 25.33
N SER A 466 -60.30 -63.68 24.31
CA SER A 466 -59.25 -62.86 23.69
C SER A 466 -59.23 -61.42 24.18
N PHE A 467 -58.58 -60.51 23.41
CA PHE A 467 -58.40 -59.11 23.74
C PHE A 467 -59.71 -58.37 23.61
N GLU A 468 -60.58 -58.86 22.72
CA GLU A 468 -61.91 -58.36 22.53
C GLU A 468 -62.79 -58.67 23.72
N GLN A 469 -62.63 -59.83 24.37
CA GLN A 469 -63.42 -60.11 25.56
C GLN A 469 -62.79 -59.49 26.79
N PHE A 470 -61.51 -59.07 26.74
CA PHE A 470 -60.97 -58.31 27.85
C PHE A 470 -61.57 -56.91 27.80
N CYS A 471 -61.84 -56.36 26.60
CA CYS A 471 -62.50 -55.06 26.50
C CYS A 471 -64.02 -55.05 26.65
N ILE A 472 -64.73 -56.18 26.44
CA ILE A 472 -66.17 -56.24 26.65
C ILE A 472 -66.48 -56.33 28.13
N ASN A 473 -65.79 -57.24 28.83
CA ASN A 473 -66.01 -57.48 30.23
C ASN A 473 -65.43 -56.38 31.11
N TYR A 474 -64.44 -55.61 30.62
CA TYR A 474 -64.01 -54.41 31.30
C TYR A 474 -65.05 -53.30 31.12
N CYS A 475 -65.75 -53.27 29.97
CA CYS A 475 -66.82 -52.30 29.75
C CYS A 475 -68.05 -52.61 30.58
N ASN A 476 -68.38 -53.90 30.76
CA ASN A 476 -69.51 -54.28 31.58
C ASN A 476 -69.30 -54.10 33.08
N GLU A 477 -68.05 -54.08 33.59
CA GLU A 477 -67.79 -53.84 35.00
C GLU A 477 -68.06 -52.39 35.37
N LYS A 478 -67.70 -51.43 34.49
CA LYS A 478 -67.96 -50.03 34.74
C LYS A 478 -69.44 -49.70 34.63
N LEU A 479 -70.17 -50.39 33.72
CA LEU A 479 -71.60 -50.23 33.61
C LEU A 479 -72.31 -50.92 34.78
N GLN A 480 -71.66 -51.94 35.39
CA GLN A 480 -72.12 -52.58 36.61
C GLN A 480 -71.92 -51.67 37.80
N GLN A 481 -70.88 -50.79 37.80
CA GLN A 481 -70.70 -49.80 38.84
C GLN A 481 -71.86 -48.81 38.81
N PHE A 482 -72.19 -48.28 37.62
CA PHE A 482 -73.28 -47.34 37.47
C PHE A 482 -74.65 -47.98 37.71
N PHE A 483 -74.77 -49.31 37.55
CA PHE A 483 -75.97 -50.04 37.90
C PHE A 483 -76.22 -50.00 39.39
N ASN A 484 -75.20 -50.29 40.22
CA ASN A 484 -75.34 -50.30 41.66
C ASN A 484 -75.52 -48.90 42.23
N GLU A 485 -75.07 -47.85 41.52
CA GLU A 485 -75.25 -46.48 41.98
C GLU A 485 -76.69 -46.00 41.87
N ARG A 486 -77.46 -46.43 40.84
CA ARG A 486 -78.84 -46.00 40.72
C ARG A 486 -79.82 -46.78 41.56
N ILE A 487 -79.51 -48.06 41.88
CA ILE A 487 -80.32 -48.91 42.74
C ILE A 487 -80.18 -48.44 44.17
N LEU A 488 -78.96 -48.10 44.62
CA LEU A 488 -78.76 -47.59 45.96
C LEU A 488 -79.47 -46.25 46.15
N LYS A 489 -79.49 -45.37 45.12
CA LYS A 489 -80.26 -44.14 45.20
C LYS A 489 -81.76 -44.37 45.22
N GLU A 490 -82.27 -45.42 44.56
CA GLU A 490 -83.70 -45.72 44.60
C GLU A 490 -84.15 -46.14 46.00
N GLU A 491 -83.35 -46.93 46.75
CA GLU A 491 -83.63 -47.28 48.13
C GLU A 491 -83.46 -46.10 49.10
N GLN A 492 -82.53 -45.17 48.78
CA GLN A 492 -82.28 -43.97 49.58
C GLN A 492 -83.36 -42.92 49.43
N GLU A 493 -84.12 -42.93 48.32
CA GLU A 493 -85.19 -41.99 48.09
C GLU A 493 -86.53 -42.64 48.40
N LEU A 494 -86.52 -43.86 49.00
CA LEU A 494 -87.71 -44.58 49.38
C LEU A 494 -87.87 -44.67 50.89
N TYR A 495 -86.79 -44.92 51.66
CA TYR A 495 -87.00 -45.23 53.06
C TYR A 495 -87.41 -44.09 53.98
N GLN A 496 -87.08 -42.81 53.68
CA GLN A 496 -87.63 -41.70 54.41
C GLN A 496 -88.81 -41.09 53.66
N LYS A 497 -89.10 -41.54 52.43
CA LYS A 497 -90.24 -41.08 51.65
C LYS A 497 -91.52 -41.80 52.02
N GLU A 498 -91.47 -43.14 52.13
CA GLU A 498 -92.62 -43.93 52.57
C GLU A 498 -92.64 -44.07 54.07
N GLY A 499 -91.63 -43.52 54.77
CA GLY A 499 -91.57 -43.51 56.23
C GLY A 499 -91.14 -44.81 56.85
N LEU A 500 -90.50 -45.68 56.06
CA LEU A 500 -90.04 -47.00 56.45
C LEU A 500 -88.96 -46.99 57.52
N GLY A 501 -87.99 -46.08 57.43
CA GLY A 501 -86.90 -46.00 58.39
C GLY A 501 -85.64 -45.53 57.71
N VAL A 502 -84.48 -46.05 58.15
CA VAL A 502 -83.21 -45.62 57.58
C VAL A 502 -82.23 -46.79 57.57
N ASN A 503 -82.77 -48.03 57.45
CA ASN A 503 -82.06 -49.29 57.42
C ASN A 503 -80.82 -49.42 56.51
N GLU A 504 -80.02 -50.47 56.77
CA GLU A 504 -78.85 -50.80 55.99
C GLU A 504 -79.23 -51.59 54.74
N VAL A 505 -78.60 -51.26 53.60
CA VAL A 505 -78.78 -51.92 52.32
C VAL A 505 -77.38 -52.32 51.87
N HIS A 506 -77.20 -53.50 51.23
CA HIS A 506 -75.86 -53.95 50.88
C HIS A 506 -75.33 -53.36 49.58
N TYR A 507 -74.50 -52.30 49.68
CA TYR A 507 -73.88 -51.71 48.51
C TYR A 507 -72.64 -52.50 48.17
N VAL A 508 -72.76 -53.39 47.17
CA VAL A 508 -71.66 -54.17 46.67
C VAL A 508 -70.73 -53.30 45.83
N ASP A 509 -69.44 -53.28 46.22
CA ASP A 509 -68.45 -52.44 45.59
C ASP A 509 -67.79 -53.18 44.43
N ASN A 510 -67.03 -52.45 43.63
CA ASN A 510 -66.29 -52.97 42.52
C ASN A 510 -65.16 -52.02 42.17
N GLN A 511 -64.81 -51.09 43.08
CA GLN A 511 -63.69 -50.19 42.89
C GLN A 511 -62.40 -50.98 42.90
N ASP A 512 -62.39 -52.09 43.66
CA ASP A 512 -61.31 -53.04 43.68
C ASP A 512 -61.18 -53.79 42.35
N CYS A 513 -62.26 -53.97 41.57
CA CYS A 513 -62.17 -54.53 40.23
C CYS A 513 -61.70 -53.52 39.18
N ILE A 514 -62.10 -52.25 39.35
CA ILE A 514 -61.78 -51.17 38.44
C ILE A 514 -60.32 -50.77 38.56
N ASP A 515 -59.84 -50.47 39.79
CA ASP A 515 -58.46 -50.14 40.06
C ASP A 515 -57.46 -51.22 39.64
N LEU A 516 -57.90 -52.49 39.58
CA LEU A 516 -57.07 -53.58 39.10
C LEU A 516 -56.82 -53.45 37.59
N ILE A 517 -57.88 -53.23 36.81
CA ILE A 517 -57.79 -53.10 35.36
C ILE A 517 -57.22 -51.77 34.89
N GLU A 518 -57.61 -50.64 35.51
CA GLU A 518 -57.11 -49.33 35.13
C GLU A 518 -56.77 -48.48 36.33
N ALA A 519 -55.59 -47.82 36.30
CA ALA A 519 -55.10 -46.95 37.34
C ALA A 519 -53.68 -46.58 37.00
N ARG A 520 -53.40 -45.26 36.85
CA ARG A 520 -52.12 -44.74 36.42
C ARG A 520 -50.87 -45.32 37.09
N LEU A 521 -50.14 -46.10 36.27
CA LEU A 521 -48.88 -46.77 36.54
C LEU A 521 -48.98 -48.04 37.38
N VAL A 522 -50.20 -48.56 37.62
CA VAL A 522 -50.38 -49.82 38.34
C VAL A 522 -51.42 -50.75 37.71
N GLY A 523 -52.43 -50.23 36.97
CA GLY A 523 -53.44 -51.06 36.30
C GLY A 523 -52.94 -52.00 35.22
N ILE A 524 -53.81 -52.88 34.72
CA ILE A 524 -53.45 -53.80 33.64
C ILE A 524 -53.39 -53.06 32.32
N LEU A 525 -54.34 -52.17 32.04
CA LEU A 525 -54.31 -51.39 30.80
C LEU A 525 -53.16 -50.40 30.79
N ASP A 526 -52.72 -49.99 31.99
CA ASP A 526 -51.60 -49.09 32.12
C ASP A 526 -50.28 -49.74 31.75
N ILE A 527 -50.13 -51.07 31.96
CA ILE A 527 -48.95 -51.77 31.50
C ILE A 527 -49.02 -52.05 30.02
N LEU A 528 -50.21 -52.33 29.47
CA LEU A 528 -50.40 -52.65 28.06
C LEU A 528 -50.02 -51.54 27.10
N ASP A 529 -50.31 -50.28 27.44
CA ASP A 529 -49.90 -49.14 26.65
C ASP A 529 -48.41 -48.83 26.87
N GLU A 530 -47.83 -49.28 28.00
CA GLU A 530 -46.41 -49.13 28.27
C GLU A 530 -45.60 -50.15 27.49
N GLU A 531 -46.14 -51.38 27.26
CA GLU A 531 -45.45 -52.44 26.52
C GLU A 531 -45.28 -52.11 25.04
N ASN A 532 -46.18 -51.31 24.43
CA ASN A 532 -46.05 -50.88 23.04
C ASN A 532 -44.85 -49.96 22.84
N ARG A 533 -44.51 -49.17 23.88
CA ARG A 533 -43.43 -48.22 23.87
C ARG A 533 -42.05 -48.84 23.95
N LEU A 534 -41.94 -50.07 24.46
CA LEU A 534 -40.67 -50.74 24.65
C LEU A 534 -39.81 -50.95 23.40
N PRO A 535 -38.47 -51.01 23.49
CA PRO A 535 -37.59 -51.25 22.35
C PRO A 535 -37.84 -52.54 21.59
N GLN A 536 -38.52 -53.53 22.18
CA GLN A 536 -38.89 -54.77 21.52
C GLN A 536 -40.05 -55.41 22.29
N PRO A 537 -41.31 -55.22 21.92
CA PRO A 537 -42.45 -55.83 22.63
C PRO A 537 -42.44 -57.35 22.62
N SER A 538 -43.12 -57.99 23.56
CA SER A 538 -43.15 -59.44 23.67
C SER A 538 -44.48 -59.88 24.26
N ASP A 539 -44.75 -61.18 24.41
CA ASP A 539 -46.02 -61.61 24.97
C ASP A 539 -45.79 -62.18 26.36
N GLN A 540 -44.58 -62.70 26.65
CA GLN A 540 -44.20 -63.16 27.97
C GLN A 540 -43.89 -62.04 28.93
N HIS A 541 -43.37 -60.91 28.42
CA HIS A 541 -42.99 -59.80 29.28
C HIS A 541 -44.22 -59.04 29.74
N PHE A 542 -45.31 -59.06 28.95
CA PHE A 542 -46.58 -58.49 29.35
C PHE A 542 -47.29 -59.29 30.44
N THR A 543 -47.27 -60.64 30.39
CA THR A 543 -47.98 -61.42 31.40
C THR A 543 -47.31 -61.37 32.75
N SER A 544 -45.98 -61.47 32.76
CA SER A 544 -45.21 -61.39 33.99
C SER A 544 -45.19 -60.00 34.60
N ALA A 545 -45.40 -58.94 33.81
CA ALA A 545 -45.45 -57.60 34.35
C ALA A 545 -46.75 -57.35 35.10
N VAL A 546 -47.82 -58.12 34.78
CA VAL A 546 -49.07 -58.10 35.51
C VAL A 546 -48.84 -58.75 36.85
N HIS A 547 -48.13 -59.89 36.91
CA HIS A 547 -47.90 -60.51 38.20
C HIS A 547 -46.68 -59.94 38.93
N GLN A 548 -46.02 -58.93 38.32
CA GLN A 548 -45.02 -58.14 39.01
C GLN A 548 -45.71 -57.18 39.98
N LYS A 549 -46.64 -56.37 39.45
CA LYS A 549 -47.37 -55.39 40.22
C LYS A 549 -48.60 -55.94 40.91
N HIS A 550 -49.27 -56.96 40.35
CA HIS A 550 -50.45 -57.55 40.95
C HIS A 550 -50.22 -58.97 41.38
N LYS A 551 -49.20 -59.14 42.24
CA LYS A 551 -48.99 -60.37 42.97
C LYS A 551 -49.95 -60.34 44.15
N ASP A 552 -50.14 -59.13 44.72
CA ASP A 552 -51.10 -58.83 45.76
C ASP A 552 -52.50 -58.65 45.17
N HIS A 553 -53.53 -58.61 46.05
CA HIS A 553 -54.95 -58.46 45.76
C HIS A 553 -55.62 -59.69 45.16
N PHE A 554 -56.61 -60.26 45.88
CA PHE A 554 -57.26 -61.52 45.54
C PHE A 554 -57.98 -61.58 44.18
N ARG A 555 -58.35 -60.44 43.56
CA ARG A 555 -59.01 -60.42 42.27
C ARG A 555 -58.16 -60.80 41.05
N LEU A 556 -56.97 -61.40 41.21
CA LEU A 556 -56.17 -61.80 40.07
C LEU A 556 -55.27 -62.96 40.45
N SER A 557 -55.31 -64.07 39.69
CA SER A 557 -54.47 -65.23 39.98
C SER A 557 -53.93 -65.86 38.73
N ILE A 558 -53.05 -66.89 38.88
CA ILE A 558 -52.42 -67.59 37.78
C ILE A 558 -53.34 -68.65 37.14
N PRO A 559 -53.28 -68.95 35.84
CA PRO A 559 -54.13 -69.95 35.17
C PRO A 559 -54.28 -71.29 35.85
N ARG A 560 -53.18 -71.85 36.39
CA ARG A 560 -53.15 -73.16 37.03
C ARG A 560 -54.02 -73.29 38.28
N LYS A 561 -54.42 -72.16 38.88
CA LYS A 561 -55.25 -72.15 40.06
C LYS A 561 -56.74 -72.18 39.73
N SER A 562 -57.12 -72.02 38.43
CA SER A 562 -58.51 -72.01 37.96
C SER A 562 -59.43 -73.13 38.46
N LYS A 563 -60.74 -72.83 38.59
CA LYS A 563 -61.74 -73.77 39.04
C LYS A 563 -62.16 -74.76 37.95
N LEU A 564 -61.99 -74.40 36.66
CA LEU A 564 -62.34 -75.28 35.57
C LEU A 564 -61.05 -75.82 34.99
N ALA A 565 -60.86 -77.15 35.09
CA ALA A 565 -59.61 -77.82 34.78
C ALA A 565 -59.03 -77.56 33.41
N ILE A 566 -59.88 -77.36 32.39
CA ILE A 566 -59.44 -77.06 31.04
C ILE A 566 -58.73 -75.72 30.90
N HIS A 567 -58.86 -74.81 31.90
CA HIS A 567 -58.13 -73.56 31.91
C HIS A 567 -56.81 -73.69 32.64
N ARG A 568 -56.48 -74.88 33.20
CA ARG A 568 -55.23 -75.10 33.88
C ARG A 568 -54.16 -75.58 32.91
N ASN A 569 -54.52 -75.78 31.63
CA ASN A 569 -53.61 -76.17 30.56
C ASN A 569 -52.87 -74.95 29.99
N ILE A 570 -53.34 -73.74 30.32
CA ILE A 570 -52.74 -72.48 29.91
C ILE A 570 -51.50 -72.24 30.76
N ARG A 571 -50.34 -71.96 30.14
CA ARG A 571 -49.07 -71.74 30.84
C ARG A 571 -49.08 -70.44 31.62
N ASP A 572 -48.31 -70.31 32.71
CA ASP A 572 -48.30 -69.16 33.58
C ASP A 572 -48.04 -67.82 32.89
N ASP A 573 -47.14 -67.77 31.89
CA ASP A 573 -46.92 -66.55 31.13
C ASP A 573 -47.77 -66.50 29.86
N GLU A 574 -48.78 -67.37 29.71
CA GLU A 574 -49.71 -67.33 28.58
C GLU A 574 -51.06 -66.74 28.98
N GLY A 575 -51.32 -66.39 30.26
CA GLY A 575 -52.63 -65.84 30.60
C GLY A 575 -52.83 -65.50 32.05
N PHE A 576 -54.03 -65.00 32.40
CA PHE A 576 -54.37 -64.64 33.77
C PHE A 576 -55.87 -64.70 33.98
N ILE A 577 -56.29 -64.81 35.27
CA ILE A 577 -57.67 -64.98 35.69
C ILE A 577 -58.03 -63.76 36.51
N ILE A 578 -59.09 -63.05 36.10
CA ILE A 578 -59.58 -61.79 36.63
C ILE A 578 -60.97 -62.00 37.22
N ARG A 579 -61.20 -61.75 38.52
CA ARG A 579 -62.56 -61.92 39.04
C ARG A 579 -63.36 -60.65 38.70
N HIS A 580 -64.54 -60.80 38.08
CA HIS A 580 -65.43 -59.70 37.69
C HIS A 580 -66.75 -59.94 38.37
N PHE A 581 -67.72 -59.01 38.25
CA PHE A 581 -69.04 -59.15 38.84
C PHE A 581 -69.77 -60.45 38.55
N ALA A 582 -69.83 -60.89 37.26
CA ALA A 582 -70.39 -62.16 36.87
C ALA A 582 -69.57 -63.36 37.37
N GLY A 583 -68.23 -63.28 37.30
CA GLY A 583 -67.37 -64.36 37.78
C GLY A 583 -65.94 -64.19 37.37
N ALA A 584 -65.16 -65.27 37.56
CA ALA A 584 -63.75 -65.36 37.27
C ALA A 584 -63.52 -65.84 35.84
N VAL A 585 -63.03 -64.94 34.97
CA VAL A 585 -62.87 -65.16 33.55
C VAL A 585 -61.39 -65.15 33.21
N CYS A 586 -60.85 -66.24 32.62
CA CYS A 586 -59.44 -66.29 32.26
C CYS A 586 -59.25 -65.71 30.87
N TYR A 587 -58.08 -65.11 30.58
CA TYR A 587 -57.78 -64.54 29.28
C TYR A 587 -56.41 -65.03 28.84
N GLU A 588 -56.20 -65.34 27.54
CA GLU A 588 -54.85 -65.66 27.08
C GLU A 588 -54.13 -64.39 26.68
N THR A 589 -52.77 -64.35 26.71
CA THR A 589 -52.02 -63.16 26.32
C THR A 589 -51.38 -63.28 24.97
N THR A 590 -51.47 -64.44 24.30
CA THR A 590 -51.01 -64.57 22.92
C THR A 590 -51.84 -63.71 22.02
N GLN A 591 -51.19 -62.95 21.11
CA GLN A 591 -51.80 -61.99 20.20
C GLN A 591 -52.45 -60.76 20.86
N PHE A 592 -52.55 -60.72 22.21
CA PHE A 592 -53.13 -59.63 22.98
C PHE A 592 -52.38 -58.32 22.85
N VAL A 593 -51.03 -58.36 22.96
CA VAL A 593 -50.18 -57.20 22.79
C VAL A 593 -50.15 -56.78 21.33
N GLU A 594 -50.04 -57.76 20.42
CA GLU A 594 -50.04 -57.54 19.00
C GLU A 594 -51.32 -56.91 18.48
N LYS A 595 -52.50 -57.27 19.03
CA LYS A 595 -53.76 -56.65 18.67
C LYS A 595 -53.89 -55.24 19.22
N ASN A 596 -53.16 -54.89 20.29
CA ASN A 596 -53.24 -53.55 20.82
C ASN A 596 -52.29 -52.60 20.12
N ASN A 597 -51.10 -53.08 19.73
CA ASN A 597 -50.03 -52.26 19.18
C ASN A 597 -50.20 -51.62 17.81
N ASP A 598 -51.11 -50.63 17.71
CA ASP A 598 -51.23 -49.80 16.54
C ASP A 598 -50.28 -48.63 16.68
N ALA A 599 -49.80 -48.10 15.55
CA ALA A 599 -48.95 -46.94 15.56
C ALA A 599 -49.05 -46.32 14.18
N LEU A 600 -49.49 -45.05 14.08
CA LEU A 600 -49.62 -44.40 12.78
C LEU A 600 -48.84 -43.10 12.76
N HIS A 601 -47.73 -43.09 12.02
CA HIS A 601 -46.88 -41.92 11.87
C HIS A 601 -47.47 -40.88 10.94
N MET A 602 -47.01 -39.62 11.07
CA MET A 602 -47.41 -38.48 10.29
C MET A 602 -47.22 -38.68 8.80
N SER A 603 -46.13 -39.38 8.41
CA SER A 603 -45.83 -39.77 7.03
C SER A 603 -46.86 -40.65 6.35
N LEU A 604 -47.89 -41.15 7.05
CA LEU A 604 -48.93 -41.95 6.44
C LEU A 604 -50.28 -41.38 6.84
N GLU A 605 -50.42 -40.76 8.04
CA GLU A 605 -51.64 -40.07 8.40
C GLU A 605 -51.82 -38.81 7.56
N SER A 606 -50.72 -38.11 7.22
CA SER A 606 -50.74 -36.95 6.34
C SER A 606 -50.49 -37.32 4.88
N LEU A 607 -51.05 -38.46 4.44
CA LEU A 607 -51.10 -38.82 3.03
C LEU A 607 -52.51 -39.31 2.73
N ILE A 608 -53.16 -40.05 3.65
CA ILE A 608 -54.53 -40.49 3.45
C ILE A 608 -55.50 -39.34 3.67
N CYS A 609 -55.07 -38.31 4.42
CA CYS A 609 -55.79 -37.05 4.53
C CYS A 609 -55.64 -36.22 3.26
N GLU A 610 -54.55 -36.43 2.48
CA GLU A 610 -54.24 -35.66 1.30
C GLU A 610 -54.68 -36.36 -0.01
N SER A 611 -55.69 -37.26 0.07
CA SER A 611 -56.24 -38.06 -1.03
C SER A 611 -56.60 -37.30 -2.32
N ARG A 612 -56.53 -38.00 -3.47
CA ARG A 612 -56.76 -37.54 -4.82
C ARG A 612 -58.06 -38.13 -5.38
N ASP A 613 -59.13 -38.01 -4.57
CA ASP A 613 -60.51 -38.35 -4.87
C ASP A 613 -61.31 -37.50 -3.88
N LYS A 614 -62.58 -37.14 -4.19
CA LYS A 614 -63.29 -36.14 -3.41
C LYS A 614 -64.20 -36.63 -2.29
N PHE A 615 -64.91 -37.78 -2.42
CA PHE A 615 -65.70 -38.31 -1.31
C PHE A 615 -64.79 -38.79 -0.18
N ILE A 616 -63.59 -39.25 -0.55
CA ILE A 616 -62.58 -39.77 0.34
C ILE A 616 -61.90 -38.73 1.21
N ARG A 617 -61.57 -37.53 0.69
CA ARG A 617 -60.99 -36.47 1.52
C ARG A 617 -61.97 -35.91 2.54
N GLU A 618 -63.26 -36.02 2.25
CA GLU A 618 -64.33 -35.56 3.09
C GLU A 618 -64.49 -36.41 4.33
N LEU A 619 -64.06 -37.67 4.30
CA LEU A 619 -64.17 -38.57 5.42
C LEU A 619 -63.23 -38.21 6.56
N PHE A 620 -62.05 -37.63 6.29
CA PHE A 620 -61.05 -37.39 7.32
C PHE A 620 -60.93 -35.93 7.78
N GLU A 621 -62.04 -35.16 7.83
CA GLU A 621 -62.11 -33.78 8.31
C GLU A 621 -61.36 -32.78 7.40
N SER A 622 -61.35 -31.44 7.58
CA SER A 622 -61.95 -30.54 8.57
C SER A 622 -63.47 -30.61 8.69
N SER A 623 -63.98 -30.61 9.94
CA SER A 623 -65.41 -30.69 10.29
C SER A 623 -66.21 -29.44 9.96
N THR A 624 -67.54 -29.56 9.77
CA THR A 624 -68.42 -28.44 9.41
C THR A 624 -68.55 -27.36 10.46
N ASN A 625 -68.39 -27.73 11.74
CA ASN A 625 -68.37 -26.81 12.87
C ASN A 625 -67.25 -27.30 13.77
N ASN A 626 -66.73 -26.42 14.65
CA ASN A 626 -65.69 -26.68 15.62
C ASN A 626 -64.36 -27.18 15.02
N ASN A 627 -63.87 -26.49 13.96
CA ASN A 627 -62.62 -26.79 13.29
C ASN A 627 -61.38 -26.61 14.18
N LYS A 628 -60.37 -27.49 14.03
CA LYS A 628 -59.18 -27.49 14.87
C LYS A 628 -58.02 -26.71 14.25
N ASP A 629 -57.59 -27.09 13.04
CA ASP A 629 -56.49 -26.49 12.30
C ASP A 629 -55.15 -26.49 13.05
N THR A 630 -54.78 -27.64 13.63
CA THR A 630 -53.56 -27.81 14.42
C THR A 630 -52.33 -27.95 13.56
N LYS A 631 -51.34 -27.06 13.78
CA LYS A 631 -50.08 -27.04 13.06
C LYS A 631 -49.13 -28.22 13.30
N GLN A 632 -48.29 -28.53 12.29
CA GLN A 632 -47.28 -29.57 12.29
C GLN A 632 -46.16 -29.28 13.29
N LYS A 633 -45.73 -28.01 13.43
CA LYS A 633 -44.68 -27.59 14.34
C LYS A 633 -45.03 -27.62 15.85
N ALA A 634 -46.13 -28.31 16.22
CA ALA A 634 -46.56 -28.53 17.57
C ALA A 634 -46.25 -29.97 18.00
N GLY A 635 -45.37 -30.65 17.24
CA GLY A 635 -44.92 -32.02 17.49
C GLY A 635 -43.93 -32.16 18.62
N LYS A 636 -43.38 -33.38 18.83
CA LYS A 636 -44.08 -34.48 19.49
C LYS A 636 -44.61 -35.40 18.37
N LEU A 637 -45.22 -36.60 18.58
CA LEU A 637 -45.64 -37.31 19.77
C LEU A 637 -45.54 -38.84 19.55
N SER A 638 -44.87 -39.27 18.45
CA SER A 638 -44.70 -40.66 18.03
C SER A 638 -45.97 -41.52 17.92
N PHE A 639 -46.07 -42.59 18.72
CA PHE A 639 -47.14 -43.59 18.65
C PHE A 639 -48.52 -43.05 18.98
N ILE A 640 -48.61 -42.21 20.04
CA ILE A 640 -49.82 -41.57 20.55
C ILE A 640 -50.86 -42.53 21.08
N SER A 641 -50.67 -42.99 22.34
CA SER A 641 -51.45 -43.93 23.13
C SER A 641 -52.69 -44.57 22.52
N VAL A 642 -52.57 -45.84 22.10
CA VAL A 642 -53.65 -46.56 21.41
C VAL A 642 -54.41 -47.51 22.33
N GLY A 643 -53.82 -47.89 23.48
CA GLY A 643 -54.45 -48.71 24.51
C GLY A 643 -55.29 -47.90 25.45
N ASN A 644 -55.38 -46.60 25.18
CA ASN A 644 -56.04 -45.60 25.99
C ASN A 644 -57.31 -45.21 25.28
N LYS A 645 -57.36 -45.25 23.95
CA LYS A 645 -58.53 -44.80 23.20
C LYS A 645 -59.74 -45.68 23.40
N PHE A 646 -59.55 -46.96 23.75
CA PHE A 646 -60.68 -47.82 24.10
C PHE A 646 -61.24 -47.46 25.49
N LYS A 647 -60.44 -46.84 26.37
CA LYS A 647 -60.89 -46.45 27.70
C LYS A 647 -61.44 -45.05 27.68
N THR A 648 -60.79 -44.13 26.96
CA THR A 648 -61.15 -42.73 26.86
C THR A 648 -62.48 -42.54 26.22
N GLN A 649 -62.76 -43.26 25.11
CA GLN A 649 -64.04 -43.08 24.45
C GLN A 649 -65.21 -43.60 25.28
N LEU A 650 -65.02 -44.66 26.09
CA LEU A 650 -66.05 -45.08 27.03
C LEU A 650 -66.25 -44.11 28.18
N ASN A 651 -65.17 -43.42 28.63
CA ASN A 651 -65.26 -42.43 29.69
C ASN A 651 -66.00 -41.16 29.29
N LEU A 652 -66.16 -40.89 27.97
CA LEU A 652 -66.92 -39.75 27.47
C LEU A 652 -68.42 -40.01 27.54
N LEU A 653 -68.81 -41.27 27.80
CA LEU A 653 -70.18 -41.70 27.86
C LEU A 653 -70.56 -41.98 29.31
N LEU A 654 -69.64 -42.49 30.13
CA LEU A 654 -69.89 -42.78 31.53
C LEU A 654 -70.10 -41.54 32.36
N ASP A 655 -69.38 -40.42 32.10
CA ASP A 655 -69.70 -39.21 32.85
C ASP A 655 -70.97 -38.54 32.34
N LYS A 656 -71.44 -38.82 31.10
CA LYS A 656 -72.75 -38.33 30.67
C LYS A 656 -73.90 -39.10 31.30
N LEU A 657 -73.71 -40.41 31.57
CA LEU A 657 -74.63 -41.29 32.26
C LEU A 657 -74.79 -40.95 33.72
N ARG A 658 -73.76 -40.39 34.35
CA ARG A 658 -73.83 -39.95 35.72
C ARG A 658 -74.74 -38.73 35.83
N SER A 659 -74.92 -37.95 34.74
CA SER A 659 -75.84 -36.80 34.77
C SER A 659 -77.30 -37.12 34.46
N THR A 660 -77.65 -38.32 33.93
CA THR A 660 -79.00 -38.65 33.51
C THR A 660 -79.70 -39.66 34.40
N GLY A 661 -81.02 -39.83 34.23
CA GLY A 661 -81.76 -40.90 34.89
C GLY A 661 -81.44 -42.25 34.27
N ALA A 662 -82.02 -43.35 34.79
CA ALA A 662 -81.74 -44.68 34.29
C ALA A 662 -82.94 -45.63 34.40
N SER A 663 -83.10 -46.50 33.38
CA SER A 663 -84.20 -47.45 33.25
C SER A 663 -83.70 -48.80 32.76
N PHE A 664 -83.12 -49.62 33.66
CA PHE A 664 -82.43 -50.86 33.36
C PHE A 664 -83.32 -52.04 32.94
N ILE A 665 -83.30 -52.42 31.65
CA ILE A 665 -84.08 -53.49 31.08
C ILE A 665 -83.17 -54.65 30.67
N ARG A 666 -83.18 -55.75 31.47
CA ARG A 666 -82.33 -56.91 31.23
C ARG A 666 -83.11 -57.84 30.31
N CYS A 667 -82.51 -58.30 29.20
CA CYS A 667 -83.21 -59.14 28.26
C CYS A 667 -82.77 -60.60 28.31
N ILE A 668 -83.72 -61.51 28.61
CA ILE A 668 -83.55 -62.94 28.79
C ILE A 668 -83.93 -63.76 27.57
N LYS A 669 -83.03 -64.63 27.09
CA LYS A 669 -83.25 -65.52 25.95
C LYS A 669 -83.63 -66.92 26.44
N PRO A 670 -84.84 -67.47 26.29
CA PRO A 670 -85.20 -68.77 26.88
C PRO A 670 -84.67 -69.99 26.15
N ASN A 671 -84.34 -69.88 24.85
CA ASN A 671 -83.85 -70.99 24.07
C ASN A 671 -83.10 -70.44 22.87
N LEU A 672 -82.28 -71.26 22.20
CA LEU A 672 -81.45 -70.83 21.09
C LEU A 672 -81.99 -71.26 19.74
N LYS A 673 -83.11 -72.00 19.70
CA LYS A 673 -83.63 -72.55 18.46
C LYS A 673 -84.76 -71.74 17.84
N MET A 674 -85.29 -70.73 18.58
CA MET A 674 -86.38 -69.85 18.21
C MET A 674 -87.73 -70.56 18.11
N THR A 675 -88.03 -71.46 19.06
CA THR A 675 -89.27 -72.21 19.08
C THR A 675 -90.15 -71.87 20.27
N SER A 676 -91.47 -72.03 20.09
CA SER A 676 -92.47 -71.80 21.11
C SER A 676 -92.41 -72.86 22.19
N HIS A 677 -92.56 -72.46 23.46
CA HIS A 677 -92.67 -73.35 24.60
C HIS A 677 -91.50 -74.29 24.81
N HIS A 678 -90.28 -73.74 24.72
CA HIS A 678 -89.05 -74.45 24.99
C HIS A 678 -88.35 -73.61 26.02
N PHE A 679 -88.27 -74.09 27.27
CA PHE A 679 -87.77 -73.33 28.40
C PHE A 679 -86.56 -74.07 28.94
N GLU A 680 -85.34 -73.50 28.78
CA GLU A 680 -84.12 -74.15 29.20
C GLU A 680 -83.52 -73.47 30.43
N GLY A 681 -83.56 -74.13 31.60
CA GLY A 681 -83.07 -73.54 32.85
C GLY A 681 -81.59 -73.73 33.09
N ALA A 682 -80.88 -74.26 32.08
CA ALA A 682 -79.43 -74.36 32.03
C ALA A 682 -78.89 -73.25 31.14
N GLN A 683 -79.82 -72.41 30.61
CA GLN A 683 -79.48 -71.24 29.81
C GLN A 683 -80.11 -70.01 30.43
N ILE A 684 -81.30 -70.14 31.06
CA ILE A 684 -81.93 -69.03 31.75
C ILE A 684 -81.18 -68.70 33.01
N LEU A 685 -80.79 -69.69 33.85
CA LEU A 685 -80.02 -69.43 35.06
C LEU A 685 -78.66 -68.83 34.75
N SER A 686 -78.06 -69.21 33.60
CA SER A 686 -76.80 -68.66 33.14
C SER A 686 -76.90 -67.20 32.73
N GLN A 687 -78.08 -66.69 32.33
CA GLN A 687 -78.20 -65.29 32.04
C GLN A 687 -78.62 -64.49 33.27
N LEU A 688 -79.15 -65.13 34.33
CA LEU A 688 -79.38 -64.44 35.59
C LEU A 688 -78.07 -64.23 36.34
N GLN A 689 -77.12 -65.17 36.16
CA GLN A 689 -75.81 -65.10 36.77
C GLN A 689 -74.77 -64.34 35.95
N CYS A 690 -75.09 -63.91 34.72
CA CYS A 690 -74.15 -63.14 33.90
C CYS A 690 -74.65 -61.75 33.52
N SER A 691 -75.80 -61.31 34.04
CA SER A 691 -76.34 -60.00 33.70
C SER A 691 -76.35 -59.04 34.86
N GLY A 692 -75.72 -59.39 36.00
CA GLY A 692 -75.70 -58.54 37.19
C GLY A 692 -76.91 -58.71 38.06
N MET A 693 -77.81 -59.65 37.70
CA MET A 693 -79.03 -59.88 38.43
C MET A 693 -78.83 -60.52 39.80
N VAL A 694 -77.79 -61.37 39.98
CA VAL A 694 -77.50 -61.97 41.28
C VAL A 694 -77.04 -60.92 42.27
N SER A 695 -76.22 -59.95 41.82
CA SER A 695 -75.75 -58.87 42.66
C SER A 695 -76.85 -57.95 43.14
N VAL A 696 -77.93 -57.76 42.35
CA VAL A 696 -79.07 -56.96 42.76
C VAL A 696 -79.88 -57.67 43.85
N LEU A 697 -80.12 -58.98 43.74
CA LEU A 697 -80.84 -59.73 44.76
C LEU A 697 -80.05 -59.84 46.07
N ASP A 698 -78.70 -59.78 46.00
CA ASP A 698 -77.84 -59.76 47.17
C ASP A 698 -77.57 -58.31 47.65
N LEU A 699 -78.12 -57.32 46.93
CA LEU A 699 -78.09 -55.91 47.29
C LEU A 699 -79.35 -55.63 48.10
N MET A 700 -80.49 -56.18 47.65
CA MET A 700 -81.79 -56.07 48.30
C MET A 700 -81.81 -56.67 49.71
N GLN A 701 -81.82 -55.80 50.73
CA GLN A 701 -81.83 -56.21 52.12
C GLN A 701 -83.02 -55.68 52.86
N GLY A 702 -83.74 -54.69 52.30
CA GLY A 702 -84.88 -54.08 52.96
C GLY A 702 -86.08 -54.98 53.08
N GLY A 703 -87.14 -54.47 53.75
CA GLY A 703 -88.40 -55.15 53.85
C GLY A 703 -89.13 -55.12 52.54
N PHE A 704 -89.99 -56.11 52.29
CA PHE A 704 -90.77 -56.25 51.10
C PHE A 704 -92.26 -56.10 51.50
N GLU B 1 54.78 -87.61 -0.87
CA GLU B 1 55.55 -88.86 -1.11
C GLU B 1 54.95 -90.05 -0.37
N ASP B 2 55.43 -91.27 -0.67
CA ASP B 2 55.02 -92.48 0.01
C ASP B 2 56.27 -93.17 0.56
N GLY B 3 56.26 -93.52 1.86
CA GLY B 3 57.36 -94.20 2.52
C GLY B 3 58.37 -93.28 3.14
N LYS B 4 59.05 -92.44 2.34
CA LYS B 4 60.11 -91.54 2.78
C LYS B 4 59.76 -90.68 4.00
N PRO B 5 60.62 -90.47 5.01
CA PRO B 5 60.35 -89.61 6.16
C PRO B 5 59.87 -88.21 5.80
N VAL B 6 58.83 -87.73 6.47
CA VAL B 6 58.24 -86.42 6.24
C VAL B 6 58.37 -85.66 7.54
N TRP B 7 58.12 -84.34 7.51
CA TRP B 7 58.18 -83.57 8.73
C TRP B 7 56.87 -83.72 9.48
N ALA B 8 56.94 -83.78 10.82
CA ALA B 8 55.84 -83.98 11.72
C ALA B 8 55.69 -82.80 12.68
N PRO B 9 54.51 -82.25 12.98
CA PRO B 9 54.33 -81.10 13.88
C PRO B 9 54.82 -81.26 15.32
N HIS B 10 56.03 -80.81 15.68
CA HIS B 10 56.55 -80.93 17.05
C HIS B 10 56.39 -79.65 17.89
N PRO B 11 55.77 -79.64 19.08
CA PRO B 11 55.56 -78.45 19.88
C PRO B 11 56.68 -77.44 20.11
N THR B 12 57.89 -77.87 20.53
CA THR B 12 58.95 -76.95 20.91
C THR B 12 59.92 -76.63 19.81
N ASP B 13 60.03 -77.54 18.82
CA ASP B 13 61.03 -77.46 17.78
C ASP B 13 60.40 -77.16 16.43
N GLY B 14 59.06 -77.10 16.37
CA GLY B 14 58.31 -76.79 15.16
C GLY B 14 57.98 -78.03 14.37
N PHE B 15 59.02 -78.67 13.84
CA PHE B 15 58.92 -79.88 13.05
C PHE B 15 59.93 -80.91 13.55
N GLN B 16 59.56 -82.21 13.51
CA GLN B 16 60.42 -83.32 13.88
C GLN B 16 60.29 -84.34 12.77
N VAL B 17 61.10 -85.39 12.73
CA VAL B 17 61.05 -86.38 11.67
C VAL B 17 59.97 -87.41 11.98
N GLY B 18 59.44 -88.12 10.97
CA GLY B 18 58.32 -89.01 11.20
C GLY B 18 57.87 -89.66 9.93
N ASN B 19 57.09 -90.73 10.08
CA ASN B 19 56.66 -91.58 8.99
C ASN B 19 55.16 -91.71 9.06
N ILE B 20 54.56 -92.18 7.97
CA ILE B 20 53.13 -92.27 7.76
C ILE B 20 52.82 -93.75 7.77
N VAL B 21 51.98 -94.20 8.72
CA VAL B 21 51.73 -95.62 8.87
C VAL B 21 50.28 -95.97 8.59
N ASP B 22 49.42 -94.97 8.35
CA ASP B 22 48.06 -95.14 7.85
C ASP B 22 47.69 -93.74 7.37
N ILE B 23 46.74 -93.63 6.43
CA ILE B 23 46.40 -92.35 5.83
C ILE B 23 44.91 -92.25 5.58
N GLY B 24 44.37 -91.01 5.47
CA GLY B 24 42.98 -90.71 5.19
C GLY B 24 42.91 -89.70 4.07
N PRO B 25 41.80 -89.01 3.84
CA PRO B 25 41.71 -87.98 2.79
C PRO B 25 42.58 -86.75 3.02
N ASP B 26 42.77 -86.34 4.29
CA ASP B 26 43.54 -85.16 4.64
C ASP B 26 44.17 -85.29 6.03
N SER B 27 43.80 -86.33 6.80
CA SER B 27 44.39 -86.67 8.07
C SER B 27 45.39 -87.81 7.89
N LEU B 28 46.58 -87.71 8.49
CA LEU B 28 47.64 -88.70 8.35
C LEU B 28 48.01 -89.26 9.71
N THR B 29 48.07 -90.60 9.85
CA THR B 29 48.47 -91.24 11.09
C THR B 29 49.99 -91.26 11.13
N ILE B 30 50.57 -90.20 11.72
CA ILE B 30 51.99 -89.95 11.83
C ILE B 30 52.65 -90.63 13.01
N GLU B 31 53.62 -91.52 12.74
CA GLU B 31 54.43 -92.14 13.76
C GLU B 31 55.73 -91.34 13.85
N PRO B 32 56.12 -90.70 14.94
CA PRO B 32 57.40 -89.98 15.06
C PRO B 32 58.61 -90.87 14.86
N LEU B 33 59.75 -90.33 14.41
CA LEU B 33 60.96 -91.13 14.24
C LEU B 33 61.69 -91.35 15.57
N ASN B 34 61.79 -90.28 16.40
CA ASN B 34 62.48 -90.29 17.67
C ASN B 34 61.59 -90.48 18.91
N GLN B 35 60.28 -90.64 18.71
CA GLN B 35 59.30 -90.80 19.78
C GLN B 35 58.22 -91.74 19.29
N LYS B 36 58.62 -92.87 18.67
CA LYS B 36 57.73 -93.80 17.97
C LYS B 36 56.44 -94.19 18.66
N GLY B 37 56.38 -94.30 20.00
CA GLY B 37 55.14 -94.68 20.66
C GLY B 37 54.06 -93.62 20.77
N LYS B 38 54.34 -92.33 20.44
CA LYS B 38 53.34 -91.27 20.56
C LYS B 38 52.24 -91.29 19.49
N THR B 39 52.52 -91.89 18.30
CA THR B 39 51.65 -92.07 17.11
C THR B 39 50.32 -91.34 17.06
N PHE B 40 50.33 -90.07 16.59
CA PHE B 40 49.18 -89.19 16.53
C PHE B 40 48.55 -89.10 15.15
N LEU B 41 47.60 -88.17 14.99
CA LEU B 41 46.98 -87.87 13.73
C LEU B 41 47.40 -86.43 13.44
N ALA B 42 47.66 -86.09 12.17
CA ALA B 42 48.06 -84.75 11.79
C ALA B 42 47.58 -84.49 10.39
N LEU B 43 47.28 -83.23 10.06
CA LEU B 43 46.73 -82.86 8.77
C LEU B 43 47.73 -82.65 7.65
N ILE B 44 47.21 -82.40 6.43
CA ILE B 44 47.96 -82.13 5.22
C ILE B 44 48.88 -80.92 5.29
N ASN B 45 48.54 -79.90 6.09
CA ASN B 45 49.35 -78.71 6.24
C ASN B 45 50.36 -78.83 7.36
N GLN B 46 50.49 -80.03 7.95
CA GLN B 46 51.43 -80.29 9.02
C GLN B 46 52.47 -81.31 8.59
N VAL B 47 52.39 -81.80 7.34
CA VAL B 47 53.32 -82.76 6.77
C VAL B 47 54.00 -82.19 5.54
N PHE B 48 55.34 -82.34 5.46
CA PHE B 48 56.16 -81.77 4.41
C PHE B 48 57.25 -82.74 3.97
N PRO B 49 57.64 -82.85 2.70
CA PRO B 49 58.70 -83.77 2.26
C PRO B 49 60.10 -83.42 2.74
N ALA B 50 60.90 -84.43 3.13
CA ALA B 50 62.23 -84.22 3.66
C ALA B 50 63.31 -84.94 2.83
N GLU B 51 64.52 -84.36 2.78
CA GLU B 51 65.70 -84.89 2.11
C GLU B 51 66.19 -86.23 2.66
N GLU B 52 66.81 -87.06 1.79
CA GLU B 52 67.33 -88.38 2.12
C GLU B 52 68.43 -88.44 3.16
N ASP B 53 69.45 -87.57 3.07
CA ASP B 53 70.53 -87.54 4.04
C ASP B 53 70.30 -86.30 4.90
N SER B 54 70.31 -86.46 6.24
CA SER B 54 70.11 -85.34 7.17
C SER B 54 71.45 -84.78 7.59
N LYS B 55 72.52 -85.42 7.11
CA LYS B 55 73.92 -85.07 7.26
C LYS B 55 74.39 -84.02 6.25
N LYS B 56 73.51 -83.09 5.84
CA LYS B 56 73.88 -82.03 4.93
C LYS B 56 73.10 -80.77 5.19
N ASP B 57 73.66 -79.65 4.70
CA ASP B 57 73.08 -78.35 4.73
C ASP B 57 73.36 -77.74 3.37
N VAL B 58 72.62 -76.70 2.96
CA VAL B 58 72.78 -76.09 1.65
C VAL B 58 73.15 -74.63 1.76
N GLU B 59 74.21 -74.24 1.00
CA GLU B 59 74.71 -72.89 0.89
C GLU B 59 73.84 -72.14 -0.09
N ASP B 60 73.52 -72.79 -1.23
CA ASP B 60 72.59 -72.34 -2.24
C ASP B 60 71.31 -73.11 -2.00
N ASN B 61 70.23 -72.46 -1.49
CA ASN B 61 69.03 -73.19 -1.13
C ASN B 61 68.22 -73.63 -2.33
N CYS B 62 68.50 -73.07 -3.53
CA CYS B 62 67.92 -73.51 -4.78
C CYS B 62 68.39 -74.90 -5.20
N SER B 63 69.44 -75.42 -4.53
CA SER B 63 70.02 -76.74 -4.78
C SER B 63 69.29 -77.87 -4.07
N LEU B 64 68.27 -77.57 -3.22
CA LEU B 64 67.46 -78.59 -2.58
C LEU B 64 66.69 -79.46 -3.58
N MET B 65 66.53 -80.76 -3.26
CA MET B 65 65.78 -81.71 -4.07
C MET B 65 64.31 -81.64 -3.64
N TYR B 66 64.11 -81.42 -2.33
CA TYR B 66 62.82 -81.20 -1.73
C TYR B 66 62.90 -79.80 -1.13
N LEU B 67 62.31 -78.82 -1.82
CA LEU B 67 62.35 -77.43 -1.43
C LEU B 67 60.97 -77.05 -0.97
N ASN B 68 60.83 -76.81 0.34
CA ASN B 68 59.58 -76.48 0.96
C ASN B 68 59.88 -75.64 2.17
N GLU B 69 58.90 -75.42 3.05
CA GLU B 69 59.08 -74.48 4.15
C GLU B 69 59.59 -75.18 5.38
N ALA B 70 59.38 -76.50 5.50
CA ALA B 70 60.00 -77.30 6.54
C ALA B 70 61.49 -77.59 6.29
N THR B 71 61.93 -77.71 5.02
CA THR B 71 63.33 -78.00 4.73
C THR B 71 64.17 -76.75 4.74
N LEU B 72 63.53 -75.56 4.65
CA LEU B 72 64.22 -74.30 4.88
C LEU B 72 64.48 -74.11 6.37
N LEU B 73 63.53 -74.56 7.21
CA LEU B 73 63.61 -74.52 8.66
C LEU B 73 64.66 -75.47 9.19
N HIS B 74 64.84 -76.64 8.55
CA HIS B 74 65.88 -77.56 8.94
C HIS B 74 67.26 -77.09 8.49
N ASN B 75 67.38 -76.30 7.40
CA ASN B 75 68.66 -75.81 6.94
C ASN B 75 69.27 -74.79 7.89
N ILE B 76 68.46 -73.93 8.54
CA ILE B 76 69.00 -72.93 9.46
C ILE B 76 69.06 -73.43 10.89
N LYS B 77 68.79 -74.72 11.10
CA LYS B 77 68.91 -75.37 12.40
C LYS B 77 70.28 -76.02 12.44
N VAL B 78 70.67 -76.69 11.34
CA VAL B 78 71.98 -77.28 11.18
C VAL B 78 73.06 -76.20 10.99
N ARG B 79 72.81 -75.15 10.18
CA ARG B 79 73.83 -74.12 9.95
C ARG B 79 74.13 -73.22 11.14
N TYR B 80 73.21 -73.11 12.11
CA TYR B 80 73.41 -72.35 13.33
C TYR B 80 74.47 -72.99 14.24
N SER B 81 74.64 -74.33 14.18
CA SER B 81 75.64 -75.04 14.95
C SER B 81 76.94 -75.22 14.19
N LYS B 82 77.03 -74.65 12.98
CA LYS B 82 78.25 -74.67 12.18
C LYS B 82 78.85 -73.29 12.12
N ASP B 83 78.31 -72.36 12.93
CA ASP B 83 78.76 -70.98 13.04
C ASP B 83 78.51 -70.22 11.74
N ARG B 84 77.45 -70.57 10.99
CA ARG B 84 77.07 -69.93 9.75
C ARG B 84 75.75 -69.22 9.96
N ILE B 85 75.79 -67.87 9.98
CA ILE B 85 74.61 -67.07 10.26
C ILE B 85 74.00 -66.50 9.00
N TYR B 86 74.67 -66.65 7.84
CA TYR B 86 74.17 -66.19 6.58
C TYR B 86 73.76 -67.36 5.68
N THR B 87 72.61 -67.21 5.01
CA THR B 87 71.98 -68.25 4.19
C THR B 87 71.45 -67.69 2.87
N TYR B 88 71.92 -68.18 1.69
CA TYR B 88 71.47 -67.69 0.39
C TYR B 88 70.20 -68.41 -0.03
N VAL B 89 69.03 -67.73 0.01
CA VAL B 89 67.80 -68.34 -0.46
C VAL B 89 67.35 -67.53 -1.67
N ALA B 90 67.74 -67.99 -2.88
CA ALA B 90 67.54 -67.26 -4.12
C ALA B 90 68.08 -65.83 -4.05
N ASN B 91 67.25 -64.82 -4.33
CA ASN B 91 67.65 -63.42 -4.19
C ASN B 91 67.30 -62.86 -2.81
N ILE B 92 67.02 -63.72 -1.80
CA ILE B 92 66.64 -63.31 -0.48
C ILE B 92 67.69 -63.80 0.50
N LEU B 93 68.23 -62.91 1.36
CA LEU B 93 69.26 -63.32 2.29
C LEU B 93 68.63 -63.35 3.67
N ILE B 94 68.80 -64.51 4.33
CA ILE B 94 68.31 -64.81 5.66
C ILE B 94 69.49 -64.76 6.60
N ALA B 95 69.49 -63.75 7.48
CA ALA B 95 70.54 -63.47 8.42
C ALA B 95 69.94 -63.67 9.80
N VAL B 96 70.64 -64.42 10.65
CA VAL B 96 70.19 -64.83 11.98
C VAL B 96 71.11 -64.20 13.00
N ASN B 97 70.61 -63.37 13.93
CA ASN B 97 71.45 -62.70 14.92
C ASN B 97 71.98 -63.69 15.97
N PRO B 98 73.28 -63.97 16.14
CA PRO B 98 73.75 -65.01 17.05
C PRO B 98 73.92 -64.56 18.48
N TYR B 99 73.89 -63.24 18.75
CA TYR B 99 74.07 -62.62 20.06
C TYR B 99 75.44 -62.87 20.70
N PHE B 100 76.48 -63.03 19.87
CA PHE B 100 77.87 -63.05 20.29
C PHE B 100 78.73 -62.77 19.07
N ASP B 101 80.04 -62.51 19.27
CA ASP B 101 80.94 -62.18 18.19
C ASP B 101 81.65 -63.41 17.65
N ILE B 102 81.17 -63.93 16.50
CA ILE B 102 81.76 -65.06 15.80
C ILE B 102 83.19 -64.77 15.32
N PRO B 103 84.16 -65.67 15.44
CA PRO B 103 85.52 -65.45 14.97
C PRO B 103 85.67 -65.11 13.49
N LYS B 104 86.33 -63.98 13.18
CA LYS B 104 86.75 -63.54 11.86
C LYS B 104 85.74 -63.66 10.71
N ILE B 105 84.57 -62.99 10.84
CA ILE B 105 83.59 -62.89 9.77
C ILE B 105 83.16 -61.44 9.53
N TYR B 106 83.56 -60.50 10.42
CA TYR B 106 83.25 -59.09 10.27
C TYR B 106 84.54 -58.29 10.08
N SER B 107 85.69 -58.99 9.92
CA SER B 107 87.00 -58.38 9.84
C SER B 107 87.33 -57.67 8.53
N SER B 108 88.41 -56.85 8.50
CA SER B 108 88.85 -56.16 7.30
C SER B 108 89.49 -57.11 6.31
N GLU B 109 90.02 -58.26 6.79
CA GLU B 109 90.55 -59.31 5.95
C GLU B 109 89.39 -60.05 5.28
N THR B 110 88.25 -60.16 5.99
CA THR B 110 87.02 -60.74 5.45
C THR B 110 86.42 -59.87 4.36
N ILE B 111 86.47 -58.54 4.51
CA ILE B 111 85.94 -57.57 3.54
C ILE B 111 86.67 -57.65 2.20
N LYS B 112 88.01 -57.79 2.21
CA LYS B 112 88.74 -57.89 0.96
C LYS B 112 88.76 -59.30 0.39
N SER B 113 88.18 -60.29 1.08
CA SER B 113 88.03 -61.62 0.52
C SER B 113 86.85 -61.65 -0.45
N TYR B 114 85.72 -60.98 -0.11
CA TYR B 114 84.55 -60.92 -0.97
C TYR B 114 84.69 -59.98 -2.16
N GLN B 115 85.21 -58.75 -1.91
CA GLN B 115 85.41 -57.66 -2.85
C GLN B 115 85.27 -57.90 -4.35
N GLY B 116 84.16 -57.42 -4.93
CA GLY B 116 83.85 -57.42 -6.36
C GLY B 116 83.32 -58.70 -6.92
N LYS B 117 83.18 -59.74 -6.09
CA LYS B 117 82.75 -61.04 -6.55
C LYS B 117 81.26 -61.29 -6.41
N SER B 118 80.67 -61.89 -7.45
CA SER B 118 79.25 -62.10 -7.62
C SER B 118 78.67 -63.32 -6.94
N LEU B 119 77.32 -63.39 -6.80
CA LEU B 119 76.64 -64.52 -6.21
C LEU B 119 76.92 -65.83 -6.97
N GLY B 120 77.08 -66.93 -6.21
CA GLY B 120 77.46 -68.22 -6.77
C GLY B 120 78.95 -68.39 -6.97
N THR B 121 79.76 -67.38 -6.61
CA THR B 121 81.22 -67.45 -6.68
C THR B 121 81.86 -67.28 -5.30
N MET B 122 81.04 -67.03 -4.27
CA MET B 122 81.44 -66.89 -2.88
C MET B 122 80.27 -67.42 -2.06
N PRO B 123 80.46 -68.04 -0.88
CA PRO B 123 79.39 -68.59 -0.06
C PRO B 123 78.51 -67.51 0.58
N PRO B 124 77.42 -67.85 1.27
CA PRO B 124 76.51 -66.88 1.86
C PRO B 124 77.15 -65.89 2.81
N HIS B 125 76.98 -64.57 2.57
CA HIS B 125 77.45 -63.56 3.48
C HIS B 125 76.69 -62.29 3.20
N VAL B 126 76.64 -61.32 4.15
CA VAL B 126 75.89 -60.09 3.91
C VAL B 126 76.72 -59.13 3.09
N PHE B 127 78.05 -59.36 3.03
CA PHE B 127 78.92 -58.56 2.19
C PHE B 127 78.83 -58.98 0.73
N ALA B 128 78.22 -60.14 0.40
CA ALA B 128 78.00 -60.51 -0.99
C ALA B 128 76.72 -59.90 -1.54
N ILE B 129 75.88 -59.33 -0.66
CA ILE B 129 74.67 -58.63 -1.04
C ILE B 129 75.03 -57.18 -1.15
N ALA B 130 75.83 -56.63 -0.22
CA ALA B 130 76.28 -55.25 -0.32
C ALA B 130 77.20 -55.00 -1.53
N ASP B 131 78.01 -56.01 -1.93
CA ASP B 131 78.82 -55.90 -3.13
C ASP B 131 78.00 -56.01 -4.41
N LYS B 132 76.88 -56.76 -4.36
CA LYS B 132 75.94 -56.88 -5.46
C LYS B 132 75.24 -55.56 -5.68
N ALA B 133 74.91 -54.83 -4.62
CA ALA B 133 74.19 -53.58 -4.75
C ALA B 133 75.05 -52.48 -5.33
N PHE B 134 76.40 -52.51 -5.21
CA PHE B 134 77.19 -51.55 -5.97
C PHE B 134 77.28 -51.90 -7.46
N ARG B 135 77.39 -53.20 -7.80
CA ARG B 135 77.44 -53.61 -9.20
C ARG B 135 76.10 -53.57 -9.91
N ASP B 136 74.98 -53.74 -9.19
CA ASP B 136 73.65 -53.61 -9.76
C ASP B 136 73.15 -52.20 -9.47
N MET B 137 74.06 -51.21 -9.69
CA MET B 137 73.76 -49.80 -9.61
C MET B 137 74.43 -49.10 -10.76
N LYS B 138 75.77 -48.96 -10.77
CA LYS B 138 76.48 -48.25 -11.82
C LYS B 138 76.34 -48.85 -13.22
N VAL B 139 76.47 -50.18 -13.38
CA VAL B 139 76.33 -50.86 -14.66
C VAL B 139 74.89 -50.88 -15.15
N LEU B 140 73.96 -51.16 -14.22
CA LEU B 140 72.54 -51.26 -14.50
C LEU B 140 71.84 -49.93 -14.69
N LYS B 141 72.42 -48.83 -14.18
CA LYS B 141 71.86 -47.49 -14.23
C LYS B 141 70.54 -47.44 -13.46
N LEU B 142 70.57 -47.95 -12.21
CA LEU B 142 69.40 -48.03 -11.38
C LEU B 142 69.79 -47.80 -9.94
N SER B 143 69.06 -46.95 -9.19
CA SER B 143 69.33 -46.75 -7.77
C SER B 143 68.91 -47.98 -6.98
N GLN B 144 69.48 -48.21 -5.78
CA GLN B 144 69.26 -49.44 -5.04
C GLN B 144 68.66 -49.23 -3.68
N SER B 145 68.08 -50.30 -3.15
CA SER B 145 67.46 -50.28 -1.85
C SER B 145 67.61 -51.62 -1.18
N ILE B 146 67.98 -51.58 0.11
CA ILE B 146 68.13 -52.76 0.94
C ILE B 146 66.91 -52.65 1.82
N ILE B 147 66.05 -53.68 1.78
CA ILE B 147 64.79 -53.67 2.49
C ILE B 147 64.89 -54.63 3.64
N VAL B 148 64.75 -54.10 4.87
CA VAL B 148 64.91 -54.87 6.09
C VAL B 148 63.63 -54.90 6.90
N SER B 149 63.08 -56.10 7.12
CA SER B 149 61.87 -56.37 7.89
C SER B 149 62.25 -57.07 9.18
N GLY B 150 61.35 -57.89 9.76
CA GLY B 150 61.61 -58.63 10.99
C GLY B 150 61.39 -57.95 12.32
N GLU B 151 61.21 -58.80 13.35
CA GLU B 151 60.98 -58.45 14.74
C GLU B 151 62.15 -57.68 15.36
N SER B 152 61.91 -56.77 16.34
CA SER B 152 62.99 -55.95 16.87
C SER B 152 64.11 -56.74 17.53
N GLY B 153 65.37 -56.36 17.27
CA GLY B 153 66.53 -57.07 17.80
C GLY B 153 66.89 -58.32 17.04
N ALA B 154 66.24 -58.57 15.89
CA ALA B 154 66.49 -59.75 15.08
C ALA B 154 67.73 -59.64 14.21
N GLY B 155 68.44 -58.50 14.25
CA GLY B 155 69.66 -58.28 13.48
C GLY B 155 69.46 -57.28 12.38
N LYS B 156 68.32 -56.58 12.39
CA LYS B 156 68.03 -55.56 11.40
C LYS B 156 68.78 -54.26 11.66
N THR B 157 69.18 -54.00 12.92
CA THR B 157 70.14 -52.94 13.20
C THR B 157 71.55 -53.35 12.81
N GLU B 158 71.99 -54.56 13.23
CA GLU B 158 73.35 -54.99 13.05
C GLU B 158 73.77 -55.31 11.62
N ASN B 159 72.91 -55.90 10.79
CA ASN B 159 73.24 -56.13 9.40
C ASN B 159 73.31 -54.84 8.60
N THR B 160 72.53 -53.82 8.99
CA THR B 160 72.54 -52.55 8.29
C THR B 160 73.84 -51.79 8.51
N LYS B 161 74.43 -51.80 9.72
CA LYS B 161 75.73 -51.17 9.90
C LYS B 161 76.87 -51.92 9.23
N PHE B 162 76.77 -53.27 9.05
CA PHE B 162 77.76 -54.04 8.33
C PHE B 162 77.69 -53.77 6.82
N VAL B 163 76.50 -53.41 6.30
CA VAL B 163 76.35 -52.98 4.92
C VAL B 163 76.96 -51.61 4.73
N LEU B 164 76.67 -50.63 5.61
CA LEU B 164 77.24 -49.30 5.46
C LEU B 164 78.73 -49.22 5.80
N ARG B 165 79.26 -50.18 6.59
CA ARG B 165 80.67 -50.35 6.79
C ARG B 165 81.31 -50.87 5.51
N TYR B 166 80.64 -51.83 4.84
CA TYR B 166 81.16 -52.42 3.63
C TYR B 166 81.12 -51.47 2.45
N LEU B 167 80.13 -50.55 2.40
CA LEU B 167 80.10 -49.58 1.32
C LEU B 167 81.06 -48.44 1.55
N THR B 168 81.46 -48.16 2.80
CA THR B 168 82.48 -47.14 3.05
C THR B 168 83.89 -47.68 2.99
N GLU B 169 84.20 -48.80 3.67
CA GLU B 169 85.54 -49.36 3.63
C GLU B 169 85.93 -50.01 2.31
N SER B 170 85.04 -50.84 1.71
CA SER B 170 85.34 -51.50 0.45
C SER B 170 85.25 -50.61 -0.77
N TYR B 171 84.25 -49.69 -0.86
CA TYR B 171 84.09 -48.86 -2.05
C TYR B 171 84.16 -47.36 -1.88
N GLY B 172 83.94 -46.79 -0.70
CA GLY B 172 84.06 -45.34 -0.53
C GLY B 172 85.49 -44.92 -0.38
N THR B 173 86.27 -45.73 0.37
CA THR B 173 87.67 -45.50 0.73
C THR B 173 87.78 -44.23 1.51
N GLY B 174 86.97 -44.14 2.57
CA GLY B 174 86.80 -42.95 3.37
C GLY B 174 85.39 -42.48 3.27
N GLN B 175 85.22 -41.14 3.29
CA GLN B 175 83.96 -40.41 3.32
C GLN B 175 83.31 -40.55 4.68
N ASP B 176 83.38 -39.48 5.50
CA ASP B 176 82.93 -39.51 6.87
C ASP B 176 81.42 -39.50 7.02
N ILE B 177 80.83 -40.70 7.05
CA ILE B 177 79.39 -40.91 7.19
C ILE B 177 79.10 -42.18 7.99
N ASP B 178 80.04 -43.15 8.04
CA ASP B 178 79.89 -44.42 8.72
C ASP B 178 79.65 -44.39 10.23
N ASP B 179 80.44 -43.61 11.01
CA ASP B 179 80.24 -43.52 12.43
C ASP B 179 79.48 -42.28 12.85
N ARG B 180 78.92 -41.50 11.92
CA ARG B 180 78.08 -40.38 12.32
C ARG B 180 76.68 -40.87 12.67
N ILE B 181 76.34 -42.10 12.20
CA ILE B 181 75.15 -42.85 12.56
C ILE B 181 75.31 -43.36 13.98
N VAL B 182 76.51 -43.89 14.28
CA VAL B 182 76.97 -44.37 15.56
C VAL B 182 77.09 -43.26 16.61
N GLU B 183 77.59 -42.06 16.27
CA GLU B 183 77.73 -40.96 17.21
C GLU B 183 76.40 -40.42 17.70
N ALA B 184 75.33 -40.47 16.88
CA ALA B 184 74.02 -40.07 17.31
C ALA B 184 73.11 -41.29 17.49
N ASN B 185 73.69 -42.45 17.87
CA ASN B 185 72.93 -43.67 18.12
C ASN B 185 71.92 -43.54 19.26
N PRO B 186 72.19 -43.16 20.51
CA PRO B 186 71.12 -42.93 21.46
C PRO B 186 70.30 -41.67 21.16
N LEU B 187 70.82 -40.71 20.37
CA LEU B 187 70.05 -39.51 20.07
C LEU B 187 68.84 -39.75 19.18
N LEU B 188 68.94 -40.64 18.17
CA LEU B 188 67.78 -41.00 17.37
C LEU B 188 66.95 -42.12 17.97
N GLU B 189 67.49 -42.80 19.01
CA GLU B 189 66.78 -43.85 19.70
C GLU B 189 65.67 -43.29 20.56
N ALA B 190 65.97 -42.25 21.36
CA ALA B 190 65.00 -41.67 22.26
C ALA B 190 63.73 -41.08 21.60
N PHE B 191 63.89 -40.34 20.50
CA PHE B 191 62.76 -39.73 19.79
C PHE B 191 61.82 -40.70 19.08
N GLY B 192 62.32 -41.84 18.54
CA GLY B 192 61.45 -42.75 17.77
C GLY B 192 61.19 -44.11 18.34
N ASN B 193 62.09 -44.66 19.17
CA ASN B 193 61.90 -45.93 19.84
C ASN B 193 60.85 -45.90 20.92
N ALA B 194 59.89 -46.86 20.91
CA ALA B 194 58.96 -46.95 22.01
C ALA B 194 59.00 -48.36 22.57
N LYS B 195 57.98 -48.75 23.35
CA LYS B 195 57.80 -50.07 23.90
C LYS B 195 56.48 -50.63 23.43
N THR B 196 56.46 -51.84 22.85
CA THR B 196 55.23 -52.51 22.47
C THR B 196 55.21 -53.80 23.25
N VAL B 197 54.11 -54.57 23.24
CA VAL B 197 54.04 -55.80 24.02
C VAL B 197 55.06 -56.84 23.54
N ARG B 198 55.16 -57.02 22.20
CA ARG B 198 56.08 -57.94 21.56
C ARG B 198 57.51 -57.42 21.47
N ASN B 199 57.75 -56.09 21.50
CA ASN B 199 59.10 -55.54 21.37
C ASN B 199 59.41 -54.52 22.46
N ASN B 200 60.43 -54.78 23.30
CA ASN B 200 60.84 -53.84 24.35
C ASN B 200 61.42 -52.53 23.86
N ASN B 201 62.22 -52.52 22.78
CA ASN B 201 62.79 -51.30 22.26
C ASN B 201 62.81 -51.36 20.74
N SER B 202 61.73 -50.90 20.08
CA SER B 202 61.57 -50.93 18.64
C SER B 202 61.43 -49.52 18.12
N SER B 203 62.13 -49.18 17.02
CA SER B 203 61.95 -47.89 16.38
C SER B 203 60.65 -47.89 15.62
N ARG B 204 59.83 -46.84 15.80
CA ARG B 204 58.50 -46.82 15.25
C ARG B 204 58.37 -46.07 13.94
N PHE B 205 59.48 -45.60 13.36
CA PHE B 205 59.44 -44.90 12.09
C PHE B 205 60.26 -45.63 11.05
N GLY B 206 60.03 -45.30 9.78
CA GLY B 206 60.74 -45.86 8.65
C GLY B 206 62.02 -45.13 8.42
N LYS B 207 63.11 -45.59 9.06
CA LYS B 207 64.44 -45.01 8.92
C LYS B 207 65.00 -45.33 7.54
N PHE B 208 65.22 -44.30 6.70
CA PHE B 208 65.66 -44.48 5.33
C PHE B 208 66.94 -43.73 5.06
N VAL B 209 68.08 -44.29 5.51
CA VAL B 209 69.42 -43.76 5.34
C VAL B 209 69.88 -43.94 3.89
N GLU B 210 69.98 -42.87 3.08
CA GLU B 210 70.35 -43.04 1.69
C GLU B 210 71.82 -42.62 1.56
N ILE B 211 72.57 -43.29 0.67
CA ILE B 211 73.98 -43.03 0.41
C ILE B 211 74.15 -42.65 -1.04
N HIS B 212 74.46 -41.37 -1.30
CA HIS B 212 74.60 -40.80 -2.63
C HIS B 212 75.87 -41.22 -3.36
N PHE B 213 75.71 -41.63 -4.63
CA PHE B 213 76.77 -41.90 -5.56
C PHE B 213 76.55 -40.95 -6.72
N ASN B 214 77.64 -40.40 -7.27
CA ASN B 214 77.61 -39.43 -8.35
C ASN B 214 77.74 -40.11 -9.73
N GLU B 215 78.04 -39.32 -10.78
CA GLU B 215 78.27 -39.86 -12.11
C GLU B 215 79.61 -40.57 -12.25
N LYS B 216 80.57 -40.27 -11.34
CA LYS B 216 81.89 -40.89 -11.35
C LYS B 216 81.90 -42.19 -10.57
N SER B 217 80.87 -42.41 -9.73
CA SER B 217 80.65 -43.58 -8.90
C SER B 217 81.51 -43.59 -7.65
N SER B 218 81.69 -42.42 -7.02
CA SER B 218 82.36 -42.30 -5.73
C SER B 218 81.31 -41.94 -4.70
N VAL B 219 81.54 -42.24 -3.41
CA VAL B 219 80.57 -41.98 -2.35
C VAL B 219 80.66 -40.51 -1.99
N VAL B 220 79.69 -39.70 -2.44
CA VAL B 220 79.75 -38.25 -2.30
C VAL B 220 78.90 -37.70 -1.19
N GLY B 221 78.16 -38.55 -0.46
CA GLY B 221 77.36 -38.04 0.63
C GLY B 221 76.36 -39.04 1.11
N GLY B 222 75.69 -38.71 2.21
CA GLY B 222 74.56 -39.50 2.67
C GLY B 222 73.48 -38.57 3.08
N PHE B 223 72.28 -39.10 3.33
CA PHE B 223 71.16 -38.29 3.75
C PHE B 223 70.26 -39.19 4.56
N VAL B 224 69.68 -38.71 5.68
CA VAL B 224 68.82 -39.54 6.50
C VAL B 224 67.41 -39.05 6.34
N SER B 225 66.52 -39.96 5.92
CA SER B 225 65.11 -39.69 5.70
C SER B 225 64.28 -40.48 6.67
N HIS B 226 63.14 -39.92 7.11
CA HIS B 226 62.22 -40.54 8.05
C HIS B 226 60.82 -40.57 7.46
N TYR B 227 60.10 -41.68 7.68
CA TYR B 227 58.76 -41.88 7.17
C TYR B 227 57.89 -42.47 8.27
N LEU B 228 56.59 -42.13 8.30
CA LEU B 228 55.56 -42.77 9.10
C LEU B 228 55.78 -42.96 10.59
N LEU B 229 56.08 -41.90 11.36
CA LEU B 229 56.16 -42.01 12.82
C LEU B 229 54.75 -42.02 13.41
N GLU B 230 54.36 -43.07 14.15
CA GLU B 230 53.04 -43.30 14.73
C GLU B 230 52.40 -42.08 15.42
N LYS B 231 51.32 -41.55 14.82
CA LYS B 231 50.61 -40.38 15.30
C LYS B 231 49.89 -40.59 16.62
N SER B 232 49.18 -41.72 16.78
CA SER B 232 48.38 -41.96 17.96
C SER B 232 49.18 -42.15 19.23
N ARG B 233 50.34 -42.84 19.15
CA ARG B 233 51.21 -43.11 20.27
C ARG B 233 51.66 -41.89 21.06
N ILE B 234 51.76 -40.73 20.39
CA ILE B 234 52.10 -39.45 20.98
C ILE B 234 51.13 -39.09 22.11
N CYS B 235 49.82 -39.37 21.91
CA CYS B 235 48.81 -39.03 22.90
C CYS B 235 48.22 -40.20 23.66
N VAL B 236 48.03 -41.39 23.05
CA VAL B 236 47.38 -42.51 23.73
C VAL B 236 48.20 -43.78 23.71
N GLN B 237 48.25 -44.50 24.85
CA GLN B 237 49.01 -45.72 25.02
C GLN B 237 48.10 -46.79 25.61
N GLY B 238 48.28 -48.06 25.20
CA GLY B 238 47.53 -49.20 25.73
C GLY B 238 48.14 -49.81 26.98
N LYS B 239 47.49 -50.85 27.53
CA LYS B 239 47.98 -51.55 28.71
C LYS B 239 49.39 -52.15 28.53
N GLU B 240 50.30 -51.75 29.44
CA GLU B 240 51.72 -52.08 29.46
C GLU B 240 52.51 -51.63 28.24
N GLU B 241 52.03 -50.62 27.50
CA GLU B 241 52.74 -50.00 26.39
C GLU B 241 53.16 -48.62 26.84
N ARG B 242 54.14 -48.00 26.15
CA ARG B 242 54.63 -46.68 26.54
C ARG B 242 54.46 -45.70 25.39
N ASN B 243 54.90 -44.43 25.59
CA ASN B 243 54.91 -43.42 24.55
C ASN B 243 56.26 -43.57 23.83
N TYR B 244 56.93 -42.49 23.39
CA TYR B 244 58.30 -42.62 22.92
C TYR B 244 59.25 -42.62 24.09
N HIS B 245 60.50 -43.05 23.88
CA HIS B 245 61.48 -43.17 24.96
C HIS B 245 62.05 -41.88 25.47
N ILE B 246 61.92 -40.76 24.74
CA ILE B 246 62.36 -39.44 25.22
C ILE B 246 61.38 -38.90 26.26
N PHE B 247 60.17 -39.47 26.36
CA PHE B 247 59.16 -39.09 27.32
C PHE B 247 59.24 -39.91 28.60
N TYR B 248 60.34 -40.66 28.77
CA TYR B 248 60.61 -41.44 29.97
C TYR B 248 62.04 -41.12 30.33
N ARG B 249 62.94 -40.99 29.35
CA ARG B 249 64.30 -40.57 29.59
C ARG B 249 64.37 -39.09 30.00
N LEU B 250 63.44 -38.21 29.55
CA LEU B 250 63.42 -36.85 30.07
C LEU B 250 62.80 -36.79 31.46
N CYS B 251 61.79 -37.62 31.74
CA CYS B 251 61.17 -37.69 33.06
C CYS B 251 62.09 -38.29 34.11
N ALA B 252 62.78 -39.40 33.80
CA ALA B 252 63.69 -40.06 34.72
C ALA B 252 65.08 -39.44 34.79
N GLY B 253 65.68 -39.17 33.62
CA GLY B 253 67.06 -38.74 33.49
C GLY B 253 67.36 -37.29 33.69
N ALA B 254 66.36 -36.40 33.73
CA ALA B 254 66.61 -34.99 33.99
C ALA B 254 67.13 -34.75 35.41
N SER B 255 68.17 -33.89 35.54
CA SER B 255 68.81 -33.50 36.78
C SER B 255 67.98 -32.53 37.58
N GLU B 256 68.46 -32.08 38.76
CA GLU B 256 67.67 -31.20 39.62
C GLU B 256 67.99 -29.74 39.31
N ASP B 257 69.02 -29.45 38.50
CA ASP B 257 69.29 -28.11 38.03
C ASP B 257 68.67 -27.90 36.64
N ILE B 258 68.08 -28.97 36.06
CA ILE B 258 67.30 -28.92 34.82
C ILE B 258 65.83 -29.10 35.14
N ARG B 259 65.44 -29.99 36.09
CA ARG B 259 64.04 -30.21 36.42
C ARG B 259 63.38 -29.00 37.06
N GLU B 260 64.12 -28.14 37.79
CA GLU B 260 63.55 -26.92 38.32
C GLU B 260 63.23 -25.89 37.24
N ARG B 261 63.90 -25.98 36.07
CA ARG B 261 63.66 -25.12 34.93
C ARG B 261 62.48 -25.62 34.12
N LEU B 262 62.43 -26.93 33.85
CA LEU B 262 61.35 -27.53 33.07
C LEU B 262 60.05 -27.74 33.83
N HIS B 263 60.10 -27.71 35.19
CA HIS B 263 58.97 -27.91 36.09
C HIS B 263 58.37 -29.30 35.97
N LEU B 264 59.23 -30.34 35.83
CA LEU B 264 58.77 -31.71 35.68
C LEU B 264 58.24 -32.33 36.97
N SER B 265 57.37 -33.33 36.80
CA SER B 265 56.78 -34.09 37.88
C SER B 265 56.84 -35.51 37.41
N SER B 266 56.60 -36.49 38.29
CA SER B 266 56.58 -37.90 37.96
C SER B 266 55.48 -38.25 36.94
N PRO B 267 55.61 -39.25 36.04
CA PRO B 267 54.65 -39.55 34.98
C PRO B 267 53.18 -39.65 35.32
N ASP B 268 52.78 -39.90 36.58
CA ASP B 268 51.39 -39.95 36.97
C ASP B 268 50.73 -38.57 36.93
N ASN B 269 51.55 -37.52 36.93
CA ASN B 269 51.14 -36.14 36.85
C ASN B 269 51.11 -35.60 35.41
N PHE B 270 51.43 -36.43 34.39
CA PHE B 270 51.34 -36.02 32.99
C PHE B 270 50.32 -36.91 32.28
N ARG B 271 49.20 -36.29 31.83
CA ARG B 271 48.06 -36.96 31.22
C ARG B 271 48.35 -37.78 29.96
N TYR B 272 49.40 -37.45 29.18
CA TYR B 272 49.76 -38.24 28.02
C TYR B 272 50.69 -39.40 28.38
N LEU B 273 50.98 -39.65 29.67
CA LEU B 273 51.89 -40.71 30.07
C LEU B 273 51.27 -41.63 31.10
N ASN B 274 50.33 -41.16 31.93
CA ASN B 274 49.77 -41.98 32.99
C ASN B 274 48.81 -43.09 32.56
N ARG B 275 48.26 -43.04 31.34
CA ARG B 275 47.35 -44.03 30.80
C ARG B 275 48.03 -45.33 30.33
N GLY B 276 49.34 -45.30 30.03
CA GLY B 276 50.10 -46.50 29.68
C GLY B 276 50.92 -46.99 30.83
N CYS B 277 52.13 -47.48 30.54
CA CYS B 277 53.10 -47.90 31.54
C CYS B 277 54.03 -46.74 31.87
N THR B 278 54.26 -46.49 33.16
CA THR B 278 55.10 -45.40 33.63
C THR B 278 56.43 -45.89 34.19
N ARG B 279 56.65 -47.21 34.27
CA ARG B 279 57.92 -47.78 34.71
C ARG B 279 59.08 -47.47 33.76
N TYR B 280 60.26 -47.17 34.30
CA TYR B 280 61.46 -46.87 33.52
C TYR B 280 62.28 -48.14 33.36
N PHE B 281 63.12 -48.25 32.30
CA PHE B 281 64.08 -49.35 32.21
C PHE B 281 65.34 -48.92 32.96
N ALA B 282 66.11 -49.86 33.53
CA ALA B 282 67.28 -49.53 34.32
C ALA B 282 68.22 -50.72 34.41
N ASN B 283 69.34 -50.54 35.13
CA ASN B 283 70.30 -51.59 35.44
C ASN B 283 70.57 -51.48 36.93
N LYS B 284 71.30 -52.45 37.51
CA LYS B 284 71.49 -52.55 38.95
C LYS B 284 72.08 -51.31 39.63
N GLU B 285 73.05 -50.63 38.97
CA GLU B 285 73.63 -49.40 39.46
C GLU B 285 72.71 -48.20 39.27
N THR B 286 72.03 -48.06 38.11
CA THR B 286 71.13 -46.93 37.88
C THR B 286 69.81 -47.00 38.60
N ASP B 287 69.35 -48.21 39.01
CA ASP B 287 68.16 -48.42 39.82
C ASP B 287 68.31 -47.80 41.23
N LYS B 288 69.56 -47.64 41.68
CA LYS B 288 69.88 -46.93 42.91
C LYS B 288 69.93 -45.41 42.71
N GLN B 289 69.98 -44.93 41.44
CA GLN B 289 70.14 -43.52 41.14
C GLN B 289 68.87 -42.75 40.88
N ILE B 290 67.76 -43.40 40.49
CA ILE B 290 66.48 -42.73 40.26
C ILE B 290 65.88 -42.17 41.55
N LEU B 291 65.81 -40.83 41.64
CA LEU B 291 65.37 -40.08 42.81
C LEU B 291 63.93 -40.31 43.26
N GLN B 292 63.66 -40.10 44.55
CA GLN B 292 62.36 -40.29 45.20
C GLN B 292 61.23 -39.45 44.60
N ASN B 293 61.54 -38.25 44.06
CA ASN B 293 60.58 -37.37 43.42
C ASN B 293 60.42 -37.66 41.92
N ARG B 294 61.19 -38.61 41.35
CA ARG B 294 61.08 -38.99 39.95
C ARG B 294 60.23 -40.25 39.80
N LYS B 295 59.91 -40.91 40.91
CA LYS B 295 59.14 -42.14 40.92
C LYS B 295 57.64 -41.91 40.94
N SER B 296 56.93 -42.62 40.06
CA SER B 296 55.48 -42.63 39.98
C SER B 296 54.96 -43.73 40.90
N PRO B 297 53.69 -43.83 41.27
CA PRO B 297 53.21 -44.94 42.10
C PRO B 297 53.48 -46.31 41.52
N GLU B 298 53.49 -46.44 40.18
CA GLU B 298 53.85 -47.68 39.52
C GLU B 298 55.31 -48.06 39.78
N TYR B 299 56.24 -47.09 39.74
CA TYR B 299 57.63 -47.31 40.08
C TYR B 299 57.81 -47.53 41.59
N LEU B 300 57.06 -46.83 42.45
CA LEU B 300 57.10 -47.04 43.90
C LEU B 300 56.66 -48.45 44.28
N LYS B 301 55.58 -48.94 43.64
CA LYS B 301 55.05 -50.27 43.85
C LYS B 301 55.82 -51.39 43.17
N ALA B 302 56.15 -51.25 41.86
CA ALA B 302 56.75 -52.32 41.08
C ALA B 302 58.14 -52.09 40.49
N GLY B 303 58.84 -50.98 40.82
CA GLY B 303 60.19 -50.71 40.32
C GLY B 303 60.44 -50.67 38.82
N SER B 304 61.73 -50.72 38.44
CA SER B 304 62.17 -50.66 37.06
C SER B 304 61.89 -51.91 36.24
N LEU B 305 61.65 -51.72 34.93
CA LEU B 305 61.45 -52.78 33.96
C LEU B 305 62.72 -53.58 33.75
N LYS B 306 62.61 -54.87 33.39
CA LYS B 306 63.73 -55.79 33.21
C LYS B 306 64.05 -55.99 31.73
N ASP B 307 65.34 -55.83 31.36
CA ASP B 307 65.90 -56.04 30.03
C ASP B 307 67.40 -55.67 30.08
N PRO B 308 68.34 -56.55 29.78
CA PRO B 308 69.78 -56.26 29.86
C PRO B 308 70.33 -55.08 29.08
N LEU B 309 69.69 -54.62 27.98
CA LEU B 309 70.27 -53.56 27.14
C LEU B 309 69.63 -52.21 27.37
N LEU B 310 68.63 -52.13 28.26
CA LEU B 310 67.85 -50.91 28.42
C LEU B 310 68.00 -50.26 29.78
N ASP B 311 68.40 -48.97 29.76
CA ASP B 311 68.54 -48.13 30.92
C ASP B 311 68.05 -46.75 30.51
N ASP B 312 66.91 -46.30 31.08
CA ASP B 312 66.33 -45.02 30.74
C ASP B 312 66.89 -43.91 31.62
N HIS B 313 67.58 -44.24 32.74
CA HIS B 313 68.19 -43.22 33.59
C HIS B 313 69.49 -42.72 33.01
N GLY B 314 70.31 -43.65 32.52
CA GLY B 314 71.61 -43.36 31.93
C GLY B 314 71.55 -42.90 30.51
N ASP B 315 70.55 -43.30 29.71
CA ASP B 315 70.60 -42.94 28.30
C ASP B 315 70.14 -41.52 28.06
N PHE B 316 69.53 -40.82 29.03
CA PHE B 316 69.32 -39.38 28.85
C PHE B 316 70.64 -38.64 29.00
N ILE B 317 71.55 -39.19 29.82
CA ILE B 317 72.88 -38.67 30.03
C ILE B 317 73.72 -38.97 28.80
N ARG B 318 73.65 -40.20 28.26
CA ARG B 318 74.43 -40.54 27.08
C ARG B 318 73.83 -39.99 25.79
N MET B 319 72.59 -39.47 25.83
CA MET B 319 71.95 -38.73 24.76
C MET B 319 72.55 -37.35 24.65
N CYS B 320 72.76 -36.65 25.78
CA CYS B 320 73.28 -35.30 25.77
C CYS B 320 74.78 -35.25 25.49
N THR B 321 75.47 -36.38 25.69
CA THR B 321 76.86 -36.57 25.27
C THR B 321 76.90 -36.64 23.76
N ALA B 322 75.91 -37.32 23.15
CA ALA B 322 75.82 -37.50 21.72
C ALA B 322 75.48 -36.21 20.97
N MET B 323 74.89 -35.20 21.64
CA MET B 323 74.63 -33.93 20.99
C MET B 323 75.90 -33.11 20.81
N LYS B 324 76.94 -33.42 21.61
CA LYS B 324 78.25 -32.84 21.47
C LYS B 324 79.01 -33.50 20.33
N LYS B 325 78.79 -34.80 20.13
CA LYS B 325 79.42 -35.56 19.08
C LYS B 325 78.88 -35.24 17.68
N ILE B 326 77.54 -35.19 17.50
CA ILE B 326 76.95 -34.93 16.19
C ILE B 326 76.99 -33.48 15.70
N GLY B 327 76.70 -32.48 16.57
CA GLY B 327 76.73 -31.08 16.14
C GLY B 327 75.64 -30.19 16.64
N LEU B 328 75.23 -30.29 17.91
CA LEU B 328 74.25 -29.38 18.49
C LEU B 328 74.94 -28.55 19.56
N ASP B 329 74.62 -27.26 19.62
CA ASP B 329 75.21 -26.32 20.55
C ASP B 329 74.61 -26.34 21.96
N ASP B 330 75.25 -25.66 22.92
CA ASP B 330 74.86 -25.67 24.32
C ASP B 330 73.69 -24.74 24.60
N GLU B 331 73.54 -23.64 23.84
CA GLU B 331 72.39 -22.77 23.98
C GLU B 331 71.11 -23.43 23.46
N GLU B 332 71.21 -24.09 22.28
CA GLU B 332 70.12 -24.75 21.58
C GLU B 332 69.63 -26.05 22.23
N LYS B 333 70.49 -26.79 22.96
CA LYS B 333 70.07 -27.99 23.66
C LYS B 333 69.06 -27.68 24.75
N LEU B 334 69.20 -26.52 25.42
CA LEU B 334 68.23 -26.10 26.42
C LEU B 334 66.86 -25.76 25.82
N ASP B 335 66.84 -25.19 24.60
CA ASP B 335 65.59 -24.92 23.87
C ASP B 335 64.97 -26.20 23.28
N LEU B 336 65.76 -27.29 23.16
CA LEU B 336 65.28 -28.59 22.71
C LEU B 336 64.75 -29.38 23.91
N PHE B 337 64.81 -28.81 25.12
CA PHE B 337 64.23 -29.40 26.30
C PHE B 337 62.99 -28.62 26.69
N ARG B 338 62.87 -27.33 26.31
CA ARG B 338 61.65 -26.58 26.59
C ARG B 338 60.48 -26.99 25.70
N VAL B 339 60.74 -27.41 24.45
CA VAL B 339 59.69 -27.88 23.56
C VAL B 339 59.18 -29.26 23.96
N VAL B 340 60.07 -30.19 24.35
CA VAL B 340 59.66 -31.52 24.81
C VAL B 340 58.87 -31.40 26.10
N ALA B 341 59.31 -30.57 27.05
CA ALA B 341 58.58 -30.35 28.28
C ALA B 341 57.28 -29.58 28.07
N GLY B 342 57.16 -28.80 26.98
CA GLY B 342 55.90 -28.14 26.61
C GLY B 342 54.83 -29.07 26.09
N VAL B 343 55.20 -30.26 25.56
CA VAL B 343 54.24 -31.24 25.09
C VAL B 343 53.62 -31.92 26.29
N LEU B 344 54.44 -32.18 27.30
CA LEU B 344 54.00 -32.79 28.54
C LEU B 344 53.05 -31.93 29.33
N HIS B 345 53.19 -30.58 29.30
CA HIS B 345 52.23 -29.74 29.98
C HIS B 345 51.11 -29.31 29.04
N LEU B 346 51.05 -29.82 27.79
CA LEU B 346 49.96 -29.49 26.89
C LEU B 346 48.80 -30.41 27.14
N GLY B 347 49.11 -31.70 27.44
CA GLY B 347 48.10 -32.71 27.69
C GLY B 347 47.33 -32.54 28.97
N ASN B 348 47.84 -31.75 29.92
CA ASN B 348 47.13 -31.57 31.17
C ASN B 348 45.93 -30.62 31.09
N ILE B 349 45.82 -29.74 30.07
CA ILE B 349 44.68 -28.82 29.95
C ILE B 349 43.37 -29.57 29.70
N ASP B 350 42.25 -29.21 30.38
CA ASP B 350 40.97 -29.88 30.22
C ASP B 350 39.80 -28.88 30.17
N PHE B 351 38.71 -29.34 29.52
CA PHE B 351 37.59 -28.57 29.02
C PHE B 351 36.25 -29.15 29.42
N GLU B 352 35.46 -28.43 30.24
CA GLU B 352 34.16 -28.91 30.67
C GLU B 352 33.03 -28.37 29.81
N GLU B 353 31.80 -28.58 30.29
CA GLU B 353 30.53 -28.21 29.68
C GLU B 353 30.31 -26.71 29.52
N ALA B 354 29.21 -26.36 28.82
CA ALA B 354 28.74 -25.00 28.68
C ALA B 354 28.27 -24.42 30.02
N GLY B 355 28.47 -23.10 30.24
CA GLY B 355 28.01 -22.42 31.44
C GLY B 355 26.51 -22.19 31.39
N SER B 356 26.07 -21.43 30.38
CA SER B 356 24.65 -21.18 30.18
C SER B 356 24.40 -20.62 28.80
N THR B 357 24.60 -19.31 28.64
CA THR B 357 24.40 -18.57 27.41
C THR B 357 25.45 -18.81 26.34
N SER B 358 25.04 -18.70 25.07
CA SER B 358 25.87 -18.84 23.87
C SER B 358 26.52 -20.20 23.63
N GLY B 359 26.04 -21.29 24.26
CA GLY B 359 26.60 -22.64 24.12
C GLY B 359 28.10 -22.80 24.34
N GLY B 360 28.73 -23.72 23.59
CA GLY B 360 30.17 -23.98 23.65
C GLY B 360 30.70 -24.71 24.86
N CYS B 361 32.01 -24.52 25.12
CA CYS B 361 32.74 -25.20 26.18
C CYS B 361 33.73 -24.25 26.84
N ASN B 362 34.07 -24.50 28.11
CA ASN B 362 34.94 -23.63 28.90
C ASN B 362 35.99 -24.48 29.56
N LEU B 363 37.07 -23.90 30.13
CA LEU B 363 38.06 -24.71 30.82
C LEU B 363 37.61 -25.05 32.24
N LYS B 364 38.20 -26.13 32.79
CA LYS B 364 37.97 -26.55 34.17
C LYS B 364 38.74 -25.65 35.13
N ASN B 365 38.25 -25.46 36.37
CA ASN B 365 38.88 -24.62 37.38
C ASN B 365 40.27 -25.13 37.78
N LYS B 366 40.48 -26.45 37.70
CA LYS B 366 41.74 -27.08 37.99
C LYS B 366 42.68 -27.14 36.79
N SER B 367 42.32 -26.51 35.66
CA SER B 367 43.12 -26.49 34.45
C SER B 367 43.59 -25.09 34.11
N THR B 368 43.67 -24.21 35.11
CA THR B 368 44.07 -22.82 34.96
C THR B 368 45.55 -22.75 35.12
N GLN B 369 46.12 -23.40 36.17
CA GLN B 369 47.56 -23.45 36.34
C GLN B 369 48.21 -24.39 35.33
N ALA B 370 47.43 -25.30 34.72
CA ALA B 370 47.92 -26.18 33.68
C ALA B 370 48.10 -25.48 32.33
N LEU B 371 47.45 -24.31 32.09
CA LEU B 371 47.65 -23.56 30.88
C LEU B 371 48.74 -22.52 31.04
N GLU B 372 48.85 -21.88 32.23
CA GLU B 372 49.84 -20.87 32.50
C GLU B 372 51.26 -21.39 32.54
N TYR B 373 51.46 -22.61 33.06
CA TYR B 373 52.78 -23.21 33.13
C TYR B 373 53.15 -23.91 31.83
N CYS B 374 52.25 -23.89 30.83
CA CYS B 374 52.48 -24.47 29.51
C CYS B 374 52.71 -23.37 28.49
N ALA B 375 52.05 -22.22 28.67
CA ALA B 375 52.13 -21.12 27.73
C ALA B 375 53.45 -20.39 27.77
N GLU B 376 54.19 -20.49 28.88
CA GLU B 376 55.54 -19.97 28.92
C GLU B 376 56.54 -20.94 28.32
N LEU B 377 56.16 -22.22 28.08
CA LEU B 377 57.02 -23.18 27.41
C LEU B 377 56.82 -23.16 25.91
N LEU B 378 55.57 -23.03 25.43
CA LEU B 378 55.29 -22.99 24.00
C LEU B 378 55.26 -21.56 23.46
N GLY B 379 55.46 -20.55 24.33
CA GLY B 379 55.50 -19.15 23.92
C GLY B 379 54.20 -18.61 23.41
N LEU B 380 53.14 -18.62 24.22
CA LEU B 380 51.84 -18.11 23.80
C LEU B 380 51.30 -17.27 24.93
N ASP B 381 50.40 -16.29 24.68
CA ASP B 381 49.83 -15.50 25.75
C ASP B 381 48.83 -16.31 26.57
N GLN B 382 48.81 -16.14 27.90
CA GLN B 382 47.93 -16.93 28.74
C GLN B 382 46.45 -16.57 28.60
N ASP B 383 46.14 -15.34 28.17
CA ASP B 383 44.77 -14.92 27.96
C ASP B 383 44.24 -15.21 26.56
N ASP B 384 45.12 -15.14 25.54
CA ASP B 384 44.77 -15.36 24.14
C ASP B 384 44.66 -16.85 23.79
N LEU B 385 45.43 -17.71 24.48
CA LEU B 385 45.46 -19.14 24.22
C LEU B 385 44.17 -19.82 24.67
N ARG B 386 43.50 -19.32 25.72
CA ARG B 386 42.25 -19.91 26.17
C ARG B 386 41.13 -19.78 25.14
N VAL B 387 41.10 -18.67 24.39
CA VAL B 387 40.14 -18.45 23.33
C VAL B 387 40.31 -19.40 22.14
N SER B 388 41.56 -19.63 21.68
CA SER B 388 41.86 -20.49 20.55
C SER B 388 41.63 -21.96 20.80
N LEU B 389 41.63 -22.40 22.08
CA LEU B 389 41.38 -23.79 22.41
C LEU B 389 39.90 -24.01 22.64
N THR B 390 39.05 -22.98 22.53
CA THR B 390 37.61 -23.13 22.78
C THR B 390 36.71 -22.57 21.70
N THR B 391 37.16 -21.64 20.85
CA THR B 391 36.31 -21.14 19.74
C THR B 391 36.86 -21.44 18.35
N ARG B 392 35.99 -21.38 17.33
CA ARG B 392 36.32 -21.48 15.91
C ARG B 392 36.07 -20.15 15.24
N VAL B 393 37.15 -19.46 14.92
CA VAL B 393 37.21 -18.17 14.26
C VAL B 393 36.99 -18.23 12.76
N MET B 394 36.00 -17.55 12.17
CA MET B 394 35.91 -17.55 10.71
C MET B 394 35.47 -16.17 10.26
N LEU B 395 35.25 -15.93 8.94
CA LEU B 395 34.90 -14.60 8.46
C LEU B 395 33.59 -14.57 7.74
N THR B 396 32.98 -13.36 7.62
CA THR B 396 31.82 -13.14 6.76
C THR B 396 32.29 -12.61 5.42
N THR B 397 33.61 -12.45 5.26
CA THR B 397 34.25 -12.07 4.00
C THR B 397 34.69 -13.34 3.32
N ALA B 398 34.24 -13.60 2.07
CA ALA B 398 34.61 -14.81 1.36
C ALA B 398 34.42 -14.81 -0.15
N GLY B 399 33.71 -13.81 -0.75
CA GLY B 399 33.54 -13.82 -2.22
C GLY B 399 32.70 -12.69 -2.75
N GLY B 400 31.77 -12.17 -1.95
CA GLY B 400 30.90 -11.06 -2.29
C GLY B 400 31.41 -9.80 -1.64
N ALA B 401 30.61 -9.19 -0.76
CA ALA B 401 30.95 -7.99 -0.04
C ALA B 401 31.90 -8.19 1.15
N LYS B 402 32.74 -7.17 1.45
CA LYS B 402 33.65 -7.14 2.57
C LYS B 402 32.92 -7.08 3.92
N GLY B 403 33.20 -8.05 4.81
CA GLY B 403 32.61 -8.17 6.13
C GLY B 403 33.63 -8.06 7.24
N THR B 404 33.53 -8.95 8.24
CA THR B 404 34.36 -8.95 9.44
C THR B 404 34.60 -10.37 9.94
N VAL B 405 35.24 -10.52 11.11
CA VAL B 405 35.67 -11.76 11.71
C VAL B 405 34.73 -12.21 12.82
N ILE B 406 33.99 -13.31 12.59
CA ILE B 406 33.04 -13.85 13.56
C ILE B 406 33.57 -15.06 14.34
N LYS B 407 32.89 -15.42 15.47
CA LYS B 407 33.28 -16.50 16.37
C LYS B 407 32.23 -17.56 16.60
N VAL B 408 32.49 -18.82 16.20
CA VAL B 408 31.56 -19.94 16.34
C VAL B 408 32.13 -20.92 17.35
N PRO B 409 31.65 -21.11 18.57
CA PRO B 409 32.29 -21.99 19.54
C PRO B 409 32.40 -23.47 19.14
N LEU B 410 33.40 -24.18 19.71
CA LEU B 410 33.61 -25.59 19.49
C LEU B 410 32.84 -26.38 20.53
N LYS B 411 32.37 -27.59 20.18
CA LYS B 411 31.71 -28.49 21.11
C LYS B 411 32.73 -29.08 22.09
N VAL B 412 32.30 -29.64 23.23
CA VAL B 412 33.20 -30.27 24.20
C VAL B 412 34.07 -31.37 23.59
N GLU B 413 33.46 -32.29 22.82
CA GLU B 413 34.20 -33.31 22.11
C GLU B 413 35.08 -32.77 21.00
N GLN B 414 34.72 -31.63 20.39
CA GLN B 414 35.56 -31.00 19.38
C GLN B 414 36.76 -30.28 19.97
N ALA B 415 36.75 -29.96 21.28
CA ALA B 415 37.85 -29.31 21.95
C ALA B 415 38.81 -30.33 22.53
N ASN B 416 38.31 -31.51 22.91
CA ASN B 416 39.16 -32.59 23.40
C ASN B 416 39.95 -33.20 22.25
N ASN B 417 39.33 -33.29 21.07
CA ASN B 417 39.98 -33.81 19.89
C ASN B 417 40.91 -32.75 19.30
N ALA B 418 40.66 -31.46 19.55
CA ALA B 418 41.52 -30.40 19.05
C ALA B 418 42.77 -30.22 19.90
N ARG B 419 42.71 -30.48 21.22
CA ARG B 419 43.88 -30.36 22.06
C ARG B 419 44.87 -31.46 21.78
N ASP B 420 44.38 -32.68 21.50
CA ASP B 420 45.28 -33.75 21.13
C ASP B 420 45.77 -33.64 19.69
N ALA B 421 45.07 -32.87 18.82
CA ALA B 421 45.56 -32.63 17.48
C ALA B 421 46.72 -31.66 17.47
N LEU B 422 46.80 -30.76 18.46
CA LEU B 422 47.92 -29.86 18.59
C LEU B 422 49.19 -30.56 19.06
N ALA B 423 49.08 -31.58 19.93
CA ALA B 423 50.22 -32.35 20.38
C ALA B 423 50.76 -33.30 19.31
N LYS B 424 49.93 -33.67 18.33
CA LYS B 424 50.29 -34.51 17.20
C LYS B 424 50.72 -33.68 16.02
N THR B 425 50.98 -32.39 16.26
CA THR B 425 51.42 -31.45 15.24
C THR B 425 52.73 -30.93 15.73
N VAL B 426 52.80 -30.52 17.01
CA VAL B 426 54.02 -30.01 17.61
C VAL B 426 55.11 -31.07 17.75
N TYR B 427 54.85 -32.29 18.28
CA TYR B 427 55.94 -33.25 18.36
C TYR B 427 56.32 -33.81 16.99
N SER B 428 55.37 -33.87 16.03
CA SER B 428 55.71 -34.27 14.67
C SER B 428 56.56 -33.27 13.93
N HIS B 429 56.36 -31.95 14.11
CA HIS B 429 57.24 -30.99 13.45
C HIS B 429 58.53 -30.78 14.20
N LEU B 430 58.60 -31.18 15.48
CA LEU B 430 59.83 -31.17 16.23
C LEU B 430 60.76 -32.26 15.75
N PHE B 431 60.20 -33.44 15.40
CA PHE B 431 61.00 -34.55 14.94
C PHE B 431 61.61 -34.33 13.56
N ASP B 432 60.98 -33.54 12.68
CA ASP B 432 61.60 -33.15 11.42
C ASP B 432 62.70 -32.10 11.63
N HIS B 433 62.70 -31.39 12.76
CA HIS B 433 63.72 -30.39 13.04
C HIS B 433 64.94 -31.06 13.64
N VAL B 434 64.76 -32.18 14.37
CA VAL B 434 65.88 -32.95 14.88
C VAL B 434 66.60 -33.66 13.73
N VAL B 435 65.87 -34.31 12.81
CA VAL B 435 66.45 -34.95 11.64
C VAL B 435 67.08 -33.96 10.66
N ASN B 436 66.41 -32.81 10.35
CA ASN B 436 67.00 -31.81 9.47
C ASN B 436 68.23 -31.13 10.06
N ARG B 437 68.33 -30.97 11.40
CA ARG B 437 69.55 -30.48 12.03
C ARG B 437 70.70 -31.48 11.90
N VAL B 438 70.42 -32.80 11.99
CA VAL B 438 71.42 -33.84 11.81
C VAL B 438 71.93 -33.94 10.39
N ASN B 439 71.06 -33.74 9.38
CA ASN B 439 71.46 -33.81 7.97
C ASN B 439 72.32 -32.64 7.54
N GLN B 440 72.39 -31.58 8.35
CA GLN B 440 73.23 -30.43 8.05
C GLN B 440 74.59 -30.52 8.70
N CYS B 441 74.92 -31.66 9.36
CA CYS B 441 76.24 -31.88 9.94
C CYS B 441 77.19 -32.60 8.97
N PHE B 442 76.66 -33.00 7.80
CA PHE B 442 77.43 -33.65 6.75
C PHE B 442 76.81 -33.34 5.39
N PRO B 443 76.47 -32.08 5.02
CA PRO B 443 75.78 -31.79 3.76
C PRO B 443 76.46 -32.34 2.52
N PHE B 444 75.75 -33.16 1.72
CA PHE B 444 76.30 -33.85 0.57
C PHE B 444 76.89 -32.96 -0.52
N GLU B 445 77.90 -33.50 -1.23
CA GLU B 445 78.57 -32.80 -2.31
C GLU B 445 77.74 -32.70 -3.59
N THR B 446 77.08 -33.82 -4.01
CA THR B 446 76.24 -33.90 -5.20
C THR B 446 75.36 -35.16 -5.13
N SER B 447 74.53 -35.43 -6.16
CA SER B 447 73.63 -36.56 -6.24
C SER B 447 73.49 -37.07 -7.66
N SER B 448 73.00 -38.31 -7.84
CA SER B 448 72.69 -38.92 -9.14
C SER B 448 72.11 -40.30 -8.93
N TYR B 449 72.79 -41.15 -8.15
CA TYR B 449 72.37 -42.50 -7.85
C TYR B 449 72.49 -42.71 -6.36
N PHE B 450 71.78 -43.69 -5.81
CA PHE B 450 71.80 -43.88 -4.38
C PHE B 450 71.55 -45.31 -4.01
N ILE B 451 72.21 -45.76 -2.92
CA ILE B 451 72.03 -47.09 -2.39
C ILE B 451 71.58 -46.80 -0.99
N GLY B 452 70.30 -47.09 -0.69
CA GLY B 452 69.73 -46.77 0.60
C GLY B 452 69.27 -48.00 1.32
N VAL B 453 68.95 -47.85 2.61
CA VAL B 453 68.44 -48.90 3.47
C VAL B 453 67.07 -48.54 3.97
N LEU B 454 66.04 -49.31 3.62
CA LEU B 454 64.72 -49.11 4.19
C LEU B 454 64.60 -50.10 5.35
N ASP B 455 64.41 -49.59 6.57
CA ASP B 455 64.18 -50.41 7.73
C ASP B 455 62.85 -49.96 8.29
N ILE B 456 61.97 -50.90 8.63
CA ILE B 456 60.64 -50.60 9.12
C ILE B 456 60.29 -51.62 10.18
N ALA B 457 59.28 -51.30 11.02
CA ALA B 457 58.77 -52.20 12.03
C ALA B 457 58.09 -53.39 11.36
N GLY B 458 58.30 -54.60 11.89
CA GLY B 458 57.78 -55.81 11.27
C GLY B 458 56.32 -56.03 11.51
N PHE B 459 55.81 -57.19 11.05
CA PHE B 459 54.44 -57.60 11.29
C PHE B 459 54.20 -57.84 12.79
N GLU B 460 53.45 -56.94 13.45
CA GLU B 460 53.20 -57.02 14.88
C GLU B 460 51.83 -57.58 15.16
N TYR B 461 51.77 -58.52 16.12
CA TYR B 461 50.55 -59.16 16.53
C TYR B 461 50.66 -59.40 18.02
N PHE B 462 49.58 -59.09 18.77
CA PHE B 462 49.50 -59.21 20.21
C PHE B 462 48.24 -59.99 20.56
N GLU B 463 47.89 -60.11 21.86
CA GLU B 463 46.68 -60.77 22.34
C GLU B 463 45.41 -60.06 21.88
N HIS B 464 45.39 -58.71 21.95
CA HIS B 464 44.32 -57.87 21.46
C HIS B 464 45.00 -56.85 20.58
N ASN B 465 44.56 -56.69 19.33
CA ASN B 465 45.18 -55.77 18.40
C ASN B 465 44.29 -54.55 18.19
N SER B 466 44.93 -53.37 18.04
CA SER B 466 44.28 -52.06 17.96
C SER B 466 44.50 -51.33 16.64
N PHE B 467 44.28 -50.00 16.64
CA PHE B 467 44.41 -49.12 15.50
C PHE B 467 45.88 -48.90 15.16
N GLU B 468 46.76 -48.99 16.16
CA GLU B 468 48.18 -48.87 15.96
C GLU B 468 48.75 -50.03 15.19
N GLN B 469 48.24 -51.25 15.45
CA GLN B 469 48.69 -52.41 14.72
C GLN B 469 47.92 -52.59 13.43
N PHE B 470 46.78 -51.91 13.22
CA PHE B 470 46.15 -51.94 11.91
C PHE B 470 46.94 -51.09 10.93
N CYS B 471 47.55 -49.97 11.38
CA CYS B 471 48.33 -49.15 10.47
C CYS B 471 49.75 -49.63 10.20
N ILE B 472 50.34 -50.45 11.09
CA ILE B 472 51.65 -51.06 10.89
C ILE B 472 51.55 -52.22 9.91
N ASN B 473 50.55 -53.10 10.14
CA ASN B 473 50.32 -54.26 9.31
C ASN B 473 49.73 -53.92 7.95
N TYR B 474 49.07 -52.75 7.80
CA TYR B 474 48.65 -52.30 6.49
C TYR B 474 49.86 -51.82 5.70
N CYS B 475 50.90 -51.28 6.37
CA CYS B 475 52.13 -50.90 5.70
C CYS B 475 52.93 -52.12 5.28
N ASN B 476 52.93 -53.20 6.08
CA ASN B 476 53.61 -54.42 5.71
C ASN B 476 52.92 -55.24 4.61
N GLU B 477 51.59 -55.08 4.39
CA GLU B 477 50.89 -55.73 3.28
C GLU B 477 51.26 -55.10 1.94
N LYS B 478 51.42 -53.76 1.91
CA LYS B 478 51.84 -53.07 0.70
C LYS B 478 53.29 -53.34 0.37
N LEU B 479 54.15 -53.50 1.40
CA LEU B 479 55.53 -53.84 1.21
C LEU B 479 55.68 -55.31 0.84
N GLN B 480 54.70 -56.16 1.21
CA GLN B 480 54.62 -57.54 0.79
C GLN B 480 54.18 -57.65 -0.65
N GLN B 481 53.35 -56.70 -1.14
CA GLN B 481 52.94 -56.60 -2.53
C GLN B 481 54.17 -56.31 -3.37
N PHE B 482 54.99 -55.32 -2.96
CA PHE B 482 56.19 -54.97 -3.68
C PHE B 482 57.26 -56.07 -3.58
N PHE B 483 57.25 -56.92 -2.54
CA PHE B 483 58.16 -58.05 -2.44
C PHE B 483 57.87 -59.10 -3.49
N ASN B 484 56.60 -59.50 -3.65
CA ASN B 484 56.18 -60.51 -4.61
C ASN B 484 56.26 -59.99 -6.04
N GLU B 485 56.21 -58.66 -6.23
CA GLU B 485 56.29 -58.03 -7.53
C GLU B 485 57.69 -58.10 -8.12
N ARG B 486 58.73 -58.01 -7.26
CA ARG B 486 60.11 -58.12 -7.70
C ARG B 486 60.58 -59.55 -7.88
N ILE B 487 60.00 -60.53 -7.15
CA ILE B 487 60.35 -61.94 -7.29
C ILE B 487 59.81 -62.50 -8.59
N LEU B 488 58.56 -62.18 -8.96
CA LEU B 488 58.02 -62.63 -10.24
C LEU B 488 58.80 -62.02 -11.40
N LYS B 489 59.23 -60.75 -11.24
CA LYS B 489 60.04 -60.09 -12.25
C LYS B 489 61.44 -60.71 -12.36
N GLU B 490 62.02 -61.19 -11.26
CA GLU B 490 63.32 -61.83 -11.30
C GLU B 490 63.36 -63.16 -12.03
N GLU B 491 62.31 -64.00 -11.90
CA GLU B 491 62.18 -65.28 -12.58
C GLU B 491 61.94 -65.08 -14.07
N GLN B 492 61.28 -63.95 -14.42
CA GLN B 492 61.02 -63.53 -15.78
C GLN B 492 62.26 -63.00 -16.47
N GLU B 493 63.27 -62.55 -15.70
CA GLU B 493 64.55 -62.08 -16.22
C GLU B 493 65.63 -63.16 -16.08
N LEU B 494 65.23 -64.39 -15.70
CA LEU B 494 66.11 -65.51 -15.51
C LEU B 494 65.91 -66.60 -16.54
N TYR B 495 64.65 -66.91 -16.93
CA TYR B 495 64.43 -68.06 -17.81
C TYR B 495 64.83 -67.92 -19.27
N GLN B 496 64.90 -66.71 -19.85
CA GLN B 496 65.45 -66.53 -21.18
C GLN B 496 66.91 -66.09 -21.11
N LYS B 497 67.44 -65.79 -19.90
CA LYS B 497 68.84 -65.43 -19.74
C LYS B 497 69.75 -66.64 -19.68
N GLU B 498 69.36 -67.66 -18.90
CA GLU B 498 70.13 -68.87 -18.75
C GLU B 498 69.58 -69.99 -19.65
N GLY B 499 68.50 -69.72 -20.41
CA GLY B 499 67.94 -70.68 -21.36
C GLY B 499 67.04 -71.74 -20.76
N LEU B 500 66.62 -71.58 -19.50
CA LEU B 500 65.82 -72.53 -18.78
C LEU B 500 64.45 -72.82 -19.39
N GLY B 501 63.75 -71.82 -19.94
CA GLY B 501 62.47 -72.12 -20.55
C GLY B 501 61.56 -70.94 -20.77
N VAL B 502 60.30 -71.24 -21.12
CA VAL B 502 59.25 -70.29 -21.39
C VAL B 502 58.13 -70.47 -20.38
N ASN B 503 58.38 -71.28 -19.34
CA ASN B 503 57.45 -71.56 -18.26
C ASN B 503 57.03 -70.31 -17.48
N GLU B 504 55.74 -70.26 -17.05
CA GLU B 504 55.21 -69.08 -16.40
C GLU B 504 54.21 -69.47 -15.34
N VAL B 505 54.21 -68.73 -14.21
CA VAL B 505 53.39 -69.05 -13.04
C VAL B 505 52.28 -68.03 -12.79
N HIS B 506 51.14 -68.49 -12.24
CA HIS B 506 50.04 -67.65 -11.81
C HIS B 506 50.48 -66.81 -10.63
N TYR B 507 50.63 -65.49 -10.83
CA TYR B 507 51.10 -64.54 -9.84
C TYR B 507 50.24 -64.48 -8.58
N VAL B 508 50.90 -64.33 -7.41
CA VAL B 508 50.25 -64.18 -6.13
C VAL B 508 49.86 -62.72 -5.93
N ASP B 509 48.59 -62.39 -6.25
CA ASP B 509 48.09 -61.05 -6.14
C ASP B 509 47.43 -60.88 -4.77
N ASN B 510 47.11 -59.64 -4.41
CA ASN B 510 46.53 -59.32 -3.12
C ASN B 510 45.66 -58.10 -3.26
N GLN B 511 45.13 -57.85 -4.48
CA GLN B 511 44.37 -56.66 -4.77
C GLN B 511 43.06 -56.60 -4.03
N ASP B 512 42.42 -57.76 -3.76
CA ASP B 512 41.23 -57.81 -2.96
C ASP B 512 41.49 -57.44 -1.49
N CYS B 513 42.73 -57.66 -0.99
CA CYS B 513 43.13 -57.27 0.35
C CYS B 513 43.41 -55.77 0.42
N ILE B 514 43.92 -55.19 -0.69
CA ILE B 514 44.18 -53.75 -0.80
C ILE B 514 42.86 -53.01 -0.92
N ASP B 515 42.00 -53.41 -1.86
CA ASP B 515 40.66 -52.86 -2.08
C ASP B 515 39.78 -52.92 -0.84
N LEU B 516 40.00 -53.92 0.05
CA LEU B 516 39.30 -54.01 1.31
C LEU B 516 39.67 -52.87 2.25
N ILE B 517 40.97 -52.55 2.38
CA ILE B 517 41.44 -51.49 3.25
C ILE B 517 41.30 -50.10 2.65
N GLU B 518 41.69 -49.88 1.39
CA GLU B 518 41.65 -48.57 0.76
C GLU B 518 41.10 -48.61 -0.66
N ALA B 519 40.21 -47.66 -1.03
CA ALA B 519 39.68 -47.63 -2.38
C ALA B 519 39.20 -46.23 -2.72
N ARG B 520 38.17 -46.13 -3.59
CA ARG B 520 37.57 -44.88 -4.03
C ARG B 520 36.19 -44.79 -3.39
N LEU B 521 36.17 -44.65 -2.05
CA LEU B 521 34.98 -44.60 -1.22
C LEU B 521 34.33 -45.97 -1.06
N VAL B 522 35.18 -47.02 -0.92
CA VAL B 522 34.72 -48.39 -0.73
C VAL B 522 35.43 -49.09 0.41
N GLY B 523 36.71 -48.73 0.69
CA GLY B 523 37.52 -49.38 1.72
C GLY B 523 37.14 -49.15 3.16
N ILE B 524 37.91 -49.75 4.08
CA ILE B 524 37.75 -49.57 5.51
C ILE B 524 38.25 -48.19 5.86
N LEU B 525 39.38 -47.74 5.28
CA LEU B 525 39.85 -46.40 5.54
C LEU B 525 38.93 -45.35 4.93
N ASP B 526 38.17 -45.67 3.87
CA ASP B 526 37.17 -44.77 3.33
C ASP B 526 35.96 -44.59 4.25
N ILE B 527 35.58 -45.63 5.02
CA ILE B 527 34.45 -45.55 5.94
C ILE B 527 34.86 -44.78 7.18
N LEU B 528 36.12 -44.96 7.60
CA LEU B 528 36.74 -44.35 8.75
C LEU B 528 36.85 -42.84 8.64
N ASP B 529 37.13 -42.31 7.44
CA ASP B 529 37.17 -40.88 7.19
C ASP B 529 35.76 -40.34 7.07
N GLU B 530 34.77 -41.20 6.77
CA GLU B 530 33.39 -40.79 6.75
C GLU B 530 32.83 -40.69 8.16
N GLU B 531 33.26 -41.58 9.08
CA GLU B 531 32.80 -41.59 10.46
C GLU B 531 33.27 -40.37 11.25
N ASN B 532 34.44 -39.80 10.91
CA ASN B 532 34.94 -38.60 11.55
C ASN B 532 34.06 -37.39 11.26
N ARG B 533 33.47 -37.36 10.07
CA ARG B 533 32.60 -36.32 9.61
C ARG B 533 31.19 -36.29 10.20
N LEU B 534 30.69 -37.43 10.71
CA LEU B 534 29.32 -37.53 11.17
C LEU B 534 28.92 -36.59 12.32
N PRO B 535 27.66 -36.12 12.44
CA PRO B 535 27.21 -35.21 13.50
C PRO B 535 27.59 -35.64 14.91
N GLN B 536 27.38 -36.92 15.24
CA GLN B 536 27.81 -37.52 16.50
C GLN B 536 28.60 -38.77 16.13
N PRO B 537 29.92 -38.86 16.22
CA PRO B 537 30.64 -40.08 15.89
C PRO B 537 30.34 -41.20 16.89
N SER B 538 30.40 -42.47 16.45
CA SER B 538 30.06 -43.60 17.30
C SER B 538 31.08 -44.71 17.08
N ASP B 539 31.05 -45.77 17.91
CA ASP B 539 31.96 -46.88 17.78
C ASP B 539 31.17 -48.09 17.31
N GLN B 540 29.85 -48.11 17.59
CA GLN B 540 28.95 -49.14 17.11
C GLN B 540 28.60 -48.96 15.65
N HIS B 541 28.53 -47.70 15.17
CA HIS B 541 28.21 -47.43 13.79
C HIS B 541 29.37 -47.64 12.84
N PHE B 542 30.63 -47.49 13.32
CA PHE B 542 31.79 -47.74 12.48
C PHE B 542 31.99 -49.22 12.20
N THR B 543 31.78 -50.12 13.18
CA THR B 543 31.96 -51.53 12.88
C THR B 543 30.85 -52.09 12.02
N SER B 544 29.61 -51.68 12.31
CA SER B 544 28.46 -52.22 11.61
C SER B 544 28.37 -51.79 10.18
N ALA B 545 28.94 -50.62 9.81
CA ALA B 545 28.96 -50.19 8.43
C ALA B 545 29.95 -50.95 7.57
N VAL B 546 31.00 -51.55 8.18
CA VAL B 546 31.98 -52.32 7.44
C VAL B 546 31.37 -53.62 6.99
N HIS B 547 30.64 -54.33 7.89
CA HIS B 547 30.00 -55.53 7.42
C HIS B 547 28.65 -55.26 6.82
N GLN B 548 28.21 -53.99 6.74
CA GLN B 548 27.04 -53.69 5.94
C GLN B 548 27.37 -53.72 4.45
N LYS B 549 28.33 -52.85 4.06
CA LYS B 549 28.76 -52.70 2.69
C LYS B 549 29.87 -53.59 2.16
N HIS B 550 30.80 -54.05 3.02
CA HIS B 550 31.98 -54.82 2.57
C HIS B 550 31.83 -56.30 2.83
N LYS B 551 30.59 -56.74 3.10
CA LYS B 551 30.19 -58.11 3.38
C LYS B 551 30.62 -59.15 2.35
N ASP B 552 30.55 -58.82 1.04
CA ASP B 552 30.86 -59.75 -0.03
C ASP B 552 32.30 -60.24 -0.05
N HIS B 553 33.28 -59.41 0.37
CA HIS B 553 34.70 -59.79 0.36
C HIS B 553 35.05 -60.99 1.21
N PHE B 554 35.92 -61.87 0.66
CA PHE B 554 36.35 -63.12 1.27
C PHE B 554 37.24 -62.91 2.47
N ARG B 555 38.19 -61.95 2.43
CA ARG B 555 39.11 -61.70 3.52
C ARG B 555 38.53 -60.88 4.67
N LEU B 556 37.24 -61.11 5.01
CA LEU B 556 36.56 -60.44 6.08
C LEU B 556 35.46 -61.33 6.60
N SER B 557 35.42 -61.58 7.92
CA SER B 557 34.39 -62.36 8.55
C SER B 557 34.08 -61.69 9.87
N ILE B 558 33.06 -62.16 10.60
CA ILE B 558 32.67 -61.58 11.89
C ILE B 558 33.54 -62.16 13.02
N PRO B 559 33.91 -61.43 14.08
CA PRO B 559 34.85 -61.89 15.11
C PRO B 559 34.50 -63.22 15.75
N ARG B 560 33.22 -63.55 15.85
CA ARG B 560 32.75 -64.79 16.43
C ARG B 560 33.06 -66.03 15.61
N LYS B 561 33.43 -65.89 14.31
CA LYS B 561 33.80 -67.02 13.49
C LYS B 561 35.28 -67.36 13.58
N SER B 562 36.09 -66.53 14.28
CA SER B 562 37.52 -66.69 14.51
C SER B 562 38.02 -68.11 14.74
N LYS B 563 39.11 -68.49 14.02
CA LYS B 563 39.79 -69.77 14.16
C LYS B 563 40.46 -69.87 15.52
N LEU B 564 41.14 -68.78 15.95
CA LEU B 564 41.68 -68.68 17.29
C LEU B 564 40.54 -68.42 18.26
N ALA B 565 40.35 -69.34 19.23
CA ALA B 565 39.27 -69.34 20.17
C ALA B 565 39.16 -68.07 21.00
N ILE B 566 40.31 -67.53 21.43
CA ILE B 566 40.43 -66.31 22.22
C ILE B 566 39.71 -65.09 21.68
N HIS B 567 39.58 -64.92 20.34
CA HIS B 567 38.92 -63.76 19.80
C HIS B 567 37.43 -63.98 19.58
N ARG B 568 36.88 -65.14 19.99
CA ARG B 568 35.46 -65.39 19.90
C ARG B 568 34.67 -64.70 21.01
N ASN B 569 35.34 -64.21 22.08
CA ASN B 569 34.71 -63.48 23.18
C ASN B 569 34.14 -62.14 22.72
N ILE B 570 34.83 -61.49 21.77
CA ILE B 570 34.45 -60.25 21.09
C ILE B 570 33.15 -60.46 20.30
N ARG B 571 32.22 -59.49 20.28
CA ARG B 571 30.93 -59.64 19.59
C ARG B 571 30.83 -58.71 18.38
N ASP B 572 29.79 -58.92 17.53
CA ASP B 572 29.53 -58.32 16.23
C ASP B 572 30.10 -56.93 15.98
N ASP B 573 29.63 -55.88 16.69
CA ASP B 573 30.10 -54.54 16.45
C ASP B 573 31.30 -54.13 17.31
N GLU B 574 32.02 -55.08 17.92
CA GLU B 574 33.23 -54.79 18.68
C GLU B 574 34.51 -55.07 17.91
N GLY B 575 34.47 -55.72 16.73
CA GLY B 575 35.72 -56.03 16.03
C GLY B 575 35.53 -56.78 14.74
N PHE B 576 36.65 -57.08 14.05
CA PHE B 576 36.64 -57.77 12.79
C PHE B 576 37.94 -58.51 12.56
N ILE B 577 37.93 -59.52 11.65
CA ILE B 577 39.07 -60.36 11.37
C ILE B 577 39.42 -60.14 9.92
N ILE B 578 40.67 -59.69 9.66
CA ILE B 578 41.19 -59.33 8.35
C ILE B 578 42.31 -60.27 7.99
N ARG B 579 42.17 -61.01 6.88
CA ARG B 579 43.19 -61.95 6.46
C ARG B 579 44.29 -61.22 5.68
N HIS B 580 45.56 -61.42 6.06
CA HIS B 580 46.71 -60.75 5.46
C HIS B 580 47.71 -61.78 5.00
N PHE B 581 48.83 -61.33 4.41
CA PHE B 581 49.95 -62.16 3.98
C PHE B 581 50.53 -63.09 5.04
N ALA B 582 50.56 -62.65 6.30
CA ALA B 582 51.07 -63.39 7.43
C ALA B 582 49.96 -64.06 8.25
N GLY B 583 48.72 -64.08 7.72
CA GLY B 583 47.58 -64.73 8.38
C GLY B 583 46.48 -63.78 8.75
N ALA B 584 45.44 -64.32 9.40
CA ALA B 584 44.27 -63.60 9.82
C ALA B 584 44.42 -63.03 11.21
N VAL B 585 44.51 -61.70 11.30
CA VAL B 585 44.76 -61.00 12.55
C VAL B 585 43.51 -60.23 12.84
N CYS B 586 42.90 -60.48 14.02
CA CYS B 586 41.67 -59.84 14.39
C CYS B 586 42.01 -58.54 15.07
N TYR B 587 41.14 -57.53 14.95
CA TYR B 587 41.35 -56.22 15.54
C TYR B 587 40.09 -55.83 16.27
N GLU B 588 40.23 -55.18 17.43
CA GLU B 588 39.05 -54.68 18.13
C GLU B 588 38.76 -53.31 17.55
N THR B 589 37.51 -52.80 17.60
CA THR B 589 37.21 -51.47 17.08
C THR B 589 37.06 -50.45 18.18
N THR B 590 37.30 -50.84 19.45
CA THR B 590 37.33 -49.91 20.58
C THR B 590 38.41 -48.86 20.38
N GLN B 591 38.08 -47.57 20.61
CA GLN B 591 38.95 -46.42 20.38
C GLN B 591 39.56 -46.23 18.98
N PHE B 592 39.19 -47.06 17.99
CA PHE B 592 39.66 -47.01 16.61
C PHE B 592 39.26 -45.71 15.95
N VAL B 593 38.00 -45.29 16.17
CA VAL B 593 37.47 -44.03 15.71
C VAL B 593 38.06 -42.87 16.50
N GLU B 594 38.21 -43.02 17.82
CA GLU B 594 38.70 -41.97 18.71
C GLU B 594 40.12 -41.54 18.38
N LYS B 595 40.99 -42.50 17.99
CA LYS B 595 42.34 -42.22 17.55
C LYS B 595 42.42 -41.62 16.16
N ASN B 596 41.39 -41.81 15.32
CA ASN B 596 41.32 -41.26 13.98
C ASN B 596 40.75 -39.84 13.97
N ASN B 597 39.82 -39.52 14.87
CA ASN B 597 39.08 -38.28 14.78
C ASN B 597 39.75 -37.00 15.26
N ASP B 598 41.09 -36.86 15.25
CA ASP B 598 41.67 -35.58 15.61
C ASP B 598 41.61 -34.61 14.42
N ALA B 599 41.41 -33.32 14.69
CA ALA B 599 41.22 -32.31 13.67
C ALA B 599 41.73 -31.00 14.24
N LEU B 600 42.26 -30.08 13.40
CA LEU B 600 42.84 -28.85 13.88
C LEU B 600 42.27 -27.58 13.27
N HIS B 601 41.57 -26.80 14.11
CA HIS B 601 41.01 -25.50 13.83
C HIS B 601 42.02 -24.51 13.27
N MET B 602 41.59 -23.76 12.25
CA MET B 602 42.36 -22.78 11.51
C MET B 602 43.07 -21.74 12.37
N SER B 603 42.38 -21.05 13.30
CA SER B 603 43.03 -20.09 14.21
C SER B 603 43.52 -20.70 15.50
N LEU B 604 43.96 -21.97 15.41
CA LEU B 604 44.64 -22.67 16.47
C LEU B 604 45.88 -23.24 15.80
N GLU B 605 45.78 -23.61 14.50
CA GLU B 605 46.93 -23.90 13.69
C GLU B 605 47.70 -22.61 13.39
N SER B 606 46.97 -21.49 13.22
CA SER B 606 47.53 -20.15 13.07
C SER B 606 47.63 -19.41 14.40
N LEU B 607 47.98 -20.14 15.48
CA LEU B 607 48.29 -19.53 16.76
C LEU B 607 49.57 -20.15 17.26
N ILE B 608 49.78 -21.47 17.08
CA ILE B 608 51.04 -22.10 17.45
C ILE B 608 52.13 -21.80 16.44
N CYS B 609 51.73 -21.43 15.21
CA CYS B 609 52.64 -20.92 14.20
C CYS B 609 53.04 -19.49 14.50
N GLU B 610 52.22 -18.75 15.26
CA GLU B 610 52.45 -17.37 15.60
C GLU B 610 53.25 -17.17 16.89
N SER B 611 53.72 -18.28 17.51
CA SER B 611 54.53 -18.38 18.73
C SER B 611 55.48 -17.23 19.09
N ARG B 612 55.50 -16.87 20.38
CA ARG B 612 56.30 -15.82 21.00
C ARG B 612 57.64 -16.32 21.55
N ASP B 613 58.32 -17.22 20.81
CA ASP B 613 59.63 -17.73 21.12
C ASP B 613 60.31 -17.97 19.78
N LYS B 614 61.65 -18.03 19.71
CA LYS B 614 62.32 -18.05 18.42
C LYS B 614 62.66 -19.44 17.91
N PHE B 615 63.02 -20.41 18.79
CA PHE B 615 63.26 -21.77 18.34
C PHE B 615 61.98 -22.44 17.84
N ILE B 616 60.85 -22.04 18.44
CA ILE B 616 59.52 -22.53 18.14
C ILE B 616 58.97 -22.07 16.79
N ARG B 617 59.21 -20.81 16.38
CA ARG B 617 58.74 -20.33 15.07
C ARG B 617 59.47 -21.00 13.91
N GLU B 618 60.69 -21.50 14.15
CA GLU B 618 61.46 -22.22 13.16
C GLU B 618 60.88 -23.60 12.89
N LEU B 619 60.12 -24.19 13.83
CA LEU B 619 59.63 -25.56 13.73
C LEU B 619 58.54 -25.83 12.72
N PHE B 620 57.64 -24.87 12.41
CA PHE B 620 56.50 -25.13 11.54
C PHE B 620 56.67 -24.59 10.15
N GLU B 621 57.93 -24.61 9.67
CA GLU B 621 58.38 -24.29 8.33
C GLU B 621 57.99 -22.91 7.77
N SER B 622 58.57 -22.43 6.65
CA SER B 622 59.53 -23.02 5.73
C SER B 622 60.84 -22.27 5.73
N SER B 623 61.94 -22.97 5.35
CA SER B 623 63.30 -22.44 5.31
C SER B 623 63.53 -21.13 4.58
N THR B 624 64.69 -20.49 4.87
CA THR B 624 65.08 -19.21 4.30
C THR B 624 65.36 -19.25 2.82
N ASN B 625 65.95 -20.36 2.33
CA ASN B 625 66.27 -20.60 0.94
C ASN B 625 64.97 -20.69 0.13
N ASN B 626 64.72 -19.67 -0.73
CA ASN B 626 63.48 -19.50 -1.48
C ASN B 626 62.27 -19.25 -0.57
N ASN B 627 62.46 -18.38 0.43
CA ASN B 627 61.48 -17.95 1.43
C ASN B 627 60.09 -17.55 0.93
N LYS B 628 59.05 -18.01 1.65
CA LYS B 628 57.65 -17.76 1.36
C LYS B 628 56.82 -18.19 2.57
N ASP B 629 56.08 -17.24 3.17
CA ASP B 629 55.36 -17.41 4.41
C ASP B 629 53.97 -18.06 4.30
N THR B 630 53.59 -18.81 5.35
CA THR B 630 52.28 -19.41 5.55
C THR B 630 51.22 -18.35 5.81
N LYS B 631 50.05 -18.43 5.14
CA LYS B 631 48.94 -17.50 5.28
C LYS B 631 48.33 -17.39 6.68
N GLN B 632 47.77 -16.21 7.02
CA GLN B 632 47.15 -15.98 8.31
C GLN B 632 45.90 -16.82 8.55
N LYS B 633 45.02 -16.94 7.54
CA LYS B 633 43.78 -17.71 7.65
C LYS B 633 43.56 -18.64 6.47
N ALA B 634 42.63 -19.59 6.61
CA ALA B 634 42.33 -20.60 5.61
C ALA B 634 40.91 -21.10 5.80
N GLY B 635 40.43 -21.94 4.86
CA GLY B 635 39.09 -22.52 4.93
C GLY B 635 38.77 -23.36 3.72
N LYS B 636 38.27 -24.60 3.90
CA LYS B 636 39.02 -25.87 4.02
C LYS B 636 40.25 -25.96 4.97
N LEU B 637 40.72 -27.14 5.44
CA LEU B 637 40.27 -28.51 5.22
C LEU B 637 39.74 -29.15 6.51
N SER B 638 39.57 -28.33 7.58
CA SER B 638 38.94 -28.68 8.86
C SER B 638 39.40 -29.96 9.54
N PHE B 639 38.83 -31.10 9.11
CA PHE B 639 39.14 -32.43 9.55
C PHE B 639 40.55 -32.84 9.18
N ILE B 640 41.01 -32.47 7.96
CA ILE B 640 42.35 -32.73 7.39
C ILE B 640 42.51 -34.20 7.02
N SER B 641 42.63 -35.07 8.05
CA SER B 641 42.71 -36.52 8.07
C SER B 641 43.86 -37.07 8.89
N VAL B 642 43.61 -38.25 9.49
CA VAL B 642 44.61 -38.99 10.24
C VAL B 642 44.92 -40.23 9.43
N GLY B 643 43.90 -41.09 9.19
CA GLY B 643 44.06 -42.33 8.44
C GLY B 643 44.26 -42.19 6.95
N ASN B 644 44.17 -40.96 6.43
CA ASN B 644 44.38 -40.69 5.02
C ASN B 644 45.72 -39.99 4.91
N LYS B 645 46.14 -39.21 5.92
CA LYS B 645 47.47 -38.62 5.93
C LYS B 645 48.54 -39.70 6.14
N PHE B 646 48.21 -40.79 6.86
CA PHE B 646 49.08 -41.94 7.03
C PHE B 646 49.16 -42.81 5.79
N LYS B 647 48.15 -42.73 4.91
CA LYS B 647 48.08 -43.52 3.69
C LYS B 647 48.79 -42.76 2.60
N THR B 648 48.60 -41.43 2.57
CA THR B 648 49.21 -40.53 1.60
C THR B 648 50.71 -40.50 1.74
N GLN B 649 51.26 -40.41 2.98
CA GLN B 649 52.70 -40.44 3.16
C GLN B 649 53.30 -41.80 2.82
N LEU B 650 52.55 -42.90 3.01
CA LEU B 650 53.02 -44.22 2.60
C LEU B 650 53.04 -44.38 1.08
N ASN B 651 52.14 -43.71 0.35
CA ASN B 651 52.15 -43.74 -1.10
C ASN B 651 53.34 -42.99 -1.71
N LEU B 652 53.98 -42.08 -0.95
CA LEU B 652 55.18 -41.37 -1.34
C LEU B 652 56.44 -42.20 -1.18
N LEU B 653 56.33 -43.36 -0.51
CA LEU B 653 57.46 -44.21 -0.21
C LEU B 653 57.39 -45.42 -1.11
N LEU B 654 56.18 -45.91 -1.41
CA LEU B 654 55.99 -47.02 -2.33
C LEU B 654 56.35 -46.64 -3.75
N ASP B 655 56.04 -45.39 -4.18
CA ASP B 655 56.48 -44.98 -5.49
C ASP B 655 57.97 -44.62 -5.56
N LYS B 656 58.66 -44.32 -4.44
CA LYS B 656 60.11 -44.16 -4.49
C LYS B 656 60.84 -45.49 -4.61
N LEU B 657 60.28 -46.55 -3.99
CA LEU B 657 60.76 -47.93 -4.03
C LEU B 657 60.62 -48.55 -5.40
N ARG B 658 59.60 -48.13 -6.17
CA ARG B 658 59.37 -48.58 -7.52
C ARG B 658 60.42 -48.03 -8.46
N SER B 659 61.07 -46.90 -8.14
CA SER B 659 62.15 -46.40 -8.99
C SER B 659 63.51 -47.04 -8.68
N THR B 660 63.63 -47.75 -7.55
CA THR B 660 64.86 -48.42 -7.13
C THR B 660 64.84 -49.91 -7.38
N GLY B 661 66.01 -50.56 -7.33
CA GLY B 661 66.12 -52.01 -7.38
C GLY B 661 65.89 -52.57 -5.99
N ALA B 662 65.84 -53.90 -5.87
CA ALA B 662 65.58 -54.54 -4.60
C ALA B 662 66.69 -55.46 -4.10
N SER B 663 66.93 -55.38 -2.79
CA SER B 663 67.88 -56.19 -2.03
C SER B 663 67.24 -56.60 -0.69
N PHE B 664 66.34 -57.59 -0.71
CA PHE B 664 65.54 -58.06 0.42
C PHE B 664 66.32 -58.87 1.46
N ILE B 665 66.61 -58.29 2.64
CA ILE B 665 67.34 -58.98 3.70
C ILE B 665 66.41 -59.22 4.90
N ARG B 666 65.93 -60.47 5.07
CA ARG B 666 65.00 -60.82 6.13
C ARG B 666 65.79 -61.23 7.37
N CYS B 667 65.50 -60.65 8.56
CA CYS B 667 66.22 -61.00 9.77
C CYS B 667 65.42 -61.81 10.77
N ILE B 668 65.92 -63.01 11.13
CA ILE B 668 65.28 -63.95 12.06
C ILE B 668 65.87 -63.88 13.46
N LYS B 669 65.05 -63.70 14.51
CA LYS B 669 65.51 -63.73 15.89
C LYS B 669 65.43 -65.15 16.45
N PRO B 670 66.50 -65.84 16.86
CA PRO B 670 66.43 -67.24 17.29
C PRO B 670 65.81 -67.49 18.66
N ASN B 671 65.77 -66.52 19.57
CA ASN B 671 65.27 -66.77 20.91
C ASN B 671 64.82 -65.48 21.57
N LEU B 672 64.06 -65.58 22.68
CA LEU B 672 63.44 -64.45 23.34
C LEU B 672 64.36 -63.67 24.25
N LYS B 673 65.24 -64.38 24.99
CA LYS B 673 66.13 -63.78 25.96
C LYS B 673 67.30 -63.04 25.31
N MET B 674 67.57 -63.32 24.02
CA MET B 674 68.63 -62.75 23.21
C MET B 674 70.00 -63.25 23.68
N THR B 675 70.10 -64.58 23.84
CA THR B 675 71.28 -65.27 24.32
C THR B 675 71.81 -66.24 23.28
N SER B 676 73.14 -66.43 23.28
CA SER B 676 73.86 -67.31 22.36
C SER B 676 73.49 -68.78 22.45
N HIS B 677 73.52 -69.49 21.31
CA HIS B 677 73.24 -70.91 21.12
C HIS B 677 71.82 -71.40 21.40
N HIS B 678 70.99 -70.65 22.15
CA HIS B 678 69.60 -70.99 22.47
C HIS B 678 68.72 -71.06 21.23
N PHE B 679 67.74 -71.99 21.21
CA PHE B 679 66.90 -72.21 20.04
C PHE B 679 65.44 -72.42 20.44
N GLU B 680 64.51 -71.62 19.87
CA GLU B 680 63.08 -71.79 20.11
C GLU B 680 62.35 -72.02 18.78
N GLY B 681 61.79 -73.22 18.56
CA GLY B 681 61.08 -73.55 17.32
C GLY B 681 59.62 -73.17 17.34
N ALA B 682 59.22 -72.46 18.41
CA ALA B 682 57.90 -71.86 18.56
C ALA B 682 58.02 -70.36 18.27
N GLN B 683 59.24 -69.90 17.94
CA GLN B 683 59.50 -68.50 17.58
C GLN B 683 60.19 -68.42 16.24
N ILE B 684 61.05 -69.41 15.90
CA ILE B 684 61.68 -69.44 14.59
C ILE B 684 60.69 -69.79 13.51
N LEU B 685 59.84 -70.82 13.70
CA LEU B 685 58.85 -71.18 12.69
C LEU B 685 57.82 -70.08 12.47
N SER B 686 57.50 -69.31 13.53
CA SER B 686 56.59 -68.18 13.44
C SER B 686 57.13 -66.99 12.67
N GLN B 687 58.46 -66.82 12.58
CA GLN B 687 58.99 -65.69 11.85
C GLN B 687 59.20 -66.02 10.39
N LEU B 688 59.21 -67.31 9.99
CA LEU B 688 59.19 -67.63 8.57
C LEU B 688 57.81 -67.42 7.98
N GLN B 689 56.76 -67.61 8.81
CA GLN B 689 55.37 -67.40 8.43
C GLN B 689 54.86 -65.98 8.64
N CYS B 690 55.64 -65.07 9.26
CA CYS B 690 55.24 -63.67 9.43
C CYS B 690 56.17 -62.69 8.73
N SER B 691 57.15 -63.17 7.95
CA SER B 691 58.08 -62.29 7.26
C SER B 691 57.92 -62.35 5.76
N GLY B 692 56.90 -63.04 5.24
CA GLY B 692 56.66 -63.17 3.80
C GLY B 692 57.50 -64.21 3.13
N MET B 693 58.30 -64.98 3.90
CA MET B 693 59.19 -65.98 3.34
C MET B 693 58.44 -67.17 2.78
N VAL B 694 57.28 -67.49 3.38
CA VAL B 694 56.38 -68.56 2.94
C VAL B 694 55.76 -68.22 1.60
N SER B 695 55.36 -66.96 1.38
CA SER B 695 54.77 -66.55 0.11
C SER B 695 55.74 -66.63 -1.06
N VAL B 696 57.04 -66.45 -0.81
CA VAL B 696 58.09 -66.60 -1.80
C VAL B 696 58.32 -68.06 -2.17
N LEU B 697 58.36 -68.98 -1.18
CA LEU B 697 58.53 -70.40 -1.40
C LEU B 697 57.31 -71.00 -2.10
N ASP B 698 56.12 -70.40 -1.90
CA ASP B 698 54.91 -70.81 -2.57
C ASP B 698 54.74 -70.10 -3.91
N LEU B 699 55.68 -69.22 -4.31
CA LEU B 699 55.72 -68.65 -5.65
C LEU B 699 56.75 -69.42 -6.44
N MET B 700 57.82 -69.92 -5.77
CA MET B 700 58.84 -70.74 -6.38
C MET B 700 58.33 -72.15 -6.69
N GLN B 701 58.02 -72.42 -7.96
CA GLN B 701 57.57 -73.72 -8.43
C GLN B 701 58.55 -74.28 -9.45
N GLY B 702 59.61 -73.50 -9.80
CA GLY B 702 60.58 -73.79 -10.86
C GLY B 702 61.14 -75.18 -10.99
N GLY B 703 61.72 -75.72 -9.90
CA GLY B 703 62.30 -77.06 -9.89
C GLY B 703 63.70 -77.14 -10.45
N PHE B 704 64.30 -75.99 -10.81
CA PHE B 704 65.61 -75.89 -11.39
C PHE B 704 66.73 -75.89 -10.32
N GLU C 1 -62.10 -12.32 67.25
CA GLU C 1 -62.06 -13.53 68.12
C GLU C 1 -61.72 -14.79 67.34
N ASP C 2 -60.85 -15.67 67.87
CA ASP C 2 -60.41 -16.86 67.17
C ASP C 2 -61.53 -17.87 66.92
N GLY C 3 -61.62 -18.36 65.67
CA GLY C 3 -62.62 -19.34 65.25
C GLY C 3 -63.97 -18.78 64.94
N LYS C 4 -64.15 -17.45 65.12
CA LYS C 4 -65.38 -16.75 64.80
C LYS C 4 -65.23 -16.11 63.42
N PRO C 5 -66.30 -15.96 62.63
CA PRO C 5 -66.31 -15.49 61.25
C PRO C 5 -65.14 -14.71 60.67
N VAL C 6 -64.45 -15.30 59.68
CA VAL C 6 -63.48 -14.62 58.85
C VAL C 6 -63.98 -14.75 57.45
N TRP C 7 -63.44 -14.00 56.49
CA TRP C 7 -63.75 -14.21 55.10
C TRP C 7 -62.85 -15.33 54.58
N ALA C 8 -63.36 -16.20 53.70
CA ALA C 8 -62.63 -17.35 53.19
C ALA C 8 -62.44 -17.28 51.67
N PRO C 9 -61.27 -17.56 51.10
CA PRO C 9 -61.01 -17.51 49.66
C PRO C 9 -61.85 -18.40 48.77
N HIS C 10 -62.94 -17.90 48.14
CA HIS C 10 -63.73 -18.73 47.25
C HIS C 10 -63.55 -18.32 45.80
N PRO C 11 -63.13 -19.16 44.85
CA PRO C 11 -62.88 -18.75 43.47
C PRO C 11 -64.00 -18.02 42.77
N THR C 12 -65.25 -18.48 42.90
CA THR C 12 -66.37 -17.92 42.15
C THR C 12 -67.02 -16.72 42.77
N ASP C 13 -66.83 -16.48 44.08
CA ASP C 13 -67.53 -15.42 44.77
C ASP C 13 -66.58 -14.43 45.43
N GLY C 14 -65.26 -14.65 45.27
CA GLY C 14 -64.20 -13.82 45.86
C GLY C 14 -63.92 -14.28 47.26
N PHE C 15 -64.86 -13.98 48.16
CA PHE C 15 -64.82 -14.39 49.54
C PHE C 15 -66.16 -15.00 49.92
N GLN C 16 -66.14 -16.04 50.77
CA GLN C 16 -67.33 -16.68 51.29
C GLN C 16 -67.16 -16.83 52.78
N VAL C 17 -68.20 -17.25 53.50
CA VAL C 17 -68.14 -17.45 54.94
C VAL C 17 -67.21 -18.60 55.36
N GLY C 18 -66.63 -18.54 56.56
CA GLY C 18 -65.69 -19.57 56.94
C GLY C 18 -65.08 -19.34 58.28
N ASN C 19 -64.49 -20.42 58.83
CA ASN C 19 -63.89 -20.41 60.13
C ASN C 19 -62.50 -20.98 60.00
N ILE C 20 -61.66 -20.72 61.02
CA ILE C 20 -60.32 -21.26 61.08
C ILE C 20 -60.35 -22.23 62.22
N VAL C 21 -60.10 -23.51 61.94
CA VAL C 21 -60.26 -24.56 62.94
C VAL C 21 -58.95 -25.24 63.25
N ASP C 22 -57.88 -24.87 62.54
CA ASP C 22 -56.55 -25.30 62.82
C ASP C 22 -55.67 -24.33 62.06
N ILE C 23 -54.37 -24.29 62.37
CA ILE C 23 -53.51 -23.28 61.80
C ILE C 23 -52.06 -23.73 61.81
N GLY C 24 -51.24 -23.17 60.91
CA GLY C 24 -49.82 -23.39 60.75
C GLY C 24 -49.10 -22.10 61.10
N PRO C 25 -47.94 -21.78 60.55
CA PRO C 25 -47.27 -20.53 60.92
C PRO C 25 -47.79 -19.35 60.10
N ASP C 26 -47.82 -19.44 58.76
CA ASP C 26 -48.32 -18.39 57.90
C ASP C 26 -49.53 -18.90 57.12
N SER C 27 -49.79 -20.23 57.22
CA SER C 27 -50.90 -20.94 56.62
C SER C 27 -52.02 -21.16 57.61
N LEU C 28 -53.27 -20.96 57.19
CA LEU C 28 -54.41 -21.10 58.07
C LEU C 28 -55.33 -22.16 57.50
N THR C 29 -55.75 -23.16 58.31
CA THR C 29 -56.59 -24.27 57.87
C THR C 29 -58.03 -23.84 57.90
N ILE C 30 -58.52 -23.32 56.76
CA ILE C 30 -59.85 -22.75 56.63
C ILE C 30 -60.91 -23.81 56.34
N GLU C 31 -61.90 -23.98 57.25
CA GLU C 31 -63.06 -24.79 56.95
C GLU C 31 -64.17 -23.82 56.52
N PRO C 32 -64.72 -23.84 55.30
CA PRO C 32 -65.86 -22.99 54.94
C PRO C 32 -67.08 -23.29 55.81
N LEU C 33 -67.98 -22.33 56.02
CA LEU C 33 -69.18 -22.61 56.82
C LEU C 33 -70.35 -22.96 55.91
N ASN C 34 -70.29 -22.56 54.63
CA ASN C 34 -71.26 -22.91 53.62
C ASN C 34 -70.86 -24.18 52.85
N GLN C 35 -69.61 -24.64 53.03
CA GLN C 35 -69.06 -25.83 52.38
C GLN C 35 -68.21 -26.60 53.37
N LYS C 36 -68.73 -26.97 54.56
CA LYS C 36 -67.95 -27.68 55.56
C LYS C 36 -67.38 -29.00 55.06
N GLY C 37 -66.14 -29.32 55.45
CA GLY C 37 -65.43 -30.50 54.98
C GLY C 37 -64.59 -30.27 53.75
N LYS C 38 -64.75 -29.12 53.06
CA LYS C 38 -63.94 -28.75 51.91
C LYS C 38 -62.50 -28.43 52.32
N THR C 39 -62.36 -27.94 53.57
CA THR C 39 -61.20 -27.64 54.39
C THR C 39 -59.83 -27.57 53.74
N PHE C 40 -59.52 -26.42 53.13
CA PHE C 40 -58.28 -26.17 52.42
C PHE C 40 -57.27 -25.39 53.26
N LEU C 41 -56.16 -24.98 52.63
CA LEU C 41 -55.12 -24.21 53.28
C LEU C 41 -55.07 -22.87 52.59
N ALA C 42 -54.78 -21.80 53.35
CA ALA C 42 -54.74 -20.47 52.77
C ALA C 42 -53.74 -19.63 53.55
N LEU C 43 -53.14 -18.64 52.85
CA LEU C 43 -52.18 -17.71 53.40
C LEU C 43 -52.87 -16.52 54.07
N ILE C 44 -52.10 -15.61 54.71
CA ILE C 44 -52.69 -14.47 55.41
C ILE C 44 -53.41 -13.45 54.54
N ASN C 45 -53.07 -13.33 53.23
CA ASN C 45 -53.73 -12.37 52.36
C ASN C 45 -55.04 -12.91 51.77
N GLN C 46 -55.42 -14.15 52.14
CA GLN C 46 -56.61 -14.78 51.63
C GLN C 46 -57.73 -14.77 52.66
N VAL C 47 -57.46 -14.29 53.90
CA VAL C 47 -58.40 -14.24 54.99
C VAL C 47 -58.41 -12.88 55.66
N PHE C 48 -59.61 -12.41 56.01
CA PHE C 48 -59.84 -11.08 56.58
C PHE C 48 -60.89 -11.17 57.67
N PRO C 49 -60.86 -10.46 58.79
CA PRO C 49 -61.87 -10.55 59.83
C PRO C 49 -63.22 -9.99 59.37
N ALA C 50 -64.33 -10.67 59.72
CA ALA C 50 -65.67 -10.31 59.30
C ALA C 50 -66.51 -9.85 60.48
N GLU C 51 -67.48 -8.96 60.24
CA GLU C 51 -68.37 -8.42 61.25
C GLU C 51 -69.32 -9.46 61.85
N GLU C 52 -69.64 -9.34 63.16
CA GLU C 52 -70.53 -10.26 63.87
C GLU C 52 -71.98 -10.31 63.36
N ASP C 53 -72.63 -9.16 63.10
CA ASP C 53 -73.97 -9.11 62.54
C ASP C 53 -73.88 -8.98 61.02
N SER C 54 -74.48 -9.92 60.27
CA SER C 54 -74.45 -9.91 58.82
C SER C 54 -75.71 -9.35 58.19
N LYS C 55 -76.71 -8.98 59.02
CA LYS C 55 -77.96 -8.41 58.54
C LYS C 55 -77.94 -6.89 58.60
N LYS C 56 -76.93 -6.26 57.98
CA LYS C 56 -76.80 -4.82 58.00
C LYS C 56 -75.98 -4.34 56.83
N ASP C 57 -76.02 -3.03 56.61
CA ASP C 57 -75.24 -2.32 55.64
C ASP C 57 -75.03 -0.94 56.23
N VAL C 58 -74.08 -0.14 55.70
CA VAL C 58 -73.81 1.19 56.21
C VAL C 58 -73.70 2.17 55.07
N GLU C 59 -74.24 3.39 55.27
CA GLU C 59 -74.21 4.47 54.31
C GLU C 59 -72.79 5.04 54.19
N ASP C 60 -72.12 5.20 55.35
CA ASP C 60 -70.75 5.66 55.48
C ASP C 60 -69.95 4.50 56.09
N ASN C 61 -68.78 4.18 55.53
CA ASN C 61 -68.02 3.02 55.96
C ASN C 61 -67.19 3.29 57.21
N CYS C 62 -67.20 4.53 57.76
CA CYS C 62 -66.58 4.83 59.04
C CYS C 62 -67.20 4.05 60.19
N SER C 63 -68.47 3.64 60.02
CA SER C 63 -69.24 2.89 60.99
C SER C 63 -69.11 1.39 60.86
N LEU C 64 -68.21 0.87 59.98
CA LEU C 64 -67.94 -0.55 59.90
C LEU C 64 -67.22 -1.05 61.15
N MET C 65 -67.48 -2.30 61.57
CA MET C 65 -66.83 -2.89 62.73
C MET C 65 -65.38 -3.28 62.43
N TYR C 66 -65.16 -3.88 61.25
CA TYR C 66 -63.86 -4.25 60.75
C TYR C 66 -63.72 -3.62 59.39
N LEU C 67 -62.67 -2.80 59.17
CA LEU C 67 -62.43 -2.14 57.91
C LEU C 67 -61.32 -2.87 57.17
N ASN C 68 -61.67 -3.48 56.02
CA ASN C 68 -60.74 -4.20 55.20
C ASN C 68 -61.42 -4.31 53.85
N GLU C 69 -60.82 -5.01 52.88
CA GLU C 69 -61.34 -4.98 51.53
C GLU C 69 -62.31 -6.12 51.31
N ALA C 70 -62.26 -7.18 52.14
CA ALA C 70 -63.28 -8.20 52.12
C ALA C 70 -64.59 -7.75 52.78
N THR C 71 -64.52 -6.88 53.83
CA THR C 71 -65.72 -6.39 54.51
C THR C 71 -66.34 -5.23 53.80
N LEU C 72 -65.57 -4.58 52.90
CA LEU C 72 -66.07 -3.58 52.00
C LEU C 72 -66.88 -4.23 50.89
N LEU C 73 -66.46 -5.43 50.45
CA LEU C 73 -67.12 -6.21 49.43
C LEU C 73 -68.46 -6.73 49.90
N HIS C 74 -68.58 -7.09 51.20
CA HIS C 74 -69.87 -7.47 51.74
C HIS C 74 -70.77 -6.28 51.97
N ASN C 75 -70.25 -5.05 52.22
CA ASN C 75 -71.11 -3.89 52.33
C ASN C 75 -71.69 -3.50 50.98
N ILE C 76 -70.95 -3.66 49.86
CA ILE C 76 -71.50 -3.30 48.56
C ILE C 76 -72.18 -4.47 47.86
N LYS C 77 -72.37 -5.60 48.55
CA LYS C 77 -73.12 -6.73 48.04
C LYS C 77 -74.53 -6.65 48.58
N VAL C 78 -74.65 -6.31 49.87
CA VAL C 78 -75.90 -6.10 50.55
C VAL C 78 -76.53 -4.82 50.05
N ARG C 79 -75.75 -3.74 49.82
CA ARG C 79 -76.36 -2.54 49.26
C ARG C 79 -76.76 -2.70 47.80
N TYR C 80 -76.15 -3.63 47.04
CA TYR C 80 -76.60 -3.96 45.70
C TYR C 80 -77.94 -4.70 45.68
N SER C 81 -78.26 -5.51 46.71
CA SER C 81 -79.55 -6.18 46.76
C SER C 81 -80.59 -5.41 47.54
N LYS C 82 -80.21 -4.21 48.03
CA LYS C 82 -81.15 -3.27 48.62
C LYS C 82 -81.38 -2.11 47.68
N ASP C 83 -80.81 -2.18 46.46
CA ASP C 83 -80.91 -1.16 45.43
C ASP C 83 -80.35 0.19 45.88
N ARG C 84 -79.25 0.20 46.65
CA ARG C 84 -78.57 1.41 47.06
C ARG C 84 -77.23 1.36 46.34
N ILE C 85 -77.13 2.04 45.18
CA ILE C 85 -75.97 1.91 44.33
C ILE C 85 -74.87 2.90 44.64
N TYR C 86 -75.07 3.77 45.63
CA TYR C 86 -74.07 4.74 46.06
C TYR C 86 -73.52 4.35 47.44
N THR C 87 -72.19 4.45 47.61
CA THR C 87 -71.48 4.02 48.82
C THR C 87 -70.40 5.00 49.25
N TYR C 88 -70.46 5.60 50.46
CA TYR C 88 -69.48 6.56 50.94
C TYR C 88 -68.26 5.89 51.57
N VAL C 89 -67.09 5.92 50.88
CA VAL C 89 -65.85 5.51 51.52
C VAL C 89 -65.06 6.80 51.54
N ALA C 90 -65.16 7.53 52.66
CA ALA C 90 -64.59 8.85 52.88
C ALA C 90 -64.75 9.83 51.71
N ASN C 91 -63.63 10.31 51.15
CA ASN C 91 -63.57 11.22 50.03
C ASN C 91 -63.70 10.50 48.69
N ILE C 92 -64.07 9.20 48.69
CA ILE C 92 -64.24 8.43 47.49
C ILE C 92 -65.69 7.96 47.42
N LEU C 93 -66.37 8.24 46.30
CA LEU C 93 -67.72 7.77 46.11
C LEU C 93 -67.61 6.64 45.13
N ILE C 94 -68.18 5.50 45.53
CA ILE C 94 -68.21 4.24 44.83
C ILE C 94 -69.62 4.10 44.31
N ALA C 95 -69.75 4.20 42.99
CA ALA C 95 -70.99 4.11 42.27
C ALA C 95 -70.89 2.87 41.41
N VAL C 96 -71.90 2.00 41.45
CA VAL C 96 -71.91 0.74 40.74
C VAL C 96 -73.03 0.83 39.72
N ASN C 97 -72.73 0.69 38.41
CA ASN C 97 -73.73 0.86 37.37
C ASN C 97 -74.74 -0.30 37.34
N PRO C 98 -76.04 -0.13 37.56
CA PRO C 98 -76.98 -1.25 37.63
C PRO C 98 -77.40 -1.78 36.28
N TYR C 99 -77.17 -1.03 35.17
CA TYR C 99 -77.62 -1.37 33.82
C TYR C 99 -79.13 -1.57 33.76
N PHE C 100 -79.85 -0.75 34.55
CA PHE C 100 -81.28 -0.80 34.71
C PHE C 100 -81.75 0.54 35.26
N ASP C 101 -83.04 0.88 35.11
CA ASP C 101 -83.55 2.14 35.59
C ASP C 101 -84.21 1.98 36.96
N ILE C 102 -83.42 2.07 38.05
CA ILE C 102 -83.91 2.03 39.42
C ILE C 102 -84.83 3.22 39.70
N PRO C 103 -86.01 3.11 40.32
CA PRO C 103 -86.92 4.23 40.55
C PRO C 103 -86.36 5.44 41.30
N LYS C 104 -86.81 6.65 40.89
CA LYS C 104 -86.60 7.96 41.51
C LYS C 104 -85.19 8.37 41.92
N ILE C 105 -84.13 7.86 41.27
CA ILE C 105 -82.76 8.31 41.53
C ILE C 105 -82.31 9.39 40.56
N TYR C 106 -83.00 9.58 39.42
CA TYR C 106 -82.70 10.64 38.46
C TYR C 106 -83.51 11.87 38.80
N SER C 107 -84.74 11.62 39.30
CA SER C 107 -85.83 12.52 39.68
C SER C 107 -85.48 13.93 40.13
N SER C 108 -86.27 14.91 39.65
CA SER C 108 -86.10 16.31 39.94
C SER C 108 -86.50 16.64 41.35
N GLU C 109 -87.37 15.81 41.96
CA GLU C 109 -87.74 15.97 43.35
C GLU C 109 -86.60 15.55 44.26
N THR C 110 -85.81 14.54 43.82
CA THR C 110 -84.62 14.07 44.51
C THR C 110 -83.51 15.10 44.44
N ILE C 111 -83.37 15.81 43.30
CA ILE C 111 -82.37 16.86 43.15
C ILE C 111 -82.61 18.05 44.08
N LYS C 112 -83.87 18.51 44.24
CA LYS C 112 -84.12 19.63 45.11
C LYS C 112 -84.29 19.23 46.58
N SER C 113 -84.27 17.93 46.90
CA SER C 113 -84.30 17.46 48.27
C SER C 113 -82.91 17.53 48.89
N TYR C 114 -81.89 17.08 48.12
CA TYR C 114 -80.49 17.10 48.53
C TYR C 114 -79.92 18.49 48.67
N GLN C 115 -80.31 19.44 47.81
CA GLN C 115 -79.89 20.84 47.78
C GLN C 115 -79.46 21.47 49.10
N GLY C 116 -78.16 21.73 49.23
CA GLY C 116 -77.55 22.38 50.38
C GLY C 116 -77.29 21.54 51.59
N LYS C 117 -77.61 20.22 51.60
CA LYS C 117 -77.35 19.39 52.78
C LYS C 117 -75.86 19.14 52.98
N SER C 118 -75.29 19.76 54.03
CA SER C 118 -73.87 19.80 54.39
C SER C 118 -73.02 18.56 54.13
N LEU C 119 -73.14 17.56 55.00
CA LEU C 119 -72.46 16.28 55.01
C LEU C 119 -72.84 15.64 56.32
N GLY C 120 -73.22 14.35 56.33
CA GLY C 120 -73.68 13.64 57.52
C GLY C 120 -75.14 13.83 57.80
N THR C 121 -75.83 14.64 56.98
CA THR C 121 -77.26 14.90 57.03
C THR C 121 -78.00 14.24 55.89
N MET C 122 -77.27 13.49 55.03
CA MET C 122 -77.82 12.74 53.93
C MET C 122 -77.01 11.46 53.73
N PRO C 123 -77.55 10.43 53.09
CA PRO C 123 -76.79 9.23 52.78
C PRO C 123 -76.06 9.47 51.45
N PRO C 124 -75.24 8.58 50.89
CA PRO C 124 -74.55 8.85 49.64
C PRO C 124 -75.50 8.79 48.47
N HIS C 125 -75.31 9.71 47.52
CA HIS C 125 -76.05 9.77 46.29
C HIS C 125 -75.12 10.50 45.37
N VAL C 126 -75.34 10.55 44.04
CA VAL C 126 -74.39 11.22 43.17
C VAL C 126 -74.63 12.73 43.21
N PHE C 127 -75.83 13.12 43.67
CA PHE C 127 -76.20 14.50 43.88
C PHE C 127 -75.61 15.07 45.17
N ALA C 128 -75.05 14.22 46.06
CA ALA C 128 -74.39 14.70 47.25
C ALA C 128 -72.93 15.07 47.03
N ILE C 129 -72.36 14.75 45.85
CA ILE C 129 -70.98 15.12 45.56
C ILE C 129 -70.97 16.44 44.84
N ALA C 130 -71.87 16.60 43.85
CA ALA C 130 -72.02 17.82 43.10
C ALA C 130 -72.53 19.00 43.92
N ASP C 131 -73.39 18.76 44.94
CA ASP C 131 -73.86 19.84 45.78
C ASP C 131 -72.79 20.32 46.74
N LYS C 132 -71.92 19.40 47.19
CA LYS C 132 -70.79 19.71 48.04
C LYS C 132 -69.71 20.49 47.34
N ALA C 133 -69.43 20.19 46.06
CA ALA C 133 -68.35 20.86 45.36
C ALA C 133 -68.66 22.30 45.03
N PHE C 134 -69.95 22.69 44.93
CA PHE C 134 -70.28 24.11 44.83
C PHE C 134 -70.10 24.81 46.18
N ARG C 135 -70.41 24.11 47.29
CA ARG C 135 -70.27 24.69 48.61
C ARG C 135 -68.82 24.76 49.07
N ASP C 136 -67.96 23.86 48.59
CA ASP C 136 -66.55 23.90 48.91
C ASP C 136 -65.81 24.62 47.79
N MET C 137 -66.35 25.76 47.34
CA MET C 137 -65.71 26.60 46.34
C MET C 137 -65.64 28.01 46.84
N LYS C 138 -66.78 28.73 46.97
CA LYS C 138 -66.79 30.10 47.43
C LYS C 138 -66.22 30.31 48.83
N VAL C 139 -66.53 29.43 49.79
CA VAL C 139 -65.97 29.49 51.13
C VAL C 139 -64.48 29.15 51.15
N LEU C 140 -64.12 28.07 50.41
CA LEU C 140 -62.77 27.52 50.29
C LEU C 140 -61.77 28.42 49.57
N LYS C 141 -62.29 29.22 48.62
CA LYS C 141 -61.53 30.12 47.75
C LYS C 141 -60.62 29.35 46.82
N LEU C 142 -61.11 28.24 46.25
CA LEU C 142 -60.27 27.39 45.42
C LEU C 142 -61.05 26.70 44.32
N SER C 143 -60.45 26.58 43.13
CA SER C 143 -61.02 25.85 42.00
C SER C 143 -61.05 24.35 42.29
N GLN C 144 -62.02 23.62 41.71
CA GLN C 144 -62.26 22.22 42.02
C GLN C 144 -62.15 21.32 40.82
N SER C 145 -61.98 20.01 41.09
CA SER C 145 -61.86 19.03 40.04
C SER C 145 -62.46 17.71 40.50
N ILE C 146 -63.24 17.08 39.62
CA ILE C 146 -63.93 15.83 39.89
C ILE C 146 -63.17 14.83 39.06
N ILE C 147 -62.63 13.78 39.71
CA ILE C 147 -61.72 12.84 39.08
C ILE C 147 -62.41 11.52 38.90
N VAL C 148 -62.56 11.05 37.64
CA VAL C 148 -63.27 9.82 37.38
C VAL C 148 -62.37 8.76 36.77
N SER C 149 -62.24 7.64 37.48
CA SER C 149 -61.44 6.48 37.14
C SER C 149 -62.35 5.29 36.80
N GLY C 150 -61.88 4.05 37.02
CA GLY C 150 -62.62 2.82 36.72
C GLY C 150 -62.63 2.38 35.28
N GLU C 151 -63.07 1.12 35.06
CA GLU C 151 -63.14 0.48 33.75
C GLU C 151 -64.19 1.11 32.85
N SER C 152 -64.00 1.12 31.52
CA SER C 152 -65.02 1.63 30.62
C SER C 152 -66.32 0.85 30.66
N GLY C 153 -67.46 1.55 30.63
CA GLY C 153 -68.77 0.90 30.80
C GLY C 153 -69.16 0.68 32.24
N ALA C 154 -68.35 1.14 33.20
CA ALA C 154 -68.65 1.00 34.61
C ALA C 154 -69.46 2.17 35.15
N GLY C 155 -69.81 3.15 34.30
CA GLY C 155 -70.61 4.31 34.69
C GLY C 155 -69.82 5.58 34.73
N LYS C 156 -68.60 5.63 34.17
CA LYS C 156 -67.81 6.86 34.23
C LYS C 156 -68.30 7.91 33.26
N THR C 157 -68.98 7.49 32.18
CA THR C 157 -69.72 8.41 31.33
C THR C 157 -71.00 8.87 32.00
N GLU C 158 -71.78 7.92 32.57
CA GLU C 158 -73.07 8.18 33.17
C GLU C 158 -73.06 8.96 34.46
N ASN C 159 -72.07 8.78 35.35
CA ASN C 159 -71.99 9.57 36.58
C ASN C 159 -71.67 11.03 36.27
N THR C 160 -70.92 11.27 35.19
CA THR C 160 -70.56 12.63 34.78
C THR C 160 -71.74 13.41 34.28
N LYS C 161 -72.67 12.78 33.52
CA LYS C 161 -73.85 13.48 33.03
C LYS C 161 -74.87 13.85 34.11
N PHE C 162 -74.96 13.07 35.22
CA PHE C 162 -75.79 13.42 36.36
C PHE C 162 -75.24 14.56 37.19
N VAL C 163 -73.91 14.76 37.18
CA VAL C 163 -73.26 15.87 37.85
C VAL C 163 -73.57 17.16 37.12
N LEU C 164 -73.44 17.20 35.78
CA LEU C 164 -73.73 18.42 35.05
C LEU C 164 -75.22 18.74 34.99
N ARG C 165 -76.09 17.72 35.18
CA ARG C 165 -77.51 17.92 35.35
C ARG C 165 -77.79 18.57 36.68
N TYR C 166 -77.09 18.15 37.74
CA TYR C 166 -77.29 18.69 39.06
C TYR C 166 -76.78 20.13 39.16
N LEU C 167 -75.75 20.47 38.37
CA LEU C 167 -75.25 21.83 38.37
C LEU C 167 -76.11 22.76 37.53
N THR C 168 -76.90 22.24 36.57
CA THR C 168 -77.79 23.04 35.74
C THR C 168 -79.25 22.93 36.14
N GLU C 169 -79.48 22.52 37.40
CA GLU C 169 -80.80 22.45 37.98
C GLU C 169 -80.78 23.10 39.35
N SER C 170 -79.88 22.63 40.24
CA SER C 170 -79.74 23.10 41.60
C SER C 170 -79.08 24.47 41.79
N TYR C 171 -78.00 24.78 41.04
CA TYR C 171 -77.28 26.05 41.19
C TYR C 171 -77.24 26.92 39.95
N GLY C 172 -77.13 26.32 38.75
CA GLY C 172 -77.12 27.05 37.49
C GLY C 172 -78.49 27.27 36.97
N THR C 173 -79.03 28.51 37.08
CA THR C 173 -80.33 28.86 36.52
C THR C 173 -80.27 28.89 35.01
N GLY C 174 -79.22 29.53 34.45
CA GLY C 174 -78.97 29.63 33.01
C GLY C 174 -77.81 28.80 32.53
N GLN C 175 -77.21 29.21 31.40
CA GLN C 175 -76.07 28.60 30.73
C GLN C 175 -76.34 27.21 30.15
N ASP C 176 -76.93 27.18 28.94
CA ASP C 176 -77.35 26.00 28.21
C ASP C 176 -76.22 25.17 27.56
N ILE C 177 -75.21 24.76 28.34
CA ILE C 177 -74.10 23.93 27.89
C ILE C 177 -74.31 22.44 28.21
N ASP C 178 -75.13 22.11 29.23
CA ASP C 178 -75.38 20.77 29.71
C ASP C 178 -75.74 19.72 28.66
N ASP C 179 -76.65 20.03 27.73
CA ASP C 179 -76.97 19.08 26.69
C ASP C 179 -76.27 19.36 25.38
N ARG C 180 -75.32 20.34 25.29
CA ARG C 180 -74.56 20.45 24.05
C ARG C 180 -73.45 19.41 24.01
N ILE C 181 -73.08 18.89 25.20
CA ILE C 181 -72.15 17.80 25.39
C ILE C 181 -72.81 16.50 24.98
N VAL C 182 -74.06 16.31 25.45
CA VAL C 182 -74.91 15.19 25.12
C VAL C 182 -75.28 15.15 23.64
N GLU C 183 -75.60 16.31 23.02
CA GLU C 183 -75.93 16.34 21.61
C GLU C 183 -74.79 16.03 20.66
N ALA C 184 -73.52 16.34 21.02
CA ALA C 184 -72.40 15.96 20.19
C ALA C 184 -71.58 14.82 20.79
N ASN C 185 -72.22 13.92 21.57
CA ASN C 185 -71.60 12.71 22.06
C ASN C 185 -71.20 11.75 20.94
N PRO C 186 -71.92 11.54 19.83
CA PRO C 186 -71.40 10.66 18.79
C PRO C 186 -70.18 11.20 18.05
N LEU C 187 -69.86 12.51 18.09
CA LEU C 187 -68.63 13.00 17.48
C LEU C 187 -67.39 12.52 18.22
N LEU C 188 -67.43 12.44 19.56
CA LEU C 188 -66.29 11.95 20.33
C LEU C 188 -66.28 10.44 20.42
N GLU C 189 -67.40 9.80 20.02
CA GLU C 189 -67.48 8.36 19.90
C GLU C 189 -66.80 7.88 18.63
N ALA C 190 -66.56 8.81 17.69
CA ALA C 190 -65.84 8.53 16.46
C ALA C 190 -64.37 8.94 16.57
N PHE C 191 -64.11 10.23 16.89
CA PHE C 191 -62.74 10.74 16.97
C PHE C 191 -61.88 10.24 18.12
N GLY C 192 -62.42 10.16 19.36
CA GLY C 192 -61.63 9.81 20.54
C GLY C 192 -61.80 8.41 21.07
N ASN C 193 -63.03 7.90 21.13
CA ASN C 193 -63.32 6.54 21.60
C ASN C 193 -62.83 5.45 20.63
N ALA C 194 -62.09 4.43 21.10
CA ALA C 194 -61.64 3.36 20.22
C ALA C 194 -62.03 2.00 20.77
N LYS C 195 -61.35 0.91 20.34
CA LYS C 195 -61.60 -0.47 20.75
C LYS C 195 -60.30 -0.97 21.36
N THR C 196 -60.33 -1.52 22.60
CA THR C 196 -59.15 -2.06 23.26
C THR C 196 -59.39 -3.52 23.53
N VAL C 197 -58.39 -4.31 23.97
CA VAL C 197 -58.53 -5.75 24.11
C VAL C 197 -59.74 -6.20 24.93
N ARG C 198 -59.99 -5.57 26.09
CA ARG C 198 -61.13 -5.93 26.93
C ARG C 198 -62.30 -4.94 26.92
N ASN C 199 -62.33 -3.91 26.05
CA ASN C 199 -63.45 -2.97 26.02
C ASN C 199 -63.75 -2.59 24.59
N ASN C 200 -65.04 -2.57 24.20
CA ASN C 200 -65.41 -2.23 22.83
C ASN C 200 -65.53 -0.73 22.62
N ASN C 201 -65.95 0.02 23.66
CA ASN C 201 -66.05 1.46 23.62
C ASN C 201 -65.32 1.97 24.85
N SER C 202 -64.03 2.35 24.70
CA SER C 202 -63.23 2.93 25.75
C SER C 202 -62.81 4.29 25.29
N SER C 203 -62.90 5.32 26.16
CA SER C 203 -62.41 6.66 25.84
C SER C 203 -60.91 6.66 25.94
N ARG C 204 -60.21 7.20 24.93
CA ARG C 204 -58.75 7.14 24.94
C ARG C 204 -58.10 8.44 25.34
N PHE C 205 -58.90 9.48 25.62
CA PHE C 205 -58.37 10.80 25.92
C PHE C 205 -58.86 11.32 27.24
N GLY C 206 -58.12 12.30 27.80
CA GLY C 206 -58.47 12.96 29.03
C GLY C 206 -59.43 14.07 28.77
N LYS C 207 -60.74 13.76 28.79
CA LYS C 207 -61.82 14.69 28.59
C LYS C 207 -61.94 15.58 29.81
N PHE C 208 -61.71 16.91 29.69
CA PHE C 208 -61.76 17.81 30.81
C PHE C 208 -62.76 18.94 30.58
N VAL C 209 -64.05 18.61 30.74
CA VAL C 209 -65.13 19.58 30.64
C VAL C 209 -65.16 20.46 31.90
N GLU C 210 -64.74 21.73 31.84
CA GLU C 210 -64.74 22.59 33.00
C GLU C 210 -65.88 23.57 32.93
N ILE C 211 -66.40 23.96 34.11
CA ILE C 211 -67.52 24.86 34.29
C ILE C 211 -66.99 26.06 35.06
N HIS C 212 -66.89 27.22 34.39
CA HIS C 212 -66.37 28.45 34.95
C HIS C 212 -67.37 29.08 35.92
N PHE C 213 -66.90 29.49 37.10
CA PHE C 213 -67.68 30.21 38.07
C PHE C 213 -66.99 31.53 38.30
N ASN C 214 -67.76 32.62 38.36
CA ASN C 214 -67.24 33.96 38.57
C ASN C 214 -67.13 34.31 40.06
N GLU C 215 -66.77 35.55 40.40
CA GLU C 215 -66.67 35.99 41.78
C GLU C 215 -68.02 36.15 42.45
N LYS C 216 -69.12 36.23 41.66
CA LYS C 216 -70.48 36.34 42.16
C LYS C 216 -71.15 34.98 42.26
N SER C 217 -70.37 33.91 42.01
CA SER C 217 -70.74 32.51 42.11
C SER C 217 -71.92 32.08 41.26
N SER C 218 -71.92 32.50 39.98
CA SER C 218 -72.91 32.09 39.00
C SER C 218 -72.18 31.46 37.83
N VAL C 219 -72.83 30.52 37.12
CA VAL C 219 -72.22 29.79 36.02
C VAL C 219 -72.03 30.70 34.81
N VAL C 220 -70.80 31.10 34.50
CA VAL C 220 -70.55 32.04 33.40
C VAL C 220 -70.11 31.36 32.12
N GLY C 221 -69.80 30.05 32.14
CA GLY C 221 -69.40 29.41 30.91
C GLY C 221 -68.78 28.08 31.14
N GLY C 222 -68.52 27.32 30.07
CA GLY C 222 -67.75 26.10 30.19
C GLY C 222 -66.73 25.98 29.09
N PHE C 223 -65.83 25.00 29.22
CA PHE C 223 -64.79 24.79 28.21
C PHE C 223 -64.38 23.32 28.24
N VAL C 224 -64.13 22.70 27.07
CA VAL C 224 -63.72 21.32 27.00
C VAL C 224 -62.28 21.30 26.57
N SER C 225 -61.41 20.66 27.37
CA SER C 225 -59.99 20.49 27.11
C SER C 225 -59.72 19.02 26.94
N HIS C 226 -58.74 18.68 26.08
CA HIS C 226 -58.38 17.30 25.85
C HIS C 226 -56.91 17.13 26.13
N TYR C 227 -56.53 16.02 26.77
CA TYR C 227 -55.14 15.74 27.04
C TYR C 227 -54.95 14.28 26.72
N LEU C 228 -53.77 13.91 26.21
CA LEU C 228 -53.36 12.57 25.83
C LEU C 228 -54.18 11.91 24.71
N LEU C 229 -53.49 11.16 23.84
CA LEU C 229 -54.11 10.41 22.78
C LEU C 229 -53.08 9.36 22.45
N GLU C 230 -53.45 8.20 21.88
CA GLU C 230 -52.48 7.16 21.60
C GLU C 230 -51.93 7.40 20.22
N LYS C 231 -50.81 8.14 20.14
CA LYS C 231 -50.12 8.49 18.91
C LYS C 231 -49.72 7.25 18.14
N SER C 232 -49.25 6.23 18.86
CA SER C 232 -48.89 4.94 18.31
C SER C 232 -50.04 4.21 17.65
N ARG C 233 -51.25 4.21 18.27
CA ARG C 233 -52.43 3.56 17.73
C ARG C 233 -52.87 4.10 16.38
N ILE C 234 -52.61 5.40 16.10
CA ILE C 234 -52.95 6.02 14.82
C ILE C 234 -52.29 5.30 13.66
N CYS C 235 -51.01 4.88 13.82
CA CYS C 235 -50.29 4.19 12.75
C CYS C 235 -49.98 2.73 12.97
N VAL C 236 -49.78 2.23 14.20
CA VAL C 236 -49.47 0.82 14.40
C VAL C 236 -50.34 0.19 15.48
N GLN C 237 -51.37 -0.51 14.99
CA GLN C 237 -52.43 -1.17 15.72
C GLN C 237 -52.06 -2.60 16.09
N GLY C 238 -52.17 -2.95 17.38
CA GLY C 238 -51.91 -4.29 17.91
C GLY C 238 -52.81 -5.39 17.40
N LYS C 239 -52.50 -6.66 17.72
CA LYS C 239 -53.32 -7.77 17.29
C LYS C 239 -54.73 -7.75 17.86
N GLU C 240 -55.76 -7.99 17.01
CA GLU C 240 -57.17 -7.96 17.35
C GLU C 240 -57.72 -6.62 17.84
N GLU C 241 -56.93 -5.54 17.76
CA GLU C 241 -57.30 -4.18 18.13
C GLU C 241 -57.65 -3.41 16.88
N ARG C 242 -58.22 -2.20 17.02
CA ARG C 242 -58.57 -1.39 15.88
C ARG C 242 -57.82 -0.07 16.00
N ASN C 243 -58.04 0.86 15.05
CA ASN C 243 -57.47 2.19 15.12
C ASN C 243 -58.45 3.06 15.90
N TYR C 244 -58.64 4.35 15.55
CA TYR C 244 -59.71 5.13 16.14
C TYR C 244 -61.01 4.83 15.40
N HIS C 245 -62.18 5.21 15.95
CA HIS C 245 -63.46 4.85 15.39
C HIS C 245 -63.92 5.62 14.17
N ILE C 246 -63.32 6.78 13.85
CA ILE C 246 -63.65 7.52 12.65
C ILE C 246 -63.07 6.85 11.41
N PHE C 247 -62.10 5.93 11.60
CA PHE C 247 -61.47 5.18 10.53
C PHE C 247 -62.17 3.84 10.28
N TYR C 248 -63.36 3.65 10.86
CA TYR C 248 -64.17 2.45 10.68
C TYR C 248 -65.55 2.93 10.38
N ARG C 249 -66.05 3.98 11.06
CA ARG C 249 -67.34 4.56 10.76
C ARG C 249 -67.35 5.29 9.41
N LEU C 250 -66.21 5.82 8.94
CA LEU C 250 -66.16 6.39 7.60
C LEU C 250 -66.10 5.29 6.55
N CYS C 251 -65.42 4.16 6.84
CA CYS C 251 -65.39 3.04 5.93
C CYS C 251 -66.72 2.30 5.85
N ALA C 252 -67.35 2.03 7.01
CA ALA C 252 -68.63 1.35 7.12
C ALA C 252 -69.83 2.19 6.67
N GLY C 253 -69.88 3.46 7.09
CA GLY C 253 -71.02 4.34 6.85
C GLY C 253 -71.01 5.12 5.57
N ALA C 254 -69.92 5.11 4.80
CA ALA C 254 -69.88 5.85 3.55
C ALA C 254 -70.83 5.29 2.49
N SER C 255 -71.62 6.17 1.85
CA SER C 255 -72.50 5.83 0.74
C SER C 255 -71.70 5.92 -0.54
N GLU C 256 -72.35 5.81 -1.70
CA GLU C 256 -71.68 5.86 -2.99
C GLU C 256 -71.66 7.28 -3.50
N ASP C 257 -72.40 8.21 -2.85
CA ASP C 257 -72.35 9.62 -3.16
C ASP C 257 -71.37 10.30 -2.20
N ILE C 258 -70.79 9.55 -1.25
CA ILE C 258 -69.74 10.01 -0.35
C ILE C 258 -68.44 9.35 -0.80
N ARG C 259 -68.46 8.05 -1.18
CA ARG C 259 -67.27 7.36 -1.63
C ARG C 259 -66.72 7.88 -2.96
N GLU C 260 -67.55 8.41 -3.88
CA GLU C 260 -67.05 8.93 -5.14
C GLU C 260 -66.24 10.21 -5.04
N ARG C 261 -66.37 10.98 -3.93
CA ARG C 261 -65.62 12.22 -3.76
C ARG C 261 -64.39 12.04 -2.88
N LEU C 262 -64.22 10.85 -2.26
CA LEU C 262 -63.08 10.57 -1.40
C LEU C 262 -62.25 9.38 -1.87
N HIS C 263 -62.83 8.53 -2.75
CA HIS C 263 -62.21 7.34 -3.31
C HIS C 263 -61.76 6.31 -2.29
N LEU C 264 -62.68 5.93 -1.39
CA LEU C 264 -62.49 4.92 -0.38
C LEU C 264 -62.61 3.51 -0.94
N SER C 265 -62.10 2.50 -0.19
CA SER C 265 -62.13 1.11 -0.55
C SER C 265 -62.14 0.36 0.75
N SER C 266 -62.33 -0.96 0.74
CA SER C 266 -62.40 -1.78 1.96
C SER C 266 -61.14 -1.76 2.83
N PRO C 267 -61.22 -1.86 4.17
CA PRO C 267 -60.09 -1.75 5.10
C PRO C 267 -58.84 -2.57 4.86
N ASP C 268 -58.89 -3.69 4.12
CA ASP C 268 -57.73 -4.50 3.83
C ASP C 268 -56.68 -3.74 3.03
N ASN C 269 -57.13 -2.82 2.16
CA ASN C 269 -56.28 -2.00 1.32
C ASN C 269 -55.36 -1.06 2.09
N PHE C 270 -55.83 -0.40 3.17
CA PHE C 270 -55.05 0.56 3.93
C PHE C 270 -54.18 -0.05 5.03
N ARG C 271 -52.86 0.26 5.05
CA ARG C 271 -51.89 -0.27 6.01
C ARG C 271 -52.16 0.13 7.45
N TYR C 272 -52.86 1.25 7.67
CA TYR C 272 -53.24 1.67 9.02
C TYR C 272 -54.55 1.02 9.47
N LEU C 273 -55.08 0.04 8.70
CA LEU C 273 -56.29 -0.67 9.05
C LEU C 273 -56.10 -2.18 8.97
N ASN C 274 -55.29 -2.71 8.03
CA ASN C 274 -55.07 -4.15 7.95
C ASN C 274 -54.16 -4.72 9.03
N ARG C 275 -53.45 -3.86 9.76
CA ARG C 275 -52.54 -4.20 10.83
C ARG C 275 -53.22 -4.88 12.02
N GLY C 276 -54.41 -4.39 12.42
CA GLY C 276 -55.19 -4.96 13.53
C GLY C 276 -56.36 -5.78 13.05
N CYS C 277 -57.58 -5.37 13.44
CA CYS C 277 -58.84 -5.99 13.07
C CYS C 277 -59.60 -5.06 12.15
N THR C 278 -60.21 -5.63 11.10
CA THR C 278 -60.91 -4.87 10.06
C THR C 278 -62.42 -4.93 10.17
N ARG C 279 -62.97 -5.62 11.18
CA ARG C 279 -64.41 -5.75 11.34
C ARG C 279 -65.12 -4.55 11.96
N TYR C 280 -66.38 -4.33 11.54
CA TYR C 280 -67.24 -3.25 12.00
C TYR C 280 -68.17 -3.73 13.11
N PHE C 281 -68.57 -2.83 14.04
CA PHE C 281 -69.60 -3.16 15.03
C PHE C 281 -70.96 -2.90 14.40
N ALA C 282 -71.97 -3.75 14.65
CA ALA C 282 -73.27 -3.55 14.05
C ALA C 282 -74.35 -4.32 14.79
N ASN C 283 -75.62 -4.12 14.38
CA ASN C 283 -76.79 -4.79 14.89
C ASN C 283 -77.50 -5.42 13.70
N LYS C 284 -78.49 -6.30 13.96
CA LYS C 284 -79.15 -7.10 12.95
C LYS C 284 -79.73 -6.33 11.79
N GLU C 285 -80.39 -5.18 12.05
CA GLU C 285 -80.93 -4.30 11.04
C GLU C 285 -79.86 -3.64 10.16
N THR C 286 -78.73 -3.15 10.73
CA THR C 286 -77.69 -2.54 9.92
C THR C 286 -76.78 -3.53 9.24
N ASP C 287 -76.71 -4.80 9.73
CA ASP C 287 -75.98 -5.91 9.15
C ASP C 287 -76.44 -6.21 7.71
N LYS C 288 -77.70 -5.89 7.38
CA LYS C 288 -78.28 -6.05 6.07
C LYS C 288 -77.84 -4.95 5.08
N GLN C 289 -77.37 -3.81 5.61
CA GLN C 289 -77.10 -2.61 4.82
C GLN C 289 -75.64 -2.32 4.49
N ILE C 290 -74.68 -3.05 5.09
CA ILE C 290 -73.26 -2.90 4.80
C ILE C 290 -72.90 -3.44 3.40
N LEU C 291 -72.47 -2.53 2.50
CA LEU C 291 -72.19 -2.83 1.10
C LEU C 291 -71.07 -3.82 0.86
N GLN C 292 -71.17 -4.64 -0.20
CA GLN C 292 -70.21 -5.67 -0.57
C GLN C 292 -68.81 -5.15 -0.90
N ASN C 293 -68.73 -3.90 -1.40
CA ASN C 293 -67.48 -3.24 -1.71
C ASN C 293 -66.88 -2.50 -0.51
N ARG C 294 -67.47 -2.65 0.69
CA ARG C 294 -66.92 -2.11 1.93
C ARG C 294 -66.42 -3.24 2.83
N LYS C 295 -66.40 -4.49 2.31
CA LYS C 295 -66.02 -5.68 3.05
C LYS C 295 -64.64 -6.20 2.69
N SER C 296 -63.84 -6.52 3.72
CA SER C 296 -62.50 -7.09 3.67
C SER C 296 -62.59 -8.61 3.73
N PRO C 297 -61.54 -9.38 3.44
CA PRO C 297 -61.58 -10.84 3.57
C PRO C 297 -61.94 -11.32 4.97
N GLU C 298 -61.41 -10.66 6.03
CA GLU C 298 -61.78 -10.97 7.41
C GLU C 298 -63.27 -10.70 7.67
N TYR C 299 -63.83 -9.61 7.08
CA TYR C 299 -65.24 -9.33 7.18
C TYR C 299 -66.09 -10.42 6.53
N LEU C 300 -65.67 -10.96 5.37
CA LEU C 300 -66.35 -12.07 4.73
C LEU C 300 -66.30 -13.33 5.58
N LYS C 301 -65.13 -13.63 6.15
CA LYS C 301 -64.96 -14.78 7.03
C LYS C 301 -65.71 -14.72 8.36
N ALA C 302 -65.60 -13.61 9.12
CA ALA C 302 -66.14 -13.56 10.47
C ALA C 302 -67.34 -12.64 10.69
N GLY C 303 -67.77 -11.86 9.68
CA GLY C 303 -68.94 -10.98 9.78
C GLY C 303 -68.85 -9.83 10.76
N SER C 304 -69.97 -9.12 10.96
CA SER C 304 -70.06 -7.99 11.86
C SER C 304 -69.80 -8.35 13.30
N LEU C 305 -69.23 -7.42 14.09
CA LEU C 305 -68.96 -7.65 15.49
C LEU C 305 -70.23 -7.38 16.28
N LYS C 306 -70.57 -8.25 17.25
CA LYS C 306 -71.76 -8.08 18.06
C LYS C 306 -71.51 -7.26 19.31
N ASP C 307 -72.21 -6.12 19.43
CA ASP C 307 -72.19 -5.24 20.57
C ASP C 307 -73.61 -4.67 20.62
N PRO C 308 -74.31 -4.57 21.75
CA PRO C 308 -75.66 -4.07 21.77
C PRO C 308 -75.80 -2.57 21.53
N LEU C 309 -74.72 -1.76 21.49
CA LEU C 309 -74.88 -0.31 21.34
C LEU C 309 -74.01 0.30 20.25
N LEU C 310 -72.80 -0.24 19.97
CA LEU C 310 -72.00 0.30 18.87
C LEU C 310 -72.49 -0.15 17.50
N ASP C 311 -72.73 0.79 16.58
CA ASP C 311 -73.18 0.49 15.23
C ASP C 311 -72.34 1.34 14.30
N ASP C 312 -71.27 0.80 13.71
CA ASP C 312 -70.36 1.58 12.88
C ASP C 312 -70.98 2.02 11.55
N HIS C 313 -72.01 1.31 11.06
CA HIS C 313 -72.73 1.70 9.86
C HIS C 313 -73.80 2.73 10.16
N GLY C 314 -74.58 2.51 11.24
CA GLY C 314 -75.69 3.39 11.63
C GLY C 314 -75.31 4.62 12.39
N ASP C 315 -74.22 4.59 13.18
CA ASP C 315 -73.86 5.72 14.01
C ASP C 315 -73.14 6.75 13.15
N PHE C 316 -72.74 6.43 11.91
CA PHE C 316 -72.21 7.44 11.00
C PHE C 316 -73.34 8.33 10.52
N ILE C 317 -74.59 7.80 10.45
CA ILE C 317 -75.78 8.57 10.11
C ILE C 317 -76.13 9.47 11.29
N ARG C 318 -76.09 8.92 12.52
CA ARG C 318 -76.43 9.68 13.72
C ARG C 318 -75.32 10.62 14.18
N MET C 319 -74.10 10.49 13.60
CA MET C 319 -72.99 11.41 13.77
C MET C 319 -73.25 12.71 13.05
N CYS C 320 -73.75 12.65 11.81
CA CYS C 320 -74.00 13.85 11.04
C CYS C 320 -75.23 14.61 11.48
N THR C 321 -76.16 13.95 12.20
CA THR C 321 -77.28 14.65 12.83
C THR C 321 -76.73 15.48 13.98
N ALA C 322 -75.77 14.93 14.73
CA ALA C 322 -75.14 15.65 15.81
C ALA C 322 -74.19 16.75 15.31
N MET C 323 -73.68 16.65 14.06
CA MET C 323 -72.89 17.74 13.48
C MET C 323 -73.76 18.88 13.00
N LYS C 324 -75.06 18.63 12.76
CA LYS C 324 -76.02 19.66 12.44
C LYS C 324 -76.41 20.42 13.70
N LYS C 325 -76.52 19.70 14.82
CA LYS C 325 -76.82 20.25 16.11
C LYS C 325 -75.71 21.06 16.75
N ILE C 326 -74.45 20.59 16.73
CA ILE C 326 -73.39 21.25 17.47
C ILE C 326 -73.05 22.67 17.03
N GLY C 327 -72.77 22.91 15.74
CA GLY C 327 -72.49 24.25 15.24
C GLY C 327 -71.69 24.24 13.96
N LEU C 328 -71.81 23.17 13.14
CA LEU C 328 -71.04 23.02 11.92
C LEU C 328 -72.00 22.95 10.76
N ASP C 329 -71.65 23.58 9.62
CA ASP C 329 -72.43 23.53 8.40
C ASP C 329 -72.05 22.32 7.56
N ASP C 330 -72.77 22.06 6.45
CA ASP C 330 -72.55 20.89 5.62
C ASP C 330 -71.37 21.05 4.68
N GLU C 331 -71.03 22.29 4.26
CA GLU C 331 -69.83 22.51 3.48
C GLU C 331 -68.59 22.30 4.35
N GLU C 332 -68.58 22.81 5.61
CA GLU C 332 -67.46 22.57 6.52
C GLU C 332 -67.41 21.14 7.04
N LYS C 333 -68.57 20.44 7.14
CA LYS C 333 -68.63 19.02 7.46
C LYS C 333 -67.98 18.19 6.36
N LEU C 334 -68.14 18.59 5.09
CA LEU C 334 -67.49 17.91 3.98
C LEU C 334 -65.99 18.10 4.00
N ASP C 335 -65.51 19.27 4.48
CA ASP C 335 -64.09 19.53 4.66
C ASP C 335 -63.51 18.78 5.86
N LEU C 336 -64.34 18.31 6.80
CA LEU C 336 -63.92 17.47 7.92
C LEU C 336 -63.91 16.00 7.51
N PHE C 337 -64.29 15.69 6.26
CA PHE C 337 -64.23 14.35 5.72
C PHE C 337 -63.08 14.27 4.72
N ARG C 338 -62.65 15.39 4.11
CA ARG C 338 -61.52 15.37 3.18
C ARG C 338 -60.18 15.20 3.88
N VAL C 339 -60.04 15.73 5.12
CA VAL C 339 -58.81 15.59 5.90
C VAL C 339 -58.66 14.17 6.40
N VAL C 340 -59.75 13.54 6.88
CA VAL C 340 -59.72 12.16 7.36
C VAL C 340 -59.40 11.20 6.21
N ALA C 341 -59.99 11.39 5.02
CA ALA C 341 -59.69 10.51 3.90
C ALA C 341 -58.26 10.67 3.36
N GLY C 342 -57.61 11.82 3.58
CA GLY C 342 -56.20 12.01 3.25
C GLY C 342 -55.23 11.27 4.14
N VAL C 343 -55.63 10.91 5.37
CA VAL C 343 -54.80 10.15 6.29
C VAL C 343 -54.80 8.70 5.84
N LEU C 344 -55.97 8.21 5.38
CA LEU C 344 -56.08 6.86 4.89
C LEU C 344 -55.29 6.57 3.63
N HIS C 345 -55.14 7.52 2.69
CA HIS C 345 -54.36 7.22 1.50
C HIS C 345 -52.89 7.59 1.66
N LEU C 346 -52.48 8.00 2.88
CA LEU C 346 -51.08 8.19 3.23
C LEU C 346 -50.52 6.84 3.64
N GLY C 347 -51.40 6.03 4.26
CA GLY C 347 -51.13 4.69 4.76
C GLY C 347 -50.90 3.59 3.74
N ASN C 348 -50.06 3.83 2.73
CA ASN C 348 -49.68 2.81 1.76
C ASN C 348 -48.34 3.07 1.10
N ILE C 349 -47.72 4.27 1.22
CA ILE C 349 -46.46 4.57 0.54
C ILE C 349 -45.28 3.70 0.96
N ASP C 350 -44.55 3.08 0.00
CA ASP C 350 -43.36 2.29 0.26
C ASP C 350 -42.12 2.90 -0.39
N PHE C 351 -40.97 2.59 0.21
CA PHE C 351 -39.67 3.18 -0.08
C PHE C 351 -38.63 2.09 -0.25
N GLU C 352 -38.03 1.94 -1.44
CA GLU C 352 -37.02 0.90 -1.60
C GLU C 352 -35.64 1.52 -1.40
N GLU C 353 -34.57 0.77 -1.67
CA GLU C 353 -33.22 1.25 -1.59
C GLU C 353 -32.81 1.70 -2.98
N ALA C 354 -32.23 2.90 -3.12
CA ALA C 354 -31.78 3.45 -4.39
C ALA C 354 -30.81 2.53 -5.14
N GLY C 355 -30.60 2.78 -6.45
CA GLY C 355 -29.65 2.01 -7.27
C GLY C 355 -28.22 2.43 -7.06
N SER C 356 -27.87 2.80 -5.81
CA SER C 356 -26.58 3.30 -5.37
C SER C 356 -26.11 4.52 -6.12
N THR C 357 -27.06 5.39 -6.49
CA THR C 357 -26.85 6.68 -7.15
C THR C 357 -26.49 7.74 -6.14
N SER C 358 -25.26 7.70 -5.58
CA SER C 358 -24.80 8.59 -4.52
C SER C 358 -25.67 8.57 -3.27
N GLY C 359 -25.94 7.35 -2.75
CA GLY C 359 -26.78 7.06 -1.58
C GLY C 359 -28.27 7.36 -1.69
N GLY C 360 -29.01 7.13 -0.59
CA GLY C 360 -30.43 7.42 -0.49
C GLY C 360 -31.42 6.31 -0.77
N CYS C 361 -32.71 6.68 -0.67
CA CYS C 361 -33.88 5.84 -0.86
C CYS C 361 -34.75 6.43 -1.96
N ASN C 362 -35.59 5.61 -2.61
CA ASN C 362 -36.49 6.08 -3.66
C ASN C 362 -37.85 5.52 -3.33
N LEU C 363 -38.94 5.99 -3.97
CA LEU C 363 -40.25 5.37 -3.73
C LEU C 363 -40.38 4.11 -4.57
N LYS C 364 -41.28 3.20 -4.18
CA LYS C 364 -41.50 1.97 -4.94
C LYS C 364 -42.41 2.20 -6.15
N ASN C 365 -42.33 1.34 -7.18
CA ASN C 365 -43.16 1.44 -8.39
C ASN C 365 -44.64 1.21 -8.12
N LYS C 366 -44.98 0.46 -7.06
CA LYS C 366 -46.35 0.25 -6.64
C LYS C 366 -46.93 1.47 -5.93
N SER C 367 -46.07 2.44 -5.55
CA SER C 367 -46.43 3.64 -4.81
C SER C 367 -46.53 4.88 -5.66
N THR C 368 -46.73 4.76 -6.98
CA THR C 368 -46.76 5.91 -7.88
C THR C 368 -48.18 6.40 -7.98
N GLN C 369 -49.13 5.49 -8.22
CA GLN C 369 -50.55 5.84 -8.25
C GLN C 369 -51.06 6.05 -6.83
N ALA C 370 -50.36 5.51 -5.82
CA ALA C 370 -50.67 5.71 -4.42
C ALA C 370 -50.28 7.08 -3.88
N LEU C 371 -49.38 7.83 -4.56
CA LEU C 371 -48.96 9.15 -4.13
C LEU C 371 -49.86 10.20 -4.78
N GLU C 372 -50.29 9.92 -6.03
CA GLU C 372 -51.18 10.74 -6.80
C GLU C 372 -52.57 10.80 -6.19
N TYR C 373 -53.05 9.69 -5.60
CA TYR C 373 -54.35 9.64 -4.96
C TYR C 373 -54.33 10.15 -3.53
N CYS C 374 -53.15 10.57 -3.01
CA CYS C 374 -53.03 11.12 -1.68
C CYS C 374 -52.80 12.62 -1.71
N ALA C 375 -52.11 13.14 -2.73
CA ALA C 375 -51.71 14.54 -2.74
C ALA C 375 -52.83 15.54 -2.99
N GLU C 376 -53.95 15.14 -3.59
CA GLU C 376 -55.10 16.02 -3.75
C GLU C 376 -55.97 16.06 -2.49
N LEU C 377 -55.77 15.13 -1.55
CA LEU C 377 -56.49 15.11 -0.30
C LEU C 377 -55.77 15.94 0.75
N LEU C 378 -54.43 15.89 0.78
CA LEU C 378 -53.64 16.68 1.71
C LEU C 378 -53.22 18.02 1.12
N GLY C 379 -53.63 18.32 -0.13
CA GLY C 379 -53.32 19.57 -0.81
C GLY C 379 -51.85 19.78 -1.06
N LEU C 380 -51.18 18.84 -1.73
CA LEU C 380 -49.76 18.92 -1.98
C LEU C 380 -49.48 18.67 -3.45
N ASP C 381 -48.30 19.07 -3.94
CA ASP C 381 -47.89 18.83 -5.31
C ASP C 381 -47.17 17.48 -5.40
N GLN C 382 -47.50 16.64 -6.39
CA GLN C 382 -46.92 15.30 -6.47
C GLN C 382 -45.44 15.25 -6.85
N ASP C 383 -44.90 16.28 -7.50
CA ASP C 383 -43.50 16.33 -7.86
C ASP C 383 -42.69 16.94 -6.70
N ASP C 384 -43.27 17.87 -5.92
CA ASP C 384 -42.61 18.48 -4.77
C ASP C 384 -42.67 17.54 -3.56
N LEU C 385 -43.72 16.71 -3.43
CA LEU C 385 -43.86 15.78 -2.32
C LEU C 385 -42.92 14.60 -2.42
N ARG C 386 -42.55 14.13 -3.63
CA ARG C 386 -41.61 13.02 -3.75
C ARG C 386 -40.21 13.36 -3.23
N VAL C 387 -39.76 14.60 -3.43
CA VAL C 387 -38.53 15.12 -2.85
C VAL C 387 -38.61 15.23 -1.34
N SER C 388 -39.75 15.75 -0.87
CA SER C 388 -40.00 16.05 0.52
C SER C 388 -40.15 14.86 1.43
N LEU C 389 -40.52 13.69 0.87
CA LEU C 389 -40.60 12.46 1.62
C LEU C 389 -39.30 11.66 1.54
N THR C 390 -38.28 12.13 0.81
CA THR C 390 -37.03 11.39 0.67
C THR C 390 -35.79 12.16 1.07
N THR C 391 -35.83 13.50 1.16
CA THR C 391 -34.62 14.24 1.50
C THR C 391 -34.62 14.98 2.82
N ARG C 392 -33.41 15.32 3.31
CA ARG C 392 -33.19 16.17 4.45
C ARG C 392 -32.58 17.43 3.88
N VAL C 393 -33.43 18.47 3.82
CA VAL C 393 -33.15 19.81 3.37
C VAL C 393 -32.47 20.61 4.46
N MET C 394 -31.25 21.16 4.24
CA MET C 394 -30.76 22.11 5.23
C MET C 394 -29.99 23.18 4.49
N LEU C 395 -29.42 24.16 5.21
CA LEU C 395 -28.64 25.20 4.58
C LEU C 395 -27.23 25.29 5.09
N THR C 396 -26.33 25.91 4.31
CA THR C 396 -24.96 26.16 4.70
C THR C 396 -24.77 27.63 4.98
N THR C 397 -25.82 28.43 4.77
CA THR C 397 -25.84 29.88 4.98
C THR C 397 -25.75 30.25 6.44
N ALA C 398 -24.60 30.74 6.90
CA ALA C 398 -24.41 31.13 8.30
C ALA C 398 -23.23 32.07 8.54
N GLY C 399 -22.43 32.39 7.51
CA GLY C 399 -21.30 33.30 7.65
C GLY C 399 -20.79 33.74 6.30
N GLY C 400 -19.48 33.52 6.05
CA GLY C 400 -18.79 33.87 4.81
C GLY C 400 -19.21 33.08 3.60
N ALA C 401 -18.56 33.37 2.45
CA ALA C 401 -18.77 32.74 1.16
C ALA C 401 -20.21 32.69 0.64
N LYS C 402 -20.46 31.84 -0.37
CA LYS C 402 -21.75 31.67 -0.99
C LYS C 402 -22.57 30.59 -0.25
N GLY C 403 -23.67 31.02 0.40
CA GLY C 403 -24.56 30.16 1.16
C GLY C 403 -25.62 29.59 0.27
N THR C 404 -26.06 28.34 0.53
CA THR C 404 -27.06 27.69 -0.30
C THR C 404 -27.74 26.60 0.50
N VAL C 405 -28.77 25.98 -0.07
CA VAL C 405 -29.57 24.93 0.51
C VAL C 405 -29.17 23.59 -0.09
N ILE C 406 -28.54 22.66 0.66
CA ILE C 406 -28.22 21.36 0.07
C ILE C 406 -29.23 20.31 0.49
N LYS C 407 -29.25 19.17 -0.25
CA LYS C 407 -30.18 18.07 -0.06
C LYS C 407 -29.47 16.76 0.17
N VAL C 408 -29.67 16.17 1.37
CA VAL C 408 -29.06 14.90 1.74
C VAL C 408 -30.10 13.83 1.90
N PRO C 409 -30.27 12.82 1.06
CA PRO C 409 -31.33 11.84 1.27
C PRO C 409 -31.24 11.05 2.58
N LEU C 410 -32.40 10.57 3.05
CA LEU C 410 -32.55 9.78 4.27
C LEU C 410 -32.47 8.30 3.95
N LYS C 411 -32.24 7.46 4.98
CA LYS C 411 -32.20 6.02 4.81
C LYS C 411 -33.60 5.43 4.72
N VAL C 412 -33.76 4.19 4.23
CA VAL C 412 -35.05 3.52 4.12
C VAL C 412 -35.81 3.38 5.44
N GLU C 413 -35.14 2.96 6.54
CA GLU C 413 -35.82 2.87 7.81
C GLU C 413 -36.20 4.22 8.39
N GLN C 414 -35.44 5.27 8.04
CA GLN C 414 -35.73 6.64 8.44
C GLN C 414 -36.87 7.24 7.63
N ALA C 415 -37.22 6.64 6.48
CA ALA C 415 -38.30 7.10 5.63
C ALA C 415 -39.59 6.45 6.02
N ASN C 416 -39.54 5.21 6.55
CA ASN C 416 -40.70 4.54 7.08
C ASN C 416 -41.13 5.19 8.40
N ASN C 417 -40.17 5.64 9.24
CA ASN C 417 -40.52 6.30 10.48
C ASN C 417 -40.96 7.74 10.21
N ALA C 418 -40.49 8.37 9.12
CA ALA C 418 -40.89 9.72 8.78
C ALA C 418 -42.25 9.80 8.10
N ARG C 419 -42.64 8.77 7.32
CA ARG C 419 -43.91 8.76 6.63
C ARG C 419 -45.06 8.60 7.61
N ASP C 420 -44.87 7.78 8.65
CA ASP C 420 -45.87 7.64 9.68
C ASP C 420 -45.87 8.82 10.65
N ALA C 421 -44.80 9.64 10.69
CA ALA C 421 -44.76 10.79 11.58
C ALA C 421 -45.66 11.91 11.06
N LEU C 422 -45.93 11.94 9.74
CA LEU C 422 -46.87 12.89 9.18
C LEU C 422 -48.31 12.55 9.55
N ALA C 423 -48.66 11.26 9.64
CA ALA C 423 -50.01 10.84 10.02
C ALA C 423 -50.33 11.04 11.51
N LYS C 424 -49.30 11.12 12.37
CA LYS C 424 -49.47 11.37 13.79
C LYS C 424 -49.37 12.86 14.10
N THR C 425 -49.39 13.69 13.06
CA THR C 425 -49.26 15.13 13.18
C THR C 425 -50.51 15.73 12.59
N VAL C 426 -50.93 15.27 11.39
CA VAL C 426 -52.15 15.73 10.77
C VAL C 426 -53.39 15.32 11.55
N TYR C 427 -53.54 14.06 12.00
CA TYR C 427 -54.71 13.71 12.79
C TYR C 427 -54.65 14.33 14.19
N SER C 428 -53.44 14.63 14.70
CA SER C 428 -53.29 15.32 15.97
C SER C 428 -53.78 16.76 15.95
N HIS C 429 -53.57 17.51 14.85
CA HIS C 429 -54.13 18.86 14.77
C HIS C 429 -55.57 18.90 14.32
N LEU C 430 -56.11 17.81 13.72
CA LEU C 430 -57.50 17.76 13.35
C LEU C 430 -58.40 17.59 14.56
N PHE C 431 -57.97 16.77 15.54
CA PHE C 431 -58.73 16.58 16.76
C PHE C 431 -58.69 17.83 17.63
N ASP C 432 -57.62 18.63 17.53
CA ASP C 432 -57.51 19.90 18.20
C ASP C 432 -58.38 20.99 17.53
N HIS C 433 -58.77 20.79 16.24
CA HIS C 433 -59.63 21.72 15.54
C HIS C 433 -61.08 21.43 15.81
N VAL C 434 -61.46 20.16 16.04
CA VAL C 434 -62.83 19.81 16.39
C VAL C 434 -63.17 20.26 17.80
N VAL C 435 -62.28 20.04 18.79
CA VAL C 435 -62.50 20.48 20.14
C VAL C 435 -62.51 22.01 20.25
N ASN C 436 -61.60 22.74 19.58
CA ASN C 436 -61.65 24.20 19.58
C ASN C 436 -62.89 24.76 18.85
N ARG C 437 -63.40 24.07 17.81
CA ARG C 437 -64.65 24.46 17.18
C ARG C 437 -65.87 24.26 18.09
N VAL C 438 -65.88 23.17 18.89
CA VAL C 438 -66.94 22.88 19.86
C VAL C 438 -66.96 23.90 20.98
N ASN C 439 -65.79 24.38 21.42
CA ASN C 439 -65.71 25.39 22.47
C ASN C 439 -66.18 26.77 22.04
N GLN C 440 -66.35 26.99 20.73
CA GLN C 440 -66.87 28.24 20.21
C GLN C 440 -68.35 28.11 19.86
N CYS C 441 -68.97 26.93 20.10
CA CYS C 441 -70.40 26.74 19.87
C CYS C 441 -71.25 27.24 21.05
N PHE C 442 -70.67 27.32 22.24
CA PHE C 442 -71.31 27.81 23.45
C PHE C 442 -70.31 28.63 24.27
N PRO C 443 -69.67 29.65 23.70
CA PRO C 443 -68.58 30.40 24.35
C PRO C 443 -68.87 30.94 25.74
N PHE C 444 -67.83 31.02 26.61
CA PHE C 444 -67.97 31.54 27.95
C PHE C 444 -68.05 33.06 28.00
N GLU C 445 -68.66 33.61 29.07
CA GLU C 445 -68.77 35.05 29.27
C GLU C 445 -67.50 35.67 29.85
N THR C 446 -66.89 35.00 30.84
CA THR C 446 -65.67 35.40 31.53
C THR C 446 -65.10 34.20 32.29
N SER C 447 -63.96 34.35 33.00
CA SER C 447 -63.32 33.28 33.74
C SER C 447 -62.86 33.74 35.10
N SER C 448 -62.69 32.82 36.07
CA SER C 448 -62.24 33.11 37.42
C SER C 448 -61.93 31.82 38.15
N TYR C 449 -62.94 31.19 38.77
CA TYR C 449 -62.81 29.89 39.43
C TYR C 449 -63.40 28.85 38.48
N PHE C 450 -63.14 27.56 38.70
CA PHE C 450 -63.67 26.55 37.81
C PHE C 450 -63.86 25.23 38.52
N ILE C 451 -64.94 24.51 38.15
CA ILE C 451 -65.22 23.20 38.67
C ILE C 451 -65.34 22.31 37.45
N GLY C 452 -64.36 21.39 37.23
CA GLY C 452 -64.35 20.52 36.06
C GLY C 452 -64.44 19.07 36.41
N VAL C 453 -64.66 18.22 35.39
CA VAL C 453 -64.69 16.78 35.52
C VAL C 453 -63.61 16.17 34.65
N LEU C 454 -62.61 15.50 35.26
CA LEU C 454 -61.59 14.79 34.53
C LEU C 454 -61.98 13.33 34.41
N ASP C 455 -62.17 12.86 33.17
CA ASP C 455 -62.42 11.47 32.90
C ASP C 455 -61.31 11.04 31.95
N ILE C 456 -60.71 9.87 32.20
CA ILE C 456 -59.65 9.34 31.38
C ILE C 456 -59.66 7.85 31.57
N ALA C 457 -58.94 7.08 30.72
CA ALA C 457 -58.88 5.63 30.76
C ALA C 457 -58.30 5.11 32.07
N GLY C 458 -58.85 3.98 32.57
CA GLY C 458 -58.46 3.41 33.85
C GLY C 458 -57.15 2.68 33.78
N PHE C 459 -56.83 1.87 34.80
CA PHE C 459 -55.65 1.04 34.79
C PHE C 459 -55.89 -0.17 33.88
N GLU C 460 -55.77 0.02 32.56
CA GLU C 460 -55.99 -1.02 31.58
C GLU C 460 -54.76 -1.92 31.51
N TYR C 461 -54.96 -3.22 31.76
CA TYR C 461 -53.92 -4.24 31.70
C TYR C 461 -54.59 -5.46 31.11
N PHE C 462 -53.92 -6.14 30.17
CA PHE C 462 -54.51 -7.22 29.41
C PHE C 462 -53.63 -8.46 29.54
N GLU C 463 -53.83 -9.47 28.67
CA GLU C 463 -53.07 -10.71 28.67
C GLU C 463 -51.61 -10.45 28.30
N HIS C 464 -51.38 -9.56 27.33
CA HIS C 464 -50.07 -9.06 26.94
C HIS C 464 -50.16 -7.55 27.02
N ASN C 465 -49.10 -6.85 27.45
CA ASN C 465 -49.17 -5.39 27.59
C ASN C 465 -48.21 -4.68 26.64
N SER C 466 -48.77 -3.72 25.88
CA SER C 466 -48.12 -2.97 24.80
C SER C 466 -47.51 -1.65 25.22
N PHE C 467 -47.04 -0.87 24.22
CA PHE C 467 -46.51 0.48 24.38
C PHE C 467 -47.63 1.46 24.68
N GLU C 468 -48.86 1.15 24.22
CA GLU C 468 -50.04 1.94 24.57
C GLU C 468 -50.37 1.74 26.03
N GLN C 469 -50.15 0.53 26.57
CA GLN C 469 -50.44 0.28 27.96
C GLN C 469 -49.31 0.72 28.87
N PHE C 470 -48.09 0.97 28.36
CA PHE C 470 -47.05 1.49 29.23
C PHE C 470 -47.29 2.95 29.58
N CYS C 471 -47.86 3.77 28.67
CA CYS C 471 -48.16 5.15 29.00
C CYS C 471 -49.44 5.35 29.78
N ILE C 472 -50.40 4.39 29.75
CA ILE C 472 -51.60 4.45 30.55
C ILE C 472 -51.30 4.11 31.98
N ASN C 473 -50.53 3.03 32.22
CA ASN C 473 -50.22 2.61 33.58
C ASN C 473 -49.20 3.54 34.23
N TYR C 474 -48.37 4.25 33.44
CA TYR C 474 -47.55 5.32 34.00
C TYR C 474 -48.38 6.56 34.31
N CYS C 475 -49.45 6.82 33.51
CA CYS C 475 -50.34 7.93 33.79
C CYS C 475 -51.21 7.69 34.99
N ASN C 476 -51.67 6.45 35.20
CA ASN C 476 -52.44 6.13 36.38
C ASN C 476 -51.61 6.07 37.65
N GLU C 477 -50.29 5.84 37.57
CA GLU C 477 -49.40 5.88 38.72
C GLU C 477 -49.19 7.30 39.22
N LYS C 478 -49.09 8.29 38.31
CA LYS C 478 -48.98 9.68 38.71
C LYS C 478 -50.30 10.21 39.27
N LEU C 479 -51.45 9.76 38.74
CA LEU C 479 -52.74 10.14 39.28
C LEU C 479 -52.97 9.42 40.60
N GLN C 480 -52.32 8.27 40.81
CA GLN C 480 -52.29 7.59 42.08
C GLN C 480 -51.41 8.32 43.08
N GLN C 481 -50.34 8.99 42.64
CA GLN C 481 -49.49 9.79 43.50
C GLN C 481 -50.28 10.97 44.06
N PHE C 482 -50.97 11.74 43.21
CA PHE C 482 -51.80 12.85 43.68
C PHE C 482 -53.05 12.39 44.43
N PHE C 483 -53.56 11.16 44.20
CA PHE C 483 -54.71 10.63 44.91
C PHE C 483 -54.44 10.40 46.38
N ASN C 484 -53.35 9.70 46.73
CA ASN C 484 -52.98 9.43 48.11
C ASN C 484 -52.49 10.68 48.82
N GLU C 485 -52.03 11.69 48.05
CA GLU C 485 -51.59 12.96 48.57
C GLU C 485 -52.77 13.76 49.08
N ARG C 486 -53.94 13.64 48.42
CA ARG C 486 -55.15 14.30 48.87
C ARG C 486 -55.85 13.57 50.01
N ILE C 487 -55.72 12.25 50.12
CA ILE C 487 -56.35 11.48 51.18
C ILE C 487 -55.67 11.73 52.50
N LEU C 488 -54.33 11.74 52.54
CA LEU C 488 -53.61 12.05 53.77
C LEU C 488 -53.83 13.48 54.20
N LYS C 489 -53.90 14.44 53.24
CA LYS C 489 -54.15 15.81 53.60
C LYS C 489 -55.54 16.06 54.15
N GLU C 490 -56.57 15.32 53.69
CA GLU C 490 -57.88 15.43 54.30
C GLU C 490 -57.92 14.93 55.73
N GLU C 491 -57.22 13.83 56.06
CA GLU C 491 -57.17 13.35 57.43
C GLU C 491 -56.37 14.27 58.35
N GLN C 492 -55.35 14.96 57.79
CA GLN C 492 -54.54 15.92 58.51
C GLN C 492 -55.26 17.23 58.77
N GLU C 493 -56.26 17.57 57.95
CA GLU C 493 -57.05 18.77 58.16
C GLU C 493 -58.38 18.43 58.83
N LEU C 494 -58.62 17.18 59.27
CA LEU C 494 -59.85 16.87 59.97
C LEU C 494 -59.66 16.48 61.43
N TYR C 495 -58.64 15.67 61.78
CA TYR C 495 -58.48 15.26 63.17
C TYR C 495 -57.95 16.33 64.10
N GLN C 496 -57.23 17.33 63.55
CA GLN C 496 -56.76 18.46 64.31
C GLN C 496 -57.72 19.65 64.19
N LYS C 497 -58.77 19.54 63.34
CA LYS C 497 -59.76 20.58 63.13
C LYS C 497 -61.09 20.27 63.81
N GLU C 498 -61.40 18.98 64.05
CA GLU C 498 -62.55 18.56 64.83
C GLU C 498 -62.08 18.10 66.20
N GLY C 499 -60.77 18.26 66.47
CA GLY C 499 -60.14 17.99 67.77
C GLY C 499 -60.20 16.59 68.33
N LEU C 500 -59.65 15.61 67.62
CA LEU C 500 -59.59 14.23 68.08
C LEU C 500 -58.15 13.76 68.20
N GLY C 501 -57.26 14.64 68.68
CA GLY C 501 -55.85 14.35 68.90
C GLY C 501 -54.98 14.46 67.68
N VAL C 502 -53.68 14.15 67.85
CA VAL C 502 -52.66 14.20 66.82
C VAL C 502 -52.15 12.79 66.54
N ASN C 503 -51.86 12.48 65.27
CA ASN C 503 -51.42 11.18 64.84
C ASN C 503 -50.59 11.28 63.57
N GLU C 504 -49.97 10.15 63.17
CA GLU C 504 -49.09 10.08 62.04
C GLU C 504 -49.27 8.70 61.39
N VAL C 505 -48.68 8.49 60.21
CA VAL C 505 -48.80 7.23 59.50
C VAL C 505 -47.62 7.14 58.54
N HIS C 506 -47.19 5.91 58.19
CA HIS C 506 -46.17 5.70 57.20
C HIS C 506 -46.81 5.90 55.84
N TYR C 507 -46.51 7.03 55.17
CA TYR C 507 -47.12 7.38 53.89
C TYR C 507 -46.82 6.35 52.79
N VAL C 508 -47.81 6.09 51.92
CA VAL C 508 -47.70 5.19 50.79
C VAL C 508 -46.90 5.80 49.64
N ASP C 509 -45.57 5.84 49.85
CA ASP C 509 -44.61 6.35 48.92
C ASP C 509 -44.58 5.52 47.62
N ASN C 510 -44.51 6.17 46.47
CA ASN C 510 -44.37 5.51 45.18
C ASN C 510 -43.26 6.19 44.42
N GLN C 511 -42.43 6.97 45.12
CA GLN C 511 -41.34 7.71 44.53
C GLN C 511 -40.27 6.79 43.98
N ASP C 512 -40.05 5.62 44.61
CA ASP C 512 -39.15 4.62 44.06
C ASP C 512 -39.69 3.99 42.77
N CYS C 513 -41.03 3.93 42.60
CA CYS C 513 -41.66 3.47 41.37
C CYS C 513 -41.66 4.53 40.28
N ILE C 514 -41.76 5.81 40.68
CA ILE C 514 -41.75 6.95 39.77
C ILE C 514 -40.37 7.14 39.23
N ASP C 515 -39.34 7.23 40.10
CA ASP C 515 -37.95 7.33 39.67
C ASP C 515 -37.54 6.17 38.76
N LEU C 516 -38.00 4.93 39.03
CA LEU C 516 -37.78 3.79 38.16
C LEU C 516 -38.31 4.01 36.75
N ILE C 517 -39.57 4.46 36.63
CA ILE C 517 -40.18 4.71 35.33
C ILE C 517 -39.65 5.95 34.61
N GLU C 518 -39.57 7.13 35.28
CA GLU C 518 -39.20 8.37 34.60
C GLU C 518 -37.95 9.13 35.03
N ALA C 519 -37.07 8.66 35.95
CA ALA C 519 -35.93 9.47 36.36
C ALA C 519 -34.97 9.88 35.24
N ARG C 520 -34.44 11.11 35.29
CA ARG C 520 -33.51 11.61 34.30
C ARG C 520 -32.23 10.79 34.24
N LEU C 521 -31.83 10.33 33.04
CA LEU C 521 -30.63 9.58 32.75
C LEU C 521 -30.71 8.10 33.13
N VAL C 522 -31.25 7.76 34.31
CA VAL C 522 -31.32 6.37 34.75
C VAL C 522 -32.69 5.71 34.62
N GLY C 523 -33.78 6.47 34.44
CA GLY C 523 -35.14 5.94 34.30
C GLY C 523 -35.40 5.13 33.05
N ILE C 524 -36.51 4.37 33.03
CA ILE C 524 -36.80 3.53 31.87
C ILE C 524 -37.27 4.36 30.70
N LEU C 525 -38.15 5.37 30.90
CA LEU C 525 -38.54 6.23 29.80
C LEU C 525 -37.41 7.14 29.32
N ASP C 526 -36.44 7.46 30.19
CA ASP C 526 -35.27 8.24 29.84
C ASP C 526 -34.31 7.45 28.96
N ILE C 527 -34.24 6.11 29.10
CA ILE C 527 -33.37 5.30 28.27
C ILE C 527 -34.00 5.18 26.89
N LEU C 528 -35.33 5.09 26.82
CA LEU C 528 -36.07 4.99 25.57
C LEU C 528 -35.99 6.19 24.63
N ASP C 529 -36.00 7.44 25.13
CA ASP C 529 -35.91 8.60 24.24
C ASP C 529 -34.46 8.80 23.78
N GLU C 530 -33.51 8.26 24.55
CA GLU C 530 -32.10 8.24 24.21
C GLU C 530 -31.80 7.14 23.20
N GLU C 531 -32.53 6.01 23.26
CA GLU C 531 -32.33 4.86 22.39
C GLU C 531 -32.66 5.13 20.92
N ASN C 532 -33.60 6.05 20.67
CA ASN C 532 -33.97 6.52 19.34
C ASN C 532 -32.81 7.28 18.66
N ARG C 533 -31.97 7.97 19.46
CA ARG C 533 -30.87 8.76 18.94
C ARG C 533 -29.70 7.95 18.39
N LEU C 534 -29.55 6.68 18.82
CA LEU C 534 -28.47 5.80 18.39
C LEU C 534 -28.41 5.54 16.86
N PRO C 535 -27.24 5.29 16.25
CA PRO C 535 -27.10 5.01 14.82
C PRO C 535 -28.01 3.96 14.23
N GLN C 536 -28.23 2.81 14.90
CA GLN C 536 -29.13 1.79 14.38
C GLN C 536 -30.05 1.30 15.49
N PRO C 537 -31.32 1.69 15.59
CA PRO C 537 -32.22 1.22 16.64
C PRO C 537 -32.39 -0.29 16.71
N SER C 538 -32.61 -0.84 17.92
CA SER C 538 -32.83 -2.24 18.18
C SER C 538 -33.77 -2.29 19.37
N ASP C 539 -34.45 -3.43 19.61
CA ASP C 539 -35.35 -3.56 20.74
C ASP C 539 -34.71 -4.50 21.76
N GLN C 540 -33.79 -5.38 21.32
CA GLN C 540 -33.02 -6.24 22.23
C GLN C 540 -31.93 -5.47 22.95
N HIS C 541 -31.34 -4.44 22.31
CA HIS C 541 -30.28 -3.62 22.90
C HIS C 541 -30.84 -2.65 23.91
N PHE C 542 -32.13 -2.28 23.76
CA PHE C 542 -32.88 -1.46 24.69
C PHE C 542 -33.18 -2.24 25.98
N THR C 543 -33.49 -3.54 25.86
CA THR C 543 -33.88 -4.33 27.01
C THR C 543 -32.74 -4.66 27.94
N SER C 544 -31.55 -4.97 27.41
CA SER C 544 -30.41 -5.26 28.28
C SER C 544 -29.93 -4.02 29.01
N ALA C 545 -30.19 -2.83 28.44
CA ALA C 545 -29.86 -1.56 29.05
C ALA C 545 -30.77 -1.20 30.21
N VAL C 546 -32.00 -1.76 30.26
CA VAL C 546 -32.92 -1.49 31.35
C VAL C 546 -32.43 -2.15 32.61
N HIS C 547 -32.00 -3.43 32.55
CA HIS C 547 -31.46 -4.04 33.76
C HIS C 547 -29.97 -3.76 33.93
N GLN C 548 -29.37 -2.97 33.00
CA GLN C 548 -28.04 -2.42 33.18
C GLN C 548 -28.10 -1.30 34.18
N LYS C 549 -28.97 -0.30 33.93
CA LYS C 549 -29.07 0.86 34.80
C LYS C 549 -29.94 0.60 36.00
N HIS C 550 -30.97 -0.27 35.89
CA HIS C 550 -31.78 -0.67 37.03
C HIS C 550 -31.40 -2.06 37.47
N LYS C 551 -30.22 -2.12 38.10
CA LYS C 551 -29.66 -3.32 38.68
C LYS C 551 -30.05 -3.39 40.15
N ASP C 552 -30.62 -2.29 40.65
CA ASP C 552 -31.22 -2.14 41.95
C ASP C 552 -32.68 -1.83 41.68
N HIS C 553 -33.45 -1.42 42.71
CA HIS C 553 -34.88 -1.16 42.70
C HIS C 553 -35.71 -2.42 42.72
N PHE C 554 -36.38 -2.66 43.86
CA PHE C 554 -37.21 -3.82 44.11
C PHE C 554 -38.35 -3.97 43.11
N ARG C 555 -39.04 -2.87 42.73
CA ARG C 555 -40.17 -2.92 41.82
C ARG C 555 -39.86 -3.18 40.35
N LEU C 556 -38.81 -3.96 40.05
CA LEU C 556 -38.42 -4.33 38.71
C LEU C 556 -37.66 -5.63 38.79
N SER C 557 -38.05 -6.64 37.99
CA SER C 557 -37.39 -7.93 37.95
C SER C 557 -37.33 -8.43 36.53
N ILE C 558 -36.65 -9.57 36.27
CA ILE C 558 -36.57 -10.21 34.97
C ILE C 558 -37.90 -10.88 34.58
N PRO C 559 -38.33 -10.99 33.31
CA PRO C 559 -39.63 -11.54 32.96
C PRO C 559 -39.83 -13.00 33.35
N ARG C 560 -38.78 -13.83 33.34
CA ARG C 560 -38.89 -15.24 33.67
C ARG C 560 -39.14 -15.50 35.15
N LYS C 561 -38.92 -14.50 36.02
CA LYS C 561 -39.16 -14.59 37.45
C LYS C 561 -40.65 -14.55 37.79
N SER C 562 -41.50 -14.05 36.87
CA SER C 562 -42.96 -13.91 36.98
C SER C 562 -43.75 -14.79 37.96
N LYS C 563 -44.55 -14.14 38.82
CA LYS C 563 -45.48 -14.76 39.76
C LYS C 563 -46.54 -15.56 39.03
N LEU C 564 -47.08 -15.02 37.91
CA LEU C 564 -47.99 -15.73 37.07
C LEU C 564 -47.25 -16.50 35.99
N ALA C 565 -47.63 -17.77 35.76
CA ALA C 565 -46.97 -18.68 34.85
C ALA C 565 -46.87 -18.23 33.40
N ILE C 566 -47.92 -17.58 32.87
CA ILE C 566 -48.04 -17.13 31.49
C ILE C 566 -46.86 -16.34 30.93
N HIS C 567 -46.23 -15.48 31.76
CA HIS C 567 -45.12 -14.67 31.30
C HIS C 567 -43.76 -15.30 31.53
N ARG C 568 -43.69 -16.61 31.87
CA ARG C 568 -42.41 -17.28 32.01
C ARG C 568 -41.92 -17.86 30.70
N ASN C 569 -42.64 -17.62 29.59
CA ASN C 569 -42.21 -18.04 28.26
C ASN C 569 -41.49 -16.91 27.54
N ILE C 570 -41.29 -15.77 28.22
CA ILE C 570 -40.56 -14.62 27.70
C ILE C 570 -39.09 -14.78 28.08
N ARG C 571 -38.12 -14.37 27.22
CA ARG C 571 -36.69 -14.47 27.54
C ARG C 571 -36.13 -13.13 27.99
N ASP C 572 -34.95 -13.12 28.64
CA ASP C 572 -34.36 -11.99 29.35
C ASP C 572 -34.31 -10.66 28.61
N ASP C 573 -33.92 -10.65 27.34
CA ASP C 573 -33.84 -9.43 26.56
C ASP C 573 -35.14 -9.18 25.79
N GLU C 574 -36.28 -9.76 26.24
CA GLU C 574 -37.56 -9.62 25.57
C GLU C 574 -38.67 -9.02 26.44
N GLY C 575 -38.40 -8.65 27.71
CA GLY C 575 -39.45 -8.04 28.53
C GLY C 575 -39.02 -7.69 29.93
N PHE C 576 -39.93 -7.12 30.73
CA PHE C 576 -39.66 -6.78 32.12
C PHE C 576 -40.96 -6.72 32.91
N ILE C 577 -40.87 -6.86 34.25
CA ILE C 577 -42.02 -6.81 35.15
C ILE C 577 -41.84 -5.64 36.10
N ILE C 578 -42.80 -4.71 36.12
CA ILE C 578 -42.81 -3.50 36.92
C ILE C 578 -43.98 -3.53 37.89
N ARG C 579 -43.71 -3.50 39.22
CA ARG C 579 -44.81 -3.46 40.16
C ARG C 579 -45.34 -2.04 40.30
N HIS C 580 -46.66 -1.86 40.14
CA HIS C 580 -47.35 -0.61 40.24
C HIS C 580 -48.36 -0.72 41.37
N PHE C 581 -49.16 0.33 41.62
CA PHE C 581 -50.22 0.35 42.64
C PHE C 581 -51.33 -0.69 42.44
N ALA C 582 -51.40 -1.31 41.26
CA ALA C 582 -52.35 -2.33 40.90
C ALA C 582 -51.70 -3.71 40.89
N GLY C 583 -50.41 -3.80 41.26
CA GLY C 583 -49.67 -5.05 41.30
C GLY C 583 -48.62 -5.13 40.24
N ALA C 584 -48.15 -6.35 39.96
CA ALA C 584 -47.08 -6.64 39.04
C ALA C 584 -47.56 -6.85 37.62
N VAL C 585 -47.26 -5.91 36.71
CA VAL C 585 -47.70 -5.97 35.33
C VAL C 585 -46.48 -6.14 34.47
N CYS C 586 -46.41 -7.21 33.67
CA CYS C 586 -45.29 -7.47 32.79
C CYS C 586 -45.54 -6.79 31.46
N TYR C 587 -44.47 -6.37 30.77
CA TYR C 587 -44.60 -5.84 29.43
C TYR C 587 -43.55 -6.54 28.61
N GLU C 588 -43.86 -6.92 27.35
CA GLU C 588 -42.83 -7.46 26.49
C GLU C 588 -42.19 -6.29 25.75
N THR C 589 -40.94 -6.41 25.28
CA THR C 589 -40.26 -5.30 24.62
C THR C 589 -40.18 -5.47 23.13
N THR C 590 -40.78 -6.53 22.56
CA THR C 590 -40.82 -6.70 21.11
C THR C 590 -41.61 -5.57 20.45
N GLN C 591 -40.99 -4.87 19.47
CA GLN C 591 -41.54 -3.72 18.77
C GLN C 591 -41.78 -2.47 19.63
N PHE C 592 -41.27 -2.46 20.89
CA PHE C 592 -41.41 -1.35 21.83
C PHE C 592 -40.72 -0.07 21.37
N VAL C 593 -39.48 -0.17 20.85
CA VAL C 593 -38.74 0.96 20.35
C VAL C 593 -39.31 1.42 19.01
N GLU C 594 -39.74 0.44 18.19
CA GLU C 594 -40.29 0.71 16.87
C GLU C 594 -41.56 1.55 16.92
N LYS C 595 -42.44 1.35 17.92
CA LYS C 595 -43.61 2.18 18.13
C LYS C 595 -43.29 3.58 18.66
N ASN C 596 -42.15 3.79 19.32
CA ASN C 596 -41.82 5.07 19.92
C ASN C 596 -41.16 6.07 18.96
N ASN C 597 -40.32 5.58 18.05
CA ASN C 597 -39.47 6.40 17.19
C ASN C 597 -40.13 7.24 16.10
N ASP C 598 -40.68 8.41 16.46
CA ASP C 598 -41.20 9.37 15.52
C ASP C 598 -40.17 10.44 15.22
N ALA C 599 -40.24 11.03 14.02
CA ALA C 599 -39.30 12.04 13.60
C ALA C 599 -39.82 12.78 12.36
N LEU C 600 -40.41 13.98 12.53
CA LEU C 600 -40.91 14.77 11.42
C LEU C 600 -39.92 15.87 11.06
N HIS C 601 -38.99 15.54 10.14
CA HIS C 601 -37.92 16.40 9.67
C HIS C 601 -38.36 17.66 8.93
N MET C 602 -37.45 18.65 8.88
CA MET C 602 -37.60 19.97 8.28
C MET C 602 -38.31 20.02 6.94
N SER C 603 -37.86 19.19 5.99
CA SER C 603 -38.38 19.05 4.62
C SER C 603 -39.82 18.63 4.48
N LEU C 604 -40.47 18.21 5.56
CA LEU C 604 -41.79 17.63 5.51
C LEU C 604 -42.68 18.35 6.50
N GLU C 605 -42.12 18.83 7.64
CA GLU C 605 -42.89 19.69 8.53
C GLU C 605 -43.14 21.05 7.85
N SER C 606 -42.16 21.54 7.06
CA SER C 606 -42.31 22.76 6.27
C SER C 606 -42.78 22.49 4.85
N LEU C 607 -43.71 21.54 4.70
CA LEU C 607 -44.38 21.27 3.44
C LEU C 607 -45.87 21.15 3.72
N ILE C 608 -46.24 20.50 4.84
CA ILE C 608 -47.63 20.34 5.24
C ILE C 608 -48.19 21.62 5.82
N CYS C 609 -47.32 22.51 6.30
CA CYS C 609 -47.71 23.83 6.74
C CYS C 609 -47.97 24.75 5.55
N GLU C 610 -47.39 24.46 4.38
CA GLU C 610 -47.57 25.24 3.16
C GLU C 610 -48.56 24.55 2.20
N SER C 611 -49.54 23.78 2.72
CA SER C 611 -50.55 23.05 1.94
C SER C 611 -51.38 23.92 0.97
N ARG C 612 -51.73 23.37 -0.20
CA ARG C 612 -52.44 24.01 -1.28
C ARG C 612 -53.96 23.90 -1.21
N ASP C 613 -54.54 24.04 -0.02
CA ASP C 613 -55.97 24.06 0.20
C ASP C 613 -56.09 24.99 1.40
N LYS C 614 -57.20 25.71 1.58
CA LYS C 614 -57.24 26.79 2.55
C LYS C 614 -57.77 26.40 3.92
N PHE C 615 -58.74 25.47 4.01
CA PHE C 615 -59.24 25.00 5.29
C PHE C 615 -58.18 24.22 6.04
N ILE C 616 -57.28 23.55 5.28
CA ILE C 616 -56.15 22.78 5.74
C ILE C 616 -55.03 23.62 6.33
N ARG C 617 -54.68 24.79 5.74
CA ARG C 617 -53.60 25.61 6.28
C ARG C 617 -53.92 26.25 7.63
N GLU C 618 -55.20 26.47 7.95
CA GLU C 618 -55.63 26.97 9.24
C GLU C 618 -55.50 25.93 10.35
N LEU C 619 -55.52 24.63 10.01
CA LEU C 619 -55.47 23.55 10.98
C LEU C 619 -54.13 23.42 11.67
N PHE C 620 -53.02 23.74 10.98
CA PHE C 620 -51.69 23.57 11.56
C PHE C 620 -51.12 24.90 12.01
N GLU C 621 -51.99 25.82 12.44
CA GLU C 621 -51.70 27.13 13.00
C GLU C 621 -50.85 28.05 12.07
N SER C 622 -50.57 29.34 12.36
CA SER C 622 -50.90 30.16 13.51
C SER C 622 -52.38 30.33 13.77
N SER C 623 -52.74 30.29 15.06
CA SER C 623 -54.09 30.38 15.57
C SER C 623 -54.62 31.80 15.64
N THR C 624 -55.96 31.96 15.76
CA THR C 624 -56.65 33.25 15.88
C THR C 624 -56.23 34.02 17.12
N ASN C 625 -56.10 33.30 18.24
CA ASN C 625 -55.67 33.80 19.52
C ASN C 625 -54.47 32.96 19.95
N ASN C 626 -53.47 33.59 20.59
CA ASN C 626 -52.23 32.98 21.07
C ASN C 626 -51.34 32.44 19.97
N ASN C 627 -51.15 33.19 18.86
CA ASN C 627 -50.32 32.79 17.73
C ASN C 627 -48.84 32.54 18.06
N LYS C 628 -48.35 31.34 17.69
CA LYS C 628 -46.98 30.94 17.91
C LYS C 628 -45.98 31.53 16.91
N ASP C 629 -46.34 31.54 15.61
CA ASP C 629 -45.54 32.06 14.51
C ASP C 629 -44.12 31.47 14.39
N THR C 630 -43.98 30.14 14.28
CA THR C 630 -42.67 29.48 14.15
C THR C 630 -42.12 29.58 12.73
N LYS C 631 -40.99 30.29 12.56
CA LYS C 631 -40.31 30.46 11.29
C LYS C 631 -39.52 29.22 10.87
N GLN C 632 -39.41 29.02 9.54
CA GLN C 632 -38.65 27.92 8.97
C GLN C 632 -37.13 28.16 8.99
N LYS C 633 -36.66 29.43 8.85
CA LYS C 633 -35.25 29.73 8.91
C LYS C 633 -34.72 29.74 10.34
N ALA C 634 -34.25 28.56 10.79
CA ALA C 634 -33.70 28.31 12.09
C ALA C 634 -32.93 27.00 12.01
N GLY C 635 -32.05 26.70 12.98
CA GLY C 635 -31.28 25.47 12.92
C GLY C 635 -30.55 25.22 14.21
N LYS C 636 -30.34 23.96 14.60
CA LYS C 636 -31.19 23.19 15.51
C LYS C 636 -32.65 22.90 15.10
N LEU C 637 -33.29 21.78 15.52
CA LEU C 637 -32.85 20.68 16.38
C LEU C 637 -32.97 19.34 15.64
N SER C 638 -33.60 19.32 14.46
CA SER C 638 -33.81 18.16 13.60
C SER C 638 -34.92 17.19 14.02
N PHE C 639 -34.59 16.03 14.63
CA PHE C 639 -35.55 14.98 14.97
C PHE C 639 -36.58 15.35 16.04
N ILE C 640 -36.13 16.00 17.14
CA ILE C 640 -36.92 16.49 18.28
C ILE C 640 -37.40 15.36 19.19
N SER C 641 -37.42 15.54 20.54
CA SER C 641 -37.81 14.49 21.47
C SER C 641 -39.26 14.03 21.33
N VAL C 642 -39.51 12.70 21.43
CA VAL C 642 -40.81 12.11 21.17
C VAL C 642 -41.25 11.16 22.28
N GLY C 643 -40.29 10.55 23.01
CA GLY C 643 -40.55 9.72 24.19
C GLY C 643 -40.71 10.56 25.43
N ASN C 644 -40.67 11.88 25.24
CA ASN C 644 -40.69 12.93 26.23
C ASN C 644 -42.05 13.59 26.15
N LYS C 645 -42.70 13.61 24.97
CA LYS C 645 -43.96 14.30 24.79
C LYS C 645 -45.10 13.65 25.55
N PHE C 646 -45.05 12.32 25.80
CA PHE C 646 -46.08 11.70 26.60
C PHE C 646 -45.97 12.02 28.09
N LYS C 647 -44.77 12.34 28.61
CA LYS C 647 -44.61 12.67 30.01
C LYS C 647 -44.77 14.17 30.24
N THR C 648 -44.22 14.99 29.32
CA THR C 648 -44.28 16.44 29.39
C THR C 648 -45.69 16.95 29.26
N GLN C 649 -46.50 16.39 28.33
CA GLN C 649 -47.89 16.80 28.21
C GLN C 649 -48.71 16.37 29.42
N LEU C 650 -48.36 15.25 30.09
CA LEU C 650 -49.02 14.88 31.33
C LEU C 650 -48.65 15.78 32.51
N ASN C 651 -47.42 16.34 32.53
CA ASN C 651 -46.99 17.30 33.55
C ASN C 651 -47.70 18.64 33.45
N LEU C 652 -48.31 18.97 32.30
CA LEU C 652 -49.07 20.20 32.13
C LEU C 652 -50.44 20.09 32.78
N LEU C 653 -50.85 18.86 33.17
CA LEU C 653 -52.11 18.60 33.80
C LEU C 653 -51.91 18.28 35.26
N LEU C 654 -50.81 17.58 35.64
CA LEU C 654 -50.57 17.24 37.03
C LEU C 654 -50.29 18.44 37.88
N ASP C 655 -49.54 19.44 37.37
CA ASP C 655 -49.38 20.67 38.11
C ASP C 655 -50.61 21.57 38.04
N LYS C 656 -51.51 21.40 37.05
CA LYS C 656 -52.75 22.16 37.08
C LYS C 656 -53.73 21.61 38.11
N LEU C 657 -53.70 20.27 38.32
CA LEU C 657 -54.41 19.55 39.35
C LEU C 657 -53.86 19.80 40.74
N ARG C 658 -52.55 20.09 40.88
CA ARG C 658 -51.94 20.29 42.16
C ARG C 658 -52.39 21.60 42.79
N SER C 659 -52.80 22.60 41.99
CA SER C 659 -53.32 23.86 42.50
C SER C 659 -54.80 23.81 42.83
N THR C 660 -55.55 22.76 42.42
CA THR C 660 -56.98 22.65 42.66
C THR C 660 -57.34 21.63 43.71
N GLY C 661 -58.60 21.62 44.17
CA GLY C 661 -59.12 20.59 45.06
C GLY C 661 -59.44 19.34 44.27
N ALA C 662 -59.98 18.29 44.93
CA ALA C 662 -60.31 17.06 44.24
C ALA C 662 -61.54 16.33 44.82
N SER C 663 -62.29 15.66 43.91
CA SER C 663 -63.55 14.95 44.15
C SER C 663 -63.59 13.61 43.42
N PHE C 664 -62.92 12.58 43.97
CA PHE C 664 -62.69 11.26 43.39
C PHE C 664 -63.91 10.32 43.32
N ILE C 665 -64.45 10.06 42.11
CA ILE C 665 -65.60 9.19 41.88
C ILE C 665 -65.14 7.94 41.14
N ARG C 666 -65.03 6.81 41.88
CA ARG C 666 -64.55 5.54 41.36
C ARG C 666 -65.75 4.77 40.82
N CYS C 667 -65.69 4.27 39.56
CA CYS C 667 -66.83 3.55 39.00
C CYS C 667 -66.56 2.05 38.87
N ILE C 668 -67.39 1.21 39.52
CA ILE C 668 -67.30 -0.25 39.51
C ILE C 668 -68.27 -0.92 38.54
N LYS C 669 -67.77 -1.79 37.65
CA LYS C 669 -68.58 -2.56 36.72
C LYS C 669 -69.04 -3.84 37.44
N PRO C 670 -70.31 -4.17 37.69
CA PRO C 670 -70.67 -5.35 38.49
C PRO C 670 -70.69 -6.66 37.74
N ASN C 671 -70.74 -6.69 36.41
CA ASN C 671 -70.83 -7.93 35.68
C ASN C 671 -70.23 -7.76 34.29
N LEU C 672 -69.99 -8.87 33.57
CA LEU C 672 -69.27 -8.84 32.31
C LEU C 672 -70.10 -8.37 31.11
N LYS C 673 -71.38 -8.77 31.04
CA LYS C 673 -72.24 -8.54 29.89
C LYS C 673 -73.01 -7.23 29.89
N MET C 674 -73.01 -6.49 31.00
CA MET C 674 -73.74 -5.24 31.20
C MET C 674 -75.24 -5.50 31.25
N THR C 675 -75.61 -6.56 32.00
CA THR C 675 -76.98 -7.04 32.18
C THR C 675 -77.50 -6.70 33.55
N SER C 676 -78.83 -6.53 33.65
CA SER C 676 -79.48 -6.14 34.89
C SER C 676 -79.49 -7.23 35.95
N HIS C 677 -79.51 -6.85 37.25
CA HIS C 677 -79.58 -7.70 38.43
C HIS C 677 -78.38 -8.61 38.69
N HIS C 678 -77.60 -8.93 37.66
CA HIS C 678 -76.37 -9.71 37.72
C HIS C 678 -75.29 -9.08 38.57
N PHE C 679 -74.53 -9.93 39.27
CA PHE C 679 -73.43 -9.57 40.14
C PHE C 679 -72.36 -10.63 39.96
N GLU C 680 -71.09 -10.24 39.83
CA GLU C 680 -70.01 -11.18 39.70
C GLU C 680 -68.93 -10.86 40.73
N GLY C 681 -68.69 -11.79 41.69
CA GLY C 681 -67.62 -11.62 42.68
C GLY C 681 -66.32 -12.15 42.13
N ALA C 682 -66.35 -12.52 40.84
CA ALA C 682 -65.23 -12.89 40.01
C ALA C 682 -64.87 -11.74 39.07
N GLN C 683 -65.62 -10.61 39.13
CA GLN C 683 -65.34 -9.45 38.30
C GLN C 683 -65.18 -8.18 39.13
N ILE C 684 -65.90 -8.08 40.26
CA ILE C 684 -65.81 -6.91 41.13
C ILE C 684 -64.51 -6.83 41.90
N LEU C 685 -64.04 -7.93 42.52
CA LEU C 685 -62.86 -7.86 43.38
C LEU C 685 -61.56 -7.46 42.68
N SER C 686 -61.38 -7.84 41.41
CA SER C 686 -60.24 -7.42 40.61
C SER C 686 -60.26 -5.94 40.27
N GLN C 687 -61.44 -5.29 40.27
CA GLN C 687 -61.51 -3.87 40.01
C GLN C 687 -61.36 -3.08 41.29
N LEU C 688 -61.54 -3.69 42.49
CA LEU C 688 -61.24 -3.01 43.73
C LEU C 688 -59.74 -2.95 43.97
N GLN C 689 -59.01 -3.98 43.51
CA GLN C 689 -57.57 -4.05 43.64
C GLN C 689 -56.77 -3.41 42.51
N CYS C 690 -57.43 -2.95 41.44
CA CYS C 690 -56.74 -2.26 40.34
C CYS C 690 -57.27 -0.86 40.11
N SER C 691 -58.10 -0.33 41.03
CA SER C 691 -58.61 1.03 40.93
C SER C 691 -58.03 1.92 41.99
N GLY C 692 -57.03 1.45 42.75
CA GLY C 692 -56.40 2.23 43.81
C GLY C 692 -57.14 2.22 45.11
N MET C 693 -58.24 1.46 45.22
CA MET C 693 -59.08 1.45 46.40
C MET C 693 -58.46 0.77 47.62
N VAL C 694 -57.60 -0.24 47.41
CA VAL C 694 -56.87 -0.99 48.44
C VAL C 694 -55.86 -0.10 49.12
N SER C 695 -55.17 0.77 48.35
CA SER C 695 -54.19 1.70 48.88
C SER C 695 -54.79 2.72 49.82
N VAL C 696 -56.08 3.08 49.62
CA VAL C 696 -56.78 3.95 50.55
C VAL C 696 -57.05 3.23 51.86
N LEU C 697 -57.52 1.97 51.79
CA LEU C 697 -57.80 1.19 52.98
C LEU C 697 -56.57 0.80 53.79
N ASP C 698 -55.38 0.65 53.17
CA ASP C 698 -54.15 0.37 53.91
C ASP C 698 -53.43 1.66 54.32
N LEU C 699 -53.98 2.83 53.95
CA LEU C 699 -53.49 4.11 54.45
C LEU C 699 -54.33 4.49 55.64
N MET C 700 -55.66 4.26 55.57
CA MET C 700 -56.58 4.55 56.64
C MET C 700 -56.49 3.52 57.74
N GLN C 701 -55.98 3.91 58.92
CA GLN C 701 -55.83 3.04 60.08
C GLN C 701 -56.25 3.85 61.32
N GLY C 702 -56.97 4.97 61.13
CA GLY C 702 -57.40 5.91 62.15
C GLY C 702 -58.11 5.34 63.36
N GLY C 703 -59.06 4.42 63.14
CA GLY C 703 -59.81 3.79 64.23
C GLY C 703 -60.98 4.56 64.76
N PHE C 704 -61.48 5.56 64.02
CA PHE C 704 -62.60 6.40 64.42
C PHE C 704 -63.95 5.84 63.89
N GLU D 1 40.26 -42.21 -45.10
CA GLU D 1 40.80 -42.99 -46.26
C GLU D 1 40.40 -44.46 -46.27
N ASP D 2 40.92 -45.29 -47.21
CA ASP D 2 40.58 -46.71 -47.40
C ASP D 2 41.39 -47.69 -46.52
N GLY D 3 41.71 -47.28 -45.28
CA GLY D 3 42.46 -48.08 -44.31
C GLY D 3 43.90 -47.65 -44.15
N LYS D 4 44.37 -46.74 -45.02
CA LYS D 4 45.72 -46.21 -45.00
C LYS D 4 46.09 -45.52 -43.67
N PRO D 5 47.34 -45.55 -43.18
CA PRO D 5 47.74 -44.90 -41.92
C PRO D 5 47.31 -43.47 -41.76
N VAL D 6 46.89 -43.05 -40.56
CA VAL D 6 46.55 -41.68 -40.31
C VAL D 6 47.47 -41.18 -39.22
N TRP D 7 47.52 -39.87 -39.00
CA TRP D 7 48.27 -39.31 -37.91
C TRP D 7 47.39 -39.31 -36.66
N ALA D 8 47.96 -39.58 -35.47
CA ALA D 8 47.23 -39.70 -34.22
C ALA D 8 47.62 -38.65 -33.18
N PRO D 9 46.70 -37.98 -32.47
CA PRO D 9 46.98 -36.98 -31.42
C PRO D 9 47.79 -37.45 -30.22
N HIS D 10 49.12 -37.23 -30.16
CA HIS D 10 49.93 -37.61 -29.01
C HIS D 10 50.56 -36.39 -28.37
N PRO D 11 50.39 -36.09 -27.07
CA PRO D 11 50.86 -34.87 -26.41
C PRO D 11 52.19 -34.27 -26.81
N THR D 12 53.30 -35.00 -26.63
CA THR D 12 54.67 -34.53 -26.86
C THR D 12 55.03 -34.22 -28.30
N ASP D 13 54.62 -35.08 -29.24
CA ASP D 13 55.03 -35.02 -30.61
C ASP D 13 54.00 -34.37 -31.52
N GLY D 14 52.80 -34.06 -30.97
CA GLY D 14 51.68 -33.46 -31.70
C GLY D 14 50.90 -34.52 -32.40
N PHE D 15 51.54 -35.17 -33.38
CA PHE D 15 51.01 -36.27 -34.11
C PHE D 15 52.01 -37.41 -34.15
N GLN D 16 51.55 -38.66 -34.05
CA GLN D 16 52.36 -39.85 -34.20
C GLN D 16 51.65 -40.81 -35.13
N VAL D 17 52.29 -41.90 -35.55
CA VAL D 17 51.70 -42.90 -36.43
C VAL D 17 50.50 -43.63 -35.84
N GLY D 18 49.59 -44.15 -36.69
CA GLY D 18 48.40 -44.81 -36.18
C GLY D 18 47.49 -45.30 -37.27
N ASN D 19 46.59 -46.20 -36.88
CA ASN D 19 45.64 -46.84 -37.76
C ASN D 19 44.27 -46.67 -37.12
N ILE D 20 43.19 -46.85 -37.88
CA ILE D 20 41.84 -46.70 -37.37
C ILE D 20 41.23 -48.06 -37.39
N VAL D 21 40.83 -48.58 -36.21
CA VAL D 21 40.41 -49.98 -36.10
C VAL D 21 38.97 -50.16 -35.71
N ASP D 22 38.24 -49.07 -35.42
CA ASP D 22 36.81 -49.08 -35.18
C ASP D 22 36.29 -47.69 -35.53
N ILE D 23 35.01 -47.65 -35.98
CA ILE D 23 34.35 -46.46 -36.49
C ILE D 23 33.10 -46.12 -35.69
N GLY D 24 32.95 -44.84 -35.29
CA GLY D 24 31.76 -44.31 -34.63
C GLY D 24 31.09 -43.33 -35.56
N PRO D 25 30.10 -42.55 -35.11
CA PRO D 25 29.43 -41.55 -35.95
C PRO D 25 30.34 -40.48 -36.55
N ASP D 26 31.32 -39.97 -35.77
CA ASP D 26 32.29 -39.00 -36.22
C ASP D 26 33.56 -39.07 -35.36
N SER D 27 33.56 -39.96 -34.36
CA SER D 27 34.66 -40.27 -33.49
C SER D 27 35.32 -41.54 -33.99
N LEU D 28 36.66 -41.55 -34.01
CA LEU D 28 37.44 -42.61 -34.62
C LEU D 28 38.33 -43.24 -33.58
N THR D 29 38.28 -44.58 -33.51
CA THR D 29 39.04 -45.38 -32.57
C THR D 29 40.44 -45.61 -33.10
N ILE D 30 41.38 -44.71 -32.74
CA ILE D 30 42.76 -44.72 -33.22
C ILE D 30 43.68 -45.65 -32.44
N GLU D 31 44.24 -46.67 -33.10
CA GLU D 31 45.23 -47.57 -32.54
C GLU D 31 46.63 -47.10 -32.93
N PRO D 32 47.56 -46.74 -32.04
CA PRO D 32 48.92 -46.38 -32.41
C PRO D 32 49.71 -47.48 -33.12
N LEU D 33 50.69 -47.11 -33.96
CA LEU D 33 51.57 -48.08 -34.60
C LEU D 33 52.92 -48.13 -33.89
N ASN D 34 53.27 -47.08 -33.13
CA ASN D 34 54.51 -47.02 -32.36
C ASN D 34 54.33 -47.36 -30.88
N GLN D 35 53.10 -47.19 -30.33
CA GLN D 35 52.77 -47.53 -28.96
C GLN D 35 51.79 -48.69 -28.92
N LYS D 36 51.63 -49.39 -30.06
CA LYS D 36 50.74 -50.52 -30.27
C LYS D 36 49.31 -50.35 -29.76
N GLY D 37 48.72 -51.38 -29.10
CA GLY D 37 47.34 -51.39 -28.63
C GLY D 37 46.99 -50.49 -27.47
N LYS D 38 47.35 -49.20 -27.52
CA LYS D 38 47.04 -48.20 -26.51
C LYS D 38 45.83 -47.35 -26.94
N THR D 39 45.01 -47.94 -27.83
CA THR D 39 43.81 -47.46 -28.50
C THR D 39 42.84 -46.53 -27.76
N PHE D 40 42.90 -45.23 -28.08
CA PHE D 40 42.01 -44.19 -27.58
C PHE D 40 40.93 -43.78 -28.58
N LEU D 41 40.18 -42.71 -28.27
CA LEU D 41 39.15 -42.16 -29.15
C LEU D 41 39.60 -40.76 -29.56
N ALA D 42 39.32 -40.36 -30.81
CA ALA D 42 39.68 -39.06 -31.34
C ALA D 42 38.68 -38.64 -32.40
N LEU D 43 38.47 -37.32 -32.60
CA LEU D 43 37.53 -36.82 -33.61
C LEU D 43 38.16 -36.74 -35.01
N ILE D 44 37.37 -36.37 -36.05
CA ILE D 44 37.89 -36.22 -37.41
C ILE D 44 38.95 -35.13 -37.50
N ASN D 45 38.74 -34.00 -36.81
CA ASN D 45 39.68 -32.88 -36.77
C ASN D 45 41.01 -33.16 -36.07
N GLN D 46 41.17 -34.36 -35.47
CA GLN D 46 42.38 -34.76 -34.77
C GLN D 46 43.16 -35.79 -35.56
N VAL D 47 42.67 -36.23 -36.74
CA VAL D 47 43.34 -37.24 -37.54
C VAL D 47 43.45 -36.79 -38.99
N PHE D 48 44.57 -37.12 -39.65
CA PHE D 48 44.82 -36.70 -41.01
C PHE D 48 45.48 -37.85 -41.76
N PRO D 49 45.20 -38.13 -43.04
CA PRO D 49 45.83 -39.23 -43.78
C PRO D 49 47.30 -39.01 -44.03
N ALA D 50 48.10 -40.09 -43.88
CA ALA D 50 49.54 -40.08 -44.05
C ALA D 50 49.97 -40.59 -45.42
N GLU D 51 51.25 -40.38 -45.78
CA GLU D 51 51.81 -40.88 -47.01
C GLU D 51 52.26 -42.33 -46.86
N GLU D 52 52.09 -43.15 -47.92
CA GLU D 52 52.49 -44.55 -47.93
C GLU D 52 54.01 -44.75 -47.85
N ASP D 53 54.77 -43.93 -48.61
CA ASP D 53 56.21 -43.98 -48.59
C ASP D 53 56.71 -43.06 -47.49
N SER D 54 57.14 -43.63 -46.35
CA SER D 54 57.57 -42.91 -45.17
C SER D 54 59.03 -42.56 -45.17
N LYS D 55 59.84 -43.22 -46.02
CA LYS D 55 61.26 -43.00 -46.15
C LYS D 55 61.60 -41.92 -47.18
N LYS D 56 60.93 -40.75 -47.13
CA LYS D 56 61.17 -39.70 -48.11
C LYS D 56 60.87 -38.32 -47.57
N ASP D 57 61.27 -37.31 -48.36
CA ASP D 57 61.01 -35.92 -48.13
C ASP D 57 60.88 -35.24 -49.48
N VAL D 58 60.08 -34.16 -49.59
CA VAL D 58 59.90 -33.48 -50.87
C VAL D 58 60.35 -32.03 -50.80
N GLU D 59 61.01 -31.58 -51.90
CA GLU D 59 61.49 -30.23 -52.10
C GLU D 59 60.28 -29.34 -52.41
N ASP D 60 59.44 -29.83 -53.34
CA ASP D 60 58.18 -29.28 -53.82
C ASP D 60 57.05 -29.90 -53.02
N ASN D 61 56.30 -29.12 -52.24
CA ASN D 61 55.28 -29.73 -51.39
C ASN D 61 53.97 -29.91 -52.12
N CYS D 62 53.89 -29.40 -53.37
CA CYS D 62 52.78 -29.71 -54.26
C CYS D 62 52.86 -31.15 -54.74
N SER D 63 54.03 -31.79 -54.52
CA SER D 63 54.32 -33.19 -54.80
C SER D 63 54.10 -34.09 -53.59
N LEU D 64 53.54 -33.60 -52.46
CA LEU D 64 53.14 -34.44 -51.33
C LEU D 64 51.98 -35.34 -51.77
N MET D 65 51.87 -36.58 -51.24
CA MET D 65 50.80 -37.48 -51.65
C MET D 65 49.42 -37.03 -51.15
N TYR D 66 49.36 -36.59 -49.89
CA TYR D 66 48.19 -36.04 -49.26
C TYR D 66 48.64 -34.73 -48.68
N LEU D 67 47.96 -33.62 -49.00
CA LEU D 67 48.35 -32.32 -48.51
C LEU D 67 47.46 -31.92 -47.34
N ASN D 68 48.01 -31.98 -46.12
CA ASN D 68 47.33 -31.62 -44.90
C ASN D 68 48.38 -31.13 -43.94
N GLU D 69 48.02 -30.88 -42.66
CA GLU D 69 48.93 -30.24 -41.75
C GLU D 69 49.74 -31.25 -40.98
N ALA D 70 49.29 -32.50 -40.87
CA ALA D 70 50.10 -33.56 -40.31
C ALA D 70 51.19 -34.05 -41.27
N THR D 71 50.94 -34.03 -42.60
CA THR D 71 51.92 -34.51 -43.57
C THR D 71 52.93 -33.45 -43.90
N LEU D 72 52.61 -32.19 -43.60
CA LEU D 72 53.56 -31.09 -43.64
C LEU D 72 54.52 -31.15 -42.45
N LEU D 73 54.01 -31.57 -41.26
CA LEU D 73 54.77 -31.72 -40.03
C LEU D 73 55.74 -32.86 -40.13
N HIS D 74 55.35 -33.95 -40.81
CA HIS D 74 56.26 -35.04 -41.07
C HIS D 74 57.26 -34.73 -42.16
N ASN D 75 56.95 -33.83 -43.13
CA ASN D 75 57.89 -33.43 -44.16
C ASN D 75 59.02 -32.58 -43.60
N ILE D 76 58.76 -31.74 -42.58
CA ILE D 76 59.80 -30.92 -41.97
C ILE D 76 60.48 -31.62 -40.80
N LYS D 77 60.17 -32.90 -40.58
CA LYS D 77 60.81 -33.69 -39.55
C LYS D 77 61.95 -34.45 -40.19
N VAL D 78 61.70 -35.02 -41.38
CA VAL D 78 62.72 -35.66 -42.20
C VAL D 78 63.67 -34.63 -42.79
N ARG D 79 63.19 -33.46 -43.29
CA ARG D 79 64.14 -32.48 -43.80
C ARG D 79 64.99 -31.81 -42.74
N TYR D 80 64.51 -31.77 -41.46
CA TYR D 80 65.31 -31.30 -40.34
C TYR D 80 66.43 -32.28 -39.97
N SER D 81 66.26 -33.59 -40.21
CA SER D 81 67.28 -34.58 -39.95
C SER D 81 68.13 -34.87 -41.16
N LYS D 82 67.91 -34.14 -42.27
CA LYS D 82 68.75 -34.18 -43.45
C LYS D 82 69.43 -32.83 -43.64
N ASP D 83 69.28 -31.93 -42.65
CA ASP D 83 69.86 -30.60 -42.60
C ASP D 83 69.44 -29.73 -43.78
N ARG D 84 68.13 -29.75 -44.12
CA ARG D 84 67.54 -28.90 -45.13
C ARG D 84 66.50 -28.08 -44.38
N ILE D 85 66.81 -26.79 -44.15
CA ILE D 85 65.99 -25.91 -43.35
C ILE D 85 64.98 -25.14 -44.17
N TYR D 86 65.04 -25.22 -45.51
CA TYR D 86 64.10 -24.57 -46.39
C TYR D 86 63.17 -25.56 -47.09
N THR D 87 61.88 -25.22 -47.18
CA THR D 87 60.80 -26.08 -47.70
C THR D 87 59.82 -25.33 -48.61
N TYR D 88 59.63 -25.71 -49.90
CA TYR D 88 58.78 -25.00 -50.85
C TYR D 88 57.31 -25.40 -50.74
N VAL D 89 56.45 -24.51 -50.19
CA VAL D 89 55.02 -24.75 -50.18
C VAL D 89 54.43 -23.67 -51.07
N ALA D 90 54.21 -23.99 -52.37
CA ALA D 90 53.80 -23.03 -53.38
C ALA D 90 54.80 -21.87 -53.48
N ASN D 91 54.35 -20.63 -53.33
CA ASN D 91 55.22 -19.46 -53.27
C ASN D 91 55.32 -18.97 -51.83
N ILE D 92 55.22 -19.90 -50.85
CA ILE D 92 55.38 -19.63 -49.44
C ILE D 92 56.59 -20.44 -49.02
N LEU D 93 57.56 -19.78 -48.38
CA LEU D 93 58.79 -20.42 -47.97
C LEU D 93 58.73 -20.60 -46.48
N ILE D 94 58.99 -21.84 -46.07
CA ILE D 94 58.98 -22.34 -44.71
C ILE D 94 60.43 -22.49 -44.35
N ALA D 95 60.88 -21.62 -43.43
CA ALA D 95 62.24 -21.47 -42.98
C ALA D 95 62.26 -21.87 -41.52
N VAL D 96 63.21 -22.74 -41.13
CA VAL D 96 63.32 -23.30 -39.79
C VAL D 96 64.62 -22.82 -39.17
N ASN D 97 64.59 -22.11 -38.02
CA ASN D 97 65.78 -21.61 -37.37
C ASN D 97 66.58 -22.76 -36.73
N PRO D 98 67.82 -23.09 -37.08
CA PRO D 98 68.46 -24.30 -36.54
C PRO D 98 69.20 -24.08 -35.23
N TYR D 99 69.72 -22.86 -34.97
CA TYR D 99 70.53 -22.50 -33.81
C TYR D 99 71.95 -23.03 -33.89
N PHE D 100 72.42 -23.37 -35.10
CA PHE D 100 73.79 -23.74 -35.39
C PHE D 100 74.06 -23.42 -36.85
N ASP D 101 75.28 -23.63 -37.34
CA ASP D 101 75.63 -23.26 -38.69
C ASP D 101 75.84 -24.50 -39.56
N ILE D 102 74.89 -24.82 -40.45
CA ILE D 102 75.00 -25.90 -41.42
C ILE D 102 76.12 -25.57 -42.44
N PRO D 103 77.05 -26.45 -42.80
CA PRO D 103 78.16 -26.11 -43.68
C PRO D 103 77.86 -25.52 -45.04
N LYS D 104 78.47 -24.36 -45.36
CA LYS D 104 78.53 -23.74 -46.66
C LYS D 104 77.22 -23.68 -47.46
N ILE D 105 76.14 -23.19 -46.83
CA ILE D 105 74.85 -22.96 -47.50
C ILE D 105 74.53 -21.48 -47.57
N TYR D 106 75.37 -20.64 -46.95
CA TYR D 106 75.26 -19.19 -47.00
C TYR D 106 76.58 -18.68 -47.54
N SER D 107 77.34 -19.55 -48.23
CA SER D 107 78.65 -19.23 -48.79
C SER D 107 78.57 -18.36 -50.03
N SER D 108 79.69 -17.74 -50.45
CA SER D 108 79.73 -16.87 -51.62
C SER D 108 79.61 -17.67 -52.89
N GLU D 109 80.01 -18.95 -52.83
CA GLU D 109 79.85 -19.92 -53.89
C GLU D 109 78.38 -20.33 -54.03
N THR D 110 77.62 -20.36 -52.92
CA THR D 110 76.20 -20.72 -52.95
C THR D 110 75.40 -19.64 -53.66
N ILE D 111 75.78 -18.36 -53.45
CA ILE D 111 75.18 -17.22 -54.10
C ILE D 111 75.41 -17.21 -55.61
N LYS D 112 76.62 -17.56 -56.10
CA LYS D 112 76.88 -17.62 -57.53
C LYS D 112 76.43 -18.94 -58.15
N SER D 113 75.93 -19.88 -57.33
CA SER D 113 75.34 -21.12 -57.81
C SER D 113 73.87 -20.91 -58.05
N TYR D 114 73.16 -20.29 -57.07
CA TYR D 114 71.75 -19.99 -57.20
C TYR D 114 71.40 -18.99 -58.30
N GLN D 115 72.21 -17.90 -58.46
CA GLN D 115 72.02 -16.83 -59.44
C GLN D 115 71.24 -17.15 -60.72
N GLY D 116 70.08 -16.50 -60.87
CA GLY D 116 69.21 -16.60 -62.03
C GLY D 116 68.32 -17.80 -62.15
N LYS D 117 68.33 -18.75 -61.18
CA LYS D 117 67.48 -19.91 -61.31
C LYS D 117 66.09 -19.69 -60.72
N SER D 118 65.08 -19.82 -61.59
CA SER D 118 63.66 -19.66 -61.28
C SER D 118 63.13 -20.61 -60.23
N LEU D 119 62.12 -20.16 -59.45
CA LEU D 119 61.49 -20.98 -58.44
C LEU D 119 60.95 -22.29 -59.01
N GLY D 120 61.17 -23.41 -58.31
CA GLY D 120 60.76 -24.74 -58.76
C GLY D 120 61.68 -25.40 -59.76
N THR D 121 62.78 -24.74 -60.18
CA THR D 121 63.79 -25.33 -61.05
C THR D 121 65.04 -25.69 -60.27
N MET D 122 65.08 -25.37 -58.97
CA MET D 122 66.22 -25.62 -58.11
C MET D 122 65.68 -25.78 -56.70
N PRO D 123 66.25 -26.58 -55.78
CA PRO D 123 65.74 -26.77 -54.43
C PRO D 123 65.48 -25.51 -53.59
N PRO D 124 64.55 -25.51 -52.65
CA PRO D 124 64.24 -24.35 -51.82
C PRO D 124 65.41 -23.81 -51.04
N HIS D 125 65.56 -22.48 -51.02
CA HIS D 125 66.55 -21.79 -50.24
C HIS D 125 66.04 -20.39 -50.15
N VAL D 126 66.62 -19.51 -49.32
CA VAL D 126 66.09 -18.15 -49.22
C VAL D 126 66.61 -17.32 -50.39
N PHE D 127 67.69 -17.80 -51.04
CA PHE D 127 68.21 -17.19 -52.23
C PHE D 127 67.39 -17.53 -53.47
N ALA D 128 66.46 -18.52 -53.38
CA ALA D 128 65.57 -18.80 -54.49
C ALA D 128 64.33 -17.93 -54.47
N ILE D 129 64.13 -17.19 -53.36
CA ILE D 129 63.04 -16.24 -53.21
C ILE D 129 63.57 -14.90 -53.61
N ALA D 130 64.80 -14.56 -53.18
CA ALA D 130 65.42 -13.29 -53.52
C ALA D 130 65.74 -13.14 -55.00
N ASP D 131 66.07 -14.24 -55.71
CA ASP D 131 66.28 -14.17 -57.14
C ASP D 131 64.96 -14.02 -57.89
N LYS D 132 63.87 -14.57 -57.34
CA LYS D 132 62.54 -14.42 -57.91
C LYS D 132 62.05 -13.00 -57.78
N ALA D 133 62.35 -12.31 -56.67
CA ALA D 133 61.94 -10.94 -56.48
C ALA D 133 62.76 -10.00 -57.34
N PHE D 134 63.99 -10.39 -57.74
CA PHE D 134 64.74 -9.58 -58.69
C PHE D 134 64.18 -9.70 -60.12
N ARG D 135 63.70 -10.90 -60.51
CA ARG D 135 63.03 -11.06 -61.79
C ARG D 135 61.60 -10.55 -61.78
N ASP D 136 60.90 -10.54 -60.63
CA ASP D 136 59.55 -10.03 -60.56
C ASP D 136 59.60 -8.59 -60.08
N MET D 137 60.54 -7.81 -60.65
CA MET D 137 60.65 -6.38 -60.45
C MET D 137 60.63 -5.74 -61.81
N LYS D 138 61.77 -5.76 -62.50
CA LYS D 138 61.98 -5.18 -63.80
C LYS D 138 61.12 -5.78 -64.92
N VAL D 139 60.96 -7.10 -64.99
CA VAL D 139 60.20 -7.78 -66.05
C VAL D 139 58.72 -7.43 -66.04
N LEU D 140 58.12 -7.40 -64.84
CA LEU D 140 56.70 -7.16 -64.64
C LEU D 140 56.41 -5.71 -64.28
N LYS D 141 57.47 -4.87 -64.23
CA LYS D 141 57.45 -3.44 -63.90
C LYS D 141 56.70 -3.15 -62.60
N LEU D 142 57.08 -3.85 -61.52
CA LEU D 142 56.37 -3.82 -60.26
C LEU D 142 57.26 -3.75 -59.04
N SER D 143 57.04 -2.77 -58.14
CA SER D 143 57.76 -2.67 -56.88
C SER D 143 57.40 -3.83 -55.96
N GLN D 144 58.36 -4.29 -55.14
CA GLN D 144 58.22 -5.52 -54.37
C GLN D 144 58.36 -5.37 -52.87
N SER D 145 57.86 -6.40 -52.17
CA SER D 145 57.89 -6.46 -50.74
C SER D 145 58.02 -7.90 -50.28
N ILE D 146 58.89 -8.16 -49.30
CA ILE D 146 59.07 -9.48 -48.75
C ILE D 146 58.45 -9.36 -47.39
N ILE D 147 57.43 -10.19 -47.09
CA ILE D 147 56.65 -10.08 -45.88
C ILE D 147 56.99 -11.25 -44.99
N VAL D 148 57.52 -10.99 -43.78
CA VAL D 148 58.00 -12.05 -42.92
C VAL D 148 57.20 -12.09 -41.63
N SER D 149 56.54 -13.24 -41.38
CA SER D 149 55.75 -13.47 -40.16
C SER D 149 56.40 -14.53 -39.27
N GLY D 150 55.61 -15.22 -38.42
CA GLY D 150 56.14 -16.21 -37.47
C GLY D 150 56.39 -15.62 -36.11
N GLU D 151 56.64 -16.47 -35.10
CA GLU D 151 56.86 -16.05 -33.73
C GLU D 151 58.30 -15.57 -33.54
N SER D 152 58.60 -14.70 -32.56
CA SER D 152 59.98 -14.24 -32.37
C SER D 152 60.94 -15.37 -31.99
N GLY D 153 62.21 -15.27 -32.45
CA GLY D 153 63.20 -16.33 -32.27
C GLY D 153 63.12 -17.39 -33.33
N ALA D 154 62.25 -17.19 -34.33
CA ALA D 154 62.09 -18.10 -35.44
C ALA D 154 62.97 -17.73 -36.63
N GLY D 155 63.81 -16.70 -36.49
CA GLY D 155 64.75 -16.31 -37.54
C GLY D 155 64.24 -15.26 -38.48
N LYS D 156 63.36 -14.35 -38.01
CA LYS D 156 62.81 -13.34 -38.89
C LYS D 156 63.80 -12.22 -39.17
N THR D 157 64.75 -12.01 -38.23
CA THR D 157 65.89 -11.13 -38.48
C THR D 157 66.89 -11.79 -39.39
N GLU D 158 67.23 -13.06 -39.10
CA GLU D 158 68.28 -13.78 -39.79
C GLU D 158 67.97 -14.15 -41.22
N ASN D 159 66.73 -14.50 -41.57
CA ASN D 159 66.36 -14.76 -42.95
C ASN D 159 66.39 -13.51 -43.81
N THR D 160 66.10 -12.35 -43.20
CA THR D 160 66.14 -11.06 -43.86
C THR D 160 67.56 -10.65 -44.20
N LYS D 161 68.52 -10.91 -43.30
CA LYS D 161 69.91 -10.56 -43.52
C LYS D 161 70.60 -11.37 -44.60
N PHE D 162 70.18 -12.64 -44.83
CA PHE D 162 70.67 -13.43 -45.95
C PHE D 162 70.10 -12.96 -47.28
N VAL D 163 68.90 -12.35 -47.27
CA VAL D 163 68.31 -11.73 -48.45
C VAL D 163 69.05 -10.46 -48.78
N LEU D 164 69.33 -9.58 -47.80
CA LEU D 164 70.02 -8.33 -48.10
C LEU D 164 71.49 -8.56 -48.46
N ARG D 165 72.05 -9.72 -48.05
CA ARG D 165 73.34 -10.19 -48.51
C ARG D 165 73.24 -10.60 -49.97
N TYR D 166 72.14 -11.27 -50.37
CA TYR D 166 71.98 -11.72 -51.74
C TYR D 166 71.74 -10.56 -52.68
N LEU D 167 71.12 -9.46 -52.21
CA LEU D 167 70.89 -8.33 -53.07
C LEU D 167 72.12 -7.44 -53.22
N THR D 168 73.10 -7.46 -52.29
CA THR D 168 74.35 -6.73 -52.49
C THR D 168 75.42 -7.58 -53.14
N GLU D 169 75.46 -8.89 -52.85
CA GLU D 169 76.43 -9.80 -53.44
C GLU D 169 76.07 -10.29 -54.83
N SER D 170 74.80 -10.73 -55.07
CA SER D 170 74.42 -11.27 -56.37
C SER D 170 74.15 -10.21 -57.42
N TYR D 171 73.40 -9.15 -57.07
CA TYR D 171 73.02 -8.12 -58.02
C TYR D 171 73.39 -6.71 -57.59
N GLY D 172 74.21 -6.56 -56.54
CA GLY D 172 74.61 -5.24 -56.05
C GLY D 172 75.86 -4.75 -56.69
N THR D 173 75.75 -4.32 -57.94
CA THR D 173 76.85 -3.76 -58.73
C THR D 173 77.39 -2.48 -58.12
N GLY D 174 76.51 -1.58 -57.64
CA GLY D 174 76.90 -0.34 -56.95
C GLY D 174 76.11 -0.13 -55.68
N GLN D 175 76.54 0.86 -54.87
CA GLN D 175 75.95 1.31 -53.62
C GLN D 175 76.00 0.32 -52.47
N ASP D 176 76.87 0.57 -51.47
CA ASP D 176 77.03 -0.28 -50.31
C ASP D 176 75.99 0.05 -49.23
N ILE D 177 75.35 -0.99 -48.63
CA ILE D 177 74.30 -0.73 -47.65
C ILE D 177 73.95 -1.89 -46.73
N ASP D 178 74.29 -3.16 -47.05
CA ASP D 178 73.87 -4.28 -46.21
C ASP D 178 74.38 -4.35 -44.76
N ASP D 179 75.61 -3.88 -44.47
CA ASP D 179 76.14 -4.00 -43.13
C ASP D 179 75.97 -2.71 -42.33
N ARG D 180 75.25 -1.70 -42.88
CA ARG D 180 74.92 -0.54 -42.09
C ARG D 180 73.73 -0.77 -41.15
N ILE D 181 72.91 -1.80 -41.44
CA ILE D 181 71.83 -2.24 -40.57
C ILE D 181 72.42 -2.94 -39.37
N VAL D 182 73.41 -3.82 -39.62
CA VAL D 182 74.13 -4.60 -38.64
C VAL D 182 74.97 -3.72 -37.70
N GLU D 183 75.67 -2.68 -38.21
CA GLU D 183 76.42 -1.80 -37.34
C GLU D 183 75.56 -0.93 -36.42
N ALA D 184 74.33 -0.58 -36.84
CA ALA D 184 73.41 0.15 -35.98
C ALA D 184 72.27 -0.75 -35.50
N ASN D 185 72.54 -2.05 -35.33
CA ASN D 185 71.55 -2.98 -34.79
C ASN D 185 71.35 -2.87 -33.29
N PRO D 186 72.32 -2.83 -32.36
CA PRO D 186 71.98 -2.66 -30.96
C PRO D 186 71.45 -1.27 -30.66
N LEU D 187 71.70 -0.28 -31.53
CA LEU D 187 71.10 1.02 -31.36
C LEU D 187 69.60 1.03 -31.58
N LEU D 188 69.08 0.29 -32.58
CA LEU D 188 67.64 0.23 -32.79
C LEU D 188 66.90 -0.82 -31.95
N GLU D 189 67.61 -1.77 -31.29
CA GLU D 189 66.96 -2.71 -30.40
C GLU D 189 66.45 -2.04 -29.15
N ALA D 190 67.23 -1.12 -28.55
CA ALA D 190 66.83 -0.43 -27.33
C ALA D 190 65.54 0.39 -27.47
N PHE D 191 65.39 1.14 -28.57
CA PHE D 191 64.20 1.92 -28.82
C PHE D 191 62.96 1.11 -29.20
N GLY D 192 63.12 0.05 -30.04
CA GLY D 192 61.97 -0.71 -30.56
C GLY D 192 61.64 -2.04 -29.91
N ASN D 193 62.63 -2.87 -29.60
CA ASN D 193 62.48 -4.17 -28.95
C ASN D 193 62.05 -4.09 -27.49
N ALA D 194 61.01 -4.85 -27.08
CA ALA D 194 60.69 -4.91 -25.66
C ALA D 194 60.66 -6.36 -25.22
N LYS D 195 60.03 -6.67 -24.07
CA LYS D 195 59.87 -8.01 -23.54
C LYS D 195 58.41 -8.32 -23.38
N THR D 196 57.93 -9.45 -23.93
CA THR D 196 56.55 -9.87 -23.79
C THR D 196 56.49 -11.14 -22.97
N VAL D 197 55.30 -11.56 -22.51
CA VAL D 197 55.17 -12.77 -21.71
C VAL D 197 55.60 -13.99 -22.50
N ARG D 198 55.16 -14.06 -23.77
CA ARG D 198 55.53 -15.10 -24.71
C ARG D 198 56.96 -15.04 -25.24
N ASN D 199 57.54 -13.85 -25.50
CA ASN D 199 58.87 -13.72 -26.10
C ASN D 199 59.78 -12.74 -25.36
N ASN D 200 61.01 -13.16 -24.99
CA ASN D 200 61.99 -12.29 -24.35
C ASN D 200 62.52 -11.13 -25.18
N ASN D 201 62.84 -11.34 -26.48
CA ASN D 201 63.29 -10.28 -27.35
C ASN D 201 62.30 -10.25 -28.51
N SER D 202 61.29 -9.36 -28.44
CA SER D 202 60.22 -9.25 -29.42
C SER D 202 60.20 -7.88 -30.07
N SER D 203 60.04 -7.82 -31.41
CA SER D 203 59.92 -6.56 -32.13
C SER D 203 58.53 -5.97 -31.91
N ARG D 204 58.44 -4.66 -31.59
CA ARG D 204 57.17 -4.02 -31.31
C ARG D 204 56.78 -3.04 -32.39
N PHE D 205 57.42 -3.09 -33.57
CA PHE D 205 57.15 -2.14 -34.63
C PHE D 205 57.26 -2.78 -35.99
N GLY D 206 56.54 -2.24 -36.99
CA GLY D 206 56.59 -2.70 -38.36
C GLY D 206 57.77 -2.10 -39.07
N LYS D 207 58.92 -2.77 -39.00
CA LYS D 207 60.15 -2.37 -39.66
C LYS D 207 60.06 -2.61 -41.17
N PHE D 208 60.11 -1.55 -41.99
CA PHE D 208 59.95 -1.65 -43.43
C PHE D 208 61.13 -1.05 -44.16
N VAL D 209 62.24 -1.81 -44.21
CA VAL D 209 63.50 -1.47 -44.85
C VAL D 209 63.42 -1.53 -46.37
N GLU D 210 63.44 -0.40 -47.10
CA GLU D 210 63.35 -0.45 -48.54
C GLU D 210 64.73 -0.23 -49.13
N ILE D 211 64.98 -0.88 -50.27
CA ILE D 211 66.20 -0.80 -51.05
C ILE D 211 65.77 -0.25 -52.41
N HIS D 212 66.12 1.00 -52.71
CA HIS D 212 65.70 1.67 -53.94
C HIS D 212 66.45 1.17 -55.17
N PHE D 213 65.70 0.86 -56.24
CA PHE D 213 66.25 0.51 -57.54
C PHE D 213 65.71 1.52 -58.52
N ASN D 214 66.56 1.99 -59.46
CA ASN D 214 66.16 2.95 -60.47
C ASN D 214 65.60 2.24 -61.70
N GLU D 215 65.26 2.98 -62.78
CA GLU D 215 64.74 2.40 -64.01
C GLU D 215 65.78 1.53 -64.73
N LYS D 216 67.08 1.75 -64.47
CA LYS D 216 68.17 0.98 -65.03
C LYS D 216 68.52 -0.23 -64.18
N SER D 217 67.69 -0.51 -63.14
CA SER D 217 67.76 -1.69 -62.28
C SER D 217 69.05 -1.83 -61.52
N SER D 218 69.52 -0.71 -60.94
CA SER D 218 70.73 -0.66 -60.15
C SER D 218 70.39 -0.11 -58.78
N VAL D 219 71.06 -0.55 -57.69
CA VAL D 219 70.78 -0.08 -56.34
C VAL D 219 71.25 1.36 -56.19
N VAL D 220 70.35 2.31 -55.86
CA VAL D 220 70.75 3.71 -55.77
C VAL D 220 70.60 4.29 -54.37
N GLY D 221 70.06 3.53 -53.41
CA GLY D 221 69.86 4.10 -52.09
C GLY D 221 68.97 3.23 -51.26
N GLY D 222 68.81 3.55 -49.97
CA GLY D 222 67.88 2.82 -49.13
C GLY D 222 67.09 3.75 -48.28
N PHE D 223 66.07 3.21 -47.61
CA PHE D 223 65.29 3.99 -46.68
C PHE D 223 64.73 3.02 -45.66
N VAL D 224 64.72 3.40 -44.37
CA VAL D 224 64.13 2.58 -43.33
C VAL D 224 62.90 3.30 -42.88
N SER D 225 61.74 2.62 -42.97
CA SER D 225 60.45 3.16 -42.58
C SER D 225 59.93 2.37 -41.41
N HIS D 226 59.20 3.03 -40.48
CA HIS D 226 58.60 2.37 -39.34
C HIS D 226 57.12 2.66 -39.28
N TYR D 227 56.33 1.64 -38.94
CA TYR D 227 54.90 1.72 -38.85
C TYR D 227 54.46 1.01 -37.59
N LEU D 228 53.37 1.46 -36.97
CA LEU D 228 52.68 0.78 -35.88
C LEU D 228 53.48 0.45 -34.63
N LEU D 229 54.08 1.47 -33.99
CA LEU D 229 54.72 1.33 -32.69
C LEU D 229 53.69 1.02 -31.60
N GLU D 230 54.01 0.13 -30.64
CA GLU D 230 53.12 -0.21 -29.53
C GLU D 230 53.11 0.91 -28.48
N LYS D 231 52.42 2.01 -28.79
CA LYS D 231 52.34 3.24 -28.01
C LYS D 231 51.84 3.08 -26.59
N SER D 232 50.87 2.19 -26.32
CA SER D 232 50.32 1.96 -24.99
C SER D 232 51.31 1.50 -23.95
N ARG D 233 52.31 0.68 -24.34
CA ARG D 233 53.35 0.16 -23.47
C ARG D 233 54.16 1.23 -22.76
N ILE D 234 54.31 2.42 -23.38
CA ILE D 234 55.02 3.54 -22.80
C ILE D 234 54.34 3.98 -21.50
N CYS D 235 53.00 4.07 -21.51
CA CYS D 235 52.18 4.51 -20.41
C CYS D 235 51.95 3.53 -19.28
N VAL D 236 51.53 2.28 -19.56
CA VAL D 236 51.28 1.34 -18.49
C VAL D 236 51.61 -0.06 -18.94
N GLN D 237 52.22 -0.85 -18.03
CA GLN D 237 52.78 -2.15 -18.30
C GLN D 237 52.14 -3.17 -17.39
N GLY D 238 51.81 -4.35 -17.94
CA GLY D 238 51.20 -5.45 -17.19
C GLY D 238 52.18 -6.29 -16.42
N LYS D 239 51.66 -7.28 -15.68
CA LYS D 239 52.47 -8.19 -14.89
C LYS D 239 53.50 -8.98 -15.71
N GLU D 240 54.70 -9.14 -15.13
CA GLU D 240 55.88 -9.80 -15.70
C GLU D 240 56.54 -9.10 -16.89
N GLU D 241 55.84 -8.15 -17.55
CA GLU D 241 56.31 -7.44 -18.72
C GLU D 241 57.09 -6.17 -18.40
N ARG D 242 57.74 -5.58 -19.43
CA ARG D 242 58.53 -4.38 -19.26
C ARG D 242 57.99 -3.27 -20.15
N ASN D 243 58.66 -2.10 -20.13
CA ASN D 243 58.37 -1.00 -21.03
C ASN D 243 59.25 -1.22 -22.27
N TYR D 244 59.84 -0.19 -22.90
CA TYR D 244 60.80 -0.42 -23.96
C TYR D 244 62.16 -0.71 -23.36
N HIS D 245 63.12 -1.25 -24.13
CA HIS D 245 64.41 -1.62 -23.58
C HIS D 245 65.38 -0.50 -23.31
N ILE D 246 65.17 0.72 -23.84
CA ILE D 246 66.01 1.86 -23.51
C ILE D 246 65.68 2.43 -22.13
N PHE D 247 64.52 2.07 -21.56
CA PHE D 247 64.10 2.49 -20.24
C PHE D 247 64.53 1.50 -19.18
N TYR D 248 65.41 0.56 -19.54
CA TYR D 248 65.95 -0.42 -18.64
C TYR D 248 67.43 -0.44 -18.86
N ARG D 249 67.92 -0.34 -20.11
CA ARG D 249 69.34 -0.23 -20.37
C ARG D 249 69.93 1.10 -19.95
N LEU D 250 69.15 2.21 -19.95
CA LEU D 250 69.66 3.45 -19.39
C LEU D 250 69.62 3.42 -17.87
N CYS D 251 68.61 2.78 -17.26
CA CYS D 251 68.53 2.64 -15.82
C CYS D 251 69.60 1.70 -15.27
N ALA D 252 69.82 0.54 -15.91
CA ALA D 252 70.83 -0.42 -15.52
C ALA D 252 72.25 0.00 -15.87
N GLY D 253 72.45 0.44 -17.13
CA GLY D 253 73.75 0.77 -17.68
C GLY D 253 74.30 2.11 -17.34
N ALA D 254 73.51 3.01 -16.74
CA ALA D 254 74.02 4.30 -16.31
C ALA D 254 75.02 4.16 -15.18
N SER D 255 76.20 4.74 -15.41
CA SER D 255 77.29 4.79 -14.47
C SER D 255 77.09 6.00 -13.58
N GLU D 256 78.09 6.44 -12.81
CA GLU D 256 77.95 7.57 -11.91
C GLU D 256 78.39 8.82 -12.62
N ASP D 257 78.99 8.69 -13.82
CA ASP D 257 79.33 9.81 -14.67
C ASP D 257 78.19 10.02 -15.66
N ILE D 258 77.18 9.14 -15.66
CA ILE D 258 75.94 9.34 -16.41
C ILE D 258 74.81 9.67 -15.44
N ARG D 259 74.72 9.02 -14.27
CA ARG D 259 73.66 9.30 -13.31
C ARG D 259 73.76 10.68 -12.67
N GLU D 260 74.96 11.26 -12.48
CA GLU D 260 75.05 12.61 -11.93
C GLU D 260 74.55 13.70 -12.88
N ARG D 261 74.51 13.41 -14.19
CA ARG D 261 74.02 14.36 -15.18
C ARG D 261 72.55 14.15 -15.50
N LEU D 262 71.99 12.94 -15.29
CA LEU D 262 70.59 12.66 -15.58
C LEU D 262 69.70 12.49 -14.36
N HIS D 263 70.29 12.37 -13.16
CA HIS D 263 69.62 12.19 -11.88
C HIS D 263 68.71 10.98 -11.79
N LEU D 264 69.13 9.83 -12.34
CA LEU D 264 68.34 8.61 -12.27
C LEU D 264 68.31 7.98 -10.88
N SER D 265 67.38 7.04 -10.63
CA SER D 265 67.22 6.40 -9.33
C SER D 265 66.70 5.00 -9.60
N SER D 266 66.57 4.14 -8.58
CA SER D 266 66.18 2.75 -8.76
C SER D 266 64.78 2.56 -9.36
N PRO D 267 64.51 1.54 -10.20
CA PRO D 267 63.25 1.31 -10.92
C PRO D 267 61.92 1.58 -10.22
N ASP D 268 61.81 1.36 -8.91
CA ASP D 268 60.61 1.61 -8.14
C ASP D 268 60.20 3.08 -8.17
N ASN D 269 61.19 3.98 -8.31
CA ASN D 269 61.02 5.42 -8.41
C ASN D 269 60.46 5.90 -9.74
N PHE D 270 60.21 5.01 -10.72
CA PHE D 270 59.68 5.39 -12.02
C PHE D 270 58.31 4.76 -12.26
N ARG D 271 57.23 5.59 -12.34
CA ARG D 271 55.87 5.13 -12.56
C ARG D 271 55.64 4.46 -13.90
N TYR D 272 56.56 4.65 -14.85
CA TYR D 272 56.52 4.01 -16.15
C TYR D 272 57.29 2.69 -16.14
N LEU D 273 57.79 2.24 -14.97
CA LEU D 273 58.47 0.96 -14.85
C LEU D 273 57.93 0.12 -13.70
N ASN D 274 57.48 0.74 -12.59
CA ASN D 274 57.06 0.03 -11.41
C ASN D 274 55.87 -0.93 -11.55
N ARG D 275 54.87 -0.60 -12.39
CA ARG D 275 53.68 -1.42 -12.62
C ARG D 275 54.00 -2.79 -13.21
N GLY D 276 54.99 -2.88 -14.12
CA GLY D 276 55.40 -4.13 -14.74
C GLY D 276 56.44 -4.89 -13.94
N CYS D 277 57.61 -5.14 -14.56
CA CYS D 277 58.72 -5.84 -13.99
C CYS D 277 59.91 -4.91 -13.94
N THR D 278 60.62 -4.87 -12.80
CA THR D 278 61.77 -4.00 -12.59
C THR D 278 63.10 -4.66 -12.89
N ARG D 279 63.13 -5.97 -13.17
CA ARG D 279 64.35 -6.71 -13.42
C ARG D 279 65.05 -6.46 -14.76
N TYR D 280 66.40 -6.54 -14.76
CA TYR D 280 67.24 -6.39 -15.92
C TYR D 280 67.69 -7.77 -16.40
N PHE D 281 68.05 -7.93 -17.69
CA PHE D 281 68.66 -9.14 -18.20
C PHE D 281 70.17 -9.01 -18.02
N ALA D 282 70.88 -10.08 -17.62
CA ALA D 282 72.31 -10.01 -17.45
C ALA D 282 72.90 -11.41 -17.41
N ASN D 283 74.23 -11.51 -17.50
CA ASN D 283 74.99 -12.74 -17.40
C ASN D 283 75.96 -12.55 -16.24
N LYS D 284 76.55 -13.64 -15.71
CA LYS D 284 77.40 -13.59 -14.51
C LYS D 284 78.55 -12.59 -14.56
N GLU D 285 79.17 -12.43 -15.74
CA GLU D 285 80.24 -11.47 -16.01
C GLU D 285 79.81 -10.02 -15.84
N THR D 286 78.61 -9.64 -16.30
CA THR D 286 78.12 -8.27 -16.18
C THR D 286 77.27 -8.04 -14.95
N ASP D 287 76.67 -9.10 -14.36
CA ASP D 287 75.83 -9.06 -13.16
C ASP D 287 76.56 -8.44 -11.96
N LYS D 288 77.83 -8.76 -11.76
CA LYS D 288 78.67 -8.17 -10.72
C LYS D 288 79.00 -6.70 -10.92
N GLN D 289 78.65 -6.12 -12.09
CA GLN D 289 78.89 -4.73 -12.39
C GLN D 289 77.59 -3.92 -12.36
N ILE D 290 76.45 -4.51 -11.97
CA ILE D 290 75.22 -3.75 -11.78
C ILE D 290 75.14 -3.33 -10.32
N LEU D 291 75.31 -2.01 -10.06
CA LEU D 291 75.35 -1.41 -8.73
C LEU D 291 74.07 -1.55 -7.93
N GLN D 292 74.16 -1.61 -6.59
CA GLN D 292 72.99 -1.79 -5.72
C GLN D 292 72.05 -0.59 -5.68
N ASN D 293 72.54 0.60 -6.06
CA ASN D 293 71.73 1.80 -6.21
C ASN D 293 70.89 1.77 -7.49
N ARG D 294 71.17 0.86 -8.44
CA ARG D 294 70.39 0.66 -9.65
C ARG D 294 69.38 -0.46 -9.46
N LYS D 295 69.29 -1.03 -8.24
CA LYS D 295 68.40 -2.12 -7.92
C LYS D 295 67.23 -1.67 -7.04
N SER D 296 66.01 -2.06 -7.46
CA SER D 296 64.77 -1.84 -6.73
C SER D 296 64.57 -2.99 -5.76
N PRO D 297 63.76 -2.91 -4.72
CA PRO D 297 63.52 -4.02 -3.78
C PRO D 297 63.20 -5.35 -4.42
N GLU D 298 62.32 -5.37 -5.45
CA GLU D 298 61.96 -6.58 -6.17
C GLU D 298 63.11 -7.18 -6.96
N TYR D 299 63.85 -6.37 -7.73
CA TYR D 299 65.01 -6.81 -8.48
C TYR D 299 66.13 -7.28 -7.54
N LEU D 300 66.31 -6.62 -6.38
CA LEU D 300 67.24 -7.03 -5.36
C LEU D 300 66.91 -8.42 -4.80
N LYS D 301 65.62 -8.69 -4.56
CA LYS D 301 65.17 -10.01 -4.12
C LYS D 301 65.26 -11.10 -5.19
N ALA D 302 64.78 -10.84 -6.42
CA ALA D 302 64.67 -11.84 -7.46
C ALA D 302 65.83 -11.99 -8.44
N GLY D 303 66.82 -11.09 -8.45
CA GLY D 303 67.99 -11.19 -9.34
C GLY D 303 67.72 -10.92 -10.81
N SER D 304 68.78 -10.95 -11.63
CA SER D 304 68.69 -10.67 -13.06
C SER D 304 67.92 -11.73 -13.83
N LEU D 305 67.23 -11.34 -14.91
CA LEU D 305 66.41 -12.22 -15.73
C LEU D 305 67.24 -13.28 -16.46
N LYS D 306 66.65 -14.48 -16.69
CA LYS D 306 67.34 -15.59 -17.30
C LYS D 306 67.05 -15.76 -18.80
N ASP D 307 67.94 -15.29 -19.67
CA ASP D 307 67.88 -15.49 -21.11
C ASP D 307 69.33 -15.38 -21.60
N PRO D 308 69.97 -16.39 -22.16
CA PRO D 308 71.37 -16.32 -22.56
C PRO D 308 71.79 -15.24 -23.53
N LEU D 309 70.89 -14.71 -24.38
CA LEU D 309 71.26 -13.77 -25.43
C LEU D 309 70.83 -12.33 -25.17
N LEU D 310 70.47 -12.00 -23.91
CA LEU D 310 70.09 -10.65 -23.53
C LEU D 310 70.91 -10.18 -22.33
N ASP D 311 71.49 -8.97 -22.44
CA ASP D 311 72.28 -8.33 -21.42
C ASP D 311 71.91 -6.86 -21.45
N ASP D 312 71.32 -6.31 -20.38
CA ASP D 312 70.93 -4.91 -20.36
C ASP D 312 72.03 -4.03 -19.78
N HIS D 313 73.17 -4.62 -19.33
CA HIS D 313 74.28 -3.84 -18.84
C HIS D 313 75.39 -3.78 -19.86
N GLY D 314 75.63 -4.89 -20.59
CA GLY D 314 76.65 -4.97 -21.63
C GLY D 314 76.23 -4.41 -22.95
N ASP D 315 74.94 -4.48 -23.32
CA ASP D 315 74.50 -3.92 -24.58
C ASP D 315 74.25 -2.44 -24.49
N PHE D 316 74.24 -1.84 -23.28
CA PHE D 316 74.18 -0.39 -23.17
C PHE D 316 75.53 0.20 -23.60
N ILE D 317 76.61 -0.57 -23.39
CA ILE D 317 77.96 -0.26 -23.85
C ILE D 317 78.04 -0.44 -25.36
N ARG D 318 77.47 -1.54 -25.89
CA ARG D 318 77.52 -1.79 -27.33
C ARG D 318 76.51 -0.95 -28.11
N MET D 319 75.58 -0.28 -27.41
CA MET D 319 74.70 0.74 -27.97
C MET D 319 75.51 1.99 -28.25
N CYS D 320 76.37 2.39 -27.30
CA CYS D 320 77.17 3.60 -27.43
C CYS D 320 78.33 3.43 -28.39
N THR D 321 78.72 2.19 -28.69
CA THR D 321 79.66 1.85 -29.76
C THR D 321 79.00 2.09 -31.10
N ALA D 322 77.71 1.72 -31.22
CA ALA D 322 76.92 1.89 -32.41
C ALA D 322 76.57 3.34 -32.68
N MET D 323 76.62 4.22 -31.66
CA MET D 323 76.36 5.63 -31.86
C MET D 323 77.52 6.31 -32.56
N LYS D 324 78.71 5.70 -32.53
CA LYS D 324 79.84 6.13 -33.32
C LYS D 324 79.66 5.70 -34.77
N LYS D 325 79.22 4.45 -35.00
CA LYS D 325 78.94 3.91 -36.32
C LYS D 325 77.81 4.60 -37.07
N ILE D 326 76.74 5.03 -36.40
CA ILE D 326 75.63 5.73 -37.04
C ILE D 326 75.97 7.19 -37.37
N GLY D 327 77.01 7.75 -36.72
CA GLY D 327 77.45 9.13 -36.94
C GLY D 327 76.85 10.12 -35.99
N LEU D 328 76.60 9.71 -34.73
CA LEU D 328 76.05 10.59 -33.71
C LEU D 328 77.19 11.20 -32.91
N ASP D 329 77.23 12.55 -32.79
CA ASP D 329 78.28 13.23 -32.05
C ASP D 329 78.07 13.16 -30.54
N ASP D 330 79.06 13.59 -29.74
CA ASP D 330 78.99 13.42 -28.30
C ASP D 330 78.12 14.45 -27.60
N GLU D 331 77.99 15.69 -28.11
CA GLU D 331 77.08 16.67 -27.53
C GLU D 331 75.62 16.30 -27.75
N GLU D 332 75.28 15.86 -29.00
CA GLU D 332 73.93 15.45 -29.34
C GLU D 332 73.58 14.12 -28.68
N LYS D 333 74.57 13.24 -28.42
CA LYS D 333 74.35 12.02 -27.65
C LYS D 333 73.99 12.31 -26.21
N LEU D 334 74.56 13.37 -25.59
CA LEU D 334 74.15 13.78 -24.26
C LEU D 334 72.74 14.39 -24.25
N ASP D 335 72.34 15.10 -25.32
CA ASP D 335 70.97 15.60 -25.45
C ASP D 335 69.98 14.48 -25.78
N LEU D 336 70.46 13.33 -26.30
CA LEU D 336 69.68 12.15 -26.58
C LEU D 336 69.59 11.26 -25.35
N PHE D 337 70.25 11.66 -24.25
CA PHE D 337 70.13 11.04 -22.95
C PHE D 337 69.34 11.97 -22.02
N ARG D 338 69.34 13.30 -22.26
CA ARG D 338 68.51 14.20 -21.46
C ARG D 338 67.04 14.08 -21.81
N VAL D 339 66.72 13.77 -23.08
CA VAL D 339 65.35 13.58 -23.53
C VAL D 339 64.76 12.28 -23.01
N VAL D 340 65.53 11.17 -23.01
CA VAL D 340 65.07 9.91 -22.43
C VAL D 340 64.86 10.06 -20.93
N ALA D 341 65.79 10.73 -20.23
CA ALA D 341 65.68 10.95 -18.80
C ALA D 341 64.55 11.88 -18.41
N GLY D 342 64.08 12.78 -19.30
CA GLY D 342 62.89 13.58 -19.02
C GLY D 342 61.58 12.82 -19.06
N VAL D 343 61.51 11.67 -19.75
CA VAL D 343 60.30 10.86 -19.81
C VAL D 343 60.18 10.08 -18.51
N LEU D 344 61.32 9.58 -18.02
CA LEU D 344 61.40 8.83 -16.79
C LEU D 344 61.03 9.66 -15.57
N HIS D 345 61.34 10.97 -15.56
CA HIS D 345 60.98 11.81 -14.43
C HIS D 345 59.64 12.50 -14.60
N LEU D 346 58.88 12.16 -15.66
CA LEU D 346 57.51 12.61 -15.81
C LEU D 346 56.63 11.65 -15.04
N GLY D 347 57.15 10.43 -14.79
CA GLY D 347 56.55 9.36 -14.04
C GLY D 347 56.57 9.49 -12.54
N ASN D 348 56.17 10.67 -12.02
CA ASN D 348 56.08 10.90 -10.58
C ASN D 348 55.07 12.00 -10.25
N ILE D 349 54.47 12.67 -11.25
CA ILE D 349 53.61 13.81 -10.99
C ILE D 349 52.17 13.37 -10.80
N ASP D 350 51.57 13.67 -9.62
CA ASP D 350 50.19 13.38 -9.29
C ASP D 350 49.35 14.64 -9.23
N PHE D 351 48.04 14.46 -9.51
CA PHE D 351 47.04 15.51 -9.55
C PHE D 351 45.88 14.98 -8.74
N GLU D 352 45.59 15.61 -7.59
CA GLU D 352 44.56 15.12 -6.71
C GLU D 352 43.23 15.83 -6.94
N GLU D 353 42.27 15.61 -6.04
CA GLU D 353 40.97 16.24 -6.03
C GLU D 353 41.03 17.74 -5.81
N ALA D 354 40.02 18.47 -6.26
CA ALA D 354 39.91 19.91 -6.11
C ALA D 354 39.93 20.42 -4.66
N GLY D 355 40.40 21.66 -4.46
CA GLY D 355 40.47 22.34 -3.17
C GLY D 355 39.15 22.96 -2.79
N SER D 356 38.28 23.13 -3.81
CA SER D 356 36.88 23.58 -3.83
C SER D 356 36.65 25.04 -4.14
N THR D 357 37.70 25.86 -4.27
CA THR D 357 37.53 27.27 -4.64
C THR D 357 37.21 27.44 -6.12
N SER D 358 37.50 26.40 -6.90
CA SER D 358 37.19 26.25 -8.31
C SER D 358 37.14 24.75 -8.47
N GLY D 359 36.63 24.20 -9.58
CA GLY D 359 36.55 22.76 -9.76
C GLY D 359 37.85 22.12 -10.15
N GLY D 360 38.87 22.94 -10.46
CA GLY D 360 40.18 22.48 -10.86
C GLY D 360 40.94 21.61 -9.90
N CYS D 361 41.59 20.57 -10.45
CA CYS D 361 42.53 19.71 -9.76
C CYS D 361 43.83 20.46 -9.45
N ASN D 362 44.57 20.01 -8.42
CA ASN D 362 45.83 20.65 -8.05
C ASN D 362 46.84 19.53 -7.92
N LEU D 363 48.14 19.84 -7.85
CA LEU D 363 49.15 18.80 -7.71
C LEU D 363 49.28 18.39 -6.25
N LYS D 364 49.80 17.18 -5.99
CA LYS D 364 50.08 16.72 -4.63
C LYS D 364 51.36 17.38 -4.12
N ASN D 365 51.48 17.61 -2.81
CA ASN D 365 52.64 18.26 -2.22
C ASN D 365 53.95 17.51 -2.46
N LYS D 366 53.93 16.16 -2.49
CA LYS D 366 55.10 15.36 -2.83
C LYS D 366 55.27 15.15 -4.34
N SER D 367 54.67 16.03 -5.16
CA SER D 367 54.82 16.05 -6.61
C SER D 367 55.33 17.42 -7.01
N THR D 368 55.90 18.18 -6.06
CA THR D 368 56.36 19.55 -6.27
C THR D 368 57.80 19.55 -6.70
N GLN D 369 58.65 18.80 -5.99
CA GLN D 369 60.05 18.66 -6.34
C GLN D 369 60.20 17.76 -7.56
N ALA D 370 59.18 16.93 -7.86
CA ALA D 370 59.12 16.08 -9.03
C ALA D 370 58.80 16.84 -10.31
N LEU D 371 58.25 18.07 -10.19
CA LEU D 371 57.96 18.89 -11.34
C LEU D 371 59.16 19.78 -11.64
N GLU D 372 59.85 20.26 -10.58
CA GLU D 372 61.04 21.10 -10.71
C GLU D 372 62.22 20.36 -11.28
N TYR D 373 62.38 19.06 -10.93
CA TYR D 373 63.47 18.24 -11.42
C TYR D 373 63.15 17.58 -12.75
N CYS D 374 61.93 17.79 -13.30
CA CYS D 374 61.53 17.24 -14.58
C CYS D 374 61.51 18.31 -15.64
N ALA D 375 61.18 19.55 -15.27
CA ALA D 375 61.05 20.61 -16.23
C ALA D 375 62.38 21.09 -16.80
N GLU D 376 63.51 20.86 -16.12
CA GLU D 376 64.80 21.21 -16.67
C GLU D 376 65.34 20.17 -17.65
N LEU D 377 64.75 18.97 -17.69
CA LEU D 377 65.14 17.94 -18.65
C LEU D 377 64.27 18.05 -19.89
N LEU D 378 63.00 18.47 -19.73
CA LEU D 378 62.11 18.70 -20.87
C LEU D 378 62.32 20.07 -21.49
N GLY D 379 63.04 20.99 -20.80
CA GLY D 379 63.26 22.35 -21.27
C GLY D 379 62.04 23.21 -21.12
N LEU D 380 61.35 23.10 -19.98
CA LEU D 380 60.11 23.82 -19.73
C LEU D 380 60.25 24.54 -18.41
N ASP D 381 59.39 25.52 -18.12
CA ASP D 381 59.46 26.30 -16.90
C ASP D 381 58.49 25.78 -15.84
N GLN D 382 58.84 25.86 -14.54
CA GLN D 382 57.98 25.35 -13.48
C GLN D 382 56.71 26.18 -13.25
N ASP D 383 56.66 27.46 -13.66
CA ASP D 383 55.44 28.23 -13.49
C ASP D 383 54.50 28.03 -14.67
N ASP D 384 55.05 27.83 -15.89
CA ASP D 384 54.25 27.60 -17.07
C ASP D 384 53.75 26.19 -17.19
N LEU D 385 54.51 25.19 -16.72
CA LEU D 385 54.10 23.81 -16.80
C LEU D 385 52.98 23.48 -15.83
N ARG D 386 52.92 24.13 -14.66
CA ARG D 386 51.82 23.90 -13.72
C ARG D 386 50.47 24.35 -14.26
N VAL D 387 50.43 25.46 -15.01
CA VAL D 387 49.23 25.92 -15.68
C VAL D 387 48.79 24.96 -16.78
N SER D 388 49.77 24.56 -17.60
CA SER D 388 49.57 23.74 -18.79
C SER D 388 49.18 22.31 -18.55
N LEU D 389 49.52 21.74 -17.38
CA LEU D 389 49.14 20.38 -17.04
C LEU D 389 47.83 20.34 -16.27
N THR D 390 47.20 21.50 -15.98
CA THR D 390 45.98 21.49 -15.18
C THR D 390 44.83 22.26 -15.79
N THR D 391 45.09 23.24 -16.68
CA THR D 391 44.00 24.00 -17.28
C THR D 391 43.87 23.84 -18.78
N ARG D 392 42.68 24.20 -19.30
CA ARG D 392 42.37 24.25 -20.71
C ARG D 392 42.20 25.72 -21.04
N VAL D 393 43.24 26.26 -21.69
CA VAL D 393 43.32 27.62 -22.19
C VAL D 393 42.54 27.67 -23.49
N MET D 394 41.53 28.52 -23.61
CA MET D 394 40.76 28.54 -24.84
C MET D 394 40.39 29.98 -25.13
N LEU D 395 39.63 30.24 -26.20
CA LEU D 395 39.31 31.60 -26.59
C LEU D 395 37.84 31.82 -26.57
N THR D 396 37.43 33.11 -26.47
CA THR D 396 36.05 33.53 -26.63
C THR D 396 35.93 34.32 -27.91
N THR D 397 37.06 34.44 -28.64
CA THR D 397 37.21 35.11 -29.92
C THR D 397 37.39 34.13 -31.06
N ALA D 398 37.16 32.82 -30.83
CA ALA D 398 37.38 31.75 -31.80
C ALA D 398 36.53 31.81 -33.09
N GLY D 399 37.09 32.46 -34.14
CA GLY D 399 36.46 32.59 -35.45
C GLY D 399 35.27 33.49 -35.51
N GLY D 400 35.15 34.43 -34.56
CA GLY D 400 34.03 35.36 -34.47
C GLY D 400 33.93 35.89 -33.08
N ALA D 401 32.79 36.53 -32.75
CA ALA D 401 32.49 37.11 -31.45
C ALA D 401 33.46 38.19 -30.96
N LYS D 402 33.35 38.60 -29.68
CA LYS D 402 34.18 39.62 -29.06
C LYS D 402 34.63 39.14 -27.69
N GLY D 403 35.94 39.19 -27.39
CA GLY D 403 36.43 38.68 -26.12
C GLY D 403 37.92 38.62 -26.03
N THR D 404 38.46 37.51 -25.49
CA THR D 404 39.90 37.32 -25.31
C THR D 404 40.20 35.83 -25.07
N VAL D 405 41.29 35.53 -24.34
CA VAL D 405 41.76 34.19 -24.02
C VAL D 405 41.40 33.86 -22.58
N ILE D 406 40.48 32.90 -22.35
CA ILE D 406 40.09 32.50 -21.01
C ILE D 406 40.77 31.20 -20.58
N LYS D 407 40.74 30.90 -19.26
CA LYS D 407 41.37 29.73 -18.69
C LYS D 407 40.32 28.90 -17.97
N VAL D 408 40.06 27.67 -18.45
CA VAL D 408 39.02 26.79 -17.93
C VAL D 408 39.60 25.53 -17.31
N PRO D 409 39.60 25.25 -16.01
CA PRO D 409 40.25 24.06 -15.47
C PRO D 409 39.70 22.71 -15.98
N LEU D 410 40.55 21.66 -15.93
CA LEU D 410 40.24 20.30 -16.31
C LEU D 410 40.09 19.45 -15.05
N LYS D 411 39.26 18.39 -15.09
CA LYS D 411 39.02 17.56 -13.91
C LYS D 411 40.15 16.58 -13.63
N VAL D 412 40.16 15.95 -12.43
CA VAL D 412 41.16 14.98 -12.00
C VAL D 412 41.50 13.88 -12.99
N GLU D 413 40.49 13.15 -13.50
CA GLU D 413 40.74 12.09 -14.47
C GLU D 413 41.25 12.61 -15.82
N GLN D 414 40.90 13.85 -16.22
CA GLN D 414 41.42 14.41 -17.46
C GLN D 414 42.86 14.87 -17.35
N ALA D 415 43.38 15.10 -16.13
CA ALA D 415 44.76 15.54 -15.98
C ALA D 415 45.70 14.37 -15.84
N ASN D 416 45.23 13.25 -15.26
CA ASN D 416 46.02 12.03 -15.18
C ASN D 416 46.14 11.37 -16.55
N ASN D 417 45.08 11.40 -17.39
CA ASN D 417 45.17 10.87 -18.74
C ASN D 417 45.94 11.81 -19.65
N ALA D 418 46.00 13.13 -19.37
CA ALA D 418 46.75 14.04 -20.20
C ALA D 418 48.24 14.00 -19.92
N ARG D 419 48.65 13.70 -18.67
CA ARG D 419 50.06 13.60 -18.34
C ARG D 419 50.68 12.34 -18.93
N ASP D 420 49.96 11.21 -18.98
CA ASP D 420 50.50 10.05 -19.67
C ASP D 420 50.39 10.20 -21.19
N ALA D 421 49.52 11.09 -21.70
CA ALA D 421 49.42 11.35 -23.12
C ALA D 421 50.61 12.16 -23.62
N LEU D 422 51.25 12.95 -22.74
CA LEU D 422 52.45 13.68 -23.07
C LEU D 422 53.64 12.74 -23.23
N ALA D 423 53.72 11.65 -22.43
CA ALA D 423 54.77 10.65 -22.59
C ALA D 423 54.57 9.78 -23.81
N LYS D 424 53.33 9.70 -24.33
CA LYS D 424 52.97 8.94 -25.51
C LYS D 424 53.06 9.82 -26.75
N THR D 425 53.67 11.00 -26.57
CA THR D 425 53.86 12.00 -27.62
C THR D 425 55.33 12.26 -27.75
N VAL D 426 56.06 12.47 -26.64
CA VAL D 426 57.49 12.74 -26.66
C VAL D 426 58.29 11.54 -27.14
N TYR D 427 58.04 10.32 -26.62
CA TYR D 427 58.82 9.17 -27.09
C TYR D 427 58.44 8.78 -28.51
N SER D 428 57.21 9.10 -28.93
CA SER D 428 56.78 8.87 -30.31
C SER D 428 57.49 9.76 -31.32
N HIS D 429 57.77 11.04 -30.99
CA HIS D 429 58.54 11.87 -31.92
C HIS D 429 60.04 11.66 -31.80
N LEU D 430 60.49 11.04 -30.70
CA LEU D 430 61.89 10.71 -30.53
C LEU D 430 62.30 9.55 -31.41
N PHE D 431 61.42 8.55 -31.58
CA PHE D 431 61.69 7.39 -32.40
C PHE D 431 61.73 7.74 -33.88
N ASP D 432 61.00 8.79 -34.30
CA ASP D 432 61.08 9.24 -35.67
C ASP D 432 62.39 9.99 -35.97
N HIS D 433 63.09 10.51 -34.94
CA HIS D 433 64.37 11.17 -35.10
C HIS D 433 65.53 10.21 -35.10
N VAL D 434 65.40 9.07 -34.40
CA VAL D 434 66.41 8.01 -34.39
C VAL D 434 66.44 7.32 -35.74
N VAL D 435 65.26 7.01 -36.30
CA VAL D 435 65.08 6.45 -37.62
C VAL D 435 65.55 7.42 -38.70
N ASN D 436 65.26 8.74 -38.58
CA ASN D 436 65.75 9.71 -39.55
C ASN D 436 67.28 9.84 -39.54
N ARG D 437 67.94 9.60 -38.39
CA ARG D 437 69.40 9.53 -38.31
C ARG D 437 69.96 8.32 -39.06
N VAL D 438 69.25 7.17 -39.04
CA VAL D 438 69.63 5.99 -39.82
C VAL D 438 69.49 6.26 -41.33
N ASN D 439 68.47 7.02 -41.74
CA ASN D 439 68.25 7.37 -43.14
C ASN D 439 69.27 8.36 -43.70
N GLN D 440 70.05 9.00 -42.81
CA GLN D 440 71.15 9.88 -43.18
C GLN D 440 72.44 9.11 -43.39
N CYS D 441 72.46 7.78 -43.11
CA CYS D 441 73.63 6.94 -43.31
C CYS D 441 73.84 6.46 -44.74
N PHE D 442 72.80 6.53 -45.59
CA PHE D 442 72.87 6.08 -46.97
C PHE D 442 71.94 6.87 -47.88
N PRO D 443 72.09 8.20 -48.02
CA PRO D 443 71.20 9.03 -48.84
C PRO D 443 71.00 8.55 -50.27
N PHE D 444 69.75 8.46 -50.75
CA PHE D 444 69.48 7.95 -52.07
C PHE D 444 69.72 8.95 -53.18
N GLU D 445 70.26 8.48 -54.33
CA GLU D 445 70.48 9.34 -55.48
C GLU D 445 69.18 9.66 -56.21
N THR D 446 68.31 8.65 -56.36
CA THR D 446 67.01 8.75 -57.02
C THR D 446 66.13 7.62 -56.52
N SER D 447 64.92 7.46 -57.08
CA SER D 447 63.97 6.44 -56.69
C SER D 447 63.11 6.09 -57.89
N SER D 448 62.47 4.89 -57.88
CA SER D 448 61.63 4.45 -58.98
C SER D 448 60.96 3.12 -58.70
N TYR D 449 61.76 2.13 -58.27
CA TYR D 449 61.28 0.81 -57.90
C TYR D 449 61.90 0.49 -56.57
N PHE D 450 61.35 -0.46 -55.83
CA PHE D 450 61.90 -0.78 -54.54
C PHE D 450 61.61 -2.20 -54.21
N ILE D 451 62.56 -2.88 -53.54
CA ILE D 451 62.37 -4.21 -53.04
C ILE D 451 62.65 -4.04 -51.58
N GLY D 452 61.62 -4.15 -50.72
CA GLY D 452 61.80 -3.95 -49.28
C GLY D 452 61.45 -5.21 -48.55
N VAL D 453 61.80 -5.28 -47.26
CA VAL D 453 61.46 -6.37 -46.38
C VAL D 453 60.61 -5.86 -45.24
N LEU D 454 59.34 -6.32 -45.16
CA LEU D 454 58.46 -5.99 -44.08
C LEU D 454 58.50 -7.13 -43.06
N ASP D 455 58.93 -6.79 -41.83
CA ASP D 455 58.94 -7.69 -40.73
C ASP D 455 58.08 -6.94 -39.73
N ILE D 456 57.13 -7.64 -39.08
CA ILE D 456 56.14 -7.01 -38.25
C ILE D 456 55.86 -7.90 -37.07
N ALA D 457 55.27 -7.37 -35.99
CA ALA D 457 54.96 -8.12 -34.79
C ALA D 457 54.01 -9.28 -35.09
N GLY D 458 54.42 -10.51 -34.72
CA GLY D 458 53.66 -11.72 -35.05
C GLY D 458 52.39 -11.86 -34.26
N PHE D 459 51.64 -12.95 -34.52
CA PHE D 459 50.42 -13.26 -33.80
C PHE D 459 50.72 -13.71 -32.37
N GLU D 460 50.85 -12.76 -31.43
CA GLU D 460 51.11 -13.07 -30.05
C GLU D 460 49.77 -13.33 -29.35
N TYR D 461 49.71 -14.39 -28.55
CA TYR D 461 48.54 -14.78 -27.80
C TYR D 461 49.05 -15.29 -26.46
N PHE D 462 48.47 -14.80 -25.36
CA PHE D 462 48.91 -15.07 -24.01
C PHE D 462 47.80 -15.77 -23.26
N GLU D 463 48.06 -16.14 -21.99
CA GLU D 463 47.09 -16.75 -21.09
C GLU D 463 46.07 -15.73 -20.58
N HIS D 464 46.45 -14.44 -20.62
CA HIS D 464 45.58 -13.32 -20.33
C HIS D 464 45.85 -12.25 -21.38
N ASN D 465 45.05 -12.16 -22.45
CA ASN D 465 45.27 -11.17 -23.49
C ASN D 465 44.71 -9.81 -23.09
N SER D 466 45.43 -8.73 -23.45
CA SER D 466 45.07 -7.37 -23.07
C SER D 466 44.87 -6.46 -24.26
N PHE D 467 44.90 -5.12 -24.08
CA PHE D 467 44.62 -4.14 -25.13
C PHE D 467 45.76 -4.06 -26.14
N GLU D 468 46.99 -4.35 -25.71
CA GLU D 468 48.15 -4.43 -26.56
C GLU D 468 48.05 -5.62 -27.49
N GLN D 469 47.45 -6.74 -27.02
CA GLN D 469 47.25 -7.89 -27.88
C GLN D 469 45.96 -7.72 -28.69
N PHE D 470 45.06 -6.79 -28.34
CA PHE D 470 43.90 -6.57 -29.18
C PHE D 470 44.28 -5.85 -30.46
N CYS D 471 45.28 -4.95 -30.41
CA CYS D 471 45.75 -4.29 -31.61
C CYS D 471 46.71 -5.13 -32.45
N ILE D 472 47.38 -6.13 -31.86
CA ILE D 472 48.26 -7.04 -32.60
C ILE D 472 47.48 -8.06 -33.40
N ASN D 473 46.47 -8.72 -32.79
CA ASN D 473 45.72 -9.74 -33.50
C ASN D 473 44.76 -9.12 -34.51
N TYR D 474 44.37 -7.84 -34.33
CA TYR D 474 43.63 -7.14 -35.37
C TYR D 474 44.55 -6.75 -36.52
N CYS D 475 45.84 -6.45 -36.25
CA CYS D 475 46.77 -6.15 -37.32
C CYS D 475 47.16 -7.37 -38.12
N ASN D 476 47.28 -8.54 -37.45
CA ASN D 476 47.56 -9.78 -38.15
C ASN D 476 46.35 -10.31 -38.92
N GLU D 477 45.10 -9.95 -38.53
CA GLU D 477 43.89 -10.31 -39.25
C GLU D 477 43.74 -9.56 -40.57
N LYS D 478 44.12 -8.26 -40.61
CA LYS D 478 44.10 -7.49 -41.84
C LYS D 478 45.21 -7.96 -42.78
N LEU D 479 46.36 -8.38 -42.21
CA LEU D 479 47.46 -8.92 -42.97
C LEU D 479 47.14 -10.33 -43.47
N GLN D 480 46.24 -11.05 -42.78
CA GLN D 480 45.74 -12.34 -43.21
C GLN D 480 44.80 -12.18 -44.38
N GLN D 481 44.08 -11.06 -44.45
CA GLN D 481 43.24 -10.74 -45.58
C GLN D 481 44.08 -10.52 -46.83
N PHE D 482 45.16 -9.69 -46.75
CA PHE D 482 46.02 -9.46 -47.90
C PHE D 482 46.86 -10.69 -48.28
N PHE D 483 47.12 -11.61 -47.33
CA PHE D 483 47.81 -12.85 -47.59
C PHE D 483 47.03 -13.77 -48.51
N ASN D 484 45.74 -14.00 -48.22
CA ASN D 484 44.89 -14.84 -49.05
C ASN D 484 44.52 -14.18 -50.37
N GLU D 485 44.56 -12.84 -50.48
CA GLU D 485 44.28 -12.16 -51.73
C GLU D 485 45.40 -12.31 -52.74
N ARG D 486 46.67 -12.39 -52.31
CA ARG D 486 47.78 -12.59 -53.23
C ARG D 486 47.95 -14.06 -53.61
N ILE D 487 47.51 -14.99 -52.75
CA ILE D 487 47.56 -16.43 -52.98
C ILE D 487 46.53 -16.82 -54.01
N LEU D 488 45.30 -16.28 -53.91
CA LEU D 488 44.24 -16.53 -54.88
C LEU D 488 44.59 -15.95 -56.24
N LYS D 489 45.24 -14.77 -56.28
CA LYS D 489 45.67 -14.18 -57.54
C LYS D 489 46.80 -14.96 -58.17
N GLU D 490 47.69 -15.57 -57.36
CA GLU D 490 48.76 -16.38 -57.91
C GLU D 490 48.27 -17.66 -58.56
N GLU D 491 47.25 -18.34 -57.98
CA GLU D 491 46.67 -19.54 -58.56
C GLU D 491 45.83 -19.26 -59.80
N GLN D 492 45.19 -18.09 -59.87
CA GLN D 492 44.32 -17.73 -60.98
C GLN D 492 45.08 -17.35 -62.24
N GLU D 493 46.33 -16.89 -62.07
CA GLU D 493 47.20 -16.52 -63.16
C GLU D 493 48.19 -17.63 -63.45
N LEU D 494 48.01 -18.82 -62.84
CA LEU D 494 48.86 -19.96 -63.11
C LEU D 494 48.09 -21.05 -63.84
N TYR D 495 46.84 -21.34 -63.44
CA TYR D 495 46.06 -22.38 -64.13
C TYR D 495 45.52 -21.97 -65.48
N GLN D 496 45.34 -20.65 -65.70
CA GLN D 496 44.88 -20.11 -66.97
C GLN D 496 46.03 -19.63 -67.84
N LYS D 497 47.29 -19.68 -67.34
CA LYS D 497 48.47 -19.32 -68.13
C LYS D 497 49.18 -20.58 -68.58
N GLU D 498 49.08 -21.68 -67.80
CA GLU D 498 49.66 -22.97 -68.16
C GLU D 498 48.60 -23.86 -68.81
N GLY D 499 47.32 -23.44 -68.75
CA GLY D 499 46.18 -24.10 -69.39
C GLY D 499 45.60 -25.29 -68.67
N LEU D 500 46.12 -25.61 -67.47
CA LEU D 500 45.71 -26.74 -66.67
C LEU D 500 44.26 -26.69 -66.17
N GLY D 501 43.82 -25.51 -65.70
CA GLY D 501 42.52 -25.36 -65.08
C GLY D 501 41.77 -24.13 -65.48
N VAL D 502 40.45 -24.15 -65.23
CA VAL D 502 39.53 -23.06 -65.54
C VAL D 502 38.68 -22.72 -64.31
N ASN D 503 38.88 -23.45 -63.19
CA ASN D 503 38.12 -23.33 -61.97
C ASN D 503 38.10 -21.99 -61.20
N GLU D 504 36.97 -21.75 -60.53
CA GLU D 504 36.76 -20.63 -59.63
C GLU D 504 37.35 -21.01 -58.28
N VAL D 505 37.80 -20.03 -57.47
CA VAL D 505 38.31 -20.29 -56.14
C VAL D 505 37.24 -19.89 -55.15
N HIS D 506 36.87 -20.77 -54.21
CA HIS D 506 35.89 -20.47 -53.17
C HIS D 506 36.67 -19.88 -52.01
N TYR D 507 36.67 -18.54 -51.93
CA TYR D 507 37.50 -17.74 -51.04
C TYR D 507 37.29 -17.94 -49.55
N VAL D 508 38.39 -17.91 -48.77
CA VAL D 508 38.32 -17.98 -47.32
C VAL D 508 38.09 -16.57 -46.75
N ASP D 509 36.80 -16.21 -46.64
CA ASP D 509 36.31 -14.94 -46.19
C ASP D 509 36.61 -14.64 -44.72
N ASN D 510 36.88 -13.36 -44.42
CA ASN D 510 37.07 -12.88 -43.07
C ASN D 510 36.54 -11.47 -43.01
N GLN D 511 35.64 -11.12 -43.94
CA GLN D 511 35.04 -9.81 -44.04
C GLN D 511 34.14 -9.55 -42.85
N ASP D 512 33.50 -10.61 -42.31
CA ASP D 512 32.72 -10.52 -41.10
C ASP D 512 33.59 -10.25 -39.87
N CYS D 513 34.88 -10.67 -39.88
CA CYS D 513 35.81 -10.35 -38.81
C CYS D 513 36.33 -8.92 -38.92
N ILE D 514 36.48 -8.42 -40.15
CA ILE D 514 36.94 -7.06 -40.41
C ILE D 514 35.86 -6.08 -40.04
N ASP D 515 34.62 -6.25 -40.56
CA ASP D 515 33.49 -5.42 -40.17
C ASP D 515 33.15 -5.52 -38.68
N LEU D 516 33.51 -6.62 -37.99
CA LEU D 516 33.33 -6.75 -36.56
C LEU D 516 34.26 -5.82 -35.78
N ILE D 517 35.56 -5.78 -36.13
CA ILE D 517 36.50 -4.92 -35.42
C ILE D 517 36.39 -3.44 -35.80
N GLU D 518 36.21 -3.10 -37.10
CA GLU D 518 36.06 -1.73 -37.55
C GLU D 518 34.87 -1.62 -38.50
N ALA D 519 34.02 -0.57 -38.39
CA ALA D 519 32.91 -0.45 -39.32
C ALA D 519 32.48 0.99 -39.51
N ARG D 520 31.31 1.17 -40.14
CA ARG D 520 30.68 2.44 -40.46
C ARG D 520 29.93 2.97 -39.23
N LEU D 521 30.71 3.25 -38.15
CA LEU D 521 30.27 3.73 -36.86
C LEU D 521 29.54 2.68 -36.05
N VAL D 522 29.88 1.38 -36.23
CA VAL D 522 29.23 0.29 -35.49
C VAL D 522 30.14 -0.89 -35.14
N GLY D 523 31.46 -0.86 -35.42
CA GLY D 523 32.39 -1.94 -35.06
C GLY D 523 32.83 -1.90 -33.61
N ILE D 524 33.81 -2.73 -33.21
CA ILE D 524 34.29 -2.74 -31.83
C ILE D 524 35.14 -1.52 -31.57
N LEU D 525 36.04 -1.13 -32.48
CA LEU D 525 36.82 0.07 -32.30
C LEU D 525 35.97 1.32 -32.38
N ASP D 526 34.82 1.28 -33.08
CA ASP D 526 33.90 2.39 -33.12
C ASP D 526 33.18 2.61 -31.80
N ILE D 527 32.93 1.56 -31.00
CA ILE D 527 32.29 1.74 -29.71
C ILE D 527 33.30 2.28 -28.71
N LEU D 528 34.57 1.84 -28.81
CA LEU D 528 35.65 2.28 -27.95
C LEU D 528 35.95 3.76 -28.08
N ASP D 529 35.85 4.30 -29.31
CA ASP D 529 36.05 5.72 -29.57
C ASP D 529 34.81 6.52 -29.15
N GLU D 530 33.64 5.88 -29.05
CA GLU D 530 32.44 6.51 -28.55
C GLU D 530 32.44 6.57 -27.02
N GLU D 531 32.99 5.55 -26.33
CA GLU D 531 33.08 5.52 -24.87
C GLU D 531 34.03 6.55 -24.29
N ASN D 532 35.09 6.94 -25.03
CA ASN D 532 36.03 7.96 -24.59
C ASN D 532 35.35 9.33 -24.46
N ARG D 533 34.36 9.61 -25.33
CA ARG D 533 33.62 10.84 -25.35
C ARG D 533 32.60 11.01 -24.23
N LEU D 534 32.13 9.93 -23.60
CA LEU D 534 31.11 9.96 -22.55
C LEU D 534 31.49 10.67 -21.26
N PRO D 535 30.57 11.29 -20.49
CA PRO D 535 30.86 12.01 -19.24
C PRO D 535 31.68 11.26 -18.20
N GLN D 536 31.32 10.01 -17.90
CA GLN D 536 32.06 9.16 -16.99
C GLN D 536 32.30 7.85 -17.72
N PRO D 537 33.48 7.55 -18.27
CA PRO D 537 33.70 6.28 -18.92
C PRO D 537 33.65 5.12 -17.93
N SER D 538 33.43 3.89 -18.41
CA SER D 538 33.36 2.72 -17.55
C SER D 538 33.98 1.57 -18.30
N ASP D 539 34.17 0.41 -17.64
CA ASP D 539 34.74 -0.74 -18.29
C ASP D 539 33.60 -1.73 -18.46
N GLN D 540 32.56 -1.61 -17.61
CA GLN D 540 31.32 -2.35 -17.75
C GLN D 540 30.43 -1.80 -18.84
N HIS D 541 30.45 -0.47 -19.08
CA HIS D 541 29.61 0.13 -20.10
C HIS D 541 30.16 -0.08 -21.50
N PHE D 542 31.50 -0.20 -21.63
CA PHE D 542 32.15 -0.54 -22.89
C PHE D 542 31.91 -1.99 -23.29
N THR D 543 31.96 -2.90 -22.32
CA THR D 543 31.80 -4.33 -22.58
C THR D 543 30.39 -4.72 -22.90
N SER D 544 29.43 -4.15 -22.19
CA SER D 544 28.02 -4.46 -22.39
C SER D 544 27.49 -3.93 -23.70
N ALA D 545 28.12 -2.86 -24.23
CA ALA D 545 27.77 -2.32 -25.53
C ALA D 545 28.28 -3.19 -26.67
N VAL D 546 29.32 -3.99 -26.44
CA VAL D 546 29.84 -4.92 -27.42
C VAL D 546 28.86 -6.04 -27.61
N HIS D 547 28.32 -6.62 -26.51
CA HIS D 547 27.32 -7.65 -26.70
C HIS D 547 25.92 -7.08 -26.84
N GLN D 548 25.77 -5.73 -26.82
CA GLN D 548 24.55 -5.09 -27.24
C GLN D 548 24.43 -5.11 -28.75
N LYS D 549 25.45 -4.56 -29.42
CA LYS D 549 25.46 -4.39 -30.86
C LYS D 549 25.95 -5.58 -31.68
N HIS D 550 26.87 -6.41 -31.18
CA HIS D 550 27.41 -7.53 -31.95
C HIS D 550 26.85 -8.87 -31.52
N LYS D 551 25.65 -8.85 -30.93
CA LYS D 551 24.91 -10.00 -30.46
C LYS D 551 24.64 -11.09 -31.50
N ASP D 552 24.33 -10.71 -32.76
CA ASP D 552 24.08 -11.67 -33.82
C ASP D 552 25.33 -12.01 -34.64
N HIS D 553 26.51 -11.46 -34.30
CA HIS D 553 27.74 -11.80 -35.03
C HIS D 553 28.32 -13.11 -34.53
N PHE D 554 28.52 -14.07 -35.44
CA PHE D 554 29.01 -15.40 -35.14
C PHE D 554 30.40 -15.43 -34.50
N ARG D 555 31.32 -14.55 -34.89
CA ARG D 555 32.65 -14.54 -34.31
C ARG D 555 32.76 -13.83 -32.96
N LEU D 556 31.69 -13.81 -32.15
CA LEU D 556 31.72 -13.17 -30.85
C LEU D 556 30.68 -13.80 -29.94
N SER D 557 31.08 -14.21 -28.73
CA SER D 557 30.19 -14.82 -27.76
C SER D 557 30.57 -14.27 -26.40
N ILE D 558 29.81 -14.59 -25.33
CA ILE D 558 30.11 -14.16 -23.97
C ILE D 558 31.33 -14.88 -23.41
N PRO D 559 32.19 -14.33 -22.55
CA PRO D 559 33.39 -15.01 -22.05
C PRO D 559 33.11 -16.34 -21.37
N ARG D 560 31.92 -16.50 -20.78
CA ARG D 560 31.49 -17.71 -20.12
C ARG D 560 31.25 -18.88 -21.08
N LYS D 561 31.08 -18.59 -22.38
CA LYS D 561 30.81 -19.60 -23.39
C LYS D 561 32.11 -20.16 -23.97
N SER D 562 33.28 -19.83 -23.39
CA SER D 562 34.59 -20.32 -23.85
C SER D 562 34.75 -21.83 -23.89
N LYS D 563 35.51 -22.31 -24.89
CA LYS D 563 35.80 -23.70 -25.14
C LYS D 563 36.99 -24.18 -24.33
N LEU D 564 37.74 -23.24 -23.74
CA LEU D 564 38.85 -23.53 -22.85
C LEU D 564 38.38 -23.14 -21.47
N ALA D 565 38.30 -24.11 -20.54
CA ALA D 565 37.80 -23.90 -19.20
C ALA D 565 38.50 -22.79 -18.43
N ILE D 566 39.79 -22.58 -18.73
CA ILE D 566 40.65 -21.55 -18.17
C ILE D 566 40.05 -20.16 -18.28
N HIS D 567 39.37 -19.86 -19.40
CA HIS D 567 38.82 -18.54 -19.64
C HIS D 567 37.35 -18.42 -19.23
N ARG D 568 36.81 -19.39 -18.45
CA ARG D 568 35.45 -19.30 -17.95
C ARG D 568 35.36 -18.65 -16.58
N ASN D 569 36.48 -18.18 -16.02
CA ASN D 569 36.50 -17.47 -14.74
C ASN D 569 36.13 -16.00 -14.90
N ILE D 570 36.12 -15.52 -16.14
CA ILE D 570 35.74 -14.19 -16.55
C ILE D 570 34.22 -14.15 -16.64
N ARG D 571 33.56 -13.02 -16.31
CA ARG D 571 32.11 -12.93 -16.43
C ARG D 571 31.70 -11.81 -17.35
N ASP D 572 30.42 -11.79 -17.79
CA ASP D 572 29.80 -10.99 -18.84
C ASP D 572 30.42 -9.63 -19.15
N ASP D 573 30.44 -8.68 -18.21
CA ASP D 573 30.98 -7.36 -18.44
C ASP D 573 32.45 -7.23 -18.06
N GLU D 574 33.22 -8.33 -18.09
CA GLU D 574 34.65 -8.32 -17.86
C GLU D 574 35.46 -8.76 -19.08
N GLY D 575 34.83 -9.18 -20.19
CA GLY D 575 35.62 -9.62 -21.33
C GLY D 575 34.79 -10.10 -22.50
N PHE D 576 35.47 -10.49 -23.60
CA PHE D 576 34.82 -10.99 -24.79
C PHE D 576 35.77 -11.89 -25.55
N ILE D 577 35.21 -12.75 -26.43
CA ILE D 577 35.95 -13.72 -27.22
C ILE D 577 35.75 -13.40 -28.68
N ILE D 578 36.85 -13.18 -29.43
CA ILE D 578 36.83 -12.82 -30.84
C ILE D 578 37.50 -13.95 -31.62
N ARG D 579 36.78 -14.61 -32.55
CA ARG D 579 37.41 -15.69 -33.29
C ARG D 579 38.24 -15.12 -34.44
N HIS D 580 39.51 -15.56 -34.53
CA HIS D 580 40.47 -15.07 -35.51
C HIS D 580 40.96 -16.21 -36.37
N PHE D 581 41.84 -15.92 -37.36
CA PHE D 581 42.47 -16.88 -38.27
C PHE D 581 43.40 -17.92 -37.62
N ALA D 582 43.58 -17.80 -36.31
CA ALA D 582 44.39 -18.63 -35.48
C ALA D 582 43.60 -18.91 -34.22
N GLY D 583 42.34 -19.36 -34.37
CA GLY D 583 41.48 -19.70 -33.26
C GLY D 583 40.80 -18.57 -32.53
N ALA D 584 40.08 -18.93 -31.47
CA ALA D 584 39.29 -18.09 -30.61
C ALA D 584 40.13 -17.55 -29.47
N VAL D 585 40.42 -16.24 -29.46
CA VAL D 585 41.31 -15.66 -28.49
C VAL D 585 40.47 -14.75 -27.62
N CYS D 586 40.48 -15.00 -26.29
CA CYS D 586 39.66 -14.26 -25.35
C CYS D 586 40.42 -13.04 -24.86
N TYR D 587 39.72 -11.95 -24.51
CA TYR D 587 40.34 -10.73 -24.01
C TYR D 587 39.60 -10.29 -22.76
N GLU D 588 40.32 -9.79 -21.73
CA GLU D 588 39.62 -9.19 -20.60
C GLU D 588 39.42 -7.72 -20.98
N THR D 589 38.43 -7.00 -20.43
CA THR D 589 38.23 -5.59 -20.80
C THR D 589 38.74 -4.59 -19.81
N THR D 590 39.29 -5.01 -18.64
CA THR D 590 39.88 -4.05 -17.72
C THR D 590 41.03 -3.28 -18.36
N GLN D 591 41.08 -1.97 -18.08
CA GLN D 591 42.00 -1.00 -18.65
C GLN D 591 41.93 -0.79 -20.15
N PHE D 592 40.94 -1.36 -20.91
CA PHE D 592 40.83 -1.10 -22.34
C PHE D 592 40.53 0.35 -22.61
N VAL D 593 39.58 0.93 -21.87
CA VAL D 593 39.23 2.32 -21.99
C VAL D 593 40.35 3.24 -21.53
N GLU D 594 40.91 3.06 -20.32
CA GLU D 594 42.00 3.92 -19.87
C GLU D 594 43.26 3.83 -20.72
N LYS D 595 43.65 2.63 -21.23
CA LYS D 595 44.80 2.57 -22.11
C LYS D 595 44.56 3.15 -23.49
N ASN D 596 43.30 3.19 -23.98
CA ASN D 596 43.02 3.77 -25.28
C ASN D 596 42.82 5.27 -25.20
N ASN D 597 42.22 5.76 -24.09
CA ASN D 597 41.96 7.18 -23.88
C ASN D 597 43.22 8.03 -23.78
N ASP D 598 43.32 9.09 -24.58
CA ASP D 598 44.38 10.04 -24.46
C ASP D 598 43.83 11.39 -24.84
N ALA D 599 44.34 12.44 -24.20
CA ALA D 599 43.87 13.78 -24.44
C ALA D 599 45.10 14.64 -24.34
N LEU D 600 45.28 15.56 -25.30
CA LEU D 600 46.43 16.41 -25.32
C LEU D 600 46.00 17.72 -25.91
N HIS D 601 45.34 18.51 -25.06
CA HIS D 601 44.75 19.81 -25.31
C HIS D 601 45.76 20.84 -25.79
N MET D 602 45.27 21.87 -26.53
CA MET D 602 46.11 22.90 -27.12
C MET D 602 46.99 23.61 -26.11
N SER D 603 46.49 23.90 -24.90
CA SER D 603 47.30 24.44 -23.79
C SER D 603 48.49 23.62 -23.34
N LEU D 604 48.72 22.41 -23.86
CA LEU D 604 49.85 21.59 -23.49
C LEU D 604 50.56 21.12 -24.75
N GLU D 605 49.81 20.91 -25.87
CA GLU D 605 50.44 20.62 -27.15
C GLU D 605 51.18 21.85 -27.68
N SER D 606 50.64 23.06 -27.42
CA SER D 606 51.29 24.32 -27.74
C SER D 606 52.11 24.84 -26.57
N LEU D 607 52.80 23.93 -25.87
CA LEU D 607 53.78 24.27 -24.84
C LEU D 607 55.01 23.42 -25.08
N ILE D 608 54.83 22.14 -25.45
CA ILE D 608 55.92 21.21 -25.71
C ILE D 608 56.59 21.47 -27.05
N CYS D 609 55.87 22.14 -27.98
CA CYS D 609 56.43 22.60 -29.23
C CYS D 609 57.31 23.83 -29.01
N GLU D 610 57.05 24.57 -27.92
CA GLU D 610 57.78 25.77 -27.56
C GLU D 610 58.83 25.53 -26.47
N SER D 611 59.53 24.39 -26.47
CA SER D 611 60.56 24.05 -25.49
C SER D 611 61.74 25.03 -25.47
N ARG D 612 62.33 25.25 -24.28
CA ARG D 612 63.44 26.12 -24.02
C ARG D 612 64.79 25.40 -24.13
N ASP D 613 64.91 24.48 -25.09
CA ASP D 613 66.11 23.76 -25.43
C ASP D 613 65.99 23.54 -26.93
N LYS D 614 67.10 23.36 -27.67
CA LYS D 614 67.05 23.39 -29.12
C LYS D 614 66.89 22.06 -29.83
N PHE D 615 67.47 20.95 -29.32
CA PHE D 615 67.30 19.64 -29.93
C PHE D 615 65.85 19.14 -29.79
N ILE D 616 65.16 19.57 -28.72
CA ILE D 616 63.78 19.23 -28.42
C ILE D 616 62.79 19.83 -29.39
N ARG D 617 62.99 21.10 -29.82
CA ARG D 617 62.09 21.76 -30.77
C ARG D 617 62.10 21.15 -32.16
N GLU D 618 63.20 20.48 -32.55
CA GLU D 618 63.35 19.81 -33.83
C GLU D 618 62.48 18.57 -33.93
N LEU D 619 62.15 17.94 -32.80
CA LEU D 619 61.39 16.70 -32.76
C LEU D 619 59.94 16.89 -33.14
N PHE D 620 59.36 18.06 -32.87
CA PHE D 620 57.94 18.34 -33.03
C PHE D 620 57.62 19.16 -34.27
N GLU D 621 58.40 18.93 -35.37
CA GLU D 621 58.23 19.52 -36.69
C GLU D 621 58.38 21.05 -36.71
N SER D 622 58.40 21.78 -37.84
CA SER D 622 58.27 21.45 -39.26
C SER D 622 59.32 20.52 -39.83
N SER D 623 58.93 19.63 -40.76
CA SER D 623 59.81 18.67 -41.43
C SER D 623 59.91 18.94 -42.92
N THR D 624 59.85 17.90 -43.78
CA THR D 624 59.94 18.01 -45.23
C THR D 624 58.58 18.00 -45.88
N ASN D 625 57.50 17.61 -45.14
CA ASN D 625 56.16 17.63 -45.67
C ASN D 625 55.12 17.56 -44.54
N ASN D 626 53.82 17.68 -44.91
CA ASN D 626 52.66 17.62 -44.03
C ASN D 626 52.69 18.61 -42.87
N ASN D 627 52.84 19.90 -43.19
CA ASN D 627 52.93 20.98 -42.23
C ASN D 627 51.57 21.29 -41.60
N LYS D 628 51.32 20.78 -40.39
CA LYS D 628 50.07 20.87 -39.66
C LYS D 628 49.89 22.20 -38.91
N ASP D 629 50.90 22.65 -38.14
CA ASP D 629 50.90 23.89 -37.38
C ASP D 629 49.64 24.21 -36.55
N THR D 630 49.33 23.42 -35.50
CA THR D 630 48.14 23.63 -34.66
C THR D 630 48.06 25.01 -34.01
N LYS D 631 46.89 25.66 -34.11
CA LYS D 631 46.58 26.95 -33.51
C LYS D 631 45.10 27.00 -33.11
N GLN D 632 44.78 27.85 -32.11
CA GLN D 632 43.45 28.08 -31.58
C GLN D 632 42.44 28.63 -32.59
N LYS D 633 42.85 29.53 -33.50
CA LYS D 633 41.99 30.14 -34.52
C LYS D 633 41.20 29.19 -35.41
N ALA D 634 41.69 27.96 -35.64
CA ALA D 634 41.04 26.95 -36.45
C ALA D 634 40.53 25.79 -35.59
N GLY D 635 40.33 26.00 -34.26
CA GLY D 635 39.83 24.99 -33.34
C GLY D 635 38.39 24.59 -33.60
N LYS D 636 37.84 23.61 -32.86
CA LYS D 636 38.04 22.18 -33.13
C LYS D 636 39.17 21.64 -32.26
N LEU D 637 39.38 20.33 -32.02
CA LEU D 637 38.74 19.12 -32.51
C LEU D 637 38.65 18.12 -31.34
N SER D 638 38.83 18.60 -30.09
CA SER D 638 38.82 17.79 -28.87
C SER D 638 39.79 16.61 -28.82
N PHE D 639 39.31 15.36 -28.74
CA PHE D 639 40.15 14.19 -28.54
C PHE D 639 40.86 13.68 -29.79
N ILE D 640 40.40 14.04 -31.00
CA ILE D 640 41.02 13.65 -32.27
C ILE D 640 41.11 12.12 -32.46
N SER D 641 39.94 11.46 -32.46
CA SER D 641 39.68 10.02 -32.55
C SER D 641 40.75 9.04 -32.06
N VAL D 642 40.80 8.85 -30.72
CA VAL D 642 41.73 8.00 -30.00
C VAL D 642 41.70 6.52 -30.38
N GLY D 643 40.52 5.95 -30.69
CA GLY D 643 40.34 4.56 -31.08
C GLY D 643 40.60 4.27 -32.54
N ASN D 644 41.07 5.27 -33.28
CA ASN D 644 41.25 5.28 -34.71
C ASN D 644 42.71 5.21 -35.12
N LYS D 645 43.66 5.73 -34.32
CA LYS D 645 45.03 5.95 -34.75
C LYS D 645 45.86 4.70 -35.04
N PHE D 646 45.56 3.55 -34.42
CA PHE D 646 46.20 2.29 -34.78
C PHE D 646 45.65 1.77 -36.11
N LYS D 647 44.44 2.18 -36.49
CA LYS D 647 43.79 1.78 -37.71
C LYS D 647 44.20 2.72 -38.82
N THR D 648 44.30 4.03 -38.58
CA THR D 648 44.70 4.99 -39.61
C THR D 648 46.09 4.72 -40.10
N GLN D 649 47.07 4.49 -39.20
CA GLN D 649 48.41 4.16 -39.65
C GLN D 649 48.53 2.80 -40.31
N LEU D 650 47.70 1.81 -39.92
CA LEU D 650 47.71 0.51 -40.57
C LEU D 650 47.11 0.56 -41.97
N ASN D 651 46.12 1.44 -42.20
CA ASN D 651 45.56 1.65 -43.52
C ASN D 651 46.52 2.37 -44.47
N LEU D 652 47.55 3.08 -43.97
CA LEU D 652 48.57 3.71 -44.80
C LEU D 652 49.60 2.72 -45.28
N LEU D 653 49.58 1.49 -44.74
CA LEU D 653 50.55 0.48 -45.08
C LEU D 653 49.91 -0.56 -45.94
N LEU D 654 48.63 -0.91 -45.69
CA LEU D 654 47.90 -1.87 -46.49
C LEU D 654 47.62 -1.36 -47.88
N ASP D 655 47.33 -0.06 -48.07
CA ASP D 655 47.15 0.41 -49.42
C ASP D 655 48.49 0.58 -50.15
N LYS D 656 49.65 0.69 -49.46
CA LYS D 656 50.90 0.60 -50.19
C LYS D 656 51.24 -0.84 -50.58
N LEU D 657 50.88 -1.82 -49.73
CA LEU D 657 51.10 -3.24 -50.00
C LEU D 657 50.22 -3.80 -51.11
N ARG D 658 48.99 -3.27 -51.29
CA ARG D 658 48.13 -3.75 -52.36
C ARG D 658 48.60 -3.28 -53.71
N SER D 659 49.34 -2.17 -53.76
CA SER D 659 49.91 -1.64 -55.00
C SER D 659 51.26 -2.24 -55.36
N THR D 660 51.90 -3.00 -54.44
CA THR D 660 53.18 -3.68 -54.65
C THR D 660 52.98 -5.17 -54.80
N GLY D 661 54.01 -5.90 -55.27
CA GLY D 661 54.00 -7.35 -55.26
C GLY D 661 54.33 -7.88 -53.88
N ALA D 662 54.37 -9.22 -53.69
CA ALA D 662 54.66 -9.78 -52.39
C ALA D 662 55.34 -11.15 -52.43
N SER D 663 56.11 -11.45 -51.35
CA SER D 663 56.89 -12.67 -51.12
C SER D 663 56.75 -13.16 -49.68
N PHE D 664 55.66 -13.84 -49.33
CA PHE D 664 55.32 -14.25 -47.97
C PHE D 664 56.18 -15.39 -47.42
N ILE D 665 57.09 -15.09 -46.46
CA ILE D 665 58.04 -16.02 -45.85
C ILE D 665 57.70 -16.27 -44.38
N ARG D 666 57.12 -17.46 -44.08
CA ARG D 666 56.69 -17.82 -42.73
C ARG D 666 57.89 -18.49 -42.04
N CYS D 667 58.26 -18.04 -40.83
CA CYS D 667 59.40 -18.58 -40.09
C CYS D 667 59.00 -19.42 -38.90
N ILE D 668 59.43 -20.70 -38.86
CA ILE D 668 59.12 -21.69 -37.83
C ILE D 668 60.23 -21.84 -36.78
N LYS D 669 59.89 -21.71 -35.48
CA LYS D 669 60.81 -21.94 -34.38
C LYS D 669 60.74 -23.41 -33.95
N PRO D 670 61.80 -24.21 -33.81
CA PRO D 670 61.65 -25.63 -33.51
C PRO D 670 61.57 -25.98 -32.04
N ASN D 671 62.10 -25.17 -31.11
CA ASN D 671 62.08 -25.53 -29.71
C ASN D 671 62.21 -24.31 -28.81
N LEU D 672 61.67 -24.41 -27.59
CA LEU D 672 61.63 -23.36 -26.58
C LEU D 672 62.99 -22.95 -26.02
N LYS D 673 63.89 -23.93 -25.76
CA LYS D 673 65.22 -23.70 -25.22
C LYS D 673 66.10 -22.86 -26.16
N MET D 674 65.88 -23.04 -27.48
CA MET D 674 66.62 -22.46 -28.58
C MET D 674 68.01 -23.05 -28.69
N THR D 675 68.06 -24.40 -28.68
CA THR D 675 69.28 -25.19 -28.75
C THR D 675 69.30 -26.11 -29.95
N SER D 676 70.51 -26.48 -30.38
CA SER D 676 70.80 -27.37 -31.50
C SER D 676 70.21 -28.76 -31.37
N HIS D 677 69.62 -29.30 -32.45
CA HIS D 677 69.11 -30.66 -32.56
C HIS D 677 68.05 -31.04 -31.52
N HIS D 678 67.11 -30.13 -31.26
CA HIS D 678 66.04 -30.32 -30.31
C HIS D 678 64.74 -30.01 -31.03
N PHE D 679 63.77 -30.95 -31.01
CA PHE D 679 62.54 -30.84 -31.76
C PHE D 679 61.38 -30.93 -30.79
N GLU D 680 60.42 -29.98 -30.83
CA GLU D 680 59.24 -30.03 -29.98
C GLU D 680 58.01 -30.00 -30.87
N GLY D 681 57.34 -31.16 -31.07
CA GLY D 681 56.19 -31.24 -31.96
C GLY D 681 54.88 -30.87 -31.33
N ALA D 682 54.93 -30.38 -30.08
CA ALA D 682 53.80 -29.82 -29.38
C ALA D 682 53.89 -28.31 -29.41
N GLN D 683 54.95 -27.77 -30.06
CA GLN D 683 55.22 -26.35 -30.21
C GLN D 683 55.38 -26.01 -31.69
N ILE D 684 55.89 -26.95 -32.51
CA ILE D 684 55.97 -26.80 -33.94
C ILE D 684 54.57 -26.90 -34.53
N LEU D 685 53.74 -27.88 -34.11
CA LEU D 685 52.38 -28.02 -34.63
C LEU D 685 51.50 -26.80 -34.29
N SER D 686 51.74 -26.15 -33.15
CA SER D 686 51.05 -24.92 -32.78
C SER D 686 51.41 -23.73 -33.63
N GLN D 687 52.60 -23.71 -34.25
CA GLN D 687 52.96 -22.61 -35.13
C GLN D 687 52.52 -22.88 -36.56
N LEU D 688 52.17 -24.14 -36.92
CA LEU D 688 51.55 -24.39 -38.21
C LEU D 688 50.09 -23.95 -38.16
N GLN D 689 49.48 -24.05 -36.96
CA GLN D 689 48.11 -23.63 -36.74
C GLN D 689 47.92 -22.18 -36.31
N CYS D 690 49.00 -21.42 -36.05
CA CYS D 690 48.88 -20.01 -35.66
C CYS D 690 49.67 -19.08 -36.57
N SER D 691 50.18 -19.56 -37.71
CA SER D 691 50.91 -18.71 -38.65
C SER D 691 50.13 -18.45 -39.91
N GLY D 692 48.85 -18.87 -40.00
CA GLY D 692 48.03 -18.67 -41.20
C GLY D 692 48.19 -19.74 -42.23
N MET D 693 48.95 -20.81 -41.92
CA MET D 693 49.20 -21.89 -42.85
C MET D 693 47.97 -22.76 -43.11
N VAL D 694 47.04 -22.88 -42.13
CA VAL D 694 45.84 -23.71 -42.23
C VAL D 694 44.90 -23.18 -43.30
N SER D 695 44.75 -21.86 -43.39
CA SER D 695 43.90 -21.22 -44.40
C SER D 695 44.43 -21.44 -45.80
N VAL D 696 45.75 -21.55 -45.99
CA VAL D 696 46.34 -21.85 -47.29
C VAL D 696 46.03 -23.27 -47.71
N LEU D 697 46.16 -24.24 -46.79
CA LEU D 697 45.88 -25.64 -47.07
C LEU D 697 44.40 -25.90 -47.32
N ASP D 698 43.50 -25.07 -46.74
CA ASP D 698 42.07 -25.14 -46.97
C ASP D 698 41.63 -24.24 -48.15
N LEU D 699 42.56 -23.53 -48.80
CA LEU D 699 42.28 -22.69 -49.96
C LEU D 699 42.89 -23.32 -51.20
N MET D 700 44.01 -24.06 -51.06
CA MET D 700 44.62 -24.78 -52.16
C MET D 700 44.03 -26.18 -52.27
N GLN D 701 43.28 -26.44 -53.35
CA GLN D 701 42.56 -27.69 -53.55
C GLN D 701 42.65 -28.19 -54.99
N GLY D 702 43.57 -27.67 -55.82
CA GLY D 702 43.67 -28.02 -57.24
C GLY D 702 43.95 -29.47 -57.57
N GLY D 703 44.75 -30.19 -56.76
CA GLY D 703 45.01 -31.61 -56.97
C GLY D 703 46.04 -31.94 -58.03
N PHE D 704 46.75 -30.95 -58.57
CA PHE D 704 47.77 -31.14 -59.59
C PHE D 704 49.16 -31.49 -58.99
N GLU E 1 -20.54 42.99 61.09
CA GLU E 1 -21.02 42.69 62.46
C GLU E 1 -21.35 41.22 62.69
N ASP E 2 -21.39 40.76 63.97
CA ASP E 2 -21.70 39.39 64.32
C ASP E 2 -22.41 39.40 65.68
N GLY E 3 -23.23 38.37 65.98
CA GLY E 3 -23.94 38.27 67.25
C GLY E 3 -25.20 39.09 67.35
N LYS E 4 -25.63 39.70 66.24
CA LYS E 4 -26.82 40.53 66.21
C LYS E 4 -27.66 40.24 64.96
N PRO E 5 -28.92 40.66 64.90
CA PRO E 5 -29.78 40.56 63.72
C PRO E 5 -29.24 41.32 62.49
N VAL E 6 -29.13 40.67 61.32
CA VAL E 6 -28.63 41.30 60.11
C VAL E 6 -29.70 41.27 59.04
N TRP E 7 -29.51 42.05 57.95
CA TRP E 7 -30.37 41.99 56.79
C TRP E 7 -29.89 40.85 55.88
N ALA E 8 -30.83 40.11 55.25
CA ALA E 8 -30.58 38.96 54.40
C ALA E 8 -31.06 39.14 52.95
N PRO E 9 -30.34 38.79 51.89
CA PRO E 9 -30.76 38.92 50.48
C PRO E 9 -32.04 38.21 50.04
N HIS E 10 -33.20 38.88 49.96
CA HIS E 10 -34.46 38.27 49.53
C HIS E 10 -34.96 38.88 48.24
N PRO E 11 -35.23 38.16 47.14
CA PRO E 11 -35.61 38.72 45.83
C PRO E 11 -36.55 39.92 45.73
N THR E 12 -37.79 39.85 46.28
CA THR E 12 -38.77 40.91 46.04
C THR E 12 -38.71 42.09 47.00
N ASP E 13 -38.09 41.93 48.17
CA ASP E 13 -37.98 42.98 49.17
C ASP E 13 -36.57 43.56 49.15
N GLY E 14 -35.61 42.86 48.53
CA GLY E 14 -34.21 43.24 48.49
C GLY E 14 -33.51 42.64 49.68
N PHE E 15 -33.97 43.04 50.88
CA PHE E 15 -33.49 42.51 52.13
C PHE E 15 -34.65 42.10 53.03
N GLN E 16 -34.49 41.00 53.79
CA GLN E 16 -35.44 40.55 54.78
C GLN E 16 -34.67 40.21 56.04
N VAL E 17 -35.35 39.93 57.17
CA VAL E 17 -34.73 39.56 58.43
C VAL E 17 -33.92 38.26 58.40
N GLY E 18 -32.91 38.12 59.27
CA GLY E 18 -32.08 36.92 59.24
C GLY E 18 -30.94 36.92 60.22
N ASN E 19 -30.41 35.71 60.45
CA ASN E 19 -29.32 35.44 61.37
C ASN E 19 -28.26 34.63 60.65
N ILE E 20 -27.05 34.59 61.23
CA ILE E 20 -25.92 33.89 60.69
C ILE E 20 -25.69 32.73 61.63
N VAL E 21 -25.82 31.48 61.15
CA VAL E 21 -25.76 30.30 62.03
C VAL E 21 -24.60 29.37 61.70
N ASP E 22 -23.86 29.67 60.63
CA ASP E 22 -22.66 28.98 60.22
C ASP E 22 -22.00 30.00 59.29
N ILE E 23 -20.66 29.96 59.13
CA ILE E 23 -19.96 31.02 58.44
C ILE E 23 -18.61 30.56 57.88
N GLY E 24 -18.15 31.19 56.77
CA GLY E 24 -16.85 31.00 56.14
C GLY E 24 -16.01 32.23 56.36
N PRO E 25 -15.10 32.63 55.49
CA PRO E 25 -14.35 33.87 55.70
C PRO E 25 -15.14 35.07 55.15
N ASP E 26 -15.50 35.06 53.85
CA ASP E 26 -16.29 36.10 53.22
C ASP E 26 -17.66 35.59 52.80
N SER E 27 -17.90 34.27 52.89
CA SER E 27 -19.16 33.62 52.59
C SER E 27 -19.92 33.35 53.87
N LEU E 28 -21.23 33.64 53.91
CA LEU E 28 -22.03 33.45 55.12
C LEU E 28 -23.20 32.50 54.93
N THR E 29 -23.37 31.50 55.81
CA THR E 29 -24.55 30.62 55.79
C THR E 29 -25.65 31.33 56.55
N ILE E 30 -26.47 32.11 55.82
CA ILE E 30 -27.56 32.91 56.33
C ILE E 30 -28.85 32.14 56.50
N GLU E 31 -29.38 32.04 57.73
CA GLU E 31 -30.67 31.45 57.99
C GLU E 31 -31.69 32.58 58.07
N PRO E 32 -32.72 32.68 57.21
CA PRO E 32 -33.77 33.68 57.36
C PRO E 32 -34.51 33.54 58.68
N LEU E 33 -35.09 34.63 59.23
CA LEU E 33 -35.82 34.53 60.49
C LEU E 33 -37.28 34.19 60.24
N ASN E 34 -37.95 34.94 59.33
CA ASN E 34 -39.32 34.69 58.94
C ASN E 34 -39.47 33.42 58.10
N GLN E 35 -38.62 33.24 57.07
CA GLN E 35 -38.61 32.07 56.20
C GLN E 35 -37.53 31.07 56.62
N LYS E 36 -37.43 30.74 57.93
CA LYS E 36 -36.42 29.80 58.42
C LYS E 36 -36.49 28.41 57.80
N GLY E 37 -35.32 27.75 57.65
CA GLY E 37 -35.21 26.45 56.99
C GLY E 37 -34.84 26.56 55.53
N LYS E 38 -35.00 27.75 54.94
CA LYS E 38 -34.64 28.05 53.56
C LYS E 38 -33.19 28.55 53.48
N THR E 39 -32.41 28.30 54.55
CA THR E 39 -31.00 28.60 54.79
C THR E 39 -30.08 28.52 53.59
N PHE E 40 -29.69 29.67 53.04
CA PHE E 40 -28.85 29.78 51.88
C PHE E 40 -27.39 30.09 52.20
N LEU E 41 -26.62 30.41 51.14
CA LEU E 41 -25.24 30.81 51.23
C LEU E 41 -25.31 32.23 50.68
N ALA E 42 -24.50 33.18 51.21
CA ALA E 42 -24.57 34.55 50.78
C ALA E 42 -23.22 35.24 50.93
N LEU E 43 -22.99 36.24 50.05
CA LEU E 43 -21.76 37.01 49.95
C LEU E 43 -21.68 38.19 50.92
N ILE E 44 -20.53 38.90 50.93
CA ILE E 44 -20.34 40.08 51.77
C ILE E 44 -21.16 41.29 51.34
N ASN E 45 -21.44 41.45 50.03
CA ASN E 45 -22.21 42.55 49.50
C ASN E 45 -23.71 42.32 49.60
N GLN E 46 -24.12 41.28 50.33
CA GLN E 46 -25.51 40.94 50.51
C GLN E 46 -25.94 40.98 51.97
N VAL E 47 -25.03 41.28 52.91
CA VAL E 47 -25.37 41.35 54.33
C VAL E 47 -24.99 42.69 54.92
N PHE E 48 -25.91 43.27 55.71
CA PHE E 48 -25.72 44.55 56.35
C PHE E 48 -26.32 44.49 57.75
N PRO E 49 -25.76 45.08 58.81
CA PRO E 49 -26.36 45.03 60.15
C PRO E 49 -27.65 45.82 60.26
N ALA E 50 -28.65 45.29 60.98
CA ALA E 50 -29.95 45.91 61.13
C ALA E 50 -30.04 46.74 62.43
N GLU E 51 -31.12 46.56 63.22
CA GLU E 51 -31.35 47.28 64.45
C GLU E 51 -31.92 46.32 65.48
N GLU E 52 -31.93 46.73 66.75
CA GLU E 52 -32.46 45.98 67.88
C GLU E 52 -33.98 46.08 68.01
N ASP E 53 -34.61 47.10 67.39
CA ASP E 53 -36.03 47.33 67.50
C ASP E 53 -36.58 47.77 66.16
N SER E 54 -37.86 47.41 65.87
CA SER E 54 -38.53 47.76 64.63
C SER E 54 -39.80 48.58 64.81
N LYS E 55 -40.06 49.13 66.01
CA LYS E 55 -41.24 49.96 66.28
C LYS E 55 -40.91 51.44 66.09
N LYS E 56 -39.60 51.75 66.07
CA LYS E 56 -39.04 53.05 65.82
C LYS E 56 -38.82 53.32 64.33
N ASP E 57 -38.61 54.60 64.02
CA ASP E 57 -38.28 55.14 62.72
C ASP E 57 -37.51 56.39 63.11
N VAL E 58 -36.68 56.95 62.20
CA VAL E 58 -35.97 58.17 62.55
C VAL E 58 -36.20 59.22 61.48
N GLU E 59 -36.51 60.47 61.92
CA GLU E 59 -36.71 61.63 61.08
C GLU E 59 -35.37 62.00 60.45
N ASP E 60 -34.30 61.88 61.26
CA ASP E 60 -32.92 62.12 60.91
C ASP E 60 -32.13 60.81 61.05
N ASN E 61 -31.52 60.34 59.95
CA ASN E 61 -30.84 59.06 59.89
C ASN E 61 -29.54 58.95 60.67
N CYS E 62 -28.94 60.07 61.13
CA CYS E 62 -27.75 60.00 61.96
C CYS E 62 -28.05 59.50 63.37
N SER E 63 -29.35 59.44 63.73
CA SER E 63 -29.87 58.97 65.01
C SER E 63 -29.97 57.44 65.10
N LEU E 64 -29.20 56.71 64.28
CA LEU E 64 -29.08 55.26 64.29
C LEU E 64 -27.67 54.90 64.71
N MET E 65 -27.48 53.73 65.37
CA MET E 65 -26.15 53.26 65.76
C MET E 65 -25.54 52.38 64.68
N TYR E 66 -26.36 51.98 63.68
CA TYR E 66 -25.94 51.22 62.51
C TYR E 66 -26.56 51.88 61.29
N LEU E 67 -25.74 52.57 60.48
CA LEU E 67 -26.17 53.26 59.29
C LEU E 67 -25.49 52.63 58.10
N ASN E 68 -26.30 52.19 57.12
CA ASN E 68 -25.89 51.50 55.94
C ASN E 68 -27.05 51.62 54.98
N GLU E 69 -27.02 50.94 53.84
CA GLU E 69 -28.01 51.13 52.81
C GLU E 69 -29.17 50.18 52.98
N ALA E 70 -28.99 49.07 53.71
CA ALA E 70 -30.11 48.25 54.09
C ALA E 70 -30.93 48.89 55.23
N THR E 71 -30.30 49.65 56.16
CA THR E 71 -31.04 50.33 57.22
C THR E 71 -31.58 51.65 56.77
N LEU E 72 -31.09 52.22 55.67
CA LEU E 72 -31.74 53.38 55.07
C LEU E 72 -33.02 52.95 54.36
N LEU E 73 -33.01 51.77 53.71
CA LEU E 73 -34.16 51.19 53.03
C LEU E 73 -35.21 50.75 53.99
N HIS E 74 -34.81 50.21 55.16
CA HIS E 74 -35.79 49.86 56.16
C HIS E 74 -36.32 51.07 56.90
N ASN E 75 -35.57 52.18 57.01
CA ASN E 75 -36.10 53.39 57.61
C ASN E 75 -37.15 54.05 56.72
N ILE E 76 -37.01 53.98 55.38
CA ILE E 76 -38.02 54.58 54.50
C ILE E 76 -39.12 53.61 54.12
N LYS E 77 -39.14 52.42 54.74
CA LYS E 77 -40.18 51.42 54.58
C LYS E 77 -41.16 51.60 55.71
N VAL E 78 -40.63 51.83 56.92
CA VAL E 78 -41.37 52.15 58.12
C VAL E 78 -41.92 53.57 58.01
N ARG E 79 -41.16 54.56 57.46
CA ARG E 79 -41.75 55.87 57.28
C ARG E 79 -42.80 55.90 56.16
N TYR E 80 -42.74 54.95 55.19
CA TYR E 80 -43.78 54.78 54.18
C TYR E 80 -45.08 54.22 54.77
N SER E 81 -44.99 53.40 55.83
CA SER E 81 -46.14 52.83 56.51
C SER E 81 -46.61 53.66 57.69
N LYS E 82 -45.96 54.83 57.92
CA LYS E 82 -46.38 55.81 58.90
C LYS E 82 -46.73 57.10 58.15
N ASP E 83 -46.78 57.05 56.81
CA ASP E 83 -47.18 58.12 55.91
C ASP E 83 -46.33 59.40 56.01
N ARG E 84 -45.00 59.27 56.05
CA ARG E 84 -44.10 60.41 56.05
C ARG E 84 -43.15 60.25 54.88
N ILE E 85 -43.37 61.04 53.81
CA ILE E 85 -42.66 60.94 52.54
C ILE E 85 -41.36 61.71 52.49
N TYR E 86 -41.08 62.59 53.47
CA TYR E 86 -39.84 63.34 53.50
C TYR E 86 -38.94 62.83 54.63
N THR E 87 -37.63 62.70 54.30
CA THR E 87 -36.61 62.05 55.12
C THR E 87 -35.28 62.80 55.16
N TYR E 88 -34.77 63.20 56.36
CA TYR E 88 -33.53 63.95 56.52
C TYR E 88 -32.34 62.99 56.56
N VAL E 89 -31.52 62.95 55.48
CA VAL E 89 -30.31 62.15 55.45
C VAL E 89 -29.20 63.18 55.37
N ALA E 90 -28.63 63.57 56.54
CA ALA E 90 -27.76 64.72 56.68
C ALA E 90 -28.46 66.00 56.21
N ASN E 91 -27.92 66.68 55.17
CA ASN E 91 -28.55 67.82 54.53
C ASN E 91 -29.00 67.43 53.13
N ILE E 92 -29.31 66.15 52.92
CA ILE E 92 -29.71 65.55 51.65
C ILE E 92 -31.13 65.05 51.84
N LEU E 93 -32.05 65.44 50.93
CA LEU E 93 -33.46 65.15 51.10
C LEU E 93 -33.87 64.03 50.17
N ILE E 94 -34.50 63.00 50.78
CA ILE E 94 -35.08 61.84 50.13
C ILE E 94 -36.58 62.03 50.17
N ALA E 95 -37.17 62.25 48.98
CA ALA E 95 -38.57 62.49 48.77
C ALA E 95 -39.08 61.31 47.96
N VAL E 96 -40.19 60.70 48.39
CA VAL E 96 -40.76 59.51 47.78
C VAL E 96 -42.11 59.86 47.19
N ASN E 97 -42.31 59.67 45.87
CA ASN E 97 -43.55 60.04 45.18
C ASN E 97 -44.77 59.24 45.69
N PRO E 98 -45.82 59.79 46.28
CA PRO E 98 -46.90 58.99 46.84
C PRO E 98 -47.86 58.40 45.83
N TYR E 99 -47.99 59.01 44.64
CA TYR E 99 -48.93 58.61 43.59
C TYR E 99 -50.41 58.75 43.98
N PHE E 100 -50.72 59.66 44.93
CA PHE E 100 -52.05 60.08 45.27
C PHE E 100 -51.93 61.35 46.09
N ASP E 101 -53.05 62.04 46.39
CA ASP E 101 -53.00 63.28 47.15
C ASP E 101 -53.17 63.04 48.65
N ILE E 102 -52.06 63.09 49.40
CA ILE E 102 -52.05 63.00 50.87
C ILE E 102 -52.78 64.22 51.47
N PRO E 103 -53.79 64.11 52.34
CA PRO E 103 -54.52 65.27 52.85
C PRO E 103 -53.76 66.39 53.54
N LYS E 104 -53.90 67.61 53.00
CA LYS E 104 -53.48 68.90 53.55
C LYS E 104 -52.07 68.98 54.12
N ILE E 105 -51.06 68.46 53.38
CA ILE E 105 -49.66 68.57 53.76
C ILE E 105 -48.95 69.61 52.89
N TYR E 106 -49.62 70.07 51.83
CA TYR E 106 -49.11 71.10 50.95
C TYR E 106 -49.83 72.41 51.21
N SER E 107 -50.71 72.45 52.24
CA SER E 107 -51.55 73.58 52.65
C SER E 107 -50.85 74.89 52.96
N SER E 108 -51.61 76.01 52.92
CA SER E 108 -51.08 77.34 53.20
C SER E 108 -50.81 77.53 54.68
N GLU E 109 -51.50 76.77 55.54
CA GLU E 109 -51.24 76.71 56.97
C GLU E 109 -49.96 75.93 57.25
N THR E 110 -49.65 74.92 56.42
CA THR E 110 -48.41 74.12 56.52
C THR E 110 -47.21 74.99 56.17
N ILE E 111 -47.35 75.91 55.21
CA ILE E 111 -46.31 76.87 54.83
C ILE E 111 -46.00 77.80 56.00
N LYS E 112 -47.01 78.25 56.75
CA LYS E 112 -46.78 79.12 57.89
C LYS E 112 -46.36 78.36 59.16
N SER E 113 -46.33 77.02 59.10
CA SER E 113 -45.74 76.20 60.18
C SER E 113 -44.24 76.19 60.01
N TYR E 114 -43.75 76.05 58.76
CA TYR E 114 -42.34 76.01 58.42
C TYR E 114 -41.68 77.38 58.26
N GLN E 115 -42.45 78.48 58.13
CA GLN E 115 -41.93 79.83 57.96
C GLN E 115 -40.86 80.28 58.97
N GLY E 116 -39.59 80.28 58.51
CA GLY E 116 -38.43 80.69 59.28
C GLY E 116 -37.88 79.64 60.20
N LYS E 117 -38.34 78.39 60.10
CA LYS E 117 -37.88 77.34 60.99
C LYS E 117 -36.59 76.70 60.49
N SER E 118 -35.50 76.78 61.29
CA SER E 118 -34.22 76.21 60.90
C SER E 118 -34.21 74.70 60.75
N LEU E 119 -33.42 74.16 59.79
CA LEU E 119 -33.35 72.73 59.52
C LEU E 119 -32.89 71.94 60.75
N GLY E 120 -33.63 70.88 61.11
CA GLY E 120 -33.37 70.09 62.31
C GLY E 120 -34.11 70.57 63.53
N THR E 121 -34.78 71.75 63.48
CA THR E 121 -35.62 72.22 64.59
C THR E 121 -37.07 71.83 64.36
N MET E 122 -37.31 71.20 63.20
CA MET E 122 -38.59 70.74 62.73
C MET E 122 -38.30 69.47 61.94
N PRO E 123 -39.23 68.53 61.80
CA PRO E 123 -39.07 67.31 61.01
C PRO E 123 -38.84 67.58 59.52
N PRO E 124 -38.46 66.61 58.70
CA PRO E 124 -38.18 66.82 57.28
C PRO E 124 -39.43 67.11 56.49
N HIS E 125 -39.36 68.06 55.56
CA HIS E 125 -40.44 68.40 54.68
C HIS E 125 -39.80 69.09 53.51
N VAL E 126 -40.52 69.34 52.40
CA VAL E 126 -39.88 70.02 51.27
C VAL E 126 -39.84 71.52 51.53
N PHE E 127 -40.71 72.00 52.46
CA PHE E 127 -40.67 73.37 52.90
C PHE E 127 -39.56 73.64 53.90
N ALA E 128 -38.90 72.61 54.46
CA ALA E 128 -37.74 72.82 55.32
C ALA E 128 -36.46 72.94 54.52
N ILE E 129 -36.53 72.63 53.21
CA ILE E 129 -35.42 72.77 52.29
C ILE E 129 -35.55 74.11 51.63
N ALA E 130 -36.78 74.49 51.22
CA ALA E 130 -37.03 75.79 50.62
C ALA E 130 -36.84 76.95 51.60
N ASP E 131 -37.12 76.78 52.92
CA ASP E 131 -36.84 77.80 53.91
C ASP E 131 -35.35 77.91 54.20
N LYS E 132 -34.60 76.79 54.08
CA LYS E 132 -33.17 76.78 54.30
C LYS E 132 -32.43 77.55 53.24
N ALA E 133 -32.86 77.46 51.97
CA ALA E 133 -32.18 78.14 50.88
C ALA E 133 -32.40 79.65 50.87
N PHE E 134 -33.49 80.19 51.45
CA PHE E 134 -33.58 81.64 51.54
C PHE E 134 -32.65 82.20 52.62
N ARG E 135 -32.50 81.46 53.74
CA ARG E 135 -31.59 81.86 54.78
C ARG E 135 -30.13 81.60 54.47
N ASP E 136 -29.81 80.59 53.64
CA ASP E 136 -28.45 80.30 53.24
C ASP E 136 -28.17 80.96 51.89
N MET E 137 -28.60 82.22 51.77
CA MET E 137 -28.34 83.06 50.63
C MET E 137 -27.96 84.41 51.16
N LYS E 138 -28.89 85.11 51.81
CA LYS E 138 -28.64 86.44 52.33
C LYS E 138 -27.56 86.57 53.38
N VAL E 139 -27.47 85.66 54.39
CA VAL E 139 -26.46 85.75 55.43
C VAL E 139 -25.05 85.58 54.87
N LEU E 140 -24.88 84.58 53.99
CA LEU E 140 -23.65 84.22 53.33
C LEU E 140 -23.21 85.22 52.28
N LYS E 141 -24.20 85.77 51.52
CA LYS E 141 -24.05 86.69 50.41
C LYS E 141 -23.66 85.94 49.14
N LEU E 142 -24.05 84.66 49.07
CA LEU E 142 -23.73 83.77 47.97
C LEU E 142 -24.98 83.03 47.51
N SER E 143 -25.29 83.12 46.20
CA SER E 143 -26.41 82.46 45.53
C SER E 143 -26.56 80.97 45.81
N GLN E 144 -27.77 80.42 45.57
CA GLN E 144 -28.09 79.03 45.86
C GLN E 144 -28.53 78.30 44.62
N SER E 145 -28.47 76.95 44.68
CA SER E 145 -28.91 76.13 43.59
C SER E 145 -29.48 74.87 44.16
N ILE E 146 -30.65 74.46 43.63
CA ILE E 146 -31.36 73.30 44.09
C ILE E 146 -31.19 72.27 42.99
N ILE E 147 -30.61 71.10 43.33
CA ILE E 147 -30.22 70.08 42.37
C ILE E 147 -31.13 68.88 42.50
N VAL E 148 -31.86 68.50 41.43
CA VAL E 148 -32.83 67.42 41.51
C VAL E 148 -32.43 66.26 40.61
N SER E 149 -32.21 65.09 41.24
CA SER E 149 -31.73 63.86 40.61
C SER E 149 -32.86 62.83 40.57
N GLY E 150 -32.55 61.51 40.54
CA GLY E 150 -33.51 60.40 40.48
C GLY E 150 -34.10 60.08 39.12
N GLU E 151 -34.64 58.85 38.97
CA GLU E 151 -35.28 58.34 37.76
C GLU E 151 -36.54 59.14 37.41
N SER E 152 -36.81 59.42 36.11
CA SER E 152 -38.00 60.20 35.74
C SER E 152 -39.30 59.53 36.16
N GLY E 153 -40.26 60.29 36.71
CA GLY E 153 -41.51 59.75 37.24
C GLY E 153 -41.48 59.65 38.74
N ALA E 154 -40.40 60.14 39.36
CA ALA E 154 -40.22 60.13 40.79
C ALA E 154 -40.70 61.40 41.47
N GLY E 155 -41.39 62.29 40.75
CA GLY E 155 -41.93 63.51 41.35
C GLY E 155 -40.94 64.64 41.31
N LYS E 156 -40.03 64.63 40.31
CA LYS E 156 -39.02 65.65 40.17
C LYS E 156 -39.62 66.91 39.61
N THR E 157 -40.75 66.81 38.88
CA THR E 157 -41.50 67.97 38.46
C THR E 157 -42.29 68.58 39.61
N GLU E 158 -43.01 67.74 40.38
CA GLU E 158 -43.86 68.16 41.49
C GLU E 158 -43.15 68.70 42.71
N ASN E 159 -41.99 68.14 43.12
CA ASN E 159 -41.27 68.66 44.27
C ASN E 159 -40.69 70.05 44.01
N THR E 160 -40.36 70.35 42.74
CA THR E 160 -39.93 71.67 42.30
C THR E 160 -41.08 72.64 42.36
N LYS E 161 -42.31 72.20 42.02
CA LYS E 161 -43.49 73.06 42.07
C LYS E 161 -43.91 73.42 43.51
N PHE E 162 -43.62 72.55 44.51
CA PHE E 162 -43.81 72.87 45.91
C PHE E 162 -42.77 73.85 46.44
N VAL E 163 -41.56 73.84 45.86
CA VAL E 163 -40.49 74.76 46.20
C VAL E 163 -40.84 76.14 45.68
N LEU E 164 -41.29 76.27 44.41
CA LEU E 164 -41.61 77.59 43.89
C LEU E 164 -42.88 78.17 44.48
N ARG E 165 -43.76 77.31 45.03
CA ARG E 165 -44.89 77.75 45.82
C ARG E 165 -44.42 78.35 47.13
N TYR E 166 -43.42 77.73 47.76
CA TYR E 166 -42.90 78.23 49.00
C TYR E 166 -42.08 79.51 48.80
N LEU E 167 -41.44 79.69 47.62
CA LEU E 167 -40.71 80.93 47.41
C LEU E 167 -41.61 82.08 47.03
N THR E 168 -42.81 81.86 46.46
CA THR E 168 -43.73 82.96 46.19
C THR E 168 -44.64 83.27 47.36
N GLU E 169 -45.12 82.25 48.08
CA GLU E 169 -46.03 82.45 49.21
C GLU E 169 -45.38 82.69 50.57
N SER E 170 -44.14 82.24 50.83
CA SER E 170 -43.51 82.46 52.14
C SER E 170 -42.63 83.70 52.17
N TYR E 171 -41.66 83.82 51.24
CA TYR E 171 -40.75 84.96 51.21
C TYR E 171 -40.92 85.93 50.07
N GLY E 172 -41.49 85.55 48.91
CA GLY E 172 -41.66 86.49 47.81
C GLY E 172 -42.81 87.44 47.97
N THR E 173 -43.72 87.11 48.91
CA THR E 173 -44.91 87.86 49.30
C THR E 173 -45.76 88.33 48.12
N GLY E 174 -46.24 87.38 47.32
CA GLY E 174 -47.02 87.69 46.12
C GLY E 174 -46.38 87.05 44.94
N GLN E 175 -46.25 87.83 43.84
CA GLN E 175 -45.70 87.46 42.55
C GLN E 175 -46.64 86.55 41.75
N ASP E 176 -46.62 86.68 40.41
CA ASP E 176 -47.50 85.95 39.51
C ASP E 176 -46.75 84.97 38.61
N ILE E 177 -45.42 84.88 38.81
CA ILE E 177 -44.51 84.03 38.09
C ILE E 177 -44.75 82.52 38.15
N ASP E 178 -45.07 81.95 39.33
CA ASP E 178 -45.17 80.51 39.53
C ASP E 178 -46.13 79.73 38.63
N ASP E 179 -47.31 80.26 38.27
CA ASP E 179 -48.16 79.54 37.36
C ASP E 179 -48.04 80.02 35.93
N ARG E 180 -47.10 80.92 35.58
CA ARG E 180 -46.90 81.13 34.14
C ARG E 180 -46.04 79.99 33.59
N ILE E 181 -45.28 79.33 34.49
CA ILE E 181 -44.53 78.12 34.21
C ILE E 181 -45.45 76.92 34.11
N VAL E 182 -46.41 76.80 35.06
CA VAL E 182 -47.42 75.75 35.08
C VAL E 182 -48.37 75.85 33.89
N GLU E 183 -48.84 77.06 33.52
CA GLU E 183 -49.72 77.24 32.38
C GLU E 183 -49.09 76.95 31.03
N ALA E 184 -47.76 77.16 30.87
CA ALA E 184 -47.10 76.78 29.64
C ALA E 184 -46.20 75.57 29.85
N ASN E 185 -46.57 74.67 30.79
CA ASN E 185 -45.91 73.39 30.98
C ASN E 185 -46.19 72.41 29.84
N PRO E 186 -47.32 72.40 29.11
CA PRO E 186 -47.47 71.49 27.98
C PRO E 186 -46.56 71.81 26.80
N LEU E 187 -45.99 73.03 26.70
CA LEU E 187 -45.02 73.33 25.67
C LEU E 187 -43.71 72.55 25.88
N LEU E 188 -43.29 72.34 27.14
CA LEU E 188 -42.10 71.57 27.42
C LEU E 188 -42.37 70.08 27.43
N GLU E 189 -43.66 69.68 27.40
CA GLU E 189 -44.09 68.31 27.27
C GLU E 189 -44.32 67.97 25.80
N ALA E 190 -43.81 68.84 24.91
CA ALA E 190 -43.86 68.67 23.48
C ALA E 190 -42.46 68.87 22.92
N PHE E 191 -41.91 70.08 23.03
CA PHE E 191 -40.59 70.40 22.52
C PHE E 191 -39.44 69.71 23.25
N GLY E 192 -39.50 69.54 24.59
CA GLY E 192 -38.38 68.98 25.36
C GLY E 192 -38.52 67.54 25.83
N ASN E 193 -39.66 67.14 26.42
CA ASN E 193 -39.90 65.78 26.86
C ASN E 193 -40.05 64.76 25.72
N ALA E 194 -39.32 63.64 25.78
CA ALA E 194 -39.43 62.60 24.78
C ALA E 194 -39.74 61.26 25.46
N LYS E 195 -39.48 60.13 24.79
CA LYS E 195 -39.78 58.79 25.30
C LYS E 195 -38.51 57.96 25.38
N THR E 196 -38.20 57.34 26.55
CA THR E 196 -37.05 56.43 26.67
C THR E 196 -37.57 55.04 26.90
N VAL E 197 -36.74 54.00 26.71
CA VAL E 197 -37.17 52.60 26.80
C VAL E 197 -37.87 52.25 28.11
N ARG E 198 -37.40 52.78 29.25
CA ARG E 198 -38.09 52.59 30.52
C ARG E 198 -39.13 53.67 30.82
N ASN E 199 -38.75 54.95 30.73
CA ASN E 199 -39.61 56.06 31.11
C ASN E 199 -40.47 56.58 29.99
N ASN E 200 -41.80 56.56 30.18
CA ASN E 200 -42.76 57.09 29.20
C ASN E 200 -42.63 58.59 29.00
N ASN E 201 -42.40 59.36 30.08
CA ASN E 201 -42.25 60.80 30.02
C ASN E 201 -40.90 61.15 30.64
N SER E 202 -39.85 61.43 29.82
CA SER E 202 -38.52 61.78 30.30
C SER E 202 -38.08 63.14 29.81
N SER E 203 -37.49 63.98 30.69
CA SER E 203 -36.92 65.28 30.33
C SER E 203 -35.59 65.08 29.63
N ARG E 204 -35.34 65.77 28.49
CA ARG E 204 -34.12 65.54 27.72
C ARG E 204 -33.18 66.74 27.75
N PHE E 205 -33.38 67.67 28.70
CA PHE E 205 -32.56 68.86 28.77
C PHE E 205 -32.44 69.30 30.21
N GLY E 206 -31.43 70.13 30.51
CA GLY E 206 -31.19 70.67 31.83
C GLY E 206 -32.01 71.89 32.08
N LYS E 207 -33.23 71.73 32.61
CA LYS E 207 -34.11 72.84 32.92
C LYS E 207 -33.57 73.57 34.15
N PHE E 208 -33.17 74.87 34.02
CA PHE E 208 -32.58 75.62 35.11
C PHE E 208 -33.39 76.87 35.33
N VAL E 209 -34.55 76.74 36.00
CA VAL E 209 -35.47 77.82 36.29
C VAL E 209 -34.91 78.74 37.37
N GLU E 210 -34.46 79.96 37.04
CA GLU E 210 -33.86 80.82 38.05
C GLU E 210 -34.84 81.91 38.48
N ILE E 211 -34.73 82.29 39.77
CA ILE E 211 -35.54 83.30 40.42
C ILE E 211 -34.58 84.38 40.89
N HIS E 212 -34.61 85.58 40.28
CA HIS E 212 -33.68 86.64 40.67
C HIS E 212 -34.09 87.24 42.01
N PHE E 213 -33.12 87.40 42.93
CA PHE E 213 -33.31 88.07 44.20
C PHE E 213 -32.34 89.23 44.18
N ASN E 214 -32.77 90.46 44.54
CA ASN E 214 -31.84 91.58 44.53
C ASN E 214 -30.97 91.62 45.79
N GLU E 215 -30.51 92.80 46.22
CA GLU E 215 -29.68 92.94 47.40
C GLU E 215 -30.49 93.45 48.58
N LYS E 216 -31.82 93.56 48.40
CA LYS E 216 -32.77 93.98 49.41
C LYS E 216 -33.71 92.83 49.75
N SER E 217 -33.33 91.61 49.34
CA SER E 217 -34.02 90.35 49.60
C SER E 217 -35.46 90.30 49.10
N SER E 218 -35.71 90.75 47.86
CA SER E 218 -37.01 90.66 47.23
C SER E 218 -36.83 90.05 45.87
N VAL E 219 -37.87 89.36 45.34
CA VAL E 219 -37.83 88.71 44.04
C VAL E 219 -38.07 89.75 42.96
N VAL E 220 -37.05 90.03 42.12
CA VAL E 220 -37.12 91.09 41.13
C VAL E 220 -37.29 90.60 39.71
N GLY E 221 -37.43 89.28 39.51
CA GLY E 221 -37.56 88.76 38.17
C GLY E 221 -37.37 87.29 38.17
N GLY E 222 -37.61 86.65 37.03
CA GLY E 222 -37.27 85.25 36.89
C GLY E 222 -36.63 85.10 35.57
N PHE E 223 -36.03 83.92 35.33
CA PHE E 223 -35.41 83.65 34.08
C PHE E 223 -35.43 82.16 33.87
N VAL E 224 -35.68 81.69 32.65
CA VAL E 224 -35.66 80.27 32.39
C VAL E 224 -34.43 80.05 31.58
N SER E 225 -33.52 79.18 32.08
CA SER E 225 -32.27 78.85 31.42
C SER E 225 -32.32 77.39 31.06
N HIS E 226 -31.71 77.04 29.90
CA HIS E 226 -31.66 75.68 29.42
C HIS E 226 -30.24 75.27 29.15
N TYR E 227 -29.89 74.03 29.50
CA TYR E 227 -28.54 73.52 29.36
C TYR E 227 -28.59 72.11 28.79
N LEU E 228 -27.56 71.74 28.01
CA LEU E 228 -27.32 70.41 27.46
C LEU E 228 -28.50 69.62 26.90
N LEU E 229 -29.06 70.08 25.77
CA LEU E 229 -30.12 69.39 25.05
C LEU E 229 -29.61 68.10 24.39
N GLU E 230 -30.41 67.01 24.36
CA GLU E 230 -30.05 65.75 23.73
C GLU E 230 -30.24 65.85 22.22
N LYS E 231 -29.23 66.39 21.51
CA LYS E 231 -29.32 66.67 20.08
C LYS E 231 -29.29 65.46 19.16
N SER E 232 -28.85 64.29 19.67
CA SER E 232 -28.82 63.05 18.91
C SER E 232 -30.19 62.53 18.52
N ARG E 233 -31.15 62.55 19.46
CA ARG E 233 -32.51 62.06 19.29
C ARG E 233 -33.30 62.72 18.17
N ILE E 234 -32.93 63.96 17.78
CA ILE E 234 -33.56 64.72 16.72
C ILE E 234 -33.57 63.98 15.39
N CYS E 235 -32.44 63.35 15.01
CA CYS E 235 -32.37 62.68 13.71
C CYS E 235 -32.34 61.17 13.75
N VAL E 236 -31.92 60.54 14.84
CA VAL E 236 -31.81 59.08 14.86
C VAL E 236 -32.48 58.47 16.08
N GLN E 237 -33.44 57.55 15.83
CA GLN E 237 -34.26 56.92 16.83
C GLN E 237 -34.05 55.42 16.77
N GLY E 238 -33.60 54.82 17.90
CA GLY E 238 -33.32 53.40 18.05
C GLY E 238 -34.52 52.49 18.22
N LYS E 239 -34.25 51.20 18.52
CA LYS E 239 -35.25 50.16 18.70
C LYS E 239 -36.27 50.43 19.82
N GLU E 240 -37.53 50.70 19.42
CA GLU E 240 -38.69 51.02 20.23
C GLU E 240 -38.63 52.42 20.82
N GLU E 241 -37.75 53.30 20.31
CA GLU E 241 -37.63 54.68 20.77
C GLU E 241 -38.33 55.65 19.84
N ARG E 242 -38.55 56.90 20.32
CA ARG E 242 -39.19 57.92 19.51
C ARG E 242 -38.27 59.13 19.37
N ASN E 243 -38.73 60.19 18.67
CA ASN E 243 -38.01 61.45 18.54
C ASN E 243 -38.43 62.35 19.71
N TYR E 244 -38.57 63.67 19.53
CA TYR E 244 -39.17 64.53 20.54
C TYR E 244 -40.69 64.45 20.42
N HIS E 245 -41.45 64.89 21.45
CA HIS E 245 -42.90 64.76 21.40
C HIS E 245 -43.66 65.72 20.51
N ILE E 246 -43.07 66.84 20.06
CA ILE E 246 -43.73 67.75 19.13
C ILE E 246 -43.72 67.17 17.72
N PHE E 247 -42.88 66.15 17.46
CA PHE E 247 -42.78 65.47 16.19
C PHE E 247 -43.69 64.25 16.13
N TYR E 248 -44.61 64.12 17.09
CA TYR E 248 -45.59 63.06 17.14
C TYR E 248 -46.91 63.72 17.41
N ARG E 249 -46.95 64.73 18.30
CA ARG E 249 -48.17 65.46 18.56
C ARG E 249 -48.60 66.34 17.40
N LEU E 250 -47.68 66.84 16.56
CA LEU E 250 -48.08 67.56 15.34
C LEU E 250 -48.54 66.59 14.26
N CYS E 251 -47.93 65.40 14.17
CA CYS E 251 -48.34 64.39 13.22
C CYS E 251 -49.65 63.72 13.59
N ALA E 252 -49.94 63.55 14.90
CA ALA E 252 -51.13 62.90 15.38
C ALA E 252 -52.31 63.83 15.66
N GLY E 253 -52.12 64.86 16.52
CA GLY E 253 -53.20 65.70 17.00
C GLY E 253 -53.65 66.85 16.15
N ALA E 254 -52.84 67.28 15.17
CA ALA E 254 -53.19 68.39 14.31
C ALA E 254 -54.44 68.18 13.44
N SER E 255 -55.18 69.28 13.22
CA SER E 255 -56.42 69.37 12.47
C SER E 255 -56.24 69.25 10.96
N GLU E 256 -57.35 69.25 10.21
CA GLU E 256 -57.34 69.06 8.76
C GLU E 256 -57.29 70.39 8.03
N ASP E 257 -57.47 71.54 8.72
CA ASP E 257 -57.36 72.84 8.10
C ASP E 257 -55.95 73.41 8.33
N ILE E 258 -55.14 72.65 9.09
CA ILE E 258 -53.73 72.89 9.34
C ILE E 258 -52.92 71.87 8.56
N ARG E 259 -53.34 70.59 8.47
CA ARG E 259 -52.57 69.58 7.77
C ARG E 259 -52.44 69.82 6.27
N GLU E 260 -53.43 70.46 5.62
CA GLU E 260 -53.34 70.82 4.22
C GLU E 260 -52.33 71.95 3.93
N ARG E 261 -51.97 72.78 4.95
CA ARG E 261 -51.03 73.88 4.76
C ARG E 261 -49.65 73.52 5.28
N LEU E 262 -49.50 72.33 5.89
CA LEU E 262 -48.22 71.82 6.35
C LEU E 262 -47.78 70.63 5.52
N HIS E 263 -48.63 70.17 4.58
CA HIS E 263 -48.39 69.12 3.60
C HIS E 263 -48.09 67.73 4.15
N LEU E 264 -48.37 67.50 5.44
CA LEU E 264 -48.15 66.26 6.16
C LEU E 264 -48.88 65.03 5.60
N SER E 265 -48.40 63.85 6.02
CA SER E 265 -48.90 62.56 5.65
C SER E 265 -48.47 61.70 6.81
N SER E 266 -48.90 60.42 6.88
CA SER E 266 -48.59 59.54 8.00
C SER E 266 -47.10 59.29 8.23
N PRO E 267 -46.60 59.13 9.47
CA PRO E 267 -45.17 59.09 9.76
C PRO E 267 -44.34 57.98 9.15
N ASP E 268 -44.92 57.01 8.44
CA ASP E 268 -44.17 56.03 7.70
C ASP E 268 -43.52 56.66 6.48
N ASN E 269 -44.08 57.83 6.06
CA ASN E 269 -43.62 58.65 4.96
C ASN E 269 -42.68 59.76 5.41
N PHE E 270 -42.09 59.65 6.63
CA PHE E 270 -41.13 60.62 7.13
C PHE E 270 -39.91 59.89 7.70
N ARG E 271 -38.72 60.08 7.09
CA ARG E 271 -37.47 59.43 7.48
C ARG E 271 -37.07 59.60 8.94
N TYR E 272 -37.34 60.77 9.54
CA TYR E 272 -36.99 61.02 10.93
C TYR E 272 -38.03 60.51 11.92
N LEU E 273 -39.01 59.71 11.46
CA LEU E 273 -40.01 59.13 12.34
C LEU E 273 -40.18 57.64 12.10
N ASN E 274 -40.01 57.14 10.86
CA ASN E 274 -40.15 55.72 10.60
C ASN E 274 -38.98 54.85 11.09
N ARG E 275 -37.85 55.48 11.45
CA ARG E 275 -36.65 54.81 11.93
C ARG E 275 -36.80 54.05 13.24
N GLY E 276 -37.56 54.58 14.22
CA GLY E 276 -37.80 53.94 15.51
C GLY E 276 -39.22 53.44 15.63
N CYS E 277 -39.99 54.03 16.54
CA CYS E 277 -41.39 53.71 16.77
C CYS E 277 -42.27 54.87 16.33
N THR E 278 -43.34 54.58 15.56
CA THR E 278 -44.26 55.60 15.06
C THR E 278 -45.52 55.70 15.89
N ARG E 279 -45.74 54.79 16.85
CA ARG E 279 -46.94 54.77 17.69
C ARG E 279 -47.12 55.96 18.63
N TYR E 280 -48.39 56.38 18.80
CA TYR E 280 -48.80 57.53 19.60
C TYR E 280 -49.34 57.12 20.96
N PHE E 281 -49.24 57.99 21.99
CA PHE E 281 -49.89 57.75 23.27
C PHE E 281 -51.32 58.28 23.19
N ALA E 282 -52.29 57.62 23.85
CA ALA E 282 -53.67 58.03 23.80
C ALA E 282 -54.45 57.44 24.96
N ASN E 283 -55.77 57.71 25.00
CA ASN E 283 -56.71 57.17 25.95
C ASN E 283 -57.87 56.69 25.11
N LYS E 284 -58.81 55.91 25.67
CA LYS E 284 -59.91 55.33 24.93
C LYS E 284 -60.79 56.36 24.24
N GLU E 285 -61.04 57.50 24.90
CA GLU E 285 -61.80 58.61 24.34
C GLU E 285 -61.13 59.22 23.11
N THR E 286 -59.81 59.48 23.14
CA THR E 286 -59.12 60.02 21.97
C THR E 286 -58.72 58.97 20.94
N ASP E 287 -58.62 57.67 21.30
CA ASP E 287 -58.30 56.59 20.38
C ASP E 287 -59.28 56.50 19.21
N LYS E 288 -60.56 56.75 19.47
CA LYS E 288 -61.61 56.75 18.48
C LYS E 288 -61.63 58.03 17.65
N GLN E 289 -60.89 59.07 18.08
CA GLN E 289 -60.86 60.36 17.43
C GLN E 289 -59.68 60.54 16.49
N ILE E 290 -58.68 59.63 16.53
CA ILE E 290 -57.53 59.66 15.64
C ILE E 290 -57.88 59.15 14.23
N LEU E 291 -57.79 60.05 13.23
CA LEU E 291 -58.15 59.82 11.84
C LEU E 291 -57.36 58.75 11.10
N GLN E 292 -57.97 58.11 10.09
CA GLN E 292 -57.36 57.10 9.22
C GLN E 292 -56.12 57.60 8.47
N ASN E 293 -56.10 58.87 8.04
CA ASN E 293 -54.95 59.44 7.35
C ASN E 293 -53.85 59.91 8.32
N ARG E 294 -54.05 59.77 9.64
CA ARG E 294 -53.02 60.03 10.63
C ARG E 294 -52.33 58.73 11.03
N LYS E 295 -52.78 57.58 10.50
CA LYS E 295 -52.24 56.26 10.84
C LYS E 295 -51.22 55.74 9.86
N SER E 296 -50.11 55.18 10.38
CA SER E 296 -49.06 54.50 9.64
C SER E 296 -49.38 53.01 9.63
N PRO E 297 -48.77 52.12 8.83
CA PRO E 297 -49.04 50.69 8.88
C PRO E 297 -48.71 50.08 10.23
N GLU E 298 -47.66 50.56 10.92
CA GLU E 298 -47.33 50.17 12.27
C GLU E 298 -48.42 50.58 13.26
N TYR E 299 -48.97 51.80 13.11
CA TYR E 299 -50.09 52.24 13.91
C TYR E 299 -51.35 51.43 13.66
N LEU E 300 -51.68 51.13 12.38
CA LEU E 300 -52.81 50.28 12.03
C LEU E 300 -52.68 48.87 12.58
N LYS E 301 -51.47 48.28 12.51
CA LYS E 301 -51.20 46.97 13.04
C LYS E 301 -51.22 46.87 14.56
N ALA E 302 -50.58 47.82 15.28
CA ALA E 302 -50.38 47.72 16.71
C ALA E 302 -51.21 48.64 17.59
N GLY E 303 -51.75 49.75 17.06
CA GLY E 303 -52.58 50.68 17.83
C GLY E 303 -51.85 51.59 18.79
N SER E 304 -52.61 52.45 19.46
CA SER E 304 -52.12 53.42 20.44
C SER E 304 -51.43 52.83 21.65
N LEU E 305 -50.44 53.57 22.20
CA LEU E 305 -49.70 53.21 23.39
C LEU E 305 -50.53 53.59 24.61
N LYS E 306 -50.27 52.97 25.77
CA LYS E 306 -51.05 53.18 26.97
C LYS E 306 -50.24 53.63 28.18
N ASP E 307 -50.51 54.87 28.65
CA ASP E 307 -49.98 55.51 29.83
C ASP E 307 -51.14 56.34 30.40
N PRO E 308 -51.43 56.41 31.69
CA PRO E 308 -52.59 57.16 32.19
C PRO E 308 -52.49 58.67 32.10
N LEU E 309 -51.32 59.28 31.79
CA LEU E 309 -51.17 60.72 31.77
C LEU E 309 -50.82 61.28 30.40
N LEU E 310 -50.27 60.48 29.48
CA LEU E 310 -49.92 60.95 28.15
C LEU E 310 -51.02 60.75 27.12
N ASP E 311 -51.32 61.81 26.33
CA ASP E 311 -52.23 61.78 25.21
C ASP E 311 -51.54 62.57 24.12
N ASP E 312 -51.21 61.96 22.97
CA ASP E 312 -50.52 62.65 21.90
C ASP E 312 -51.52 63.24 20.91
N HIS E 313 -52.83 62.96 21.08
CA HIS E 313 -53.87 63.49 20.25
C HIS E 313 -54.56 64.66 20.91
N GLY E 314 -54.92 64.51 22.19
CA GLY E 314 -55.63 65.51 22.97
C GLY E 314 -54.80 66.61 23.56
N ASP E 315 -53.52 66.35 23.90
CA ASP E 315 -52.70 67.38 24.53
C ASP E 315 -52.14 68.31 23.47
N PHE E 316 -52.25 68.01 22.16
CA PHE E 316 -51.86 68.96 21.12
C PHE E 316 -52.87 70.12 21.06
N ILE E 317 -54.15 69.85 21.39
CA ILE E 317 -55.18 70.87 21.44
C ILE E 317 -54.94 71.76 22.64
N ARG E 318 -54.61 71.16 23.80
CA ARG E 318 -54.35 71.87 25.03
C ARG E 318 -52.96 72.51 25.07
N MET E 319 -52.10 72.18 24.10
CA MET E 319 -50.84 72.85 23.84
C MET E 319 -51.14 74.22 23.25
N CYS E 320 -52.10 74.28 22.32
CA CYS E 320 -52.48 75.52 21.67
C CYS E 320 -53.32 76.41 22.59
N THR E 321 -53.89 75.85 23.67
CA THR E 321 -54.55 76.64 24.72
C THR E 321 -53.50 77.40 25.49
N ALA E 322 -52.36 76.74 25.76
CA ALA E 322 -51.25 77.29 26.49
C ALA E 322 -50.51 78.35 25.71
N MET E 323 -50.66 78.40 24.38
CA MET E 323 -50.03 79.47 23.62
C MET E 323 -50.73 80.80 23.77
N LYS E 324 -52.00 80.81 24.22
CA LYS E 324 -52.66 82.04 24.62
C LYS E 324 -52.16 82.49 25.98
N LYS E 325 -51.90 81.53 26.88
CA LYS E 325 -51.41 81.80 28.22
C LYS E 325 -49.98 82.35 28.23
N ILE E 326 -49.06 81.80 27.40
CA ILE E 326 -47.69 82.31 27.32
C ILE E 326 -47.60 83.70 26.69
N GLY E 327 -48.50 84.02 25.73
CA GLY E 327 -48.48 85.30 25.03
C GLY E 327 -48.15 85.17 23.57
N LEU E 328 -48.32 83.98 22.97
CA LEU E 328 -48.08 83.77 21.57
C LEU E 328 -49.35 84.09 20.80
N ASP E 329 -49.24 84.90 19.74
CA ASP E 329 -50.35 85.24 18.89
C ASP E 329 -50.63 84.13 17.87
N ASP E 330 -51.77 84.21 17.15
CA ASP E 330 -52.21 83.18 16.22
C ASP E 330 -51.46 83.30 14.92
N GLU E 331 -51.01 84.51 14.59
CA GLU E 331 -50.17 84.77 13.45
C GLU E 331 -48.78 84.16 13.69
N GLU E 332 -48.22 84.32 14.91
CA GLU E 332 -46.97 83.69 15.30
C GLU E 332 -47.08 82.18 15.55
N LYS E 333 -48.27 81.68 15.94
CA LYS E 333 -48.55 80.26 16.10
C LYS E 333 -48.46 79.52 14.78
N LEU E 334 -48.88 80.14 13.66
CA LEU E 334 -48.72 79.52 12.36
C LEU E 334 -47.25 79.44 11.96
N ASP E 335 -46.44 80.44 12.37
CA ASP E 335 -45.00 80.46 12.12
C ASP E 335 -44.23 79.47 13.00
N LEU E 336 -44.83 79.01 14.11
CA LEU E 336 -44.26 77.95 14.94
C LEU E 336 -44.68 76.60 14.40
N PHE E 337 -45.48 76.56 13.34
CA PHE E 337 -45.83 75.34 12.63
C PHE E 337 -45.13 75.33 11.28
N ARG E 338 -44.76 76.49 10.68
CA ARG E 338 -44.02 76.46 9.43
C ARG E 338 -42.58 76.00 9.61
N VAL E 339 -41.95 76.33 10.75
CA VAL E 339 -40.60 75.85 11.04
C VAL E 339 -40.58 74.38 11.41
N VAL E 340 -41.53 73.90 12.23
CA VAL E 340 -41.59 72.49 12.64
C VAL E 340 -41.85 71.57 11.46
N ALA E 341 -42.81 71.92 10.58
CA ALA E 341 -43.11 71.09 9.42
C ALA E 341 -42.00 71.07 8.38
N GLY E 342 -41.14 72.11 8.33
CA GLY E 342 -39.97 72.11 7.46
C GLY E 342 -38.87 71.16 7.86
N VAL E 343 -38.80 70.77 9.15
CA VAL E 343 -37.81 69.83 9.65
C VAL E 343 -38.20 68.44 9.23
N LEU E 344 -39.50 68.11 9.28
CA LEU E 344 -40.00 66.83 8.86
C LEU E 344 -39.81 66.56 7.37
N HIS E 345 -39.89 67.58 6.50
CA HIS E 345 -39.68 67.34 5.09
C HIS E 345 -38.24 67.56 4.65
N LEU E 346 -37.32 67.80 5.61
CA LEU E 346 -35.89 67.85 5.34
C LEU E 346 -35.33 66.44 5.24
N GLY E 347 -35.87 65.51 6.04
CA GLY E 347 -35.38 64.15 6.07
C GLY E 347 -35.69 63.29 4.88
N ASN E 348 -36.63 63.68 4.00
CA ASN E 348 -36.96 62.87 2.85
C ASN E 348 -36.07 63.14 1.63
N ILE E 349 -34.89 63.76 1.81
CA ILE E 349 -33.96 64.06 0.73
C ILE E 349 -32.89 62.97 0.66
N ASP E 350 -32.70 62.35 -0.54
CA ASP E 350 -31.77 61.26 -0.80
C ASP E 350 -30.72 61.60 -1.87
N PHE E 351 -29.56 60.93 -1.77
CA PHE E 351 -28.34 61.22 -2.52
C PHE E 351 -27.70 60.00 -3.16
N GLU E 352 -27.63 59.94 -4.51
CA GLU E 352 -27.00 58.84 -5.25
C GLU E 352 -25.54 59.22 -5.57
N GLU E 353 -24.85 58.45 -6.44
CA GLU E 353 -23.48 58.70 -6.84
C GLU E 353 -23.39 59.75 -7.96
N ALA E 354 -22.67 59.44 -9.05
CA ALA E 354 -22.48 60.34 -10.16
C ALA E 354 -22.12 59.55 -11.41
N GLY E 355 -22.11 60.22 -12.58
CA GLY E 355 -21.73 59.63 -13.87
C GLY E 355 -20.30 59.97 -14.21
N SER E 356 -19.43 59.85 -13.20
CA SER E 356 -18.00 60.17 -13.13
C SER E 356 -17.58 61.60 -13.32
N THR E 357 -18.40 62.45 -13.96
CA THR E 357 -18.12 63.88 -14.11
C THR E 357 -18.02 64.59 -12.78
N SER E 358 -16.84 65.16 -12.46
CA SER E 358 -16.50 65.86 -11.23
C SER E 358 -16.50 65.05 -9.93
N GLY E 359 -17.10 63.85 -9.91
CA GLY E 359 -16.99 62.91 -8.79
C GLY E 359 -17.81 63.06 -7.54
N GLY E 360 -18.83 63.93 -7.50
CA GLY E 360 -19.64 64.12 -6.29
C GLY E 360 -20.80 63.17 -6.12
N CYS E 361 -21.89 63.72 -5.56
CA CYS E 361 -23.14 63.06 -5.31
C CYS E 361 -24.23 63.90 -5.94
N ASN E 362 -25.36 63.28 -6.34
CA ASN E 362 -26.44 63.99 -6.97
C ASN E 362 -27.71 63.56 -6.26
N LEU E 363 -28.87 64.24 -6.47
CA LEU E 363 -30.08 63.80 -5.81
C LEU E 363 -30.77 62.66 -6.56
N LYS E 364 -31.61 61.85 -5.87
CA LYS E 364 -32.34 60.76 -6.48
C LYS E 364 -33.62 61.20 -7.17
N ASN E 365 -34.22 60.32 -7.99
CA ASN E 365 -35.43 60.62 -8.73
C ASN E 365 -36.62 60.94 -7.83
N LYS E 366 -36.81 60.14 -6.77
CA LYS E 366 -37.81 60.31 -5.72
C LYS E 366 -37.61 61.52 -4.83
N SER E 367 -36.47 62.22 -4.94
CA SER E 367 -36.15 63.37 -4.12
C SER E 367 -36.46 64.67 -4.82
N THR E 368 -37.34 64.65 -5.84
CA THR E 368 -37.62 65.83 -6.65
C THR E 368 -38.80 66.57 -6.04
N GLN E 369 -39.91 65.87 -5.73
CA GLN E 369 -41.01 66.48 -5.00
C GLN E 369 -40.66 66.67 -3.53
N ALA E 370 -39.65 65.94 -3.03
CA ALA E 370 -39.18 66.05 -1.66
C ALA E 370 -38.35 67.30 -1.42
N LEU E 371 -37.81 67.93 -2.48
CA LEU E 371 -37.04 69.15 -2.33
C LEU E 371 -37.97 70.35 -2.48
N GLU E 372 -38.98 70.25 -3.37
CA GLU E 372 -39.95 71.33 -3.57
C GLU E 372 -40.86 71.59 -2.38
N TYR E 373 -41.29 70.54 -1.64
CA TYR E 373 -42.13 70.73 -0.46
C TYR E 373 -41.31 71.05 0.78
N CYS E 374 -39.97 71.13 0.70
CA CYS E 374 -39.18 71.52 1.85
C CYS E 374 -38.66 72.93 1.66
N ALA E 375 -38.35 73.32 0.42
CA ALA E 375 -37.86 74.65 0.16
C ALA E 375 -38.92 75.74 0.21
N GLU E 376 -40.20 75.38 0.01
CA GLU E 376 -41.28 76.33 0.19
C GLU E 376 -41.71 76.45 1.65
N LEU E 377 -41.28 75.53 2.54
CA LEU E 377 -41.58 75.68 3.95
C LEU E 377 -40.52 76.49 4.65
N LEU E 378 -39.22 76.20 4.41
CA LEU E 378 -38.13 76.90 5.06
C LEU E 378 -37.66 78.13 4.31
N GLY E 379 -38.35 78.53 3.22
CA GLY E 379 -38.03 79.74 2.46
C GLY E 379 -36.67 79.71 1.82
N LEU E 380 -36.45 78.74 0.93
CA LEU E 380 -35.17 78.57 0.26
C LEU E 380 -35.48 78.38 -1.20
N ASP E 381 -34.52 78.62 -2.11
CA ASP E 381 -34.73 78.44 -3.52
C ASP E 381 -34.43 76.99 -3.90
N GLN E 382 -35.25 76.37 -4.76
CA GLN E 382 -35.07 74.99 -5.13
C GLN E 382 -33.85 74.73 -6.00
N ASP E 383 -33.34 75.75 -6.71
CA ASP E 383 -32.15 75.62 -7.53
C ASP E 383 -30.89 75.92 -6.72
N ASP E 384 -30.96 76.84 -5.73
CA ASP E 384 -29.81 77.17 -4.91
C ASP E 384 -29.58 76.13 -3.81
N LEU E 385 -30.65 75.50 -3.30
CA LEU E 385 -30.51 74.50 -2.26
C LEU E 385 -29.91 73.19 -2.77
N ARG E 386 -30.15 72.80 -4.04
CA ARG E 386 -29.53 71.61 -4.59
C ARG E 386 -28.01 71.70 -4.71
N VAL E 387 -27.48 72.89 -5.04
CA VAL E 387 -26.06 73.18 -5.04
C VAL E 387 -25.47 73.12 -3.63
N SER E 388 -26.20 73.73 -2.68
CA SER E 388 -25.77 73.88 -1.30
C SER E 388 -25.70 72.60 -0.50
N LEU E 389 -26.46 71.57 -0.89
CA LEU E 389 -26.39 70.27 -0.25
C LEU E 389 -25.40 69.34 -0.95
N THR E 390 -24.76 69.78 -2.05
CA THR E 390 -23.86 68.91 -2.81
C THR E 390 -22.48 69.46 -3.04
N THR E 391 -22.23 70.78 -2.90
CA THR E 391 -20.88 71.29 -3.13
C THR E 391 -20.21 71.85 -1.89
N ARG E 392 -18.87 71.98 -1.95
CA ARG E 392 -18.06 72.62 -0.95
C ARG E 392 -17.54 73.87 -1.62
N VAL E 393 -18.14 75.01 -1.25
CA VAL E 393 -17.80 76.34 -1.68
C VAL E 393 -16.60 76.88 -0.94
N MET E 394 -15.50 77.23 -1.62
CA MET E 394 -14.49 77.96 -0.90
C MET E 394 -13.87 78.97 -1.82
N LEU E 395 -12.86 79.71 -1.35
CA LEU E 395 -12.25 80.78 -2.11
C LEU E 395 -10.78 80.54 -2.32
N THR E 396 -10.21 81.23 -3.33
CA THR E 396 -8.77 81.18 -3.58
C THR E 396 -8.16 82.52 -3.24
N THR E 397 -8.97 83.42 -2.67
CA THR E 397 -8.61 84.75 -2.18
C THR E 397 -8.34 84.69 -0.67
N ALA E 398 -7.96 83.51 -0.14
CA ALA E 398 -7.81 83.25 1.28
C ALA E 398 -6.82 84.13 2.04
N GLY E 399 -5.62 84.39 1.46
CA GLY E 399 -4.60 85.24 2.08
C GLY E 399 -4.49 86.62 1.50
N GLY E 400 -5.14 86.88 0.36
CA GLY E 400 -5.09 88.17 -0.32
C GLY E 400 -5.11 87.98 -1.80
N ALA E 401 -4.49 88.92 -2.55
CA ALA E 401 -4.41 88.96 -4.00
C ALA E 401 -5.77 88.88 -4.72
N LYS E 402 -5.80 88.31 -5.94
CA LYS E 402 -7.02 88.18 -6.72
C LYS E 402 -7.29 86.72 -6.96
N GLY E 403 -8.41 86.23 -6.42
CA GLY E 403 -8.84 84.85 -6.54
C GLY E 403 -10.23 84.75 -7.09
N THR E 404 -10.88 83.61 -6.84
CA THR E 404 -12.24 83.34 -7.29
C THR E 404 -12.88 82.39 -6.30
N VAL E 405 -14.17 82.09 -6.49
CA VAL E 405 -14.97 81.22 -5.64
C VAL E 405 -15.10 79.89 -6.34
N ILE E 406 -14.49 78.82 -5.80
CA ILE E 406 -14.56 77.51 -6.45
C ILE E 406 -15.61 76.62 -5.81
N LYS E 407 -15.99 75.55 -6.53
CA LYS E 407 -16.97 74.56 -6.14
C LYS E 407 -16.37 73.17 -6.20
N VAL E 408 -16.24 72.46 -5.06
CA VAL E 408 -15.69 71.12 -5.01
C VAL E 408 -16.77 70.15 -4.60
N PRO E 409 -17.36 69.26 -5.38
CA PRO E 409 -18.46 68.44 -4.87
C PRO E 409 -18.15 67.53 -3.68
N LEU E 410 -19.19 67.20 -2.89
CA LEU E 410 -19.11 66.36 -1.70
C LEU E 410 -19.36 64.91 -2.03
N LYS E 411 -18.86 63.99 -1.19
CA LYS E 411 -19.11 62.57 -1.34
C LYS E 411 -20.48 62.20 -0.77
N VAL E 412 -21.02 61.01 -1.10
CA VAL E 412 -22.33 60.56 -0.64
C VAL E 412 -22.53 60.55 0.87
N GLU E 413 -21.58 60.01 1.66
CA GLU E 413 -21.68 60.04 3.11
C GLU E 413 -21.56 61.44 3.67
N GLN E 414 -20.85 62.34 2.97
CA GLN E 414 -20.67 63.73 3.37
C GLN E 414 -21.93 64.56 3.14
N ALA E 415 -22.86 64.06 2.30
CA ALA E 415 -24.13 64.71 2.06
C ALA E 415 -25.16 64.20 3.05
N ASN E 416 -25.02 62.94 3.50
CA ASN E 416 -25.91 62.37 4.51
C ASN E 416 -25.65 63.00 5.88
N ASN E 417 -24.40 63.31 6.22
CA ASN E 417 -24.09 63.99 7.46
C ASN E 417 -24.45 65.47 7.38
N ALA E 418 -24.45 66.06 6.16
CA ALA E 418 -24.81 67.46 6.00
C ALA E 418 -26.31 67.70 6.03
N ARG E 419 -27.12 66.74 5.55
CA ARG E 419 -28.56 66.88 5.57
C ARG E 419 -29.10 66.74 6.99
N ASP E 420 -28.52 65.83 7.78
CA ASP E 420 -28.89 65.70 9.18
C ASP E 420 -28.28 66.79 10.05
N ALA E 421 -27.22 67.48 9.62
CA ALA E 421 -26.68 68.58 10.39
C ALA E 421 -27.57 69.81 10.31
N LEU E 422 -28.37 69.96 9.22
CA LEU E 422 -29.33 71.04 9.14
C LEU E 422 -30.50 70.82 10.07
N ALA E 423 -30.94 69.57 10.30
CA ALA E 423 -32.03 69.30 11.22
C ALA E 423 -31.66 69.45 12.68
N LYS E 424 -30.35 69.35 13.02
CA LYS E 424 -29.84 69.57 14.36
C LYS E 424 -29.41 71.02 14.54
N THR E 425 -29.79 71.89 13.60
CA THR E 425 -29.46 73.30 13.62
C THR E 425 -30.76 74.04 13.63
N VAL E 426 -31.71 73.69 12.75
CA VAL E 426 -33.03 74.28 12.72
C VAL E 426 -33.83 73.93 13.97
N TYR E 427 -33.88 72.65 14.40
CA TYR E 427 -34.60 72.36 15.62
C TYR E 427 -33.87 72.85 16.86
N SER E 428 -32.53 72.99 16.82
CA SER E 428 -31.79 73.54 17.95
C SER E 428 -32.06 75.00 18.22
N HIS E 429 -32.22 75.81 17.16
CA HIS E 429 -32.55 77.22 17.34
C HIS E 429 -34.03 77.45 17.54
N LEU E 430 -34.86 76.44 17.22
CA LEU E 430 -36.28 76.49 17.45
C LEU E 430 -36.55 76.36 18.94
N PHE E 431 -35.77 75.52 19.65
CA PHE E 431 -35.87 75.41 21.09
C PHE E 431 -35.35 76.65 21.81
N ASP E 432 -34.40 77.41 21.21
CA ASP E 432 -33.96 78.67 21.78
C ASP E 432 -35.03 79.77 21.61
N HIS E 433 -35.97 79.58 20.66
CA HIS E 433 -37.04 80.52 20.41
C HIS E 433 -38.19 80.27 21.35
N VAL E 434 -38.40 79.01 21.79
CA VAL E 434 -39.45 78.69 22.75
C VAL E 434 -39.06 79.24 24.11
N VAL E 435 -37.80 79.04 24.55
CA VAL E 435 -37.27 79.53 25.81
C VAL E 435 -37.24 81.06 25.89
N ASN E 436 -36.81 81.76 24.82
CA ASN E 436 -36.77 83.21 24.85
C ASN E 436 -38.16 83.85 24.97
N ARG E 437 -39.20 83.19 24.44
CA ARG E 437 -40.57 83.62 24.59
C ARG E 437 -41.10 83.53 26.02
N VAL E 438 -40.68 82.50 26.81
CA VAL E 438 -41.09 82.38 28.21
C VAL E 438 -40.51 83.51 29.05
N ASN E 439 -39.28 83.94 28.72
CA ASN E 439 -38.60 85.02 29.41
C ASN E 439 -39.22 86.40 29.13
N GLN E 440 -40.10 86.51 28.12
CA GLN E 440 -40.85 87.74 27.86
C GLN E 440 -42.08 87.87 28.77
N CYS E 441 -42.49 86.78 29.46
CA CYS E 441 -43.61 86.77 30.40
C CYS E 441 -43.36 87.59 31.68
N PHE E 442 -42.10 87.65 32.12
CA PHE E 442 -41.71 88.33 33.35
C PHE E 442 -40.32 88.99 33.25
N PRO E 443 -40.07 89.99 32.38
CA PRO E 443 -38.74 90.61 32.25
C PRO E 443 -38.15 91.14 33.55
N PHE E 444 -36.95 90.67 33.94
CA PHE E 444 -36.31 91.04 35.18
C PHE E 444 -35.96 92.52 35.31
N GLU E 445 -36.20 93.08 36.52
CA GLU E 445 -35.94 94.47 36.85
C GLU E 445 -34.47 94.76 37.12
N THR E 446 -33.74 93.80 37.74
CA THR E 446 -32.33 93.90 38.07
C THR E 446 -31.83 92.52 38.48
N SER E 447 -30.58 92.41 38.93
CA SER E 447 -29.95 91.15 39.30
C SER E 447 -28.93 91.34 40.42
N SER E 448 -28.77 90.30 41.28
CA SER E 448 -27.78 90.32 42.36
C SER E 448 -27.49 88.90 42.80
N TYR E 449 -28.48 88.22 43.41
CA TYR E 449 -28.38 86.86 43.90
C TYR E 449 -29.48 86.05 43.23
N PHE E 450 -29.38 84.72 43.24
CA PHE E 450 -30.37 83.91 42.58
C PHE E 450 -30.49 82.54 43.20
N ILE E 451 -31.74 82.03 43.25
CA ILE E 451 -32.00 80.70 43.73
C ILE E 451 -32.71 80.02 42.60
N GLY E 452 -32.05 79.04 41.94
CA GLY E 452 -32.64 78.31 40.83
C GLY E 452 -32.76 76.86 41.15
N VAL E 453 -33.52 76.12 40.32
CA VAL E 453 -33.70 74.69 40.43
C VAL E 453 -33.18 74.00 39.18
N LEU E 454 -32.13 73.17 39.33
CA LEU E 454 -31.60 72.38 38.24
C LEU E 454 -32.21 71.00 38.32
N ASP E 455 -32.93 70.59 37.26
CA ASP E 455 -33.50 69.27 37.19
C ASP E 455 -32.89 68.68 35.94
N ILE E 456 -32.42 67.44 36.06
CA ILE E 456 -31.66 66.78 35.01
C ILE E 456 -32.12 65.33 34.89
N ALA E 457 -31.85 64.70 33.74
CA ALA E 457 -32.13 63.29 33.49
C ALA E 457 -31.32 62.40 34.43
N GLY E 458 -31.94 61.30 34.92
CA GLY E 458 -31.28 60.40 35.86
C GLY E 458 -30.30 59.50 35.19
N PHE E 459 -29.67 58.61 35.97
CA PHE E 459 -28.78 57.58 35.46
C PHE E 459 -29.63 56.45 34.87
N GLU E 460 -30.18 56.64 33.65
CA GLU E 460 -31.04 55.67 33.01
C GLU E 460 -30.24 54.90 31.97
N TYR E 461 -30.28 53.57 32.06
CA TYR E 461 -29.57 52.67 31.19
C TYR E 461 -30.44 51.45 31.01
N PHE E 462 -30.39 50.83 29.83
CA PHE E 462 -31.31 49.79 29.44
C PHE E 462 -30.56 48.58 28.90
N GLU E 463 -31.24 47.75 28.12
CA GLU E 463 -30.75 46.53 27.49
C GLU E 463 -29.65 46.80 26.47
N HIS E 464 -29.77 47.88 25.69
CA HIS E 464 -28.74 48.35 24.77
C HIS E 464 -28.44 49.79 25.13
N ASN E 465 -27.20 50.12 25.49
CA ASN E 465 -26.80 51.48 25.81
C ASN E 465 -25.92 51.98 24.68
N SER E 466 -26.33 53.09 24.05
CA SER E 466 -25.68 53.63 22.87
C SER E 466 -25.04 54.97 23.14
N PHE E 467 -24.83 55.80 22.11
CA PHE E 467 -24.16 57.09 22.22
C PHE E 467 -25.04 58.10 22.93
N GLU E 468 -26.38 57.93 22.83
CA GLU E 468 -27.31 58.77 23.55
C GLU E 468 -27.26 58.50 25.06
N GLN E 469 -27.03 57.24 25.50
CA GLN E 469 -26.92 56.97 26.92
C GLN E 469 -25.50 57.22 27.42
N PHE E 470 -24.52 57.35 26.52
CA PHE E 470 -23.17 57.71 26.92
C PHE E 470 -23.12 59.19 27.30
N CYS E 471 -23.94 60.05 26.66
CA CYS E 471 -23.96 61.45 27.00
C CYS E 471 -24.77 61.79 28.25
N ILE E 472 -25.71 60.91 28.67
CA ILE E 472 -26.45 61.09 29.91
C ILE E 472 -25.58 60.73 31.10
N ASN E 473 -24.92 59.58 31.02
CA ASN E 473 -24.07 59.09 32.09
C ASN E 473 -22.74 59.82 32.17
N TYR E 474 -22.28 60.48 31.08
CA TYR E 474 -21.13 61.35 31.21
C TYR E 474 -21.56 62.62 31.96
N CYS E 475 -22.82 63.07 31.81
CA CYS E 475 -23.30 64.18 32.60
C CYS E 475 -23.56 63.82 34.06
N ASN E 476 -24.08 62.61 34.36
CA ASN E 476 -24.26 62.20 35.74
C ASN E 476 -23.00 61.81 36.51
N GLU E 477 -21.90 61.39 35.84
CA GLU E 477 -20.65 61.10 36.51
C GLU E 477 -19.96 62.37 36.98
N LYS E 478 -20.04 63.45 36.16
CA LYS E 478 -19.52 64.75 36.53
C LYS E 478 -20.40 65.40 37.61
N LEU E 479 -21.73 65.17 37.61
CA LEU E 479 -22.60 65.70 38.62
C LEU E 479 -22.44 64.96 39.94
N GLN E 480 -22.00 63.69 39.89
CA GLN E 480 -21.64 62.90 41.04
C GLN E 480 -20.32 63.34 41.63
N GLN E 481 -19.39 63.85 40.79
CA GLN E 481 -18.10 64.39 41.21
C GLN E 481 -18.33 65.62 42.07
N PHE E 482 -19.20 66.55 41.60
CA PHE E 482 -19.54 67.75 42.35
C PHE E 482 -20.38 67.44 43.59
N PHE E 483 -21.09 66.29 43.63
CA PHE E 483 -21.83 65.87 44.82
C PHE E 483 -20.89 65.54 45.96
N ASN E 484 -19.82 64.77 45.72
CA ASN E 484 -18.89 64.38 46.76
C ASN E 484 -18.03 65.54 47.24
N GLU E 485 -17.87 66.61 46.42
CA GLU E 485 -17.17 67.80 46.85
C GLU E 485 -17.99 68.60 47.85
N ARG E 486 -19.34 68.61 47.71
CA ARG E 486 -20.16 69.38 48.63
C ARG E 486 -20.43 68.67 49.94
N ILE E 487 -20.43 67.33 49.97
CA ILE E 487 -20.62 66.52 51.16
C ILE E 487 -19.38 66.58 52.04
N LEU E 488 -18.17 66.50 51.44
CA LEU E 488 -16.93 66.62 52.18
C LEU E 488 -16.80 68.01 52.77
N LYS E 489 -17.26 69.03 52.04
CA LYS E 489 -17.33 70.39 52.54
C LYS E 489 -18.36 70.58 53.63
N GLU E 490 -19.49 69.84 53.60
CA GLU E 490 -20.50 69.99 54.64
C GLU E 490 -20.05 69.51 56.02
N GLU E 491 -19.34 68.37 56.09
CA GLU E 491 -18.81 67.87 57.35
C GLU E 491 -17.65 68.66 57.90
N GLN E 492 -16.84 69.27 57.00
CA GLN E 492 -15.67 70.03 57.36
C GLN E 492 -16.00 71.38 57.94
N GLU E 493 -17.17 71.95 57.64
CA GLU E 493 -17.54 73.21 58.26
C GLU E 493 -18.48 73.02 59.42
N LEU E 494 -18.77 71.79 59.86
CA LEU E 494 -19.64 71.56 61.00
C LEU E 494 -18.88 70.99 62.18
N TYR E 495 -17.94 70.07 61.94
CA TYR E 495 -17.13 69.49 63.00
C TYR E 495 -16.09 70.46 63.53
N GLN E 496 -15.73 71.46 62.71
CA GLN E 496 -14.81 72.50 63.09
C GLN E 496 -15.53 73.76 63.59
N LYS E 497 -16.89 73.77 63.54
CA LYS E 497 -17.70 74.92 63.97
C LYS E 497 -18.57 74.66 65.20
N GLU E 498 -19.02 73.42 65.43
CA GLU E 498 -19.84 73.09 66.61
C GLU E 498 -19.01 72.50 67.73
N GLY E 499 -17.72 72.22 67.46
CA GLY E 499 -16.80 71.64 68.45
C GLY E 499 -16.93 70.14 68.48
N LEU E 500 -16.30 69.47 67.51
CA LEU E 500 -16.33 68.04 67.39
C LEU E 500 -14.96 67.60 66.93
N GLY E 501 -14.73 66.28 66.84
CA GLY E 501 -13.45 65.67 66.51
C GLY E 501 -12.72 66.11 65.27
N VAL E 502 -11.46 65.68 65.17
CA VAL E 502 -10.54 65.94 64.08
C VAL E 502 -10.52 64.78 63.09
N ASN E 503 -11.49 63.84 63.21
CA ASN E 503 -11.70 62.68 62.36
C ASN E 503 -11.80 62.96 60.86
N GLU E 504 -11.66 61.92 60.02
CA GLU E 504 -11.68 62.06 58.57
C GLU E 504 -12.74 61.16 57.97
N VAL E 505 -13.63 61.74 57.13
CA VAL E 505 -14.67 61.02 56.43
C VAL E 505 -14.10 60.38 55.18
N HIS E 506 -14.72 59.31 54.66
CA HIS E 506 -14.17 58.65 53.48
C HIS E 506 -14.60 59.30 52.17
N TYR E 507 -13.67 60.06 51.56
CA TYR E 507 -13.87 60.70 50.28
C TYR E 507 -13.17 59.85 49.24
N VAL E 508 -13.87 59.54 48.14
CA VAL E 508 -13.31 58.79 47.05
C VAL E 508 -13.52 59.60 45.80
N ASP E 509 -12.42 59.95 45.12
CA ASP E 509 -12.48 60.72 43.91
C ASP E 509 -12.80 59.80 42.72
N ASN E 510 -13.42 60.34 41.67
CA ASN E 510 -13.80 59.60 40.48
C ASN E 510 -13.04 60.12 39.29
N GLN E 511 -11.86 60.72 39.56
CA GLN E 511 -11.01 61.31 38.56
C GLN E 511 -10.44 60.29 37.60
N ASP E 512 -10.21 59.03 38.01
CA ASP E 512 -9.77 58.00 37.08
C ASP E 512 -10.85 57.63 36.05
N CYS E 513 -12.15 57.79 36.40
CA CYS E 513 -13.26 57.58 35.47
C CYS E 513 -13.45 58.78 34.53
N ILE E 514 -13.16 59.99 35.04
CA ILE E 514 -13.27 61.23 34.28
C ILE E 514 -12.16 61.29 33.27
N ASP E 515 -10.91 61.09 33.70
CA ASP E 515 -9.73 61.06 32.85
C ASP E 515 -9.83 60.01 31.75
N LEU E 516 -10.51 58.87 32.02
CA LEU E 516 -10.76 57.86 31.03
C LEU E 516 -11.73 58.36 29.95
N ILE E 517 -12.86 59.00 30.32
CA ILE E 517 -13.80 59.52 29.34
C ILE E 517 -13.32 60.77 28.59
N GLU E 518 -12.78 61.79 29.30
CA GLU E 518 -12.31 63.03 28.70
C GLU E 518 -10.90 63.39 29.17
N ALA E 519 -9.98 63.74 28.25
CA ALA E 519 -8.67 64.16 28.67
C ALA E 519 -7.99 65.06 27.65
N ARG E 520 -6.64 65.06 27.64
CA ARG E 520 -5.78 65.90 26.83
C ARG E 520 -5.25 65.13 25.64
N LEU E 521 -6.18 64.62 24.80
CA LEU E 521 -5.93 63.81 23.63
C LEU E 521 -5.54 62.39 24.04
N VAL E 522 -6.18 61.87 25.11
CA VAL E 522 -5.96 60.51 25.61
C VAL E 522 -7.21 59.93 26.26
N GLY E 523 -8.39 60.57 26.18
CA GLY E 523 -9.64 60.01 26.69
C GLY E 523 -10.40 59.23 25.64
N ILE E 524 -11.61 58.75 25.98
CA ILE E 524 -12.47 58.03 25.04
C ILE E 524 -13.06 59.02 24.07
N LEU E 525 -13.50 60.20 24.55
CA LEU E 525 -14.04 61.22 23.67
C LEU E 525 -12.96 61.80 22.77
N ASP E 526 -11.68 61.77 23.18
CA ASP E 526 -10.61 62.23 22.34
C ASP E 526 -10.34 61.33 21.15
N ILE E 527 -10.56 60.01 21.27
CA ILE E 527 -10.34 59.10 20.17
C ILE E 527 -11.48 59.23 19.19
N LEU E 528 -12.70 59.46 19.69
CA LEU E 528 -13.87 59.69 18.87
C LEU E 528 -13.76 60.93 17.99
N ASP E 529 -13.14 62.01 18.53
CA ASP E 529 -12.97 63.23 17.79
C ASP E 529 -11.82 63.12 16.80
N GLU E 530 -10.87 62.19 17.02
CA GLU E 530 -9.86 61.91 16.05
C GLU E 530 -10.36 61.02 14.93
N GLU E 531 -11.26 60.05 15.24
CA GLU E 531 -11.84 59.15 14.26
C GLU E 531 -12.76 59.87 13.29
N ASN E 532 -13.42 60.95 13.74
CA ASN E 532 -14.26 61.76 12.87
C ASN E 532 -13.46 62.50 11.80
N ARG E 533 -12.22 62.90 12.10
CA ARG E 533 -11.30 63.51 11.16
C ARG E 533 -10.64 62.58 10.15
N LEU E 534 -10.56 61.26 10.43
CA LEU E 534 -9.90 60.28 9.56
C LEU E 534 -10.49 60.14 8.15
N PRO E 535 -9.74 59.70 7.13
CA PRO E 535 -10.25 59.55 5.76
C PRO E 535 -11.48 58.67 5.59
N GLN E 536 -11.59 57.56 6.35
CA GLN E 536 -12.74 56.67 6.28
C GLN E 536 -13.13 56.23 7.69
N PRO E 537 -14.01 56.92 8.41
CA PRO E 537 -14.43 56.53 9.75
C PRO E 537 -15.03 55.14 9.84
N SER E 538 -14.78 54.43 10.96
CA SER E 538 -15.34 53.10 11.19
C SER E 538 -15.72 53.00 12.65
N ASP E 539 -16.57 52.02 13.03
CA ASP E 539 -17.00 51.86 14.39
C ASP E 539 -16.36 50.60 14.97
N GLN E 540 -15.92 49.65 14.12
CA GLN E 540 -15.09 48.54 14.55
C GLN E 540 -13.66 49.02 14.81
N HIS E 541 -13.19 50.07 14.10
CA HIS E 541 -11.87 50.64 14.33
C HIS E 541 -11.85 51.50 15.57
N PHE E 542 -13.00 52.09 15.96
CA PHE E 542 -13.12 52.91 17.15
C PHE E 542 -12.99 52.09 18.42
N THR E 543 -13.54 50.87 18.48
CA THR E 543 -13.39 50.04 19.67
C THR E 543 -12.00 49.52 19.81
N SER E 544 -11.39 49.12 18.68
CA SER E 544 -10.04 48.59 18.71
C SER E 544 -9.02 49.65 19.02
N ALA E 545 -9.29 50.94 18.74
CA ALA E 545 -8.40 52.00 19.11
C ALA E 545 -8.44 52.30 20.61
N VAL E 546 -9.56 52.00 21.30
CA VAL E 546 -9.63 52.20 22.74
C VAL E 546 -8.77 51.17 23.43
N HIS E 547 -8.90 49.88 23.04
CA HIS E 547 -8.06 48.88 23.68
C HIS E 547 -6.71 48.71 23.00
N GLN E 548 -6.40 49.50 21.95
CA GLN E 548 -5.05 49.55 21.43
C GLN E 548 -4.15 50.35 22.35
N LYS E 549 -4.54 51.61 22.60
CA LYS E 549 -3.77 52.53 23.39
C LYS E 549 -4.00 52.44 24.88
N HIS E 550 -5.22 52.07 25.30
CA HIS E 550 -5.63 52.19 26.69
C HIS E 550 -6.22 50.93 27.28
N LYS E 551 -5.72 49.74 26.90
CA LYS E 551 -6.16 48.47 27.47
C LYS E 551 -5.91 48.39 28.98
N ASP E 552 -4.73 48.87 29.41
CA ASP E 552 -4.36 48.92 30.80
C ASP E 552 -4.99 50.12 31.49
N HIS E 553 -6.27 50.01 31.91
CA HIS E 553 -6.99 51.02 32.66
C HIS E 553 -7.97 50.24 33.51
N PHE E 554 -8.11 50.55 34.82
CA PHE E 554 -8.92 49.74 35.71
C PHE E 554 -10.41 49.69 35.38
N ARG E 555 -11.06 50.83 35.13
CA ARG E 555 -12.48 50.86 34.79
C ARG E 555 -12.76 50.63 33.32
N LEU E 556 -12.14 49.62 32.71
CA LEU E 556 -12.34 49.26 31.33
C LEU E 556 -12.02 47.80 31.15
N SER E 557 -12.94 47.02 30.56
CA SER E 557 -12.71 45.61 30.31
C SER E 557 -13.27 45.28 28.95
N ILE E 558 -13.06 44.03 28.47
CA ILE E 558 -13.56 43.59 27.18
C ILE E 558 -14.95 42.96 27.33
N PRO E 559 -15.90 43.11 26.39
CA PRO E 559 -17.26 42.56 26.48
C PRO E 559 -17.42 41.13 26.94
N ARG E 560 -16.54 40.20 26.51
CA ARG E 560 -16.68 38.80 26.87
C ARG E 560 -16.42 38.50 28.33
N LYS E 561 -15.80 39.44 29.07
CA LYS E 561 -15.51 39.30 30.48
C LYS E 561 -16.59 39.94 31.34
N SER E 562 -17.77 40.25 30.76
CA SER E 562 -18.89 40.84 31.49
C SER E 562 -19.43 40.02 32.67
N LYS E 563 -19.88 40.73 33.73
CA LYS E 563 -20.49 40.16 34.92
C LYS E 563 -21.96 39.82 34.68
N LEU E 564 -22.56 40.35 33.60
CA LEU E 564 -23.92 40.03 33.21
C LEU E 564 -23.86 39.27 31.90
N ALA E 565 -24.38 38.03 31.89
CA ALA E 565 -24.38 37.14 30.75
C ALA E 565 -25.11 37.73 29.54
N ILE E 566 -26.19 38.48 29.79
CA ILE E 566 -26.96 39.16 28.77
C ILE E 566 -26.17 40.23 28.02
N HIS E 567 -25.05 40.71 28.59
CA HIS E 567 -24.17 41.69 27.98
C HIS E 567 -22.85 41.03 27.63
N ARG E 568 -22.81 39.69 27.55
CA ARG E 568 -21.62 38.94 27.23
C ARG E 568 -21.64 38.38 25.80
N ASN E 569 -22.69 38.64 25.01
CA ASN E 569 -22.78 38.13 23.64
C ASN E 569 -22.13 39.08 22.64
N ILE E 570 -21.88 40.33 23.05
CA ILE E 570 -21.15 41.35 22.32
C ILE E 570 -19.70 40.90 22.15
N ARG E 571 -19.06 41.06 20.97
CA ARG E 571 -17.67 40.65 20.79
C ARG E 571 -16.73 41.83 20.92
N ASP E 572 -15.42 41.57 21.05
CA ASP E 572 -14.35 42.54 21.27
C ASP E 572 -14.41 43.86 20.51
N ASP E 573 -14.72 43.88 19.21
CA ASP E 573 -14.75 45.11 18.44
C ASP E 573 -16.15 45.74 18.43
N GLU E 574 -17.13 45.19 19.15
CA GLU E 574 -18.49 45.71 19.20
C GLU E 574 -18.83 46.49 20.46
N GLY E 575 -17.95 46.63 21.47
CA GLY E 575 -18.35 47.34 22.69
C GLY E 575 -17.30 47.41 23.76
N PHE E 576 -17.65 48.07 24.88
CA PHE E 576 -16.77 48.17 26.02
C PHE E 576 -17.60 48.36 27.28
N ILE E 577 -17.00 48.02 28.45
CA ILE E 577 -17.65 48.09 29.73
C ILE E 577 -16.89 49.10 30.55
N ILE E 578 -17.58 50.15 31.02
CA ILE E 578 -17.05 51.27 31.77
C ILE E 578 -17.66 51.28 33.15
N ARG E 579 -16.85 51.17 34.22
CA ARG E 579 -17.41 51.20 35.55
C ARG E 579 -17.66 52.66 35.96
N HIS E 580 -18.87 52.97 36.44
CA HIS E 580 -19.32 54.31 36.85
C HIS E 580 -19.64 54.22 38.32
N PHE E 581 -20.16 55.28 38.96
CA PHE E 581 -20.54 55.26 40.37
C PHE E 581 -21.61 54.22 40.73
N ALA E 582 -22.52 53.91 39.79
CA ALA E 582 -23.56 52.92 39.99
C ALA E 582 -23.10 51.50 39.62
N GLY E 583 -21.87 51.36 39.07
CA GLY E 583 -21.30 50.08 38.71
C GLY E 583 -20.94 50.00 37.26
N ALA E 584 -20.83 48.77 36.75
CA ALA E 584 -20.39 48.48 35.40
C ALA E 584 -21.51 48.46 34.37
N VAL E 585 -21.54 49.47 33.49
CA VAL E 585 -22.55 49.64 32.47
C VAL E 585 -21.85 49.45 31.15
N CYS E 586 -22.31 48.49 30.32
CA CYS E 586 -21.70 48.20 29.05
C CYS E 586 -22.32 49.10 28.00
N TYR E 587 -21.55 49.45 26.95
CA TYR E 587 -22.08 50.23 25.85
C TYR E 587 -21.64 49.52 24.59
N GLU E 588 -22.52 49.43 23.57
CA GLU E 588 -22.09 48.87 22.30
C GLU E 588 -21.52 49.99 21.44
N THR E 589 -20.63 49.69 20.47
CA THR E 589 -20.05 50.73 19.63
C THR E 589 -20.63 50.79 18.25
N THR E 590 -21.51 49.85 17.86
CA THR E 590 -22.16 49.91 16.55
C THR E 590 -23.03 51.16 16.45
N GLN E 591 -22.75 52.00 15.43
CA GLN E 591 -23.37 53.31 15.21
C GLN E 591 -22.95 54.38 16.21
N PHE E 592 -21.89 54.17 17.02
CA PHE E 592 -21.42 55.16 17.97
C PHE E 592 -20.77 56.33 17.25
N VAL E 593 -19.93 56.01 16.26
CA VAL E 593 -19.24 56.95 15.40
C VAL E 593 -20.15 57.71 14.46
N GLU E 594 -21.11 57.05 13.79
CA GLU E 594 -21.98 57.71 12.83
C GLU E 594 -22.84 58.83 13.39
N LYS E 595 -23.33 58.71 14.63
CA LYS E 595 -24.11 59.75 15.28
C LYS E 595 -23.30 60.96 15.71
N ASN E 596 -21.98 60.81 15.88
CA ASN E 596 -21.09 61.88 16.28
C ASN E 596 -20.66 62.70 15.07
N ASN E 597 -20.50 62.05 13.91
CA ASN E 597 -19.93 62.67 12.73
C ASN E 597 -20.77 63.68 11.95
N ASP E 598 -21.72 64.41 12.55
CA ASP E 598 -22.41 65.46 11.80
C ASP E 598 -21.52 66.69 11.59
N ALA E 599 -21.69 67.36 10.43
CA ALA E 599 -20.85 68.47 10.04
C ALA E 599 -21.69 69.47 9.25
N LEU E 600 -21.50 70.78 9.47
CA LEU E 600 -22.25 71.80 8.76
C LEU E 600 -21.30 72.56 7.85
N HIS E 601 -21.17 72.09 6.60
CA HIS E 601 -20.28 72.65 5.60
C HIS E 601 -20.56 74.10 5.21
N MET E 602 -19.51 74.82 4.79
CA MET E 602 -19.50 76.24 4.41
C MET E 602 -20.68 76.70 3.57
N SER E 603 -20.95 75.98 2.47
CA SER E 603 -22.06 76.13 1.53
C SER E 603 -23.46 76.03 2.10
N LEU E 604 -23.60 75.70 3.39
CA LEU E 604 -24.87 75.47 4.02
C LEU E 604 -24.95 76.29 5.30
N GLU E 605 -23.79 76.51 5.98
CA GLU E 605 -23.73 77.43 7.10
C GLU E 605 -23.92 78.86 6.60
N SER E 606 -23.41 79.16 5.38
CA SER E 606 -23.66 80.42 4.70
C SER E 606 -24.84 80.34 3.76
N LEU E 607 -25.93 79.62 4.13
CA LEU E 607 -27.17 79.61 3.35
C LEU E 607 -28.39 79.75 4.25
N ILE E 608 -28.39 79.10 5.43
CA ILE E 608 -29.56 79.05 6.30
C ILE E 608 -29.81 80.33 7.06
N CYS E 609 -28.76 81.17 7.23
CA CYS E 609 -28.91 82.51 7.75
C CYS E 609 -29.49 83.44 6.70
N GLU E 610 -29.32 83.09 5.41
CA GLU E 610 -29.82 83.84 4.27
C GLU E 610 -31.20 83.37 3.79
N SER E 611 -32.03 82.77 4.69
CA SER E 611 -33.39 82.30 4.37
C SER E 611 -34.30 83.40 3.83
N ARG E 612 -35.21 83.05 2.90
CA ARG E 612 -36.16 83.95 2.25
C ARG E 612 -37.47 84.07 3.03
N ASP E 613 -37.37 84.23 4.35
CA ASP E 613 -38.47 84.44 5.24
C ASP E 613 -37.92 85.33 6.34
N LYS E 614 -38.77 86.09 7.02
CA LYS E 614 -38.29 87.07 7.97
C LYS E 614 -38.27 86.53 9.40
N PHE E 615 -39.24 85.68 9.77
CA PHE E 615 -39.28 85.02 11.07
C PHE E 615 -38.18 83.98 11.26
N ILE E 616 -37.76 83.33 10.15
CA ILE E 616 -36.71 82.32 10.12
C ILE E 616 -35.32 82.88 10.35
N ARG E 617 -34.98 84.06 9.78
CA ARG E 617 -33.66 84.65 9.91
C ARG E 617 -33.32 85.10 11.32
N GLU E 618 -34.33 85.38 12.15
CA GLU E 618 -34.16 85.75 13.54
C GLU E 618 -33.67 84.57 14.36
N LEU E 619 -33.95 83.33 13.92
CA LEU E 619 -33.60 82.14 14.66
C LEU E 619 -32.10 81.83 14.70
N PHE E 620 -31.34 82.16 13.64
CA PHE E 620 -29.94 81.73 13.51
C PHE E 620 -28.90 82.79 13.81
N GLU E 621 -29.21 83.67 14.78
CA GLU E 621 -28.36 84.73 15.30
C GLU E 621 -28.28 85.95 14.39
N SER E 622 -28.00 87.19 14.84
CA SER E 622 -27.71 87.77 16.15
C SER E 622 -28.38 87.22 17.40
N SER E 623 -27.62 87.20 18.50
CA SER E 623 -28.05 86.82 19.83
C SER E 623 -27.09 87.56 20.74
N THR E 624 -27.35 87.65 22.06
CA THR E 624 -26.50 88.41 22.98
C THR E 624 -25.75 87.49 23.94
N ASN E 625 -26.20 86.22 24.03
CA ASN E 625 -25.64 85.18 24.87
C ASN E 625 -25.51 83.95 24.02
N ASN E 626 -24.73 82.94 24.47
CA ASN E 626 -24.50 81.69 23.79
C ASN E 626 -23.91 81.84 22.39
N ASN E 627 -22.85 82.66 22.24
CA ASN E 627 -22.31 82.96 20.93
C ASN E 627 -20.78 83.07 20.86
N LYS E 628 -20.20 82.64 19.72
CA LYS E 628 -18.77 82.64 19.44
C LYS E 628 -18.58 83.31 18.09
N ASP E 629 -17.57 84.18 17.92
CA ASP E 629 -17.31 84.90 16.67
C ASP E 629 -17.05 83.99 15.46
N THR E 630 -17.84 84.17 14.39
CA THR E 630 -17.77 83.34 13.18
C THR E 630 -16.61 83.65 12.23
N LYS E 631 -16.28 82.69 11.34
CA LYS E 631 -15.19 82.76 10.38
C LYS E 631 -15.73 82.86 8.97
N GLN E 632 -15.41 83.96 8.26
CA GLN E 632 -15.96 84.23 6.94
C GLN E 632 -14.96 84.18 5.81
N LYS E 633 -13.67 83.91 6.11
CA LYS E 633 -12.68 83.69 5.06
C LYS E 633 -11.64 82.69 5.51
N ALA E 634 -12.00 81.89 6.52
CA ALA E 634 -11.15 80.85 7.07
C ALA E 634 -12.04 79.66 7.37
N GLY E 635 -11.44 78.46 7.48
CA GLY E 635 -12.16 77.21 7.74
C GLY E 635 -11.38 76.37 8.69
N LYS E 636 -12.04 75.62 9.59
CA LYS E 636 -12.62 76.17 10.82
C LYS E 636 -14.16 76.20 10.77
N LEU E 637 -14.92 75.29 11.40
CA LEU E 637 -14.53 74.14 12.19
C LEU E 637 -14.93 72.83 11.51
N SER E 638 -15.48 72.90 10.27
CA SER E 638 -15.89 71.77 9.41
C SER E 638 -16.80 70.75 10.07
N PHE E 639 -16.21 69.78 10.79
CA PHE E 639 -16.91 68.78 11.58
C PHE E 639 -17.57 69.42 12.78
N ILE E 640 -16.94 70.49 13.32
CA ILE E 640 -17.33 71.30 14.48
C ILE E 640 -16.94 70.64 15.79
N SER E 641 -17.21 69.33 15.87
CA SER E 641 -16.94 68.39 16.93
C SER E 641 -18.12 68.25 17.87
N VAL E 642 -19.00 67.26 17.60
CA VAL E 642 -20.12 66.90 18.47
C VAL E 642 -19.62 66.49 19.85
N GLY E 643 -18.48 65.76 19.89
CA GLY E 643 -17.85 65.36 21.14
C GLY E 643 -17.15 66.47 21.88
N ASN E 644 -17.14 67.71 21.34
CA ASN E 644 -16.60 68.86 22.04
C ASN E 644 -17.77 69.71 22.44
N LYS E 645 -18.85 69.77 21.65
CA LYS E 645 -20.01 70.56 22.02
C LYS E 645 -20.77 69.97 23.21
N PHE E 646 -20.74 68.64 23.40
CA PHE E 646 -21.31 68.04 24.59
C PHE E 646 -20.44 68.23 25.82
N LYS E 647 -19.12 68.46 25.64
CA LYS E 647 -18.21 68.62 26.76
C LYS E 647 -18.12 70.07 27.17
N THR E 648 -18.08 70.98 26.18
CA THR E 648 -18.04 72.42 26.38
C THR E 648 -19.30 72.92 27.02
N GLN E 649 -20.49 72.48 26.56
CA GLN E 649 -21.71 72.92 27.19
C GLN E 649 -21.89 72.36 28.60
N LEU E 650 -21.38 71.15 28.91
CA LEU E 650 -21.44 70.65 30.27
C LEU E 650 -20.50 71.37 31.23
N ASN E 651 -19.33 71.85 30.75
CA ASN E 651 -18.45 72.66 31.57
C ASN E 651 -19.01 74.05 31.85
N LEU E 652 -19.97 74.54 31.06
CA LEU E 652 -20.63 75.81 31.30
C LEU E 652 -21.69 75.72 32.38
N LEU E 653 -22.03 74.49 32.82
CA LEU E 653 -23.04 74.28 33.83
C LEU E 653 -22.36 73.87 35.12
N LEU E 654 -21.25 73.11 35.06
CA LEU E 654 -20.51 72.72 36.23
C LEU E 654 -19.84 73.90 36.90
N ASP E 655 -19.34 74.89 36.14
CA ASP E 655 -18.81 76.07 36.80
C ASP E 655 -19.90 77.01 37.32
N LYS E 656 -21.16 76.93 36.83
CA LYS E 656 -22.23 77.69 37.46
C LYS E 656 -22.67 77.04 38.78
N LEU E 657 -22.62 75.69 38.86
CA LEU E 657 -22.82 74.93 40.09
C LEU E 657 -21.67 75.07 41.10
N ARG E 658 -20.42 75.22 40.61
CA ARG E 658 -19.27 75.48 41.45
C ARG E 658 -19.24 76.89 41.99
N SER E 659 -19.87 77.84 41.29
CA SER E 659 -19.86 79.24 41.71
C SER E 659 -20.95 79.57 42.71
N THR E 660 -21.93 78.67 42.91
CA THR E 660 -23.07 78.90 43.79
C THR E 660 -23.14 77.84 44.86
N GLY E 661 -24.02 77.96 45.87
CA GLY E 661 -24.19 76.94 46.90
C GLY E 661 -24.96 75.75 46.39
N ALA E 662 -25.26 74.74 47.24
CA ALA E 662 -25.96 73.55 46.75
C ALA E 662 -26.98 72.95 47.72
N SER E 663 -28.11 72.48 47.15
CA SER E 663 -29.26 71.91 47.83
C SER E 663 -29.81 70.67 47.14
N PHE E 664 -29.15 69.51 47.33
CA PHE E 664 -29.37 68.22 46.69
C PHE E 664 -30.63 67.44 47.11
N ILE E 665 -31.63 67.36 46.23
CA ILE E 665 -32.90 66.66 46.44
C ILE E 665 -32.98 65.43 45.52
N ARG E 666 -32.79 64.22 46.11
CA ARG E 666 -32.85 62.99 45.36
C ARG E 666 -34.32 62.52 45.42
N CYS E 667 -34.97 62.22 44.29
CA CYS E 667 -36.35 61.74 44.31
C CYS E 667 -36.44 60.26 43.96
N ILE E 668 -37.01 59.45 44.88
CA ILE E 668 -37.20 58.01 44.71
C ILE E 668 -38.63 57.67 44.29
N LYS E 669 -38.89 56.92 43.20
CA LYS E 669 -40.25 56.49 42.91
C LYS E 669 -40.57 55.18 43.65
N PRO E 670 -41.77 54.85 44.11
CA PRO E 670 -41.99 53.61 44.84
C PRO E 670 -42.21 52.43 43.90
N ASN E 671 -42.69 52.68 42.69
CA ASN E 671 -42.91 51.66 41.69
C ASN E 671 -43.05 52.33 40.35
N LEU E 672 -42.96 51.56 39.25
CA LEU E 672 -43.09 52.08 37.90
C LEU E 672 -44.52 51.92 37.38
N LYS E 673 -45.37 51.13 38.08
CA LYS E 673 -46.76 50.88 37.73
C LYS E 673 -47.67 52.09 37.91
N MET E 674 -47.29 53.00 38.82
CA MET E 674 -48.01 54.22 39.18
C MET E 674 -49.22 53.91 40.04
N THR E 675 -49.00 53.07 41.06
CA THR E 675 -50.02 52.64 42.01
C THR E 675 -49.60 52.99 43.42
N SER E 676 -50.46 53.74 44.13
CA SER E 676 -50.26 54.12 45.52
C SER E 676 -50.26 52.92 46.47
N HIS E 677 -49.43 52.94 47.52
CA HIS E 677 -49.34 51.88 48.52
C HIS E 677 -49.00 50.50 47.95
N HIS E 678 -48.04 50.42 47.01
CA HIS E 678 -47.63 49.15 46.41
C HIS E 678 -46.11 49.16 46.30
N PHE E 679 -45.42 48.96 47.44
CA PHE E 679 -43.97 48.98 47.57
C PHE E 679 -43.29 47.91 46.72
N GLU E 680 -42.30 48.29 45.89
CA GLU E 680 -41.54 47.35 45.09
C GLU E 680 -40.07 47.42 45.52
N GLY E 681 -39.54 46.37 46.19
CA GLY E 681 -38.17 46.40 46.66
C GLY E 681 -37.15 45.96 45.65
N ALA E 682 -37.59 45.71 44.41
CA ALA E 682 -36.72 45.46 43.26
C ALA E 682 -36.63 46.71 42.40
N GLN E 683 -37.33 47.80 42.79
CA GLN E 683 -37.25 49.08 42.10
C GLN E 683 -36.85 50.16 43.08
N ILE E 684 -37.25 50.08 44.37
CA ILE E 684 -36.76 51.04 45.34
C ILE E 684 -35.31 50.80 45.70
N LEU E 685 -34.87 49.54 45.95
CA LEU E 685 -33.46 49.26 46.22
C LEU E 685 -32.57 49.55 45.01
N SER E 686 -33.11 49.36 43.80
CA SER E 686 -32.40 49.66 42.55
C SER E 686 -32.20 51.16 42.32
N GLN E 687 -33.04 52.04 42.90
CA GLN E 687 -32.82 53.46 42.78
C GLN E 687 -31.95 54.00 43.89
N LEU E 688 -31.77 53.26 45.00
CA LEU E 688 -30.83 53.66 46.03
C LEU E 688 -29.40 53.39 45.58
N GLN E 689 -29.19 52.36 44.73
CA GLN E 689 -27.88 52.10 44.17
C GLN E 689 -27.58 52.85 42.87
N CYS E 690 -28.57 53.56 42.27
CA CYS E 690 -28.35 54.30 41.03
C CYS E 690 -28.58 55.79 41.19
N SER E 691 -28.78 56.30 42.41
CA SER E 691 -29.01 57.72 42.63
C SER E 691 -27.81 58.41 43.25
N GLY E 692 -26.69 57.71 43.47
CA GLY E 692 -25.49 58.31 44.06
C GLY E 692 -25.53 58.31 45.56
N MET E 693 -26.53 57.65 46.15
CA MET E 693 -26.74 57.58 47.58
C MET E 693 -25.70 56.72 48.29
N VAL E 694 -25.13 55.71 47.61
CA VAL E 694 -24.16 54.77 48.17
C VAL E 694 -22.85 55.44 48.51
N SER E 695 -22.35 56.37 47.67
CA SER E 695 -21.09 57.05 47.93
C SER E 695 -21.12 57.91 49.18
N VAL E 696 -22.30 58.47 49.51
CA VAL E 696 -22.54 59.20 50.75
C VAL E 696 -22.54 58.29 51.96
N LEU E 697 -23.21 57.12 51.88
CA LEU E 697 -23.28 56.18 52.98
C LEU E 697 -21.93 55.54 53.28
N ASP E 698 -21.05 55.43 52.25
CA ASP E 698 -19.72 54.91 52.48
C ASP E 698 -18.74 56.04 52.84
N LEU E 699 -19.22 57.30 52.87
CA LEU E 699 -18.49 58.44 53.38
C LEU E 699 -18.81 58.62 54.85
N MET E 700 -20.12 58.53 55.20
CA MET E 700 -20.70 58.69 56.53
C MET E 700 -20.08 57.86 57.63
N GLN E 701 -19.50 56.69 57.30
CA GLN E 701 -18.83 55.79 58.23
C GLN E 701 -17.72 56.46 59.05
N GLY E 702 -17.08 57.51 58.51
CA GLY E 702 -16.04 58.26 59.22
C GLY E 702 -16.59 59.26 60.22
N GLY E 703 -17.92 59.42 60.30
CA GLY E 703 -18.58 60.33 61.22
C GLY E 703 -18.84 59.72 62.57
N PHE E 704 -20.13 59.45 62.87
CA PHE E 704 -20.56 58.92 64.14
C PHE E 704 -20.49 57.38 64.21
N GLU F 1 17.09 10.15 -79.13
CA GLU F 1 17.10 8.99 -80.06
C GLU F 1 16.34 7.77 -79.58
N ASP F 2 16.18 6.76 -80.46
CA ASP F 2 15.40 5.56 -80.23
C ASP F 2 16.23 4.37 -79.72
N GLY F 3 17.16 4.62 -78.78
CA GLY F 3 17.98 3.60 -78.15
C GLY F 3 19.37 3.50 -78.70
N LYS F 4 19.70 4.29 -79.74
CA LYS F 4 21.03 4.35 -80.31
C LYS F 4 22.06 4.95 -79.34
N PRO F 5 23.36 4.67 -79.45
CA PRO F 5 24.40 5.23 -78.57
C PRO F 5 24.37 6.73 -78.36
N VAL F 6 24.61 7.15 -77.12
CA VAL F 6 24.69 8.53 -76.73
C VAL F 6 26.08 8.76 -76.20
N TRP F 7 26.46 10.03 -76.02
CA TRP F 7 27.67 10.39 -75.36
C TRP F 7 27.37 10.36 -73.86
N ALA F 8 28.32 9.89 -73.04
CA ALA F 8 28.18 9.68 -71.61
C ALA F 8 29.15 10.52 -70.77
N PRO F 9 28.78 11.18 -69.67
CA PRO F 9 29.68 11.96 -68.83
C PRO F 9 30.85 11.20 -68.22
N HIS F 10 32.05 11.29 -68.82
CA HIS F 10 33.25 10.59 -68.36
C HIS F 10 34.27 11.61 -67.90
N PRO F 11 34.70 11.67 -66.64
CA PRO F 11 35.60 12.71 -66.10
C PRO F 11 36.71 13.26 -66.97
N THR F 12 37.68 12.43 -67.41
CA THR F 12 38.83 12.89 -68.18
C THR F 12 38.56 13.33 -69.60
N ASP F 13 37.68 12.62 -70.32
CA ASP F 13 37.50 12.83 -71.74
C ASP F 13 36.26 13.67 -72.01
N GLY F 14 35.54 14.08 -70.95
CA GLY F 14 34.33 14.89 -71.04
C GLY F 14 33.15 14.02 -71.29
N PHE F 15 33.12 13.44 -72.49
CA PHE F 15 32.12 12.50 -72.92
C PHE F 15 32.76 11.28 -73.55
N GLN F 16 32.20 10.07 -73.33
CA GLN F 16 32.64 8.84 -74.00
C GLN F 16 31.42 8.09 -74.52
N VAL F 17 31.57 7.02 -75.32
CA VAL F 17 30.43 6.30 -75.89
C VAL F 17 29.60 5.55 -74.80
N GLY F 18 28.28 5.30 -75.03
CA GLY F 18 27.46 4.69 -74.00
C GLY F 18 26.03 4.53 -74.40
N ASN F 19 25.32 3.69 -73.65
CA ASN F 19 23.96 3.28 -73.95
C ASN F 19 23.06 3.50 -72.74
N ILE F 20 21.75 3.48 -72.98
CA ILE F 20 20.73 3.77 -71.99
C ILE F 20 20.02 2.46 -71.75
N VAL F 21 20.09 1.96 -70.50
CA VAL F 21 19.56 0.64 -70.16
C VAL F 21 18.42 0.73 -69.17
N ASP F 22 18.10 1.94 -68.69
CA ASP F 22 16.91 2.20 -67.93
C ASP F 22 16.71 3.70 -68.06
N ILE F 23 15.46 4.16 -67.94
CA ILE F 23 15.14 5.55 -68.21
C ILE F 23 14.01 6.07 -67.35
N GLY F 24 14.13 7.33 -66.88
CA GLY F 24 13.12 8.03 -66.10
C GLY F 24 12.45 9.08 -66.95
N PRO F 25 11.73 10.03 -66.38
CA PRO F 25 11.13 11.12 -67.13
C PRO F 25 12.14 12.04 -67.84
N ASP F 26 13.24 12.40 -67.16
CA ASP F 26 14.30 13.20 -67.75
C ASP F 26 15.69 12.81 -67.22
N SER F 27 15.75 11.81 -66.33
CA SER F 27 16.97 11.21 -65.82
C SER F 27 17.22 9.94 -66.59
N LEU F 28 18.46 9.66 -67.03
CA LEU F 28 18.74 8.47 -67.81
C LEU F 28 19.81 7.61 -67.15
N THR F 29 19.55 6.30 -66.98
CA THR F 29 20.51 5.36 -66.39
C THR F 29 21.47 4.86 -67.45
N ILE F 30 22.62 5.54 -67.59
CA ILE F 30 23.65 5.33 -68.59
C ILE F 30 24.66 4.24 -68.25
N GLU F 31 24.76 3.18 -69.07
CA GLU F 31 25.83 2.20 -68.96
C GLU F 31 26.89 2.59 -70.00
N PRO F 32 28.14 2.91 -69.69
CA PRO F 32 29.15 3.22 -70.70
C PRO F 32 29.40 2.06 -71.66
N LEU F 33 29.83 2.34 -72.90
CA LEU F 33 30.11 1.31 -73.88
C LEU F 33 31.44 0.63 -73.60
N ASN F 34 32.50 1.42 -73.33
CA ASN F 34 33.81 0.90 -73.05
C ASN F 34 34.07 0.68 -71.56
N GLN F 35 33.05 0.84 -70.70
CA GLN F 35 33.17 0.55 -69.27
C GLN F 35 31.85 -0.02 -68.78
N LYS F 36 31.46 -1.21 -69.31
CA LYS F 36 30.22 -1.85 -68.93
C LYS F 36 30.10 -2.19 -67.45
N GLY F 37 28.87 -2.14 -66.92
CA GLY F 37 28.61 -2.35 -65.50
C GLY F 37 28.89 -1.16 -64.63
N LYS F 38 29.35 -0.01 -65.18
CA LYS F 38 29.57 1.18 -64.38
C LYS F 38 28.25 1.91 -64.09
N THR F 39 27.20 1.59 -64.88
CA THR F 39 25.78 1.95 -64.78
C THR F 39 25.39 3.08 -63.84
N PHE F 40 25.63 4.34 -64.23
CA PHE F 40 25.34 5.51 -63.42
C PHE F 40 24.06 6.20 -63.84
N LEU F 41 23.79 7.39 -63.27
CA LEU F 41 22.62 8.19 -63.60
C LEU F 41 23.12 9.47 -64.24
N ALA F 42 22.39 10.02 -65.23
CA ALA F 42 22.78 11.26 -65.85
C ALA F 42 21.53 11.98 -66.33
N LEU F 43 21.60 13.33 -66.36
CA LEU F 43 20.53 14.22 -66.78
C LEU F 43 20.50 14.44 -68.30
N ILE F 44 19.50 15.19 -68.83
CA ILE F 44 19.42 15.42 -70.28
C ILE F 44 20.51 16.31 -70.83
N ASN F 45 21.20 17.07 -69.96
CA ASN F 45 22.26 17.97 -70.32
C ASN F 45 23.62 17.29 -70.26
N GLN F 46 23.63 15.97 -70.01
CA GLN F 46 24.84 15.17 -69.95
C GLN F 46 24.84 14.08 -71.00
N VAL F 47 23.77 13.99 -71.83
CA VAL F 47 23.66 12.99 -72.89
C VAL F 47 23.38 13.66 -74.22
N PHE F 48 24.03 13.20 -75.29
CA PHE F 48 23.92 13.74 -76.63
C PHE F 48 23.93 12.59 -77.62
N PRO F 49 23.20 12.52 -78.73
CA PRO F 49 23.29 11.38 -79.62
C PRO F 49 24.62 11.25 -80.34
N ALA F 50 25.17 10.03 -80.45
CA ALA F 50 26.42 9.78 -81.13
C ALA F 50 26.21 9.35 -82.57
N GLU F 51 27.27 9.34 -83.38
CA GLU F 51 27.21 8.92 -84.76
C GLU F 51 27.34 7.41 -84.90
N GLU F 52 27.09 6.87 -86.11
CA GLU F 52 27.23 5.45 -86.37
C GLU F 52 28.66 5.00 -86.67
N ASP F 53 29.41 5.73 -87.52
CA ASP F 53 30.77 5.38 -87.89
C ASP F 53 31.80 6.13 -87.05
N SER F 54 32.82 5.40 -86.55
CA SER F 54 33.92 5.92 -85.72
C SER F 54 35.19 6.15 -86.52
N LYS F 55 35.22 5.66 -87.78
CA LYS F 55 36.38 5.74 -88.65
C LYS F 55 36.34 6.91 -89.62
N LYS F 56 35.53 7.94 -89.36
CA LYS F 56 35.43 9.10 -90.20
C LYS F 56 35.32 10.36 -89.39
N ASP F 57 35.61 11.49 -90.05
CA ASP F 57 35.54 12.83 -89.54
C ASP F 57 34.88 13.67 -90.63
N VAL F 58 34.50 14.94 -90.35
CA VAL F 58 33.90 15.80 -91.36
C VAL F 58 34.65 17.12 -91.43
N GLU F 59 35.01 17.55 -92.67
CA GLU F 59 35.71 18.80 -92.94
C GLU F 59 34.79 19.98 -92.72
N ASP F 60 33.57 19.85 -93.28
CA ASP F 60 32.46 20.78 -93.25
C ASP F 60 31.38 20.11 -92.41
N ASN F 61 30.95 20.78 -91.34
CA ASN F 61 30.07 20.15 -90.37
C ASN F 61 28.61 20.48 -90.57
N CYS F 62 28.23 21.32 -91.55
CA CYS F 62 26.84 21.71 -91.79
C CYS F 62 25.90 20.57 -92.17
N SER F 63 26.38 19.59 -92.94
CA SER F 63 25.61 18.47 -93.44
C SER F 63 25.62 17.25 -92.52
N LEU F 64 26.28 17.33 -91.35
CA LEU F 64 26.37 16.25 -90.38
C LEU F 64 25.01 15.72 -89.91
N MET F 65 24.77 14.39 -89.95
CA MET F 65 23.48 13.81 -89.58
C MET F 65 23.11 14.00 -88.12
N TYR F 66 24.10 13.80 -87.23
CA TYR F 66 23.95 14.01 -85.79
C TYR F 66 24.75 15.22 -85.37
N LEU F 67 24.21 16.43 -85.61
CA LEU F 67 24.86 17.66 -85.25
C LEU F 67 24.46 18.09 -83.84
N ASN F 68 25.41 18.01 -82.91
CA ASN F 68 25.25 18.40 -81.54
C ASN F 68 26.63 18.79 -81.08
N GLU F 69 26.80 19.09 -79.80
CA GLU F 69 28.04 19.66 -79.32
C GLU F 69 29.01 18.60 -78.85
N ALA F 70 28.53 17.39 -78.50
CA ALA F 70 29.38 16.27 -78.19
C ALA F 70 30.00 15.66 -79.46
N THR F 71 29.29 15.71 -80.61
CA THR F 71 29.82 15.15 -81.85
C THR F 71 30.74 16.12 -82.53
N LEU F 72 30.70 17.42 -82.17
CA LEU F 72 31.71 18.37 -82.61
C LEU F 72 33.02 18.16 -81.87
N LEU F 73 32.95 17.81 -80.56
CA LEU F 73 34.11 17.55 -79.73
C LEU F 73 34.80 16.26 -80.14
N HIS F 74 34.02 15.24 -80.55
CA HIS F 74 34.60 14.03 -81.07
C HIS F 74 35.13 14.20 -82.48
N ASN F 75 34.58 15.15 -83.27
CA ASN F 75 35.08 15.42 -84.60
C ASN F 75 36.46 16.07 -84.60
N ILE F 76 36.76 16.93 -83.60
CA ILE F 76 38.08 17.56 -83.52
C ILE F 76 39.07 16.77 -82.70
N LYS F 77 38.70 15.55 -82.29
CA LYS F 77 39.52 14.63 -81.53
C LYS F 77 40.15 13.68 -82.52
N VAL F 78 39.37 13.23 -83.51
CA VAL F 78 39.80 12.39 -84.60
C VAL F 78 40.67 13.22 -85.53
N ARG F 79 40.33 14.49 -85.80
CA ARG F 79 41.19 15.33 -86.64
C ARG F 79 42.50 15.72 -85.97
N TYR F 80 42.58 15.70 -84.62
CA TYR F 80 43.84 15.93 -83.91
C TYR F 80 44.83 14.78 -84.08
N SER F 81 44.36 13.52 -84.25
CA SER F 81 45.25 12.39 -84.51
C SER F 81 45.40 12.16 -86.00
N LYS F 82 44.79 13.03 -86.83
CA LYS F 82 44.95 12.99 -88.27
C LYS F 82 45.79 14.17 -88.72
N ASP F 83 46.32 14.94 -87.74
CA ASP F 83 47.18 16.10 -87.96
C ASP F 83 46.51 17.21 -88.79
N ARG F 84 45.22 17.49 -88.52
CA ARG F 84 44.48 18.55 -89.16
C ARG F 84 43.97 19.45 -88.04
N ILE F 85 44.50 20.68 -87.92
CA ILE F 85 44.15 21.57 -86.83
C ILE F 85 43.06 22.56 -87.18
N TYR F 86 42.59 22.59 -88.44
CA TYR F 86 41.50 23.47 -88.84
C TYR F 86 40.23 22.68 -89.11
N THR F 87 39.08 23.19 -88.65
CA THR F 87 37.77 22.54 -88.76
C THR F 87 36.70 23.53 -89.15
N TYR F 88 36.01 23.33 -90.30
CA TYR F 88 35.04 24.26 -90.85
C TYR F 88 33.64 24.05 -90.26
N VAL F 89 33.19 24.96 -89.38
CA VAL F 89 31.83 24.91 -88.86
C VAL F 89 31.12 26.16 -89.35
N ALA F 90 30.41 26.01 -90.49
CA ALA F 90 29.67 27.06 -91.19
C ALA F 90 30.49 28.28 -91.55
N ASN F 91 30.36 29.35 -90.76
CA ASN F 91 31.06 30.60 -90.94
C ASN F 91 32.08 30.80 -89.82
N ILE F 92 32.36 29.74 -89.03
CA ILE F 92 33.27 29.77 -87.91
C ILE F 92 34.40 28.81 -88.18
N LEU F 93 35.65 29.30 -88.08
CA LEU F 93 36.82 28.46 -88.27
C LEU F 93 37.39 28.23 -86.90
N ILE F 94 37.57 26.94 -86.58
CA ILE F 94 38.04 26.43 -85.33
C ILE F 94 39.45 25.97 -85.54
N ALA F 95 40.41 26.69 -84.93
CA ALA F 95 41.83 26.46 -85.04
C ALA F 95 42.31 26.03 -83.67
N VAL F 96 43.08 24.92 -83.61
CA VAL F 96 43.56 24.33 -82.37
C VAL F 96 45.06 24.43 -82.34
N ASN F 97 45.65 25.11 -81.33
CA ASN F 97 47.11 25.29 -81.26
C ASN F 97 47.82 23.93 -81.13
N PRO F 98 48.78 23.49 -81.93
CA PRO F 98 49.27 22.11 -81.81
C PRO F 98 50.27 21.87 -80.69
N TYR F 99 51.22 22.82 -80.45
CA TYR F 99 52.33 22.74 -79.51
C TYR F 99 53.45 21.88 -80.06
N PHE F 100 53.52 21.82 -81.39
CA PHE F 100 54.57 21.20 -82.15
C PHE F 100 54.50 21.80 -83.54
N ASP F 101 55.48 21.49 -84.40
CA ASP F 101 55.54 22.06 -85.72
C ASP F 101 54.94 21.09 -86.74
N ILE F 102 53.81 21.46 -87.36
CA ILE F 102 53.18 20.66 -88.38
C ILE F 102 53.86 20.94 -89.73
N PRO F 103 54.41 19.99 -90.47
CA PRO F 103 55.13 20.31 -91.71
C PRO F 103 54.23 20.50 -92.92
N LYS F 104 54.61 21.47 -93.78
CA LYS F 104 54.05 21.72 -95.10
C LYS F 104 52.61 22.23 -95.13
N ILE F 105 52.28 23.21 -94.25
CA ILE F 105 50.96 23.84 -94.25
C ILE F 105 51.04 25.35 -94.29
N TYR F 106 52.21 25.95 -93.98
CA TYR F 106 52.42 27.38 -93.99
C TYR F 106 53.43 27.79 -95.06
N SER F 107 53.76 26.88 -95.99
CA SER F 107 54.69 27.12 -97.09
C SER F 107 54.15 27.99 -98.23
N SER F 108 55.03 28.59 -99.06
CA SER F 108 54.58 29.49 -100.12
C SER F 108 53.92 28.81 -101.29
N GLU F 109 54.22 27.52 -101.54
CA GLU F 109 53.51 26.72 -102.53
C GLU F 109 52.12 26.37 -102.02
N THR F 110 51.97 26.20 -100.67
CA THR F 110 50.69 25.93 -100.05
C THR F 110 49.77 27.13 -100.15
N ILE F 111 50.33 28.35 -100.02
CA ILE F 111 49.62 29.60 -100.17
C ILE F 111 49.09 29.79 -101.59
N LYS F 112 49.90 29.42 -102.60
CA LYS F 112 49.54 29.56 -104.00
C LYS F 112 48.69 28.41 -104.49
N SER F 113 48.41 27.41 -103.62
CA SER F 113 47.48 26.33 -103.92
C SER F 113 46.05 26.79 -103.67
N TYR F 114 45.78 27.44 -102.51
CA TYR F 114 44.45 27.93 -102.14
C TYR F 114 43.87 28.98 -103.05
N GLN F 115 44.61 30.09 -103.31
CA GLN F 115 44.24 31.26 -104.11
C GLN F 115 43.03 31.14 -105.02
N GLY F 116 41.96 31.91 -104.70
CA GLY F 116 40.71 31.92 -105.44
C GLY F 116 39.70 30.87 -105.01
N LYS F 117 40.03 30.03 -104.02
CA LYS F 117 39.15 28.99 -103.50
C LYS F 117 39.21 29.01 -101.98
N SER F 118 38.04 28.98 -101.31
CA SER F 118 38.01 29.10 -99.85
C SER F 118 36.76 28.59 -99.15
N LEU F 119 35.68 28.27 -99.87
CA LEU F 119 34.48 27.76 -99.26
C LEU F 119 33.97 26.63 -100.12
N GLY F 120 33.77 25.41 -99.57
CA GLY F 120 33.31 24.24 -100.33
C GLY F 120 34.27 23.59 -101.30
N THR F 121 35.10 24.40 -101.98
CA THR F 121 36.07 23.98 -102.99
C THR F 121 37.47 23.80 -102.45
N MET F 122 37.63 23.99 -101.13
CA MET F 122 38.87 23.79 -100.41
C MET F 122 38.49 23.31 -99.01
N PRO F 123 39.34 22.58 -98.30
CA PRO F 123 39.08 22.15 -96.94
C PRO F 123 39.38 23.30 -95.98
N PRO F 124 39.04 23.24 -94.69
CA PRO F 124 39.31 24.30 -93.74
C PRO F 124 40.79 24.56 -93.56
N HIS F 125 41.19 25.83 -93.56
CA HIS F 125 42.56 26.21 -93.35
C HIS F 125 42.54 27.66 -92.94
N VAL F 126 43.66 28.24 -92.47
CA VAL F 126 43.63 29.65 -92.10
C VAL F 126 43.78 30.49 -93.36
N PHE F 127 44.29 29.87 -94.45
CA PHE F 127 44.30 30.49 -95.76
C PHE F 127 42.96 30.40 -96.45
N ALA F 128 42.01 29.58 -95.94
CA ALA F 128 40.67 29.55 -96.48
C ALA F 128 39.81 30.62 -95.83
N ILE F 129 40.29 31.26 -94.76
CA ILE F 129 39.64 32.40 -94.18
C ILE F 129 40.28 33.63 -94.77
N ALA F 130 41.61 33.66 -94.91
CA ALA F 130 42.27 34.80 -95.50
C ALA F 130 41.97 35.02 -96.99
N ASP F 131 41.73 33.95 -97.80
CA ASP F 131 41.32 34.15 -99.18
C ASP F 131 39.86 34.62 -99.26
N LYS F 132 39.02 34.19 -98.31
CA LYS F 132 37.63 34.62 -98.22
C LYS F 132 37.51 36.09 -97.84
N ALA F 133 38.37 36.58 -96.94
CA ALA F 133 38.29 37.94 -96.49
C ALA F 133 38.76 38.92 -97.56
N PHE F 134 39.60 38.49 -98.53
CA PHE F 134 39.88 39.35 -99.66
C PHE F 134 38.73 39.43 -100.67
N ARG F 135 37.99 38.32 -100.92
CA ARG F 135 36.86 38.39 -101.84
C ARG F 135 35.62 39.04 -101.25
N ASP F 136 35.42 38.99 -99.92
CA ASP F 136 34.27 39.60 -99.29
C ASP F 136 34.62 40.98 -98.79
N MET F 137 35.32 41.70 -99.69
CA MET F 137 35.67 43.08 -99.60
C MET F 137 35.38 43.66 -100.98
N LYS F 138 36.10 43.21 -102.02
CA LYS F 138 35.86 43.66 -103.38
C LYS F 138 34.47 43.34 -103.95
N VAL F 139 33.95 42.11 -103.74
CA VAL F 139 32.62 41.76 -104.22
C VAL F 139 31.53 42.43 -103.40
N LEU F 140 31.64 42.35 -102.06
CA LEU F 140 30.67 42.91 -101.13
C LEU F 140 30.59 44.43 -101.10
N LYS F 141 31.73 45.13 -101.32
CA LYS F 141 31.89 46.58 -101.30
C LYS F 141 31.86 47.08 -99.86
N LEU F 142 32.55 46.37 -98.95
CA LEU F 142 32.51 46.67 -97.54
C LEU F 142 33.83 46.29 -96.87
N SER F 143 34.21 47.00 -95.79
CA SER F 143 35.41 46.68 -95.05
C SER F 143 35.20 45.47 -94.17
N GLN F 144 36.30 44.76 -93.83
CA GLN F 144 36.26 43.49 -93.12
C GLN F 144 37.01 43.50 -91.82
N SER F 145 36.69 42.52 -90.96
CA SER F 145 37.33 42.36 -89.69
C SER F 145 37.40 40.89 -89.36
N ILE F 146 38.56 40.43 -88.88
CA ILE F 146 38.79 39.06 -88.51
C ILE F 146 38.82 39.12 -87.01
N ILE F 147 37.93 38.38 -86.34
CA ILE F 147 37.75 38.48 -84.91
C ILE F 147 38.25 37.24 -84.22
N VAL F 148 39.25 37.37 -83.32
CA VAL F 148 39.77 36.22 -82.60
C VAL F 148 39.59 36.37 -81.10
N SER F 149 38.82 35.43 -80.52
CA SER F 149 38.56 35.33 -79.09
C SER F 149 39.28 34.10 -78.57
N GLY F 150 38.80 33.47 -77.48
CA GLY F 150 39.47 32.34 -76.85
C GLY F 150 40.58 32.76 -75.92
N GLU F 151 41.09 31.82 -75.12
CA GLU F 151 42.08 32.09 -74.11
C GLU F 151 43.49 32.20 -74.67
N SER F 152 44.39 32.91 -73.96
CA SER F 152 45.79 33.02 -74.38
C SER F 152 46.48 31.67 -74.47
N GLY F 153 47.34 31.48 -75.50
CA GLY F 153 48.02 30.21 -75.75
C GLY F 153 47.26 29.32 -76.68
N ALA F 154 46.16 29.83 -77.25
CA ALA F 154 45.34 29.11 -78.19
C ALA F 154 45.74 29.39 -79.63
N GLY F 155 46.78 30.23 -79.82
CA GLY F 155 47.31 30.55 -81.14
C GLY F 155 46.69 31.79 -81.70
N LYS F 156 46.33 32.75 -80.84
CA LYS F 156 45.74 34.01 -81.28
C LYS F 156 46.80 34.92 -81.84
N THR F 157 48.08 34.73 -81.45
CA THR F 157 49.21 35.37 -82.09
C THR F 157 49.48 34.72 -83.43
N GLU F 158 49.52 33.38 -83.46
CA GLU F 158 49.85 32.62 -84.65
C GLU F 158 48.82 32.66 -85.77
N ASN F 159 47.52 32.73 -85.50
CA ASN F 159 46.55 32.87 -86.58
C ASN F 159 46.65 34.23 -87.27
N THR F 160 47.03 35.28 -86.53
CA THR F 160 47.21 36.62 -87.10
C THR F 160 48.40 36.74 -88.02
N LYS F 161 49.55 36.10 -87.72
CA LYS F 161 50.69 36.18 -88.62
C LYS F 161 50.52 35.41 -89.93
N PHE F 162 49.71 34.33 -89.95
CA PHE F 162 49.39 33.62 -91.18
C PHE F 162 48.43 34.38 -92.07
N VAL F 163 47.57 35.24 -91.48
CA VAL F 163 46.70 36.12 -92.22
C VAL F 163 47.52 37.21 -92.87
N LEU F 164 48.45 37.87 -92.12
CA LEU F 164 49.26 38.90 -92.75
C LEU F 164 50.30 38.33 -93.70
N ARG F 165 50.68 37.05 -93.54
CA ARG F 165 51.51 36.38 -94.51
C ARG F 165 50.74 36.11 -95.79
N TYR F 166 49.47 35.69 -95.70
CA TYR F 166 48.68 35.41 -96.88
C TYR F 166 48.32 36.68 -97.62
N LEU F 167 48.17 37.82 -96.92
CA LEU F 167 47.92 39.08 -97.58
C LEU F 167 49.17 39.71 -98.17
N THR F 168 50.37 39.36 -97.68
CA THR F 168 51.64 39.87 -98.24
C THR F 168 52.27 38.92 -99.23
N GLU F 169 51.59 37.80 -99.52
CA GLU F 169 52.04 36.82 -100.49
C GLU F 169 50.99 36.64 -101.58
N SER F 170 49.70 36.42 -101.25
CA SER F 170 48.66 36.24 -102.27
C SER F 170 48.15 37.49 -102.94
N TYR F 171 47.92 38.59 -102.18
CA TYR F 171 47.24 39.76 -102.73
C TYR F 171 47.94 41.08 -102.44
N GLY F 172 49.21 41.08 -102.08
CA GLY F 172 49.92 42.32 -101.81
C GLY F 172 51.38 42.07 -101.82
N THR F 173 52.18 43.08 -102.20
CA THR F 173 53.62 42.93 -102.26
C THR F 173 54.32 43.96 -101.42
N GLY F 174 53.87 45.23 -101.50
CA GLY F 174 54.41 46.38 -100.78
C GLY F 174 54.30 46.39 -99.27
N GLN F 175 54.83 47.49 -98.68
CA GLN F 175 54.84 47.81 -97.26
C GLN F 175 55.63 46.86 -96.36
N ASP F 176 56.23 47.37 -95.26
CA ASP F 176 57.12 46.58 -94.40
C ASP F 176 56.54 46.24 -93.02
N ILE F 177 55.21 46.36 -92.84
CA ILE F 177 54.52 46.08 -91.60
C ILE F 177 54.55 44.64 -91.10
N ASP F 178 54.46 43.61 -91.98
CA ASP F 178 54.38 42.21 -91.61
C ASP F 178 55.38 41.70 -90.58
N ASP F 179 56.69 41.96 -90.73
CA ASP F 179 57.63 41.59 -89.69
C ASP F 179 58.03 42.76 -88.81
N ARG F 180 57.43 43.98 -88.94
CA ARG F 180 57.72 45.02 -87.97
C ARG F 180 56.93 44.89 -86.68
N ILE F 181 55.81 44.13 -86.72
CA ILE F 181 55.05 43.75 -85.54
C ILE F 181 55.85 42.71 -84.76
N VAL F 182 56.42 41.72 -85.46
CA VAL F 182 57.30 40.71 -84.91
C VAL F 182 58.61 41.29 -84.36
N GLU F 183 59.26 42.24 -85.06
CA GLU F 183 60.49 42.85 -84.59
C GLU F 183 60.33 43.72 -83.36
N ALA F 184 59.14 44.35 -83.16
CA ALA F 184 58.89 45.08 -81.94
C ALA F 184 57.87 44.33 -81.06
N ASN F 185 57.88 42.98 -81.14
CA ASN F 185 57.04 42.14 -80.32
C ASN F 185 57.37 42.21 -78.84
N PRO F 186 58.61 42.18 -78.32
CA PRO F 186 58.79 42.36 -76.88
C PRO F 186 58.50 43.78 -76.41
N LEU F 187 58.54 44.78 -77.31
CA LEU F 187 58.17 46.13 -76.95
C LEU F 187 56.69 46.29 -76.67
N LEU F 188 55.80 45.63 -77.44
CA LEU F 188 54.38 45.71 -77.17
C LEU F 188 53.91 44.69 -76.13
N GLU F 189 54.76 43.71 -75.79
CA GLU F 189 54.47 42.78 -74.73
C GLU F 189 54.60 43.43 -73.38
N ALA F 190 55.66 44.23 -73.20
CA ALA F 190 55.94 44.92 -71.96
C ALA F 190 54.84 45.87 -71.47
N PHE F 191 54.30 46.73 -72.35
CA PHE F 191 53.24 47.65 -71.97
C PHE F 191 51.88 47.02 -71.70
N GLY F 192 51.43 46.06 -72.55
CA GLY F 192 50.08 45.51 -72.46
C GLY F 192 49.89 44.18 -71.78
N ASN F 193 50.79 43.20 -72.00
CA ASN F 193 50.72 41.88 -71.40
C ASN F 193 50.98 41.85 -69.91
N ALA F 194 50.11 41.18 -69.13
CA ALA F 194 50.34 41.05 -67.71
C ALA F 194 50.31 39.57 -67.33
N LYS F 195 50.11 39.26 -66.04
CA LYS F 195 49.94 37.91 -65.54
C LYS F 195 48.59 37.88 -64.87
N THR F 196 47.72 36.92 -65.24
CA THR F 196 46.43 36.78 -64.57
C THR F 196 46.39 35.40 -64.01
N VAL F 197 45.50 35.13 -63.03
CA VAL F 197 45.42 33.86 -62.35
C VAL F 197 45.17 32.70 -63.31
N ARG F 198 44.39 32.93 -64.38
CA ARG F 198 44.14 31.93 -65.42
C ARG F 198 45.29 31.76 -66.42
N ASN F 199 45.94 32.86 -66.90
CA ASN F 199 46.98 32.76 -67.91
C ASN F 199 48.23 33.54 -67.52
N ASN F 200 49.42 32.91 -67.59
CA ASN F 200 50.70 33.57 -67.29
C ASN F 200 51.02 34.75 -68.21
N ASN F 201 50.69 34.65 -69.51
CA ASN F 201 50.93 35.74 -70.45
C ASN F 201 49.60 36.08 -71.12
N SER F 202 48.86 37.11 -70.66
CA SER F 202 47.58 37.49 -71.26
C SER F 202 47.61 38.92 -71.76
N SER F 203 47.09 39.20 -72.98
CA SER F 203 46.92 40.55 -73.51
C SER F 203 45.74 41.18 -72.82
N ARG F 204 45.87 42.42 -72.31
CA ARG F 204 44.80 43.04 -71.54
C ARG F 204 44.14 44.19 -72.27
N PHE F 205 44.39 44.32 -73.59
CA PHE F 205 43.85 45.41 -74.37
C PHE F 205 43.39 44.90 -75.72
N GLY F 206 42.53 45.67 -76.39
CA GLY F 206 41.99 45.37 -77.72
C GLY F 206 42.91 45.79 -78.83
N LYS F 207 43.83 44.90 -79.27
CA LYS F 207 44.71 45.17 -80.39
C LYS F 207 43.94 45.12 -81.70
N PHE F 208 43.83 46.25 -82.45
CA PHE F 208 43.09 46.28 -83.71
C PHE F 208 43.94 46.76 -84.87
N VAL F 209 44.79 45.88 -85.39
CA VAL F 209 45.68 46.10 -86.53
C VAL F 209 44.94 46.09 -87.86
N GLU F 210 44.77 47.23 -88.55
CA GLU F 210 44.06 47.23 -89.81
C GLU F 210 45.05 47.32 -90.95
N ILE F 211 44.71 46.71 -92.11
CA ILE F 211 45.48 46.71 -93.33
C ILE F 211 44.62 47.37 -94.38
N HIS F 212 45.01 48.59 -94.78
CA HIS F 212 44.29 49.43 -95.71
C HIS F 212 44.40 48.96 -97.15
N PHE F 213 43.27 48.88 -97.87
CA PHE F 213 43.24 48.52 -99.27
C PHE F 213 42.65 49.69 -100.03
N ASN F 214 43.36 50.14 -101.08
CA ASN F 214 42.96 51.24 -101.93
C ASN F 214 41.84 50.86 -102.91
N GLU F 215 41.43 51.79 -103.79
CA GLU F 215 40.40 51.57 -104.80
C GLU F 215 40.68 50.36 -105.71
N LYS F 216 41.98 50.17 -106.04
CA LYS F 216 42.48 49.13 -106.92
C LYS F 216 42.87 47.85 -106.18
N SER F 217 42.55 47.75 -104.88
CA SER F 217 42.75 46.55 -104.07
C SER F 217 44.17 46.07 -103.89
N SER F 218 45.10 47.00 -103.54
CA SER F 218 46.47 46.67 -103.20
C SER F 218 46.76 47.29 -101.85
N VAL F 219 47.69 46.69 -101.08
CA VAL F 219 48.02 47.13 -99.73
C VAL F 219 48.76 48.47 -99.73
N VAL F 220 48.07 49.55 -99.31
CA VAL F 220 48.67 50.88 -99.31
C VAL F 220 49.09 51.32 -97.93
N GLY F 221 48.84 50.49 -96.89
CA GLY F 221 49.29 50.84 -95.56
C GLY F 221 48.63 49.97 -94.53
N GLY F 222 49.08 50.08 -93.29
CA GLY F 222 48.44 49.45 -92.16
C GLY F 222 48.39 50.44 -91.04
N PHE F 223 47.66 50.10 -89.97
CA PHE F 223 47.50 50.99 -88.84
C PHE F 223 47.23 50.19 -87.59
N VAL F 224 47.81 50.59 -86.44
CA VAL F 224 47.56 49.87 -85.20
C VAL F 224 46.69 50.75 -84.30
N SER F 225 45.52 50.23 -83.88
CA SER F 225 44.61 50.89 -82.95
C SER F 225 44.54 50.08 -81.68
N HIS F 226 44.39 50.75 -80.52
CA HIS F 226 44.25 50.09 -79.23
C HIS F 226 43.00 50.55 -78.54
N TYR F 227 42.26 49.65 -77.88
CA TYR F 227 41.04 49.96 -77.16
C TYR F 227 41.07 49.22 -75.84
N LEU F 228 40.49 49.80 -74.76
CA LEU F 228 40.41 49.23 -73.43
C LEU F 228 41.74 49.07 -72.70
N LEU F 229 41.68 48.96 -71.35
CA LEU F 229 42.84 48.82 -70.50
C LEU F 229 42.32 48.51 -69.11
N GLU F 230 43.05 47.76 -68.27
CA GLU F 230 42.64 47.54 -66.91
C GLU F 230 43.33 48.62 -66.09
N LYS F 231 42.68 49.78 -65.92
CA LYS F 231 43.27 50.89 -65.21
C LYS F 231 43.43 50.62 -63.73
N SER F 232 42.57 49.76 -63.15
CA SER F 232 42.69 49.34 -61.77
C SER F 232 43.97 48.58 -61.47
N ARG F 233 44.42 47.76 -62.45
CA ARG F 233 45.63 46.96 -62.38
C ARG F 233 46.88 47.78 -62.12
N ILE F 234 46.91 49.03 -62.63
CA ILE F 234 47.98 49.97 -62.43
C ILE F 234 48.22 50.24 -60.95
N CYS F 235 47.14 50.39 -60.15
CA CYS F 235 47.26 50.71 -58.75
C CYS F 235 47.01 49.57 -57.77
N VAL F 236 46.24 48.54 -58.11
CA VAL F 236 46.01 47.44 -57.19
C VAL F 236 45.92 46.13 -57.95
N GLN F 237 46.63 45.10 -57.45
CA GLN F 237 46.68 43.77 -58.04
C GLN F 237 46.29 42.76 -56.98
N GLY F 238 45.44 41.79 -57.34
CA GLY F 238 45.01 40.73 -56.43
C GLY F 238 46.04 39.65 -56.15
N LYS F 239 45.65 38.61 -55.39
CA LYS F 239 46.51 37.49 -55.08
C LYS F 239 47.01 36.75 -56.31
N GLU F 240 48.34 36.47 -56.35
CA GLU F 240 49.11 35.85 -57.42
C GLU F 240 49.08 36.56 -58.78
N GLU F 241 48.56 37.80 -58.84
CA GLU F 241 48.53 38.64 -60.03
C GLU F 241 49.67 39.63 -60.05
N ARG F 242 50.00 40.19 -61.23
CA ARG F 242 51.02 41.21 -61.33
C ARG F 242 50.42 42.47 -61.94
N ASN F 243 51.25 43.52 -62.15
CA ASN F 243 50.83 44.74 -62.81
C ASN F 243 51.07 44.54 -64.31
N TYR F 244 51.51 45.55 -65.08
CA TYR F 244 51.92 45.28 -66.46
C TYR F 244 53.33 44.75 -66.47
N HIS F 245 53.80 44.14 -67.57
CA HIS F 245 55.11 43.52 -67.62
C HIS F 245 56.31 44.44 -67.74
N ILE F 246 56.13 45.71 -68.10
CA ILE F 246 57.21 46.68 -68.13
C ILE F 246 57.60 47.11 -66.73
N PHE F 247 56.75 46.83 -65.72
CA PHE F 247 57.00 47.11 -64.32
C PHE F 247 57.67 45.94 -63.61
N TYR F 248 58.14 44.94 -64.35
CA TYR F 248 58.83 43.78 -63.81
C TYR F 248 60.07 43.61 -64.66
N ARG F 249 59.97 43.81 -65.99
CA ARG F 249 61.13 43.82 -66.85
C ARG F 249 62.01 45.03 -66.61
N LEU F 250 61.46 46.18 -66.16
CA LEU F 250 62.32 47.30 -65.75
C LEU F 250 62.92 47.03 -64.37
N CYS F 251 62.20 46.39 -63.45
CA CYS F 251 62.75 46.07 -62.14
C CYS F 251 63.86 45.02 -62.19
N ALA F 252 63.65 43.92 -62.94
CA ALA F 252 64.64 42.88 -63.14
C ALA F 252 65.80 43.32 -64.04
N GLY F 253 65.49 44.07 -65.12
CA GLY F 253 66.48 44.51 -66.10
C GLY F 253 67.28 45.71 -65.72
N ALA F 254 66.92 46.40 -64.62
CA ALA F 254 67.61 47.57 -64.13
C ALA F 254 69.01 47.30 -63.61
N SER F 255 70.02 47.41 -64.50
CA SER F 255 71.43 47.35 -64.19
C SER F 255 71.88 48.54 -63.33
N GLU F 256 73.18 48.70 -63.07
CA GLU F 256 73.67 49.78 -62.21
C GLU F 256 74.03 50.99 -63.03
N ASP F 257 74.04 50.88 -64.37
CA ASP F 257 74.26 52.01 -65.24
C ASP F 257 72.90 52.59 -65.68
N ILE F 258 71.80 51.91 -65.27
CA ILE F 258 70.43 52.37 -65.45
C ILE F 258 69.86 52.82 -64.11
N ARG F 259 70.11 52.10 -62.99
CA ARG F 259 69.58 52.47 -61.69
C ARG F 259 70.13 53.78 -61.15
N GLU F 260 71.36 54.18 -61.49
CA GLU F 260 71.90 55.47 -61.07
C GLU F 260 71.22 56.67 -61.76
N ARG F 261 70.55 56.44 -62.91
CA ARG F 261 69.83 57.50 -63.59
C ARG F 261 68.33 57.46 -63.30
N LEU F 262 67.81 56.37 -62.71
CA LEU F 262 66.38 56.27 -62.39
C LEU F 262 66.09 56.24 -60.90
N HIS F 263 67.10 55.99 -60.04
CA HIS F 263 67.00 55.92 -58.59
C HIS F 263 66.05 54.83 -58.07
N LEU F 264 65.89 53.74 -58.86
CA LEU F 264 65.08 52.57 -58.55
C LEU F 264 65.48 51.79 -57.30
N SER F 265 64.61 50.85 -56.85
CA SER F 265 64.84 50.03 -55.67
C SER F 265 64.12 48.71 -55.84
N SER F 266 64.24 47.79 -54.87
CA SER F 266 63.64 46.46 -54.90
C SER F 266 62.10 46.46 -54.81
N PRO F 267 61.36 45.48 -55.37
CA PRO F 267 59.90 45.44 -55.40
C PRO F 267 59.11 45.72 -54.12
N ASP F 268 59.67 45.55 -52.92
CA ASP F 268 58.96 45.80 -51.69
C ASP F 268 58.74 47.30 -51.46
N ASN F 269 59.53 48.14 -52.15
CA ASN F 269 59.45 49.58 -52.03
C ASN F 269 58.50 50.23 -53.02
N PHE F 270 57.73 49.44 -53.79
CA PHE F 270 56.75 49.99 -54.72
C PHE F 270 55.35 49.55 -54.32
N ARG F 271 54.53 50.49 -53.84
CA ARG F 271 53.17 50.22 -53.37
C ARG F 271 52.19 49.82 -54.46
N TYR F 272 52.58 50.04 -55.72
CA TYR F 272 51.83 49.61 -56.88
C TYR F 272 52.34 48.26 -57.38
N LEU F 273 53.28 47.59 -56.68
CA LEU F 273 53.79 46.29 -57.10
C LEU F 273 53.85 45.29 -55.95
N ASN F 274 54.01 45.74 -54.68
CA ASN F 274 54.08 44.82 -53.56
C ASN F 274 52.73 44.24 -53.15
N ARG F 275 51.63 44.81 -53.69
CA ARG F 275 50.25 44.40 -53.47
C ARG F 275 49.94 42.97 -53.91
N GLY F 276 50.37 42.58 -55.13
CA GLY F 276 50.19 41.24 -55.68
C GLY F 276 51.45 40.41 -55.61
N CYS F 277 51.83 39.81 -56.74
CA CYS F 277 53.01 38.97 -56.87
C CYS F 277 54.21 39.80 -57.33
N THR F 278 55.37 39.61 -56.66
CA THR F 278 56.60 40.32 -56.93
C THR F 278 57.65 39.45 -57.59
N ARG F 279 57.39 38.14 -57.79
CA ARG F 279 58.30 37.23 -58.48
C ARG F 279 58.46 37.55 -59.97
N TYR F 280 59.69 37.35 -60.50
CA TYR F 280 60.01 37.54 -61.91
C TYR F 280 59.96 36.19 -62.61
N PHE F 281 59.60 36.15 -63.91
CA PHE F 281 59.67 34.92 -64.69
C PHE F 281 61.08 34.77 -65.23
N ALA F 282 61.64 33.55 -65.23
CA ALA F 282 63.00 33.34 -65.71
C ALA F 282 63.27 31.89 -66.06
N ASN F 283 64.42 31.64 -66.71
CA ASN F 283 64.93 30.33 -67.03
C ASN F 283 66.27 30.23 -66.34
N LYS F 284 66.91 29.03 -66.29
CA LYS F 284 68.12 28.80 -65.51
C LYS F 284 69.28 29.73 -65.84
N GLU F 285 69.52 29.99 -67.14
CA GLU F 285 70.52 30.93 -67.62
C GLU F 285 70.28 32.36 -67.16
N THR F 286 69.02 32.87 -67.21
CA THR F 286 68.72 34.21 -66.77
C THR F 286 68.54 34.35 -65.27
N ASP F 287 68.16 33.29 -64.55
CA ASP F 287 68.01 33.25 -63.09
C ASP F 287 69.32 33.58 -62.38
N LYS F 288 70.44 33.07 -62.90
CA LYS F 288 71.77 33.37 -62.41
C LYS F 288 72.14 34.85 -62.50
N GLN F 289 71.69 35.53 -63.57
CA GLN F 289 72.06 36.90 -63.86
C GLN F 289 71.38 37.98 -63.05
N ILE F 290 70.19 37.72 -62.46
CA ILE F 290 69.45 38.68 -61.65
C ILE F 290 70.20 39.13 -60.41
N LEU F 291 70.30 40.45 -60.16
CA LEU F 291 71.08 40.98 -59.05
C LEU F 291 70.33 41.00 -57.72
N GLN F 292 71.07 40.80 -56.61
CA GLN F 292 70.56 40.74 -55.24
C GLN F 292 69.81 41.98 -54.77
N ASN F 293 70.24 43.16 -55.23
CA ASN F 293 69.61 44.44 -54.93
C ASN F 293 68.26 44.63 -55.64
N ARG F 294 67.93 43.82 -56.66
CA ARG F 294 66.65 43.88 -57.36
C ARG F 294 65.66 42.83 -56.88
N LYS F 295 65.94 42.18 -55.73
CA LYS F 295 65.10 41.15 -55.15
C LYS F 295 64.50 41.62 -53.82
N SER F 296 63.21 41.34 -53.57
CA SER F 296 62.51 41.69 -52.34
C SER F 296 62.55 40.50 -51.38
N PRO F 297 62.19 40.57 -50.09
CA PRO F 297 62.24 39.41 -49.20
C PRO F 297 61.40 38.23 -49.68
N GLU F 298 60.20 38.49 -50.23
CA GLU F 298 59.36 37.48 -50.83
C GLU F 298 60.02 36.85 -52.05
N TYR F 299 60.75 37.63 -52.87
CA TYR F 299 61.52 37.07 -53.98
C TYR F 299 62.59 36.11 -53.47
N LEU F 300 63.35 36.48 -52.43
CA LEU F 300 64.35 35.60 -51.85
C LEU F 300 63.76 34.32 -51.28
N LYS F 301 62.58 34.42 -50.65
CA LYS F 301 61.87 33.28 -50.11
C LYS F 301 61.26 32.35 -51.17
N ALA F 302 60.67 32.87 -52.26
CA ALA F 302 60.00 32.04 -53.26
C ALA F 302 60.77 31.81 -54.56
N GLY F 303 61.73 32.66 -54.90
CA GLY F 303 62.53 32.56 -56.12
C GLY F 303 61.78 32.90 -57.39
N SER F 304 62.47 32.84 -58.55
CA SER F 304 61.89 33.11 -59.85
C SER F 304 60.76 32.17 -60.23
N LEU F 305 59.83 32.65 -61.07
CA LEU F 305 58.71 31.87 -61.58
C LEU F 305 59.21 31.09 -62.78
N LYS F 306 58.68 29.87 -62.99
CA LYS F 306 59.05 29.05 -64.11
C LYS F 306 57.88 28.87 -65.05
N ASP F 307 58.08 29.32 -66.29
CA ASP F 307 57.18 29.23 -67.40
C ASP F 307 58.15 29.02 -68.55
N PRO F 308 58.01 28.10 -69.50
CA PRO F 308 59.03 27.90 -70.51
C PRO F 308 59.12 29.02 -71.52
N LEU F 309 58.20 30.00 -71.57
CA LEU F 309 58.27 31.07 -72.56
C LEU F 309 58.52 32.45 -71.96
N LEU F 310 58.11 32.73 -70.71
CA LEU F 310 58.36 34.02 -70.10
C LEU F 310 59.74 34.14 -69.46
N ASP F 311 60.37 35.33 -69.57
CA ASP F 311 61.70 35.60 -69.08
C ASP F 311 61.85 37.10 -68.88
N ASP F 312 61.44 37.63 -67.71
CA ASP F 312 61.48 39.06 -67.45
C ASP F 312 62.89 39.65 -67.45
N HIS F 313 63.89 38.91 -66.94
CA HIS F 313 65.27 39.36 -66.93
C HIS F 313 65.87 39.45 -68.31
N GLY F 314 65.58 38.46 -69.17
CA GLY F 314 66.10 38.36 -70.52
C GLY F 314 65.37 39.21 -71.52
N ASP F 315 64.06 39.45 -71.31
CA ASP F 315 63.26 40.19 -72.25
C ASP F 315 63.44 41.69 -72.07
N PHE F 316 64.08 42.20 -71.01
CA PHE F 316 64.39 43.63 -70.98
C PHE F 316 65.52 43.93 -71.97
N ILE F 317 66.40 42.95 -72.19
CA ILE F 317 67.47 43.04 -73.17
C ILE F 317 66.87 42.94 -74.57
N ARG F 318 65.92 42.00 -74.79
CA ARG F 318 65.28 41.84 -76.08
C ARG F 318 64.22 42.91 -76.34
N MET F 319 63.82 43.69 -75.31
CA MET F 319 63.01 44.89 -75.41
C MET F 319 63.82 46.01 -76.01
N CYS F 320 65.07 46.17 -75.58
CA CYS F 320 65.94 47.23 -76.07
C CYS F 320 66.46 46.94 -77.46
N THR F 321 66.41 45.66 -77.90
CA THR F 321 66.66 45.26 -79.28
C THR F 321 65.54 45.74 -80.16
N ALA F 322 64.29 45.64 -79.66
CA ALA F 322 63.12 46.07 -80.37
C ALA F 322 63.04 47.60 -80.45
N MET F 323 63.73 48.32 -79.56
CA MET F 323 63.80 49.76 -79.67
C MET F 323 64.77 50.20 -80.77
N LYS F 324 65.70 49.31 -81.20
CA LYS F 324 66.54 49.54 -82.36
C LYS F 324 65.74 49.37 -83.64
N LYS F 325 64.80 48.41 -83.66
CA LYS F 325 63.97 48.11 -84.81
C LYS F 325 62.77 49.03 -84.98
N ILE F 326 62.37 49.76 -83.92
CA ILE F 326 61.26 50.71 -84.01
C ILE F 326 61.78 52.12 -84.23
N GLY F 327 62.99 52.43 -83.73
CA GLY F 327 63.63 53.73 -83.92
C GLY F 327 63.34 54.67 -82.79
N LEU F 328 64.10 54.54 -81.69
CA LEU F 328 64.01 55.39 -80.52
C LEU F 328 65.41 55.88 -80.19
N ASP F 329 65.64 57.21 -80.13
CA ASP F 329 66.93 57.80 -79.84
C ASP F 329 67.41 57.54 -78.41
N ASP F 330 68.67 57.85 -78.08
CA ASP F 330 69.21 57.45 -76.79
C ASP F 330 68.76 58.36 -75.65
N GLU F 331 68.49 59.66 -75.93
CA GLU F 331 67.87 60.53 -74.94
C GLU F 331 66.41 60.15 -74.71
N GLU F 332 65.66 59.87 -75.79
CA GLU F 332 64.25 59.52 -75.68
C GLU F 332 64.05 58.15 -75.09
N LYS F 333 64.99 57.19 -75.26
CA LYS F 333 64.94 55.94 -74.50
C LYS F 333 65.15 56.19 -73.01
N LEU F 334 66.05 57.12 -72.60
CA LEU F 334 66.23 57.45 -71.20
C LEU F 334 65.02 58.16 -70.59
N ASP F 335 64.33 59.02 -71.37
CA ASP F 335 63.09 59.64 -70.94
C ASP F 335 61.91 58.67 -70.96
N LEU F 336 62.02 57.56 -71.71
CA LEU F 336 61.03 56.50 -71.76
C LEU F 336 61.31 55.49 -70.64
N PHE F 337 62.39 55.73 -69.88
CA PHE F 337 62.65 54.99 -68.67
C PHE F 337 62.40 55.90 -67.47
N ARG F 338 62.50 57.24 -67.61
CA ARG F 338 62.10 58.15 -66.53
C ARG F 338 60.61 58.25 -66.34
N VAL F 339 59.80 58.14 -67.41
CA VAL F 339 58.35 58.21 -67.29
C VAL F 339 57.82 56.95 -66.64
N VAL F 340 58.33 55.76 -67.02
CA VAL F 340 57.94 54.50 -66.41
C VAL F 340 58.34 54.45 -64.95
N ALA F 341 59.58 54.87 -64.61
CA ALA F 341 60.04 54.90 -63.24
C ALA F 341 59.32 55.96 -62.39
N GLY F 342 58.77 57.01 -63.01
CA GLY F 342 57.96 58.02 -62.30
C GLY F 342 56.62 57.51 -61.85
N VAL F 343 56.08 56.44 -62.48
CA VAL F 343 54.81 55.87 -62.05
C VAL F 343 55.06 55.04 -60.80
N LEU F 344 56.19 54.31 -60.76
CA LEU F 344 56.51 53.47 -59.63
C LEU F 344 56.76 54.22 -58.33
N HIS F 345 57.37 55.41 -58.38
CA HIS F 345 57.59 56.17 -57.16
C HIS F 345 56.49 57.18 -56.88
N LEU F 346 55.39 57.17 -57.65
CA LEU F 346 54.25 58.04 -57.41
C LEU F 346 53.38 57.49 -56.30
N GLY F 347 53.17 56.16 -56.31
CA GLY F 347 52.26 55.50 -55.41
C GLY F 347 52.69 55.31 -53.99
N ASN F 348 53.92 55.73 -53.64
CA ASN F 348 54.44 55.56 -52.30
C ASN F 348 54.17 56.75 -51.39
N ILE F 349 53.56 57.84 -51.90
CA ILE F 349 53.28 59.03 -51.11
C ILE F 349 52.04 58.87 -50.26
N ASP F 350 52.16 59.07 -48.92
CA ASP F 350 51.10 58.95 -47.95
C ASP F 350 50.52 60.30 -47.55
N PHE F 351 49.24 60.27 -47.14
CA PHE F 351 48.45 61.43 -46.77
C PHE F 351 47.76 61.20 -45.45
N GLU F 352 48.11 61.95 -44.40
CA GLU F 352 47.45 61.84 -43.10
C GLU F 352 46.37 62.93 -43.00
N GLU F 353 45.76 63.17 -41.83
CA GLU F 353 44.77 64.22 -41.65
C GLU F 353 45.43 65.41 -40.97
N ALA F 354 45.03 66.65 -41.33
CA ALA F 354 45.52 67.90 -40.76
C ALA F 354 45.47 67.97 -39.23
N GLY F 355 46.35 68.79 -38.64
CA GLY F 355 46.42 68.93 -37.18
C GLY F 355 45.24 69.63 -36.59
N SER F 356 44.76 70.72 -37.19
CA SER F 356 43.58 71.42 -36.69
C SER F 356 42.90 72.27 -37.73
N THR F 357 43.52 73.41 -38.07
CA THR F 357 43.05 74.44 -38.98
C THR F 357 42.71 73.94 -40.38
N SER F 358 41.53 74.37 -40.89
CA SER F 358 40.94 74.06 -42.19
C SER F 358 40.54 72.62 -42.45
N GLY F 359 41.11 71.64 -41.72
CA GLY F 359 40.87 70.22 -41.94
C GLY F 359 41.47 69.73 -43.24
N GLY F 360 41.10 68.51 -43.66
CA GLY F 360 41.62 67.93 -44.88
C GLY F 360 42.96 67.27 -44.69
N CYS F 361 43.55 66.76 -45.77
CA CYS F 361 44.80 66.03 -45.69
C CYS F 361 46.07 66.86 -45.78
N ASN F 362 47.16 66.32 -45.20
CA ASN F 362 48.50 66.84 -45.38
C ASN F 362 49.33 65.60 -45.69
N LEU F 363 50.58 65.73 -46.18
CA LEU F 363 51.41 64.58 -46.50
C LEU F 363 52.09 63.99 -45.26
N LYS F 364 52.52 62.72 -45.31
CA LYS F 364 53.24 62.12 -44.20
C LYS F 364 54.73 62.51 -44.19
N ASN F 365 55.35 62.45 -43.01
CA ASN F 365 56.74 62.81 -42.77
C ASN F 365 57.74 61.82 -43.35
N LYS F 366 57.34 60.58 -43.67
CA LYS F 366 58.21 59.61 -44.33
C LYS F 366 58.02 59.66 -45.84
N SER F 367 57.19 60.61 -46.32
CA SER F 367 56.89 60.82 -47.72
C SER F 367 57.45 62.15 -48.20
N THR F 368 58.50 62.68 -47.55
CA THR F 368 59.08 63.98 -47.88
C THR F 368 60.14 63.79 -48.94
N GLN F 369 61.05 62.83 -48.74
CA GLN F 369 62.04 62.48 -49.73
C GLN F 369 61.42 61.69 -50.86
N ALA F 370 60.22 61.11 -50.64
CA ALA F 370 59.48 60.40 -51.66
C ALA F 370 58.80 61.36 -52.65
N LEU F 371 58.61 62.64 -52.30
CA LEU F 371 58.08 63.61 -53.24
C LEU F 371 59.21 64.32 -53.97
N GLU F 372 60.35 64.60 -53.30
CA GLU F 372 61.49 65.27 -53.92
C GLU F 372 62.16 64.44 -54.99
N TYR F 373 62.28 63.13 -54.80
CA TYR F 373 62.86 62.22 -55.77
C TYR F 373 61.86 61.73 -56.80
N CYS F 374 60.58 62.16 -56.72
CA CYS F 374 59.55 61.77 -57.67
C CYS F 374 59.22 62.94 -58.58
N ALA F 375 59.31 64.18 -58.08
CA ALA F 375 58.94 65.33 -58.87
C ALA F 375 59.95 65.67 -59.97
N GLU F 376 61.21 65.22 -59.85
CA GLU F 376 62.17 65.37 -60.92
C GLU F 376 62.05 64.25 -61.96
N LEU F 377 61.26 63.20 -61.67
CA LEU F 377 61.00 62.15 -62.64
C LEU F 377 59.96 62.59 -63.64
N LEU F 378 58.84 63.20 -63.18
CA LEU F 378 57.78 63.68 -64.05
C LEU F 378 57.88 65.17 -64.37
N GLY F 379 58.93 65.88 -63.90
CA GLY F 379 59.16 67.28 -64.24
C GLY F 379 58.21 68.26 -63.59
N LEU F 380 57.99 68.15 -62.28
CA LEU F 380 57.07 69.00 -61.54
C LEU F 380 57.83 69.71 -60.44
N ASP F 381 57.44 70.96 -60.08
CA ASP F 381 58.10 71.72 -59.02
C ASP F 381 57.87 71.10 -57.65
N GLN F 382 58.89 71.09 -56.76
CA GLN F 382 58.74 70.48 -55.45
C GLN F 382 57.85 71.27 -54.50
N ASP F 383 57.69 72.59 -54.69
CA ASP F 383 56.83 73.39 -53.83
C ASP F 383 55.39 73.44 -54.33
N ASP F 384 55.17 73.40 -55.66
CA ASP F 384 53.84 73.46 -56.26
C ASP F 384 53.13 72.12 -56.21
N LEU F 385 53.87 71.00 -56.26
CA LEU F 385 53.24 69.70 -56.27
C LEU F 385 52.65 69.34 -54.92
N ARG F 386 53.22 69.81 -53.80
CA ARG F 386 52.65 69.52 -52.48
C ARG F 386 51.27 70.15 -52.25
N VAL F 387 51.01 71.36 -52.77
CA VAL F 387 49.68 71.98 -52.74
C VAL F 387 48.68 71.23 -53.62
N SER F 388 49.16 70.88 -54.82
CA SER F 388 48.37 70.30 -55.90
C SER F 388 47.88 68.90 -55.64
N LEU F 389 48.56 68.15 -54.75
CA LEU F 389 48.14 66.81 -54.35
C LEU F 389 47.25 66.86 -53.11
N THR F 390 46.97 68.05 -52.54
CA THR F 390 46.19 68.15 -51.30
C THR F 390 44.99 69.06 -51.36
N THR F 391 44.96 70.07 -52.24
CA THR F 391 43.81 70.98 -52.28
C THR F 391 43.02 70.92 -53.55
N ARG F 392 41.78 71.44 -53.50
CA ARG F 392 40.92 71.57 -54.65
C ARG F 392 40.86 73.08 -54.86
N VAL F 393 41.62 73.49 -55.88
CA VAL F 393 41.78 74.84 -56.33
C VAL F 393 40.60 75.27 -57.18
N MET F 394 39.85 76.33 -56.83
CA MET F 394 38.83 76.76 -57.75
C MET F 394 38.74 78.27 -57.72
N LEU F 395 37.81 78.87 -58.48
CA LEU F 395 37.68 80.31 -58.52
C LEU F 395 36.32 80.85 -58.15
N THR F 396 36.28 82.15 -57.77
CA THR F 396 35.05 82.86 -57.45
C THR F 396 34.66 83.75 -58.61
N THR F 397 35.50 83.80 -59.67
CA THR F 397 35.30 84.54 -60.92
C THR F 397 34.04 84.20 -61.65
N ALA F 398 33.54 82.96 -61.47
CA ALA F 398 32.27 82.50 -61.99
C ALA F 398 31.08 83.30 -61.47
N GLY F 399 31.10 83.74 -60.19
CA GLY F 399 30.01 84.51 -59.61
C GLY F 399 30.35 85.94 -59.28
N GLY F 400 31.62 86.27 -58.98
CA GLY F 400 32.06 87.62 -58.66
C GLY F 400 32.63 88.35 -59.85
N ALA F 401 32.43 89.69 -59.91
CA ALA F 401 32.95 90.52 -60.98
C ALA F 401 34.47 90.58 -61.02
N LYS F 402 35.12 90.85 -59.86
CA LYS F 402 36.56 90.83 -59.72
C LYS F 402 36.93 89.60 -58.89
N GLY F 403 36.76 88.41 -59.48
CA GLY F 403 37.00 87.15 -58.79
C GLY F 403 38.43 86.83 -58.49
N THR F 404 38.64 85.76 -57.71
CA THR F 404 39.96 85.30 -57.34
C THR F 404 39.93 83.80 -57.18
N VAL F 405 41.11 83.19 -56.99
CA VAL F 405 41.31 81.76 -56.94
C VAL F 405 41.50 81.30 -55.51
N ILE F 406 40.54 80.52 -54.94
CA ILE F 406 40.68 80.03 -53.58
C ILE F 406 41.19 78.58 -53.59
N LYS F 407 41.68 78.09 -52.43
CA LYS F 407 42.21 76.75 -52.29
C LYS F 407 41.44 76.04 -51.20
N VAL F 408 40.67 74.98 -51.51
CA VAL F 408 39.81 74.29 -50.56
C VAL F 408 40.27 72.86 -50.30
N PRO F 409 40.83 72.43 -49.17
CA PRO F 409 41.34 71.08 -49.05
C PRO F 409 40.35 69.93 -49.24
N LEU F 410 40.88 68.76 -49.65
CA LEU F 410 40.12 67.54 -49.88
C LEU F 410 40.37 66.58 -48.72
N LYS F 411 39.46 65.60 -48.52
CA LYS F 411 39.57 64.64 -47.45
C LYS F 411 40.65 63.61 -47.70
N VAL F 412 41.17 62.97 -46.64
CA VAL F 412 42.19 61.91 -46.72
C VAL F 412 41.84 60.80 -47.70
N GLU F 413 40.63 60.24 -47.60
CA GLU F 413 40.20 59.19 -48.50
C GLU F 413 40.00 59.66 -49.95
N GLN F 414 39.66 60.94 -50.16
CA GLN F 414 39.56 61.51 -51.49
C GLN F 414 40.92 61.82 -52.10
N ALA F 415 41.98 61.91 -51.28
CA ALA F 415 43.32 62.23 -51.75
C ALA F 415 44.07 60.97 -52.11
N ASN F 416 43.76 59.86 -51.43
CA ASN F 416 44.35 58.58 -51.77
C ASN F 416 43.74 58.10 -53.09
N ASN F 417 42.44 58.35 -53.35
CA ASN F 417 41.87 58.00 -54.63
C ASN F 417 42.26 59.00 -55.73
N ALA F 418 42.57 60.26 -55.42
CA ALA F 418 43.00 61.22 -56.43
C ALA F 418 44.47 61.06 -56.82
N ARG F 419 45.33 60.61 -55.90
CA ARG F 419 46.73 60.35 -56.18
C ARG F 419 46.87 59.12 -57.04
N ASP F 420 46.01 58.11 -56.85
CA ASP F 420 46.01 56.95 -57.69
C ASP F 420 45.37 57.25 -59.05
N ALA F 421 44.57 58.32 -59.17
CA ALA F 421 44.00 58.73 -60.45
C ALA F 421 45.04 59.35 -61.36
N LEU F 422 46.12 59.92 -60.80
CA LEU F 422 47.24 60.45 -61.56
C LEU F 422 48.06 59.32 -62.17
N ALA F 423 48.21 58.16 -61.50
CA ALA F 423 48.89 57.03 -62.07
C ALA F 423 48.08 56.32 -63.15
N LYS F 424 46.74 56.52 -63.13
CA LYS F 424 45.80 56.00 -64.09
C LYS F 424 45.54 57.01 -65.20
N THR F 425 46.39 58.05 -65.27
CA THR F 425 46.32 59.10 -66.26
C THR F 425 47.64 59.13 -66.99
N VAL F 426 48.77 59.13 -66.25
CA VAL F 426 50.11 59.16 -66.84
C VAL F 426 50.47 57.88 -67.58
N TYR F 427 50.26 56.68 -67.02
CA TYR F 427 50.61 55.47 -67.75
C TYR F 427 49.64 55.22 -68.91
N SER F 428 48.41 55.73 -68.79
CA SER F 428 47.41 55.65 -69.85
C SER F 428 47.74 56.48 -71.07
N HIS F 429 48.32 57.69 -70.89
CA HIS F 429 48.74 58.49 -72.02
C HIS F 429 50.11 58.07 -72.55
N LEU F 430 50.89 57.30 -71.77
CA LEU F 430 52.18 56.81 -72.23
C LEU F 430 52.00 55.70 -73.25
N PHE F 431 51.00 54.83 -73.06
CA PHE F 431 50.77 53.72 -73.96
C PHE F 431 50.23 54.16 -75.32
N ASP F 432 49.49 55.29 -75.40
CA ASP F 432 49.08 55.84 -76.68
C ASP F 432 50.23 56.53 -77.42
N HIS F 433 51.31 56.90 -76.72
CA HIS F 433 52.45 57.57 -77.32
C HIS F 433 53.40 56.56 -77.92
N VAL F 434 53.46 55.35 -77.34
CA VAL F 434 54.23 54.23 -77.87
C VAL F 434 53.58 53.73 -79.15
N VAL F 435 52.24 53.56 -79.16
CA VAL F 435 51.50 53.16 -80.35
C VAL F 435 51.58 54.22 -81.45
N ASN F 436 51.48 55.53 -81.11
CA ASN F 436 51.59 56.58 -82.11
C ASN F 436 52.99 56.63 -82.73
N ARG F 437 54.06 56.28 -81.98
CA ARG F 437 55.39 56.11 -82.53
C ARG F 437 55.50 54.93 -83.50
N VAL F 438 54.79 53.81 -83.25
CA VAL F 438 54.80 52.66 -84.14
C VAL F 438 54.14 52.98 -85.46
N ASN F 439 53.07 53.80 -85.45
CA ASN F 439 52.39 54.20 -86.68
C ASN F 439 53.20 55.19 -87.51
N GLN F 440 54.27 55.78 -86.96
CA GLN F 440 55.18 56.65 -87.69
C GLN F 440 56.29 55.84 -88.36
N CYS F 441 56.36 54.51 -88.14
CA CYS F 441 57.39 53.66 -88.73
C CYS F 441 57.00 53.06 -90.08
N PHE F 442 55.76 53.31 -90.50
CA PHE F 442 55.25 52.82 -91.76
C PHE F 442 54.02 53.63 -92.20
N PRO F 443 54.11 54.95 -92.45
CA PRO F 443 52.97 55.79 -92.81
C PRO F 443 52.21 55.36 -94.06
N PHE F 444 50.88 55.22 -93.98
CA PHE F 444 50.06 54.84 -95.12
C PHE F 444 50.06 55.81 -96.29
N GLU F 445 49.95 55.29 -97.52
CA GLU F 445 49.95 56.10 -98.72
C GLU F 445 48.60 56.74 -99.04
N THR F 446 47.49 55.99 -98.89
CA THR F 446 46.12 56.45 -99.10
C THR F 446 45.20 55.45 -98.40
N SER F 447 43.87 55.64 -98.45
CA SER F 447 42.90 54.80 -97.76
C SER F 447 41.64 54.58 -98.61
N SER F 448 40.78 53.66 -98.17
CA SER F 448 39.45 53.37 -98.71
C SER F 448 38.85 52.25 -97.90
N TYR F 449 39.15 50.99 -98.23
CA TYR F 449 38.66 49.81 -97.56
C TYR F 449 39.71 49.30 -96.60
N PHE F 450 39.34 48.41 -95.69
CA PHE F 450 40.30 47.90 -94.73
C PHE F 450 39.91 46.51 -94.30
N ILE F 451 40.93 45.66 -94.09
CA ILE F 451 40.77 44.31 -93.59
C ILE F 451 41.63 44.27 -92.35
N GLY F 452 41.02 44.18 -91.15
CA GLY F 452 41.80 44.20 -89.91
C GLY F 452 41.62 42.93 -89.15
N VAL F 453 42.46 42.71 -88.12
CA VAL F 453 42.40 41.59 -87.22
C VAL F 453 42.15 42.11 -85.82
N LEU F 454 40.99 41.78 -85.23
CA LEU F 454 40.63 42.16 -83.89
C LEU F 454 40.97 41.02 -82.95
N ASP F 455 41.87 41.29 -81.98
CA ASP F 455 42.28 40.31 -81.01
C ASP F 455 41.98 40.90 -79.64
N ILE F 456 41.38 40.10 -78.75
CA ILE F 456 41.02 40.55 -77.43
C ILE F 456 40.90 39.34 -76.52
N ALA F 457 40.94 39.52 -75.18
CA ALA F 457 40.84 38.47 -74.20
C ALA F 457 39.44 37.84 -74.16
N GLY F 458 39.36 36.52 -73.93
CA GLY F 458 38.10 35.80 -73.91
C GLY F 458 37.38 35.88 -72.60
N PHE F 459 36.49 34.92 -72.32
CA PHE F 459 35.76 34.80 -71.08
C PHE F 459 36.69 34.24 -70.01
N GLU F 460 37.60 35.09 -69.51
CA GLU F 460 38.69 34.73 -68.62
C GLU F 460 38.29 34.90 -67.16
N TYR F 461 37.98 33.78 -66.46
CA TYR F 461 37.51 33.80 -65.07
C TYR F 461 38.31 32.90 -64.12
N PHE F 462 38.26 33.17 -62.81
CA PHE F 462 39.00 32.48 -61.76
C PHE F 462 38.02 31.96 -60.73
N GLU F 463 38.50 31.43 -59.58
CA GLU F 463 37.62 30.98 -58.51
C GLU F 463 36.84 32.11 -57.85
N HIS F 464 37.49 33.27 -57.58
CA HIS F 464 36.84 34.44 -57.02
C HIS F 464 37.08 35.57 -57.99
N ASN F 465 36.04 36.02 -58.70
CA ASN F 465 36.15 37.02 -59.75
C ASN F 465 35.96 38.44 -59.25
N SER F 466 36.81 39.36 -59.75
CA SER F 466 36.87 40.76 -59.33
C SER F 466 36.19 41.73 -60.30
N PHE F 467 36.50 43.05 -60.18
CA PHE F 467 35.99 44.10 -61.04
C PHE F 467 36.64 44.03 -62.41
N GLU F 468 37.88 43.52 -62.46
CA GLU F 468 38.59 43.32 -63.71
C GLU F 468 37.95 42.19 -64.49
N GLN F 469 37.45 41.13 -63.82
CA GLN F 469 36.78 40.08 -64.56
C GLN F 469 35.33 40.42 -64.82
N PHE F 470 34.74 41.42 -64.14
CA PHE F 470 33.42 41.87 -64.54
C PHE F 470 33.52 42.69 -65.81
N CYS F 471 34.62 43.46 -66.01
CA CYS F 471 34.76 44.24 -67.23
C CYS F 471 35.24 43.47 -68.45
N ILE F 472 35.90 42.32 -68.28
CA ILE F 472 36.23 41.45 -69.42
C ILE F 472 34.99 40.72 -69.88
N ASN F 473 34.24 40.14 -68.93
CA ASN F 473 33.05 39.39 -69.21
C ASN F 473 31.87 40.26 -69.62
N TYR F 474 31.85 41.56 -69.27
CA TYR F 474 30.86 42.46 -69.82
C TYR F 474 31.23 42.77 -71.27
N CYS F 475 32.54 42.79 -71.62
CA CYS F 475 32.95 42.98 -72.98
C CYS F 475 32.68 41.76 -73.84
N ASN F 476 32.82 40.55 -73.28
CA ASN F 476 32.51 39.33 -74.00
C ASN F 476 31.01 39.08 -74.20
N GLU F 477 30.11 39.66 -73.38
CA GLU F 477 28.67 39.56 -73.61
C GLU F 477 28.27 40.42 -74.81
N LYS F 478 28.89 41.59 -74.98
CA LYS F 478 28.63 42.45 -76.12
C LYS F 478 29.20 41.82 -77.39
N LEU F 479 30.34 41.12 -77.30
CA LEU F 479 30.89 40.41 -78.43
C LEU F 479 30.08 39.17 -78.75
N GLN F 480 29.39 38.59 -77.74
CA GLN F 480 28.44 37.50 -77.96
C GLN F 480 27.17 37.99 -78.60
N GLN F 481 26.75 39.24 -78.33
CA GLN F 481 25.61 39.88 -78.99
C GLN F 481 25.92 40.04 -80.46
N PHE F 482 27.09 40.61 -80.79
CA PHE F 482 27.47 40.78 -82.17
C PHE F 482 27.80 39.45 -82.86
N PHE F 483 28.20 38.39 -82.12
CA PHE F 483 28.46 37.09 -82.72
C PHE F 483 27.23 36.40 -83.28
N ASN F 484 26.15 36.31 -82.48
CA ASN F 484 24.94 35.64 -82.88
C ASN F 484 24.14 36.43 -83.89
N GLU F 485 24.36 37.76 -83.97
CA GLU F 485 23.68 38.61 -84.93
C GLU F 485 24.19 38.38 -86.35
N ARG F 486 25.49 38.10 -86.51
CA ARG F 486 26.05 37.85 -87.82
C ARG F 486 25.82 36.43 -88.31
N ILE F 487 25.68 35.45 -87.40
CA ILE F 487 25.40 34.07 -87.76
C ILE F 487 23.97 33.91 -88.23
N LEU F 488 22.98 34.52 -87.54
CA LEU F 488 21.60 34.46 -88.01
C LEU F 488 21.42 35.18 -89.34
N LYS F 489 22.14 36.30 -89.55
CA LYS F 489 22.10 36.99 -90.82
C LYS F 489 22.75 36.17 -91.94
N GLU F 490 23.79 35.37 -91.63
CA GLU F 490 24.37 34.51 -92.63
C GLU F 490 23.45 33.39 -93.11
N GLU F 491 22.68 32.77 -92.19
CA GLU F 491 21.72 31.75 -92.53
C GLU F 491 20.53 32.32 -93.29
N GLN F 492 20.19 33.60 -93.00
CA GLN F 492 19.15 34.34 -93.69
C GLN F 492 19.58 34.78 -95.06
N GLU F 493 20.89 34.92 -95.33
CA GLU F 493 21.35 35.25 -96.67
C GLU F 493 21.84 34.03 -97.41
N LEU F 494 21.68 32.80 -96.87
CA LEU F 494 22.09 31.63 -97.61
C LEU F 494 20.90 30.80 -98.01
N TYR F 495 19.91 30.59 -97.13
CA TYR F 495 18.73 29.81 -97.50
C TYR F 495 17.76 30.56 -98.39
N GLN F 496 17.78 31.90 -98.35
CA GLN F 496 16.92 32.72 -99.17
C GLN F 496 17.64 33.17 -100.44
N LYS F 497 18.94 32.83 -100.59
CA LYS F 497 19.70 33.12 -101.81
C LYS F 497 20.03 31.83 -102.57
N GLU F 498 20.01 30.66 -101.91
CA GLU F 498 20.15 29.37 -102.58
C GLU F 498 18.78 28.81 -102.94
N GLY F 499 17.70 29.54 -102.61
CA GLY F 499 16.34 29.14 -102.97
C GLY F 499 15.73 28.07 -102.10
N LEU F 500 16.33 27.76 -100.94
CA LEU F 500 15.84 26.72 -100.05
C LEU F 500 14.70 27.19 -99.15
N GLY F 501 14.52 28.52 -99.02
CA GLY F 501 13.47 29.17 -98.24
C GLY F 501 13.73 29.24 -96.76
N VAL F 502 13.02 30.15 -96.05
CA VAL F 502 13.18 30.35 -94.61
C VAL F 502 12.80 29.15 -93.76
N ASN F 503 13.53 28.92 -92.65
CA ASN F 503 13.38 27.82 -91.73
C ASN F 503 12.92 28.27 -90.34
N GLU F 504 12.45 27.32 -89.50
CA GLU F 504 11.98 27.60 -88.15
C GLU F 504 13.11 27.90 -87.16
N VAL F 505 13.23 29.14 -86.67
CA VAL F 505 14.20 29.50 -85.64
C VAL F 505 13.75 30.74 -84.89
N HIS F 506 14.07 30.81 -83.57
CA HIS F 506 13.75 31.93 -82.71
C HIS F 506 15.09 32.46 -82.22
N TYR F 507 15.37 33.76 -82.43
CA TYR F 507 16.66 34.35 -82.13
C TYR F 507 17.08 34.31 -80.65
N VAL F 508 18.34 33.91 -80.39
CA VAL F 508 18.94 33.89 -79.08
C VAL F 508 19.50 35.25 -78.67
N ASP F 509 18.60 36.25 -78.50
CA ASP F 509 18.94 37.59 -78.06
C ASP F 509 19.41 37.58 -76.60
N ASN F 510 20.24 38.56 -76.23
CA ASN F 510 20.83 38.70 -74.92
C ASN F 510 20.66 40.11 -74.43
N GLN F 511 19.60 40.79 -74.88
CA GLN F 511 19.28 42.15 -74.55
C GLN F 511 18.93 42.28 -73.07
N ASP F 512 18.36 41.20 -72.51
CA ASP F 512 18.07 41.08 -71.11
C ASP F 512 19.35 41.02 -70.27
N CYS F 513 20.48 40.53 -70.83
CA CYS F 513 21.76 40.59 -70.13
C CYS F 513 22.39 41.97 -70.21
N ILE F 514 22.20 42.66 -71.35
CA ILE F 514 22.75 43.98 -71.61
C ILE F 514 22.06 45.03 -70.79
N ASP F 515 20.71 45.11 -70.85
CA ASP F 515 19.93 46.05 -70.08
C ASP F 515 20.11 45.89 -68.56
N LEU F 516 20.52 44.70 -68.09
CA LEU F 516 20.87 44.48 -66.70
C LEU F 516 22.18 45.18 -66.35
N ILE F 517 23.20 45.09 -67.22
CA ILE F 517 24.50 45.66 -66.98
C ILE F 517 24.58 47.16 -67.24
N GLU F 518 23.99 47.66 -68.34
CA GLU F 518 24.04 49.08 -68.70
C GLU F 518 22.67 49.63 -69.05
N ALA F 519 22.30 50.82 -68.52
CA ALA F 519 21.04 51.53 -68.77
C ALA F 519 20.86 52.58 -67.71
N ARG F 520 20.66 53.87 -68.10
CA ARG F 520 20.56 55.00 -67.17
C ARG F 520 19.48 54.84 -66.11
N LEU F 521 19.93 54.78 -64.84
CA LEU F 521 19.13 54.64 -63.63
C LEU F 521 18.51 53.26 -63.50
N VAL F 522 19.10 52.25 -64.18
CA VAL F 522 18.62 50.88 -64.16
C VAL F 522 19.78 49.91 -64.01
N GLY F 523 20.74 49.90 -64.96
CA GLY F 523 21.86 48.96 -65.01
C GLY F 523 22.83 48.87 -63.85
N ILE F 524 23.70 47.85 -63.87
CA ILE F 524 24.69 47.63 -62.84
C ILE F 524 25.83 48.62 -62.95
N LEU F 525 26.35 48.95 -64.15
CA LEU F 525 27.39 49.96 -64.27
C LEU F 525 26.88 51.36 -63.98
N ASP F 526 25.57 51.58 -64.20
CA ASP F 526 24.90 52.80 -63.84
C ASP F 526 24.72 52.97 -62.33
N ILE F 527 24.57 51.89 -61.54
CA ILE F 527 24.49 52.01 -60.08
C ILE F 527 25.88 52.25 -59.49
N LEU F 528 26.91 51.61 -60.08
CA LEU F 528 28.29 51.67 -59.65
C LEU F 528 28.94 53.05 -59.75
N ASP F 529 28.64 53.82 -60.81
CA ASP F 529 29.10 55.20 -60.94
C ASP F 529 28.25 56.14 -60.08
N GLU F 530 27.03 55.76 -59.70
CA GLU F 530 26.21 56.59 -58.85
C GLU F 530 26.64 56.49 -57.39
N GLU F 531 27.14 55.32 -56.93
CA GLU F 531 27.66 55.17 -55.58
C GLU F 531 28.94 55.97 -55.38
N ASN F 532 29.74 56.17 -56.44
CA ASN F 532 30.94 56.97 -56.41
C ASN F 532 30.64 58.45 -56.16
N ARG F 533 29.47 58.91 -56.65
CA ARG F 533 28.97 60.26 -56.47
C ARG F 533 28.44 60.60 -55.08
N LEU F 534 28.01 59.61 -54.27
CA LEU F 534 27.43 59.84 -52.96
C LEU F 534 28.35 60.55 -51.96
N PRO F 535 27.88 61.34 -50.98
CA PRO F 535 28.71 62.09 -50.03
C PRO F 535 29.85 61.32 -49.38
N GLN F 536 29.59 60.11 -48.88
CA GLN F 536 30.61 59.23 -48.35
C GLN F 536 30.33 57.85 -48.93
N PRO F 537 31.01 57.34 -49.95
CA PRO F 537 30.70 56.05 -50.56
C PRO F 537 30.79 54.84 -49.66
N SER F 538 30.07 53.75 -49.97
CA SER F 538 30.06 52.53 -49.18
C SER F 538 30.20 51.33 -50.09
N ASP F 539 30.49 50.13 -49.55
CA ASP F 539 30.59 48.94 -50.39
C ASP F 539 29.42 48.03 -50.09
N GLN F 540 28.85 48.12 -48.87
CA GLN F 540 27.67 47.37 -48.46
C GLN F 540 26.40 47.95 -49.04
N HIS F 541 26.34 49.28 -49.26
CA HIS F 541 25.17 49.90 -49.84
C HIS F 541 25.14 49.65 -51.34
N PHE F 542 26.30 49.44 -51.99
CA PHE F 542 26.34 49.10 -53.39
C PHE F 542 25.80 47.70 -53.67
N THR F 543 26.08 46.69 -52.84
CA THR F 543 25.55 45.36 -53.12
C THR F 543 24.06 45.29 -52.88
N SER F 544 23.59 45.91 -51.79
CA SER F 544 22.17 45.90 -51.46
C SER F 544 21.36 46.73 -52.43
N ALA F 545 21.98 47.74 -53.07
CA ALA F 545 21.38 48.55 -54.10
C ALA F 545 21.22 47.85 -55.43
N VAL F 546 22.01 46.80 -55.72
CA VAL F 546 21.89 46.04 -56.96
C VAL F 546 20.62 45.23 -56.91
N HIS F 547 20.34 44.56 -55.79
CA HIS F 547 19.11 43.82 -55.62
C HIS F 547 17.97 44.69 -55.11
N GLN F 548 18.16 46.02 -54.96
CA GLN F 548 17.12 46.83 -54.36
C GLN F 548 15.91 47.04 -55.25
N LYS F 549 16.07 47.60 -56.45
CA LYS F 549 14.95 47.66 -57.37
C LYS F 549 14.86 46.39 -58.16
N HIS F 550 16.02 45.74 -58.42
CA HIS F 550 16.10 44.50 -59.17
C HIS F 550 16.14 43.29 -58.28
N LYS F 551 15.15 43.15 -57.38
CA LYS F 551 14.96 41.96 -56.58
C LYS F 551 14.56 40.80 -57.49
N ASP F 552 13.72 41.12 -58.49
CA ASP F 552 13.25 40.21 -59.50
C ASP F 552 14.00 40.49 -60.80
N HIS F 553 14.25 39.42 -61.58
CA HIS F 553 15.00 39.28 -62.83
C HIS F 553 15.83 38.03 -62.67
N PHE F 554 15.72 37.06 -63.60
CA PHE F 554 16.37 35.76 -63.50
C PHE F 554 17.88 35.82 -63.62
N ARG F 555 18.44 36.88 -64.22
CA ARG F 555 19.88 37.00 -64.37
C ARG F 555 20.61 37.59 -63.17
N LEU F 556 20.03 37.51 -61.96
CA LEU F 556 20.66 38.03 -60.77
C LEU F 556 20.12 37.27 -59.56
N SER F 557 21.02 36.73 -58.71
CA SER F 557 20.61 36.00 -57.53
C SER F 557 21.53 36.40 -56.41
N ILE F 558 21.26 35.95 -55.16
CA ILE F 558 22.14 36.16 -54.02
C ILE F 558 23.21 35.07 -54.00
N PRO F 559 24.44 35.30 -53.52
CA PRO F 559 25.52 34.31 -53.56
C PRO F 559 25.23 33.01 -52.85
N ARG F 560 24.36 33.03 -51.82
CA ARG F 560 23.92 31.88 -51.07
C ARG F 560 23.21 30.84 -51.92
N LYS F 561 22.38 31.31 -52.89
CA LYS F 561 21.67 30.46 -53.80
C LYS F 561 22.48 30.27 -55.08
N SER F 562 23.42 29.33 -55.01
CA SER F 562 24.34 28.97 -56.08
C SER F 562 24.26 27.47 -56.25
N LYS F 563 24.55 26.92 -57.45
CA LYS F 563 24.61 25.48 -57.61
C LYS F 563 26.06 25.04 -57.56
N LEU F 564 26.98 26.02 -57.51
CA LEU F 564 28.39 25.82 -57.32
C LEU F 564 28.72 26.25 -55.89
N ALA F 565 29.08 25.28 -55.02
CA ALA F 565 29.33 25.45 -53.60
C ALA F 565 30.29 26.56 -53.22
N ILE F 566 31.33 26.81 -54.04
CA ILE F 566 32.36 27.82 -53.86
C ILE F 566 31.80 29.20 -53.52
N HIS F 567 30.71 29.61 -54.20
CA HIS F 567 30.09 30.91 -54.02
C HIS F 567 29.23 31.02 -52.77
N ARG F 568 28.93 29.90 -52.06
CA ARG F 568 28.08 29.95 -50.89
C ARG F 568 28.82 30.35 -49.62
N ASN F 569 30.13 30.65 -49.73
CA ASN F 569 30.94 31.19 -48.65
C ASN F 569 30.82 32.72 -48.59
N ILE F 570 30.35 33.34 -49.69
CA ILE F 570 30.15 34.76 -49.84
C ILE F 570 28.76 35.07 -49.33
N ARG F 571 28.58 36.06 -48.44
CA ARG F 571 27.28 36.36 -47.85
C ARG F 571 26.58 37.54 -48.54
N ASP F 572 25.29 37.75 -48.26
CA ASP F 572 24.34 38.70 -48.87
C ASP F 572 24.92 39.95 -49.51
N ASP F 573 25.51 40.88 -48.74
CA ASP F 573 26.04 42.11 -49.32
C ASP F 573 27.54 42.02 -49.67
N GLU F 574 28.11 40.82 -49.82
CA GLU F 574 29.49 40.66 -50.25
C GLU F 574 29.64 40.28 -51.72
N GLY F 575 28.55 39.98 -52.45
CA GLY F 575 28.69 39.56 -53.84
C GLY F 575 27.37 39.24 -54.51
N PHE F 576 27.41 38.86 -55.79
CA PHE F 576 26.23 38.55 -56.56
C PHE F 576 26.56 37.59 -57.68
N ILE F 577 25.55 36.87 -58.23
CA ILE F 577 25.71 35.91 -59.31
C ILE F 577 24.90 36.40 -60.48
N ILE F 578 25.58 36.60 -61.63
CA ILE F 578 25.09 37.17 -62.87
C ILE F 578 25.12 36.14 -63.98
N ARG F 579 23.97 35.79 -64.61
CA ARG F 579 24.01 34.78 -65.67
C ARG F 579 24.44 35.42 -66.99
N HIS F 580 25.46 34.85 -67.64
CA HIS F 580 25.99 35.30 -68.93
C HIS F 580 25.88 34.13 -69.88
N PHE F 581 26.26 34.32 -71.16
CA PHE F 581 26.23 33.28 -72.18
C PHE F 581 27.03 32.03 -71.85
N ALA F 582 28.19 32.18 -71.20
CA ALA F 582 29.02 31.06 -70.82
C ALA F 582 28.66 30.51 -69.45
N GLY F 583 27.65 31.07 -68.76
CA GLY F 583 27.21 30.57 -67.48
C GLY F 583 27.01 31.62 -66.44
N ALA F 584 26.72 31.16 -65.22
CA ALA F 584 26.48 31.96 -64.03
C ALA F 584 27.79 32.20 -63.30
N VAL F 585 28.29 33.44 -63.32
CA VAL F 585 29.59 33.76 -62.74
C VAL F 585 29.36 34.67 -61.56
N CYS F 586 29.82 34.28 -60.36
CA CYS F 586 29.66 35.13 -59.20
C CYS F 586 30.83 36.09 -59.11
N TYR F 587 30.60 37.28 -58.56
CA TYR F 587 31.61 38.29 -58.39
C TYR F 587 31.52 38.79 -56.96
N GLU F 588 32.66 39.08 -56.30
CA GLU F 588 32.61 39.66 -54.96
C GLU F 588 32.52 41.17 -55.08
N THR F 589 32.00 41.90 -54.08
CA THR F 589 31.92 43.36 -54.15
C THR F 589 33.02 44.05 -53.39
N THR F 590 33.90 43.29 -52.70
CA THR F 590 35.08 43.85 -52.04
C THR F 590 36.02 44.53 -53.03
N GLN F 591 36.38 45.80 -52.76
CA GLN F 591 37.19 46.67 -53.60
C GLN F 591 36.64 46.97 -55.00
N PHE F 592 35.42 46.50 -55.33
CA PHE F 592 34.74 46.70 -56.60
C PHE F 592 34.42 48.15 -56.84
N VAL F 593 33.97 48.87 -55.80
CA VAL F 593 33.70 50.28 -55.85
C VAL F 593 34.97 51.07 -55.61
N GLU F 594 35.91 50.56 -54.77
CA GLU F 594 37.17 51.25 -54.47
C GLU F 594 38.05 51.46 -55.70
N LYS F 595 38.07 50.48 -56.63
CA LYS F 595 38.75 50.61 -57.90
C LYS F 595 38.05 51.55 -58.87
N ASN F 596 36.74 51.76 -58.69
CA ASN F 596 35.92 52.62 -59.52
C ASN F 596 36.01 54.07 -59.06
N ASN F 597 36.14 54.31 -57.75
CA ASN F 597 36.20 55.62 -57.10
C ASN F 597 37.29 56.62 -57.51
N ASP F 598 37.99 56.49 -58.65
CA ASP F 598 38.98 57.48 -59.03
C ASP F 598 38.34 58.74 -59.60
N ALA F 599 38.99 59.89 -59.33
CA ALA F 599 38.49 61.19 -59.68
C ALA F 599 39.69 62.08 -59.89
N LEU F 600 39.56 63.14 -60.71
CA LEU F 600 40.66 64.04 -60.99
C LEU F 600 40.09 65.43 -61.14
N HIS F 601 40.93 66.48 -61.01
CA HIS F 601 40.42 67.82 -60.99
C HIS F 601 41.49 68.82 -61.40
N MET F 602 41.09 70.11 -61.53
CA MET F 602 41.90 71.21 -62.00
C MET F 602 43.23 71.38 -61.28
N SER F 603 43.30 71.15 -59.96
CA SER F 603 44.53 71.21 -59.18
C SER F 603 45.66 70.35 -59.67
N LEU F 604 45.37 69.25 -60.38
CA LEU F 604 46.39 68.28 -60.74
C LEU F 604 46.36 67.98 -62.22
N GLU F 605 45.18 68.01 -62.88
CA GLU F 605 45.15 67.86 -64.33
C GLU F 605 45.75 69.08 -65.02
N SER F 606 45.57 70.28 -64.45
CA SER F 606 46.21 71.48 -64.95
C SER F 606 47.53 71.74 -64.24
N LEU F 607 48.28 70.66 -63.96
CA LEU F 607 49.61 70.72 -63.41
C LEU F 607 50.50 69.77 -64.21
N ILE F 608 49.99 68.57 -64.59
CA ILE F 608 50.74 67.64 -65.43
C ILE F 608 50.74 68.07 -66.89
N CYS F 609 49.75 68.91 -67.29
CA CYS F 609 49.71 69.55 -68.60
C CYS F 609 50.71 70.70 -68.66
N GLU F 610 51.08 71.24 -67.49
CA GLU F 610 52.02 72.35 -67.35
C GLU F 610 53.39 71.83 -66.88
N SER F 611 53.72 70.55 -67.17
CA SER F 611 55.00 69.90 -66.82
C SER F 611 56.23 70.64 -67.35
N ARG F 612 57.35 70.56 -66.59
CA ARG F 612 58.61 71.21 -66.90
C ARG F 612 59.57 70.33 -67.69
N ASP F 613 59.12 69.16 -68.19
CA ASP F 613 59.91 68.29 -69.04
C ASP F 613 59.26 68.28 -70.44
N LYS F 614 60.03 67.97 -71.50
CA LYS F 614 59.51 68.18 -72.87
C LYS F 614 58.87 66.97 -73.51
N PHE F 615 59.37 65.73 -73.25
CA PHE F 615 58.72 64.53 -73.72
C PHE F 615 57.38 64.31 -73.03
N ILE F 616 57.28 64.77 -71.76
CA ILE F 616 56.10 64.68 -70.92
C ILE F 616 54.97 65.57 -71.38
N ARG F 617 55.21 66.83 -71.81
CA ARG F 617 54.13 67.67 -72.30
C ARG F 617 53.52 67.16 -73.59
N GLU F 618 54.29 66.41 -74.39
CA GLU F 618 53.84 65.81 -75.62
C GLU F 618 52.87 64.66 -75.39
N LEU F 619 52.93 64.02 -74.20
CA LEU F 619 52.09 62.89 -73.87
C LEU F 619 50.62 63.26 -73.64
N PHE F 620 50.32 64.47 -73.15
CA PHE F 620 48.97 64.84 -72.72
C PHE F 620 48.22 65.71 -73.71
N GLU F 621 48.47 65.46 -75.01
CA GLU F 621 47.75 65.98 -76.16
C GLU F 621 47.96 67.47 -76.45
N SER F 622 47.92 67.95 -77.71
CA SER F 622 47.69 67.27 -78.98
C SER F 622 48.65 67.88 -79.98
N SER F 623 48.63 67.43 -81.24
CA SER F 623 49.52 67.92 -82.30
C SER F 623 48.91 69.11 -83.04
N THR F 624 48.54 68.95 -84.32
CA THR F 624 47.99 70.00 -85.17
C THR F 624 46.52 69.75 -85.47
N ASN F 625 45.88 68.82 -84.74
CA ASN F 625 44.48 68.49 -84.86
C ASN F 625 44.00 67.95 -83.50
N ASN F 626 42.68 67.97 -83.24
CA ASN F 626 42.03 67.52 -82.01
C ASN F 626 42.42 68.29 -80.74
N ASN F 627 42.47 69.63 -80.80
CA ASN F 627 42.79 70.49 -79.65
C ASN F 627 41.84 70.32 -78.45
N LYS F 628 42.34 70.57 -77.22
CA LYS F 628 41.53 70.50 -75.99
C LYS F 628 40.31 71.41 -76.03
N ASP F 629 39.22 70.98 -75.37
CA ASP F 629 37.96 71.70 -75.31
C ASP F 629 37.83 72.52 -74.02
N THR F 630 38.93 72.64 -73.25
CA THR F 630 39.12 73.41 -72.01
C THR F 630 38.31 74.70 -71.88
N LYS F 631 37.65 74.90 -70.73
CA LYS F 631 36.82 76.06 -70.45
C LYS F 631 37.46 76.95 -69.40
N GLN F 632 37.31 78.29 -69.48
CA GLN F 632 37.89 79.20 -68.50
C GLN F 632 37.22 79.14 -67.13
N LYS F 633 35.87 79.21 -67.07
CA LYS F 633 35.14 79.20 -65.81
C LYS F 633 34.19 78.04 -65.63
N ALA F 634 33.83 77.27 -66.68
CA ALA F 634 32.93 76.14 -66.53
C ALA F 634 33.63 74.86 -66.09
N GLY F 635 33.19 74.26 -64.96
CA GLY F 635 33.81 73.05 -64.42
C GLY F 635 32.82 72.12 -63.78
N LYS F 636 33.25 70.94 -63.32
CA LYS F 636 33.41 69.74 -64.14
C LYS F 636 34.88 69.31 -64.09
N LEU F 637 35.25 68.02 -64.20
CA LEU F 637 34.45 66.83 -64.38
C LEU F 637 34.40 65.94 -63.13
N SER F 638 35.19 66.26 -62.08
CA SER F 638 35.30 65.53 -60.82
C SER F 638 35.49 64.03 -60.96
N PHE F 639 34.40 63.25 -60.87
CA PHE F 639 34.40 61.80 -61.02
C PHE F 639 34.66 61.38 -62.45
N ILE F 640 34.26 62.22 -63.44
CA ILE F 640 34.45 62.07 -64.88
C ILE F 640 33.50 61.05 -65.48
N SER F 641 33.58 59.84 -64.92
CA SER F 641 32.92 58.59 -65.19
C SER F 641 34.05 57.58 -65.23
N VAL F 642 33.82 56.39 -64.66
CA VAL F 642 34.85 55.37 -64.60
C VAL F 642 34.19 54.09 -65.07
N GLY F 643 33.09 53.67 -64.41
CA GLY F 643 32.32 52.49 -64.79
C GLY F 643 31.47 52.67 -66.01
N ASN F 644 31.38 53.92 -66.49
CA ASN F 644 30.70 54.28 -67.71
C ASN F 644 31.73 54.60 -68.74
N LYS F 645 32.92 55.11 -68.38
CA LYS F 645 33.95 55.41 -69.35
C LYS F 645 34.54 54.15 -70.00
N PHE F 646 34.51 53.00 -69.30
CA PHE F 646 34.88 51.71 -69.87
C PHE F 646 33.81 51.19 -70.84
N LYS F 647 32.56 51.65 -70.70
CA LYS F 647 31.43 51.24 -71.52
C LYS F 647 31.35 52.14 -72.73
N THR F 648 31.61 53.46 -72.56
CA THR F 648 31.62 54.46 -73.61
C THR F 648 32.70 54.15 -74.62
N GLN F 649 33.92 53.78 -74.17
CA GLN F 649 34.97 53.41 -75.10
C GLN F 649 34.70 52.11 -75.84
N LEU F 650 33.97 51.14 -75.24
CA LEU F 650 33.58 49.92 -75.94
C LEU F 650 32.52 50.17 -77.02
N ASN F 651 31.63 51.16 -76.80
CA ASN F 651 30.65 51.55 -77.79
C ASN F 651 31.26 52.24 -79.00
N LEU F 652 32.51 52.75 -78.91
CA LEU F 652 33.25 53.35 -80.01
C LEU F 652 33.86 52.31 -80.94
N LEU F 653 33.87 51.03 -80.54
CA LEU F 653 34.43 49.95 -81.34
C LEU F 653 33.30 49.11 -81.91
N LEU F 654 32.21 48.95 -81.13
CA LEU F 654 31.03 48.21 -81.57
C LEU F 654 30.32 48.91 -82.70
N ASP F 655 30.25 50.25 -82.71
CA ASP F 655 29.66 50.91 -83.85
C ASP F 655 30.57 50.91 -85.07
N LYS F 656 31.91 50.71 -84.92
CA LYS F 656 32.73 50.54 -86.10
C LYS F 656 32.53 49.15 -86.71
N LEU F 657 32.29 48.14 -85.83
CA LEU F 657 31.96 46.78 -86.21
C LEU F 657 30.58 46.62 -86.84
N ARG F 658 29.59 47.45 -86.47
CA ARG F 658 28.27 47.36 -87.04
C ARG F 658 28.26 47.84 -88.49
N SER F 659 29.22 48.72 -88.86
CA SER F 659 29.41 49.21 -90.21
C SER F 659 30.29 48.32 -91.08
N THR F 660 30.99 47.31 -90.52
CA THR F 660 31.89 46.43 -91.26
C THR F 660 31.40 45.00 -91.28
N GLY F 661 32.10 44.11 -92.00
CA GLY F 661 31.83 42.68 -91.99
C GLY F 661 32.55 42.01 -90.84
N ALA F 662 32.41 40.69 -90.70
CA ALA F 662 33.07 39.91 -89.67
C ALA F 662 33.48 38.53 -90.15
N SER F 663 34.63 38.05 -89.62
CA SER F 663 35.28 36.79 -89.94
C SER F 663 35.81 36.12 -88.67
N PHE F 664 34.92 35.47 -87.89
CA PHE F 664 35.15 34.90 -86.58
C PHE F 664 36.01 33.62 -86.56
N ILE F 665 37.27 33.72 -86.08
CA ILE F 665 38.16 32.57 -85.95
C ILE F 665 38.33 32.32 -84.46
N ARG F 666 37.64 31.28 -83.94
CA ARG F 666 37.65 30.98 -82.52
C ARG F 666 38.84 30.05 -82.29
N CYS F 667 39.72 30.36 -81.32
CA CYS F 667 40.94 29.61 -81.11
C CYS F 667 40.91 28.76 -79.86
N ILE F 668 41.12 27.43 -80.01
CA ILE F 668 41.11 26.43 -78.95
C ILE F 668 42.51 26.05 -78.47
N LYS F 669 42.76 26.12 -77.14
CA LYS F 669 44.01 25.70 -76.55
C LYS F 669 43.90 24.22 -76.16
N PRO F 670 44.80 23.28 -76.47
CA PRO F 670 44.58 21.88 -76.11
C PRO F 670 45.02 21.58 -74.70
N ASN F 671 45.97 22.33 -74.14
CA ASN F 671 46.45 22.09 -72.79
C ASN F 671 47.19 23.31 -72.24
N LEU F 672 47.35 23.35 -70.91
CA LEU F 672 47.90 24.49 -70.19
C LEU F 672 49.39 24.36 -69.96
N LYS F 673 49.92 23.13 -69.94
CA LYS F 673 51.33 22.86 -69.68
C LYS F 673 52.23 22.88 -70.91
N MET F 674 51.70 23.18 -72.11
CA MET F 674 52.43 23.26 -73.36
C MET F 674 53.03 21.91 -73.76
N THR F 675 52.19 20.87 -73.77
CA THR F 675 52.58 19.50 -74.04
C THR F 675 52.18 19.07 -75.44
N SER F 676 53.17 18.67 -76.25
CA SER F 676 53.02 18.14 -77.60
C SER F 676 52.17 16.88 -77.70
N HIS F 677 51.23 16.84 -78.66
CA HIS F 677 50.33 15.72 -78.95
C HIS F 677 49.48 15.27 -77.76
N HIS F 678 49.05 16.20 -76.90
CA HIS F 678 48.21 15.86 -75.76
C HIS F 678 46.90 16.60 -75.79
N PHE F 679 45.82 15.85 -76.07
CA PHE F 679 44.47 16.36 -76.12
C PHE F 679 43.89 16.27 -74.71
N GLU F 680 43.47 17.40 -74.10
CA GLU F 680 42.86 17.38 -72.79
C GLU F 680 41.38 17.62 -72.95
N GLY F 681 40.53 16.60 -72.71
CA GLY F 681 39.08 16.76 -72.85
C GLY F 681 38.44 17.31 -71.61
N ALA F 682 39.27 17.70 -70.63
CA ALA F 682 38.86 18.43 -69.45
C ALA F 682 39.21 19.90 -69.59
N GLN F 683 39.82 20.30 -70.73
CA GLN F 683 40.10 21.70 -71.00
C GLN F 683 39.51 22.11 -72.34
N ILE F 684 39.44 21.20 -73.34
CA ILE F 684 38.83 21.52 -74.62
C ILE F 684 37.32 21.63 -74.50
N LEU F 685 36.63 20.69 -73.81
CA LEU F 685 35.18 20.78 -73.61
C LEU F 685 34.81 22.01 -72.78
N SER F 686 35.70 22.40 -71.85
CA SER F 686 35.53 23.61 -71.05
C SER F 686 35.69 24.91 -71.85
N GLN F 687 36.46 24.91 -72.96
CA GLN F 687 36.58 26.09 -73.79
C GLN F 687 35.55 26.15 -74.91
N LEU F 688 34.89 25.05 -75.27
CA LEU F 688 33.83 25.11 -76.28
C LEU F 688 32.56 25.72 -75.72
N GLN F 689 32.31 25.53 -74.40
CA GLN F 689 31.17 26.15 -73.76
C GLN F 689 31.45 27.55 -73.21
N CYS F 690 32.73 28.02 -73.23
CA CYS F 690 33.07 29.36 -72.76
C CYS F 690 33.59 30.25 -73.87
N SER F 691 33.69 29.76 -75.11
CA SER F 691 34.08 30.59 -76.24
C SER F 691 32.88 31.01 -77.04
N GLY F 692 31.66 30.63 -76.60
CA GLY F 692 30.41 31.03 -77.24
C GLY F 692 29.92 30.13 -78.32
N MET F 693 30.54 28.95 -78.51
CA MET F 693 30.19 28.03 -79.57
C MET F 693 28.84 27.34 -79.38
N VAL F 694 28.40 27.11 -78.13
CA VAL F 694 27.17 26.40 -77.80
C VAL F 694 25.95 27.16 -78.26
N SER F 695 25.93 28.50 -78.12
CA SER F 695 24.81 29.34 -78.55
C SER F 695 24.61 29.28 -80.04
N VAL F 696 25.70 29.09 -80.81
CA VAL F 696 25.66 28.96 -82.25
C VAL F 696 25.03 27.64 -82.66
N LEU F 697 25.41 26.53 -82.02
CA LEU F 697 24.82 25.22 -82.30
C LEU F 697 23.36 25.13 -81.87
N ASP F 698 22.94 25.91 -80.85
CA ASP F 698 21.56 25.95 -80.38
C ASP F 698 20.76 27.01 -81.15
N LEU F 699 21.41 27.72 -82.09
CA LEU F 699 20.76 28.61 -83.03
C LEU F 699 20.61 27.87 -84.35
N MET F 700 21.66 27.16 -84.81
CA MET F 700 21.65 26.38 -86.04
C MET F 700 20.85 25.08 -85.94
N GLN F 701 19.51 25.20 -85.88
CA GLN F 701 18.61 24.07 -85.82
C GLN F 701 18.10 23.67 -87.19
N GLY F 702 18.38 24.49 -88.23
CA GLY F 702 18.00 24.23 -89.60
C GLY F 702 19.13 23.56 -90.32
N GLY F 703 19.24 22.23 -90.17
CA GLY F 703 20.29 21.46 -90.81
C GLY F 703 19.90 21.07 -92.21
N PHE F 704 20.83 21.22 -93.16
CA PHE F 704 20.63 20.82 -94.54
C PHE F 704 21.73 19.80 -94.92
N THR G 7 -55.23 -89.96 37.52
CA THR G 7 -55.45 -91.23 36.74
C THR G 7 -54.12 -91.80 36.32
N THR G 8 -53.61 -91.53 35.11
CA THR G 8 -52.33 -92.04 34.64
C THR G 8 -51.17 -91.51 35.45
N ALA G 9 -50.29 -92.38 35.97
CA ALA G 9 -49.08 -92.01 36.67
C ALA G 9 -48.05 -91.27 35.82
N LEU G 10 -47.07 -90.62 36.48
CA LEU G 10 -46.08 -89.82 35.80
C LEU G 10 -44.70 -90.40 36.04
N VAL G 11 -43.99 -90.77 34.95
CA VAL G 11 -42.61 -91.18 34.99
C VAL G 11 -41.66 -90.04 34.68
N CYS G 12 -40.90 -89.62 35.71
CA CYS G 12 -39.94 -88.54 35.64
C CYS G 12 -38.65 -89.16 36.08
N ASP G 13 -37.65 -89.21 35.18
CA ASP G 13 -36.42 -89.90 35.48
C ASP G 13 -35.41 -88.82 35.78
N ASN G 14 -34.91 -88.92 37.02
CA ASN G 14 -33.94 -88.05 37.67
C ASN G 14 -32.54 -88.34 37.20
N GLY G 15 -32.32 -88.22 35.88
CA GLY G 15 -31.00 -88.21 35.28
C GLY G 15 -30.06 -87.17 35.80
N SER G 16 -28.80 -87.24 35.37
CA SER G 16 -27.86 -86.14 35.61
C SER G 16 -27.73 -85.35 34.35
N GLY G 17 -28.45 -85.77 33.30
CA GLY G 17 -28.42 -85.15 32.00
C GLY G 17 -29.14 -83.82 31.89
N LEU G 18 -30.21 -83.63 31.09
CA LEU G 18 -31.04 -84.57 30.37
C LEU G 18 -31.91 -85.31 31.36
N VAL G 19 -32.62 -84.54 32.20
CA VAL G 19 -33.72 -85.04 33.02
C VAL G 19 -34.87 -85.30 32.08
N LYS G 20 -35.57 -86.43 32.26
CA LYS G 20 -36.54 -86.88 31.28
C LYS G 20 -37.90 -86.89 31.94
N ALA G 21 -38.93 -86.34 31.30
CA ALA G 21 -40.26 -86.32 31.88
C ALA G 21 -41.34 -86.61 30.86
N GLY G 22 -42.30 -87.48 31.22
CA GLY G 22 -43.39 -87.85 30.34
C GLY G 22 -44.35 -88.75 31.06
N PHE G 23 -45.66 -88.71 30.77
CA PHE G 23 -46.61 -89.55 31.49
C PHE G 23 -46.36 -91.04 31.21
N ALA G 24 -47.02 -91.95 31.95
CA ALA G 24 -46.82 -93.38 31.76
C ALA G 24 -47.49 -93.87 30.48
N GLY G 25 -46.71 -94.50 29.59
CA GLY G 25 -47.13 -94.94 28.27
C GLY G 25 -47.39 -93.83 27.28
N ASP G 26 -47.42 -94.09 25.96
CA ASP G 26 -47.27 -95.38 25.29
C ASP G 26 -46.14 -95.27 24.28
N ASP G 27 -45.33 -94.19 24.37
CA ASP G 27 -44.34 -93.84 23.37
C ASP G 27 -42.96 -93.51 23.96
N ALA G 28 -42.73 -92.27 24.41
CA ALA G 28 -41.42 -91.76 24.74
C ALA G 28 -41.54 -90.58 25.73
N PRO G 29 -40.48 -89.99 26.31
CA PRO G 29 -40.64 -88.85 27.21
C PRO G 29 -41.08 -87.62 26.43
N ARG G 30 -41.93 -86.77 27.04
CA ARG G 30 -42.41 -85.53 26.46
C ARG G 30 -41.36 -84.44 26.45
N ALA G 31 -40.59 -84.29 27.54
CA ALA G 31 -39.63 -83.20 27.65
C ALA G 31 -38.30 -83.68 28.17
N VAL G 32 -37.21 -83.33 27.46
CA VAL G 32 -35.87 -83.64 27.89
C VAL G 32 -35.05 -82.39 27.69
N PHE G 33 -34.25 -81.97 28.70
CA PHE G 33 -33.41 -80.79 28.57
C PHE G 33 -32.24 -80.81 29.56
N PRO G 34 -31.13 -80.10 29.35
CA PRO G 34 -29.99 -80.13 30.27
C PRO G 34 -30.40 -79.62 31.64
N SER G 35 -30.16 -80.39 32.72
CA SER G 35 -30.49 -80.03 34.10
C SER G 35 -29.96 -78.73 34.73
N ILE G 36 -29.30 -77.85 33.97
CA ILE G 36 -28.77 -76.59 34.46
C ILE G 36 -29.76 -75.54 34.93
N VAL G 37 -29.35 -74.79 35.97
CA VAL G 37 -29.86 -73.47 36.32
C VAL G 37 -28.73 -72.48 36.11
N GLY G 38 -28.98 -71.26 35.59
CA GLY G 38 -27.91 -70.31 35.35
C GLY G 38 -28.33 -68.89 35.61
N ARG G 39 -27.64 -68.20 36.54
CA ARG G 39 -27.87 -66.80 36.86
C ARG G 39 -27.09 -65.83 35.96
N PRO G 40 -27.53 -64.60 35.71
CA PRO G 40 -26.85 -63.63 34.85
C PRO G 40 -25.67 -62.88 35.47
N ARG G 41 -24.44 -63.03 34.93
CA ARG G 41 -23.23 -62.50 35.55
C ARG G 41 -22.73 -61.11 35.13
N HIS G 42 -23.35 -60.38 34.18
CA HIS G 42 -22.88 -59.03 33.81
C HIS G 42 -23.92 -57.99 34.18
N GLN G 43 -23.57 -56.69 34.32
CA GLN G 43 -24.52 -55.65 34.71
C GLN G 43 -25.55 -55.27 33.65
N GLY G 44 -26.83 -55.07 34.06
CA GLY G 44 -27.96 -54.76 33.18
C GLY G 44 -27.99 -53.34 32.70
N VAL G 45 -28.57 -53.07 31.51
CA VAL G 45 -28.54 -51.73 30.94
C VAL G 45 -29.75 -51.34 30.08
N MET G 46 -30.72 -52.23 29.79
CA MET G 46 -31.85 -51.82 28.95
C MET G 46 -33.14 -51.52 29.68
N VAL G 47 -33.23 -51.83 30.99
CA VAL G 47 -34.25 -51.35 31.93
C VAL G 47 -35.68 -51.60 31.47
N GLY G 48 -35.91 -52.81 30.92
CA GLY G 48 -37.22 -53.37 30.64
C GLY G 48 -37.73 -54.07 31.87
N MET G 49 -37.38 -55.35 32.13
CA MET G 49 -36.52 -56.22 31.34
C MET G 49 -36.84 -57.68 31.57
N GLY G 50 -37.59 -58.01 32.65
CA GLY G 50 -38.23 -59.31 32.84
C GLY G 50 -37.30 -60.40 33.27
N GLN G 51 -36.06 -60.08 33.62
CA GLN G 51 -35.02 -61.07 33.83
C GLN G 51 -35.23 -62.01 34.99
N LYS G 52 -35.16 -63.32 34.70
CA LYS G 52 -35.35 -64.38 35.66
C LYS G 52 -34.25 -64.43 36.70
N ASP G 53 -34.59 -64.87 37.93
CA ASP G 53 -33.62 -65.07 38.96
C ASP G 53 -32.76 -66.28 38.61
N SER G 54 -33.42 -67.35 38.09
CA SER G 54 -32.77 -68.50 37.49
C SER G 54 -33.44 -68.88 36.20
N TYR G 55 -32.66 -68.97 35.11
CA TYR G 55 -33.10 -69.55 33.86
C TYR G 55 -32.84 -71.03 33.97
N VAL G 56 -33.80 -71.91 33.70
CA VAL G 56 -33.52 -73.32 33.55
C VAL G 56 -33.21 -73.62 32.09
N GLY G 57 -32.76 -74.84 31.73
CA GLY G 57 -32.84 -75.31 30.35
C GLY G 57 -34.30 -75.49 29.96
N ASP G 58 -34.72 -75.36 28.70
CA ASP G 58 -34.00 -75.10 27.48
C ASP G 58 -33.32 -73.75 27.41
N GLU G 59 -33.99 -72.67 27.84
CA GLU G 59 -33.49 -71.31 27.71
C GLU G 59 -32.11 -71.02 28.30
N ALA G 60 -31.65 -71.75 29.33
CA ALA G 60 -30.28 -71.62 29.81
C ALA G 60 -29.24 -72.31 28.91
N GLN G 61 -29.67 -72.95 27.81
CA GLN G 61 -28.81 -73.52 26.81
C GLN G 61 -28.99 -72.72 25.52
N SER G 62 -29.95 -71.78 25.52
CA SER G 62 -30.19 -70.84 24.42
C SER G 62 -29.64 -69.47 24.76
N LYS G 63 -28.97 -69.32 25.90
CA LYS G 63 -28.47 -68.06 26.39
C LYS G 63 -27.11 -68.31 27.00
N ARG G 64 -26.32 -69.19 26.36
CA ARG G 64 -24.97 -69.45 26.79
C ARG G 64 -24.07 -68.23 26.68
N GLY G 65 -23.13 -68.09 27.63
CA GLY G 65 -22.12 -67.03 27.61
C GLY G 65 -22.51 -65.77 28.32
N ILE G 66 -23.77 -65.64 28.81
CA ILE G 66 -24.19 -64.50 29.60
C ILE G 66 -24.69 -64.95 30.97
N LEU G 67 -24.49 -66.22 31.31
CA LEU G 67 -24.97 -66.79 32.55
C LEU G 67 -23.85 -67.53 33.23
N THR G 68 -24.07 -67.98 34.48
CA THR G 68 -23.14 -68.85 35.20
C THR G 68 -23.87 -70.12 35.52
N LEU G 69 -23.71 -71.11 34.63
CA LEU G 69 -24.34 -72.41 34.70
C LEU G 69 -23.96 -73.24 35.93
N LYS G 70 -24.93 -73.77 36.68
CA LYS G 70 -24.71 -74.63 37.80
C LYS G 70 -25.56 -75.87 37.74
N TYR G 71 -24.98 -77.05 37.47
CA TYR G 71 -25.72 -78.30 37.50
C TYR G 71 -26.13 -78.61 38.95
N PRO G 72 -27.35 -78.99 39.29
CA PRO G 72 -27.72 -79.19 40.69
C PRO G 72 -27.38 -80.61 41.09
N ILE G 73 -26.93 -81.44 40.16
CA ILE G 73 -26.54 -82.81 40.39
C ILE G 73 -25.13 -83.06 39.86
N GLU G 74 -24.26 -83.64 40.70
CA GLU G 74 -22.86 -83.80 40.37
C GLU G 74 -22.37 -85.00 41.17
N HIS G 75 -21.71 -85.99 40.52
CA HIS G 75 -21.31 -87.26 41.11
C HIS G 75 -22.48 -88.12 41.56
N GLY G 76 -23.62 -88.03 40.84
CA GLY G 76 -24.79 -88.88 41.03
C GLY G 76 -25.64 -88.50 42.21
N ILE G 77 -25.32 -87.39 42.87
CA ILE G 77 -26.04 -86.90 44.02
C ILE G 77 -26.34 -85.42 43.88
N ILE G 78 -27.52 -84.99 44.36
CA ILE G 78 -27.90 -83.59 44.33
C ILE G 78 -27.05 -82.74 45.27
N THR G 79 -26.71 -81.52 44.85
CA THR G 79 -25.82 -80.66 45.62
C THR G 79 -26.54 -79.81 46.65
N ASN G 80 -27.69 -79.18 46.32
CA ASN G 80 -28.50 -78.45 47.28
C ASN G 80 -29.93 -78.41 46.79
N TRP G 81 -30.95 -78.43 47.69
CA TRP G 81 -32.33 -78.43 47.24
C TRP G 81 -32.91 -77.08 46.87
N ASP G 82 -32.18 -75.96 47.06
CA ASP G 82 -32.61 -74.66 46.59
C ASP G 82 -32.69 -74.60 45.08
N ASP G 83 -31.73 -75.23 44.38
CA ASP G 83 -31.72 -75.25 42.93
C ASP G 83 -32.67 -76.35 42.45
N MET G 84 -32.69 -77.50 43.15
CA MET G 84 -33.55 -78.63 42.83
C MET G 84 -35.03 -78.31 42.83
N GLU G 85 -35.58 -77.60 43.84
CA GLU G 85 -37.00 -77.25 43.85
C GLU G 85 -37.43 -76.44 42.62
N LYS G 86 -36.52 -75.57 42.13
CA LYS G 86 -36.73 -74.72 40.98
C LYS G 86 -36.71 -75.52 39.69
N ILE G 87 -35.82 -76.54 39.59
CA ILE G 87 -35.91 -77.58 38.55
C ILE G 87 -37.28 -78.23 38.50
N TRP G 88 -37.76 -78.73 39.64
CA TRP G 88 -39.04 -79.42 39.77
C TRP G 88 -40.18 -78.54 39.29
N HIS G 89 -40.30 -77.33 39.86
CA HIS G 89 -41.29 -76.35 39.48
C HIS G 89 -41.28 -76.09 37.97
N HIS G 90 -40.10 -75.86 37.36
CA HIS G 90 -39.97 -75.71 35.92
C HIS G 90 -40.49 -76.90 35.13
N THR G 91 -40.12 -78.14 35.52
CA THR G 91 -40.54 -79.36 34.83
C THR G 91 -42.03 -79.59 34.85
N PHE G 92 -42.67 -79.62 36.04
CA PHE G 92 -44.10 -79.85 36.08
C PHE G 92 -44.90 -78.75 35.42
N TYR G 93 -44.58 -77.51 35.77
CA TYR G 93 -45.40 -76.39 35.38
C TYR G 93 -45.21 -75.87 33.97
N ASN G 94 -43.98 -75.57 33.49
CA ASN G 94 -43.88 -74.91 32.19
C ASN G 94 -43.43 -75.81 31.06
N GLU G 95 -43.36 -77.11 31.31
CA GLU G 95 -43.01 -78.11 30.31
C GLU G 95 -44.20 -79.01 30.21
N LEU G 96 -44.39 -79.97 31.14
CA LEU G 96 -45.49 -80.93 31.09
C LEU G 96 -46.89 -80.32 31.10
N ARG G 97 -47.10 -79.24 31.89
CA ARG G 97 -48.36 -78.51 32.02
C ARG G 97 -49.40 -79.28 32.83
N VAL G 98 -49.05 -79.69 34.07
CA VAL G 98 -49.99 -80.45 34.87
C VAL G 98 -49.91 -80.10 36.35
N ALA G 99 -51.06 -80.03 37.03
CA ALA G 99 -51.18 -79.82 38.45
C ALA G 99 -50.63 -80.99 39.29
N PRO G 100 -50.01 -80.82 40.46
CA PRO G 100 -49.51 -81.93 41.26
C PRO G 100 -50.60 -82.82 41.80
N GLU G 101 -51.80 -82.27 42.05
CA GLU G 101 -52.87 -82.99 42.68
C GLU G 101 -53.49 -84.09 41.83
N GLU G 102 -53.37 -84.00 40.49
CA GLU G 102 -53.90 -84.99 39.58
C GLU G 102 -53.23 -86.37 39.58
N HIS G 103 -51.89 -86.43 39.61
CA HIS G 103 -51.14 -87.62 39.29
C HIS G 103 -50.42 -88.23 40.49
N PRO G 104 -50.40 -89.54 40.76
CA PRO G 104 -49.33 -90.14 41.52
C PRO G 104 -48.03 -90.16 40.73
N THR G 105 -46.87 -89.80 41.34
CA THR G 105 -45.65 -89.70 40.57
C THR G 105 -44.70 -90.85 40.87
N LEU G 106 -43.69 -91.02 40.01
CA LEU G 106 -42.64 -92.01 40.12
C LEU G 106 -41.30 -91.38 39.88
N LEU G 107 -40.37 -91.41 40.85
CA LEU G 107 -39.06 -90.81 40.68
C LEU G 107 -38.00 -91.89 40.72
N THR G 108 -36.82 -91.63 40.16
CA THR G 108 -35.73 -92.58 40.08
C THR G 108 -34.52 -92.11 40.84
N GLU G 109 -33.59 -93.03 41.19
CA GLU G 109 -32.41 -92.65 41.96
C GLU G 109 -31.22 -93.44 41.42
N ALA G 110 -30.02 -93.33 41.99
CA ALA G 110 -28.90 -94.19 41.67
C ALA G 110 -29.01 -95.54 42.35
N PRO G 111 -28.49 -96.65 41.81
CA PRO G 111 -28.48 -97.94 42.49
C PRO G 111 -27.74 -97.97 43.81
N LEU G 112 -26.91 -96.96 44.12
CA LEU G 112 -26.22 -96.84 45.39
C LEU G 112 -26.04 -95.37 45.69
N ASN G 113 -27.12 -94.68 46.11
CA ASN G 113 -27.09 -93.27 46.43
C ASN G 113 -26.77 -93.11 47.91
N PRO G 114 -25.84 -92.25 48.34
CA PRO G 114 -25.45 -92.12 49.74
C PRO G 114 -26.57 -91.94 50.74
N LYS G 115 -26.70 -92.88 51.69
CA LYS G 115 -27.59 -92.72 52.82
C LYS G 115 -27.11 -91.58 53.73
N ALA G 116 -27.98 -90.66 54.18
CA ALA G 116 -29.43 -90.66 54.20
C ALA G 116 -30.00 -89.63 53.21
N ASN G 117 -29.75 -89.80 51.90
CA ASN G 117 -30.26 -88.90 50.87
C ASN G 117 -31.48 -89.37 50.11
N ARG G 118 -32.12 -90.52 50.43
CA ARG G 118 -33.36 -90.86 49.74
C ARG G 118 -34.56 -90.39 50.54
N GLU G 119 -34.43 -90.46 51.87
CA GLU G 119 -35.40 -90.00 52.85
C GLU G 119 -35.66 -88.52 52.72
N LYS G 120 -34.67 -87.68 53.10
CA LYS G 120 -34.68 -86.23 53.01
C LYS G 120 -35.25 -85.69 51.69
N MET G 121 -34.89 -86.35 50.57
CA MET G 121 -35.43 -86.15 49.25
C MET G 121 -36.93 -86.42 49.17
N THR G 122 -37.34 -87.67 49.44
CA THR G 122 -38.72 -88.13 49.47
C THR G 122 -39.61 -87.25 50.33
N GLN G 123 -39.08 -86.80 51.48
CA GLN G 123 -39.75 -86.01 52.49
C GLN G 123 -39.96 -84.61 51.98
N ILE G 124 -38.90 -83.94 51.48
CA ILE G 124 -39.00 -82.63 50.87
C ILE G 124 -39.94 -82.63 49.67
N MET G 125 -39.87 -83.61 48.77
CA MET G 125 -40.75 -83.63 47.60
C MET G 125 -42.25 -83.75 47.92
N PHE G 126 -42.58 -84.41 49.03
CA PHE G 126 -43.94 -84.58 49.51
C PHE G 126 -44.48 -83.34 50.14
N GLU G 127 -43.61 -82.59 50.83
CA GLU G 127 -43.94 -81.40 51.56
C GLU G 127 -43.96 -80.20 50.62
N THR G 128 -43.16 -80.20 49.55
CA THR G 128 -43.11 -79.11 48.59
C THR G 128 -44.24 -79.19 47.58
N PHE G 129 -44.48 -80.33 46.91
CA PHE G 129 -45.48 -80.36 45.86
C PHE G 129 -46.81 -80.99 46.25
N ASN G 130 -46.89 -81.73 47.38
CA ASN G 130 -48.14 -82.18 47.98
C ASN G 130 -48.96 -83.14 47.09
N VAL G 131 -48.25 -83.88 46.22
CA VAL G 131 -48.73 -84.99 45.39
C VAL G 131 -49.42 -86.14 46.13
N PRO G 132 -50.31 -86.93 45.52
CA PRO G 132 -51.10 -87.91 46.25
C PRO G 132 -50.40 -89.25 46.45
N ALA G 133 -49.25 -89.52 45.79
CA ALA G 133 -48.46 -90.70 46.05
C ALA G 133 -47.08 -90.53 45.47
N MET G 134 -46.10 -91.29 45.98
CA MET G 134 -44.71 -91.15 45.62
C MET G 134 -44.05 -92.50 45.75
N TYR G 135 -43.08 -92.84 44.86
CA TYR G 135 -42.27 -94.02 45.02
C TYR G 135 -40.97 -93.74 44.28
N VAL G 136 -39.85 -94.35 44.73
CA VAL G 136 -38.55 -94.14 44.14
C VAL G 136 -37.96 -95.45 43.70
N ALA G 137 -37.78 -95.69 42.39
CA ALA G 137 -37.17 -96.90 41.87
C ALA G 137 -35.73 -96.69 41.39
N ILE G 138 -34.81 -97.65 41.60
CA ILE G 138 -33.44 -97.48 41.09
C ILE G 138 -33.33 -97.62 39.58
N GLN G 139 -32.48 -96.79 38.91
CA GLN G 139 -32.44 -96.70 37.45
C GLN G 139 -32.00 -97.96 36.72
N ALA G 140 -31.14 -98.81 37.31
CA ALA G 140 -30.64 -99.98 36.61
C ALA G 140 -31.69 -101.06 36.36
N VAL G 141 -32.46 -101.44 37.40
CA VAL G 141 -33.50 -102.45 37.36
C VAL G 141 -34.50 -102.20 36.26
N LEU G 142 -34.89 -100.93 36.07
CA LEU G 142 -35.85 -100.57 35.06
C LEU G 142 -35.43 -100.90 33.63
N SER G 143 -34.12 -100.92 33.29
CA SER G 143 -33.74 -101.27 31.92
C SER G 143 -33.96 -102.73 31.57
N LEU G 144 -34.22 -103.61 32.57
CA LEU G 144 -34.64 -104.98 32.31
C LEU G 144 -36.00 -105.00 31.67
N TYR G 145 -36.91 -104.16 32.19
CA TYR G 145 -38.27 -104.06 31.73
C TYR G 145 -38.32 -103.57 30.30
N ALA G 146 -37.45 -102.59 29.95
CA ALA G 146 -37.31 -102.11 28.60
C ALA G 146 -36.81 -103.16 27.62
N SER G 147 -35.82 -103.99 28.03
CA SER G 147 -35.29 -105.07 27.21
C SER G 147 -36.22 -106.28 27.13
N GLY G 148 -37.08 -106.49 28.13
CA GLY G 148 -38.05 -107.57 28.11
C GLY G 148 -37.46 -108.90 28.47
N ARG G 149 -36.52 -108.91 29.43
CA ARG G 149 -35.96 -110.12 30.00
C ARG G 149 -35.92 -109.98 31.49
N THR G 150 -35.79 -111.11 32.22
CA THR G 150 -35.87 -111.11 33.68
C THR G 150 -34.64 -111.73 34.33
N THR G 151 -33.54 -111.84 33.56
CA THR G 151 -32.28 -112.43 34.00
C THR G 151 -31.22 -111.63 33.32
N GLY G 152 -30.04 -111.43 33.95
CA GLY G 152 -28.94 -110.73 33.32
C GLY G 152 -28.35 -109.63 34.15
N ILE G 153 -27.12 -109.27 33.77
CA ILE G 153 -26.32 -108.22 34.34
C ILE G 153 -26.56 -106.95 33.56
N VAL G 154 -26.97 -105.88 34.28
CA VAL G 154 -27.30 -104.59 33.70
C VAL G 154 -26.13 -103.67 33.88
N LEU G 155 -25.64 -103.14 32.75
CA LEU G 155 -24.62 -102.13 32.64
C LEU G 155 -25.28 -100.82 32.30
N ASP G 156 -25.59 -99.98 33.31
CA ASP G 156 -26.30 -98.74 33.12
C ASP G 156 -25.31 -97.61 33.28
N SER G 157 -24.96 -96.94 32.16
CA SER G 157 -23.97 -95.89 32.23
C SER G 157 -24.62 -94.63 31.71
N GLY G 158 -24.90 -93.72 32.64
CA GLY G 158 -25.32 -92.35 32.39
C GLY G 158 -24.49 -91.51 33.28
N ASP G 159 -24.39 -90.20 32.99
CA ASP G 159 -23.81 -89.24 33.92
C ASP G 159 -24.42 -89.35 35.34
N GLY G 160 -23.69 -89.16 36.47
CA GLY G 160 -22.25 -89.03 36.68
C GLY G 160 -21.75 -90.30 37.31
N VAL G 161 -22.63 -91.33 37.37
CA VAL G 161 -22.39 -92.61 37.97
C VAL G 161 -22.93 -93.70 37.08
N THR G 162 -22.05 -94.64 36.68
CA THR G 162 -22.39 -95.87 35.99
C THR G 162 -22.52 -97.00 37.00
N HIS G 163 -23.20 -98.11 36.66
CA HIS G 163 -23.33 -99.23 37.56
C HIS G 163 -23.36 -100.54 36.81
N ASN G 164 -22.98 -101.62 37.52
CA ASN G 164 -22.98 -103.00 37.04
C ASN G 164 -23.73 -103.84 38.04
N VAL G 165 -25.03 -104.06 37.80
CA VAL G 165 -25.95 -104.74 38.71
C VAL G 165 -26.35 -106.13 38.22
N PRO G 166 -26.07 -107.24 38.91
CA PRO G 166 -26.53 -108.56 38.49
C PRO G 166 -27.93 -108.92 38.97
N ILE G 167 -28.85 -109.37 38.08
CA ILE G 167 -30.21 -109.79 38.42
C ILE G 167 -30.44 -111.19 37.87
N TYR G 168 -30.99 -112.12 38.67
CA TYR G 168 -31.35 -113.44 38.18
C TYR G 168 -32.79 -113.79 38.50
N GLU G 169 -33.57 -114.11 37.44
CA GLU G 169 -34.92 -114.66 37.40
C GLU G 169 -35.75 -114.72 38.67
N GLY G 170 -36.36 -113.61 39.17
CA GLY G 170 -36.26 -112.22 38.74
C GLY G 170 -35.90 -111.40 39.94
N TYR G 171 -34.90 -111.86 40.69
CA TYR G 171 -34.44 -111.25 41.91
C TYR G 171 -33.13 -110.56 41.73
N ALA G 172 -32.96 -109.43 42.44
CA ALA G 172 -31.74 -108.66 42.41
C ALA G 172 -30.80 -109.22 43.47
N LEU G 173 -29.48 -109.06 43.30
CA LEU G 173 -28.50 -109.60 44.22
C LEU G 173 -27.79 -108.47 44.94
N PRO G 174 -28.05 -108.18 46.22
CA PRO G 174 -27.34 -107.12 46.92
C PRO G 174 -25.86 -107.39 47.06
N HIS G 175 -25.45 -108.66 47.03
CA HIS G 175 -24.10 -109.08 47.34
C HIS G 175 -23.18 -109.03 46.15
N ALA G 176 -23.56 -108.31 45.08
CA ALA G 176 -22.72 -108.30 43.89
C ALA G 176 -22.78 -107.02 43.09
N ILE G 177 -23.43 -105.93 43.57
CA ILE G 177 -23.52 -104.72 42.76
C ILE G 177 -22.26 -103.88 42.79
N MET G 178 -21.91 -103.27 41.64
CA MET G 178 -20.77 -102.39 41.51
C MET G 178 -21.14 -100.96 41.17
N ARG G 179 -20.65 -99.96 41.92
CA ARG G 179 -20.84 -98.55 41.61
C ARG G 179 -19.50 -98.00 41.17
N LEU G 180 -19.39 -97.53 39.92
CA LEU G 180 -18.19 -96.84 39.47
C LEU G 180 -18.50 -95.36 39.32
N ASP G 181 -17.71 -94.47 39.92
CA ASP G 181 -17.86 -93.04 39.73
C ASP G 181 -17.04 -92.55 38.53
N LEU G 182 -17.67 -92.40 37.33
CA LEU G 182 -16.89 -92.01 36.16
C LEU G 182 -17.68 -91.27 35.07
N ALA G 183 -18.33 -91.97 34.12
CA ALA G 183 -19.02 -91.36 33.00
C ALA G 183 -20.13 -90.39 33.43
N GLY G 184 -20.36 -89.24 32.75
CA GLY G 184 -19.78 -88.79 31.50
C GLY G 184 -19.02 -87.50 31.67
N ARG G 185 -19.19 -86.78 32.79
CA ARG G 185 -18.48 -85.54 33.02
C ARG G 185 -16.97 -85.67 33.15
N ASP G 186 -16.43 -86.84 33.54
CA ASP G 186 -15.00 -87.03 33.57
C ASP G 186 -14.45 -87.19 32.15
N LEU G 187 -15.31 -87.65 31.20
CA LEU G 187 -14.98 -87.65 29.79
C LEU G 187 -15.03 -86.23 29.28
N THR G 188 -15.99 -85.41 29.71
CA THR G 188 -16.02 -83.98 29.37
C THR G 188 -14.76 -83.28 29.83
N ASP G 189 -14.38 -83.42 31.12
CA ASP G 189 -13.19 -82.79 31.64
C ASP G 189 -11.92 -83.26 30.93
N TYR G 190 -11.81 -84.55 30.59
CA TYR G 190 -10.68 -85.06 29.82
C TYR G 190 -10.66 -84.53 28.40
N LEU G 191 -11.81 -84.45 27.70
CA LEU G 191 -11.86 -83.87 26.38
C LEU G 191 -11.42 -82.42 26.37
N MET G 192 -11.82 -81.64 27.40
CA MET G 192 -11.35 -80.29 27.56
C MET G 192 -9.86 -80.20 27.86
N LYS G 193 -9.30 -81.22 28.52
CA LYS G 193 -7.88 -81.31 28.78
C LYS G 193 -7.10 -81.74 27.55
N ILE G 194 -7.69 -82.52 26.62
CA ILE G 194 -6.94 -82.82 25.41
C ILE G 194 -7.30 -81.96 24.22
N LEU G 195 -8.27 -81.02 24.32
CA LEU G 195 -8.33 -80.00 23.27
C LEU G 195 -7.46 -78.81 23.60
N THR G 196 -7.18 -78.55 24.89
CA THR G 196 -6.11 -77.63 25.29
C THR G 196 -4.76 -78.13 24.90
N GLU G 197 -4.61 -79.47 24.84
CA GLU G 197 -3.41 -80.13 24.38
C GLU G 197 -3.08 -79.84 22.92
N ARG G 198 -4.08 -79.48 22.08
CA ARG G 198 -3.85 -79.00 20.73
C ARG G 198 -4.15 -77.52 20.54
N GLY G 199 -4.09 -76.69 21.61
CA GLY G 199 -4.04 -75.25 21.41
C GLY G 199 -5.38 -74.58 21.21
N TYR G 200 -6.47 -75.21 21.66
CA TYR G 200 -7.80 -74.69 21.55
C TYR G 200 -8.30 -74.56 22.97
N SER G 201 -8.43 -73.32 23.47
CA SER G 201 -8.70 -73.09 24.88
C SER G 201 -10.15 -72.83 25.20
N PHE G 202 -10.68 -73.60 26.17
CA PHE G 202 -12.04 -73.54 26.63
C PHE G 202 -11.96 -73.46 28.14
N VAL G 203 -12.59 -72.45 28.75
CA VAL G 203 -12.35 -72.16 30.16
C VAL G 203 -13.63 -71.96 30.94
N THR G 204 -14.70 -71.41 30.36
CA THR G 204 -15.88 -71.07 31.13
C THR G 204 -16.80 -72.26 31.29
N THR G 205 -17.74 -72.19 32.24
CA THR G 205 -18.76 -73.20 32.49
C THR G 205 -19.59 -73.39 31.25
N ALA G 206 -20.03 -72.24 30.68
CA ALA G 206 -20.76 -72.18 29.43
C ALA G 206 -19.99 -72.84 28.29
N GLU G 207 -18.67 -72.56 28.12
CA GLU G 207 -17.89 -73.19 27.07
C GLU G 207 -17.78 -74.71 27.24
N ARG G 208 -17.89 -75.23 28.48
CA ARG G 208 -17.95 -76.65 28.76
C ARG G 208 -19.12 -77.35 28.09
N GLU G 209 -20.27 -76.67 27.88
CA GLU G 209 -21.39 -77.21 27.12
C GLU G 209 -21.02 -77.57 25.69
N ILE G 210 -20.22 -76.72 25.02
CA ILE G 210 -19.75 -76.96 23.66
C ILE G 210 -18.96 -78.25 23.56
N VAL G 211 -18.13 -78.52 24.59
CA VAL G 211 -17.39 -79.75 24.73
C VAL G 211 -18.31 -80.95 24.76
N ARG G 212 -19.41 -80.91 25.56
CA ARG G 212 -20.40 -81.97 25.56
C ARG G 212 -21.05 -82.22 24.20
N ASP G 213 -21.38 -81.16 23.44
CA ASP G 213 -22.06 -81.32 22.18
C ASP G 213 -21.18 -81.96 21.11
N ILE G 214 -19.87 -81.64 21.04
CA ILE G 214 -18.98 -82.40 20.18
C ILE G 214 -18.63 -83.78 20.69
N LYS G 215 -18.79 -84.03 22.01
CA LYS G 215 -18.56 -85.34 22.60
C LYS G 215 -19.63 -86.33 22.19
N GLU G 216 -20.87 -85.82 22.05
CA GLU G 216 -22.02 -86.52 21.53
C GLU G 216 -21.74 -86.93 20.09
N LYS G 217 -21.62 -85.96 19.17
CA LYS G 217 -21.60 -86.21 17.75
C LYS G 217 -20.30 -86.80 17.22
N LEU G 218 -19.12 -86.22 17.52
CA LEU G 218 -17.90 -86.62 16.83
C LEU G 218 -17.13 -87.80 17.38
N CYS G 219 -17.02 -87.98 18.70
CA CYS G 219 -16.23 -89.05 19.30
C CYS G 219 -16.61 -90.48 18.90
N TYR G 220 -15.63 -91.41 18.80
CA TYR G 220 -15.93 -92.80 18.51
C TYR G 220 -14.99 -93.73 19.25
N VAL G 221 -15.43 -94.96 19.57
CA VAL G 221 -14.64 -95.96 20.29
C VAL G 221 -13.93 -96.86 19.29
N ALA G 222 -12.70 -97.30 19.59
CA ALA G 222 -11.90 -98.12 18.71
C ALA G 222 -12.26 -99.60 18.80
N LEU G 223 -11.65 -100.45 17.95
CA LEU G 223 -11.78 -101.89 18.07
C LEU G 223 -10.63 -102.38 18.93
N ASP G 224 -9.42 -101.94 18.58
CA ASP G 224 -8.20 -102.25 19.27
C ASP G 224 -7.43 -100.95 19.36
N PHE G 225 -7.20 -100.41 20.57
CA PHE G 225 -6.61 -99.11 20.82
C PHE G 225 -5.29 -98.95 20.10
N GLU G 226 -4.35 -99.84 20.41
CA GLU G 226 -3.00 -99.93 19.90
C GLU G 226 -2.91 -99.90 18.37
N ASN G 227 -3.86 -100.56 17.67
CA ASN G 227 -3.89 -100.57 16.22
C ASN G 227 -4.59 -99.35 15.65
N GLU G 228 -5.55 -98.72 16.36
CA GLU G 228 -6.12 -97.45 15.91
C GLU G 228 -5.10 -96.32 16.06
N MET G 229 -4.25 -96.44 17.10
CA MET G 229 -3.11 -95.58 17.39
C MET G 229 -2.01 -95.67 16.37
N ALA G 230 -1.75 -96.87 15.82
CA ALA G 230 -0.73 -97.09 14.82
C ALA G 230 -0.93 -96.27 13.55
N THR G 231 -2.11 -96.38 12.90
CA THR G 231 -2.38 -95.58 11.70
C THR G 231 -2.63 -94.12 12.03
N ALA G 232 -3.00 -93.78 13.29
CA ALA G 232 -3.05 -92.40 13.74
C ALA G 232 -1.70 -91.69 13.74
N ALA G 233 -0.61 -92.43 14.03
CA ALA G 233 0.76 -91.95 13.98
C ALA G 233 1.26 -91.65 12.56
N SER G 234 0.65 -92.32 11.56
CA SER G 234 0.82 -92.04 10.14
C SER G 234 0.03 -90.79 9.79
N SER G 235 0.35 -90.10 8.69
CA SER G 235 -0.22 -88.80 8.41
C SER G 235 -1.51 -88.90 7.59
N SER G 236 -2.12 -90.09 7.60
CA SER G 236 -3.40 -90.38 6.97
C SER G 236 -4.55 -89.80 7.76
N SER G 237 -5.48 -89.10 7.08
CA SER G 237 -6.53 -88.32 7.73
C SER G 237 -7.53 -89.14 8.54
N LEU G 238 -7.69 -88.73 9.81
CA LEU G 238 -8.82 -89.06 10.65
C LEU G 238 -9.52 -87.76 10.99
N GLU G 239 -9.09 -86.65 10.38
CA GLU G 239 -9.63 -85.35 10.67
C GLU G 239 -11.05 -85.15 10.21
N LYS G 240 -11.93 -84.73 11.13
CA LYS G 240 -13.24 -84.21 10.80
C LYS G 240 -13.18 -82.76 11.26
N SER G 241 -13.66 -81.81 10.44
CA SER G 241 -13.54 -80.41 10.75
C SER G 241 -14.80 -79.89 11.38
N TYR G 242 -14.77 -79.47 12.65
CA TYR G 242 -15.94 -78.90 13.29
C TYR G 242 -15.89 -77.38 13.22
N GLU G 243 -17.07 -76.73 13.19
CA GLU G 243 -17.17 -75.29 13.20
C GLU G 243 -17.79 -74.76 14.50
N LEU G 244 -17.26 -73.66 15.03
CA LEU G 244 -17.64 -73.14 16.33
C LEU G 244 -18.63 -71.99 16.13
N PRO G 245 -19.44 -71.54 17.10
CA PRO G 245 -20.49 -70.58 16.84
C PRO G 245 -19.99 -69.20 16.47
N ASP G 246 -18.79 -68.79 16.93
CA ASP G 246 -18.21 -67.53 16.51
C ASP G 246 -17.63 -67.55 15.09
N GLY G 247 -17.37 -68.76 14.58
CA GLY G 247 -16.99 -69.00 13.20
C GLY G 247 -15.75 -69.83 13.08
N GLN G 248 -15.08 -70.19 14.20
CA GLN G 248 -13.74 -70.76 14.13
C GLN G 248 -13.76 -72.24 13.71
N VAL G 249 -12.71 -72.69 12.99
CA VAL G 249 -12.63 -74.03 12.45
C VAL G 249 -11.57 -74.90 13.13
N ILE G 250 -11.98 -76.00 13.78
CA ILE G 250 -11.10 -76.92 14.48
C ILE G 250 -11.00 -78.23 13.74
N THR G 251 -9.77 -78.72 13.47
CA THR G 251 -9.53 -80.00 12.79
C THR G 251 -8.92 -81.00 13.76
N ILE G 252 -9.73 -81.93 14.29
CA ILE G 252 -9.30 -82.94 15.24
C ILE G 252 -9.26 -84.33 14.65
N GLY G 253 -8.22 -85.11 15.00
CA GLY G 253 -8.07 -86.49 14.55
C GLY G 253 -7.89 -87.43 15.71
N ASN G 254 -6.65 -87.61 16.20
CA ASN G 254 -6.27 -88.45 17.31
C ASN G 254 -7.18 -88.38 18.53
N GLU G 255 -7.38 -87.18 19.11
CA GLU G 255 -8.21 -87.00 20.29
C GLU G 255 -9.66 -87.48 20.19
N ARG G 256 -10.21 -87.52 18.95
CA ARG G 256 -11.54 -88.00 18.62
C ARG G 256 -11.84 -89.41 19.06
N PHE G 257 -10.88 -90.35 18.93
CA PHE G 257 -11.04 -91.68 19.48
C PHE G 257 -10.32 -91.83 20.81
N ARG G 258 -9.39 -90.92 21.15
CA ARG G 258 -8.68 -91.02 22.42
C ARG G 258 -9.57 -90.75 23.60
N CYS G 259 -10.34 -89.65 23.61
CA CYS G 259 -11.23 -89.39 24.73
C CYS G 259 -12.19 -90.51 25.13
N PRO G 260 -13.06 -91.11 24.32
CA PRO G 260 -13.95 -92.16 24.82
C PRO G 260 -13.23 -93.41 25.24
N GLU G 261 -12.08 -93.75 24.62
CA GLU G 261 -11.26 -94.88 25.00
C GLU G 261 -10.80 -94.88 26.45
N THR G 262 -10.66 -93.69 27.07
CA THR G 262 -10.49 -93.44 28.50
C THR G 262 -11.39 -94.25 29.42
N LEU G 263 -12.62 -94.54 28.96
CA LEU G 263 -13.60 -95.30 29.68
C LEU G 263 -13.14 -96.70 30.02
N PHE G 264 -12.49 -97.35 29.05
CA PHE G 264 -11.81 -98.61 29.24
C PHE G 264 -10.57 -98.56 30.12
N GLN G 265 -9.76 -97.48 30.07
CA GLN G 265 -8.58 -97.38 30.91
C GLN G 265 -8.63 -96.21 31.89
N PRO G 266 -9.00 -96.40 33.16
CA PRO G 266 -8.97 -95.32 34.16
C PRO G 266 -7.57 -94.88 34.53
N SER G 267 -6.54 -95.62 34.09
CA SER G 267 -5.12 -95.28 34.23
C SER G 267 -4.73 -93.99 33.53
N PHE G 268 -5.45 -93.56 32.48
CA PHE G 268 -5.19 -92.29 31.80
C PHE G 268 -5.43 -91.11 32.73
N ILE G 269 -6.44 -91.24 33.61
CA ILE G 269 -6.82 -90.24 34.59
C ILE G 269 -6.18 -90.57 35.95
N GLY G 270 -5.21 -91.51 35.94
CA GLY G 270 -4.45 -91.94 37.11
C GLY G 270 -5.23 -92.54 38.23
N MET G 271 -6.35 -93.21 37.94
CA MET G 271 -7.17 -93.80 38.96
C MET G 271 -6.75 -95.22 39.26
N GLU G 272 -7.07 -95.71 40.48
CA GLU G 272 -6.64 -97.03 40.91
C GLU G 272 -7.75 -98.04 40.67
N SER G 273 -8.99 -97.56 40.48
CA SER G 273 -10.19 -98.31 40.14
C SER G 273 -10.13 -99.02 38.79
N ALA G 274 -10.78 -100.21 38.67
CA ALA G 274 -10.69 -101.04 37.49
C ALA G 274 -11.55 -100.57 36.32
N GLY G 275 -11.27 -101.05 35.08
CA GLY G 275 -11.96 -100.59 33.89
C GLY G 275 -13.25 -101.32 33.65
N ILE G 276 -14.07 -100.86 32.69
CA ILE G 276 -15.33 -101.52 32.36
C ILE G 276 -15.22 -103.00 31.98
N HIS G 277 -14.22 -103.40 31.17
CA HIS G 277 -13.75 -104.77 31.03
C HIS G 277 -13.81 -105.63 32.28
N GLU G 278 -13.07 -105.23 33.32
CA GLU G 278 -12.98 -106.02 34.51
C GLU G 278 -14.10 -105.76 35.49
N THR G 279 -14.66 -104.54 35.59
CA THR G 279 -15.75 -104.27 36.55
C THR G 279 -17.06 -104.92 36.16
N THR G 280 -17.31 -105.10 34.85
CA THR G 280 -18.44 -105.88 34.34
C THR G 280 -18.32 -107.32 34.78
N TYR G 281 -17.17 -107.92 34.46
CA TYR G 281 -16.78 -109.28 34.78
C TYR G 281 -16.80 -109.54 36.28
N ASN G 282 -16.23 -108.67 37.10
CA ASN G 282 -16.12 -108.87 38.52
C ASN G 282 -17.46 -108.88 39.22
N SER G 283 -18.52 -108.32 38.61
CA SER G 283 -19.85 -108.38 39.17
C SER G 283 -20.46 -109.75 38.94
N ILE G 284 -20.16 -110.37 37.78
CA ILE G 284 -20.52 -111.74 37.44
C ILE G 284 -19.80 -112.68 38.38
N MET G 285 -18.49 -112.47 38.58
CA MET G 285 -17.72 -113.27 39.51
C MET G 285 -17.90 -112.89 40.98
N LYS G 286 -18.98 -112.17 41.35
CA LYS G 286 -19.43 -112.07 42.73
C LYS G 286 -20.73 -112.85 42.89
N CYS G 287 -21.22 -113.51 41.83
CA CYS G 287 -22.38 -114.37 41.91
C CYS G 287 -22.02 -115.84 42.02
N ASP G 288 -22.96 -116.66 42.55
CA ASP G 288 -22.83 -118.11 42.69
C ASP G 288 -22.75 -118.81 41.33
N ILE G 289 -22.06 -119.97 41.23
CA ILE G 289 -21.68 -120.60 39.98
C ILE G 289 -22.80 -120.95 39.03
N ASP G 290 -23.94 -121.47 39.53
CA ASP G 290 -25.07 -121.90 38.74
C ASP G 290 -25.64 -120.76 37.90
N ILE G 291 -25.66 -119.55 38.48
CA ILE G 291 -26.28 -118.41 37.84
C ILE G 291 -25.39 -117.84 36.75
N ARG G 292 -24.06 -118.04 36.84
CA ARG G 292 -23.12 -117.48 35.87
C ARG G 292 -23.38 -117.89 34.44
N LYS G 293 -23.87 -119.13 34.27
CA LYS G 293 -24.28 -119.73 33.01
C LYS G 293 -25.25 -118.89 32.21
N ASP G 294 -26.18 -118.18 32.90
CA ASP G 294 -27.19 -117.41 32.23
C ASP G 294 -26.94 -115.91 32.37
N LEU G 295 -25.91 -115.48 33.14
CA LEU G 295 -25.52 -114.09 33.16
C LEU G 295 -24.78 -113.74 31.90
N TYR G 296 -23.94 -114.67 31.44
CA TYR G 296 -23.45 -114.62 30.08
C TYR G 296 -24.60 -114.70 29.08
N ALA G 297 -24.55 -113.85 28.05
CA ALA G 297 -25.53 -113.78 26.98
C ALA G 297 -26.85 -113.15 27.42
N ASN G 298 -26.79 -112.38 28.51
CA ASN G 298 -27.84 -111.52 28.98
C ASN G 298 -27.15 -110.26 29.50
N ASN G 299 -25.94 -109.97 28.97
CA ASN G 299 -25.20 -108.74 29.17
C ASN G 299 -25.91 -107.59 28.47
N VAL G 300 -26.69 -106.80 29.21
CA VAL G 300 -27.52 -105.73 28.68
C VAL G 300 -27.05 -104.33 28.99
N MET G 301 -26.67 -103.56 27.96
CA MET G 301 -26.17 -102.21 28.13
C MET G 301 -27.30 -101.19 28.16
N SER G 302 -27.06 -99.98 28.70
CA SER G 302 -28.09 -98.97 28.86
C SER G 302 -27.40 -97.63 28.99
N GLY G 303 -28.19 -96.55 29.20
CA GLY G 303 -27.77 -95.16 29.34
C GLY G 303 -27.16 -94.49 28.12
N GLY G 304 -27.37 -93.16 28.01
CA GLY G 304 -26.91 -92.34 26.89
C GLY G 304 -25.43 -92.30 26.67
N THR G 305 -24.62 -92.49 27.72
CA THR G 305 -23.18 -92.43 27.59
C THR G 305 -22.59 -93.64 26.87
N THR G 306 -23.42 -94.66 26.54
CA THR G 306 -23.02 -95.79 25.71
C THR G 306 -23.27 -95.60 24.23
N MET G 307 -23.65 -94.41 23.75
CA MET G 307 -23.95 -94.19 22.35
C MET G 307 -22.78 -93.91 21.41
N TYR G 308 -21.52 -94.20 21.80
CA TYR G 308 -20.42 -94.16 20.84
C TYR G 308 -20.55 -95.29 19.80
N PRO G 309 -20.23 -95.15 18.53
CA PRO G 309 -20.34 -96.25 17.56
C PRO G 309 -19.53 -97.51 17.85
N GLY G 310 -18.36 -97.40 18.49
CA GLY G 310 -17.48 -98.55 18.75
C GLY G 310 -17.86 -99.43 19.91
N ILE G 311 -18.95 -99.12 20.60
CA ILE G 311 -19.54 -99.98 21.61
C ILE G 311 -20.60 -100.76 20.86
N ALA G 312 -20.79 -102.07 21.01
CA ALA G 312 -20.23 -103.02 21.95
C ALA G 312 -19.10 -103.89 21.44
N ASP G 313 -18.56 -103.72 20.21
CA ASP G 313 -17.73 -104.78 19.64
C ASP G 313 -16.29 -104.68 20.13
N ARG G 314 -15.94 -103.54 20.74
CA ARG G 314 -14.78 -103.39 21.61
C ARG G 314 -14.96 -104.26 22.83
N MET G 315 -16.04 -104.06 23.59
CA MET G 315 -16.43 -104.90 24.71
C MET G 315 -16.46 -106.39 24.41
N GLN G 316 -16.97 -106.78 23.23
CA GLN G 316 -17.05 -108.14 22.73
C GLN G 316 -15.65 -108.73 22.62
N LYS G 317 -14.79 -108.16 21.77
CA LYS G 317 -13.40 -108.58 21.66
C LYS G 317 -12.64 -108.67 23.00
N GLU G 318 -12.90 -107.74 23.95
CA GLU G 318 -12.29 -107.78 25.28
C GLU G 318 -12.81 -108.90 26.18
N ILE G 319 -14.13 -109.14 26.19
CA ILE G 319 -14.76 -110.17 27.01
C ILE G 319 -14.35 -111.54 26.55
N THR G 320 -14.38 -111.81 25.24
CA THR G 320 -14.06 -113.11 24.65
C THR G 320 -12.67 -113.64 25.02
N ALA G 321 -11.71 -112.74 25.32
CA ALA G 321 -10.38 -113.07 25.80
C ALA G 321 -10.33 -113.49 27.28
N LEU G 322 -11.24 -112.93 28.09
CA LEU G 322 -11.30 -113.07 29.53
C LEU G 322 -12.23 -114.19 29.96
N ALA G 323 -13.32 -114.43 29.19
CA ALA G 323 -14.27 -115.50 29.43
C ALA G 323 -13.62 -116.89 29.43
N PRO G 324 -14.09 -117.89 30.18
CA PRO G 324 -13.61 -119.26 30.06
C PRO G 324 -13.80 -119.83 28.66
N SER G 325 -13.08 -120.90 28.30
CA SER G 325 -13.14 -121.49 26.97
C SER G 325 -14.52 -121.98 26.58
N THR G 326 -14.91 -121.69 25.32
CA THR G 326 -16.16 -122.06 24.66
C THR G 326 -17.42 -121.69 25.41
N MET G 327 -17.54 -120.40 25.78
CA MET G 327 -18.72 -119.90 26.46
C MET G 327 -19.43 -118.91 25.59
N LYS G 328 -20.70 -119.18 25.22
CA LYS G 328 -21.49 -118.31 24.37
C LYS G 328 -21.89 -117.00 25.03
N ILE G 329 -21.46 -115.85 24.46
CA ILE G 329 -21.71 -114.55 25.04
C ILE G 329 -22.15 -113.62 23.94
N LYS G 330 -23.38 -113.10 24.00
CA LYS G 330 -23.84 -112.03 23.13
C LYS G 330 -24.14 -110.83 23.97
N ILE G 331 -23.92 -109.63 23.41
CA ILE G 331 -24.08 -108.39 24.14
C ILE G 331 -25.28 -107.67 23.58
N ILE G 332 -26.24 -107.33 24.44
CA ILE G 332 -27.52 -106.81 24.03
C ILE G 332 -27.44 -105.31 24.11
N ALA G 333 -27.54 -104.63 22.96
CA ALA G 333 -27.53 -103.19 22.92
C ALA G 333 -28.77 -102.70 22.21
N PRO G 334 -29.78 -102.15 22.90
CA PRO G 334 -31.00 -101.74 22.22
C PRO G 334 -30.79 -100.58 21.25
N PRO G 335 -31.61 -100.35 20.23
CA PRO G 335 -31.83 -99.02 19.69
C PRO G 335 -32.31 -98.03 20.77
N GLU G 336 -31.94 -96.75 20.65
CA GLU G 336 -32.38 -95.63 21.46
C GLU G 336 -32.19 -95.79 22.97
N ARG G 337 -30.99 -96.30 23.36
CA ARG G 337 -30.58 -96.60 24.72
C ARG G 337 -30.70 -95.46 25.71
N LYS G 338 -30.61 -94.21 25.22
CA LYS G 338 -30.71 -92.99 26.00
C LYS G 338 -32.02 -92.87 26.75
N TYR G 339 -33.07 -93.54 26.28
CA TYR G 339 -34.35 -93.46 26.93
C TYR G 339 -34.70 -94.77 27.58
N SER G 340 -33.76 -95.75 27.62
CA SER G 340 -33.99 -97.10 28.14
C SER G 340 -34.60 -97.12 29.52
N VAL G 341 -33.93 -96.49 30.51
CA VAL G 341 -34.40 -96.35 31.88
C VAL G 341 -35.83 -95.86 31.98
N TRP G 342 -36.14 -94.80 31.21
CA TRP G 342 -37.43 -94.16 31.20
C TRP G 342 -38.49 -95.09 30.63
N ILE G 343 -38.18 -95.82 29.54
CA ILE G 343 -39.04 -96.82 28.92
C ILE G 343 -39.29 -97.99 29.85
N GLY G 344 -38.37 -98.23 30.80
CA GLY G 344 -38.58 -99.14 31.92
C GLY G 344 -39.66 -98.66 32.83
N GLY G 345 -39.49 -97.45 33.40
CA GLY G 345 -40.41 -96.83 34.34
C GLY G 345 -41.82 -96.73 33.79
N SER G 346 -41.93 -96.37 32.50
CA SER G 346 -43.17 -96.24 31.75
C SER G 346 -43.99 -97.53 31.75
N ILE G 347 -43.35 -98.69 31.51
CA ILE G 347 -43.99 -99.99 31.53
C ILE G 347 -44.54 -100.36 32.90
N LEU G 348 -43.82 -100.01 33.98
CA LEU G 348 -44.19 -100.40 35.32
C LEU G 348 -45.45 -99.67 35.75
N ALA G 349 -45.38 -98.33 35.82
CA ALA G 349 -46.42 -97.46 36.30
C ALA G 349 -47.70 -97.47 35.47
N SER G 350 -47.66 -97.96 34.21
CA SER G 350 -48.84 -98.10 33.37
C SER G 350 -49.62 -99.38 33.63
N LEU G 351 -48.95 -100.47 34.04
CA LEU G 351 -49.60 -101.75 34.27
C LEU G 351 -50.03 -102.01 35.71
N SER G 352 -51.04 -102.90 35.87
CA SER G 352 -51.25 -103.69 37.08
C SER G 352 -50.06 -104.62 37.34
N THR G 353 -49.76 -105.06 38.57
CA THR G 353 -50.52 -104.94 39.80
C THR G 353 -49.99 -103.82 40.67
N PHE G 354 -48.80 -103.27 40.39
CA PHE G 354 -48.21 -102.29 41.30
C PHE G 354 -48.96 -100.97 41.48
N GLN G 355 -50.15 -100.74 40.90
CA GLN G 355 -51.00 -99.62 41.25
C GLN G 355 -51.36 -99.50 42.72
N GLN G 356 -51.57 -100.62 43.44
CA GLN G 356 -51.78 -100.62 44.87
C GLN G 356 -50.51 -100.87 45.68
N MET G 357 -49.31 -100.80 45.07
CA MET G 357 -48.06 -100.97 45.80
C MET G 357 -47.26 -99.69 45.95
N TRP G 358 -47.90 -98.53 45.68
CA TRP G 358 -47.33 -97.21 45.86
C TRP G 358 -47.30 -96.83 47.32
N ILE G 359 -46.56 -95.77 47.69
CA ILE G 359 -46.70 -95.18 49.01
C ILE G 359 -47.67 -94.03 48.87
N THR G 360 -48.89 -94.18 49.44
CA THR G 360 -49.92 -93.15 49.32
C THR G 360 -49.89 -92.18 50.48
N LYS G 361 -50.62 -91.05 50.34
CA LYS G 361 -50.57 -89.89 51.22
C LYS G 361 -50.85 -90.18 52.67
N GLN G 362 -51.91 -90.94 52.98
CA GLN G 362 -52.19 -91.34 54.35
C GLN G 362 -51.12 -92.24 54.95
N GLU G 363 -50.57 -93.19 54.16
CA GLU G 363 -49.53 -94.09 54.60
C GLU G 363 -48.27 -93.34 54.95
N TYR G 364 -47.90 -92.37 54.09
CA TYR G 364 -46.79 -91.48 54.30
C TYR G 364 -46.99 -90.61 55.54
N ASP G 365 -48.21 -90.06 55.73
CA ASP G 365 -48.58 -89.25 56.86
C ASP G 365 -48.39 -89.99 58.18
N GLU G 366 -48.85 -91.24 58.23
CA GLU G 366 -48.66 -92.10 59.38
C GLU G 366 -47.20 -92.46 59.60
N ALA G 367 -46.49 -92.93 58.54
CA ALA G 367 -45.15 -93.47 58.65
C ALA G 367 -44.02 -92.46 58.88
N GLY G 368 -44.00 -91.34 58.14
CA GLY G 368 -42.90 -90.36 58.23
C GLY G 368 -41.74 -90.72 57.33
N PRO G 369 -40.61 -90.01 57.40
CA PRO G 369 -39.49 -90.21 56.48
C PRO G 369 -38.78 -91.55 56.63
N SER G 370 -39.06 -92.37 57.66
CA SER G 370 -38.48 -93.70 57.82
C SER G 370 -39.24 -94.77 57.08
N ILE G 371 -40.04 -94.40 56.06
CA ILE G 371 -40.72 -95.35 55.19
C ILE G 371 -39.82 -95.95 54.12
N VAL G 372 -38.67 -95.33 53.81
CA VAL G 372 -37.73 -95.81 52.80
C VAL G 372 -36.87 -97.00 53.23
N HIS G 373 -37.55 -98.10 53.56
CA HIS G 373 -36.95 -99.35 53.96
C HIS G 373 -38.00 -100.43 53.62
N THR H 7 31.44 -78.91 27.89
CA THR H 7 31.57 -78.68 29.36
C THR H 7 30.25 -78.35 30.03
N THR H 8 30.00 -77.08 30.40
CA THR H 8 28.81 -76.66 31.12
C THR H 8 27.58 -76.60 30.25
N ALA H 9 26.39 -76.78 30.85
CA ALA H 9 25.13 -76.54 30.17
C ALA H 9 24.62 -75.13 30.43
N LEU H 10 23.68 -74.67 29.59
CA LEU H 10 23.16 -73.32 29.66
C LEU H 10 21.67 -73.39 29.91
N VAL H 11 21.19 -72.78 31.02
CA VAL H 11 19.79 -72.59 31.29
C VAL H 11 19.37 -71.21 30.81
N CYS H 12 18.55 -71.18 29.75
CA CYS H 12 18.09 -70.00 29.08
C CYS H 12 16.59 -70.10 29.19
N ASP H 13 15.97 -69.18 29.91
CA ASP H 13 14.58 -69.32 30.28
C ASP H 13 13.77 -68.42 29.38
N ASN H 14 12.84 -69.09 28.65
CA ASN H 14 11.83 -68.56 27.79
C ASN H 14 10.72 -67.95 28.61
N GLY H 15 11.08 -66.89 29.35
CA GLY H 15 10.17 -66.01 30.05
C GLY H 15 8.94 -65.57 29.30
N SER H 16 7.91 -65.28 30.09
CA SER H 16 6.69 -64.63 29.69
C SER H 16 6.96 -63.14 29.62
N GLY H 17 7.91 -62.70 30.48
CA GLY H 17 8.29 -61.31 30.62
C GLY H 17 9.37 -60.85 29.67
N LEU H 18 10.69 -60.71 29.99
CA LEU H 18 11.56 -61.10 31.09
C LEU H 18 12.16 -62.45 30.77
N VAL H 19 12.89 -62.53 29.65
CA VAL H 19 13.73 -63.67 29.33
C VAL H 19 14.95 -63.62 30.23
N LYS H 20 15.34 -64.78 30.78
CA LYS H 20 16.43 -64.84 31.73
C LYS H 20 17.50 -65.73 31.14
N ALA H 21 18.77 -65.36 31.18
CA ALA H 21 19.79 -66.23 30.63
C ALA H 21 21.03 -66.26 31.49
N GLY H 22 21.57 -67.46 31.73
CA GLY H 22 22.77 -67.64 32.52
C GLY H 22 23.18 -69.08 32.52
N PHE H 23 24.49 -69.40 32.56
CA PHE H 23 24.97 -70.76 32.55
C PHE H 23 24.55 -71.53 33.80
N ALA H 24 24.76 -72.86 33.84
CA ALA H 24 24.40 -73.65 35.01
C ALA H 24 25.38 -73.44 36.15
N GLY H 25 24.92 -72.83 37.25
CA GLY H 25 25.71 -72.44 38.41
C GLY H 25 26.73 -71.34 38.18
N ASP H 26 27.25 -70.70 39.24
CA ASP H 26 26.99 -70.92 40.65
C ASP H 26 26.25 -69.73 41.26
N ASP H 27 26.04 -68.65 40.49
CA ASP H 27 25.49 -67.40 41.00
C ASP H 27 24.02 -67.22 40.65
N ALA H 28 23.70 -66.25 39.78
CA ALA H 28 22.35 -65.79 39.50
C ALA H 28 22.26 -65.54 38.00
N PRO H 29 21.10 -65.40 37.34
CA PRO H 29 21.02 -65.12 35.91
C PRO H 29 21.88 -63.93 35.48
N ARG H 30 22.56 -64.05 34.33
CA ARG H 30 23.49 -63.06 33.85
C ARG H 30 22.84 -62.00 33.01
N ALA H 31 21.74 -62.32 32.32
CA ALA H 31 21.09 -61.36 31.44
C ALA H 31 19.59 -61.38 31.63
N VAL H 32 18.99 -60.19 31.84
CA VAL H 32 17.56 -60.04 31.94
C VAL H 32 17.15 -58.87 31.08
N PHE H 33 16.12 -59.04 30.24
CA PHE H 33 15.61 -57.97 29.40
C PHE H 33 14.17 -58.29 28.98
N PRO H 34 13.30 -57.37 28.62
CA PRO H 34 11.87 -57.68 28.61
C PRO H 34 11.37 -58.10 27.24
N SER H 35 12.06 -59.02 26.55
CA SER H 35 11.64 -59.79 25.36
C SER H 35 11.23 -59.08 24.07
N ILE H 36 10.74 -57.84 24.14
CA ILE H 36 10.25 -57.03 23.06
C ILE H 36 11.17 -56.81 21.87
N VAL H 37 10.56 -56.75 20.67
CA VAL H 37 11.13 -56.23 19.43
C VAL H 37 10.41 -54.98 19.05
N GLY H 38 11.14 -53.96 18.52
CA GLY H 38 10.53 -52.69 18.16
C GLY H 38 11.15 -52.14 16.91
N ARG H 39 10.30 -51.92 15.90
CA ARG H 39 10.61 -51.29 14.63
C ARG H 39 10.48 -49.78 14.72
N PRO H 40 11.14 -48.95 13.93
CA PRO H 40 11.04 -47.50 14.01
C PRO H 40 9.79 -46.98 13.33
N ARG H 41 8.84 -46.36 14.06
CA ARG H 41 7.52 -46.07 13.50
C ARG H 41 7.37 -44.77 12.71
N HIS H 42 8.44 -43.99 12.47
CA HIS H 42 8.32 -42.76 11.69
C HIS H 42 9.46 -42.64 10.71
N GLN H 43 9.29 -41.82 9.66
CA GLN H 43 10.29 -41.57 8.65
C GLN H 43 11.58 -40.89 9.13
N GLY H 44 12.75 -41.40 8.69
CA GLY H 44 14.07 -40.93 9.13
C GLY H 44 14.55 -39.69 8.43
N VAL H 45 15.32 -38.84 9.15
CA VAL H 45 15.74 -37.54 8.63
C VAL H 45 17.19 -37.22 8.94
N MET H 46 17.88 -38.05 9.74
CA MET H 46 19.26 -37.80 10.10
C MET H 46 20.26 -38.43 9.15
N VAL H 47 19.85 -39.51 8.47
CA VAL H 47 20.48 -40.05 7.26
C VAL H 47 21.92 -40.50 7.50
N GLY H 48 22.12 -41.36 8.52
CA GLY H 48 23.40 -42.06 8.72
C GLY H 48 23.75 -43.14 7.70
N MET H 49 22.86 -44.09 7.32
CA MET H 49 21.50 -44.34 7.75
C MET H 49 21.47 -44.86 9.18
N GLY H 50 22.26 -45.92 9.46
CA GLY H 50 22.63 -46.30 10.82
C GLY H 50 21.63 -47.03 11.66
N GLN H 51 20.54 -47.59 11.12
CA GLN H 51 19.47 -48.15 11.93
C GLN H 51 19.20 -49.62 11.64
N LYS H 52 18.97 -50.41 12.71
CA LYS H 52 18.67 -51.82 12.65
C LYS H 52 17.26 -52.09 12.12
N ASP H 53 17.02 -53.24 11.44
CA ASP H 53 15.71 -53.63 10.94
C ASP H 53 14.71 -53.80 12.09
N SER H 54 15.18 -54.39 13.21
CA SER H 54 14.46 -54.41 14.46
C SER H 54 15.42 -54.37 15.61
N TYR H 55 15.13 -53.54 16.63
CA TYR H 55 15.89 -53.48 17.87
C TYR H 55 15.28 -54.51 18.79
N VAL H 56 16.06 -55.41 19.41
CA VAL H 56 15.49 -56.26 20.45
C VAL H 56 15.64 -55.57 21.82
N GLY H 57 15.02 -56.08 22.90
CA GLY H 57 15.32 -55.69 24.28
C GLY H 57 16.70 -56.12 24.70
N ASP H 58 17.40 -55.41 25.61
CA ASP H 58 17.03 -54.24 26.40
C ASP H 58 17.09 -52.96 25.59
N GLU H 59 17.82 -52.99 24.45
CA GLU H 59 18.01 -51.86 23.54
C GLU H 59 16.72 -51.25 22.98
N ALA H 60 15.64 -52.04 22.85
CA ALA H 60 14.32 -51.57 22.49
C ALA H 60 13.54 -50.92 23.63
N GLN H 61 14.11 -50.84 24.84
CA GLN H 61 13.45 -50.20 25.97
C GLN H 61 14.21 -48.94 26.36
N SER H 62 15.39 -48.69 25.76
CA SER H 62 16.16 -47.47 25.97
C SER H 62 15.87 -46.43 24.91
N LYS H 63 14.83 -46.67 24.09
CA LYS H 63 14.46 -45.85 22.97
C LYS H 63 12.95 -45.88 22.79
N ARG H 64 12.20 -45.80 23.91
CA ARG H 64 10.75 -45.71 23.85
C ARG H 64 10.24 -44.46 23.13
N GLY H 65 9.04 -44.59 22.51
CA GLY H 65 8.31 -43.47 21.93
C GLY H 65 8.55 -43.27 20.46
N ILE H 66 9.53 -43.96 19.87
CA ILE H 66 9.78 -43.88 18.43
C ILE H 66 9.68 -45.25 17.80
N LEU H 67 9.07 -46.21 18.51
CA LEU H 67 8.99 -47.57 18.02
C LEU H 67 7.58 -48.08 18.09
N THR H 68 7.35 -49.27 17.52
CA THR H 68 6.10 -50.00 17.69
C THR H 68 6.48 -51.32 18.30
N LEU H 69 6.40 -51.37 19.64
CA LEU H 69 6.71 -52.53 20.44
C LEU H 69 5.82 -53.73 20.18
N LYS H 70 6.42 -54.91 19.94
CA LYS H 70 5.70 -56.14 19.71
C LYS H 70 6.26 -57.24 20.60
N TYR H 71 5.49 -57.67 21.63
CA TYR H 71 5.89 -58.77 22.49
C TYR H 71 5.91 -60.10 21.73
N PRO H 72 6.95 -60.93 21.74
CA PRO H 72 6.96 -62.13 20.93
C PRO H 72 6.23 -63.24 21.64
N ILE H 73 6.09 -63.13 22.97
CA ILE H 73 5.40 -64.08 23.81
C ILE H 73 4.10 -63.48 24.30
N GLU H 74 2.96 -64.05 23.86
CA GLU H 74 1.66 -63.46 24.10
C GLU H 74 0.66 -64.58 24.27
N HIS H 75 -0.10 -64.58 25.39
CA HIS H 75 -1.05 -65.60 25.76
C HIS H 75 -0.40 -66.96 25.94
N GLY H 76 0.87 -66.99 26.40
CA GLY H 76 1.57 -68.22 26.75
C GLY H 76 2.13 -68.98 25.58
N ILE H 77 2.07 -68.41 24.38
CA ILE H 77 2.62 -69.02 23.19
C ILE H 77 3.38 -67.96 22.41
N ILE H 78 4.38 -68.39 21.61
CA ILE H 78 5.14 -67.48 20.81
C ILE H 78 4.38 -67.10 19.54
N THR H 79 4.48 -65.83 19.14
CA THR H 79 3.69 -65.28 18.02
C THR H 79 4.06 -65.85 16.66
N ASN H 80 5.37 -66.02 16.38
CA ASN H 80 5.91 -66.64 15.20
C ASN H 80 7.40 -66.76 15.38
N TRP H 81 8.06 -67.76 14.74
CA TRP H 81 9.48 -67.93 14.91
C TRP H 81 10.33 -67.00 14.07
N ASP H 82 9.68 -66.18 13.22
CA ASP H 82 10.31 -65.12 12.48
C ASP H 82 10.84 -64.04 13.42
N ASP H 83 10.07 -63.71 14.49
CA ASP H 83 10.54 -62.81 15.52
C ASP H 83 11.38 -63.58 16.55
N MET H 84 10.96 -64.80 16.91
CA MET H 84 11.63 -65.62 17.92
C MET H 84 13.09 -65.92 17.64
N GLU H 85 13.46 -66.34 16.41
CA GLU H 85 14.86 -66.62 16.08
C GLU H 85 15.75 -65.41 16.28
N LYS H 86 15.20 -64.20 16.01
CA LYS H 86 15.90 -62.95 16.20
C LYS H 86 16.07 -62.62 17.68
N ILE H 87 15.07 -62.92 18.54
CA ILE H 87 15.22 -62.96 20.00
C ILE H 87 16.39 -63.83 20.44
N TRP H 88 16.42 -65.09 19.98
CA TRP H 88 17.42 -66.09 20.33
C TRP H 88 18.81 -65.59 19.97
N HIS H 89 19.02 -65.21 18.70
CA HIS H 89 20.27 -64.67 18.19
C HIS H 89 20.77 -63.50 19.03
N HIS H 90 19.90 -62.53 19.34
CA HIS H 90 20.22 -61.42 20.23
C HIS H 90 20.68 -61.88 21.61
N THR H 91 19.93 -62.84 22.19
CA THR H 91 20.14 -63.36 23.54
C THR H 91 21.49 -64.02 23.69
N PHE H 92 21.83 -65.00 22.84
CA PHE H 92 23.14 -65.65 22.92
C PHE H 92 24.29 -64.70 22.62
N TYR H 93 24.14 -63.91 21.56
CA TYR H 93 25.24 -63.13 21.03
C TYR H 93 25.60 -61.86 21.75
N ASN H 94 24.66 -60.94 22.10
CA ASN H 94 25.09 -59.65 22.63
C ASN H 94 24.99 -59.58 24.14
N GLU H 95 24.74 -60.73 24.77
CA GLU H 95 24.79 -60.89 26.21
C GLU H 95 25.84 -61.93 26.55
N LEU H 96 25.50 -63.23 26.45
CA LEU H 96 26.34 -64.32 26.91
C LEU H 96 27.68 -64.53 26.22
N ARG H 97 27.83 -64.13 24.95
CA ARG H 97 29.09 -64.22 24.20
C ARG H 97 29.60 -65.63 23.95
N VAL H 98 28.76 -66.54 23.44
CA VAL H 98 29.17 -67.90 23.17
C VAL H 98 28.34 -68.38 22.00
N ALA H 99 28.86 -69.34 21.18
CA ALA H 99 28.10 -69.90 20.09
C ALA H 99 27.32 -71.14 20.56
N PRO H 100 26.03 -71.33 20.27
CA PRO H 100 25.27 -72.50 20.69
C PRO H 100 25.83 -73.87 20.33
N GLU H 101 26.75 -73.98 19.37
CA GLU H 101 27.32 -75.26 19.01
C GLU H 101 28.30 -75.77 20.05
N GLU H 102 28.75 -74.88 20.95
CA GLU H 102 29.64 -75.18 22.05
C GLU H 102 29.08 -76.13 23.10
N HIS H 103 27.80 -76.03 23.53
CA HIS H 103 27.35 -76.78 24.70
C HIS H 103 25.95 -77.33 24.57
N PRO H 104 25.56 -78.43 25.23
CA PRO H 104 24.16 -78.74 25.55
C PRO H 104 23.34 -77.61 26.13
N THR H 105 22.13 -77.35 25.59
CA THR H 105 21.31 -76.27 26.13
C THR H 105 20.14 -76.85 26.90
N LEU H 106 19.46 -76.02 27.70
CA LEU H 106 18.29 -76.35 28.48
C LEU H 106 17.25 -75.29 28.30
N LEU H 107 16.05 -75.62 27.80
CA LEU H 107 14.99 -74.64 27.59
C LEU H 107 13.84 -74.96 28.49
N THR H 108 13.02 -73.93 28.75
CA THR H 108 11.87 -74.01 29.61
C THR H 108 10.62 -73.77 28.80
N GLU H 109 9.45 -74.20 29.31
CA GLU H 109 8.20 -73.98 28.60
C GLU H 109 7.12 -73.66 29.60
N ALA H 110 5.87 -73.49 29.16
CA ALA H 110 4.74 -73.29 30.05
C ALA H 110 4.01 -74.60 30.30
N PRO H 111 3.68 -75.02 31.52
CA PRO H 111 2.92 -76.25 31.79
C PRO H 111 1.65 -76.39 30.96
N LEU H 112 1.36 -77.59 30.46
CA LEU H 112 0.28 -77.88 29.53
C LEU H 112 0.43 -77.12 28.21
N ASN H 113 1.64 -77.08 27.65
CA ASN H 113 1.96 -76.35 26.44
C ASN H 113 1.23 -76.89 25.20
N PRO H 114 0.62 -76.11 24.31
CA PRO H 114 -0.01 -76.64 23.11
C PRO H 114 0.87 -77.48 22.21
N LYS H 115 0.49 -78.74 21.94
CA LYS H 115 1.12 -79.61 20.98
C LYS H 115 0.61 -79.22 19.60
N ALA H 116 1.44 -78.99 18.57
CA ALA H 116 2.82 -79.37 18.39
C ALA H 116 3.76 -78.18 18.53
N ASN H 117 3.34 -77.12 19.25
CA ASN H 117 4.17 -75.94 19.45
C ASN H 117 5.36 -76.13 20.37
N ARG H 118 5.51 -77.29 21.03
CA ARG H 118 6.75 -77.64 21.72
C ARG H 118 7.64 -78.45 20.79
N GLU H 119 7.04 -79.30 19.92
CA GLU H 119 7.71 -79.99 18.82
C GLU H 119 8.32 -78.99 17.85
N LYS H 120 7.49 -78.24 17.08
CA LYS H 120 7.91 -77.22 16.12
C LYS H 120 9.02 -76.31 16.61
N MET H 121 8.95 -75.92 17.90
CA MET H 121 9.96 -75.19 18.63
C MET H 121 11.26 -75.97 18.73
N THR H 122 11.23 -77.16 19.35
CA THR H 122 12.37 -78.09 19.47
C THR H 122 13.05 -78.34 18.12
N GLN H 123 12.24 -78.51 17.06
CA GLN H 123 12.68 -78.86 15.73
C GLN H 123 13.38 -77.68 15.07
N ILE H 124 12.73 -76.50 15.07
CA ILE H 124 13.31 -75.26 14.58
C ILE H 124 14.57 -74.87 15.32
N MET H 125 14.64 -74.97 16.67
CA MET H 125 15.83 -74.59 17.39
C MET H 125 17.07 -75.44 17.09
N PHE H 126 16.87 -76.71 16.70
CA PHE H 126 17.92 -77.62 16.33
C PHE H 126 18.46 -77.28 14.96
N GLU H 127 17.58 -76.87 14.04
CA GLU H 127 17.92 -76.56 12.67
C GLU H 127 18.46 -75.15 12.52
N THR H 128 18.02 -74.21 13.37
CA THR H 128 18.47 -72.83 13.30
C THR H 128 19.79 -72.69 13.99
N PHE H 129 19.97 -73.18 15.24
CA PHE H 129 21.21 -72.93 15.95
C PHE H 129 22.19 -74.10 16.00
N ASN H 130 21.80 -75.34 15.68
CA ASN H 130 22.70 -76.49 15.53
C ASN H 130 23.45 -76.84 16.82
N VAL H 131 22.72 -76.85 17.96
CA VAL H 131 23.14 -77.31 19.27
C VAL H 131 23.56 -78.78 19.34
N PRO H 132 24.42 -79.21 20.25
CA PRO H 132 24.87 -80.60 20.25
C PRO H 132 23.93 -81.45 21.09
N ALA H 133 23.09 -80.84 21.95
CA ALA H 133 22.07 -81.55 22.67
C ALA H 133 21.01 -80.57 23.16
N MET H 134 19.79 -81.05 23.42
CA MET H 134 18.64 -80.22 23.73
C MET H 134 17.74 -80.88 24.76
N TYR H 135 17.10 -80.12 25.66
CA TYR H 135 16.06 -80.65 26.53
C TYR H 135 15.13 -79.52 26.97
N VAL H 136 13.83 -79.83 27.22
CA VAL H 136 12.85 -78.86 27.64
C VAL H 136 12.19 -79.27 28.95
N ALA H 137 12.39 -78.53 30.05
CA ALA H 137 11.74 -78.75 31.33
C ALA H 137 10.62 -77.74 31.60
N ILE H 138 9.49 -78.14 32.21
CA ILE H 138 8.41 -77.20 32.50
C ILE H 138 8.75 -76.22 33.63
N GLN H 139 8.35 -74.92 33.50
CA GLN H 139 8.75 -73.86 34.42
C GLN H 139 8.23 -74.01 35.83
N ALA H 140 7.05 -74.62 36.06
CA ALA H 140 6.54 -74.77 37.41
C ALA H 140 7.34 -75.77 38.24
N VAL H 141 7.58 -76.96 37.66
CA VAL H 141 8.34 -78.05 38.23
C VAL H 141 9.73 -77.63 38.68
N LEU H 142 10.41 -76.77 37.91
CA LEU H 142 11.74 -76.34 38.30
C LEU H 142 11.79 -75.57 39.62
N SER H 143 10.71 -74.87 40.03
CA SER H 143 10.72 -74.19 41.32
C SER H 143 10.71 -75.15 42.51
N LEU H 144 10.44 -76.45 42.28
CA LEU H 144 10.55 -77.51 43.27
C LEU H 144 12.00 -77.65 43.72
N TYR H 145 12.92 -77.73 42.76
CA TYR H 145 14.33 -77.85 42.99
C TYR H 145 14.89 -76.62 43.67
N ALA H 146 14.41 -75.43 43.25
CA ALA H 146 14.82 -74.17 43.83
C ALA H 146 14.52 -74.07 45.32
N SER H 147 13.32 -74.52 45.76
CA SER H 147 12.96 -74.54 47.16
C SER H 147 13.55 -75.73 47.92
N GLY H 148 14.06 -76.76 47.20
CA GLY H 148 14.75 -77.90 47.81
C GLY H 148 13.83 -78.93 48.43
N ARG H 149 12.52 -78.81 48.16
CA ARG H 149 11.49 -79.70 48.66
C ARG H 149 11.32 -81.00 47.90
N THR H 150 10.52 -81.92 48.46
CA THR H 150 10.23 -83.21 47.85
C THR H 150 8.73 -83.36 47.63
N THR H 151 7.90 -82.49 48.25
CA THR H 151 6.44 -82.56 48.18
C THR H 151 5.93 -81.14 48.07
N GLY H 152 4.74 -80.90 47.48
CA GLY H 152 4.15 -79.57 47.44
C GLY H 152 3.67 -79.09 46.09
N ILE H 153 2.79 -78.08 46.10
CA ILE H 153 2.24 -77.46 44.91
C ILE H 153 3.04 -76.26 44.44
N VAL H 154 3.50 -76.31 43.17
CA VAL H 154 4.35 -75.34 42.50
C VAL H 154 3.64 -74.38 41.52
N LEU H 155 3.86 -73.06 41.74
CA LEU H 155 3.34 -71.87 41.07
C LEU H 155 4.22 -71.04 40.08
N ASP H 156 4.17 -71.19 38.72
CA ASP H 156 4.95 -70.34 37.78
C ASP H 156 3.87 -69.41 37.29
N SER H 157 3.97 -68.15 37.74
CA SER H 157 3.01 -67.12 37.45
C SER H 157 3.81 -66.02 36.80
N GLY H 158 3.66 -65.85 35.49
CA GLY H 158 4.28 -64.76 34.73
C GLY H 158 3.29 -64.09 33.83
N ASP H 159 3.60 -62.87 33.37
CA ASP H 159 2.86 -62.14 32.34
C ASP H 159 2.64 -62.85 30.97
N GLY H 160 1.47 -63.43 30.61
CA GLY H 160 0.28 -63.67 31.37
C GLY H 160 -0.29 -65.06 31.38
N VAL H 161 0.49 -66.06 31.81
CA VAL H 161 -0.07 -67.38 32.10
C VAL H 161 0.54 -67.87 33.39
N THR H 162 -0.31 -68.13 34.38
CA THR H 162 0.04 -68.79 35.63
C THR H 162 -0.29 -70.27 35.59
N HIS H 163 0.34 -71.09 36.46
CA HIS H 163 -0.04 -72.50 36.54
C HIS H 163 0.07 -73.02 37.97
N ASN H 164 -0.70 -74.08 38.29
CA ASN H 164 -0.83 -74.67 39.62
C ASN H 164 -0.60 -76.18 39.58
N VAL H 165 0.62 -76.69 39.82
CA VAL H 165 0.97 -78.12 39.71
C VAL H 165 1.23 -78.83 41.05
N PRO H 166 0.49 -79.86 41.50
CA PRO H 166 0.81 -80.61 42.72
C PRO H 166 1.82 -81.75 42.53
N ILE H 167 2.89 -81.83 43.38
CA ILE H 167 3.95 -82.83 43.30
C ILE H 167 4.09 -83.57 44.64
N TYR H 168 4.18 -84.93 44.61
CA TYR H 168 4.38 -85.73 45.82
C TYR H 168 5.55 -86.72 45.76
N GLU H 169 6.58 -86.44 46.57
CA GLU H 169 7.73 -87.25 46.92
C GLU H 169 8.26 -88.28 45.90
N GLY H 170 8.80 -87.89 44.72
CA GLY H 170 8.88 -86.58 44.09
C GLY H 170 8.07 -86.58 42.81
N TYR H 171 7.16 -87.55 42.69
CA TYR H 171 6.33 -87.74 41.52
C TYR H 171 5.34 -86.63 41.26
N ALA H 172 5.14 -86.29 39.97
CA ALA H 172 4.16 -85.32 39.59
C ALA H 172 2.83 -86.04 39.34
N LEU H 173 1.70 -85.33 39.43
CA LEU H 173 0.40 -85.92 39.24
C LEU H 173 -0.25 -85.37 37.97
N PRO H 174 -0.35 -86.09 36.86
CA PRO H 174 -1.00 -85.61 35.64
C PRO H 174 -2.45 -85.21 35.83
N HIS H 175 -3.13 -85.75 36.86
CA HIS H 175 -4.55 -85.65 37.01
C HIS H 175 -4.98 -84.49 37.88
N ALA H 176 -4.09 -83.55 38.20
CA ALA H 176 -4.45 -82.44 39.06
C ALA H 176 -3.82 -81.12 38.67
N ILE H 177 -3.23 -80.99 37.47
CA ILE H 177 -2.56 -79.77 37.06
C ILE H 177 -3.51 -78.73 36.48
N MET H 178 -3.54 -77.51 37.04
CA MET H 178 -4.42 -76.45 36.55
C MET H 178 -3.70 -75.22 35.99
N ARG H 179 -4.06 -74.80 34.75
CA ARG H 179 -3.48 -73.67 34.03
C ARG H 179 -4.47 -72.51 33.88
N LEU H 180 -4.17 -71.32 34.43
CA LEU H 180 -5.04 -70.15 34.32
C LEU H 180 -4.51 -69.09 33.36
N ASP H 181 -5.32 -68.62 32.41
CA ASP H 181 -4.99 -67.43 31.63
C ASP H 181 -5.44 -66.17 32.38
N LEU H 182 -4.56 -65.60 33.21
CA LEU H 182 -4.92 -64.43 34.00
C LEU H 182 -3.70 -63.59 34.37
N ALA H 183 -3.04 -63.87 35.52
CA ALA H 183 -1.87 -63.11 35.94
C ALA H 183 -0.73 -63.27 34.96
N GLY H 184 0.01 -62.23 34.55
CA GLY H 184 0.05 -60.86 35.04
C GLY H 184 -0.34 -59.81 34.02
N ARG H 185 -0.40 -60.12 32.71
CA ARG H 185 -0.78 -59.14 31.70
C ARG H 185 -2.19 -58.61 31.82
N ASP H 186 -3.13 -59.37 32.41
CA ASP H 186 -4.46 -58.88 32.70
C ASP H 186 -4.42 -57.93 33.87
N LEU H 187 -3.44 -58.04 34.77
CA LEU H 187 -3.25 -57.06 35.83
C LEU H 187 -2.71 -55.78 35.23
N THR H 188 -1.76 -55.87 34.28
CA THR H 188 -1.27 -54.70 33.54
C THR H 188 -2.37 -53.99 32.77
N ASP H 189 -3.12 -54.73 31.94
CA ASP H 189 -4.20 -54.21 31.14
C ASP H 189 -5.31 -53.63 31.99
N TYR H 190 -5.62 -54.25 33.14
CA TYR H 190 -6.58 -53.74 34.09
C TYR H 190 -6.10 -52.48 34.76
N LEU H 191 -4.82 -52.39 35.16
CA LEU H 191 -4.27 -51.17 35.73
C LEU H 191 -4.37 -50.02 34.77
N MET H 192 -4.12 -50.25 33.46
CA MET H 192 -4.35 -49.20 32.50
C MET H 192 -5.83 -48.84 32.36
N LYS H 193 -6.75 -49.80 32.55
CA LYS H 193 -8.18 -49.53 32.48
C LYS H 193 -8.71 -48.85 33.73
N ILE H 194 -8.14 -49.05 34.93
CA ILE H 194 -8.58 -48.27 36.06
C ILE H 194 -7.69 -47.11 36.43
N LEU H 195 -6.54 -46.88 35.77
CA LEU H 195 -5.85 -45.61 35.92
C LEU H 195 -6.32 -44.58 34.91
N THR H 196 -6.86 -45.02 33.75
CA THR H 196 -7.58 -44.16 32.82
C THR H 196 -8.84 -43.59 33.41
N GLU H 197 -9.41 -44.35 34.37
CA GLU H 197 -10.56 -44.01 35.17
C GLU H 197 -10.33 -42.80 36.06
N ARG H 198 -9.07 -42.45 36.39
CA ARG H 198 -8.75 -41.23 37.11
C ARG H 198 -8.04 -40.21 36.21
N GLY H 199 -8.25 -40.28 34.88
CA GLY H 199 -7.92 -39.14 34.02
C GLY H 199 -6.53 -39.11 33.46
N TYR H 200 -5.88 -40.27 33.31
CA TYR H 200 -4.55 -40.32 32.74
C TYR H 200 -4.58 -41.32 31.60
N SER H 201 -4.49 -40.86 30.35
CA SER H 201 -4.57 -41.73 29.18
C SER H 201 -3.22 -42.15 28.68
N PHE H 202 -3.15 -43.38 28.15
CA PHE H 202 -1.91 -44.05 27.79
C PHE H 202 -2.20 -45.02 26.66
N VAL H 203 -2.68 -44.51 25.53
CA VAL H 203 -3.17 -45.32 24.42
C VAL H 203 -2.10 -46.18 23.74
N THR H 204 -0.89 -45.63 23.57
CA THR H 204 0.18 -46.20 22.75
C THR H 204 0.94 -47.30 23.47
N THR H 205 1.47 -48.28 22.72
CA THR H 205 2.18 -49.45 23.26
C THR H 205 3.37 -49.08 24.08
N ALA H 206 4.25 -48.19 23.57
CA ALA H 206 5.43 -47.78 24.29
C ALA H 206 5.09 -47.22 25.68
N GLU H 207 4.10 -46.31 25.78
CA GLU H 207 3.63 -45.78 27.05
C GLU H 207 3.04 -46.87 27.97
N ARG H 208 2.54 -48.00 27.42
CA ARG H 208 2.07 -49.14 28.21
C ARG H 208 3.15 -49.71 29.13
N GLU H 209 4.43 -49.64 28.71
CA GLU H 209 5.55 -50.05 29.53
C GLU H 209 5.61 -49.29 30.85
N ILE H 210 5.28 -47.98 30.86
CA ILE H 210 5.23 -47.16 32.06
C ILE H 210 4.21 -47.73 33.05
N VAL H 211 3.06 -48.22 32.55
CA VAL H 211 2.06 -48.90 33.35
C VAL H 211 2.63 -50.12 34.04
N ARG H 212 3.42 -50.97 33.33
CA ARG H 212 4.11 -52.09 33.95
C ARG H 212 5.06 -51.64 35.05
N ASP H 213 5.77 -50.52 34.85
CA ASP H 213 6.73 -50.07 35.82
C ASP H 213 6.09 -49.60 37.13
N ILE H 214 4.94 -48.91 37.11
CA ILE H 214 4.22 -48.67 38.35
C ILE H 214 3.49 -49.89 38.92
N LYS H 215 3.22 -50.92 38.10
CA LYS H 215 2.60 -52.17 38.55
C LYS H 215 3.58 -52.96 39.39
N GLU H 216 4.87 -52.91 39.00
CA GLU H 216 6.00 -53.41 39.74
C GLU H 216 6.15 -52.70 41.08
N LYS H 217 6.49 -51.41 41.02
CA LYS H 217 7.00 -50.62 42.10
C LYS H 217 5.97 -50.23 43.15
N LEU H 218 4.80 -49.67 42.78
CA LEU H 218 3.98 -49.00 43.78
C LEU H 218 2.77 -49.73 44.35
N CYS H 219 2.35 -50.88 43.77
CA CYS H 219 1.14 -51.57 44.22
C CYS H 219 1.34 -52.51 45.41
N TYR H 220 0.28 -52.84 46.17
CA TYR H 220 0.38 -53.80 47.27
C TYR H 220 -0.92 -54.54 47.48
N VAL H 221 -0.90 -55.74 48.09
CA VAL H 221 -2.10 -56.55 48.32
C VAL H 221 -2.76 -56.28 49.66
N ALA H 222 -4.05 -55.90 49.65
CA ALA H 222 -4.85 -55.71 50.85
C ALA H 222 -5.04 -56.97 51.68
N LEU H 223 -5.01 -56.87 53.03
CA LEU H 223 -5.28 -58.03 53.87
C LEU H 223 -6.74 -58.45 53.93
N ASP H 224 -7.65 -57.50 54.15
CA ASP H 224 -9.08 -57.72 54.13
C ASP H 224 -9.58 -56.66 53.17
N PHE H 225 -9.98 -57.03 51.94
CA PHE H 225 -10.31 -56.07 50.89
C PHE H 225 -11.35 -55.06 51.31
N GLU H 226 -12.56 -55.50 51.70
CA GLU H 226 -13.65 -54.65 52.13
C GLU H 226 -13.26 -53.67 53.23
N ASN H 227 -12.41 -54.10 54.17
CA ASN H 227 -12.00 -53.25 55.27
C ASN H 227 -10.86 -52.30 54.91
N GLU H 228 -9.93 -52.65 53.98
CA GLU H 228 -8.96 -51.68 53.49
C GLU H 228 -9.62 -50.64 52.59
N MET H 229 -10.65 -51.09 51.85
CA MET H 229 -11.48 -50.29 50.96
C MET H 229 -12.30 -49.25 51.70
N ALA H 230 -12.81 -49.59 52.89
CA ALA H 230 -13.51 -48.66 53.77
C ALA H 230 -12.65 -47.46 54.14
N THR H 231 -11.44 -47.65 54.68
CA THR H 231 -10.60 -46.51 55.04
C THR H 231 -10.00 -45.81 53.83
N ALA H 232 -9.91 -46.46 52.66
CA ALA H 232 -9.57 -45.79 51.42
C ALA H 232 -10.60 -44.76 50.96
N ALA H 233 -11.89 -45.07 51.21
CA ALA H 233 -13.05 -44.21 51.01
C ALA H 233 -13.10 -43.03 51.98
N SER H 234 -12.44 -43.18 53.14
CA SER H 234 -12.25 -42.12 54.12
C SER H 234 -11.24 -41.11 53.63
N SER H 235 -11.05 -40.01 54.37
CA SER H 235 -10.23 -38.89 53.94
C SER H 235 -8.74 -39.21 53.90
N SER H 236 -8.32 -40.14 54.79
CA SER H 236 -6.99 -40.71 54.99
C SER H 236 -6.13 -40.85 53.76
N SER H 237 -4.85 -40.48 53.82
CA SER H 237 -4.03 -40.39 52.62
C SER H 237 -3.37 -41.71 52.31
N LEU H 238 -3.75 -42.33 51.19
CA LEU H 238 -3.06 -43.47 50.63
C LEU H 238 -2.31 -43.05 49.39
N GLU H 239 -2.23 -41.74 49.11
CA GLU H 239 -1.51 -41.23 47.96
C GLU H 239 0.01 -41.38 48.06
N LYS H 240 0.61 -42.04 47.07
CA LYS H 240 2.04 -42.00 46.86
C LYS H 240 2.23 -41.31 45.54
N SER H 241 3.18 -40.38 45.47
CA SER H 241 3.31 -39.50 44.34
C SER H 241 4.34 -40.05 43.40
N TYR H 242 3.93 -40.45 42.18
CA TYR H 242 4.88 -40.94 41.20
C TYR H 242 5.27 -39.81 40.27
N GLU H 243 6.50 -39.84 39.71
CA GLU H 243 6.93 -38.87 38.73
C GLU H 243 7.12 -39.53 37.38
N LEU H 244 6.69 -38.89 36.28
CA LEU H 244 6.63 -39.50 34.96
C LEU H 244 7.75 -38.98 34.07
N PRO H 245 8.07 -39.54 32.90
CA PRO H 245 9.25 -39.16 32.15
C PRO H 245 9.22 -37.74 31.63
N ASP H 246 8.04 -37.16 31.38
CA ASP H 246 7.91 -35.80 30.91
C ASP H 246 7.74 -34.79 32.04
N GLY H 247 7.79 -35.23 33.30
CA GLY H 247 7.73 -34.34 34.45
C GLY H 247 6.39 -34.33 35.13
N GLN H 248 5.42 -35.13 34.63
CA GLN H 248 4.06 -35.14 35.16
C GLN H 248 4.08 -35.77 36.55
N VAL H 249 3.30 -35.23 37.50
CA VAL H 249 3.23 -35.78 38.85
C VAL H 249 1.86 -36.40 39.04
N ILE H 250 1.81 -37.72 39.27
CA ILE H 250 0.56 -38.45 39.43
C ILE H 250 0.42 -38.91 40.87
N THR H 251 -0.72 -38.62 41.51
CA THR H 251 -0.97 -39.04 42.89
C THR H 251 -2.07 -40.10 42.91
N ILE H 252 -1.68 -41.37 43.07
CA ILE H 252 -2.61 -42.51 43.07
C ILE H 252 -2.75 -43.09 44.44
N GLY H 253 -4.01 -43.46 44.80
CA GLY H 253 -4.35 -44.02 46.10
C GLY H 253 -5.13 -45.30 45.99
N ASN H 254 -6.44 -45.21 45.76
CA ASN H 254 -7.35 -46.32 45.64
C ASN H 254 -6.89 -47.43 44.69
N GLU H 255 -6.62 -47.10 43.41
CA GLU H 255 -6.19 -48.05 42.41
C GLU H 255 -4.94 -48.86 42.74
N ARG H 256 -4.07 -48.30 43.61
CA ARG H 256 -2.86 -48.89 44.12
C ARG H 256 -2.99 -50.25 44.79
N PHE H 257 -4.03 -50.46 45.61
CA PHE H 257 -4.33 -51.76 46.18
C PHE H 257 -5.41 -52.49 45.40
N ARG H 258 -6.16 -51.76 44.54
CA ARG H 258 -7.19 -52.33 43.70
C ARG H 258 -6.60 -53.23 42.62
N CYS H 259 -5.58 -52.76 41.88
CA CYS H 259 -4.98 -53.56 40.83
C CYS H 259 -4.52 -54.98 41.22
N PRO H 260 -3.70 -55.30 42.21
CA PRO H 260 -3.36 -56.68 42.50
C PRO H 260 -4.54 -57.46 43.05
N GLU H 261 -5.48 -56.82 43.75
CA GLU H 261 -6.66 -57.48 44.30
C GLU H 261 -7.49 -58.22 43.25
N THR H 262 -7.44 -57.77 41.99
CA THR H 262 -7.98 -58.41 40.79
C THR H 262 -7.72 -59.90 40.68
N LEU H 263 -6.58 -60.35 41.23
CA LEU H 263 -6.14 -61.73 41.25
C LEU H 263 -6.99 -62.63 42.16
N PHE H 264 -7.62 -62.05 43.19
CA PHE H 264 -8.67 -62.67 43.95
C PHE H 264 -9.98 -62.29 43.32
N GLN H 265 -10.89 -63.26 43.15
CA GLN H 265 -12.20 -63.03 42.54
C GLN H 265 -12.16 -62.32 41.16
N PRO H 266 -11.77 -62.99 40.06
CA PRO H 266 -11.69 -62.41 38.72
C PRO H 266 -12.99 -61.88 38.17
N SER H 267 -14.11 -61.99 38.91
CA SER H 267 -15.37 -61.34 38.66
C SER H 267 -15.30 -59.81 38.57
N PHE H 268 -14.13 -59.18 38.87
CA PHE H 268 -13.85 -57.78 38.57
C PHE H 268 -13.87 -57.56 37.07
N ILE H 269 -13.26 -58.50 36.32
CA ILE H 269 -13.34 -58.56 34.87
C ILE H 269 -14.72 -59.07 34.48
N GLY H 270 -15.27 -60.02 35.25
CA GLY H 270 -16.57 -60.64 35.00
C GLY H 270 -16.49 -62.03 34.45
N MET H 271 -15.27 -62.50 34.20
CA MET H 271 -14.98 -63.84 33.78
C MET H 271 -15.30 -64.91 34.83
N GLU H 272 -15.53 -66.16 34.38
CA GLU H 272 -16.02 -67.21 35.23
C GLU H 272 -14.95 -67.84 36.08
N SER H 273 -13.70 -67.92 35.56
CA SER H 273 -12.49 -68.44 36.20
C SER H 273 -12.35 -68.15 37.69
N ALA H 274 -11.95 -69.14 38.50
CA ALA H 274 -11.93 -69.01 39.93
C ALA H 274 -10.66 -68.35 40.43
N GLY H 275 -10.71 -67.73 41.62
CA GLY H 275 -9.56 -67.03 42.19
C GLY H 275 -8.46 -67.98 42.60
N ILE H 276 -7.20 -67.50 42.69
CA ILE H 276 -6.06 -68.32 43.07
C ILE H 276 -6.24 -69.06 44.38
N HIS H 277 -6.84 -68.39 45.39
CA HIS H 277 -7.49 -68.98 46.55
C HIS H 277 -8.12 -70.35 46.30
N GLU H 278 -9.09 -70.42 45.39
CA GLU H 278 -9.81 -71.64 45.12
C GLU H 278 -9.13 -72.56 44.12
N THR H 279 -8.34 -72.07 43.14
CA THR H 279 -7.67 -72.98 42.19
C THR H 279 -6.56 -73.75 42.84
N THR H 280 -5.92 -73.16 43.86
CA THR H 280 -4.96 -73.81 44.73
C THR H 280 -5.64 -74.95 45.46
N TYR H 281 -6.74 -74.64 46.16
CA TYR H 281 -7.54 -75.60 46.90
C TYR H 281 -8.10 -76.73 46.04
N ASN H 282 -8.72 -76.44 44.89
CA ASN H 282 -9.32 -77.44 44.04
C ASN H 282 -8.30 -78.37 43.41
N SER H 283 -7.03 -77.96 43.31
CA SER H 283 -5.99 -78.87 42.80
C SER H 283 -5.58 -79.84 43.89
N ILE H 284 -5.57 -79.39 45.16
CA ILE H 284 -5.34 -80.24 46.31
C ILE H 284 -6.48 -81.23 46.46
N MET H 285 -7.75 -80.78 46.38
CA MET H 285 -8.87 -81.71 46.44
C MET H 285 -9.15 -82.46 45.13
N LYS H 286 -8.15 -82.52 44.21
CA LYS H 286 -8.11 -83.45 43.10
C LYS H 286 -7.00 -84.46 43.31
N CYS H 287 -6.28 -84.38 44.43
CA CYS H 287 -5.31 -85.39 44.83
C CYS H 287 -5.96 -86.43 45.74
N ASP H 288 -5.42 -87.67 45.74
CA ASP H 288 -5.86 -88.77 46.60
C ASP H 288 -5.81 -88.40 48.08
N ILE H 289 -6.78 -88.88 48.88
CA ILE H 289 -7.04 -88.36 50.22
C ILE H 289 -5.88 -88.37 51.19
N ASP H 290 -5.02 -89.41 51.20
CA ASP H 290 -3.93 -89.52 52.16
C ASP H 290 -2.83 -88.49 51.90
N ILE H 291 -2.65 -88.05 50.63
CA ILE H 291 -1.53 -87.21 50.27
C ILE H 291 -1.76 -85.78 50.73
N ARG H 292 -3.05 -85.41 50.91
CA ARG H 292 -3.48 -84.07 51.27
C ARG H 292 -2.87 -83.54 52.56
N LYS H 293 -2.61 -84.47 53.51
CA LYS H 293 -1.92 -84.27 54.77
C LYS H 293 -0.59 -83.56 54.65
N ASP H 294 0.18 -83.82 53.57
CA ASP H 294 1.50 -83.27 53.42
C ASP H 294 1.51 -82.21 52.33
N LEU H 295 0.38 -82.00 51.62
CA LEU H 295 0.23 -80.88 50.72
C LEU H 295 0.00 -79.57 51.44
N TYR H 296 -0.78 -79.57 52.54
CA TYR H 296 -0.77 -78.43 53.43
C TYR H 296 0.57 -78.28 54.10
N ALA H 297 1.15 -77.06 54.00
CA ALA H 297 2.43 -76.66 54.55
C ALA H 297 3.57 -77.02 53.62
N ASN H 298 3.25 -77.11 52.33
CA ASN H 298 4.18 -77.24 51.23
C ASN H 298 3.57 -76.49 50.05
N ASN H 299 2.79 -75.45 50.36
CA ASN H 299 2.26 -74.51 49.41
C ASN H 299 3.33 -73.47 49.14
N VAL H 300 4.12 -73.68 48.06
CA VAL H 300 5.25 -72.84 47.75
C VAL H 300 5.07 -71.97 46.52
N MET H 301 5.02 -70.64 46.71
CA MET H 301 4.74 -69.73 45.61
C MET H 301 6.00 -69.33 44.85
N SER H 302 5.89 -68.87 43.59
CA SER H 302 7.05 -68.42 42.84
C SER H 302 6.60 -67.53 41.71
N GLY H 303 7.52 -67.07 40.84
CA GLY H 303 7.22 -66.17 39.72
C GLY H 303 7.20 -64.73 40.14
N GLY H 304 7.74 -63.82 39.30
CA GLY H 304 7.83 -62.39 39.57
C GLY H 304 6.53 -61.70 39.84
N THR H 305 5.42 -62.21 39.26
CA THR H 305 4.10 -61.63 39.47
C THR H 305 3.58 -61.87 40.87
N THR H 306 4.26 -62.69 41.69
CA THR H 306 3.94 -62.83 43.12
C THR H 306 4.75 -61.93 44.03
N MET H 307 5.53 -60.97 43.50
CA MET H 307 6.35 -60.09 44.31
C MET H 307 5.64 -59.00 45.10
N TYR H 308 4.37 -58.67 44.80
CA TYR H 308 3.60 -57.69 45.57
C TYR H 308 3.70 -57.83 47.09
N PRO H 309 3.88 -56.82 47.91
CA PRO H 309 3.84 -57.00 49.35
C PRO H 309 2.40 -57.24 49.80
N GLY H 310 2.19 -58.14 50.77
CA GLY H 310 0.87 -58.51 51.27
C GLY H 310 0.47 -59.92 50.92
N ILE H 311 1.17 -60.55 49.95
CA ILE H 311 1.08 -61.97 49.76
C ILE H 311 2.41 -62.47 50.27
N ALA H 312 2.45 -63.60 50.98
CA ALA H 312 1.48 -64.66 51.02
C ALA H 312 0.54 -64.61 52.22
N ASP H 313 0.59 -63.58 53.09
CA ASP H 313 -0.13 -63.68 54.35
C ASP H 313 -1.59 -63.29 54.22
N ARG H 314 -1.95 -62.63 53.09
CA ARG H 314 -3.31 -62.61 52.59
C ARG H 314 -3.75 -64.00 52.18
N MET H 315 -3.00 -64.64 51.26
CA MET H 315 -3.25 -66.00 50.82
C MET H 315 -3.37 -67.01 51.95
N GLN H 316 -2.51 -66.90 52.98
CA GLN H 316 -2.50 -67.69 54.19
C GLN H 316 -3.80 -67.52 54.94
N LYS H 317 -4.13 -66.30 55.41
CA LYS H 317 -5.41 -66.03 56.04
C LYS H 317 -6.66 -66.48 55.26
N GLU H 318 -6.66 -66.36 53.91
CA GLU H 318 -7.76 -66.79 53.05
C GLU H 318 -7.87 -68.32 52.93
N ILE H 319 -6.73 -69.03 52.77
CA ILE H 319 -6.70 -70.48 52.65
C ILE H 319 -7.09 -71.11 53.96
N THR H 320 -6.52 -70.62 55.08
CA THR H 320 -6.82 -71.11 56.43
C THR H 320 -8.29 -71.03 56.80
N ALA H 321 -9.04 -70.08 56.19
CA ALA H 321 -10.47 -69.95 56.31
C ALA H 321 -11.26 -70.99 55.51
N LEU H 322 -10.71 -71.46 54.37
CA LEU H 322 -11.37 -72.39 53.48
C LEU H 322 -10.98 -73.84 53.76
N ALA H 323 -9.74 -74.08 54.20
CA ALA H 323 -9.23 -75.38 54.56
C ALA H 323 -9.94 -76.00 55.77
N PRO H 324 -10.11 -77.33 55.88
CA PRO H 324 -10.64 -77.98 57.07
C PRO H 324 -10.00 -77.58 58.39
N SER H 325 -10.82 -77.42 59.45
CA SER H 325 -10.40 -77.03 60.79
C SER H 325 -9.41 -77.98 61.46
N THR H 326 -8.51 -77.42 62.29
CA THR H 326 -7.43 -78.08 63.06
C THR H 326 -6.46 -78.86 62.20
N MET H 327 -5.97 -78.18 61.15
CA MET H 327 -4.97 -78.66 60.23
C MET H 327 -4.09 -77.48 59.92
N LYS H 328 -2.74 -77.63 59.96
CA LYS H 328 -1.81 -76.54 59.83
C LYS H 328 -1.39 -76.23 58.40
N ILE H 329 -1.46 -74.94 58.02
CA ILE H 329 -1.11 -74.47 56.69
C ILE H 329 -0.19 -73.30 56.86
N LYS H 330 1.11 -73.48 56.56
CA LYS H 330 2.06 -72.40 56.49
C LYS H 330 2.47 -72.26 55.05
N ILE H 331 2.43 -71.04 54.49
CA ILE H 331 2.73 -70.83 53.09
C ILE H 331 4.17 -70.37 52.96
N ILE H 332 4.88 -70.90 51.96
CA ILE H 332 6.30 -70.73 51.85
C ILE H 332 6.52 -69.72 50.75
N ALA H 333 7.05 -68.54 51.10
CA ALA H 333 7.34 -67.50 50.14
C ALA H 333 8.84 -67.27 50.06
N PRO H 334 9.53 -67.69 48.99
CA PRO H 334 10.98 -67.50 48.91
C PRO H 334 11.38 -66.02 48.86
N PRO H 335 12.55 -65.57 49.26
CA PRO H 335 13.14 -64.35 48.70
C PRO H 335 13.41 -64.52 47.20
N GLU H 336 13.60 -63.40 46.48
CA GLU H 336 14.02 -63.34 45.09
C GLU H 336 13.24 -64.22 44.09
N ARG H 337 11.90 -64.29 44.28
CA ARG H 337 11.00 -65.15 43.54
C ARG H 337 11.05 -65.03 42.03
N LYS H 338 11.44 -63.85 41.52
CA LYS H 338 11.61 -63.50 40.12
C LYS H 338 12.62 -64.40 39.42
N TYR H 339 13.57 -64.99 40.17
CA TYR H 339 14.60 -65.81 39.56
C TYR H 339 14.42 -67.26 39.94
N SER H 340 13.31 -67.62 40.64
CA SER H 340 13.09 -68.96 41.17
C SER H 340 13.27 -70.08 40.17
N VAL H 341 12.52 -70.04 39.05
CA VAL H 341 12.60 -70.99 37.95
C VAL H 341 14.01 -71.25 37.47
N TRP H 342 14.80 -70.18 37.26
CA TRP H 342 16.16 -70.26 36.78
C TRP H 342 17.06 -70.95 37.78
N ILE H 343 16.90 -70.61 39.08
CA ILE H 343 17.63 -71.24 40.18
C ILE H 343 17.28 -72.71 40.32
N GLY H 344 16.10 -73.12 39.85
CA GLY H 344 15.71 -74.51 39.65
C GLY H 344 16.55 -75.19 38.62
N GLY H 345 16.49 -74.66 37.38
CA GLY H 345 17.19 -75.20 36.20
C GLY H 345 18.66 -75.38 36.43
N SER H 346 19.29 -74.40 37.08
CA SER H 346 20.71 -74.36 37.41
C SER H 346 21.17 -75.58 38.19
N ILE H 347 20.44 -76.00 39.24
CA ILE H 347 20.78 -77.20 40.00
C ILE H 347 20.69 -78.48 39.21
N LEU H 348 19.66 -78.59 38.34
CA LEU H 348 19.37 -79.83 37.65
C LEU H 348 20.44 -80.16 36.64
N ALA H 349 20.59 -79.29 35.63
CA ALA H 349 21.48 -79.46 34.51
C ALA H 349 22.96 -79.47 34.86
N SER H 350 23.35 -78.99 36.06
CA SER H 350 24.76 -79.03 36.45
C SER H 350 25.17 -80.37 37.02
N LEU H 351 24.24 -81.09 37.67
CA LEU H 351 24.50 -82.36 38.32
C LEU H 351 24.29 -83.62 37.49
N SER H 352 25.12 -84.65 37.77
CA SER H 352 24.77 -86.05 37.56
C SER H 352 23.57 -86.41 38.47
N THR H 353 22.61 -87.29 38.14
CA THR H 353 22.48 -88.20 37.01
C THR H 353 22.24 -87.58 35.65
N PHE H 354 21.51 -86.44 35.53
CA PHE H 354 21.00 -86.01 34.23
C PHE H 354 21.99 -85.66 33.11
N GLN H 355 23.32 -85.81 33.27
CA GLN H 355 24.27 -85.77 32.18
C GLN H 355 24.02 -86.74 31.03
N GLN H 356 23.50 -87.96 31.30
CA GLN H 356 23.11 -88.89 30.25
C GLN H 356 21.63 -88.81 29.87
N MET H 357 20.87 -87.77 30.29
CA MET H 357 19.45 -87.71 29.96
C MET H 357 19.06 -86.67 28.96
N TRP H 358 20.02 -86.08 28.25
CA TRP H 358 19.77 -85.14 27.19
C TRP H 358 19.33 -85.82 25.91
N ILE H 359 18.65 -85.09 25.01
CA ILE H 359 18.39 -85.56 23.66
C ILE H 359 19.55 -85.10 22.81
N THR H 360 20.43 -86.04 22.40
CA THR H 360 21.66 -85.73 21.68
C THR H 360 21.47 -85.70 20.17
N LYS H 361 22.47 -85.19 19.42
CA LYS H 361 22.40 -84.92 18.00
C LYS H 361 22.03 -86.10 17.14
N GLN H 362 22.71 -87.27 17.30
CA GLN H 362 22.37 -88.46 16.56
C GLN H 362 21.00 -88.99 16.90
N GLU H 363 20.65 -88.95 18.20
CA GLU H 363 19.38 -89.39 18.73
C GLU H 363 18.24 -88.58 18.15
N TYR H 364 18.40 -87.25 18.11
CA TYR H 364 17.50 -86.31 17.47
C TYR H 364 17.39 -86.53 15.96
N ASP H 365 18.51 -86.70 15.24
CA ASP H 365 18.51 -86.90 13.80
C ASP H 365 17.78 -88.18 13.40
N GLU H 366 18.04 -89.28 14.14
CA GLU H 366 17.40 -90.56 13.96
C GLU H 366 15.92 -90.50 14.32
N ALA H 367 15.57 -89.85 15.44
CA ALA H 367 14.22 -89.82 15.97
C ALA H 367 13.27 -88.88 15.25
N GLY H 368 13.72 -87.66 14.89
CA GLY H 368 12.86 -86.67 14.25
C GLY H 368 12.07 -85.86 15.27
N PRO H 369 11.09 -85.06 14.89
CA PRO H 369 10.37 -84.18 15.81
C PRO H 369 9.55 -84.90 16.87
N SER H 370 9.10 -86.14 16.64
CA SER H 370 8.32 -86.88 17.62
C SER H 370 9.14 -87.50 18.75
N ILE H 371 10.25 -86.85 19.17
CA ILE H 371 11.08 -87.25 20.28
C ILE H 371 10.80 -86.50 21.57
N VAL H 372 10.05 -85.39 21.52
CA VAL H 372 9.79 -84.57 22.70
C VAL H 372 9.00 -85.29 23.78
N HIS H 373 7.92 -86.00 23.39
CA HIS H 373 7.11 -86.73 24.33
C HIS H 373 7.67 -88.16 24.54
N THR I 7 -43.76 -32.81 35.48
CA THR I 7 -44.24 -33.93 34.59
C THR I 7 -43.25 -34.29 33.50
N THR I 8 -43.31 -33.67 32.29
CA THR I 8 -42.42 -33.99 31.18
C THR I 8 -40.95 -33.69 31.51
N ALA I 9 -40.06 -34.66 31.25
CA ALA I 9 -38.63 -34.48 31.43
C ALA I 9 -37.93 -33.81 30.25
N LEU I 10 -36.67 -33.39 30.45
CA LEU I 10 -35.90 -32.70 29.44
C LEU I 10 -34.68 -33.54 29.14
N VAL I 11 -34.49 -33.95 27.87
CA VAL I 11 -33.27 -34.58 27.41
C VAL I 11 -32.35 -33.54 26.80
N CYS I 12 -31.24 -33.26 27.46
CA CYS I 12 -30.28 -32.26 27.07
C CYS I 12 -29.00 -33.05 26.95
N ASP I 13 -28.47 -33.15 25.73
CA ASP I 13 -27.38 -34.05 25.45
C ASP I 13 -26.13 -33.21 25.33
N ASN I 14 -25.14 -33.52 26.21
CA ASN I 14 -23.84 -32.92 26.27
C ASN I 14 -22.96 -33.41 25.17
N GLY I 15 -23.31 -33.03 23.93
CA GLY I 15 -22.47 -33.16 22.75
C GLY I 15 -21.03 -32.74 22.92
N SER I 16 -20.19 -33.32 22.06
CA SER I 16 -18.81 -32.96 21.88
C SER I 16 -18.71 -31.93 20.78
N GLY I 17 -19.79 -31.81 19.98
CA GLY I 17 -19.98 -30.85 18.92
C GLY I 17 -20.36 -29.45 19.41
N LEU I 18 -21.59 -28.92 19.34
CA LEU I 18 -22.93 -29.44 19.07
C LEU I 18 -23.63 -30.03 20.25
N VAL I 19 -23.88 -29.19 21.28
CA VAL I 19 -24.77 -29.54 22.37
C VAL I 19 -26.20 -29.50 21.86
N LYS I 20 -27.02 -30.49 22.23
CA LYS I 20 -28.36 -30.69 21.70
C LYS I 20 -29.36 -30.58 22.83
N ALA I 21 -30.48 -29.85 22.63
CA ALA I 21 -31.46 -29.74 23.68
C ALA I 21 -32.87 -29.83 23.13
N GLY I 22 -33.74 -30.63 23.82
CA GLY I 22 -35.11 -30.83 23.40
C GLY I 22 -35.86 -31.66 24.42
N PHE I 23 -37.17 -31.43 24.60
CA PHE I 23 -37.96 -32.11 25.62
C PHE I 23 -38.08 -33.62 25.38
N ALA I 24 -38.61 -34.39 26.35
CA ALA I 24 -38.78 -35.82 26.20
C ALA I 24 -39.84 -36.16 25.17
N GLY I 25 -39.44 -36.81 24.06
CA GLY I 25 -40.33 -37.11 22.96
C GLY I 25 -40.56 -35.95 22.01
N ASP I 26 -40.71 -36.15 20.69
CA ASP I 26 -40.74 -37.43 19.97
C ASP I 26 -40.38 -37.17 18.51
N ASP I 27 -39.86 -35.97 18.22
CA ASP I 27 -39.66 -35.47 16.88
C ASP I 27 -38.17 -35.31 16.65
N ALA I 28 -37.56 -34.25 17.22
CA ALA I 28 -36.17 -33.94 17.01
C ALA I 28 -35.76 -32.99 18.12
N PRO I 29 -34.49 -32.68 18.34
CA PRO I 29 -34.09 -31.68 19.32
C PRO I 29 -34.55 -30.31 18.88
N ARG I 30 -34.93 -29.41 19.81
CA ARG I 30 -35.28 -28.03 19.50
C ARG I 30 -34.09 -27.21 19.07
N ALA I 31 -32.95 -27.35 19.76
CA ALA I 31 -31.83 -26.48 19.55
C ALA I 31 -30.53 -27.22 19.45
N VAL I 32 -29.77 -26.91 18.40
CA VAL I 32 -28.45 -27.45 18.17
C VAL I 32 -27.58 -26.28 17.77
N PHE I 33 -26.37 -26.14 18.36
CA PHE I 33 -25.52 -24.99 18.08
C PHE I 33 -24.06 -25.31 18.39
N PRO I 34 -23.06 -24.65 17.81
CA PRO I 34 -21.66 -25.09 17.85
C PRO I 34 -20.95 -25.13 19.20
N SER I 35 -21.60 -24.89 20.35
CA SER I 35 -21.09 -25.01 21.72
C SER I 35 -20.07 -23.97 22.14
N ILE I 36 -19.43 -23.29 21.18
CA ILE I 36 -18.47 -22.23 21.36
C ILE I 36 -18.93 -21.05 22.20
N VAL I 37 -18.00 -20.54 23.02
CA VAL I 37 -18.04 -19.23 23.64
C VAL I 37 -16.92 -18.42 23.04
N GLY I 38 -17.16 -17.12 22.79
CA GLY I 38 -16.18 -16.26 22.14
C GLY I 38 -16.17 -14.88 22.70
N ARG I 39 -15.00 -14.45 23.21
CA ARG I 39 -14.79 -13.12 23.74
C ARG I 39 -14.42 -12.14 22.62
N PRO I 40 -14.70 -10.84 22.70
CA PRO I 40 -14.32 -9.85 21.70
C PRO I 40 -12.86 -9.38 21.81
N ARG I 41 -12.03 -9.62 20.79
CA ARG I 41 -10.58 -9.41 20.86
C ARG I 41 -9.98 -8.13 20.28
N HIS I 42 -10.76 -7.13 19.83
CA HIS I 42 -10.19 -5.89 19.28
C HIS I 42 -10.83 -4.68 19.95
N GLN I 43 -10.17 -3.51 19.89
CA GLN I 43 -10.62 -2.22 20.41
C GLN I 43 -11.96 -1.70 19.88
N GLY I 44 -12.88 -1.28 20.79
CA GLY I 44 -14.25 -0.88 20.43
C GLY I 44 -14.42 0.61 20.27
N VAL I 45 -14.88 1.09 19.10
CA VAL I 45 -14.92 2.51 18.79
C VAL I 45 -16.30 3.11 18.60
N MET I 46 -17.37 2.33 18.40
CA MET I 46 -18.72 2.90 18.40
C MET I 46 -19.25 2.75 19.80
N VAL I 47 -19.22 3.82 20.60
CA VAL I 47 -19.88 3.86 21.90
C VAL I 47 -21.40 3.81 21.83
N GLY I 48 -21.92 2.61 21.55
CA GLY I 48 -23.30 2.22 21.70
C GLY I 48 -23.46 1.62 23.08
N MET I 49 -23.09 0.36 23.34
CA MET I 49 -22.52 -0.63 22.43
C MET I 49 -23.04 -2.02 22.79
N GLY I 50 -23.40 -2.25 24.06
CA GLY I 50 -24.18 -3.41 24.48
C GLY I 50 -23.44 -4.72 24.53
N GLN I 51 -22.10 -4.70 24.51
CA GLN I 51 -21.30 -5.89 24.38
C GLN I 51 -21.38 -6.81 25.58
N LYS I 52 -21.56 -8.12 25.33
CA LYS I 52 -21.66 -9.09 26.40
C LYS I 52 -20.31 -9.71 26.70
N ASP I 53 -20.20 -10.39 27.86
CA ASP I 53 -18.98 -11.03 28.33
C ASP I 53 -18.59 -12.15 27.36
N SER I 54 -19.59 -12.93 26.95
CA SER I 54 -19.40 -13.87 25.86
C SER I 54 -20.66 -14.13 25.07
N TYR I 55 -20.49 -14.21 23.74
CA TYR I 55 -21.51 -14.63 22.81
C TYR I 55 -21.38 -16.13 22.76
N VAL I 56 -22.48 -16.88 22.92
CA VAL I 56 -22.46 -18.30 22.64
C VAL I 56 -22.84 -18.47 21.17
N GLY I 57 -22.73 -19.67 20.60
CA GLY I 57 -23.39 -19.97 19.33
C GLY I 57 -24.87 -20.15 19.58
N ASP I 58 -25.81 -19.79 18.70
CA ASP I 58 -25.78 -19.26 17.36
C ASP I 58 -25.08 -17.91 17.18
N GLU I 59 -25.27 -16.90 18.04
CA GLU I 59 -24.69 -15.58 17.81
C GLU I 59 -23.17 -15.51 17.63
N ALA I 60 -22.38 -16.43 18.22
CA ALA I 60 -20.95 -16.54 18.00
C ALA I 60 -20.58 -17.20 16.68
N GLN I 61 -21.57 -17.62 15.88
CA GLN I 61 -21.35 -18.18 14.57
C GLN I 61 -21.91 -17.22 13.53
N SER I 62 -22.60 -16.15 13.98
CA SER I 62 -23.04 -15.04 13.15
C SER I 62 -22.16 -13.83 13.35
N LYS I 63 -21.14 -13.94 14.20
CA LYS I 63 -20.30 -12.83 14.59
C LYS I 63 -18.85 -13.29 14.51
N ARG I 64 -18.56 -14.25 13.61
CA ARG I 64 -17.21 -14.72 13.37
C ARG I 64 -16.24 -13.64 12.90
N GLY I 65 -14.94 -13.84 13.17
CA GLY I 65 -13.86 -12.98 12.72
C GLY I 65 -13.57 -11.81 13.64
N ILE I 66 -14.34 -11.63 14.72
CA ILE I 66 -14.08 -10.60 15.71
C ILE I 66 -14.13 -11.17 17.11
N LEU I 67 -14.05 -12.51 17.22
CA LEU I 67 -14.14 -13.18 18.51
C LEU I 67 -13.01 -14.18 18.64
N THR I 68 -12.83 -14.78 19.83
CA THR I 68 -11.87 -15.86 20.02
C THR I 68 -12.60 -17.09 20.50
N LEU I 69 -12.96 -17.99 19.55
CA LEU I 69 -13.71 -19.19 19.85
C LEU I 69 -13.00 -20.19 20.77
N LYS I 70 -13.65 -20.65 21.85
CA LYS I 70 -13.10 -21.68 22.70
C LYS I 70 -14.16 -22.74 22.93
N TYR I 71 -14.00 -23.95 22.34
CA TYR I 71 -14.95 -25.03 22.54
C TYR I 71 -14.88 -25.49 24.00
N PRO I 72 -15.96 -25.65 24.76
CA PRO I 72 -15.88 -25.95 26.17
C PRO I 72 -15.55 -27.40 26.43
N ILE I 73 -15.56 -28.27 25.42
CA ILE I 73 -15.18 -29.67 25.57
C ILE I 73 -14.10 -30.05 24.58
N GLU I 74 -13.00 -30.65 25.09
CA GLU I 74 -11.83 -30.92 24.30
C GLU I 74 -11.29 -32.26 24.71
N HIS I 75 -11.03 -33.16 23.75
CA HIS I 75 -10.62 -34.54 23.96
C HIS I 75 -11.54 -35.27 24.93
N GLY I 76 -12.85 -35.03 24.83
CA GLY I 76 -13.90 -35.71 25.60
C GLY I 76 -14.10 -35.23 27.01
N ILE I 77 -13.33 -34.24 27.46
CA ILE I 77 -13.52 -33.67 28.78
C ILE I 77 -13.68 -32.17 28.72
N ILE I 78 -14.64 -31.64 29.52
CA ILE I 78 -14.91 -30.22 29.63
C ILE I 78 -13.75 -29.43 30.22
N THR I 79 -13.45 -28.27 29.61
CA THR I 79 -12.29 -27.44 29.91
C THR I 79 -12.31 -26.78 31.28
N ASN I 80 -13.44 -26.18 31.68
CA ASN I 80 -13.62 -25.57 32.98
C ASN I 80 -15.10 -25.30 33.15
N TRP I 81 -15.64 -25.32 34.38
CA TRP I 81 -17.07 -25.09 34.55
C TRP I 81 -17.45 -23.63 34.54
N ASP I 82 -16.46 -22.74 34.49
CA ASP I 82 -16.68 -21.32 34.34
C ASP I 82 -17.30 -20.98 33.00
N ASP I 83 -16.88 -21.63 31.90
CA ASP I 83 -17.50 -21.46 30.59
C ASP I 83 -18.72 -22.36 30.46
N MET I 84 -18.66 -23.60 30.99
CA MET I 84 -19.76 -24.56 30.92
C MET I 84 -21.06 -24.07 31.53
N GLU I 85 -21.04 -23.47 32.73
CA GLU I 85 -22.25 -22.94 33.34
C GLU I 85 -22.93 -21.87 32.48
N LYS I 86 -22.14 -21.06 31.74
CA LYS I 86 -22.68 -20.05 30.84
C LYS I 86 -23.33 -20.70 29.62
N ILE I 87 -22.74 -21.80 29.09
CA ILE I 87 -23.42 -22.69 28.13
C ILE I 87 -24.78 -23.12 28.62
N TRP I 88 -24.88 -23.68 29.84
CA TRP I 88 -26.11 -24.16 30.43
C TRP I 88 -27.16 -23.06 30.50
N HIS I 89 -26.83 -21.91 31.14
CA HIS I 89 -27.73 -20.75 31.25
C HIS I 89 -28.28 -20.32 29.88
N HIS I 90 -27.39 -20.21 28.88
CA HIS I 90 -27.78 -19.93 27.50
C HIS I 90 -28.73 -20.95 26.92
N THR I 91 -28.42 -22.24 27.11
CA THR I 91 -29.15 -23.38 26.55
C THR I 91 -30.57 -23.43 27.05
N PHE I 92 -30.78 -23.43 28.38
CA PHE I 92 -32.13 -23.46 28.92
C PHE I 92 -32.92 -22.21 28.58
N TYR I 93 -32.31 -21.03 28.76
CA TYR I 93 -33.04 -19.80 28.67
C TYR I 93 -33.35 -19.24 27.31
N ASN I 94 -32.38 -19.12 26.38
CA ASN I 94 -32.65 -18.38 25.14
C ASN I 94 -32.88 -19.29 23.96
N GLU I 95 -33.02 -20.59 24.21
CA GLU I 95 -33.36 -21.59 23.22
C GLU I 95 -34.67 -22.18 23.68
N LEU I 96 -34.65 -23.11 24.65
CA LEU I 96 -35.83 -23.82 25.12
C LEU I 96 -36.95 -22.97 25.72
N ARG I 97 -36.61 -21.93 26.52
CA ARG I 97 -37.54 -21.03 27.19
C ARG I 97 -38.29 -21.67 28.35
N VAL I 98 -37.59 -22.34 29.26
CA VAL I 98 -38.26 -22.99 30.38
C VAL I 98 -37.35 -22.95 31.59
N ALA I 99 -37.92 -22.84 32.82
CA ALA I 99 -37.16 -22.89 34.04
C ALA I 99 -36.65 -24.29 34.39
N PRO I 100 -35.43 -24.51 34.91
CA PRO I 100 -34.94 -25.83 35.28
C PRO I 100 -35.57 -26.33 36.56
N GLU I 101 -36.29 -25.47 37.30
CA GLU I 101 -36.96 -25.90 38.51
C GLU I 101 -38.26 -26.62 38.22
N GLU I 102 -38.73 -26.61 36.96
CA GLU I 102 -39.99 -27.24 36.56
C GLU I 102 -39.89 -28.62 35.91
N HIS I 103 -38.73 -29.30 35.91
CA HIS I 103 -38.68 -30.60 35.24
C HIS I 103 -37.62 -31.49 35.86
N PRO I 104 -37.79 -32.80 36.06
CA PRO I 104 -36.66 -33.71 36.12
C PRO I 104 -35.85 -33.71 34.83
N THR I 105 -34.52 -33.56 34.89
CA THR I 105 -33.75 -33.46 33.66
C THR I 105 -33.00 -34.75 33.44
N LEU I 106 -32.46 -34.97 32.24
CA LEU I 106 -31.71 -36.16 31.89
C LEU I 106 -30.47 -35.72 31.18
N LEU I 107 -29.28 -36.01 31.71
CA LEU I 107 -28.05 -35.54 31.14
C LEU I 107 -27.21 -36.70 30.65
N THR I 108 -26.30 -36.45 29.71
CA THR I 108 -25.41 -37.45 29.15
C THR I 108 -23.97 -37.12 29.44
N GLU I 109 -23.07 -38.13 29.36
CA GLU I 109 -21.64 -37.91 29.47
C GLU I 109 -21.02 -38.85 28.46
N ALA I 110 -19.69 -38.96 28.37
CA ALA I 110 -19.04 -39.89 27.47
C ALA I 110 -18.85 -41.28 28.08
N PRO I 111 -18.98 -42.40 27.34
CA PRO I 111 -18.67 -43.73 27.84
C PRO I 111 -17.21 -43.81 28.28
N LEU I 112 -16.92 -44.20 29.53
CA LEU I 112 -15.56 -44.22 30.05
C LEU I 112 -14.97 -42.80 30.15
N ASN I 113 -15.43 -41.99 31.12
CA ASN I 113 -14.96 -40.63 31.25
C ASN I 113 -14.24 -40.46 32.58
N PRO I 114 -13.21 -39.63 32.72
CA PRO I 114 -12.47 -39.49 33.97
C PRO I 114 -13.24 -39.19 35.22
N LYS I 115 -13.05 -39.99 36.28
CA LYS I 115 -13.47 -39.65 37.62
C LYS I 115 -12.56 -38.52 38.11
N ALA I 116 -13.06 -37.42 38.69
CA ALA I 116 -14.35 -37.18 39.29
C ALA I 116 -15.16 -36.19 38.45
N ASN I 117 -15.03 -36.22 37.11
CA ASN I 117 -15.80 -35.36 36.21
C ASN I 117 -17.30 -35.63 36.23
N ARG I 118 -17.78 -36.76 36.77
CA ARG I 118 -19.21 -36.99 36.86
C ARG I 118 -19.72 -36.50 38.19
N GLU I 119 -18.93 -36.62 39.27
CA GLU I 119 -19.19 -36.02 40.56
C GLU I 119 -19.26 -34.52 40.42
N LYS I 120 -18.13 -33.84 40.15
CA LYS I 120 -18.02 -32.40 39.93
C LYS I 120 -19.14 -31.78 39.08
N MET I 121 -19.56 -32.49 37.99
CA MET I 121 -20.72 -32.18 37.18
C MET I 121 -22.02 -32.24 37.96
N THR I 122 -22.36 -33.44 38.49
CA THR I 122 -23.56 -33.74 39.28
C THR I 122 -23.72 -32.74 40.42
N GLN I 123 -22.59 -32.42 41.08
CA GLN I 123 -22.53 -31.56 42.24
C GLN I 123 -22.77 -30.12 41.87
N ILE I 124 -22.02 -29.57 40.89
CA ILE I 124 -22.27 -28.22 40.43
C ILE I 124 -23.66 -27.98 39.86
N MET I 125 -24.18 -28.87 38.99
CA MET I 125 -25.48 -28.64 38.37
C MET I 125 -26.68 -28.60 39.32
N PHE I 126 -26.60 -29.32 40.44
CA PHE I 126 -27.64 -29.32 41.45
C PHE I 126 -27.62 -28.04 42.26
N GLU I 127 -26.40 -27.55 42.54
CA GLU I 127 -26.19 -26.41 43.40
C GLU I 127 -26.34 -25.11 42.63
N THR I 128 -26.05 -25.09 41.32
CA THR I 128 -26.26 -23.91 40.49
C THR I 128 -27.69 -23.78 40.04
N PHE I 129 -28.34 -24.81 39.47
CA PHE I 129 -29.67 -24.60 38.91
C PHE I 129 -30.83 -25.11 39.76
N ASN I 130 -30.59 -25.98 40.77
CA ASN I 130 -31.60 -26.41 41.73
C ASN I 130 -32.76 -27.15 41.06
N VAL I 131 -32.42 -28.04 40.11
CA VAL I 131 -33.30 -28.96 39.42
C VAL I 131 -34.05 -29.96 40.32
N PRO I 132 -35.26 -30.46 40.00
CA PRO I 132 -35.99 -31.34 40.91
C PRO I 132 -35.33 -32.69 41.11
N ALA I 133 -34.77 -33.28 40.03
CA ALA I 133 -34.04 -34.52 40.05
C ALA I 133 -33.25 -34.61 38.76
N MET I 134 -32.23 -35.49 38.68
CA MET I 134 -31.40 -35.59 37.50
C MET I 134 -30.77 -36.97 37.42
N TYR I 135 -30.16 -37.32 36.27
CA TYR I 135 -29.48 -38.58 36.09
C TYR I 135 -28.48 -38.41 34.96
N VAL I 136 -27.39 -39.21 34.92
CA VAL I 136 -26.40 -39.14 33.85
C VAL I 136 -26.26 -40.48 33.18
N ALA I 137 -26.67 -40.59 31.90
CA ALA I 137 -26.51 -41.79 31.09
C ALA I 137 -25.40 -41.65 30.04
N ILE I 138 -24.60 -42.69 29.76
CA ILE I 138 -23.58 -42.57 28.73
C ILE I 138 -24.15 -42.55 27.29
N GLN I 139 -23.58 -41.73 26.37
CA GLN I 139 -24.16 -41.48 25.05
C GLN I 139 -24.25 -42.70 24.14
N ALA I 140 -23.35 -43.69 24.26
CA ALA I 140 -23.36 -44.86 23.40
C ALA I 140 -24.53 -45.80 23.65
N VAL I 141 -24.83 -46.14 24.91
CA VAL I 141 -25.90 -47.05 25.31
C VAL I 141 -27.25 -46.66 24.77
N LEU I 142 -27.55 -45.35 24.75
CA LEU I 142 -28.79 -44.83 24.24
C LEU I 142 -29.02 -45.13 22.77
N SER I 143 -27.94 -45.29 21.98
CA SER I 143 -28.06 -45.57 20.57
C SER I 143 -28.63 -46.96 20.28
N LEU I 144 -28.72 -47.86 21.30
CA LEU I 144 -29.42 -49.13 21.17
C LEU I 144 -30.90 -48.90 20.93
N TYR I 145 -31.50 -48.02 21.73
CA TYR I 145 -32.92 -47.73 21.71
C TYR I 145 -33.39 -47.16 20.40
N ALA I 146 -32.60 -46.26 19.80
CA ALA I 146 -32.90 -45.63 18.53
C ALA I 146 -33.03 -46.60 17.35
N SER I 147 -32.38 -47.77 17.45
CA SER I 147 -32.48 -48.81 16.44
C SER I 147 -33.34 -49.98 16.91
N GLY I 148 -33.67 -50.05 18.21
CA GLY I 148 -34.55 -51.08 18.77
C GLY I 148 -33.86 -52.39 19.04
N ARG I 149 -32.53 -52.44 18.86
CA ARG I 149 -31.68 -53.59 19.13
C ARG I 149 -31.87 -54.30 20.46
N THR I 150 -31.52 -55.60 20.50
CA THR I 150 -31.50 -56.37 21.73
C THR I 150 -30.11 -56.94 21.91
N THR I 151 -29.18 -56.65 20.99
CA THR I 151 -27.82 -57.19 20.96
C THR I 151 -27.09 -56.29 19.99
N GLY I 152 -25.74 -56.13 20.09
CA GLY I 152 -24.97 -55.35 19.12
C GLY I 152 -24.05 -54.31 19.69
N ILE I 153 -23.07 -53.89 18.86
CA ILE I 153 -22.05 -52.91 19.18
C ILE I 153 -22.39 -51.47 18.79
N VAL I 154 -22.38 -50.55 19.78
CA VAL I 154 -22.71 -49.13 19.70
C VAL I 154 -21.54 -48.14 19.64
N LEU I 155 -21.56 -47.26 18.61
CA LEU I 155 -20.63 -46.20 18.24
C LEU I 155 -20.97 -44.69 18.49
N ASP I 156 -20.50 -43.99 19.56
CA ASP I 156 -20.79 -42.54 19.72
C ASP I 156 -19.50 -41.95 19.27
N SER I 157 -19.54 -41.34 18.07
CA SER I 157 -18.40 -40.78 17.40
C SER I 157 -18.73 -39.34 17.12
N GLY I 158 -18.11 -38.40 17.87
CA GLY I 158 -18.22 -36.97 17.65
C GLY I 158 -16.89 -36.28 17.66
N ASP I 159 -16.79 -35.06 17.13
CA ASP I 159 -15.61 -34.22 17.30
C ASP I 159 -15.28 -33.91 18.79
N GLY I 160 -14.22 -34.45 19.44
CA GLY I 160 -13.25 -35.45 19.01
C GLY I 160 -13.01 -36.66 19.87
N VAL I 161 -14.07 -37.35 20.33
CA VAL I 161 -13.92 -38.66 20.97
C VAL I 161 -14.98 -39.61 20.46
N THR I 162 -14.51 -40.74 19.88
CA THR I 162 -15.29 -41.89 19.46
C THR I 162 -15.29 -43.00 20.50
N HIS I 163 -16.26 -43.94 20.46
CA HIS I 163 -16.22 -45.10 21.34
C HIS I 163 -16.79 -46.34 20.66
N ASN I 164 -16.38 -47.54 21.12
CA ASN I 164 -16.80 -48.84 20.59
C ASN I 164 -17.27 -49.74 21.72
N VAL I 165 -18.59 -49.78 22.03
CA VAL I 165 -19.12 -50.56 23.15
C VAL I 165 -19.94 -51.78 22.68
N PRO I 166 -19.58 -53.05 22.95
CA PRO I 166 -20.45 -54.19 22.62
C PRO I 166 -21.45 -54.52 23.72
N ILE I 167 -22.76 -54.65 23.41
CA ILE I 167 -23.81 -54.96 24.38
C ILE I 167 -24.63 -56.17 23.95
N TYR I 168 -24.87 -57.14 24.85
CA TYR I 168 -25.70 -58.31 24.59
C TYR I 168 -27.03 -58.16 25.31
N GLU I 169 -28.05 -58.96 24.97
CA GLU I 169 -29.36 -58.95 25.60
C GLU I 169 -29.30 -59.27 27.10
N GLY I 170 -29.50 -58.33 28.03
CA GLY I 170 -29.72 -56.88 27.94
C GLY I 170 -28.74 -56.26 28.90
N TYR I 171 -27.52 -56.81 28.87
CA TYR I 171 -26.43 -56.54 29.76
C TYR I 171 -25.22 -56.01 29.02
N ALA I 172 -24.50 -55.07 29.65
CA ALA I 172 -23.30 -54.51 29.09
C ALA I 172 -22.11 -55.24 29.66
N LEU I 173 -21.03 -55.35 28.88
CA LEU I 173 -19.85 -56.06 29.27
C LEU I 173 -18.82 -55.06 29.76
N PRO I 174 -18.32 -55.05 31.00
CA PRO I 174 -17.36 -54.04 31.44
C PRO I 174 -16.00 -54.29 30.83
N HIS I 175 -15.78 -55.46 30.23
CA HIS I 175 -14.47 -55.92 29.84
C HIS I 175 -14.29 -55.93 28.35
N ALA I 176 -15.13 -55.21 27.59
CA ALA I 176 -15.00 -55.24 26.14
C ALA I 176 -15.12 -53.86 25.53
N ILE I 177 -15.13 -52.80 26.35
CA ILE I 177 -15.36 -51.45 25.86
C ILE I 177 -14.09 -50.73 25.45
N MET I 178 -14.09 -50.11 24.25
CA MET I 178 -12.97 -49.32 23.79
C MET I 178 -13.30 -47.85 23.62
N ARG I 179 -12.53 -46.93 24.23
CA ARG I 179 -12.68 -45.51 24.02
C ARG I 179 -11.46 -45.00 23.26
N LEU I 180 -11.63 -44.45 22.04
CA LEU I 180 -10.51 -43.82 21.34
C LEU I 180 -10.68 -42.32 21.35
N ASP I 181 -9.70 -41.52 21.79
CA ASP I 181 -9.72 -40.09 21.55
C ASP I 181 -9.12 -39.79 20.16
N LEU I 182 -9.83 -40.13 19.07
CA LEU I 182 -9.25 -40.08 17.73
C LEU I 182 -10.07 -39.47 16.61
N ALA I 183 -11.41 -39.49 16.66
CA ALA I 183 -12.22 -38.90 15.62
C ALA I 183 -13.26 -38.09 16.34
N GLY I 184 -13.69 -36.91 15.87
CA GLY I 184 -13.52 -36.30 14.55
C GLY I 184 -12.77 -34.99 14.53
N ARG I 185 -12.51 -34.33 15.67
CA ARG I 185 -11.81 -33.05 15.71
C ARG I 185 -10.36 -33.14 15.23
N ASP I 186 -9.74 -34.33 15.31
CA ASP I 186 -8.43 -34.60 14.75
C ASP I 186 -8.52 -34.72 13.24
N LEU I 187 -9.69 -35.08 12.68
CA LEU I 187 -9.96 -35.05 11.25
C LEU I 187 -10.06 -33.60 10.81
N THR I 188 -10.69 -32.74 11.65
CA THR I 188 -10.74 -31.30 11.40
C THR I 188 -9.35 -30.71 11.32
N ASP I 189 -8.48 -30.96 12.34
CA ASP I 189 -7.10 -30.50 12.30
C ASP I 189 -6.31 -31.10 11.13
N TYR I 190 -6.55 -32.36 10.76
CA TYR I 190 -5.89 -32.99 9.63
C TYR I 190 -6.31 -32.38 8.31
N LEU I 191 -7.60 -32.07 8.13
CA LEU I 191 -8.08 -31.37 6.95
C LEU I 191 -7.42 -30.01 6.81
N MET I 192 -7.24 -29.30 7.95
CA MET I 192 -6.48 -28.07 7.92
C MET I 192 -5.00 -28.28 7.59
N LYS I 193 -4.43 -29.44 7.96
CA LYS I 193 -3.05 -29.78 7.69
C LYS I 193 -2.86 -30.21 6.24
N ILE I 194 -3.87 -30.79 5.56
CA ILE I 194 -3.72 -31.07 4.15
C ILE I 194 -4.37 -30.05 3.24
N LEU I 195 -5.07 -29.03 3.75
CA LEU I 195 -5.44 -27.94 2.85
C LEU I 195 -4.39 -26.85 2.79
N THR I 196 -3.53 -26.72 3.83
CA THR I 196 -2.29 -25.93 3.74
C THR I 196 -1.33 -26.52 2.74
N GLU I 197 -1.40 -27.86 2.58
CA GLU I 197 -0.61 -28.60 1.63
C GLU I 197 -0.92 -28.23 0.19
N ARG I 198 -2.11 -27.69 -0.14
CA ARG I 198 -2.41 -27.13 -1.46
C ARG I 198 -2.54 -25.62 -1.43
N GLY I 199 -1.89 -24.93 -0.47
CA GLY I 199 -1.65 -23.50 -0.59
C GLY I 199 -2.70 -22.56 -0.11
N TYR I 200 -3.72 -23.06 0.58
CA TYR I 200 -4.76 -22.20 1.14
C TYR I 200 -4.52 -22.23 2.64
N SER I 201 -4.04 -21.11 3.19
CA SER I 201 -3.54 -21.06 4.54
C SER I 201 -4.55 -20.57 5.54
N PHE I 202 -4.83 -21.39 6.57
CA PHE I 202 -5.82 -21.13 7.58
C PHE I 202 -5.17 -21.36 8.93
N VAL I 203 -5.28 -20.38 9.83
CA VAL I 203 -4.55 -20.41 11.08
C VAL I 203 -5.40 -19.84 12.20
N THR I 204 -6.37 -18.98 11.90
CA THR I 204 -7.13 -18.24 12.89
C THR I 204 -8.26 -19.07 13.44
N THR I 205 -8.59 -18.87 14.73
CA THR I 205 -9.57 -19.67 15.45
C THR I 205 -10.93 -19.64 14.83
N ALA I 206 -11.46 -18.45 14.52
CA ALA I 206 -12.75 -18.31 13.87
C ALA I 206 -12.84 -19.04 12.53
N GLU I 207 -11.83 -18.87 11.66
CA GLU I 207 -11.75 -19.48 10.34
C GLU I 207 -11.71 -20.99 10.39
N ARG I 208 -11.29 -21.60 11.52
CA ARG I 208 -11.28 -23.03 11.73
C ARG I 208 -12.68 -23.65 11.59
N GLU I 209 -13.75 -22.90 11.93
CA GLU I 209 -15.12 -23.31 11.65
C GLU I 209 -15.37 -23.57 10.16
N ILE I 210 -14.81 -22.75 9.23
CA ILE I 210 -14.93 -22.94 7.79
C ILE I 210 -14.38 -24.28 7.36
N VAL I 211 -13.26 -24.73 7.96
CA VAL I 211 -12.73 -26.07 7.75
C VAL I 211 -13.77 -27.12 8.12
N ARG I 212 -14.45 -26.97 9.27
CA ARG I 212 -15.54 -27.88 9.62
C ARG I 212 -16.68 -27.90 8.60
N ASP I 213 -17.05 -26.74 8.00
CA ASP I 213 -18.14 -26.73 7.05
C ASP I 213 -17.79 -27.44 5.75
N ILE I 214 -16.56 -27.32 5.22
CA ILE I 214 -16.16 -28.17 4.11
C ILE I 214 -15.89 -29.62 4.51
N LYS I 215 -15.63 -29.90 5.81
CA LYS I 215 -15.44 -31.26 6.30
C LYS I 215 -16.74 -32.02 6.28
N GLU I 216 -17.84 -31.31 6.58
CA GLU I 216 -19.20 -31.77 6.46
C GLU I 216 -19.56 -32.08 5.02
N LYS I 217 -19.63 -31.04 4.17
CA LYS I 217 -20.27 -31.10 2.89
C LYS I 217 -19.51 -31.85 1.80
N LEU I 218 -18.22 -31.55 1.55
CA LEU I 218 -17.58 -32.03 0.35
C LEU I 218 -16.88 -33.37 0.41
N CYS I 219 -16.30 -33.72 1.57
CA CYS I 219 -15.49 -34.91 1.75
C CYS I 219 -16.24 -36.25 1.64
N TYR I 220 -15.56 -37.36 1.28
CA TYR I 220 -16.18 -38.67 1.23
C TYR I 220 -15.14 -39.76 1.51
N VAL I 221 -15.57 -41.03 1.71
CA VAL I 221 -14.67 -42.16 1.99
C VAL I 221 -14.58 -43.01 0.75
N ALA I 222 -13.38 -43.50 0.40
CA ALA I 222 -13.18 -44.32 -0.78
C ALA I 222 -13.60 -45.75 -0.53
N LEU I 223 -13.91 -46.52 -1.57
CA LEU I 223 -14.22 -47.94 -1.44
C LEU I 223 -12.96 -48.77 -1.21
N ASP I 224 -11.90 -48.49 -1.98
CA ASP I 224 -10.59 -49.09 -1.78
C ASP I 224 -9.57 -47.98 -2.01
N PHE I 225 -8.78 -47.64 -0.97
CA PHE I 225 -7.88 -46.52 -0.95
C PHE I 225 -6.90 -46.50 -2.11
N GLU I 226 -6.07 -47.55 -2.22
CA GLU I 226 -5.05 -47.71 -3.24
C GLU I 226 -5.55 -47.55 -4.68
N ASN I 227 -6.76 -48.04 -4.98
CA ASN I 227 -7.30 -47.92 -6.31
C ASN I 227 -7.99 -46.59 -6.56
N GLU I 228 -8.57 -45.91 -5.54
CA GLU I 228 -9.04 -44.55 -5.75
C GLU I 228 -7.86 -43.58 -5.90
N MET I 229 -6.74 -43.88 -5.20
CA MET I 229 -5.51 -43.15 -5.29
C MET I 229 -4.85 -43.27 -6.66
N ALA I 230 -4.91 -44.47 -7.27
CA ALA I 230 -4.48 -44.70 -8.62
C ALA I 230 -5.23 -43.85 -9.64
N THR I 231 -6.58 -43.92 -9.61
CA THR I 231 -7.40 -43.20 -10.58
C THR I 231 -7.40 -41.69 -10.32
N ALA I 232 -7.06 -41.26 -9.09
CA ALA I 232 -6.82 -39.87 -8.74
C ALA I 232 -5.64 -39.25 -9.47
N ALA I 233 -4.60 -40.05 -9.77
CA ALA I 233 -3.39 -39.64 -10.45
C ALA I 233 -3.61 -39.24 -11.92
N SER I 234 -4.66 -39.78 -12.55
CA SER I 234 -5.16 -39.42 -13.89
C SER I 234 -5.36 -37.93 -14.09
N SER I 235 -5.44 -37.48 -15.36
CA SER I 235 -5.65 -36.08 -15.67
C SER I 235 -7.15 -35.78 -15.64
N SER I 236 -7.95 -36.84 -15.44
CA SER I 236 -9.39 -36.81 -15.20
C SER I 236 -9.72 -36.07 -13.91
N SER I 237 -10.86 -35.37 -13.89
CA SER I 237 -11.15 -34.40 -12.84
C SER I 237 -11.80 -35.03 -11.62
N LEU I 238 -11.27 -34.72 -10.42
CA LEU I 238 -11.96 -35.00 -9.17
C LEU I 238 -12.27 -33.68 -8.49
N GLU I 239 -11.87 -32.55 -9.11
CA GLU I 239 -12.06 -31.22 -8.59
C GLU I 239 -13.51 -30.84 -8.33
N LYS I 240 -13.82 -30.44 -7.09
CA LYS I 240 -15.11 -29.85 -6.77
C LYS I 240 -14.82 -28.42 -6.36
N SER I 241 -15.61 -27.45 -6.84
CA SER I 241 -15.32 -26.05 -6.63
C SER I 241 -16.08 -25.49 -5.47
N TYR I 242 -15.40 -25.08 -4.38
CA TYR I 242 -16.09 -24.40 -3.29
C TYR I 242 -15.94 -22.88 -3.41
N GLU I 243 -16.93 -22.10 -2.93
CA GLU I 243 -16.80 -20.66 -2.85
C GLU I 243 -16.76 -20.24 -1.38
N LEU I 244 -15.89 -19.28 -1.03
CA LEU I 244 -15.54 -18.98 0.36
C LEU I 244 -16.13 -17.65 0.79
N PRO I 245 -16.23 -17.28 2.08
CA PRO I 245 -16.99 -16.11 2.52
C PRO I 245 -16.53 -14.79 1.95
N ASP I 246 -15.21 -14.57 1.85
CA ASP I 246 -14.63 -13.38 1.29
C ASP I 246 -14.73 -13.24 -0.22
N GLY I 247 -14.96 -14.36 -0.94
CA GLY I 247 -15.17 -14.37 -2.37
C GLY I 247 -14.28 -15.35 -3.05
N GLN I 248 -13.36 -16.03 -2.33
CA GLN I 248 -12.31 -16.82 -2.94
C GLN I 248 -12.82 -18.19 -3.38
N VAL I 249 -12.23 -18.76 -4.45
CA VAL I 249 -12.62 -20.05 -5.03
C VAL I 249 -11.58 -21.14 -4.84
N ILE I 250 -11.91 -22.25 -4.14
CA ILE I 250 -10.99 -23.35 -3.93
C ILE I 250 -11.44 -24.58 -4.71
N THR I 251 -10.53 -25.19 -5.51
CA THR I 251 -10.79 -26.41 -6.27
C THR I 251 -9.97 -27.56 -5.70
N ILE I 252 -10.60 -28.45 -4.92
CA ILE I 252 -9.95 -29.59 -4.31
C ILE I 252 -10.35 -30.92 -4.91
N GLY I 253 -9.36 -31.82 -5.08
CA GLY I 253 -9.53 -33.15 -5.66
C GLY I 253 -9.10 -34.25 -4.73
N ASN I 254 -7.81 -34.65 -4.75
CA ASN I 254 -7.27 -35.73 -3.94
C ASN I 254 -7.59 -35.63 -2.45
N GLU I 255 -7.32 -34.49 -1.80
CA GLU I 255 -7.54 -34.28 -0.39
C GLU I 255 -8.98 -34.51 0.10
N ARG I 256 -9.97 -34.35 -0.81
CA ARG I 256 -11.37 -34.64 -0.61
C ARG I 256 -11.72 -36.04 -0.14
N PHE I 257 -11.03 -37.08 -0.68
CA PHE I 257 -11.28 -38.41 -0.21
C PHE I 257 -10.21 -38.75 0.75
N ARG I 258 -9.10 -38.03 0.83
CA ARG I 258 -8.00 -38.32 1.74
C ARG I 258 -8.48 -38.10 3.21
N CYS I 259 -8.99 -36.80 3.42
CA CYS I 259 -9.30 -36.64 4.87
C CYS I 259 -10.24 -37.88 5.51
N PRO I 260 -11.49 -38.34 4.98
CA PRO I 260 -12.45 -39.13 5.90
C PRO I 260 -11.82 -40.53 5.65
N GLU I 261 -11.03 -40.92 4.64
CA GLU I 261 -10.24 -42.18 4.51
C GLU I 261 -9.32 -41.94 5.63
N THR I 262 -9.05 -40.38 5.66
CA THR I 262 -8.21 -40.55 6.93
C THR I 262 -8.13 -41.60 8.42
N LEU I 263 -9.35 -41.97 9.18
CA LEU I 263 -10.23 -42.83 10.01
C LEU I 263 -9.88 -44.17 9.76
N PHE I 264 -9.40 -44.80 8.69
CA PHE I 264 -8.66 -46.10 8.68
C PHE I 264 -7.15 -45.84 8.71
N GLN I 265 -6.34 -46.79 9.26
CA GLN I 265 -4.87 -46.63 9.36
C GLN I 265 -4.44 -45.33 10.08
N PRO I 266 -4.60 -45.13 11.40
CA PRO I 266 -4.21 -43.90 12.11
C PRO I 266 -2.72 -43.64 12.07
N SER I 267 -1.94 -44.55 11.44
CA SER I 267 -0.55 -44.41 11.07
C SER I 267 -0.31 -43.25 10.11
N PHE I 268 -1.37 -42.73 9.44
CA PHE I 268 -1.30 -41.51 8.65
C PHE I 268 -0.90 -40.33 9.53
N ILE I 269 -1.43 -40.28 10.77
CA ILE I 269 -0.95 -39.35 11.78
C ILE I 269 0.32 -39.94 12.38
N GLY I 270 0.24 -41.20 12.86
CA GLY I 270 1.39 -41.96 13.34
C GLY I 270 1.26 -42.64 14.66
N MET I 271 0.16 -42.46 15.42
CA MET I 271 -0.07 -43.21 16.63
C MET I 271 -0.27 -44.72 16.43
N GLU I 272 0.04 -45.52 17.46
CA GLU I 272 0.08 -46.97 17.34
C GLU I 272 -1.29 -47.61 17.30
N SER I 273 -2.36 -46.89 17.70
CA SER I 273 -3.74 -47.36 17.66
C SER I 273 -4.20 -47.76 16.28
N ALA I 274 -4.97 -48.86 16.20
CA ALA I 274 -5.38 -49.42 14.94
C ALA I 274 -6.67 -48.79 14.51
N GLY I 275 -7.06 -48.96 13.22
CA GLY I 275 -8.23 -48.28 12.66
C GLY I 275 -9.52 -48.82 13.18
N ILE I 276 -10.64 -48.14 12.89
CA ILE I 276 -11.98 -48.57 13.27
C ILE I 276 -12.33 -49.98 12.85
N HIS I 277 -11.94 -50.39 11.62
CA HIS I 277 -11.77 -51.76 11.20
C HIS I 277 -11.33 -52.74 12.29
N GLU I 278 -10.15 -52.51 12.90
CA GLU I 278 -9.62 -53.41 13.89
C GLU I 278 -10.14 -53.15 15.29
N THR I 279 -10.49 -51.90 15.68
CA THR I 279 -10.98 -51.65 17.04
C THR I 279 -12.36 -52.21 17.26
N THR I 280 -13.16 -52.27 16.18
CA THR I 280 -14.45 -52.95 16.12
C THR I 280 -14.24 -54.43 16.37
N TYR I 281 -13.35 -55.05 15.58
CA TYR I 281 -13.01 -56.45 15.68
C TYR I 281 -12.45 -56.85 17.04
N ASN I 282 -11.48 -56.10 17.57
CA ASN I 282 -10.85 -56.40 18.83
C ASN I 282 -11.80 -56.28 20.00
N SER I 283 -12.90 -55.52 19.87
CA SER I 283 -13.91 -55.46 20.91
C SER I 283 -14.83 -56.67 20.84
N ILE I 284 -15.15 -57.15 19.63
CA ILE I 284 -15.94 -58.35 19.43
C ILE I 284 -15.20 -59.58 19.92
N MET I 285 -13.91 -59.75 19.58
CA MET I 285 -13.14 -60.87 20.08
C MET I 285 -12.64 -60.68 21.51
N LYS I 286 -13.25 -59.76 22.29
CA LYS I 286 -13.04 -59.64 23.72
C LYS I 286 -14.29 -60.04 24.48
N CYS I 287 -15.36 -60.42 23.77
CA CYS I 287 -16.58 -60.98 24.34
C CYS I 287 -16.52 -62.50 24.49
N ASP I 288 -17.42 -63.10 25.31
CA ASP I 288 -17.57 -64.54 25.47
C ASP I 288 -17.93 -65.26 24.17
N ILE I 289 -17.48 -66.52 24.00
CA ILE I 289 -17.49 -67.21 22.71
C ILE I 289 -18.84 -67.39 22.04
N ASP I 290 -19.88 -67.88 22.75
CA ASP I 290 -21.18 -68.18 22.16
C ASP I 290 -21.89 -66.92 21.67
N ILE I 291 -21.62 -65.77 22.31
CA ILE I 291 -22.31 -64.53 21.99
C ILE I 291 -21.81 -63.89 20.72
N ARG I 292 -20.58 -64.19 20.29
CA ARG I 292 -19.96 -63.56 19.13
C ARG I 292 -20.77 -63.71 17.85
N LYS I 293 -21.48 -64.84 17.72
CA LYS I 293 -22.40 -65.21 16.66
C LYS I 293 -23.48 -64.17 16.35
N ASP I 294 -23.96 -63.46 17.37
CA ASP I 294 -25.08 -62.56 17.23
C ASP I 294 -24.62 -61.11 17.29
N LEU I 295 -23.32 -60.87 17.53
CA LEU I 295 -22.75 -59.54 17.38
C LEU I 295 -22.62 -59.18 15.93
N TYR I 296 -22.24 -60.16 15.10
CA TYR I 296 -22.38 -60.04 13.66
C TYR I 296 -23.81 -59.75 13.26
N ALA I 297 -24.01 -58.75 12.38
CA ALA I 297 -25.31 -58.32 11.86
C ALA I 297 -26.08 -57.49 12.86
N ASN I 298 -25.40 -57.03 13.90
CA ASN I 298 -25.92 -56.05 14.84
C ASN I 298 -24.82 -55.01 15.04
N ASN I 299 -23.99 -54.83 13.98
CA ASN I 299 -23.04 -53.75 13.85
C ASN I 299 -23.79 -52.48 13.46
N VAL I 300 -24.07 -51.61 14.43
CA VAL I 300 -24.84 -50.38 14.25
C VAL I 300 -24.01 -49.13 14.35
N MET I 301 -23.86 -48.35 13.24
CA MET I 301 -23.03 -47.16 13.33
C MET I 301 -23.89 -46.02 13.87
N SER I 302 -23.28 -44.98 14.44
CA SER I 302 -24.02 -43.89 15.03
C SER I 302 -23.09 -42.71 15.12
N GLY I 303 -23.52 -41.58 15.70
CA GLY I 303 -22.75 -40.34 15.80
C GLY I 303 -22.61 -39.58 14.49
N GLY I 304 -22.64 -38.24 14.54
CA GLY I 304 -22.56 -37.36 13.39
C GLY I 304 -21.33 -37.50 12.54
N THR I 305 -20.20 -37.93 13.12
CA THR I 305 -18.97 -38.08 12.34
C THR I 305 -18.96 -39.33 11.49
N THR I 306 -20.07 -40.11 11.49
CA THR I 306 -20.26 -41.20 10.53
C THR I 306 -21.08 -40.80 9.33
N MET I 307 -21.36 -39.51 9.11
CA MET I 307 -22.20 -39.06 8.01
C MET I 307 -21.53 -38.83 6.67
N TYR I 308 -20.28 -39.28 6.46
CA TYR I 308 -19.69 -39.32 5.14
C TYR I 308 -20.42 -40.34 4.27
N PRO I 309 -20.83 -40.11 3.03
CA PRO I 309 -21.51 -41.13 2.23
C PRO I 309 -20.69 -42.36 1.84
N GLY I 310 -19.38 -42.41 2.15
CA GLY I 310 -18.55 -43.54 1.81
C GLY I 310 -18.56 -44.67 2.81
N ILE I 311 -19.28 -44.51 3.93
CA ILE I 311 -19.50 -45.57 4.89
C ILE I 311 -21.00 -45.78 4.91
N ALA I 312 -21.49 -47.01 5.17
CA ALA I 312 -20.84 -48.13 5.81
C ALA I 312 -20.31 -49.23 4.90
N ASP I 313 -20.35 -49.13 3.56
CA ASP I 313 -20.07 -50.29 2.73
C ASP I 313 -18.57 -50.44 2.49
N ARG I 314 -17.78 -49.38 2.78
CA ARG I 314 -16.36 -49.47 3.01
C ARG I 314 -16.06 -50.30 4.23
N MET I 315 -16.60 -49.90 5.40
CA MET I 315 -16.52 -50.63 6.64
C MET I 315 -16.92 -52.10 6.55
N GLN I 316 -18.01 -52.37 5.82
CA GLN I 316 -18.56 -53.69 5.52
C GLN I 316 -17.56 -54.52 4.77
N LYS I 317 -17.19 -54.11 3.54
CA LYS I 317 -16.20 -54.77 2.72
C LYS I 317 -14.88 -55.06 3.45
N GLU I 318 -14.42 -54.17 4.35
CA GLU I 318 -13.24 -54.42 5.17
C GLU I 318 -13.45 -55.45 6.28
N ILE I 319 -14.59 -55.42 7.00
CA ILE I 319 -14.85 -56.34 8.11
C ILE I 319 -15.05 -57.75 7.61
N THR I 320 -15.86 -57.94 6.56
CA THR I 320 -16.15 -59.26 5.96
C THR I 320 -14.91 -60.02 5.52
N ALA I 321 -13.83 -59.31 5.17
CA ALA I 321 -12.54 -59.85 4.81
C ALA I 321 -11.70 -60.36 5.99
N LEU I 322 -11.88 -59.76 7.18
CA LEU I 322 -11.11 -60.03 8.37
C LEU I 322 -11.77 -61.04 9.30
N ALA I 323 -13.11 -61.05 9.35
CA ALA I 323 -13.85 -61.97 10.19
C ALA I 323 -13.80 -63.42 9.69
N PRO I 324 -14.04 -64.45 10.52
CA PRO I 324 -14.23 -65.83 10.09
C PRO I 324 -15.14 -66.03 8.89
N SER I 325 -14.75 -66.87 7.92
CA SER I 325 -15.51 -67.09 6.69
C SER I 325 -16.86 -67.76 6.88
N THR I 326 -17.84 -67.42 6.02
CA THR I 326 -19.20 -67.98 5.94
C THR I 326 -20.15 -67.46 6.99
N MET I 327 -19.77 -66.38 7.68
CA MET I 327 -20.58 -65.73 8.68
C MET I 327 -21.35 -64.59 8.06
N LYS I 328 -22.65 -64.45 8.35
CA LYS I 328 -23.47 -63.40 7.76
C LYS I 328 -23.39 -62.12 8.57
N ILE I 329 -22.55 -61.18 8.09
CA ILE I 329 -22.22 -59.95 8.77
C ILE I 329 -22.70 -58.80 7.92
N LYS I 330 -23.67 -58.02 8.43
CA LYS I 330 -24.14 -56.80 7.79
C LYS I 330 -24.04 -55.65 8.77
N ILE I 331 -23.98 -54.41 8.24
CA ILE I 331 -23.81 -53.22 9.04
C ILE I 331 -25.01 -52.32 8.84
N ILE I 332 -25.60 -51.85 9.94
CA ILE I 332 -26.84 -51.10 9.91
C ILE I 332 -26.52 -49.63 9.87
N ALA I 333 -26.82 -48.96 8.75
CA ALA I 333 -26.61 -47.53 8.62
C ALA I 333 -27.82 -46.85 7.98
N PRO I 334 -28.68 -46.18 8.74
CA PRO I 334 -29.82 -45.48 8.15
C PRO I 334 -29.50 -44.00 8.21
N PRO I 335 -30.23 -43.09 7.59
CA PRO I 335 -30.37 -41.71 8.03
C PRO I 335 -30.69 -41.55 9.51
N GLU I 336 -30.47 -40.33 10.08
CA GLU I 336 -30.83 -39.89 11.42
C GLU I 336 -29.62 -39.94 12.35
N ARG I 337 -28.49 -40.54 11.91
CA ARG I 337 -27.40 -40.84 12.82
C ARG I 337 -26.83 -39.71 13.67
N LYS I 338 -26.85 -38.46 13.18
CA LYS I 338 -26.47 -37.29 13.96
C LYS I 338 -27.33 -37.07 15.19
N TYR I 339 -28.58 -37.52 15.17
CA TYR I 339 -29.48 -37.32 16.27
C TYR I 339 -29.77 -38.63 16.93
N SER I 340 -29.06 -39.73 16.56
CA SER I 340 -29.34 -41.07 17.09
C SER I 340 -29.38 -41.14 18.60
N VAL I 341 -28.29 -40.69 19.25
CA VAL I 341 -28.14 -40.59 20.69
C VAL I 341 -29.31 -39.90 21.37
N TRP I 342 -29.75 -38.76 20.83
CA TRP I 342 -30.87 -38.00 21.34
C TRP I 342 -32.18 -38.75 21.20
N ILE I 343 -32.41 -39.42 20.05
CA ILE I 343 -33.59 -40.26 19.80
C ILE I 343 -33.62 -41.45 20.75
N GLY I 344 -32.45 -41.86 21.26
CA GLY I 344 -32.31 -42.78 22.39
C GLY I 344 -32.86 -42.19 23.65
N GLY I 345 -32.33 -41.04 24.08
CA GLY I 345 -32.74 -40.35 25.31
C GLY I 345 -34.23 -40.07 25.35
N SER I 346 -34.77 -39.66 24.21
CA SER I 346 -36.16 -39.36 23.93
C SER I 346 -37.08 -40.55 24.21
N ILE I 347 -36.68 -41.77 23.78
CA ILE I 347 -37.38 -43.03 24.04
C ILE I 347 -37.41 -43.36 25.51
N LEU I 348 -36.32 -43.08 26.24
CA LEU I 348 -36.13 -43.47 27.62
C LEU I 348 -37.05 -42.73 28.56
N ALA I 349 -36.90 -41.40 28.60
CA ALA I 349 -37.47 -40.51 29.58
C ALA I 349 -39.00 -40.47 29.63
N SER I 350 -39.72 -40.97 28.61
CA SER I 350 -41.17 -41.06 28.66
C SER I 350 -41.65 -42.31 29.40
N LEU I 351 -40.88 -43.41 29.36
CA LEU I 351 -41.18 -44.69 29.99
C LEU I 351 -41.31 -44.77 31.51
N SER I 352 -42.17 -45.69 31.98
CA SER I 352 -42.02 -46.34 33.28
C SER I 352 -41.37 -47.68 32.99
N THR I 353 -40.65 -48.36 33.92
CA THR I 353 -40.48 -48.13 35.35
C THR I 353 -39.50 -47.02 35.65
N PHE I 354 -38.67 -46.59 34.68
CA PHE I 354 -37.59 -45.67 34.95
C PHE I 354 -37.95 -44.26 35.48
N GLN I 355 -39.24 -43.94 35.71
CA GLN I 355 -39.66 -42.84 36.56
C GLN I 355 -39.11 -42.86 37.97
N GLN I 356 -38.94 -44.08 38.52
CA GLN I 356 -38.35 -44.26 39.84
C GLN I 356 -36.86 -44.50 39.82
N MET I 357 -36.13 -44.28 38.70
CA MET I 357 -34.68 -44.40 38.75
C MET I 357 -33.93 -43.09 38.67
N TRP I 358 -34.63 -41.96 38.82
CA TRP I 358 -34.00 -40.66 38.90
C TRP I 358 -33.28 -40.46 40.23
N ILE I 359 -32.22 -39.64 40.29
CA ILE I 359 -31.61 -39.28 41.55
C ILE I 359 -32.40 -38.15 42.18
N THR I 360 -33.17 -38.46 43.23
CA THR I 360 -34.04 -37.50 43.90
C THR I 360 -33.29 -36.60 44.86
N LYS I 361 -33.77 -35.36 45.05
CA LYS I 361 -33.10 -34.31 45.79
C LYS I 361 -32.77 -34.64 47.24
N GLN I 362 -33.70 -35.22 48.02
CA GLN I 362 -33.43 -35.58 49.40
C GLN I 362 -32.31 -36.59 49.55
N GLU I 363 -32.29 -37.63 48.71
CA GLU I 363 -31.27 -38.66 48.72
C GLU I 363 -29.94 -38.09 48.31
N TYR I 364 -29.91 -37.17 47.32
CA TYR I 364 -28.73 -36.41 46.96
C TYR I 364 -28.22 -35.55 48.13
N ASP I 365 -29.09 -34.88 48.89
CA ASP I 365 -28.68 -34.09 50.03
C ASP I 365 -28.04 -34.92 51.14
N GLU I 366 -28.63 -36.09 51.46
CA GLU I 366 -28.11 -37.00 52.46
C GLU I 366 -26.82 -37.66 52.00
N ALA I 367 -26.80 -38.20 50.77
CA ALA I 367 -25.69 -38.96 50.23
C ALA I 367 -24.49 -38.12 49.82
N GLY I 368 -24.75 -36.99 49.15
CA GLY I 368 -23.71 -36.15 48.58
C GLY I 368 -23.30 -36.63 47.21
N PRO I 369 -22.29 -36.05 46.58
CA PRO I 369 -21.88 -36.43 45.23
C PRO I 369 -21.42 -37.86 45.03
N SER I 370 -20.92 -38.56 46.08
CA SER I 370 -20.47 -39.95 46.03
C SER I 370 -21.50 -41.03 45.67
N ILE I 371 -22.66 -40.65 45.13
CA ILE I 371 -23.71 -41.50 44.63
C ILE I 371 -23.51 -41.99 43.20
N VAL I 372 -22.25 -42.24 42.80
CA VAL I 372 -21.87 -42.70 41.46
C VAL I 372 -22.47 -44.05 41.08
N HIS I 373 -22.43 -45.01 42.01
CA HIS I 373 -22.93 -46.35 41.81
C HIS I 373 -24.33 -46.47 42.43
N THR J 7 31.91 -32.92 -9.49
CA THR J 7 32.87 -33.02 -8.33
C THR J 7 32.35 -32.29 -7.11
N THR J 8 32.68 -31.00 -6.90
CA THR J 8 32.23 -30.23 -5.77
C THR J 8 30.80 -29.78 -5.94
N ALA J 9 29.89 -30.23 -5.06
CA ALA J 9 28.50 -29.83 -5.01
C ALA J 9 28.27 -28.40 -4.55
N LEU J 10 27.13 -27.81 -4.92
CA LEU J 10 26.84 -26.41 -4.61
C LEU J 10 25.61 -26.30 -3.74
N VAL J 11 25.73 -25.69 -2.55
CA VAL J 11 24.64 -25.31 -1.68
C VAL J 11 24.24 -23.86 -1.88
N CYS J 12 23.04 -23.63 -2.43
CA CYS J 12 22.52 -22.31 -2.77
C CYS J 12 21.21 -22.19 -2.02
N ASP J 13 21.12 -21.22 -1.09
CA ASP J 13 20.01 -21.15 -0.18
C ASP J 13 19.08 -20.05 -0.62
N ASN J 14 17.83 -20.49 -0.88
CA ASN J 14 16.66 -19.72 -1.23
C ASN J 14 16.02 -19.11 -0.02
N GLY J 15 16.82 -18.39 0.80
CA GLY J 15 16.35 -17.51 1.87
C GLY J 15 15.32 -16.49 1.43
N SER J 16 14.69 -15.81 2.41
CA SER J 16 13.87 -14.66 2.08
C SER J 16 14.60 -13.43 2.51
N GLY J 17 15.84 -13.62 3.00
CA GLY J 17 16.76 -12.58 3.37
C GLY J 17 17.38 -11.91 2.17
N LEU J 18 18.68 -11.98 1.82
CA LEU J 18 19.79 -12.77 2.32
C LEU J 18 19.72 -14.16 1.74
N VAL J 19 19.73 -14.23 0.39
CA VAL J 19 20.00 -15.49 -0.29
C VAL J 19 21.47 -15.80 -0.13
N LYS J 20 21.81 -17.06 0.15
CA LYS J 20 23.17 -17.40 0.53
C LYS J 20 23.73 -18.34 -0.50
N ALA J 21 24.96 -18.13 -0.98
CA ALA J 21 25.49 -19.03 -1.97
C ALA J 21 26.95 -19.32 -1.69
N GLY J 22 27.33 -20.62 -1.79
CA GLY J 22 28.68 -21.07 -1.52
C GLY J 22 28.79 -22.55 -1.79
N PHE J 23 29.96 -23.06 -2.25
CA PHE J 23 30.15 -24.47 -2.55
C PHE J 23 30.02 -25.33 -1.28
N ALA J 24 29.96 -26.67 -1.39
CA ALA J 24 29.79 -27.52 -0.23
C ALA J 24 30.96 -27.52 0.74
N GLY J 25 30.79 -26.83 1.88
CA GLY J 25 31.82 -26.61 2.91
C GLY J 25 32.97 -25.75 2.47
N ASP J 26 33.91 -25.42 3.36
CA ASP J 26 34.03 -25.84 4.75
C ASP J 26 34.03 -24.61 5.66
N ASP J 27 33.85 -23.41 5.09
CA ASP J 27 34.05 -22.17 5.78
C ASP J 27 32.78 -21.36 5.95
N ALA J 28 32.31 -20.65 4.93
CA ALA J 28 31.22 -19.71 5.11
C ALA J 28 30.56 -19.39 3.77
N PRO J 29 29.36 -18.80 3.72
CA PRO J 29 28.74 -18.39 2.47
C PRO J 29 29.61 -17.44 1.66
N ARG J 30 29.87 -17.73 0.39
CA ARG J 30 30.64 -16.87 -0.50
C ARG J 30 29.95 -15.55 -0.77
N ALA J 31 28.63 -15.58 -1.03
CA ALA J 31 27.89 -14.38 -1.37
C ALA J 31 26.56 -14.30 -0.64
N VAL J 32 26.27 -13.16 0.01
CA VAL J 32 24.99 -12.92 0.65
C VAL J 32 24.52 -11.54 0.27
N PHE J 33 23.26 -11.39 -0.14
CA PHE J 33 22.72 -10.10 -0.54
C PHE J 33 21.21 -10.08 -0.45
N PRO J 34 20.52 -8.97 -0.32
CA PRO J 34 19.08 -9.00 -0.05
C PRO J 34 18.33 -9.46 -1.30
N SER J 35 17.28 -10.28 -1.13
CA SER J 35 16.41 -10.76 -2.19
C SER J 35 15.59 -9.67 -2.86
N ILE J 36 16.25 -8.82 -3.65
CA ILE J 36 15.63 -7.68 -4.29
C ILE J 36 15.93 -7.68 -5.78
N VAL J 37 14.88 -7.54 -6.62
CA VAL J 37 15.02 -7.10 -8.00
C VAL J 37 14.33 -5.75 -8.10
N GLY J 38 14.85 -4.75 -8.84
CA GLY J 38 14.24 -3.42 -8.88
C GLY J 38 14.34 -2.74 -10.22
N ARG J 39 13.19 -2.39 -10.82
CA ARG J 39 13.13 -1.65 -12.07
C ARG J 39 13.18 -0.12 -11.93
N PRO J 40 13.64 0.65 -12.92
CA PRO J 40 13.76 2.11 -12.86
C PRO J 40 12.48 2.90 -13.10
N ARG J 41 12.02 3.67 -12.10
CA ARG J 41 10.75 4.39 -12.14
C ARG J 41 10.80 5.83 -12.64
N HIS J 42 11.95 6.34 -13.14
CA HIS J 42 12.06 7.74 -13.59
C HIS J 42 12.49 7.82 -15.04
N GLN J 43 12.15 8.91 -15.77
CA GLN J 43 12.54 9.15 -17.17
C GLN J 43 14.04 9.36 -17.36
N GLY J 44 14.68 8.67 -18.33
CA GLY J 44 16.12 8.80 -18.60
C GLY J 44 16.45 10.01 -19.44
N VAL J 45 17.51 10.77 -19.08
CA VAL J 45 17.80 12.03 -19.76
C VAL J 45 19.29 12.33 -19.91
N MET J 46 20.18 11.40 -19.55
CA MET J 46 21.61 11.63 -19.71
C MET J 46 22.17 10.86 -20.89
N VAL J 47 21.50 9.76 -21.29
CA VAL J 47 21.60 9.09 -22.58
C VAL J 47 22.98 8.48 -22.80
N GLY J 48 23.46 7.74 -21.78
CA GLY J 48 24.54 6.76 -21.91
C GLY J 48 24.30 5.68 -22.96
N MET J 49 23.19 4.91 -22.94
CA MET J 49 22.09 4.89 -21.98
C MET J 49 22.53 4.27 -20.66
N GLY J 50 23.21 3.12 -20.76
CA GLY J 50 24.00 2.54 -19.70
C GLY J 50 23.28 1.79 -18.61
N GLN J 51 21.95 1.68 -18.67
CA GLN J 51 21.19 1.07 -17.60
C GLN J 51 20.62 -0.28 -17.98
N LYS J 52 20.30 -1.09 -16.96
CA LYS J 52 19.76 -2.42 -17.12
C LYS J 52 18.25 -2.35 -17.08
N ASP J 53 17.56 -3.36 -17.63
CA ASP J 53 16.12 -3.44 -17.57
C ASP J 53 15.69 -3.81 -16.15
N SER J 54 16.53 -4.61 -15.48
CA SER J 54 16.35 -4.94 -14.08
C SER J 54 17.68 -5.14 -13.36
N TYR J 55 17.88 -4.40 -12.25
CA TYR J 55 18.99 -4.54 -11.33
C TYR J 55 18.69 -5.58 -10.28
N VAL J 56 19.58 -6.56 -10.02
CA VAL J 56 19.46 -7.36 -8.81
C VAL J 56 20.29 -6.73 -7.69
N GLY J 57 20.19 -7.20 -6.42
CA GLY J 57 21.16 -6.88 -5.37
C GLY J 57 22.48 -7.56 -5.61
N ASP J 58 23.65 -7.09 -5.13
CA ASP J 58 24.00 -5.95 -4.31
C ASP J 58 23.66 -4.60 -4.94
N GLU J 59 23.88 -4.45 -6.25
CA GLU J 59 23.68 -3.21 -6.99
C GLU J 59 22.27 -2.60 -6.92
N ALA J 60 21.19 -3.38 -6.70
CA ALA J 60 19.87 -2.81 -6.45
C ALA J 60 19.70 -2.24 -5.04
N GLN J 61 20.75 -2.30 -4.20
CA GLN J 61 20.77 -1.70 -2.89
C GLN J 61 21.79 -0.57 -2.91
N SER J 62 22.57 -0.38 -3.99
CA SER J 62 23.41 0.79 -4.17
C SER J 62 22.63 1.87 -4.89
N LYS J 63 21.64 1.46 -5.71
CA LYS J 63 20.78 2.33 -6.49
C LYS J 63 19.48 2.67 -5.78
N ARG J 64 19.51 2.92 -4.47
CA ARG J 64 18.32 3.37 -3.77
C ARG J 64 17.79 4.72 -4.24
N GLY J 65 16.44 4.85 -4.23
CA GLY J 65 15.72 6.07 -4.58
C GLY J 65 15.49 6.28 -6.05
N ILE J 66 15.97 5.36 -6.90
CA ILE J 66 15.75 5.46 -8.34
C ILE J 66 15.03 4.24 -8.90
N LEU J 67 14.64 3.30 -8.04
CA LEU J 67 14.03 2.05 -8.48
C LEU J 67 12.77 1.77 -7.71
N THR J 68 12.01 0.73 -8.13
CA THR J 68 10.88 0.21 -7.38
C THR J 68 11.17 -1.23 -7.06
N LEU J 69 11.69 -1.46 -5.84
CA LEU J 69 12.10 -2.73 -5.30
C LEU J 69 10.98 -3.76 -5.18
N LYS J 70 11.19 -4.97 -5.69
CA LYS J 70 10.22 -6.03 -5.68
C LYS J 70 10.86 -7.27 -5.10
N TYR J 71 10.47 -7.67 -3.88
CA TYR J 71 11.00 -8.86 -3.24
C TYR J 71 10.31 -10.06 -3.86
N PRO J 72 11.00 -11.02 -4.50
CA PRO J 72 10.34 -12.07 -5.27
C PRO J 72 9.79 -13.16 -4.39
N ILE J 73 10.12 -13.18 -3.09
CA ILE J 73 9.59 -14.15 -2.16
C ILE J 73 8.86 -13.43 -1.05
N GLU J 74 7.57 -13.74 -0.86
CA GLU J 74 6.70 -12.97 0.01
C GLU J 74 5.81 -13.92 0.77
N HIS J 75 5.83 -13.84 2.10
CA HIS J 75 5.12 -14.72 3.00
C HIS J 75 5.29 -16.20 2.69
N GLY J 76 6.54 -16.61 2.45
CA GLY J 76 6.91 -18.01 2.25
C GLY J 76 6.66 -18.56 0.89
N ILE J 77 6.40 -17.74 -0.13
CA ILE J 77 6.25 -18.28 -1.46
C ILE J 77 6.81 -17.30 -2.47
N ILE J 78 7.36 -17.81 -3.57
CA ILE J 78 7.88 -17.00 -4.64
C ILE J 78 6.73 -16.50 -5.50
N THR J 79 6.72 -15.20 -5.85
CA THR J 79 5.59 -14.58 -6.52
C THR J 79 5.35 -15.10 -7.93
N ASN J 80 6.40 -15.22 -8.77
CA ASN J 80 6.32 -15.83 -10.07
C ASN J 80 7.75 -16.14 -10.50
N TRP J 81 7.95 -17.12 -11.41
CA TRP J 81 9.29 -17.55 -11.76
C TRP J 81 10.01 -16.68 -12.79
N ASP J 82 9.33 -15.66 -13.34
CA ASP J 82 9.94 -14.65 -14.20
C ASP J 82 10.94 -13.79 -13.45
N ASP J 83 10.65 -13.44 -12.19
CA ASP J 83 11.55 -12.65 -11.35
C ASP J 83 12.60 -13.59 -10.75
N MET J 84 12.17 -14.79 -10.34
CA MET J 84 13.02 -15.80 -9.75
C MET J 84 14.19 -16.20 -10.62
N GLU J 85 13.96 -16.46 -11.93
CA GLU J 85 15.05 -16.81 -12.84
C GLU J 85 16.13 -15.73 -12.91
N LYS J 86 15.75 -14.44 -12.81
CA LYS J 86 16.70 -13.36 -12.85
C LYS J 86 17.54 -13.29 -11.59
N ILE J 87 16.95 -13.57 -10.41
CA ILE J 87 17.69 -13.86 -9.18
C ILE J 87 18.74 -14.93 -9.38
N TRP J 88 18.33 -16.09 -9.92
CA TRP J 88 19.17 -17.25 -10.17
C TRP J 88 20.32 -16.87 -11.07
N HIS J 89 20.05 -16.28 -12.24
CA HIS J 89 21.04 -15.86 -13.21
C HIS J 89 22.11 -14.98 -12.56
N HIS J 90 21.70 -13.98 -11.74
CA HIS J 90 22.65 -13.18 -10.97
C HIS J 90 23.52 -14.00 -10.03
N THR J 91 22.91 -14.93 -9.25
CA THR J 91 23.61 -15.78 -8.28
C THR J 91 24.67 -16.66 -8.90
N PHE J 92 24.33 -17.48 -9.92
CA PHE J 92 25.34 -18.31 -10.53
C PHE J 92 26.43 -17.50 -11.21
N TYR J 93 26.04 -16.49 -12.00
CA TYR J 93 26.99 -15.84 -12.85
C TYR J 93 27.90 -14.78 -12.26
N ASN J 94 27.42 -13.77 -11.51
CA ASN J 94 28.33 -12.69 -11.13
C ASN J 94 28.79 -12.77 -9.69
N GLU J 95 28.47 -13.89 -9.03
CA GLU J 95 28.91 -14.19 -7.68
C GLU J 95 29.74 -15.46 -7.79
N LEU J 96 29.10 -16.65 -7.90
CA LEU J 96 29.80 -17.93 -7.91
C LEU J 96 30.65 -18.21 -9.15
N ARG J 97 30.33 -17.57 -10.29
CA ARG J 97 31.00 -17.62 -11.58
C ARG J 97 30.98 -18.94 -12.35
N VAL J 98 30.86 -20.09 -11.67
CA VAL J 98 30.81 -21.43 -12.24
C VAL J 98 29.64 -21.71 -13.19
N ALA J 99 29.83 -22.55 -14.22
CA ALA J 99 28.76 -23.03 -15.08
C ALA J 99 27.72 -23.90 -14.34
N PRO J 100 26.42 -23.84 -14.61
CA PRO J 100 25.42 -24.67 -13.92
C PRO J 100 25.52 -26.13 -14.31
N GLU J 101 26.10 -26.46 -15.48
CA GLU J 101 26.17 -27.84 -15.91
C GLU J 101 27.30 -28.59 -15.24
N GLU J 102 28.22 -27.85 -14.58
CA GLU J 102 29.37 -28.39 -13.90
C GLU J 102 29.13 -29.20 -12.62
N HIS J 103 28.24 -28.75 -11.72
CA HIS J 103 28.11 -29.31 -10.39
C HIS J 103 26.75 -29.93 -10.17
N PRO J 104 26.54 -30.97 -9.36
CA PRO J 104 25.23 -31.21 -8.77
C PRO J 104 24.86 -30.15 -7.75
N THR J 105 23.58 -29.69 -7.73
CA THR J 105 23.24 -28.59 -6.83
C THR J 105 22.42 -29.12 -5.67
N LEU J 106 22.27 -28.32 -4.62
CA LEU J 106 21.48 -28.62 -3.45
C LEU J 106 20.65 -27.41 -3.14
N LEU J 107 19.32 -27.51 -3.14
CA LEU J 107 18.47 -26.36 -2.92
C LEU J 107 17.71 -26.55 -1.64
N THR J 108 17.26 -25.44 -1.08
CA THR J 108 16.56 -25.41 0.20
C THR J 108 15.14 -24.93 -0.03
N GLU J 109 14.24 -25.22 0.91
CA GLU J 109 12.86 -24.82 0.80
C GLU J 109 12.42 -24.41 2.18
N ALA J 110 11.15 -24.06 2.40
CA ALA J 110 10.62 -23.80 3.71
C ALA J 110 9.88 -25.02 4.23
N PRO J 111 10.06 -25.49 5.46
CA PRO J 111 9.29 -26.59 6.02
C PRO J 111 7.79 -26.30 5.95
N LEU J 112 7.01 -27.21 5.37
CA LEU J 112 5.59 -27.04 5.09
C LEU J 112 5.28 -25.99 4.04
N ASN J 113 5.84 -26.09 2.82
CA ASN J 113 5.59 -25.12 1.76
C ASN J 113 4.52 -25.65 0.81
N PRO J 114 3.62 -24.85 0.26
CA PRO J 114 2.53 -25.31 -0.61
C PRO J 114 2.85 -26.16 -1.82
N LYS J 115 2.21 -27.35 -1.96
CA LYS J 115 2.17 -28.10 -3.20
C LYS J 115 1.38 -27.28 -4.23
N ALA J 116 1.82 -27.13 -5.50
CA ALA J 116 2.84 -27.85 -6.22
C ALA J 116 4.06 -26.96 -6.47
N ASN J 117 4.38 -26.05 -5.52
CA ASN J 117 5.52 -25.17 -5.63
C ASN J 117 6.89 -25.82 -5.45
N ARG J 118 7.00 -27.13 -5.12
CA ARG J 118 8.30 -27.77 -5.17
C ARG J 118 8.48 -28.45 -6.52
N GLU J 119 7.38 -28.98 -7.08
CA GLU J 119 7.28 -29.58 -8.40
C GLU J 119 7.63 -28.55 -9.46
N LYS J 120 6.75 -27.55 -9.65
CA LYS J 120 6.91 -26.42 -10.56
C LYS J 120 8.31 -25.80 -10.52
N MET J 121 8.89 -25.66 -9.32
CA MET J 121 10.25 -25.26 -9.08
C MET J 121 11.25 -26.20 -9.71
N THR J 122 11.26 -27.47 -9.28
CA THR J 122 12.14 -28.53 -9.78
C THR J 122 12.10 -28.63 -11.30
N GLN J 123 10.90 -28.50 -11.91
CA GLN J 123 10.70 -28.64 -13.34
C GLN J 123 11.27 -27.45 -14.08
N ILE J 124 10.89 -26.23 -13.68
CA ILE J 124 11.40 -25.00 -14.25
C ILE J 124 12.91 -24.87 -14.11
N MET J 125 13.49 -25.17 -12.94
CA MET J 125 14.92 -25.08 -12.75
C MET J 125 15.77 -26.05 -13.58
N PHE J 126 15.22 -27.22 -13.93
CA PHE J 126 15.90 -28.21 -14.75
C PHE J 126 15.91 -27.79 -16.20
N GLU J 127 14.80 -27.20 -16.66
CA GLU J 127 14.59 -26.82 -18.03
C GLU J 127 15.23 -25.48 -18.34
N THR J 128 15.33 -24.58 -17.34
CA THR J 128 16.01 -23.29 -17.52
C THR J 128 17.52 -23.40 -17.39
N PHE J 129 18.08 -24.01 -16.32
CA PHE J 129 19.53 -23.97 -16.17
C PHE J 129 20.27 -25.25 -16.56
N ASN J 130 19.60 -26.41 -16.75
CA ASN J 130 20.18 -27.63 -17.32
C ASN J 130 21.28 -28.23 -16.44
N VAL J 131 21.10 -28.17 -15.10
CA VAL J 131 21.88 -28.81 -14.05
C VAL J 131 22.02 -30.34 -14.19
N PRO J 132 23.03 -31.06 -13.70
CA PRO J 132 23.15 -32.48 -14.00
C PRO J 132 22.48 -33.32 -12.93
N ALA J 133 22.30 -32.81 -11.69
CA ALA J 133 21.57 -33.51 -10.66
C ALA J 133 21.20 -32.54 -9.57
N MET J 134 20.19 -32.86 -8.73
CA MET J 134 19.73 -31.94 -7.71
C MET J 134 18.96 -32.63 -6.60
N TYR J 135 18.73 -31.94 -5.47
CA TYR J 135 17.83 -32.40 -4.43
C TYR J 135 17.43 -31.18 -3.63
N VAL J 136 16.29 -31.26 -2.89
CA VAL J 136 15.79 -30.16 -2.10
C VAL J 136 15.64 -30.59 -0.66
N ALA J 137 16.43 -30.03 0.27
CA ALA J 137 16.29 -30.31 1.69
C ALA J 137 15.62 -29.15 2.42
N ILE J 138 14.75 -29.42 3.41
CA ILE J 138 14.09 -28.34 4.14
C ILE J 138 15.01 -27.61 5.13
N GLN J 139 14.88 -26.26 5.25
CA GLN J 139 15.84 -25.46 6.02
C GLN J 139 15.91 -25.73 7.52
N ALA J 140 14.80 -26.14 8.18
CA ALA J 140 14.83 -26.39 9.61
C ALA J 140 15.65 -27.61 9.98
N VAL J 141 15.45 -28.74 9.27
CA VAL J 141 16.17 -29.99 9.47
C VAL J 141 17.67 -29.82 9.38
N LEU J 142 18.13 -28.99 8.42
CA LEU J 142 19.54 -28.72 8.26
C LEU J 142 20.17 -28.02 9.46
N SER J 143 19.39 -27.25 10.24
CA SER J 143 19.90 -26.57 11.41
C SER J 143 20.24 -27.51 12.54
N LEU J 144 19.84 -28.81 12.48
CA LEU J 144 20.29 -29.84 13.40
C LEU J 144 21.78 -30.10 13.24
N TYR J 145 22.21 -30.20 11.98
CA TYR J 145 23.57 -30.56 11.62
C TYR J 145 24.57 -29.53 12.07
N ALA J 146 24.22 -28.23 11.99
CA ALA J 146 25.11 -27.15 12.38
C ALA J 146 25.63 -27.21 13.81
N SER J 147 24.78 -27.56 14.79
CA SER J 147 25.22 -27.75 16.16
C SER J 147 25.52 -29.21 16.45
N GLY J 148 25.38 -30.08 15.44
CA GLY J 148 25.68 -31.50 15.51
C GLY J 148 25.00 -32.23 16.64
N ARG J 149 23.66 -32.16 16.71
CA ARG J 149 22.85 -32.89 17.66
C ARG J 149 21.91 -33.81 16.93
N THR J 150 21.65 -35.01 17.47
CA THR J 150 20.77 -35.99 16.82
C THR J 150 19.37 -36.02 17.40
N THR J 151 19.04 -35.14 18.35
CA THR J 151 17.77 -35.12 19.07
C THR J 151 17.50 -33.68 19.41
N GLY J 152 16.22 -33.26 19.50
CA GLY J 152 15.84 -31.92 19.90
C GLY J 152 14.86 -31.23 19.00
N ILE J 153 14.21 -30.20 19.56
CA ILE J 153 13.24 -29.37 18.91
C ILE J 153 13.92 -28.14 18.32
N VAL J 154 13.76 -27.95 16.99
CA VAL J 154 14.42 -26.90 16.25
C VAL J 154 13.50 -25.74 16.01
N LEU J 155 13.92 -24.54 16.45
CA LEU J 155 13.28 -23.26 16.20
C LEU J 155 14.06 -22.48 15.17
N ASP J 156 13.69 -22.57 13.88
CA ASP J 156 14.43 -21.93 12.81
C ASP J 156 13.65 -20.72 12.35
N SER J 157 14.15 -19.51 12.67
CA SER J 157 13.40 -18.28 12.45
C SER J 157 14.15 -17.35 11.54
N GLY J 158 13.67 -17.20 10.30
CA GLY J 158 14.19 -16.23 9.37
C GLY J 158 13.07 -15.45 8.78
N ASP J 159 13.37 -14.28 8.17
CA ASP J 159 12.41 -13.57 7.34
C ASP J 159 11.93 -14.53 6.22
N GLY J 160 10.64 -14.71 5.88
CA GLY J 160 9.41 -14.26 6.50
C GLY J 160 8.66 -15.42 7.09
N VAL J 161 9.35 -16.55 7.33
CA VAL J 161 8.72 -17.73 7.90
C VAL J 161 9.60 -18.35 8.95
N THR J 162 9.08 -18.48 10.18
CA THR J 162 9.68 -19.22 11.28
C THR J 162 9.07 -20.62 11.35
N HIS J 163 9.73 -21.60 11.99
CA HIS J 163 9.17 -22.93 12.11
C HIS J 163 9.58 -23.57 13.44
N ASN J 164 8.77 -24.55 13.92
CA ASN J 164 9.04 -25.28 15.14
C ASN J 164 8.97 -26.77 14.83
N VAL J 165 10.10 -27.42 14.52
CA VAL J 165 10.14 -28.82 14.11
C VAL J 165 10.75 -29.76 15.16
N PRO J 166 10.09 -30.76 15.74
CA PRO J 166 10.70 -31.69 16.69
C PRO J 166 11.35 -32.91 16.02
N ILE J 167 12.63 -33.22 16.34
CA ILE J 167 13.34 -34.39 15.82
C ILE J 167 13.92 -35.22 16.97
N TYR J 168 13.72 -36.55 16.96
CA TYR J 168 14.30 -37.44 17.96
C TYR J 168 15.06 -38.58 17.30
N GLU J 169 16.36 -38.73 17.64
CA GLU J 169 17.32 -39.75 17.26
C GLU J 169 16.95 -40.77 16.18
N GLY J 170 16.92 -40.45 14.88
CA GLY J 170 17.05 -39.16 14.22
C GLY J 170 15.91 -39.09 13.25
N TYR J 171 14.70 -39.10 13.80
CA TYR J 171 13.44 -39.15 13.12
C TYR J 171 12.65 -37.88 13.37
N ALA J 172 11.98 -37.34 12.34
CA ALA J 172 11.20 -36.14 12.49
C ALA J 172 9.74 -36.54 12.52
N LEU J 173 9.02 -36.16 13.59
CA LEU J 173 7.64 -36.49 13.76
C LEU J 173 6.76 -35.74 12.76
N PRO J 174 6.08 -36.34 11.79
CA PRO J 174 5.31 -35.60 10.81
C PRO J 174 4.09 -34.91 11.41
N HIS J 175 3.69 -35.28 12.63
CA HIS J 175 2.43 -34.84 13.21
C HIS J 175 2.64 -33.81 14.29
N ALA J 176 3.86 -33.27 14.45
CA ALA J 176 4.09 -32.29 15.50
C ALA J 176 4.78 -31.04 14.96
N ILE J 177 4.86 -30.89 13.64
CA ILE J 177 5.52 -29.75 13.02
C ILE J 177 4.62 -28.53 12.95
N MET J 178 5.09 -27.37 13.47
CA MET J 178 4.35 -26.13 13.45
C MET J 178 5.04 -25.04 12.61
N ARG J 179 4.31 -24.43 11.65
CA ARG J 179 4.79 -23.35 10.80
C ARG J 179 4.11 -22.03 11.13
N LEU J 180 4.86 -20.99 11.53
CA LEU J 180 4.27 -19.67 11.72
C LEU J 180 4.66 -18.74 10.59
N ASP J 181 3.69 -18.10 9.94
CA ASP J 181 3.94 -17.05 8.98
C ASP J 181 3.90 -15.70 9.69
N LEU J 182 5.01 -15.34 10.37
CA LEU J 182 5.05 -14.18 11.23
C LEU J 182 6.39 -13.44 11.17
N ALA J 183 7.44 -13.87 11.90
CA ALA J 183 8.72 -13.20 11.83
C ALA J 183 9.36 -13.36 10.44
N GLY J 184 10.06 -12.39 9.85
CA GLY J 184 10.47 -11.09 10.35
C GLY J 184 9.91 -9.94 9.57
N ARG J 185 9.35 -10.14 8.37
CA ARG J 185 8.83 -9.02 7.58
C ARG J 185 7.65 -8.29 8.23
N ASP J 186 6.87 -8.96 9.09
CA ASP J 186 5.80 -8.34 9.84
C ASP J 186 6.37 -7.51 10.96
N LEU J 187 7.59 -7.83 11.44
CA LEU J 187 8.33 -7.02 12.40
C LEU J 187 8.86 -5.79 11.70
N THR J 188 9.33 -5.91 10.44
CA THR J 188 9.74 -4.77 9.62
C THR J 188 8.58 -3.82 9.41
N ASP J 189 7.41 -4.32 8.96
CA ASP J 189 6.22 -3.53 8.80
C ASP J 189 5.74 -2.92 10.12
N TYR J 190 5.86 -3.63 11.26
CA TYR J 190 5.51 -3.09 12.57
C TYR J 190 6.44 -1.98 13.00
N LEU J 191 7.77 -2.11 12.79
CA LEU J 191 8.72 -1.06 13.08
C LEU J 191 8.42 0.18 12.28
N MET J 192 8.03 0.02 11.01
CA MET J 192 7.59 1.14 10.21
C MET J 192 6.30 1.78 10.72
N LYS J 193 5.40 0.99 11.34
CA LYS J 193 4.20 1.50 11.96
C LYS J 193 4.41 2.13 13.33
N ILE J 194 5.41 1.74 14.12
CA ILE J 194 5.64 2.44 15.37
C ILE J 194 6.76 3.44 15.29
N LEU J 195 7.47 3.55 14.16
CA LEU J 195 8.35 4.69 13.97
C LEU J 195 7.67 5.87 13.31
N THR J 196 6.56 5.64 12.58
CA THR J 196 5.64 6.67 12.10
C THR J 196 4.95 7.38 13.24
N GLU J 197 4.80 6.66 14.37
CA GLU J 197 4.27 7.14 15.62
C GLU J 197 5.09 8.26 16.24
N ARG J 198 6.38 8.40 15.89
CA ARG J 198 7.20 9.55 16.28
C ARG J 198 7.49 10.46 15.09
N GLY J 199 6.63 10.48 14.07
CA GLY J 199 6.69 11.54 13.07
C GLY J 199 7.73 11.33 12.01
N TYR J 200 8.27 10.12 11.91
CA TYR J 200 9.28 9.78 10.94
C TYR J 200 8.60 8.88 9.93
N SER J 201 8.14 9.45 8.80
CA SER J 201 7.36 8.69 7.84
C SER J 201 8.16 8.03 6.77
N PHE J 202 7.91 6.72 6.57
CA PHE J 202 8.60 5.92 5.60
C PHE J 202 7.52 5.21 4.83
N VAL J 203 7.55 5.34 3.51
CA VAL J 203 6.47 4.89 2.66
C VAL J 203 7.04 4.37 1.36
N THR J 204 8.25 4.81 0.96
CA THR J 204 8.82 4.47 -0.33
C THR J 204 9.61 3.20 -0.18
N THR J 205 9.59 2.34 -1.21
CA THR J 205 10.16 1.00 -1.15
C THR J 205 11.62 0.99 -0.84
N ALA J 206 12.44 1.81 -1.53
CA ALA J 206 13.86 1.88 -1.25
C ALA J 206 14.16 2.22 0.22
N GLU J 207 13.49 3.24 0.76
CA GLU J 207 13.60 3.66 2.14
C GLU J 207 13.16 2.61 3.15
N ARG J 208 12.30 1.64 2.75
CA ARG J 208 11.86 0.51 3.55
C ARG J 208 13.05 -0.34 4.01
N GLU J 209 14.13 -0.40 3.19
CA GLU J 209 15.39 -1.00 3.56
C GLU J 209 16.03 -0.38 4.80
N ILE J 210 15.95 0.96 4.99
CA ILE J 210 16.46 1.65 6.16
C ILE J 210 15.82 1.11 7.42
N VAL J 211 14.52 0.82 7.37
CA VAL J 211 13.80 0.16 8.45
C VAL J 211 14.45 -1.18 8.79
N ARG J 212 14.80 -2.01 7.78
CA ARG J 212 15.56 -3.22 8.03
C ARG J 212 16.92 -2.98 8.70
N ASP J 213 17.64 -1.91 8.32
CA ASP J 213 18.97 -1.68 8.87
C ASP J 213 18.93 -1.30 10.35
N ILE J 214 17.96 -0.48 10.79
CA ILE J 214 17.73 -0.28 12.21
C ILE J 214 17.05 -1.44 12.92
N LYS J 215 16.36 -2.35 12.20
CA LYS J 215 15.77 -3.56 12.77
C LYS J 215 16.85 -4.54 13.16
N GLU J 216 17.92 -4.61 12.35
CA GLU J 216 19.11 -5.36 12.65
C GLU J 216 19.84 -4.83 13.87
N LYS J 217 20.45 -3.65 13.73
CA LYS J 217 21.44 -3.16 14.65
C LYS J 217 20.91 -2.62 15.98
N LEU J 218 19.93 -1.72 15.98
CA LEU J 218 19.65 -0.95 17.17
C LEU J 218 18.63 -1.50 18.17
N CYS J 219 17.88 -2.54 17.81
CA CYS J 219 16.85 -3.12 18.67
C CYS J 219 17.40 -4.09 19.74
N TYR J 220 16.60 -4.42 20.77
CA TYR J 220 16.97 -5.41 21.76
C TYR J 220 15.70 -5.93 22.43
N VAL J 221 15.77 -7.03 23.21
CA VAL J 221 14.60 -7.62 23.86
C VAL J 221 14.79 -7.59 25.37
N ALA J 222 13.69 -7.38 26.14
CA ALA J 222 13.68 -7.30 27.59
C ALA J 222 13.79 -8.67 28.23
N LEU J 223 13.80 -8.75 29.58
CA LEU J 223 13.68 -10.03 30.26
C LEU J 223 12.25 -10.20 30.71
N ASP J 224 11.67 -9.16 31.34
CA ASP J 224 10.28 -9.11 31.72
C ASP J 224 9.73 -7.82 31.14
N PHE J 225 8.88 -7.91 30.10
CA PHE J 225 8.40 -6.79 29.32
C PHE J 225 7.80 -5.70 30.18
N GLU J 226 6.74 -6.01 30.96
CA GLU J 226 6.02 -5.07 31.81
C GLU J 226 6.91 -4.26 32.76
N ASN J 227 7.95 -4.88 33.32
CA ASN J 227 8.86 -4.21 34.24
C ASN J 227 9.96 -3.44 33.52
N GLU J 228 10.41 -3.86 32.32
CA GLU J 228 11.34 -3.06 31.53
C GLU J 228 10.64 -1.82 30.95
N MET J 229 9.34 -1.98 30.63
CA MET J 229 8.41 -0.98 30.15
C MET J 229 8.12 0.09 31.19
N ALA J 230 8.05 -0.33 32.47
CA ALA J 230 7.86 0.54 33.61
C ALA J 230 8.94 1.59 33.74
N THR J 231 10.24 1.21 33.75
CA THR J 231 11.34 2.18 33.86
C THR J 231 11.52 2.98 32.58
N ALA J 232 11.01 2.49 31.43
CA ALA J 232 10.90 3.28 30.22
C ALA J 232 9.97 4.48 30.35
N ALA J 233 8.89 4.35 31.16
CA ALA J 233 7.94 5.42 31.45
C ALA J 233 8.53 6.57 32.27
N SER J 234 9.60 6.27 33.04
CA SER J 234 10.38 7.26 33.74
C SER J 234 11.27 7.99 32.74
N SER J 235 11.72 9.22 33.05
CA SER J 235 12.45 10.04 32.09
C SER J 235 13.94 9.70 32.08
N SER J 236 14.25 8.40 32.17
CA SER J 236 15.58 7.85 32.23
C SER J 236 15.99 7.31 30.88
N SER J 237 17.23 7.60 30.45
CA SER J 237 17.70 7.40 29.09
C SER J 237 17.64 5.98 28.57
N LEU J 238 16.91 5.79 27.46
CA LEU J 238 17.01 4.63 26.59
C LEU J 238 17.27 5.11 25.18
N GLU J 239 17.42 6.44 25.00
CA GLU J 239 17.66 7.05 23.72
C GLU J 239 19.03 6.74 23.14
N LYS J 240 19.06 6.14 21.94
CA LYS J 240 20.28 6.05 21.14
C LYS J 240 19.99 6.84 19.88
N SER J 241 20.93 7.69 19.44
CA SER J 241 20.72 8.60 18.34
C SER J 241 21.26 8.01 17.06
N TYR J 242 20.40 7.70 16.09
CA TYR J 242 20.81 7.17 14.82
C TYR J 242 20.95 8.29 13.80
N GLU J 243 21.82 8.14 12.79
CA GLU J 243 21.94 9.11 11.72
C GLU J 243 21.43 8.50 10.43
N LEU J 244 20.70 9.27 9.61
CA LEU J 244 20.00 8.78 8.45
C LEU J 244 20.77 9.19 7.20
N PRO J 245 20.64 8.55 6.03
CA PRO J 245 21.50 8.83 4.90
C PRO J 245 21.49 10.25 4.36
N ASP J 246 20.35 10.97 4.40
CA ASP J 246 20.30 12.35 3.96
C ASP J 246 20.86 13.36 4.95
N GLY J 247 21.07 12.95 6.21
CA GLY J 247 21.68 13.79 7.23
C GLY J 247 20.87 13.86 8.48
N GLN J 248 19.66 13.24 8.49
CA GLN J 248 18.69 13.43 9.55
C GLN J 248 19.08 12.66 10.81
N VAL J 249 18.80 13.22 12.00
CA VAL J 249 19.13 12.59 13.28
C VAL J 249 17.89 12.14 14.02
N ILE J 250 17.75 10.83 14.29
CA ILE J 250 16.58 10.25 14.95
C ILE J 250 16.91 9.74 16.34
N THR J 251 16.13 10.12 17.37
CA THR J 251 16.31 9.67 18.75
C THR J 251 15.18 8.74 19.17
N ILE J 252 15.43 7.42 19.17
CA ILE J 252 14.47 6.41 19.59
C ILE J 252 14.86 5.74 20.89
N GLY J 253 13.86 5.48 21.76
CA GLY J 253 14.04 4.82 23.05
C GLY J 253 13.04 3.74 23.31
N ASN J 254 11.78 4.11 23.57
CA ASN J 254 10.71 3.15 23.86
C ASN J 254 10.49 2.11 22.77
N GLU J 255 10.21 2.56 21.54
CA GLU J 255 9.95 1.73 20.38
C GLU J 255 11.05 0.73 20.02
N ARG J 256 12.29 1.04 20.43
CA ARG J 256 13.49 0.25 20.30
C ARG J 256 13.47 -1.15 20.86
N PHE J 257 12.87 -1.37 22.05
CA PHE J 257 12.69 -2.70 22.59
C PHE J 257 11.30 -3.21 22.33
N ARG J 258 10.37 -2.30 21.96
CA ARG J 258 8.99 -2.62 21.68
C ARG J 258 8.87 -3.44 20.44
N CYS J 259 9.50 -3.04 19.32
CA CYS J 259 9.38 -3.83 18.12
C CYS J 259 9.72 -5.31 18.21
N PRO J 260 10.83 -5.86 18.67
CA PRO J 260 10.96 -7.31 18.75
C PRO J 260 10.06 -7.95 19.79
N GLU J 261 9.74 -7.27 20.90
CA GLU J 261 8.83 -7.77 21.90
C GLU J 261 7.45 -8.16 21.39
N THR J 262 6.99 -7.50 20.32
CA THR J 262 5.83 -7.87 19.50
C THR J 262 5.70 -9.36 19.15
N LEU J 263 6.84 -10.04 18.98
CA LEU J 263 6.92 -11.44 18.67
C LEU J 263 6.40 -12.34 19.78
N PHE J 264 6.59 -11.93 21.04
CA PHE J 264 5.89 -12.52 22.15
C PHE J 264 4.55 -11.85 22.28
N GLN J 265 3.52 -12.58 21.83
CA GLN J 265 2.11 -12.23 21.82
C GLN J 265 1.73 -11.58 20.49
N PRO J 266 1.29 -12.34 19.49
CA PRO J 266 0.83 -11.79 18.22
C PRO J 266 -0.43 -10.97 18.37
N SER J 267 -1.06 -10.95 19.57
CA SER J 267 -2.15 -10.06 19.92
C SER J 267 -1.78 -8.59 19.89
N PHE J 268 -0.47 -8.24 19.81
CA PHE J 268 -0.07 -6.87 19.57
C PHE J 268 -0.44 -6.42 18.16
N ILE J 269 -0.61 -7.36 17.21
CA ILE J 269 -1.11 -7.10 15.86
C ILE J 269 -2.55 -7.61 15.75
N GLY J 270 -3.05 -8.17 16.86
CA GLY J 270 -4.40 -8.69 17.04
C GLY J 270 -4.73 -10.03 16.44
N MET J 271 -3.81 -10.69 15.70
CA MET J 271 -4.12 -12.01 15.19
C MET J 271 -4.16 -13.08 16.26
N GLU J 272 -4.95 -14.14 16.01
CA GLU J 272 -5.24 -15.13 17.03
C GLU J 272 -4.06 -16.03 17.39
N SER J 273 -3.07 -16.15 16.49
CA SER J 273 -1.81 -16.88 16.64
C SER J 273 -1.15 -16.85 18.00
N ALA J 274 -0.54 -17.97 18.40
CA ALA J 274 0.03 -18.11 19.71
C ALA J 274 1.46 -17.63 19.72
N GLY J 275 1.97 -17.17 20.87
CA GLY J 275 3.32 -16.63 20.98
C GLY J 275 4.36 -17.70 20.87
N ILE J 276 5.61 -17.36 20.50
CA ILE J 276 6.70 -18.32 20.41
C ILE J 276 6.93 -19.16 21.66
N HIS J 277 6.83 -18.51 22.85
CA HIS J 277 6.56 -19.14 24.14
C HIS J 277 5.68 -20.38 24.06
N GLU J 278 4.44 -20.21 23.57
CA GLU J 278 3.48 -21.28 23.50
C GLU J 278 3.62 -22.15 22.25
N THR J 279 4.06 -21.68 21.07
CA THR J 279 4.19 -22.59 19.91
C THR J 279 5.33 -23.56 20.06
N THR J 280 6.38 -23.15 20.77
CA THR J 280 7.48 -24.03 21.17
C THR J 280 6.97 -25.11 22.08
N TYR J 281 6.29 -24.71 23.17
CA TYR J 281 5.71 -25.62 24.11
C TYR J 281 4.68 -26.56 23.48
N ASN J 282 3.72 -26.06 22.71
CA ASN J 282 2.70 -26.86 22.07
C ASN J 282 3.23 -27.78 20.99
N SER J 283 4.42 -27.52 20.40
CA SER J 283 5.01 -28.48 19.46
C SER J 283 5.67 -29.60 20.21
N ILE J 284 6.28 -29.32 21.38
CA ILE J 284 6.83 -30.32 22.28
C ILE J 284 5.70 -31.20 22.82
N MET J 285 4.60 -30.58 23.27
CA MET J 285 3.44 -31.31 23.75
C MET J 285 2.54 -31.87 22.65
N LYS J 286 3.04 -32.02 21.41
CA LYS J 286 2.40 -32.88 20.42
C LYS J 286 3.26 -34.11 20.20
N CYS J 287 4.45 -34.19 20.81
CA CYS J 287 5.27 -35.40 20.82
C CYS J 287 4.93 -36.36 21.94
N ASP J 288 5.26 -37.65 21.74
CA ASP J 288 5.06 -38.75 22.65
C ASP J 288 5.69 -38.56 24.02
N ILE J 289 5.04 -39.08 25.06
CA ILE J 289 5.33 -38.75 26.45
C ILE J 289 6.74 -39.06 26.86
N ASP J 290 7.25 -40.25 26.47
CA ASP J 290 8.58 -40.68 26.81
C ASP J 290 9.67 -39.81 26.19
N ILE J 291 9.45 -39.29 24.96
CA ILE J 291 10.47 -38.54 24.24
C ILE J 291 10.63 -37.14 24.78
N ARG J 292 9.58 -36.59 25.45
CA ARG J 292 9.60 -35.23 25.96
C ARG J 292 10.76 -34.94 26.90
N LYS J 293 11.18 -35.98 27.65
CA LYS J 293 12.33 -36.00 28.54
C LYS J 293 13.61 -35.50 27.92
N ASP J 294 13.81 -35.78 26.62
CA ASP J 294 15.03 -35.49 25.92
C ASP J 294 14.86 -34.34 24.95
N LEU J 295 13.63 -33.79 24.78
CA LEU J 295 13.47 -32.56 24.03
C LEU J 295 13.92 -31.37 24.84
N TYR J 296 13.63 -31.38 26.15
CA TYR J 296 14.28 -30.45 27.05
C TYR J 296 15.79 -30.63 27.06
N ALA J 297 16.53 -29.51 26.95
CA ALA J 297 17.97 -29.40 26.94
C ALA J 297 18.56 -29.75 25.59
N ASN J 298 17.71 -29.83 24.57
CA ASN J 298 18.10 -29.96 23.19
C ASN J 298 17.24 -28.97 22.42
N ASN J 299 16.74 -27.94 23.13
CA ASN J 299 16.05 -26.78 22.59
C ASN J 299 17.03 -25.88 21.84
N VAL J 300 17.08 -26.00 20.50
CA VAL J 300 18.02 -25.26 19.67
C VAL J 300 17.42 -24.16 18.81
N MET J 301 17.78 -22.89 19.08
CA MET J 301 17.27 -21.79 18.29
C MET J 301 18.16 -21.55 17.07
N SER J 302 17.65 -20.89 16.02
CA SER J 302 18.41 -20.70 14.79
C SER J 302 17.84 -19.53 14.00
N GLY J 303 18.40 -19.27 12.81
CA GLY J 303 18.04 -18.23 11.85
C GLY J 303 18.37 -16.80 12.23
N GLY J 304 18.51 -15.92 11.22
CA GLY J 304 18.89 -14.52 11.40
C GLY J 304 17.98 -13.68 12.24
N THR J 305 16.68 -14.01 12.32
CA THR J 305 15.76 -13.19 13.11
C THR J 305 15.79 -13.56 14.56
N THR J 306 16.78 -14.36 15.00
CA THR J 306 17.06 -14.59 16.42
C THR J 306 18.32 -13.88 16.88
N MET J 307 18.85 -12.93 16.10
CA MET J 307 20.07 -12.22 16.44
C MET J 307 19.88 -10.94 17.24
N TYR J 308 18.73 -10.70 17.86
CA TYR J 308 18.59 -9.60 18.81
C TYR J 308 19.43 -9.83 20.07
N PRO J 309 20.17 -8.89 20.66
CA PRO J 309 20.93 -9.11 21.89
C PRO J 309 20.07 -9.14 23.15
N GLY J 310 18.89 -9.79 23.12
CA GLY J 310 18.06 -9.92 24.30
C GLY J 310 17.28 -11.20 24.34
N ILE J 311 17.66 -12.17 23.52
CA ILE J 311 17.17 -13.53 23.60
C ILE J 311 18.46 -14.29 23.71
N ALA J 312 18.51 -15.47 24.34
CA ALA J 312 17.47 -16.41 24.66
C ALA J 312 16.97 -16.33 26.10
N ASP J 313 17.40 -15.37 26.95
CA ASP J 313 17.11 -15.52 28.37
C ASP J 313 15.71 -15.02 28.71
N ARG J 314 15.11 -14.27 27.77
CA ARG J 314 13.68 -14.00 27.71
C ARG J 314 12.92 -15.29 27.47
N MET J 315 13.24 -15.99 26.38
CA MET J 315 12.75 -17.32 26.07
C MET J 315 12.92 -18.35 27.19
N GLN J 316 14.07 -18.34 27.89
CA GLN J 316 14.41 -19.20 29.01
C GLN J 316 13.42 -18.98 30.13
N LYS J 317 13.41 -17.76 30.71
CA LYS J 317 12.48 -17.37 31.75
C LYS J 317 11.01 -17.70 31.43
N GLU J 318 10.59 -17.56 30.14
CA GLU J 318 9.26 -17.92 29.69
C GLU J 318 8.99 -19.43 29.66
N ILE J 319 9.92 -20.27 29.15
CA ILE J 319 9.71 -21.71 29.07
C ILE J 319 9.68 -22.34 30.43
N THR J 320 10.65 -21.99 31.30
CA THR J 320 10.78 -22.54 32.67
C THR J 320 9.53 -22.38 33.52
N ALA J 321 8.74 -21.34 33.24
CA ALA J 321 7.46 -21.05 33.87
C ALA J 321 6.30 -21.92 33.38
N LEU J 322 6.34 -22.35 32.12
CA LEU J 322 5.25 -23.06 31.48
C LEU J 322 5.39 -24.57 31.53
N ALA J 323 6.64 -25.08 31.46
CA ALA J 323 6.94 -26.49 31.54
C ALA J 323 6.80 -27.07 32.94
N PRO J 324 6.62 -28.38 33.12
CA PRO J 324 6.68 -29.06 34.42
C PRO J 324 7.82 -28.70 35.36
N SER J 325 7.59 -28.81 36.68
CA SER J 325 8.57 -28.53 37.71
C SER J 325 9.81 -29.43 37.67
N THR J 326 10.99 -28.83 37.88
CA THR J 326 12.31 -29.46 37.99
C THR J 326 12.80 -30.22 36.78
N MET J 327 12.50 -29.69 35.58
CA MET J 327 13.00 -30.20 34.32
C MET J 327 14.22 -29.43 33.87
N LYS J 328 15.23 -30.14 33.33
CA LYS J 328 16.48 -29.58 32.85
C LYS J 328 16.30 -28.84 31.53
N ILE J 329 16.06 -27.52 31.54
CA ILE J 329 15.82 -26.77 30.32
C ILE J 329 16.90 -25.75 30.16
N LYS J 330 17.80 -25.98 29.19
CA LYS J 330 18.82 -25.04 28.78
C LYS J 330 18.59 -24.82 27.30
N ILE J 331 18.70 -23.57 26.82
CA ILE J 331 18.40 -23.25 25.45
C ILE J 331 19.69 -22.96 24.73
N ILE J 332 20.04 -23.77 23.74
CA ILE J 332 21.33 -23.66 23.13
C ILE J 332 21.20 -22.75 21.94
N ALA J 333 21.84 -21.57 22.01
CA ALA J 333 21.80 -20.62 20.91
C ALA J 333 23.23 -20.30 20.52
N PRO J 334 23.77 -20.80 19.40
CA PRO J 334 25.15 -20.51 19.04
C PRO J 334 25.26 -19.07 18.57
N PRO J 335 26.33 -18.33 18.72
CA PRO J 335 26.64 -17.20 17.86
C PRO J 335 26.42 -17.38 16.37
N GLU J 336 26.05 -16.28 15.68
CA GLU J 336 25.96 -16.18 14.23
C GLU J 336 24.96 -17.11 13.53
N ARG J 337 23.78 -17.20 14.14
CA ARG J 337 22.65 -18.03 13.77
C ARG J 337 22.17 -17.90 12.34
N LYS J 338 22.40 -16.73 11.70
CA LYS J 338 22.06 -16.41 10.33
C LYS J 338 22.65 -17.37 9.30
N TYR J 339 23.75 -18.07 9.62
CA TYR J 339 24.39 -18.92 8.64
C TYR J 339 24.17 -20.37 9.01
N SER J 340 23.32 -20.67 10.02
CA SER J 340 23.06 -22.02 10.51
C SER J 340 22.67 -22.99 9.41
N VAL J 341 21.60 -22.67 8.65
CA VAL J 341 21.11 -23.42 7.51
C VAL J 341 22.20 -23.78 6.51
N TRP J 342 23.05 -22.80 6.13
CA TRP J 342 24.10 -23.01 5.16
C TRP J 342 25.16 -23.97 5.68
N ILE J 343 25.55 -23.81 6.97
CA ILE J 343 26.47 -24.69 7.66
C ILE J 343 25.92 -26.10 7.80
N GLY J 344 24.58 -26.25 7.78
CA GLY J 344 23.88 -27.50 7.62
C GLY J 344 24.12 -28.13 6.27
N GLY J 345 23.75 -27.41 5.20
CA GLY J 345 23.82 -27.86 3.81
C GLY J 345 25.19 -28.33 3.43
N SER J 346 26.21 -27.58 3.87
CA SER J 346 27.62 -27.87 3.69
C SER J 346 28.03 -29.23 4.20
N ILE J 347 27.56 -29.62 5.40
CA ILE J 347 27.82 -30.93 5.96
C ILE J 347 27.19 -32.04 5.14
N LEU J 348 25.99 -31.85 4.57
CA LEU J 348 25.34 -32.93 3.87
C LEU J 348 26.04 -33.26 2.57
N ALA J 349 26.06 -32.29 1.64
CA ALA J 349 26.52 -32.46 0.29
C ALA J 349 27.99 -32.77 0.12
N SER J 350 28.83 -32.52 1.15
CA SER J 350 30.24 -32.89 1.09
C SER J 350 30.46 -34.34 1.48
N LEU J 351 29.61 -34.90 2.36
CA LEU J 351 29.70 -36.25 2.85
C LEU J 351 29.09 -37.33 1.95
N SER J 352 29.62 -38.57 2.06
CA SER J 352 28.86 -39.78 1.76
C SER J 352 28.20 -40.14 3.09
N THR J 353 27.11 -40.90 3.23
CA THR J 353 26.33 -41.70 2.31
C THR J 353 25.63 -40.96 1.20
N PHE J 354 25.03 -39.77 1.43
CA PHE J 354 24.16 -39.13 0.45
C PHE J 354 24.79 -38.71 -0.89
N GLN J 355 26.08 -39.00 -1.16
CA GLN J 355 26.67 -38.82 -2.47
C GLN J 355 25.98 -39.53 -3.64
N GLN J 356 25.42 -40.73 -3.45
CA GLN J 356 24.66 -41.39 -4.49
C GLN J 356 23.16 -41.12 -4.40
N MET J 357 22.72 -40.13 -3.59
CA MET J 357 21.29 -39.91 -3.41
C MET J 357 20.66 -38.66 -4.01
N TRP J 358 21.32 -37.94 -4.93
CA TRP J 358 20.67 -36.86 -5.63
C TRP J 358 19.74 -37.40 -6.71
N ILE J 359 18.72 -36.63 -7.11
CA ILE J 359 17.89 -36.94 -8.25
C ILE J 359 18.68 -36.61 -9.49
N THR J 360 19.11 -37.65 -10.25
CA THR J 360 19.96 -37.48 -11.41
C THR J 360 19.18 -37.33 -12.68
N LYS J 361 19.84 -36.78 -13.73
CA LYS J 361 19.20 -36.37 -14.96
C LYS J 361 18.45 -37.45 -15.71
N GLN J 362 19.03 -38.65 -15.89
CA GLN J 362 18.32 -39.73 -16.57
C GLN J 362 17.09 -40.17 -15.80
N GLU J 363 17.20 -40.24 -14.46
CA GLU J 363 16.09 -40.57 -13.58
C GLU J 363 15.00 -39.53 -13.65
N TYR J 364 15.36 -38.24 -13.67
CA TYR J 364 14.42 -37.15 -13.84
C TYR J 364 13.71 -37.21 -15.19
N ASP J 365 14.45 -37.46 -16.29
CA ASP J 365 13.89 -37.57 -17.62
C ASP J 365 12.86 -38.70 -17.72
N GLU J 366 13.22 -39.88 -17.16
CA GLU J 366 12.36 -41.05 -17.10
C GLU J 366 11.14 -40.85 -16.22
N ALA J 367 11.31 -40.27 -15.01
CA ALA J 367 10.26 -40.13 -14.03
C ALA J 367 9.32 -38.97 -14.28
N GLY J 368 9.88 -37.82 -14.70
CA GLY J 368 9.16 -36.58 -14.90
C GLY J 368 9.11 -35.73 -13.66
N PRO J 369 8.43 -34.59 -13.68
CA PRO J 369 8.39 -33.69 -12.53
C PRO J 369 7.58 -34.22 -11.36
N SER J 370 6.80 -35.29 -11.53
CA SER J 370 6.02 -35.90 -10.45
C SER J 370 6.80 -36.72 -9.42
N ILE J 371 8.12 -36.49 -9.27
CA ILE J 371 8.98 -37.12 -8.27
C ILE J 371 8.99 -36.40 -6.91
N VAL J 372 7.84 -36.33 -6.24
CA VAL J 372 7.74 -35.61 -4.97
C VAL J 372 8.37 -36.32 -3.79
N HIS J 373 8.04 -37.60 -3.54
CA HIS J 373 8.49 -38.28 -2.35
C HIS J 373 9.73 -39.14 -2.61
N THR K 7 -24.34 22.06 30.39
CA THR K 7 -24.53 22.88 29.16
C THR K 7 -24.15 22.14 27.90
N THR K 8 -24.63 22.60 26.72
CA THR K 8 -24.37 21.94 25.45
C THR K 8 -22.90 21.95 25.07
N ALA K 9 -22.32 20.77 24.78
CA ALA K 9 -20.96 20.65 24.30
C ALA K 9 -20.68 21.32 22.95
N LEU K 10 -19.42 21.69 22.69
CA LEU K 10 -19.10 22.42 21.46
C LEU K 10 -18.12 21.57 20.67
N VAL K 11 -18.49 21.21 19.42
CA VAL K 11 -17.65 20.54 18.45
C VAL K 11 -16.97 21.47 17.45
N CYS K 12 -15.64 21.55 17.53
CA CYS K 12 -14.80 22.42 16.75
C CYS K 12 -13.83 21.50 16.07
N ASP K 13 -13.87 21.44 14.73
CA ASP K 13 -13.17 20.43 13.99
C ASP K 13 -11.94 21.11 13.41
N ASN K 14 -10.80 20.52 13.82
CA ASN K 14 -9.44 20.80 13.45
C ASN K 14 -9.19 20.28 12.07
N GLY K 15 -9.88 20.91 11.08
CA GLY K 15 -9.67 20.75 9.67
C GLY K 15 -8.24 20.65 9.21
N SER K 16 -8.03 19.86 8.16
CA SER K 16 -6.80 19.80 7.42
C SER K 16 -6.80 21.04 6.54
N GLY K 17 -8.01 21.44 6.13
CA GLY K 17 -8.37 22.57 5.31
C GLY K 17 -8.30 23.90 6.04
N LEU K 18 -9.37 24.64 6.40
CA LEU K 18 -10.82 24.45 6.48
C LEU K 18 -11.29 23.98 7.85
N VAL K 19 -11.14 24.85 8.86
CA VAL K 19 -11.67 24.65 10.19
C VAL K 19 -13.18 24.82 10.21
N LYS K 20 -13.89 23.92 10.91
CA LYS K 20 -15.34 23.96 10.99
C LYS K 20 -15.71 24.15 12.45
N ALA K 21 -16.64 25.05 12.80
CA ALA K 21 -17.01 25.20 14.20
C ALA K 21 -18.50 25.39 14.35
N GLY K 22 -19.12 24.67 15.33
CA GLY K 22 -20.54 24.70 15.60
C GLY K 22 -20.90 23.88 16.80
N PHE K 23 -21.92 24.25 17.59
CA PHE K 23 -22.27 23.54 18.82
C PHE K 23 -22.73 22.11 18.54
N ALA K 24 -22.90 21.26 19.59
CA ALA K 24 -23.29 19.87 19.41
C ALA K 24 -24.65 19.69 18.77
N GLY K 25 -24.66 19.30 17.48
CA GLY K 25 -25.84 19.17 16.66
C GLY K 25 -26.53 20.46 16.30
N ASP K 26 -27.47 20.43 15.35
CA ASP K 26 -28.00 19.26 14.65
C ASP K 26 -28.15 19.60 13.18
N ASP K 27 -27.69 20.79 12.81
CA ASP K 27 -27.87 21.42 11.54
C ASP K 27 -26.58 21.36 10.72
N ALA K 28 -25.69 22.36 10.86
CA ALA K 28 -24.50 22.52 10.07
C ALA K 28 -23.50 23.33 10.89
N PRO K 29 -22.22 23.45 10.57
CA PRO K 29 -21.32 24.26 11.38
C PRO K 29 -21.58 25.75 11.16
N ARG K 30 -21.50 26.55 12.23
CA ARG K 30 -21.66 27.98 12.20
C ARG K 30 -20.64 28.69 11.35
N ALA K 31 -19.36 28.32 11.46
CA ALA K 31 -18.30 29.05 10.79
C ALA K 31 -17.31 28.14 10.09
N VAL K 32 -17.02 28.43 8.81
CA VAL K 32 -16.05 27.67 8.04
C VAL K 32 -15.16 28.66 7.33
N PHE K 33 -13.83 28.49 7.38
CA PHE K 33 -12.88 29.37 6.71
C PHE K 33 -11.57 28.63 6.50
N PRO K 34 -10.69 28.94 5.55
CA PRO K 34 -9.62 28.01 5.23
C PRO K 34 -8.34 28.25 6.01
N SER K 35 -8.43 28.38 7.35
CA SER K 35 -7.35 28.30 8.34
C SER K 35 -6.19 29.28 8.28
N ILE K 36 -5.91 29.90 7.14
CA ILE K 36 -4.84 30.84 6.88
C ILE K 36 -4.69 32.00 7.86
N VAL K 37 -3.42 32.29 8.24
CA VAL K 37 -3.00 33.52 8.88
C VAL K 37 -2.12 34.30 7.94
N GLY K 38 -2.25 35.64 7.90
CA GLY K 38 -1.44 36.45 7.00
C GLY K 38 -1.06 37.76 7.62
N ARG K 39 0.26 38.02 7.73
CA ARG K 39 0.79 39.29 8.18
C ARG K 39 0.93 40.29 7.03
N PRO K 40 0.88 41.61 7.24
CA PRO K 40 1.05 42.58 6.15
C PRO K 40 2.49 42.83 5.71
N ARG K 41 2.84 42.51 4.45
CA ARG K 41 4.21 42.51 3.97
C ARG K 41 4.79 43.77 3.31
N HIS K 42 4.05 44.88 3.11
CA HIS K 42 4.64 46.09 2.51
C HIS K 42 4.54 47.23 3.50
N GLN K 43 5.38 48.29 3.38
CA GLN K 43 5.34 49.41 4.31
C GLN K 43 4.09 50.29 4.26
N GLY K 44 3.59 50.70 5.45
CA GLY K 44 2.39 51.51 5.58
C GLY K 44 2.56 52.95 5.17
N VAL K 45 1.59 53.50 4.41
CA VAL K 45 1.67 54.85 3.89
C VAL K 45 0.45 55.66 4.23
N MET K 46 -0.44 55.13 5.07
CA MET K 46 -1.55 55.88 5.62
C MET K 46 -1.40 55.71 7.11
N VAL K 47 -0.91 56.72 7.86
CA VAL K 47 -0.99 56.68 9.31
C VAL K 47 -2.40 56.92 9.84
N GLY K 48 -3.26 55.90 9.64
CA GLY K 48 -4.58 55.77 10.24
C GLY K 48 -4.47 55.12 11.60
N MET K 49 -4.19 53.82 11.73
CA MET K 49 -3.92 52.83 10.69
C MET K 49 -4.81 51.63 10.86
N GLY K 50 -4.98 51.13 12.10
CA GLY K 50 -5.98 50.14 12.44
C GLY K 50 -5.67 48.73 12.04
N GLN K 51 -4.48 48.48 11.50
CA GLN K 51 -4.14 47.20 10.96
C GLN K 51 -3.69 46.22 12.04
N LYS K 52 -4.28 45.03 12.06
CA LYS K 52 -3.97 44.00 13.03
C LYS K 52 -2.65 43.31 12.69
N ASP K 53 -1.93 42.79 13.70
CA ASP K 53 -0.68 42.09 13.52
C ASP K 53 -0.87 40.80 12.72
N SER K 54 -1.91 40.03 13.07
CA SER K 54 -2.28 38.85 12.30
C SER K 54 -3.76 38.81 11.99
N TYR K 55 -4.11 38.77 10.70
CA TYR K 55 -5.45 38.53 10.24
C TYR K 55 -5.69 37.04 10.13
N VAL K 56 -6.78 36.50 10.71
CA VAL K 56 -7.22 35.16 10.36
C VAL K 56 -8.20 35.27 9.18
N GLY K 57 -8.62 34.16 8.55
CA GLY K 57 -9.77 34.14 7.65
C GLY K 57 -11.09 34.23 8.41
N ASP K 58 -12.19 34.78 7.88
CA ASP K 58 -12.47 35.31 6.57
C ASP K 58 -11.62 36.52 6.17
N GLU K 59 -11.33 37.48 7.08
CA GLU K 59 -10.65 38.71 6.71
C GLU K 59 -9.28 38.55 6.03
N ALA K 60 -8.53 37.46 6.29
CA ALA K 60 -7.31 37.14 5.58
C ALA K 60 -7.53 36.54 4.20
N GLN K 61 -8.78 36.34 3.76
CA GLN K 61 -9.07 35.89 2.42
C GLN K 61 -9.76 37.02 1.67
N SER K 62 -10.12 38.09 2.39
CA SER K 62 -10.60 39.34 1.83
C SER K 62 -9.45 40.27 1.51
N LYS K 63 -8.36 40.17 2.27
CA LYS K 63 -7.18 41.02 2.14
C LYS K 63 -6.07 40.32 1.38
N ARG K 64 -6.40 39.45 0.42
CA ARG K 64 -5.40 38.86 -0.46
C ARG K 64 -4.61 39.89 -1.25
N GLY K 65 -3.32 39.58 -1.49
CA GLY K 65 -2.43 40.37 -2.32
C GLY K 65 -1.59 41.35 -1.56
N ILE K 66 -1.86 41.55 -0.25
CA ILE K 66 -1.03 42.42 0.58
C ILE K 66 -0.56 41.68 1.82
N LEU K 67 -0.71 40.36 1.82
CA LEU K 67 -0.35 39.53 2.94
C LEU K 67 0.48 38.37 2.44
N THR K 68 1.06 37.58 3.36
CA THR K 68 1.71 36.32 3.02
C THR K 68 1.01 35.23 3.77
N LEU K 69 0.07 34.54 3.10
CA LEU K 69 -0.75 33.48 3.65
C LEU K 69 0.05 32.28 4.15
N LYS K 70 -0.19 31.83 5.38
CA LYS K 70 0.46 30.67 5.96
C LYS K 70 -0.55 29.75 6.57
N TYR K 71 -0.79 28.55 5.97
CA TYR K 71 -1.71 27.59 6.55
C TYR K 71 -1.08 27.01 7.83
N PRO K 72 -1.74 26.93 8.97
CA PRO K 72 -1.09 26.48 10.20
C PRO K 72 -0.97 24.98 10.22
N ILE K 73 -1.78 24.25 9.45
CA ILE K 73 -1.69 22.81 9.36
C ILE K 73 -1.19 22.38 8.00
N GLU K 74 0.05 21.85 7.96
CA GLU K 74 0.77 21.57 6.74
C GLU K 74 1.20 20.13 6.85
N HIS K 75 0.98 19.30 5.81
CA HIS K 75 1.25 17.87 5.85
C HIS K 75 0.68 17.14 7.07
N GLY K 76 -0.54 17.54 7.51
CA GLY K 76 -1.25 16.86 8.58
C GLY K 76 -0.83 17.19 9.98
N ILE K 77 0.03 18.19 10.20
CA ILE K 77 0.42 18.58 11.54
C ILE K 77 0.50 20.09 11.65
N ILE K 78 0.18 20.63 12.84
CA ILE K 78 0.25 22.04 13.13
C ILE K 78 1.69 22.53 13.20
N THR K 79 2.00 23.66 12.55
CA THR K 79 3.36 24.19 12.43
C THR K 79 4.01 24.55 13.77
N ASN K 80 3.34 25.36 14.61
CA ASN K 80 3.77 25.68 15.94
C ASN K 80 2.57 26.28 16.62
N TRP K 81 2.53 26.24 17.96
CA TRP K 81 1.37 26.73 18.67
C TRP K 81 1.29 28.22 18.83
N ASP K 82 2.30 28.99 18.41
CA ASP K 82 2.22 30.44 18.44
C ASP K 82 1.17 30.99 17.49
N ASP K 83 1.07 30.41 16.28
CA ASP K 83 0.05 30.79 15.30
C ASP K 83 -1.25 30.05 15.59
N MET K 84 -1.17 28.77 15.99
CA MET K 84 -2.33 27.96 16.34
C MET K 84 -3.16 28.55 17.46
N GLU K 85 -2.55 29.03 18.56
CA GLU K 85 -3.30 29.63 19.66
C GLU K 85 -4.11 30.85 19.20
N LYS K 86 -3.58 31.63 18.23
CA LYS K 86 -4.28 32.77 17.66
C LYS K 86 -5.42 32.33 16.77
N ILE K 87 -5.28 31.23 15.99
CA ILE K 87 -6.39 30.54 15.31
C ILE K 87 -7.51 30.20 16.27
N TRP K 88 -7.19 29.51 17.38
CA TRP K 88 -8.13 29.09 18.38
C TRP K 88 -8.86 30.27 18.98
N HIS K 89 -8.14 31.27 19.50
CA HIS K 89 -8.70 32.47 20.09
C HIS K 89 -9.66 33.18 19.14
N HIS K 90 -9.28 33.38 17.86
CA HIS K 90 -10.18 33.89 16.83
C HIS K 90 -11.41 33.04 16.64
N THR K 91 -11.25 31.70 16.55
CA THR K 91 -12.33 30.77 16.30
C THR K 91 -13.38 30.77 17.39
N PHE K 92 -12.99 30.54 18.66
CA PHE K 92 -13.96 30.55 19.74
C PHE K 92 -14.59 31.91 19.99
N TYR K 93 -13.76 32.96 20.06
CA TYR K 93 -14.22 34.28 20.42
C TYR K 93 -14.88 35.09 19.32
N ASN K 94 -14.29 35.19 18.12
CA ASN K 94 -14.72 36.21 17.17
C ASN K 94 -15.60 35.62 16.09
N GLU K 95 -15.97 34.34 16.23
CA GLU K 95 -16.91 33.64 15.40
C GLU K 95 -18.03 33.16 16.31
N LEU K 96 -17.80 32.07 17.04
CA LEU K 96 -18.80 31.39 17.86
C LEU K 96 -19.26 32.14 19.10
N ARG K 97 -18.58 33.23 19.50
CA ARG K 97 -18.90 34.15 20.58
C ARG K 97 -18.91 33.61 22.01
N VAL K 98 -19.21 32.32 22.21
CA VAL K 98 -19.23 31.65 23.50
C VAL K 98 -17.87 31.62 24.18
N ALA K 99 -17.82 31.63 25.53
CA ALA K 99 -16.55 31.48 26.23
C ALA K 99 -16.22 30.01 26.43
N PRO K 100 -15.00 29.49 26.17
CA PRO K 100 -14.63 28.09 26.43
C PRO K 100 -14.81 27.64 27.86
N GLU K 101 -14.93 28.57 28.80
CA GLU K 101 -15.10 28.30 30.21
C GLU K 101 -16.49 27.77 30.52
N GLU K 102 -17.44 27.91 29.59
CA GLU K 102 -18.82 27.50 29.77
C GLU K 102 -19.21 26.13 29.24
N HIS K 103 -18.31 25.28 28.71
CA HIS K 103 -18.75 24.04 28.11
C HIS K 103 -17.67 22.98 28.15
N PRO K 104 -17.96 21.69 28.08
CA PRO K 104 -16.99 20.72 27.58
C PRO K 104 -16.84 20.81 26.08
N THR K 105 -15.61 20.72 25.54
CA THR K 105 -15.41 20.86 24.10
C THR K 105 -15.07 19.51 23.51
N LEU K 106 -15.11 19.37 22.18
CA LEU K 106 -14.79 18.16 21.47
C LEU K 106 -13.89 18.49 20.32
N LEU K 107 -12.67 17.95 20.27
CA LEU K 107 -11.72 18.26 19.22
C LEU K 107 -11.45 17.02 18.41
N THR K 108 -10.99 17.22 17.17
CA THR K 108 -10.75 16.14 16.23
C THR K 108 -9.27 16.07 15.89
N GLU K 109 -8.79 14.91 15.43
CA GLU K 109 -7.38 14.68 15.14
C GLU K 109 -7.28 13.83 13.90
N ALA K 110 -6.09 13.40 13.47
CA ALA K 110 -5.96 12.39 12.43
C ALA K 110 -5.95 11.00 13.05
N PRO K 111 -6.32 9.91 12.39
CA PRO K 111 -6.32 8.58 13.01
C PRO K 111 -4.93 8.11 13.40
N LEU K 112 -3.93 8.51 12.62
CA LEU K 112 -2.55 8.15 12.83
C LEU K 112 -1.80 9.45 12.67
N ASN K 113 -1.19 10.01 13.73
CA ASN K 113 -0.52 11.29 13.63
C ASN K 113 0.60 11.31 14.66
N PRO K 114 1.68 12.09 14.53
CA PRO K 114 2.81 12.08 15.45
C PRO K 114 2.49 12.18 16.92
N LYS K 115 2.93 11.20 17.70
CA LYS K 115 2.84 11.18 19.14
C LYS K 115 4.23 11.58 19.63
N ALA K 116 4.39 12.55 20.56
CA ALA K 116 3.39 13.11 21.45
C ALA K 116 2.89 14.49 21.04
N ASN K 117 2.49 14.70 19.76
CA ASN K 117 1.88 15.97 19.38
C ASN K 117 0.38 15.98 19.54
N ARG K 118 -0.22 14.92 20.10
CA ARG K 118 -1.59 14.95 20.55
C ARG K 118 -1.63 15.32 22.02
N GLU K 119 -0.60 14.87 22.79
CA GLU K 119 -0.35 15.23 24.17
C GLU K 119 -0.14 16.74 24.27
N LYS K 120 1.00 17.25 23.74
CA LYS K 120 1.34 18.67 23.68
C LYS K 120 0.20 19.59 23.28
N MET K 121 -0.64 19.17 22.31
CA MET K 121 -1.86 19.81 21.89
C MET K 121 -2.87 19.89 23.03
N THR K 122 -3.30 18.73 23.56
CA THR K 122 -4.22 18.60 24.69
C THR K 122 -3.77 19.43 25.88
N GLN K 123 -2.46 19.45 26.17
CA GLN K 123 -1.87 20.14 27.31
C GLN K 123 -1.90 21.64 27.13
N ILE K 124 -1.38 22.14 25.99
CA ILE K 124 -1.40 23.54 25.65
C ILE K 124 -2.81 24.10 25.61
N MET K 125 -3.78 23.40 25.01
CA MET K 125 -5.15 23.87 24.96
C MET K 125 -5.83 24.00 26.34
N PHE K 126 -5.41 23.17 27.32
CA PHE K 126 -5.93 23.20 28.67
C PHE K 126 -5.40 24.38 29.44
N GLU K 127 -4.12 24.74 29.22
CA GLU K 127 -3.46 25.84 29.91
C GLU K 127 -3.76 27.17 29.25
N THR K 128 -4.01 27.21 27.93
CA THR K 128 -4.32 28.45 27.24
C THR K 128 -5.77 28.84 27.43
N PHE K 129 -6.74 27.95 27.18
CA PHE K 129 -8.14 28.38 27.27
C PHE K 129 -8.84 27.97 28.55
N ASN K 130 -8.29 26.99 29.32
CA ASN K 130 -8.75 26.64 30.65
C ASN K 130 -10.22 26.21 30.66
N VAL K 131 -10.58 25.39 29.65
CA VAL K 131 -11.83 24.68 29.44
C VAL K 131 -12.21 23.66 30.52
N PRO K 132 -13.48 23.41 30.83
CA PRO K 132 -13.83 22.50 31.92
C PRO K 132 -13.53 21.03 31.64
N ALA K 133 -13.73 20.55 30.41
CA ALA K 133 -13.43 19.18 30.05
C ALA K 133 -13.34 19.04 28.55
N MET K 134 -12.77 17.95 28.05
CA MET K 134 -12.59 17.79 26.62
C MET K 134 -12.34 16.35 26.22
N TYR K 135 -12.34 16.04 24.91
CA TYR K 135 -11.86 14.77 24.42
C TYR K 135 -11.44 14.97 22.98
N VAL K 136 -10.62 14.05 22.45
CA VAL K 136 -10.10 14.13 21.10
C VAL K 136 -10.51 12.87 20.37
N ALA K 137 -11.39 13.00 19.37
CA ALA K 137 -11.87 11.89 18.57
C ALA K 137 -11.23 11.86 17.19
N ILE K 138 -10.91 10.68 16.64
CA ILE K 138 -10.31 10.64 15.30
C ILE K 138 -11.32 10.96 14.19
N GLN K 139 -10.91 11.71 13.14
CA GLN K 139 -11.81 12.20 12.10
C GLN K 139 -12.45 11.10 11.26
N ALA K 140 -11.78 9.95 11.07
CA ALA K 140 -12.30 8.88 10.25
C ALA K 140 -13.52 8.15 10.83
N VAL K 141 -13.47 7.74 12.11
CA VAL K 141 -14.52 7.01 12.81
C VAL K 141 -15.86 7.71 12.77
N LEU K 142 -15.85 9.04 12.90
CA LEU K 142 -17.04 9.85 12.90
C LEU K 142 -17.81 9.76 11.60
N SER K 143 -17.16 9.46 10.46
CA SER K 143 -17.87 9.35 9.20
C SER K 143 -18.80 8.14 9.13
N LEU K 144 -18.74 7.17 10.08
CA LEU K 144 -19.74 6.13 10.16
C LEU K 144 -21.06 6.67 10.64
N TYR K 145 -20.98 7.54 11.67
CA TYR K 145 -22.12 8.09 12.36
C TYR K 145 -22.97 8.94 11.45
N ALA K 146 -22.32 9.74 10.60
CA ALA K 146 -22.97 10.62 9.64
C ALA K 146 -24.00 9.97 8.74
N SER K 147 -23.76 8.71 8.31
CA SER K 147 -24.71 8.00 7.48
C SER K 147 -25.25 6.79 8.22
N GLY K 148 -25.14 6.77 9.56
CA GLY K 148 -25.64 5.72 10.44
C GLY K 148 -25.32 4.30 10.02
N ARG K 149 -24.03 4.02 9.78
CA ARG K 149 -23.57 2.70 9.39
C ARG K 149 -23.02 1.95 10.58
N THR K 150 -23.17 0.62 10.59
CA THR K 150 -22.73 -0.22 11.70
C THR K 150 -21.53 -1.08 11.30
N THR K 151 -21.11 -1.02 10.03
CA THR K 151 -20.03 -1.82 9.45
C THR K 151 -19.47 -0.95 8.34
N GLY K 152 -18.19 -1.16 7.90
CA GLY K 152 -17.67 -0.43 6.74
C GLY K 152 -16.33 0.26 6.91
N ILE K 153 -15.69 0.56 5.75
CA ILE K 153 -14.40 1.23 5.61
C ILE K 153 -14.54 2.75 5.43
N VAL K 154 -13.91 3.55 6.33
CA VAL K 154 -13.95 5.02 6.43
C VAL K 154 -12.75 5.83 5.90
N LEU K 155 -13.04 6.82 5.02
CA LEU K 155 -12.18 7.79 4.33
C LEU K 155 -12.08 9.29 4.77
N ASP K 156 -11.10 9.82 5.57
CA ASP K 156 -11.03 11.28 5.88
C ASP K 156 -9.93 11.67 4.94
N SER K 157 -10.34 12.39 3.87
CA SER K 157 -9.47 12.89 2.85
C SER K 157 -9.73 14.37 2.83
N GLY K 158 -8.76 15.16 3.32
CA GLY K 158 -8.79 16.61 3.27
C GLY K 158 -7.48 17.12 2.77
N ASP K 159 -7.40 18.37 2.31
CA ASP K 159 -6.13 19.03 2.02
C ASP K 159 -5.18 19.10 3.26
N GLY K 160 -4.08 18.32 3.44
CA GLY K 160 -3.59 17.18 2.67
C GLY K 160 -3.28 15.91 3.44
N VAL K 161 -4.31 15.25 4.00
CA VAL K 161 -4.18 13.92 4.58
C VAL K 161 -5.38 13.07 4.16
N THR K 162 -5.15 11.92 3.51
CA THR K 162 -6.17 10.89 3.31
C THR K 162 -6.02 9.83 4.40
N HIS K 163 -7.07 9.04 4.71
CA HIS K 163 -6.90 7.86 5.54
C HIS K 163 -7.84 6.74 5.15
N ASN K 164 -7.50 5.47 5.45
CA ASN K 164 -8.30 4.29 5.16
C ASN K 164 -8.47 3.39 6.39
N VAL K 165 -9.55 3.52 7.20
CA VAL K 165 -9.76 2.70 8.41
C VAL K 165 -10.90 1.68 8.27
N PRO K 166 -10.72 0.36 8.37
CA PRO K 166 -11.84 -0.60 8.33
C PRO K 166 -12.47 -0.83 9.70
N ILE K 167 -13.81 -0.72 9.83
CA ILE K 167 -14.53 -0.88 11.09
C ILE K 167 -15.63 -1.93 10.98
N TYR K 168 -15.70 -2.86 11.96
CA TYR K 168 -16.75 -3.87 12.02
C TYR K 168 -17.50 -3.82 13.34
N GLU K 169 -18.80 -3.41 13.31
CA GLU K 169 -19.78 -3.38 14.39
C GLU K 169 -19.34 -3.74 15.79
N GLY K 170 -18.77 -2.81 16.58
CA GLY K 170 -18.39 -1.44 16.28
C GLY K 170 -16.94 -1.30 16.62
N TYR K 171 -16.18 -2.31 16.25
CA TYR K 171 -14.78 -2.47 16.54
C TYR K 171 -13.89 -1.96 15.43
N ALA K 172 -12.78 -1.32 15.81
CA ALA K 172 -11.82 -0.81 14.86
C ALA K 172 -10.71 -1.82 14.78
N LEU K 173 -10.28 -2.16 13.57
CA LEU K 173 -9.28 -3.17 13.37
C LEU K 173 -7.90 -2.51 13.32
N PRO K 174 -7.00 -2.63 14.29
CA PRO K 174 -5.74 -1.93 14.27
C PRO K 174 -4.86 -2.33 13.10
N HIS K 175 -4.79 -3.62 12.72
CA HIS K 175 -3.84 -4.11 11.74
C HIS K 175 -4.03 -3.47 10.39
N ALA K 176 -5.28 -3.23 9.99
CA ALA K 176 -5.58 -2.71 8.69
C ALA K 176 -5.65 -1.20 8.52
N ILE K 177 -5.30 -0.35 9.53
CA ILE K 177 -5.40 1.10 9.29
C ILE K 177 -4.28 1.61 8.40
N MET K 178 -4.63 2.24 7.26
CA MET K 178 -3.66 2.78 6.31
C MET K 178 -3.73 4.29 6.14
N ARG K 179 -2.59 4.99 6.26
CA ARG K 179 -2.50 6.43 6.12
C ARG K 179 -1.77 6.83 4.84
N LEU K 180 -2.43 7.57 3.95
CA LEU K 180 -1.83 8.07 2.72
C LEU K 180 -1.60 9.55 2.90
N ASP K 181 -0.40 10.09 2.65
CA ASP K 181 -0.18 11.53 2.66
C ASP K 181 -0.23 12.05 1.23
N LEU K 182 -1.40 11.88 0.58
CA LEU K 182 -1.60 12.16 -0.83
C LEU K 182 -2.53 13.33 -1.12
N ALA K 183 -3.86 13.16 -1.10
CA ALA K 183 -4.77 14.25 -1.40
C ALA K 183 -4.96 15.14 -0.19
N GLY K 184 -5.25 16.45 -0.30
CA GLY K 184 -5.57 17.23 -1.48
C GLY K 184 -4.62 18.37 -1.78
N ARG K 185 -3.73 18.82 -0.86
CA ARG K 185 -2.82 19.92 -1.13
C ARG K 185 -1.82 19.64 -2.23
N ASP K 186 -1.48 18.37 -2.46
CA ASP K 186 -0.64 17.95 -3.56
C ASP K 186 -1.40 18.02 -4.87
N LEU K 187 -2.74 17.93 -4.83
CA LEU K 187 -3.61 18.18 -5.97
C LEU K 187 -3.63 19.67 -6.26
N THR K 188 -3.65 20.52 -5.20
CA THR K 188 -3.54 21.98 -5.32
C THR K 188 -2.23 22.34 -6.01
N ASP K 189 -1.09 21.81 -5.52
CA ASP K 189 0.21 22.01 -6.13
C ASP K 189 0.25 21.47 -7.55
N TYR K 190 -0.41 20.34 -7.82
CA TYR K 190 -0.45 19.76 -9.16
C TYR K 190 -1.22 20.61 -10.13
N LEU K 191 -2.37 21.19 -9.74
CA LEU K 191 -3.07 22.13 -10.59
C LEU K 191 -2.22 23.33 -10.91
N MET K 192 -1.46 23.86 -9.93
CA MET K 192 -0.53 24.95 -10.20
C MET K 192 0.62 24.55 -11.12
N LYS K 193 1.04 23.27 -11.06
CA LYS K 193 2.09 22.72 -11.88
C LYS K 193 1.64 22.41 -13.31
N ILE K 194 0.35 22.09 -13.54
CA ILE K 194 -0.11 21.88 -14.90
C ILE K 194 -0.83 23.06 -15.48
N LEU K 195 -1.06 24.15 -14.71
CA LEU K 195 -1.60 25.35 -15.31
C LEU K 195 -0.54 26.28 -15.85
N THR K 196 0.71 26.17 -15.37
CA THR K 196 1.88 26.81 -16.01
C THR K 196 2.14 26.26 -17.39
N GLU K 197 1.77 24.99 -17.62
CA GLU K 197 1.82 24.32 -18.91
C GLU K 197 0.92 24.98 -19.96
N ARG K 198 -0.13 25.73 -19.56
CA ARG K 198 -0.94 26.51 -20.48
C ARG K 198 -0.69 27.99 -20.31
N GLY K 199 0.48 28.40 -19.82
CA GLY K 199 0.94 29.77 -19.97
C GLY K 199 0.44 30.74 -18.95
N TYR K 200 -0.21 30.27 -17.89
CA TYR K 200 -0.73 31.12 -16.84
C TYR K 200 0.06 30.81 -15.59
N SER K 201 0.87 31.75 -15.11
CA SER K 201 1.78 31.51 -14.03
C SER K 201 1.30 32.05 -12.70
N PHE K 202 1.42 31.23 -11.64
CA PHE K 202 0.96 31.58 -10.32
C PHE K 202 2.03 31.06 -9.39
N VAL K 203 2.69 31.93 -8.64
CA VAL K 203 3.85 31.53 -7.87
C VAL K 203 3.82 32.13 -6.50
N THR K 204 3.17 33.30 -6.33
CA THR K 204 3.21 34.02 -5.07
C THR K 204 2.12 33.50 -4.16
N THR K 205 2.32 33.68 -2.85
CA THR K 205 1.54 33.03 -1.80
C THR K 205 0.06 33.30 -1.84
N ALA K 206 -0.36 34.57 -1.92
CA ALA K 206 -1.78 34.91 -1.95
C ALA K 206 -2.56 34.25 -3.10
N GLU K 207 -1.99 34.34 -4.31
CA GLU K 207 -2.56 33.88 -5.55
C GLU K 207 -2.81 32.38 -5.58
N ARG K 208 -2.07 31.63 -4.74
CA ARG K 208 -2.18 30.19 -4.55
C ARG K 208 -3.59 29.77 -4.13
N GLU K 209 -4.29 30.63 -3.35
CA GLU K 209 -5.70 30.42 -3.03
C GLU K 209 -6.61 30.33 -4.25
N ILE K 210 -6.39 31.18 -5.28
CA ILE K 210 -7.21 31.21 -6.49
C ILE K 210 -7.20 29.87 -7.20
N VAL K 211 -6.02 29.24 -7.27
CA VAL K 211 -5.84 27.90 -7.80
C VAL K 211 -6.68 26.88 -7.06
N ARG K 212 -6.66 26.94 -5.70
CA ARG K 212 -7.47 26.10 -4.85
C ARG K 212 -8.98 26.23 -5.11
N ASP K 213 -9.44 27.47 -5.38
CA ASP K 213 -10.83 27.74 -5.67
C ASP K 213 -11.28 27.15 -7.01
N ILE K 214 -10.41 27.17 -8.04
CA ILE K 214 -10.68 26.51 -9.30
C ILE K 214 -10.59 24.99 -9.18
N LYS K 215 -9.89 24.47 -8.14
CA LYS K 215 -9.86 23.05 -7.84
C LYS K 215 -11.20 22.58 -7.32
N GLU K 216 -11.90 23.43 -6.55
CA GLU K 216 -13.25 23.20 -6.08
C GLU K 216 -14.23 23.09 -7.24
N LYS K 217 -14.48 24.19 -7.97
CA LYS K 217 -15.61 24.25 -8.87
C LYS K 217 -15.44 23.48 -10.17
N LEU K 218 -14.35 23.69 -10.93
CA LEU K 218 -14.34 23.23 -12.31
C LEU K 218 -13.77 21.87 -12.66
N CYS K 219 -13.15 21.11 -11.76
CA CYS K 219 -12.57 19.82 -12.13
C CYS K 219 -13.58 18.68 -12.17
N TYR K 220 -13.25 17.53 -12.81
CA TYR K 220 -14.09 16.35 -12.76
C TYR K 220 -13.24 15.12 -13.08
N VAL K 221 -13.65 13.91 -12.63
CA VAL K 221 -12.93 12.66 -12.83
C VAL K 221 -13.57 11.87 -13.96
N ALA K 222 -12.77 11.23 -14.83
CA ALA K 222 -13.23 10.46 -15.97
C ALA K 222 -13.75 9.08 -15.58
N LEU K 223 -14.61 8.46 -16.41
CA LEU K 223 -15.03 7.09 -16.19
C LEU K 223 -14.06 6.11 -16.82
N ASP K 224 -13.57 6.43 -18.03
CA ASP K 224 -12.55 5.68 -18.73
C ASP K 224 -11.47 6.66 -19.20
N PHE K 225 -10.32 6.68 -18.50
CA PHE K 225 -9.21 7.59 -18.71
C PHE K 225 -8.73 7.63 -20.16
N GLU K 226 -8.30 6.48 -20.69
CA GLU K 226 -7.75 6.29 -22.04
C GLU K 226 -8.65 6.85 -23.15
N ASN K 227 -9.98 6.70 -22.99
CA ASN K 227 -10.93 7.20 -23.95
C ASN K 227 -11.24 8.69 -23.74
N GLU K 228 -11.14 9.23 -22.50
CA GLU K 228 -11.30 10.66 -22.32
C GLU K 228 -10.11 11.43 -22.90
N MET K 229 -8.92 10.82 -22.82
CA MET K 229 -7.69 11.30 -23.43
C MET K 229 -7.72 11.32 -24.94
N ALA K 230 -8.35 10.30 -25.55
CA ALA K 230 -8.58 10.22 -26.98
C ALA K 230 -9.38 11.39 -27.50
N THR K 231 -10.55 11.65 -26.90
CA THR K 231 -11.45 12.71 -27.37
C THR K 231 -10.93 14.10 -27.08
N ALA K 232 -10.02 14.25 -26.09
CA ALA K 232 -9.32 15.47 -25.82
C ALA K 232 -8.38 15.96 -26.92
N ALA K 233 -7.73 15.03 -27.65
CA ALA K 233 -6.81 15.34 -28.73
C ALA K 233 -7.46 15.95 -29.98
N SER K 234 -8.76 15.68 -30.19
CA SER K 234 -9.57 16.25 -31.25
C SER K 234 -10.11 17.61 -30.84
N SER K 235 -10.90 18.24 -31.70
CA SER K 235 -11.42 19.59 -31.55
C SER K 235 -12.77 19.52 -30.86
N SER K 236 -13.20 18.30 -30.51
CA SER K 236 -14.37 17.98 -29.71
C SER K 236 -14.31 18.68 -28.37
N SER K 237 -15.22 19.63 -28.10
CA SER K 237 -15.02 20.56 -27.00
C SER K 237 -15.24 19.96 -25.64
N LEU K 238 -14.19 20.05 -24.81
CA LEU K 238 -14.23 19.88 -23.38
C LEU K 238 -13.75 21.19 -22.75
N GLU K 239 -13.65 22.26 -23.56
CA GLU K 239 -13.21 23.57 -23.15
C GLU K 239 -14.27 24.35 -22.38
N LYS K 240 -13.98 24.72 -21.11
CA LYS K 240 -14.81 25.62 -20.33
C LYS K 240 -14.06 26.90 -20.02
N SER K 241 -14.71 28.06 -20.15
CA SER K 241 -14.07 29.35 -19.99
C SER K 241 -14.26 29.90 -18.60
N TYR K 242 -13.16 30.06 -17.84
CA TYR K 242 -13.23 30.62 -16.51
C TYR K 242 -12.91 32.11 -16.60
N GLU K 243 -13.45 32.93 -15.68
CA GLU K 243 -13.12 34.34 -15.62
C GLU K 243 -12.32 34.58 -14.36
N LEU K 244 -11.27 35.39 -14.42
CA LEU K 244 -10.26 35.43 -13.38
C LEU K 244 -10.34 36.71 -12.58
N PRO K 245 -9.98 36.77 -11.29
CA PRO K 245 -10.14 37.96 -10.44
C PRO K 245 -9.79 39.33 -10.97
N ASP K 246 -8.72 39.53 -11.77
CA ASP K 246 -8.43 40.83 -12.33
C ASP K 246 -8.99 41.07 -13.74
N GLY K 247 -9.92 40.22 -14.23
CA GLY K 247 -10.63 40.44 -15.48
C GLY K 247 -10.18 39.56 -16.61
N GLN K 248 -9.28 38.61 -16.34
CA GLN K 248 -8.61 37.82 -17.37
C GLN K 248 -9.44 36.60 -17.72
N VAL K 249 -9.27 36.06 -18.95
CA VAL K 249 -10.04 34.92 -19.44
C VAL K 249 -9.21 33.66 -19.60
N ILE K 250 -9.56 32.58 -18.88
CA ILE K 250 -8.79 31.34 -18.91
C ILE K 250 -9.59 30.27 -19.64
N THR K 251 -8.99 29.61 -20.65
CA THR K 251 -9.63 28.55 -21.42
C THR K 251 -8.97 27.21 -21.15
N ILE K 252 -9.59 26.33 -20.33
CA ILE K 252 -9.03 25.01 -20.04
C ILE K 252 -9.83 23.89 -20.67
N GLY K 253 -9.11 22.88 -21.22
CA GLY K 253 -9.66 21.66 -21.79
C GLY K 253 -9.17 20.46 -21.02
N ASN K 254 -8.38 19.56 -21.67
CA ASN K 254 -7.75 18.36 -21.12
C ASN K 254 -7.37 18.42 -19.64
N GLU K 255 -6.60 19.44 -19.24
CA GLU K 255 -6.13 19.67 -17.89
C GLU K 255 -7.19 19.74 -16.79
N ARG K 256 -8.44 20.08 -17.15
CA ARG K 256 -9.65 20.05 -16.35
C ARG K 256 -9.95 18.71 -15.71
N PHE K 257 -9.73 17.59 -16.46
CA PHE K 257 -9.86 16.26 -15.89
C PHE K 257 -8.52 15.72 -15.48
N ARG K 258 -7.39 16.30 -15.92
CA ARG K 258 -6.07 15.81 -15.53
C ARG K 258 -5.81 16.03 -14.07
N CYS K 259 -6.05 17.24 -13.52
CA CYS K 259 -5.75 17.42 -12.10
C CYS K 259 -6.38 16.40 -11.12
N PRO K 260 -7.67 16.08 -11.06
CA PRO K 260 -8.15 15.09 -10.11
C PRO K 260 -7.71 13.68 -10.42
N GLU K 261 -7.46 13.33 -11.71
CA GLU K 261 -7.03 12.00 -12.10
C GLU K 261 -5.76 11.53 -11.41
N THR K 262 -4.91 12.51 -11.00
CA THR K 262 -3.73 12.31 -10.12
C THR K 262 -3.97 11.43 -8.89
N LEU K 263 -5.21 11.42 -8.35
CA LEU K 263 -5.56 10.67 -7.16
C LEU K 263 -5.70 9.16 -7.42
N PHE K 264 -5.88 8.77 -8.69
CA PHE K 264 -5.64 7.43 -9.14
C PHE K 264 -4.21 7.43 -9.64
N GLN K 265 -3.48 6.32 -9.51
CA GLN K 265 -2.14 6.23 -10.07
C GLN K 265 -1.12 7.31 -9.65
N PRO K 266 -0.52 7.32 -8.45
CA PRO K 266 0.46 8.32 -8.03
C PRO K 266 1.72 8.39 -8.88
N SER K 267 1.84 7.50 -9.88
CA SER K 267 2.79 7.48 -10.98
C SER K 267 2.98 8.83 -11.66
N PHE K 268 1.91 9.66 -11.74
CA PHE K 268 1.96 11.01 -12.28
C PHE K 268 2.93 11.93 -11.52
N ILE K 269 3.12 11.69 -10.21
CA ILE K 269 4.06 12.44 -9.40
C ILE K 269 5.37 11.66 -9.31
N GLY K 270 5.32 10.34 -9.58
CA GLY K 270 6.46 9.42 -9.57
C GLY K 270 6.71 8.76 -8.26
N MET K 271 6.08 9.26 -7.19
CA MET K 271 6.13 8.71 -5.86
C MET K 271 5.67 7.27 -5.73
N GLU K 272 6.28 6.49 -4.81
CA GLU K 272 5.99 5.07 -4.72
C GLU K 272 4.81 4.83 -3.80
N SER K 273 3.60 4.81 -4.35
CA SER K 273 2.37 4.56 -3.60
C SER K 273 1.36 4.12 -4.61
N ALA K 274 0.20 3.65 -4.17
CA ALA K 274 -0.80 3.07 -5.04
C ALA K 274 -2.06 3.86 -4.82
N GLY K 275 -2.90 4.03 -5.86
CA GLY K 275 -4.07 4.91 -5.82
C GLY K 275 -5.13 4.47 -4.86
N ILE K 276 -6.14 5.34 -4.62
CA ILE K 276 -7.27 5.02 -3.75
C ILE K 276 -7.98 3.73 -4.09
N HIS K 277 -8.18 3.44 -5.39
CA HIS K 277 -8.44 2.12 -5.95
C HIS K 277 -7.79 0.97 -5.19
N GLU K 278 -6.45 0.99 -5.13
CA GLU K 278 -5.68 -0.08 -4.56
C GLU K 278 -5.54 0.02 -3.05
N THR K 279 -5.53 1.22 -2.43
CA THR K 279 -5.44 1.32 -0.97
C THR K 279 -6.70 0.89 -0.26
N THR K 280 -7.85 1.05 -0.93
CA THR K 280 -9.15 0.54 -0.49
C THR K 280 -9.10 -0.96 -0.39
N TYR K 281 -8.70 -1.62 -1.48
CA TYR K 281 -8.51 -3.05 -1.54
C TYR K 281 -7.46 -3.55 -0.53
N ASN K 282 -6.29 -2.89 -0.46
CA ASN K 282 -5.19 -3.32 0.39
C ASN K 282 -5.50 -3.20 1.88
N SER K 283 -6.44 -2.36 2.29
CA SER K 283 -6.88 -2.34 3.68
C SER K 283 -7.87 -3.45 3.95
N ILE K 284 -8.75 -3.79 2.99
CA ILE K 284 -9.69 -4.89 3.09
C ILE K 284 -8.97 -6.22 3.17
N MET K 285 -7.98 -6.48 2.31
CA MET K 285 -7.22 -7.72 2.37
C MET K 285 -6.15 -7.74 3.45
N LYS K 286 -6.25 -6.86 4.47
CA LYS K 286 -5.52 -6.94 5.71
C LYS K 286 -6.50 -7.17 6.84
N CYS K 287 -7.77 -7.48 6.53
CA CYS K 287 -8.78 -7.85 7.50
C CYS K 287 -9.10 -9.32 7.44
N ASP K 288 -9.40 -9.93 8.62
CA ASP K 288 -9.85 -11.30 8.84
C ASP K 288 -10.89 -11.80 7.83
N ILE K 289 -10.78 -13.06 7.37
CA ILE K 289 -11.50 -13.58 6.23
C ILE K 289 -13.02 -13.47 6.29
N ASP K 290 -13.66 -13.83 7.41
CA ASP K 290 -15.12 -13.80 7.54
C ASP K 290 -15.74 -12.42 7.37
N ILE K 291 -15.02 -11.38 7.83
CA ILE K 291 -15.54 -10.03 7.88
C ILE K 291 -15.56 -9.38 6.52
N ARG K 292 -14.72 -9.87 5.58
CA ARG K 292 -14.55 -9.28 4.27
C ARG K 292 -15.85 -9.17 3.49
N LYS K 293 -16.77 -10.13 3.73
CA LYS K 293 -18.12 -10.22 3.19
C LYS K 293 -18.94 -8.95 3.36
N ASP K 294 -18.76 -8.22 4.48
CA ASP K 294 -19.55 -7.04 4.76
C ASP K 294 -18.72 -5.79 4.61
N LEU K 295 -17.40 -5.88 4.34
CA LEU K 295 -16.64 -4.70 3.92
C LEU K 295 -16.97 -4.37 2.49
N TYR K 296 -17.14 -5.40 1.65
CA TYR K 296 -17.82 -5.20 0.38
C TYR K 296 -19.27 -4.79 0.63
N ALA K 297 -19.67 -3.60 0.12
CA ALA K 297 -21.01 -3.05 0.17
C ALA K 297 -21.32 -2.24 1.41
N ASN K 298 -20.27 -1.81 2.11
CA ASN K 298 -20.37 -0.83 3.18
C ASN K 298 -19.17 0.10 2.99
N ASN K 299 -18.74 0.27 1.72
CA ASN K 299 -17.74 1.24 1.32
C ASN K 299 -18.29 2.66 1.40
N VAL K 300 -17.92 3.42 2.44
CA VAL K 300 -18.40 4.77 2.67
C VAL K 300 -17.35 5.84 2.42
N MET K 301 -17.58 6.69 1.39
CA MET K 301 -16.63 7.73 1.05
C MET K 301 -16.91 8.96 1.90
N SER K 302 -15.95 9.88 2.08
CA SER K 302 -16.22 11.05 2.91
C SER K 302 -15.23 12.14 2.60
N GLY K 303 -15.34 13.28 3.32
CA GLY K 303 -14.48 14.47 3.28
C GLY K 303 -14.91 15.47 2.24
N GLY K 304 -14.08 16.50 2.01
CA GLY K 304 -14.30 17.46 0.95
C GLY K 304 -13.52 17.17 -0.28
N THR K 305 -12.41 16.42 -0.17
CA THR K 305 -11.59 16.18 -1.35
C THR K 305 -12.07 14.97 -2.12
N THR K 306 -13.25 14.43 -1.76
CA THR K 306 -13.98 13.45 -2.57
C THR K 306 -15.19 14.07 -3.23
N MET K 307 -15.27 15.42 -3.27
CA MET K 307 -16.37 16.14 -3.88
C MET K 307 -16.24 16.41 -5.36
N TYR K 308 -15.34 15.74 -6.09
CA TYR K 308 -15.32 15.82 -7.54
C TYR K 308 -16.62 15.29 -8.15
N PRO K 309 -17.24 15.87 -9.16
CA PRO K 309 -18.47 15.32 -9.73
C PRO K 309 -18.17 14.26 -10.78
N GLY K 310 -17.33 13.27 -10.44
CA GLY K 310 -17.01 12.14 -11.32
C GLY K 310 -16.45 10.99 -10.55
N ILE K 311 -16.91 10.83 -9.31
CA ILE K 311 -16.70 9.66 -8.49
C ILE K 311 -18.03 9.58 -7.83
N ALA K 312 -18.52 8.41 -7.38
CA ALA K 312 -17.84 7.17 -7.14
C ALA K 312 -17.97 6.12 -8.24
N ASP K 313 -18.59 6.40 -9.40
CA ASP K 313 -18.95 5.30 -10.30
C ASP K 313 -17.77 4.91 -11.20
N ARG K 314 -16.75 5.78 -11.26
CA ARG K 314 -15.40 5.43 -11.65
C ARG K 314 -14.76 4.47 -10.67
N MET K 315 -14.68 4.87 -9.38
CA MET K 315 -14.17 4.04 -8.29
C MET K 315 -14.79 2.66 -8.21
N GLN K 316 -16.12 2.59 -8.41
CA GLN K 316 -16.90 1.38 -8.51
C GLN K 316 -16.44 0.53 -9.67
N LYS K 317 -16.55 1.00 -10.93
CA LYS K 317 -16.12 0.24 -12.11
C LYS K 317 -14.69 -0.32 -12.00
N GLU K 318 -13.74 0.45 -11.40
CA GLU K 318 -12.36 0.01 -11.16
C GLU K 318 -12.23 -1.05 -10.08
N ILE K 319 -12.94 -0.92 -8.94
CA ILE K 319 -12.90 -1.89 -7.84
C ILE K 319 -13.53 -3.20 -8.27
N THR K 320 -14.70 -3.14 -8.91
CA THR K 320 -15.47 -4.28 -9.41
C THR K 320 -14.70 -5.18 -10.35
N ALA K 321 -13.69 -4.64 -11.05
CA ALA K 321 -12.76 -5.38 -11.90
C ALA K 321 -11.70 -6.14 -11.11
N LEU K 322 -11.30 -5.64 -9.93
CA LEU K 322 -10.23 -6.18 -9.11
C LEU K 322 -10.74 -7.13 -8.03
N ALA K 323 -11.93 -6.87 -7.47
CA ALA K 323 -12.54 -7.70 -6.47
C ALA K 323 -12.89 -9.11 -6.97
N PRO K 324 -12.94 -10.16 -6.15
CA PRO K 324 -13.44 -11.48 -6.54
C PRO K 324 -14.76 -11.46 -7.31
N SER K 325 -14.91 -12.42 -8.22
CA SER K 325 -16.03 -12.51 -9.13
C SER K 325 -17.36 -12.69 -8.45
N THR K 326 -18.39 -11.94 -8.93
CA THR K 326 -19.78 -11.97 -8.48
C THR K 326 -20.00 -11.74 -7.01
N MET K 327 -19.18 -10.86 -6.41
CA MET K 327 -19.31 -10.39 -5.07
C MET K 327 -19.84 -8.97 -5.17
N LYS K 328 -21.06 -8.70 -4.69
CA LYS K 328 -21.71 -7.41 -4.82
C LYS K 328 -21.10 -6.28 -3.99
N ILE K 329 -20.79 -5.15 -4.66
CA ILE K 329 -20.06 -4.05 -4.03
C ILE K 329 -20.81 -2.75 -4.24
N LYS K 330 -21.55 -2.29 -3.21
CA LYS K 330 -22.16 -0.97 -3.22
C LYS K 330 -21.20 0.07 -2.68
N ILE K 331 -21.04 1.20 -3.37
CA ILE K 331 -20.17 2.27 -2.93
C ILE K 331 -21.07 3.42 -2.55
N ILE K 332 -21.07 3.84 -1.28
CA ILE K 332 -22.05 4.81 -0.83
C ILE K 332 -21.34 6.10 -0.59
N ALA K 333 -21.64 7.11 -1.43
CA ALA K 333 -21.09 8.43 -1.28
C ALA K 333 -22.27 9.35 -1.07
N PRO K 334 -22.55 9.89 0.10
CA PRO K 334 -23.76 10.69 0.30
C PRO K 334 -23.50 12.10 -0.21
N PRO K 335 -24.46 12.97 -0.41
CA PRO K 335 -24.27 14.43 -0.31
C PRO K 335 -23.76 14.84 1.08
N GLU K 336 -23.34 16.10 1.28
CA GLU K 336 -22.93 16.70 2.56
C GLU K 336 -21.53 16.31 3.01
N ARG K 337 -20.76 15.59 2.16
CA ARG K 337 -19.50 15.03 2.58
C ARG K 337 -18.48 15.96 3.23
N LYS K 338 -18.47 17.26 2.87
CA LYS K 338 -17.66 18.28 3.51
C LYS K 338 -17.94 18.44 4.99
N TYR K 339 -19.16 18.11 5.43
CA TYR K 339 -19.56 18.33 6.80
C TYR K 339 -19.73 17.00 7.47
N SER K 340 -19.35 15.89 6.78
CA SER K 340 -19.52 14.52 7.28
C SER K 340 -18.96 14.30 8.66
N VAL K 341 -17.65 14.58 8.84
CA VAL K 341 -16.96 14.52 10.10
C VAL K 341 -17.68 15.26 11.23
N TRP K 342 -18.11 16.51 10.95
CA TRP K 342 -18.76 17.35 11.93
C TRP K 342 -20.13 16.86 12.35
N ILE K 343 -20.98 16.42 11.39
CA ILE K 343 -22.28 15.82 11.66
C ILE K 343 -22.17 14.48 12.37
N GLY K 344 -21.02 13.80 12.21
CA GLY K 344 -20.62 12.64 13.00
C GLY K 344 -20.44 13.00 14.45
N GLY K 345 -19.51 13.94 14.73
CA GLY K 345 -19.15 14.41 16.06
C GLY K 345 -20.35 14.86 16.84
N SER K 346 -21.24 15.58 16.16
CA SER K 346 -22.50 16.08 16.69
C SER K 346 -23.39 15.03 17.29
N ILE K 347 -23.57 13.87 16.62
CA ILE K 347 -24.39 12.78 17.13
C ILE K 347 -23.82 12.20 18.43
N LEU K 348 -22.48 12.11 18.52
CA LEU K 348 -21.82 11.46 19.63
C LEU K 348 -21.95 12.26 20.90
N ALA K 349 -21.41 13.49 20.93
CA ALA K 349 -21.33 14.35 22.10
C ALA K 349 -22.67 14.81 22.65
N SER K 350 -23.76 14.69 21.88
CA SER K 350 -25.10 14.96 22.37
C SER K 350 -25.69 13.75 23.08
N LEU K 351 -25.28 12.53 22.68
CA LEU K 351 -25.72 11.26 23.26
C LEU K 351 -25.06 10.87 24.58
N SER K 352 -25.84 10.60 25.63
CA SER K 352 -25.40 9.70 26.69
C SER K 352 -25.34 8.27 26.12
N THR K 353 -24.52 7.33 26.62
CA THR K 353 -23.68 7.33 27.80
C THR K 353 -22.53 8.31 27.80
N PHE K 354 -21.85 8.58 26.67
CA PHE K 354 -20.61 9.34 26.71
C PHE K 354 -20.62 10.78 27.21
N GLN K 355 -21.76 11.33 27.68
CA GLN K 355 -21.79 12.56 28.48
C GLN K 355 -20.92 12.56 29.73
N GLN K 356 -20.77 11.42 30.44
CA GLN K 356 -19.87 11.38 31.58
C GLN K 356 -18.48 10.87 31.22
N MET K 357 -18.10 10.77 29.93
CA MET K 357 -16.78 10.28 29.58
C MET K 357 -15.77 11.26 29.02
N TRP K 358 -16.01 12.59 29.10
CA TRP K 358 -14.98 13.55 28.76
C TRP K 358 -13.87 13.55 29.78
N ILE K 359 -12.62 13.88 29.37
CA ILE K 359 -11.53 14.06 30.30
C ILE K 359 -11.73 15.35 31.06
N THR K 360 -12.03 15.22 32.36
CA THR K 360 -12.41 16.35 33.21
C THR K 360 -11.24 16.89 34.01
N LYS K 361 -11.36 18.16 34.45
CA LYS K 361 -10.28 18.94 35.02
C LYS K 361 -9.54 18.34 36.19
N GLN K 362 -10.24 17.84 37.23
CA GLN K 362 -9.59 17.24 38.39
C GLN K 362 -8.77 16.01 38.03
N GLU K 363 -9.27 15.20 37.07
CA GLU K 363 -8.56 14.03 36.60
C GLU K 363 -7.36 14.42 35.76
N TYR K 364 -7.51 15.41 34.86
CA TYR K 364 -6.41 15.94 34.08
C TYR K 364 -5.29 16.54 34.93
N ASP K 365 -5.63 17.37 35.93
CA ASP K 365 -4.67 18.03 36.79
C ASP K 365 -3.81 17.05 37.57
N GLU K 366 -4.43 15.95 38.07
CA GLU K 366 -3.71 14.90 38.75
C GLU K 366 -2.83 14.08 37.80
N ALA K 367 -3.39 13.64 36.65
CA ALA K 367 -2.73 12.71 35.75
C ALA K 367 -1.68 13.31 34.83
N GLY K 368 -1.98 14.48 34.20
CA GLY K 368 -1.07 15.09 33.23
C GLY K 368 -1.28 14.54 31.83
N PRO K 369 -0.49 14.94 30.85
CA PRO K 369 -0.65 14.56 29.45
C PRO K 369 -0.80 13.08 29.10
N SER K 370 -0.30 12.14 29.92
CA SER K 370 -0.46 10.72 29.65
C SER K 370 -1.89 10.21 29.65
N ILE K 371 -2.86 10.95 30.23
CA ILE K 371 -4.28 10.65 30.20
C ILE K 371 -4.92 10.51 28.82
N VAL K 372 -4.18 10.84 27.75
CA VAL K 372 -4.59 10.74 26.36
C VAL K 372 -5.05 9.35 25.91
N HIS K 373 -4.41 8.26 26.40
CA HIS K 373 -4.75 6.90 26.01
C HIS K 373 -5.56 6.18 27.11
N THR L 7 26.67 14.98 -42.58
CA THR L 7 27.23 16.33 -42.24
C THR L 7 27.22 16.64 -40.76
N THR L 8 28.12 17.53 -40.28
CA THR L 8 28.18 17.91 -38.86
C THR L 8 26.94 18.68 -38.43
N ALA L 9 26.48 18.46 -37.19
CA ALA L 9 25.34 19.13 -36.64
C ALA L 9 25.60 20.54 -36.13
N LEU L 10 24.53 21.31 -35.92
CA LEU L 10 24.64 22.70 -35.50
C LEU L 10 23.95 22.86 -34.16
N VAL L 11 24.68 23.33 -33.12
CA VAL L 11 24.10 23.72 -31.86
C VAL L 11 23.88 25.23 -31.83
N CYS L 12 22.62 25.65 -31.84
CA CYS L 12 22.23 27.04 -31.88
C CYS L 12 21.37 27.22 -30.65
N ASP L 13 21.82 28.04 -29.70
CA ASP L 13 21.24 28.09 -28.40
C ASP L 13 20.41 29.36 -28.33
N ASN L 14 19.09 29.16 -28.09
CA ASN L 14 18.07 30.16 -27.89
C ASN L 14 18.21 30.80 -26.53
N GLY L 15 19.32 31.52 -26.34
CA GLY L 15 19.54 32.42 -25.21
C GLY L 15 18.40 33.33 -24.86
N SER L 16 18.34 33.68 -23.58
CA SER L 16 17.45 34.68 -23.06
C SER L 16 18.16 36.03 -23.12
N GLY L 17 19.50 35.99 -23.25
CA GLY L 17 20.45 37.07 -23.43
C GLY L 17 20.45 37.70 -24.81
N LEU L 18 21.40 37.51 -25.75
CA LEU L 18 22.55 36.63 -25.92
C LEU L 18 22.21 35.30 -26.53
N VAL L 19 21.73 35.30 -27.79
CA VAL L 19 21.64 34.08 -28.57
C VAL L 19 23.03 33.63 -29.01
N LYS L 20 23.31 32.31 -28.91
CA LYS L 20 24.63 31.77 -29.11
C LYS L 20 24.61 30.80 -30.29
N ALA L 21 25.58 30.86 -31.23
CA ALA L 21 25.58 29.95 -32.35
C ALA L 21 26.98 29.46 -32.70
N GLY L 22 27.11 28.13 -32.95
CA GLY L 22 28.36 27.51 -33.33
C GLY L 22 28.13 26.06 -33.63
N PHE L 23 28.85 25.44 -34.58
CA PHE L 23 28.61 24.05 -34.95
C PHE L 23 28.93 23.09 -33.81
N ALA L 24 28.58 21.80 -33.93
CA ALA L 24 28.83 20.83 -32.88
C ALA L 24 30.31 20.54 -32.66
N GLY L 25 30.82 20.91 -31.47
CA GLY L 25 32.23 20.79 -31.12
C GLY L 25 33.09 21.90 -31.69
N ASP L 26 34.26 22.21 -31.08
CA ASP L 26 34.88 21.53 -29.95
C ASP L 26 35.62 22.59 -29.12
N ASP L 27 35.15 23.85 -29.22
CA ASP L 27 35.87 24.99 -28.71
C ASP L 27 34.93 26.00 -28.06
N ALA L 28 34.26 26.86 -28.84
CA ALA L 28 33.47 27.95 -28.33
C ALA L 28 32.42 28.30 -29.38
N PRO L 29 31.35 29.02 -29.11
CA PRO L 29 30.41 29.41 -30.14
C PRO L 29 31.03 30.47 -31.01
N ARG L 30 30.80 30.41 -32.33
CA ARG L 30 31.28 31.36 -33.32
C ARG L 30 30.69 32.74 -33.14
N ALA L 31 29.40 32.81 -32.78
CA ALA L 31 28.74 34.10 -32.67
C ALA L 31 27.90 34.20 -31.43
N VAL L 32 28.07 35.27 -30.63
CA VAL L 32 27.18 35.55 -29.54
C VAL L 32 26.91 37.01 -29.67
N PHE L 33 25.64 37.45 -29.60
CA PHE L 33 25.32 38.85 -29.76
C PHE L 33 23.98 39.19 -29.13
N PRO L 34 23.67 40.43 -28.74
CA PRO L 34 22.46 40.72 -27.98
C PRO L 34 21.21 40.42 -28.80
N SER L 35 20.22 39.72 -28.22
CA SER L 35 18.94 39.45 -28.88
C SER L 35 18.06 40.66 -29.01
N ILE L 36 18.41 41.61 -29.89
CA ILE L 36 17.69 42.85 -30.06
C ILE L 36 17.37 43.10 -31.51
N VAL L 37 16.16 43.59 -31.79
CA VAL L 37 15.81 44.23 -33.04
C VAL L 37 15.55 45.70 -32.75
N GLY L 38 15.98 46.62 -33.63
CA GLY L 38 15.73 48.04 -33.41
C GLY L 38 15.48 48.73 -34.71
N ARG L 39 14.30 49.34 -34.84
CA ARG L 39 13.90 50.15 -35.98
C ARG L 39 14.31 51.62 -35.85
N PRO L 40 14.53 52.42 -36.91
CA PRO L 40 14.92 53.82 -36.73
C PRO L 40 13.77 54.75 -36.40
N ARG L 41 13.78 55.36 -35.20
CA ARG L 41 12.70 56.20 -34.73
C ARG L 41 12.67 57.65 -35.24
N HIS L 42 13.83 58.32 -35.44
CA HIS L 42 13.81 59.72 -35.84
C HIS L 42 13.67 59.94 -37.35
N GLN L 43 13.16 61.11 -37.78
CA GLN L 43 12.96 61.49 -39.18
C GLN L 43 14.23 61.51 -40.05
N GLY L 44 14.13 61.06 -41.33
CA GLY L 44 15.27 60.89 -42.23
C GLY L 44 15.58 62.10 -43.08
N VAL L 45 16.88 62.37 -43.31
CA VAL L 45 17.32 63.59 -44.00
C VAL L 45 18.58 63.44 -44.85
N MET L 46 19.27 62.28 -44.80
CA MET L 46 20.50 62.08 -45.55
C MET L 46 20.31 61.66 -47.00
N VAL L 47 19.35 60.74 -47.26
CA VAL L 47 18.81 60.43 -48.58
C VAL L 47 19.83 59.83 -49.55
N GLY L 48 20.61 58.85 -49.07
CA GLY L 48 21.44 58.00 -49.92
C GLY L 48 20.71 56.98 -50.77
N MET L 49 19.81 56.11 -50.24
CA MET L 49 19.42 55.93 -48.85
C MET L 49 19.67 54.49 -48.41
N GLY L 50 18.74 53.56 -48.69
CA GLY L 50 18.98 52.13 -48.58
C GLY L 50 19.04 51.50 -47.22
N GLN L 51 18.82 52.25 -46.11
CA GLN L 51 18.96 51.68 -44.78
C GLN L 51 17.94 50.59 -44.48
N LYS L 52 18.41 49.54 -43.78
CA LYS L 52 17.63 48.38 -43.43
C LYS L 52 16.41 48.66 -42.55
N ASP L 53 15.28 47.95 -42.82
CA ASP L 53 14.03 48.10 -42.08
C ASP L 53 14.18 47.71 -40.62
N SER L 54 14.95 46.65 -40.35
CA SER L 54 15.26 46.24 -39.00
C SER L 54 16.72 45.84 -38.89
N TYR L 55 17.44 46.50 -37.97
CA TYR L 55 18.80 46.18 -37.60
C TYR L 55 18.76 45.12 -36.52
N VAL L 56 19.51 44.03 -36.68
CA VAL L 56 19.71 43.07 -35.60
C VAL L 56 20.96 43.45 -34.78
N GLY L 57 21.21 42.79 -33.64
CA GLY L 57 22.51 42.83 -32.97
C GLY L 57 23.57 42.08 -33.74
N ASP L 58 24.87 42.40 -33.64
CA ASP L 58 25.50 43.37 -32.78
C ASP L 58 25.41 44.77 -33.39
N GLU L 59 25.06 44.89 -34.68
CA GLU L 59 24.90 46.16 -35.38
C GLU L 59 23.88 47.12 -34.75
N ALA L 60 22.85 46.60 -34.05
CA ALA L 60 21.92 47.38 -33.26
C ALA L 60 22.46 47.81 -31.90
N GLN L 61 23.72 47.47 -31.58
CA GLN L 61 24.37 47.85 -30.34
C GLN L 61 25.50 48.82 -30.65
N SER L 62 25.80 49.06 -31.95
CA SER L 62 26.76 50.06 -32.40
C SER L 62 26.04 51.23 -33.06
N LYS L 63 24.72 51.30 -32.85
CA LYS L 63 23.83 52.30 -33.39
C LYS L 63 22.82 52.64 -32.31
N ARG L 64 23.28 52.68 -31.05
CA ARG L 64 22.45 53.14 -29.96
C ARG L 64 22.06 54.61 -30.07
N GLY L 65 20.87 54.94 -29.53
CA GLY L 65 20.35 56.31 -29.45
C GLY L 65 19.58 56.76 -30.65
N ILE L 66 19.51 55.94 -31.72
CA ILE L 66 18.72 56.25 -32.91
C ILE L 66 17.69 55.16 -33.16
N LEU L 67 17.52 54.21 -32.23
CA LEU L 67 16.61 53.11 -32.45
C LEU L 67 15.68 52.93 -31.28
N THR L 68 14.68 52.06 -31.42
CA THR L 68 13.83 51.65 -30.32
C THR L 68 13.94 50.15 -30.18
N LEU L 69 14.82 49.71 -29.27
CA LEU L 69 15.10 48.31 -29.01
C LEU L 69 13.91 47.51 -28.51
N LYS L 70 13.62 46.37 -29.15
CA LYS L 70 12.55 45.51 -28.71
C LYS L 70 13.11 44.12 -28.59
N TYR L 71 13.28 43.63 -27.33
CA TYR L 71 13.79 42.32 -27.03
C TYR L 71 12.82 41.22 -27.47
N PRO L 72 13.12 40.29 -28.37
CA PRO L 72 12.11 39.32 -28.81
C PRO L 72 11.82 38.27 -27.77
N ILE L 73 12.65 38.14 -26.72
CA ILE L 73 12.42 37.21 -25.63
C ILE L 73 12.41 37.95 -24.30
N GLU L 74 11.30 37.81 -23.56
CA GLU L 74 11.01 38.56 -22.35
C GLU L 74 10.22 37.61 -21.48
N HIS L 75 10.58 37.48 -20.20
CA HIS L 75 10.05 36.50 -19.26
C HIS L 75 10.10 35.08 -19.80
N GLY L 76 11.21 34.76 -20.50
CA GLY L 76 11.53 33.41 -20.97
C GLY L 76 10.75 32.92 -22.15
N ILE L 77 9.88 33.75 -22.74
CA ILE L 77 9.10 33.36 -23.90
C ILE L 77 9.22 34.37 -25.01
N ILE L 78 9.33 33.88 -26.27
CA ILE L 78 9.39 34.70 -27.44
C ILE L 78 8.09 35.44 -27.71
N THR L 79 8.16 36.78 -27.90
CA THR L 79 6.97 37.61 -28.02
C THR L 79 6.21 37.45 -29.33
N ASN L 80 6.88 37.52 -30.52
CA ASN L 80 6.20 37.32 -31.79
C ASN L 80 7.16 36.72 -32.80
N TRP L 81 6.66 35.85 -33.70
CA TRP L 81 7.53 35.15 -34.64
C TRP L 81 7.91 35.97 -35.86
N ASP L 82 7.35 37.18 -36.03
CA ASP L 82 7.79 38.14 -37.02
C ASP L 82 9.20 38.65 -36.72
N ASP L 83 9.49 38.91 -35.42
CA ASP L 83 10.79 39.38 -35.01
C ASP L 83 11.73 38.19 -34.88
N MET L 84 11.23 37.06 -34.35
CA MET L 84 12.02 35.85 -34.21
C MET L 84 12.60 35.32 -35.53
N GLU L 85 11.78 35.22 -36.61
CA GLU L 85 12.32 34.77 -37.90
C GLU L 85 13.43 35.69 -38.41
N LYS L 86 13.35 37.01 -38.15
CA LYS L 86 14.38 37.92 -38.59
C LYS L 86 15.66 37.72 -37.78
N ILE L 87 15.57 37.47 -36.45
CA ILE L 87 16.71 36.96 -35.67
C ILE L 87 17.33 35.74 -36.29
N TRP L 88 16.55 34.68 -36.58
CA TRP L 88 17.00 33.43 -37.14
C TRP L 88 17.72 33.63 -38.46
N HIS L 89 17.05 34.27 -39.44
CA HIS L 89 17.58 34.58 -40.77
C HIS L 89 18.92 35.31 -40.67
N HIS L 90 18.99 36.36 -39.83
CA HIS L 90 20.22 37.06 -39.51
C HIS L 90 21.30 36.16 -38.92
N THR L 91 20.94 35.30 -37.97
CA THR L 91 21.86 34.41 -37.26
C THR L 91 22.52 33.41 -38.18
N PHE L 92 21.75 32.62 -38.94
CA PHE L 92 22.32 31.64 -39.85
C PHE L 92 23.14 32.26 -40.97
N TYR L 93 22.57 33.29 -41.61
CA TYR L 93 23.18 33.89 -42.78
C TYR L 93 24.31 34.85 -42.49
N ASN L 94 24.13 35.80 -41.57
CA ASN L 94 25.01 36.95 -41.45
C ASN L 94 26.00 36.78 -40.31
N GLU L 95 26.05 35.58 -39.73
CA GLU L 95 27.08 35.14 -38.82
C GLU L 95 27.75 33.91 -39.40
N LEU L 96 27.10 32.73 -39.26
CA LEU L 96 27.66 31.45 -39.64
C LEU L 96 28.00 31.28 -41.11
N ARG L 97 27.21 31.86 -42.04
CA ARG L 97 27.39 31.80 -43.48
C ARG L 97 27.02 30.45 -44.04
N VAL L 98 25.88 29.89 -43.62
CA VAL L 98 25.48 28.57 -44.05
C VAL L 98 23.98 28.52 -44.25
N ALA L 99 23.50 27.61 -45.12
CA ALA L 99 22.09 27.36 -45.32
C ALA L 99 21.59 26.27 -44.36
N PRO L 100 20.48 26.42 -43.63
CA PRO L 100 19.98 25.39 -42.73
C PRO L 100 19.63 24.05 -43.36
N GLU L 101 19.57 23.94 -44.69
CA GLU L 101 19.26 22.67 -45.34
C GLU L 101 20.35 21.64 -45.16
N GLU L 102 21.61 22.10 -45.11
CA GLU L 102 22.79 21.27 -45.02
C GLU L 102 22.94 20.37 -43.79
N HIS L 103 22.56 20.83 -42.57
CA HIS L 103 22.88 20.14 -41.32
C HIS L 103 21.64 19.84 -40.50
N PRO L 104 21.55 18.76 -39.71
CA PRO L 104 20.63 18.71 -38.58
C PRO L 104 20.95 19.70 -37.47
N THR L 105 19.92 20.32 -36.86
CA THR L 105 20.16 21.32 -35.84
C THR L 105 19.80 20.76 -34.46
N LEU L 106 20.21 21.45 -33.40
CA LEU L 106 19.92 21.13 -32.02
C LEU L 106 19.48 22.43 -31.40
N LEU L 107 18.25 22.51 -30.89
CA LEU L 107 17.72 23.74 -30.34
C LEU L 107 17.48 23.55 -28.87
N THR L 108 17.45 24.67 -28.15
CA THR L 108 17.30 24.72 -26.72
C THR L 108 16.03 25.42 -26.34
N GLU L 109 15.55 25.21 -25.10
CA GLU L 109 14.33 25.83 -24.64
C GLU L 109 14.52 26.22 -23.19
N ALA L 110 13.48 26.74 -22.53
CA ALA L 110 13.47 27.00 -21.11
C ALA L 110 12.79 25.85 -20.41
N PRO L 111 13.33 25.19 -19.38
CA PRO L 111 12.63 24.14 -18.66
C PRO L 111 11.31 24.65 -18.09
N LEU L 112 10.17 23.96 -18.34
CA LEU L 112 8.85 24.45 -18.01
C LEU L 112 8.44 25.66 -18.86
N ASN L 113 8.49 25.53 -20.20
CA ASN L 113 8.10 26.57 -21.13
C ASN L 113 6.64 26.36 -21.52
N PRO L 114 5.75 27.36 -21.50
CA PRO L 114 4.35 27.22 -21.87
C PRO L 114 4.00 26.48 -23.16
N LYS L 115 3.05 25.55 -23.10
CA LYS L 115 2.46 24.90 -24.26
C LYS L 115 1.29 25.79 -24.70
N ALA L 116 1.10 26.12 -26.00
CA ALA L 116 1.65 25.53 -27.19
C ALA L 116 2.68 26.43 -27.83
N ASN L 117 3.82 26.68 -27.14
CA ASN L 117 4.91 27.46 -27.72
C ASN L 117 6.14 26.64 -28.05
N ARG L 118 6.13 25.30 -27.86
CA ARG L 118 7.26 24.51 -28.35
C ARG L 118 6.93 23.95 -29.73
N GLU L 119 5.65 23.58 -29.93
CA GLU L 119 5.05 23.15 -31.18
C GLU L 119 5.12 24.22 -32.23
N LYS L 120 4.35 25.33 -32.11
CA LYS L 120 4.37 26.47 -33.02
C LYS L 120 5.77 26.91 -33.46
N MET L 121 6.75 26.88 -32.53
CA MET L 121 8.16 27.07 -32.79
C MET L 121 8.73 26.01 -33.74
N THR L 122 8.69 24.72 -33.33
CA THR L 122 9.11 23.54 -34.10
C THR L 122 8.51 23.52 -35.50
N GLN L 123 7.22 23.89 -35.60
CA GLN L 123 6.39 23.87 -36.78
C GLN L 123 6.80 24.96 -37.74
N ILE L 124 6.89 26.21 -37.25
CA ILE L 124 7.35 27.35 -38.00
C ILE L 124 8.77 27.15 -38.51
N MET L 125 9.71 26.63 -37.70
CA MET L 125 11.07 26.42 -38.18
C MET L 125 11.21 25.42 -39.34
N PHE L 126 10.31 24.42 -39.45
CA PHE L 126 10.34 23.46 -40.53
C PHE L 126 9.84 24.07 -41.82
N GLU L 127 8.83 24.93 -41.76
CA GLU L 127 8.23 25.54 -42.94
C GLU L 127 9.02 26.76 -43.38
N THR L 128 9.65 27.49 -42.44
CA THR L 128 10.42 28.68 -42.79
C THR L 128 11.79 28.33 -43.30
N PHE L 129 12.60 27.49 -42.61
CA PHE L 129 13.98 27.29 -43.05
C PHE L 129 14.26 25.98 -43.79
N ASN L 130 13.35 24.98 -43.74
CA ASN L 130 13.45 23.73 -44.52
C ASN L 130 14.65 22.88 -44.09
N VAL L 131 14.94 22.89 -42.78
CA VAL L 131 15.90 22.08 -42.05
C VAL L 131 15.67 20.57 -42.19
N PRO L 132 16.67 19.68 -42.23
CA PRO L 132 16.40 18.27 -42.50
C PRO L 132 16.02 17.52 -41.23
N ALA L 133 16.52 17.93 -40.06
CA ALA L 133 16.13 17.31 -38.81
C ALA L 133 16.44 18.22 -37.64
N MET L 134 15.81 17.99 -36.49
CA MET L 134 15.99 18.84 -35.33
C MET L 134 15.62 18.13 -34.04
N TYR L 135 15.95 18.73 -32.88
CA TYR L 135 15.53 18.25 -31.58
C TYR L 135 15.57 19.46 -30.65
N VAL L 136 14.81 19.44 -29.55
CA VAL L 136 14.80 20.52 -28.58
C VAL L 136 15.16 19.97 -27.22
N ALA L 137 16.33 20.34 -26.67
CA ALA L 137 16.73 19.96 -25.34
C ALA L 137 16.61 21.11 -24.36
N ILE L 138 16.18 20.87 -23.12
CA ILE L 138 16.07 21.95 -22.15
C ILE L 138 17.43 22.46 -21.66
N GLN L 139 17.59 23.80 -21.47
CA GLN L 139 18.89 24.42 -21.18
C GLN L 139 19.52 23.99 -19.86
N ALA L 140 18.74 23.65 -18.83
CA ALA L 140 19.31 23.25 -17.55
C ALA L 140 20.02 21.90 -17.60
N VAL L 141 19.37 20.85 -18.16
CA VAL L 141 19.89 19.49 -18.30
C VAL L 141 21.23 19.42 -18.99
N LEU L 142 21.42 20.24 -20.03
CA LEU L 142 22.63 20.30 -20.81
C LEU L 142 23.84 20.72 -20.00
N SER L 143 23.65 21.46 -18.90
CA SER L 143 24.78 21.93 -18.08
C SER L 143 25.48 20.80 -17.35
N LEU L 144 24.91 19.57 -17.29
CA LEU L 144 25.60 18.42 -16.73
C LEU L 144 26.82 18.02 -17.54
N TYR L 145 26.65 17.97 -18.87
CA TYR L 145 27.66 17.50 -19.78
C TYR L 145 28.95 18.29 -19.72
N ALA L 146 28.84 19.63 -19.60
CA ALA L 146 29.96 20.55 -19.51
C ALA L 146 30.95 20.25 -18.40
N SER L 147 30.47 19.80 -17.23
CA SER L 147 31.34 19.47 -16.12
C SER L 147 31.40 17.98 -15.85
N GLY L 148 30.85 17.14 -16.77
CA GLY L 148 30.94 15.69 -16.68
C GLY L 148 30.31 15.07 -15.46
N ARG L 149 29.25 15.67 -14.91
CA ARG L 149 28.59 15.15 -13.73
C ARG L 149 27.56 14.09 -14.05
N THR L 150 27.36 13.15 -13.11
CA THR L 150 26.40 12.06 -13.26
C THR L 150 25.33 12.15 -12.17
N THR L 151 25.40 13.18 -11.31
CA THR L 151 24.52 13.43 -10.19
C THR L 151 24.59 14.92 -9.96
N GLY L 152 23.56 15.56 -9.36
CA GLY L 152 23.64 16.98 -8.99
C GLY L 152 22.52 17.87 -9.46
N ILE L 153 22.37 19.05 -8.82
CA ILE L 153 21.39 20.07 -9.18
C ILE L 153 21.91 21.13 -10.15
N VAL L 154 21.23 21.28 -11.31
CA VAL L 154 21.55 22.17 -12.43
C VAL L 154 20.75 23.49 -12.56
N LEU L 155 21.48 24.62 -12.66
CA LEU L 155 21.07 26.02 -12.79
C LEU L 155 21.16 26.81 -14.13
N ASP L 156 20.11 27.01 -14.98
CA ASP L 156 20.25 27.86 -16.19
C ASP L 156 19.59 29.11 -15.71
N SER L 157 20.43 30.12 -15.45
CA SER L 157 20.05 31.41 -14.94
C SER L 157 20.57 32.38 -15.94
N GLY L 158 19.66 32.98 -16.72
CA GLY L 158 19.96 34.04 -17.67
C GLY L 158 19.01 35.17 -17.51
N ASP L 159 19.35 36.35 -18.04
CA ASP L 159 18.43 37.46 -18.16
C ASP L 159 17.23 37.12 -19.08
N GLY L 160 15.98 36.91 -18.62
CA GLY L 160 15.49 36.86 -17.26
C GLY L 160 14.67 35.70 -16.81
N VAL L 161 15.12 34.45 -17.05
CA VAL L 161 14.50 33.29 -16.42
C VAL L 161 15.58 32.35 -15.94
N THR L 162 15.56 32.06 -14.62
CA THR L 162 16.37 31.05 -13.97
C THR L 162 15.61 29.73 -13.78
N HIS L 163 16.32 28.60 -13.57
CA HIS L 163 15.67 27.34 -13.24
C HIS L 163 16.51 26.51 -12.28
N ASN L 164 15.87 25.61 -11.49
CA ASN L 164 16.52 24.77 -10.48
C ASN L 164 16.14 23.30 -10.63
N VAL L 165 16.93 22.48 -11.36
CA VAL L 165 16.61 21.07 -11.61
C VAL L 165 17.51 20.04 -10.90
N PRO L 166 17.05 19.16 -9.99
CA PRO L 166 17.87 18.09 -9.43
C PRO L 166 17.91 16.81 -10.27
N ILE L 167 19.11 16.24 -10.58
CA ILE L 167 19.31 15.06 -11.42
C ILE L 167 20.14 13.96 -10.74
N TYR L 168 19.69 12.68 -10.79
CA TYR L 168 20.46 11.54 -10.32
C TYR L 168 20.67 10.54 -11.44
N GLU L 169 21.92 10.03 -11.61
CA GLU L 169 22.37 9.05 -12.59
C GLU L 169 21.34 8.06 -13.11
N GLY L 170 20.82 8.19 -14.34
CA GLY L 170 20.96 9.27 -15.31
C GLY L 170 19.58 9.67 -15.72
N TYR L 171 18.73 9.89 -14.72
CA TYR L 171 17.33 10.14 -14.90
C TYR L 171 16.89 11.47 -14.34
N ALA L 172 15.79 12.00 -14.91
CA ALA L 172 15.17 13.24 -14.52
C ALA L 172 14.13 12.96 -13.46
N LEU L 173 13.87 13.92 -12.58
CA LEU L 173 12.93 13.75 -11.51
C LEU L 173 11.73 14.65 -11.78
N PRO L 174 10.53 14.18 -12.10
CA PRO L 174 9.41 15.05 -12.44
C PRO L 174 8.92 15.85 -11.25
N HIS L 175 9.21 15.42 -10.01
CA HIS L 175 8.58 15.96 -8.83
C HIS L 175 9.46 16.98 -8.15
N ALA L 176 10.65 17.27 -8.66
CA ALA L 176 11.57 18.15 -7.96
C ALA L 176 11.96 19.42 -8.71
N ILE L 177 11.43 19.66 -9.91
CA ILE L 177 11.90 20.77 -10.73
C ILE L 177 11.18 22.08 -10.52
N MET L 178 11.94 23.15 -10.17
CA MET L 178 11.43 24.48 -9.90
C MET L 178 11.91 25.58 -10.86
N ARG L 179 10.99 26.37 -11.46
CA ARG L 179 11.29 27.46 -12.39
C ARG L 179 10.98 28.81 -11.74
N LEU L 180 11.96 29.71 -11.57
CA LEU L 180 11.69 31.07 -11.09
C LEU L 180 11.81 32.06 -12.24
N ASP L 181 10.81 32.91 -12.48
CA ASP L 181 10.93 34.02 -13.42
C ASP L 181 11.48 35.26 -12.72
N LEU L 182 12.69 35.17 -12.15
CA LEU L 182 13.29 36.21 -11.31
C LEU L 182 14.53 36.87 -11.89
N ALA L 183 15.73 36.25 -11.78
CA ALA L 183 16.95 36.84 -12.30
C ALA L 183 17.01 36.67 -13.81
N GLY L 184 17.60 37.57 -14.62
CA GLY L 184 18.37 38.77 -14.33
C GLY L 184 17.82 40.09 -14.84
N ARG L 185 16.83 40.13 -15.76
CA ARG L 185 16.31 41.39 -16.29
C ARG L 185 15.63 42.26 -15.24
N ASP L 186 15.09 41.66 -14.17
CA ASP L 186 14.54 42.39 -13.05
C ASP L 186 15.65 42.99 -12.21
N LEU L 187 16.86 42.39 -12.22
CA LEU L 187 18.04 42.95 -11.60
C LEU L 187 18.54 44.14 -12.40
N THR L 188 18.51 44.07 -13.74
CA THR L 188 18.80 45.22 -14.61
C THR L 188 17.85 46.36 -14.35
N ASP L 189 16.52 46.10 -14.37
CA ASP L 189 15.50 47.10 -14.12
C ASP L 189 15.63 47.71 -12.72
N TYR L 190 16.01 46.89 -11.71
CA TYR L 190 16.28 47.34 -10.36
C TYR L 190 17.52 48.20 -10.28
N LEU L 191 18.60 47.84 -11.00
CA LEU L 191 19.79 48.65 -11.08
C LEU L 191 19.51 50.02 -11.66
N MET L 192 18.66 50.11 -12.69
CA MET L 192 18.24 51.40 -13.21
C MET L 192 17.40 52.18 -12.20
N LYS L 193 16.62 51.49 -11.34
CA LYS L 193 15.82 52.12 -10.32
C LYS L 193 16.63 52.58 -9.10
N ILE L 194 17.75 51.91 -8.78
CA ILE L 194 18.58 52.34 -7.68
C ILE L 194 19.75 53.17 -8.14
N LEU L 195 19.94 53.39 -9.46
CA LEU L 195 20.89 54.38 -9.90
C LEU L 195 20.27 55.76 -9.96
N THR L 196 18.92 55.81 -10.05
CA THR L 196 18.13 57.03 -9.89
C THR L 196 18.27 57.60 -8.50
N GLU L 197 18.55 56.74 -7.51
CA GLU L 197 18.83 57.12 -6.13
C GLU L 197 20.08 57.98 -6.00
N ARG L 198 21.03 57.93 -6.95
CA ARG L 198 22.17 58.83 -6.95
C ARG L 198 22.09 59.85 -8.06
N GLY L 199 20.89 60.17 -8.54
CA GLY L 199 20.71 61.38 -9.34
C GLY L 199 21.11 61.23 -10.78
N TYR L 200 21.32 59.99 -11.24
CA TYR L 200 21.68 59.72 -12.61
C TYR L 200 20.50 58.96 -13.18
N SER L 201 19.67 59.62 -14.00
CA SER L 201 18.44 59.00 -14.45
C SER L 201 18.43 58.65 -15.92
N PHE L 202 18.12 57.37 -16.18
CA PHE L 202 18.16 56.76 -17.48
C PHE L 202 16.77 56.21 -17.73
N VAL L 203 16.23 56.44 -18.93
CA VAL L 203 14.84 56.09 -19.20
C VAL L 203 14.71 55.44 -20.56
N THR L 204 15.61 55.75 -21.51
CA THR L 204 15.50 55.31 -22.89
C THR L 204 15.99 53.89 -23.05
N THR L 205 15.34 53.12 -23.93
CA THR L 205 15.62 51.71 -24.16
C THR L 205 17.03 51.46 -24.60
N ALA L 206 17.52 52.21 -25.61
CA ALA L 206 18.88 52.04 -26.09
C ALA L 206 19.93 52.21 -24.98
N GLU L 207 19.80 53.27 -24.17
CA GLU L 207 20.67 53.56 -23.05
C GLU L 207 20.61 52.50 -21.94
N ARG L 208 19.52 51.71 -21.86
CA ARG L 208 19.39 50.60 -20.93
C ARG L 208 20.51 49.57 -21.10
N GLU L 209 21.05 49.42 -22.33
CA GLU L 209 22.21 48.59 -22.57
C GLU L 209 23.44 49.00 -21.75
N ILE L 210 23.69 50.32 -21.57
CA ILE L 210 24.79 50.81 -20.73
C ILE L 210 24.63 50.34 -19.30
N VAL L 211 23.39 50.31 -18.78
CA VAL L 211 23.09 49.74 -17.48
C VAL L 211 23.52 48.29 -17.38
N ARG L 212 23.22 47.46 -18.40
CA ARG L 212 23.69 46.08 -18.46
C ARG L 212 25.22 45.98 -18.42
N ASP L 213 25.94 46.88 -19.11
CA ASP L 213 27.38 46.84 -19.16
C ASP L 213 28.02 47.14 -17.80
N ILE L 214 27.47 48.08 -17.01
CA ILE L 214 27.91 48.22 -15.62
C ILE L 214 27.42 47.12 -14.69
N LYS L 215 26.36 46.36 -15.04
CA LYS L 215 25.90 45.22 -14.26
C LYS L 215 26.88 44.07 -14.37
N GLU L 216 27.47 43.89 -15.55
CA GLU L 216 28.55 42.96 -15.84
C GLU L 216 29.79 43.30 -15.02
N LYS L 217 30.43 44.43 -15.32
CA LYS L 217 31.75 44.79 -14.85
C LYS L 217 31.84 45.22 -13.40
N LEU L 218 31.02 46.14 -12.88
CA LEU L 218 31.28 46.70 -11.55
C LEU L 218 30.75 45.95 -10.33
N CYS L 219 29.61 45.24 -10.46
CA CYS L 219 28.89 44.59 -9.38
C CYS L 219 29.59 43.44 -8.63
N TYR L 220 29.31 43.22 -7.32
CA TYR L 220 29.82 42.06 -6.60
C TYR L 220 28.92 41.72 -5.41
N VAL L 221 29.06 40.50 -4.83
CA VAL L 221 28.21 40.00 -3.74
C VAL L 221 29.02 39.87 -2.46
N ALA L 222 28.40 40.09 -1.28
CA ALA L 222 29.06 40.06 0.01
C ALA L 222 29.19 38.66 0.59
N LEU L 223 30.03 38.47 1.64
CA LEU L 223 30.06 37.22 2.38
C LEU L 223 28.88 37.15 3.35
N ASP L 224 28.65 38.26 4.08
CA ASP L 224 27.48 38.47 4.90
C ASP L 224 27.03 39.88 4.59
N PHE L 225 25.78 40.03 4.11
CA PHE L 225 25.20 41.28 3.66
C PHE L 225 25.31 42.34 4.74
N GLU L 226 24.73 42.06 5.91
CA GLU L 226 24.67 42.93 7.06
C GLU L 226 26.02 43.47 7.50
N ASN L 227 27.09 42.65 7.43
CA ASN L 227 28.38 43.12 7.86
C ASN L 227 29.09 43.91 6.78
N GLU L 228 28.82 43.66 5.47
CA GLU L 228 29.32 44.55 4.44
C GLU L 228 28.57 45.88 4.45
N MET L 229 27.27 45.84 4.80
CA MET L 229 26.39 46.97 4.93
C MET L 229 26.76 47.93 6.04
N ALA L 230 27.23 47.38 7.18
CA ALA L 230 27.78 48.13 8.28
C ALA L 230 28.99 48.95 7.86
N THR L 231 30.00 48.29 7.24
CA THR L 231 31.22 48.96 6.81
C THR L 231 31.00 49.87 5.60
N ALA L 232 29.92 49.66 4.84
CA ALA L 232 29.45 50.60 3.84
C ALA L 232 28.99 51.94 4.42
N ALA L 233 28.40 51.92 5.64
CA ALA L 233 27.99 53.12 6.37
C ALA L 233 29.14 53.98 6.84
N SER L 234 30.33 53.36 7.04
CA SER L 234 31.58 54.05 7.30
C SER L 234 32.06 54.86 6.11
N SER L 235 32.91 55.86 6.34
CA SER L 235 33.36 56.81 5.34
C SER L 235 34.38 56.22 4.39
N SER L 236 34.99 55.07 4.75
CA SER L 236 35.93 54.33 3.91
C SER L 236 35.40 53.94 2.56
N SER L 237 36.22 54.12 1.51
CA SER L 237 35.76 54.06 0.13
C SER L 237 35.51 52.66 -0.42
N LEU L 238 34.29 52.46 -0.93
CA LEU L 238 33.93 51.35 -1.81
C LEU L 238 33.62 51.88 -3.19
N GLU L 239 33.87 53.19 -3.45
CA GLU L 239 33.57 53.83 -4.70
C GLU L 239 34.47 53.44 -5.85
N LYS L 240 33.87 53.04 -6.99
CA LYS L 240 34.56 52.86 -8.25
C LYS L 240 34.02 53.88 -9.23
N SER L 241 34.91 54.52 -9.99
CA SER L 241 34.53 55.60 -10.90
C SER L 241 34.36 55.07 -12.29
N TYR L 242 33.12 55.11 -12.82
CA TYR L 242 32.85 54.69 -14.17
C TYR L 242 32.82 55.89 -15.11
N GLU L 243 33.16 55.69 -16.40
CA GLU L 243 33.02 56.72 -17.41
C GLU L 243 31.93 56.33 -18.41
N LEU L 244 31.12 57.33 -18.82
CA LEU L 244 29.90 57.14 -19.58
C LEU L 244 30.14 57.45 -21.05
N PRO L 245 29.26 57.07 -21.98
CA PRO L 245 29.54 57.18 -23.41
C PRO L 245 29.74 58.59 -23.89
N ASP L 246 29.10 59.62 -23.30
CA ASP L 246 29.31 61.00 -23.69
C ASP L 246 30.32 61.74 -22.81
N GLY L 247 31.14 61.03 -22.02
CA GLY L 247 32.25 61.62 -21.27
C GLY L 247 32.01 61.84 -19.80
N GLN L 248 30.81 61.52 -19.29
CA GLN L 248 30.41 61.85 -17.94
C GLN L 248 30.95 60.84 -16.93
N VAL L 249 31.22 61.27 -15.67
CA VAL L 249 31.81 60.44 -14.63
C VAL L 249 30.89 60.11 -13.47
N ILE L 250 30.60 58.81 -13.22
CA ILE L 250 29.72 58.37 -12.13
C ILE L 250 30.53 57.65 -11.05
N THR L 251 30.38 58.04 -9.76
CA THR L 251 31.04 57.35 -8.65
C THR L 251 30.00 56.65 -7.77
N ILE L 252 29.86 55.33 -7.94
CA ILE L 252 28.96 54.48 -7.17
C ILE L 252 29.72 53.55 -6.26
N GLY L 253 29.20 53.35 -5.02
CA GLY L 253 29.83 52.49 -4.03
C GLY L 253 28.86 51.60 -3.31
N ASN L 254 27.98 52.18 -2.49
CA ASN L 254 27.01 51.44 -1.69
C ASN L 254 26.08 50.58 -2.54
N GLU L 255 25.36 51.19 -3.49
CA GLU L 255 24.50 50.55 -4.47
C GLU L 255 25.17 49.49 -5.37
N ARG L 256 26.50 49.62 -5.57
CA ARG L 256 27.36 48.71 -6.31
C ARG L 256 27.36 47.26 -5.87
N PHE L 257 27.32 47.00 -4.56
CA PHE L 257 27.24 45.63 -4.04
C PHE L 257 25.80 45.27 -3.71
N ARG L 258 24.94 46.29 -3.63
CA ARG L 258 23.53 46.13 -3.35
C ARG L 258 22.80 45.45 -4.48
N CYS L 259 22.98 45.93 -5.73
CA CYS L 259 22.24 45.32 -6.82
C CYS L 259 22.32 43.79 -6.96
N PRO L 260 23.42 43.05 -7.05
CA PRO L 260 23.32 41.60 -7.12
C PRO L 260 22.85 40.96 -5.82
N GLU L 261 23.16 41.56 -4.66
CA GLU L 261 22.70 41.09 -3.36
C GLU L 261 21.19 41.00 -3.24
N THR L 262 20.45 41.83 -4.00
CA THR L 262 19.00 41.80 -4.19
C THR L 262 18.40 40.43 -4.43
N LEU L 263 19.18 39.55 -5.10
CA LEU L 263 18.78 38.20 -5.41
C LEU L 263 18.65 37.31 -4.19
N PHE L 264 19.54 37.49 -3.20
CA PHE L 264 19.44 36.87 -1.90
C PHE L 264 18.34 37.51 -1.08
N GLN L 265 17.11 37.04 -1.36
CA GLN L 265 15.85 37.38 -0.73
C GLN L 265 15.21 38.55 -1.46
N PRO L 266 14.36 38.37 -2.47
CA PRO L 266 13.81 39.50 -3.21
C PRO L 266 12.67 40.22 -2.48
N SER L 267 12.76 40.42 -1.15
CA SER L 267 11.86 41.30 -0.42
C SER L 267 12.08 42.77 -0.77
N PHE L 268 13.24 43.09 -1.36
CA PHE L 268 13.58 44.40 -1.88
C PHE L 268 12.61 44.85 -2.95
N ILE L 269 12.25 43.92 -3.86
CA ILE L 269 11.25 44.13 -4.89
C ILE L 269 9.85 44.17 -4.29
N GLY L 270 9.61 43.29 -3.31
CA GLY L 270 8.34 43.14 -2.61
C GLY L 270 7.64 41.84 -2.86
N MET L 271 8.04 41.11 -3.89
CA MET L 271 7.52 39.79 -4.19
C MET L 271 7.72 38.73 -3.11
N GLU L 272 6.79 37.77 -3.03
CA GLU L 272 6.79 36.79 -1.96
C GLU L 272 7.75 35.65 -2.20
N SER L 273 8.07 35.37 -3.48
CA SER L 273 8.99 34.36 -4.00
C SER L 273 10.24 34.11 -3.17
N ALA L 274 10.53 32.84 -2.86
CA ALA L 274 11.60 32.47 -1.94
C ALA L 274 13.00 32.71 -2.46
N GLY L 275 13.97 32.88 -1.54
CA GLY L 275 15.36 33.17 -1.89
C GLY L 275 16.03 31.97 -2.54
N ILE L 276 17.01 32.18 -3.44
CA ILE L 276 17.74 31.11 -4.11
C ILE L 276 18.38 30.08 -3.18
N HIS L 277 18.96 30.55 -2.05
CA HIS L 277 19.24 29.78 -0.84
C HIS L 277 18.23 28.67 -0.58
N GLU L 278 16.95 29.04 -0.42
CA GLU L 278 15.91 28.11 -0.06
C GLU L 278 15.32 27.39 -1.26
N THR L 279 15.29 27.95 -2.49
CA THR L 279 14.73 27.20 -3.62
C THR L 279 15.65 26.08 -4.04
N THR L 280 16.96 26.27 -3.81
CA THR L 280 17.98 25.24 -3.94
C THR L 280 17.71 24.11 -2.95
N TYR L 281 17.61 24.43 -1.66
CA TYR L 281 17.29 23.46 -0.62
C TYR L 281 15.93 22.76 -0.79
N ASN L 282 14.85 23.49 -1.01
CA ASN L 282 13.50 22.97 -1.11
C ASN L 282 13.27 22.09 -2.34
N SER L 283 14.09 22.23 -3.40
CA SER L 283 14.02 21.35 -4.55
C SER L 283 14.71 20.04 -4.23
N ILE L 284 15.79 20.08 -3.43
CA ILE L 284 16.47 18.91 -2.90
C ILE L 284 15.54 18.15 -1.97
N MET L 285 14.83 18.84 -1.06
CA MET L 285 13.88 18.15 -0.18
C MET L 285 12.55 17.79 -0.84
N LYS L 286 12.49 17.74 -2.19
CA LYS L 286 11.43 17.10 -2.92
C LYS L 286 11.94 15.85 -3.62
N CYS L 287 13.23 15.50 -3.44
CA CYS L 287 13.80 14.27 -3.94
C CYS L 287 13.75 13.16 -2.90
N ASP L 288 13.78 11.89 -3.34
CA ASP L 288 13.82 10.69 -2.50
C ASP L 288 14.96 10.69 -1.49
N ILE L 289 14.74 10.11 -0.30
CA ILE L 289 15.63 10.30 0.84
C ILE L 289 17.06 9.83 0.64
N ASP L 290 17.30 8.62 0.11
CA ASP L 290 18.67 8.13 -0.03
C ASP L 290 19.46 8.88 -1.11
N ILE L 291 18.78 9.55 -2.06
CA ILE L 291 19.50 10.25 -3.11
C ILE L 291 20.06 11.56 -2.60
N ARG L 292 19.45 12.15 -1.56
CA ARG L 292 19.83 13.45 -1.04
C ARG L 292 21.28 13.57 -0.61
N LYS L 293 21.83 12.47 -0.09
CA LYS L 293 23.22 12.32 0.32
C LYS L 293 24.22 12.73 -0.72
N ASP L 294 23.91 12.52 -2.01
CA ASP L 294 24.85 12.73 -3.08
C ASP L 294 24.47 13.97 -3.86
N LEU L 295 23.33 14.61 -3.55
CA LEU L 295 23.03 15.93 -4.07
C LEU L 295 23.84 16.98 -3.36
N TYR L 296 24.02 16.83 -2.03
CA TYR L 296 25.05 17.56 -1.33
C TYR L 296 26.43 17.21 -1.92
N ALA L 297 27.19 18.24 -2.33
CA ALA L 297 28.52 18.14 -2.88
C ALA L 297 28.56 17.76 -4.36
N ASN L 298 27.42 17.94 -5.04
CA ASN L 298 27.34 17.88 -6.48
C ASN L 298 26.42 19.02 -6.89
N ASN L 299 26.38 20.08 -6.06
CA ASN L 299 25.73 21.36 -6.34
C ASN L 299 26.54 22.13 -7.38
N VAL L 300 26.13 22.06 -8.66
CA VAL L 300 26.85 22.67 -9.75
C VAL L 300 26.17 23.88 -10.38
N MET L 301 26.77 25.08 -10.24
CA MET L 301 26.14 26.28 -10.74
C MET L 301 26.49 26.50 -12.22
N SER L 302 25.68 27.30 -12.94
CA SER L 302 25.83 27.46 -14.37
C SER L 302 25.15 28.77 -14.73
N GLY L 303 25.07 29.13 -16.03
CA GLY L 303 24.49 30.39 -16.54
C GLY L 303 25.33 31.63 -16.32
N GLY L 304 25.33 32.56 -17.30
CA GLY L 304 26.11 33.79 -17.25
C GLY L 304 25.80 34.74 -16.11
N THR L 305 24.56 34.73 -15.62
CA THR L 305 24.15 35.61 -14.53
C THR L 305 24.69 35.19 -13.18
N THR L 306 25.40 34.05 -13.10
CA THR L 306 26.09 33.64 -11.88
C THR L 306 27.53 34.12 -11.80
N MET L 307 27.95 35.08 -12.65
CA MET L 307 29.33 35.55 -12.69
C MET L 307 29.72 36.70 -11.77
N TYR L 308 28.88 37.14 -10.80
CA TYR L 308 29.34 38.10 -9.80
C TYR L 308 30.49 37.56 -8.94
N PRO L 309 31.60 38.23 -8.69
CA PRO L 309 32.72 37.70 -7.90
C PRO L 309 32.45 37.11 -6.52
N GLY L 310 31.39 37.52 -5.81
CA GLY L 310 31.14 37.03 -4.45
C GLY L 310 30.47 35.68 -4.35
N ILE L 311 29.66 35.28 -5.34
CA ILE L 311 29.15 33.91 -5.38
C ILE L 311 30.26 33.06 -5.96
N ALA L 312 30.41 31.80 -5.52
CA ALA L 312 29.48 30.96 -4.82
C ALA L 312 29.70 30.91 -3.32
N ASP L 313 30.62 31.70 -2.74
CA ASP L 313 31.04 31.46 -1.38
C ASP L 313 30.10 32.11 -0.37
N ARG L 314 29.25 33.04 -0.83
CA ARG L 314 28.02 33.44 -0.16
C ARG L 314 27.05 32.29 -0.10
N MET L 315 26.65 31.72 -1.26
CA MET L 315 25.81 30.53 -1.34
C MET L 315 26.27 29.36 -0.49
N GLN L 316 27.58 29.08 -0.47
CA GLN L 316 28.23 28.04 0.30
C GLN L 316 28.01 28.27 1.78
N LYS L 317 28.53 29.37 2.34
CA LYS L 317 28.29 29.76 3.71
C LYS L 317 26.81 29.79 4.13
N GLU L 318 25.87 30.19 3.25
CA GLU L 318 24.46 30.17 3.56
C GLU L 318 23.86 28.76 3.61
N ILE L 319 24.21 27.86 2.67
CA ILE L 319 23.68 26.50 2.64
C ILE L 319 24.18 25.70 3.82
N THR L 320 25.48 25.75 4.14
CA THR L 320 26.08 24.99 5.26
C THR L 320 25.41 25.27 6.61
N ALA L 321 24.81 26.46 6.77
CA ALA L 321 24.02 26.90 7.90
C ALA L 321 22.60 26.32 7.95
N LEU L 322 21.99 26.05 6.78
CA LEU L 322 20.62 25.59 6.64
C LEU L 322 20.53 24.07 6.56
N ALA L 323 21.54 23.44 5.94
CA ALA L 323 21.64 22.01 5.81
C ALA L 323 21.85 21.31 7.15
N PRO L 324 21.46 20.04 7.33
CA PRO L 324 21.81 19.23 8.50
C PRO L 324 23.27 19.28 8.93
N SER L 325 23.55 19.06 10.23
CA SER L 325 24.90 19.09 10.78
C SER L 325 25.82 18.04 10.18
N THR L 326 27.13 18.35 10.09
CA THR L 326 28.21 17.48 9.61
C THR L 326 28.00 16.76 8.29
N MET L 327 27.45 17.48 7.30
CA MET L 327 27.25 16.98 5.95
C MET L 327 28.12 17.76 5.01
N LYS L 328 28.89 17.08 4.14
CA LYS L 328 29.83 17.71 3.24
C LYS L 328 29.18 18.39 2.04
N ILE L 329 29.46 19.68 1.80
CA ILE L 329 28.80 20.41 0.71
C ILE L 329 29.82 21.24 -0.03
N LYS L 330 30.42 20.65 -1.08
CA LYS L 330 31.29 21.35 -1.99
C LYS L 330 30.48 21.92 -3.15
N ILE L 331 30.50 23.25 -3.36
CA ILE L 331 29.72 23.87 -4.40
C ILE L 331 30.63 24.21 -5.56
N ILE L 332 30.30 23.70 -6.76
CA ILE L 332 31.18 23.73 -7.90
C ILE L 332 30.80 24.85 -8.83
N ALA L 333 31.73 25.78 -9.07
CA ALA L 333 31.49 26.88 -9.98
C ALA L 333 32.79 27.36 -10.65
N PRO L 334 33.31 26.70 -11.68
CA PRO L 334 34.58 27.09 -12.30
C PRO L 334 34.33 28.22 -13.31
N PRO L 335 35.33 28.81 -13.94
CA PRO L 335 35.21 29.48 -15.23
C PRO L 335 34.42 28.75 -16.32
N GLU L 336 33.93 29.52 -17.32
CA GLU L 336 33.30 29.13 -18.58
C GLU L 336 31.79 29.23 -18.49
N ARG L 337 31.23 29.57 -17.30
CA ARG L 337 29.81 29.45 -17.08
C ARG L 337 28.84 30.12 -18.04
N LYS L 338 29.21 31.24 -18.68
CA LYS L 338 28.43 31.84 -19.75
C LYS L 338 28.23 30.95 -20.96
N TYR L 339 29.13 29.99 -21.19
CA TYR L 339 29.05 29.10 -22.32
C TYR L 339 28.74 27.70 -21.88
N SER L 340 28.42 27.49 -20.58
CA SER L 340 28.17 26.15 -20.02
C SER L 340 27.17 25.33 -20.81
N VAL L 341 25.95 25.86 -20.97
CA VAL L 341 24.90 25.26 -21.79
C VAL L 341 25.35 24.88 -23.20
N TRP L 342 26.03 25.79 -23.91
CA TRP L 342 26.47 25.56 -25.27
C TRP L 342 27.53 24.47 -25.40
N ILE L 343 28.55 24.47 -24.51
CA ILE L 343 29.57 23.44 -24.47
C ILE L 343 29.00 22.08 -24.11
N GLY L 344 27.84 22.08 -23.41
CA GLY L 344 26.98 20.94 -23.19
C GLY L 344 26.43 20.42 -24.50
N GLY L 345 25.69 21.27 -25.24
CA GLY L 345 25.04 20.93 -26.50
C GLY L 345 26.01 20.34 -27.51
N SER L 346 27.22 20.91 -27.60
CA SER L 346 28.31 20.45 -28.45
C SER L 346 28.68 19.00 -28.22
N ILE L 347 28.79 18.58 -26.94
CA ILE L 347 29.13 17.21 -26.57
C ILE L 347 28.08 16.22 -27.05
N LEU L 348 26.80 16.61 -27.01
CA LEU L 348 25.69 15.74 -27.36
C LEU L 348 25.68 15.46 -28.84
N ALA L 349 25.50 16.50 -29.67
CA ALA L 349 25.26 16.39 -31.09
C ALA L 349 26.41 15.75 -31.89
N SER L 350 27.62 15.66 -31.31
CA SER L 350 28.72 14.94 -31.92
C SER L 350 28.69 13.44 -31.63
N LEU L 351 28.15 13.04 -30.46
CA LEU L 351 28.04 11.66 -30.00
C LEU L 351 27.00 10.76 -30.66
N SER L 352 27.37 9.48 -30.87
CA SER L 352 26.38 8.41 -30.92
C SER L 352 26.18 7.92 -29.50
N THR L 353 25.07 7.31 -29.08
CA THR L 353 23.89 6.86 -29.79
C THR L 353 23.06 7.92 -30.48
N PHE L 354 22.98 9.16 -29.93
CA PHE L 354 21.99 10.12 -30.36
C PHE L 354 22.04 10.65 -31.81
N GLN L 355 22.94 10.17 -32.68
CA GLN L 355 22.83 10.37 -34.12
C GLN L 355 21.54 9.90 -34.76
N GLN L 356 20.95 8.81 -34.24
CA GLN L 356 19.67 8.34 -34.73
C GLN L 356 18.48 8.85 -33.91
N MET L 357 18.66 9.85 -33.03
CA MET L 357 17.53 10.33 -32.24
C MET L 357 17.00 11.71 -32.56
N TRP L 358 17.38 12.33 -33.69
CA TRP L 358 16.77 13.56 -34.14
C TRP L 358 15.42 13.31 -34.76
N ILE L 359 14.51 14.30 -34.73
CA ILE L 359 13.25 14.23 -35.44
C ILE L 359 13.50 14.58 -36.89
N THR L 360 13.42 13.59 -37.79
CA THR L 360 13.69 13.80 -39.22
C THR L 360 12.43 14.12 -39.98
N LYS L 361 12.59 14.79 -41.14
CA LYS L 361 11.50 15.37 -41.89
C LYS L 361 10.40 14.41 -42.33
N GLN L 362 10.69 13.20 -42.84
CA GLN L 362 9.62 12.25 -43.20
C GLN L 362 8.74 11.85 -42.02
N GLU L 363 9.38 11.60 -40.86
CA GLU L 363 8.73 11.20 -39.63
C GLU L 363 7.90 12.35 -39.08
N TYR L 364 8.42 13.59 -39.18
CA TYR L 364 7.68 14.80 -38.88
C TYR L 364 6.46 14.98 -39.79
N ASP L 365 6.64 14.73 -41.11
CA ASP L 365 5.61 14.83 -42.13
C ASP L 365 4.44 13.89 -41.84
N GLU L 366 4.74 12.65 -41.40
CA GLU L 366 3.69 11.71 -41.00
C GLU L 366 3.03 12.14 -39.69
N ALA L 367 3.83 12.40 -38.64
CA ALA L 367 3.33 12.66 -37.30
C ALA L 367 2.54 13.95 -37.14
N GLY L 368 3.03 15.05 -37.72
CA GLY L 368 2.40 16.35 -37.61
C GLY L 368 3.05 17.16 -36.50
N PRO L 369 2.52 18.32 -36.14
CA PRO L 369 3.13 19.17 -35.13
C PRO L 369 2.62 18.82 -33.75
N SER L 370 1.89 17.71 -33.58
CA SER L 370 1.48 17.19 -32.29
C SER L 370 2.60 16.50 -31.54
N ILE L 371 3.70 16.17 -32.26
CA ILE L 371 4.90 15.59 -31.70
C ILE L 371 5.62 16.45 -30.68
N VAL L 372 5.62 15.98 -29.43
CA VAL L 372 6.21 16.68 -28.30
C VAL L 372 6.90 15.62 -27.49
N HIS L 373 6.10 14.69 -26.93
CA HIS L 373 6.57 13.62 -26.11
C HIS L 373 7.24 12.52 -26.95
N THR M 7 1.08 74.83 19.19
CA THR M 7 0.22 75.52 18.17
C THR M 7 0.17 74.80 16.83
N THR M 8 -0.58 75.34 15.84
CA THR M 8 -0.80 74.69 14.55
C THR M 8 0.47 74.60 13.73
N ALA M 9 0.68 73.44 13.07
CA ALA M 9 1.72 73.23 12.09
C ALA M 9 1.46 73.94 10.77
N LEU M 10 2.49 73.99 9.90
CA LEU M 10 2.44 74.70 8.65
C LEU M 10 2.65 73.71 7.52
N VAL M 11 1.69 73.63 6.58
CA VAL M 11 1.88 72.88 5.35
C VAL M 11 2.37 73.83 4.28
N CYS M 12 3.63 73.66 3.88
CA CYS M 12 4.35 74.49 2.95
C CYS M 12 4.78 73.54 1.87
N ASP M 13 4.26 73.75 0.66
CA ASP M 13 4.43 72.80 -0.40
C ASP M 13 5.48 73.35 -1.35
N ASN M 14 6.55 72.56 -1.50
CA ASN M 14 7.63 72.75 -2.44
C ASN M 14 7.15 72.37 -3.81
N GLY M 15 6.31 73.25 -4.38
CA GLY M 15 5.91 73.23 -5.77
C GLY M 15 7.02 73.02 -6.76
N SER M 16 6.64 72.42 -7.89
CA SER M 16 7.43 72.30 -9.08
C SER M 16 7.24 73.59 -9.85
N GLY M 17 6.07 74.24 -9.62
CA GLY M 17 5.65 75.49 -10.21
C GLY M 17 6.09 76.73 -9.44
N LEU M 18 5.29 77.48 -8.64
CA LEU M 18 3.97 77.37 -8.00
C LEU M 18 4.12 76.74 -6.64
N VAL M 19 4.94 77.39 -5.78
CA VAL M 19 5.03 77.07 -4.37
C VAL M 19 3.79 77.53 -3.62
N LYS M 20 3.27 76.66 -2.73
CA LYS M 20 2.02 76.91 -2.02
C LYS M 20 2.29 76.93 -0.53
N ALA M 21 1.75 77.89 0.25
CA ALA M 21 2.00 77.91 1.67
C ALA M 21 0.75 78.27 2.46
N GLY M 22 0.47 77.54 3.56
CA GLY M 22 -0.73 77.75 4.34
C GLY M 22 -0.75 76.90 5.59
N PHE M 23 -1.35 77.38 6.68
CA PHE M 23 -1.36 76.67 7.97
C PHE M 23 -2.13 75.35 7.89
N ALA M 24 -2.06 74.49 8.93
CA ALA M 24 -2.72 73.20 8.90
C ALA M 24 -4.25 73.25 8.91
N GLY M 25 -4.85 73.20 7.70
CA GLY M 25 -6.27 73.23 7.41
C GLY M 25 -7.10 74.39 7.91
N ASP M 26 -8.41 74.42 7.62
CA ASP M 26 -9.19 73.43 6.87
C ASP M 26 -9.63 74.07 5.56
N ASP M 27 -9.12 75.28 5.26
CA ASP M 27 -9.58 76.12 4.18
C ASP M 27 -8.81 75.93 2.88
N ALA M 28 -7.75 76.73 2.66
CA ALA M 28 -7.06 76.83 1.40
C ALA M 28 -5.67 77.41 1.65
N PRO M 29 -4.69 77.34 0.75
CA PRO M 29 -3.38 77.93 1.00
C PRO M 29 -3.45 79.45 1.01
N ARG M 30 -2.74 80.09 1.96
CA ARG M 30 -2.66 81.52 2.10
C ARG M 30 -1.85 82.18 1.01
N ALA M 31 -0.77 81.55 0.52
CA ALA M 31 0.10 82.19 -0.44
C ALA M 31 0.45 81.25 -1.58
N VAL M 32 0.28 81.70 -2.83
CA VAL M 32 0.72 80.95 -4.00
C VAL M 32 1.41 81.93 -4.91
N PHE M 33 2.60 81.59 -5.43
CA PHE M 33 3.32 82.45 -6.35
C PHE M 33 4.32 81.64 -7.18
N PRO M 34 4.75 82.05 -8.37
CA PRO M 34 5.46 81.18 -9.30
C PRO M 34 6.86 80.74 -8.92
N SER M 35 7.41 81.14 -7.76
CA SER M 35 8.71 80.70 -7.21
C SER M 35 9.93 81.27 -7.89
N ILE M 36 9.78 81.91 -9.04
CA ILE M 36 10.84 82.56 -9.78
C ILE M 36 11.60 83.64 -9.01
N VAL M 37 12.93 83.67 -9.20
CA VAL M 37 13.81 84.73 -8.77
C VAL M 37 14.37 85.43 -9.97
N GLY M 38 14.53 86.76 -9.94
CA GLY M 38 15.01 87.50 -11.09
C GLY M 38 15.90 88.62 -10.68
N ARG M 39 17.14 88.61 -11.17
CA ARG M 39 18.10 89.65 -10.91
C ARG M 39 17.96 90.81 -11.92
N PRO M 40 18.33 92.05 -11.59
CA PRO M 40 18.19 93.20 -12.49
C PRO M 40 19.29 93.28 -13.55
N ARG M 41 18.93 93.18 -14.84
CA ARG M 41 19.87 93.05 -15.96
C ARG M 41 20.09 94.29 -16.85
N HIS M 42 19.50 95.47 -16.56
CA HIS M 42 19.67 96.65 -17.41
C HIS M 42 20.55 97.70 -16.75
N GLN M 43 21.09 98.64 -17.56
CA GLN M 43 21.94 99.72 -17.07
C GLN M 43 21.28 100.65 -16.07
N GLY M 44 22.07 101.11 -15.06
CA GLY M 44 21.56 101.93 -13.95
C GLY M 44 21.39 103.39 -14.26
N VAL M 45 20.33 103.71 -15.04
CA VAL M 45 20.05 105.06 -15.50
C VAL M 45 18.80 105.65 -14.88
N MET M 46 17.93 104.82 -14.28
CA MET M 46 16.74 105.30 -13.60
C MET M 46 17.07 105.97 -12.27
N VAL M 47 17.97 105.35 -11.49
CA VAL M 47 18.64 105.92 -10.32
C VAL M 47 17.66 106.35 -9.24
N GLY M 48 16.86 105.38 -8.75
CA GLY M 48 15.99 105.51 -7.59
C GLY M 48 16.66 105.97 -6.30
N MET M 49 17.71 105.31 -5.77
CA MET M 49 18.39 104.11 -6.28
C MET M 49 17.50 102.88 -6.33
N GLY M 50 16.83 102.55 -5.21
CA GLY M 50 15.72 101.60 -5.14
C GLY M 50 16.01 100.13 -5.28
N GLN M 51 17.02 99.73 -6.07
CA GLN M 51 17.26 98.35 -6.42
C GLN M 51 17.55 97.38 -5.28
N LYS M 52 17.03 96.15 -5.43
CA LYS M 52 17.24 95.03 -4.54
C LYS M 52 18.12 94.04 -5.27
N ASP M 53 18.90 93.21 -4.57
CA ASP M 53 19.77 92.24 -5.20
C ASP M 53 19.02 91.16 -5.97
N SER M 54 17.91 90.65 -5.41
CA SER M 54 17.07 89.71 -6.13
C SER M 54 15.62 89.84 -5.69
N TYR M 55 14.71 90.00 -6.66
CA TYR M 55 13.27 90.04 -6.52
C TYR M 55 12.73 88.63 -6.58
N VAL M 56 11.91 88.18 -5.62
CA VAL M 56 11.17 86.95 -5.78
C VAL M 56 9.82 87.23 -6.44
N GLY M 57 9.06 86.19 -6.82
CA GLY M 57 7.63 86.32 -7.11
C GLY M 57 6.86 86.58 -5.82
N ASP M 58 5.63 87.14 -5.84
CA ASP M 58 4.81 87.52 -6.98
C ASP M 58 5.32 88.76 -7.70
N GLU M 59 6.02 89.70 -7.01
CA GLU M 59 6.55 90.91 -7.63
C GLU M 59 7.48 90.71 -8.83
N ALA M 60 8.20 89.57 -8.94
CA ALA M 60 9.01 89.25 -10.10
C ALA M 60 8.19 88.79 -11.30
N GLN M 61 6.86 88.75 -11.19
CA GLN M 61 5.96 88.39 -12.27
C GLN M 61 5.15 89.62 -12.68
N SER M 62 5.28 90.74 -11.93
CA SER M 62 4.69 92.03 -12.29
C SER M 62 5.75 93.05 -12.62
N LYS M 63 7.02 92.62 -12.67
CA LYS M 63 8.19 93.44 -12.99
C LYS M 63 8.96 92.76 -14.10
N ARG M 64 8.25 92.06 -15.00
CA ARG M 64 8.84 91.43 -16.15
C ARG M 64 9.56 92.36 -17.12
N GLY M 65 10.54 91.81 -17.87
CA GLY M 65 11.23 92.49 -18.95
C GLY M 65 12.38 93.37 -18.56
N ILE M 66 12.69 93.44 -17.25
CA ILE M 66 13.82 94.17 -16.72
C ILE M 66 14.61 93.24 -15.80
N LEU M 67 14.32 91.93 -15.86
CA LEU M 67 14.96 90.95 -15.00
C LEU M 67 15.46 89.78 -15.80
N THR M 68 16.23 88.87 -15.17
CA THR M 68 16.54 87.58 -15.76
C THR M 68 16.03 86.51 -14.83
N LEU M 69 14.80 86.03 -15.11
CA LEU M 69 14.14 84.99 -14.36
C LEU M 69 14.86 83.65 -14.36
N LYS M 70 15.09 83.05 -13.18
CA LYS M 70 15.72 81.77 -13.05
C LYS M 70 14.88 80.91 -12.13
N TYR M 71 14.18 79.86 -12.63
CA TYR M 71 13.39 79.00 -11.77
C TYR M 71 14.27 78.27 -10.75
N PRO M 72 13.93 78.18 -9.46
CA PRO M 72 14.84 77.58 -8.49
C PRO M 72 14.72 76.08 -8.52
N ILE M 73 13.67 75.54 -9.14
CA ILE M 73 13.47 74.11 -9.30
C ILE M 73 13.22 73.78 -10.76
N GLU M 74 13.91 72.77 -11.29
CA GLU M 74 13.81 72.43 -12.69
C GLU M 74 14.11 70.96 -12.76
N HIS M 75 13.38 70.17 -13.58
CA HIS M 75 13.49 68.73 -13.67
C HIS M 75 13.41 67.99 -12.34
N GLY M 76 12.59 68.51 -11.40
CA GLY M 76 12.29 67.86 -10.13
C GLY M 76 13.31 68.04 -9.05
N ILE M 77 14.34 68.88 -9.27
CA ILE M 77 15.34 69.12 -8.26
C ILE M 77 15.69 70.59 -8.19
N ILE M 78 15.82 71.12 -6.95
CA ILE M 78 16.23 72.48 -6.71
C ILE M 78 17.66 72.75 -7.18
N THR M 79 17.92 73.93 -7.78
CA THR M 79 19.22 74.19 -8.38
C THR M 79 20.34 74.47 -7.38
N ASN M 80 20.13 75.35 -6.39
CA ASN M 80 21.14 75.60 -5.38
C ASN M 80 20.46 76.21 -4.16
N TRP M 81 21.03 76.06 -2.96
CA TRP M 81 20.42 76.62 -1.77
C TRP M 81 20.71 78.09 -1.55
N ASP M 82 21.54 78.75 -2.38
CA ASP M 82 21.72 80.19 -2.37
C ASP M 82 20.44 80.91 -2.81
N ASP M 83 19.76 80.37 -3.83
CA ASP M 83 18.49 80.85 -4.32
C ASP M 83 17.35 80.28 -3.47
N MET M 84 17.42 78.98 -3.08
CA MET M 84 16.42 78.37 -2.24
C MET M 84 16.21 79.03 -0.89
N GLU M 85 17.28 79.38 -0.15
CA GLU M 85 17.20 80.07 1.13
C GLU M 85 16.47 81.39 0.98
N LYS M 86 16.65 82.07 -0.17
CA LYS M 86 16.00 83.32 -0.47
C LYS M 86 14.51 83.15 -0.74
N ILE M 87 14.11 82.07 -1.45
CA ILE M 87 12.72 81.61 -1.52
C ILE M 87 12.09 81.40 -0.16
N TRP M 88 12.72 80.60 0.70
CA TRP M 88 12.23 80.25 2.01
C TRP M 88 11.99 81.50 2.85
N HIS M 89 13.05 82.32 3.02
CA HIS M 89 12.98 83.56 3.78
C HIS M 89 11.86 84.49 3.30
N HIS M 90 11.76 84.72 1.98
CA HIS M 90 10.68 85.50 1.39
C HIS M 90 9.29 84.95 1.70
N THR M 91 9.13 83.62 1.54
CA THR M 91 7.87 82.89 1.73
C THR M 91 7.36 82.98 3.14
N PHE M 92 8.18 82.58 4.13
CA PHE M 92 7.75 82.62 5.51
C PHE M 92 7.49 84.03 6.01
N TYR M 93 8.42 84.95 5.73
CA TYR M 93 8.32 86.28 6.30
C TYR M 93 7.37 87.26 5.66
N ASN M 94 7.38 87.48 4.34
CA ASN M 94 6.60 88.59 3.79
C ASN M 94 5.31 88.15 3.13
N GLU M 95 4.95 86.88 3.31
CA GLU M 95 3.67 86.33 2.89
C GLU M 95 2.99 85.86 4.14
N LEU M 96 3.36 84.69 4.70
CA LEU M 96 2.69 84.13 5.87
C LEU M 96 2.79 84.98 7.13
N ARG M 97 3.95 85.63 7.37
CA ARG M 97 4.23 86.54 8.48
C ARG M 97 4.35 85.84 9.82
N VAL M 98 5.19 84.80 9.89
CA VAL M 98 5.39 84.03 11.11
C VAL M 98 6.85 83.62 11.18
N ALA M 99 7.39 83.43 12.40
CA ALA M 99 8.73 82.94 12.61
C ALA M 99 8.79 81.42 12.61
N PRO M 100 9.67 80.71 11.87
CA PRO M 100 9.79 79.25 11.94
C PRO M 100 10.08 78.68 13.32
N GLU M 101 10.54 79.51 14.29
CA GLU M 101 10.76 79.12 15.66
C GLU M 101 9.45 78.70 16.32
N GLU M 102 8.33 79.33 15.90
CA GLU M 102 7.01 79.11 16.46
C GLU M 102 6.37 77.73 16.35
N HIS M 103 6.48 77.00 15.23
CA HIS M 103 5.67 75.80 15.03
C HIS M 103 6.45 74.71 14.33
N PRO M 104 6.19 73.41 14.54
CA PRO M 104 6.61 72.37 13.60
C PRO M 104 6.12 72.56 12.17
N THR M 105 6.99 72.41 11.16
CA THR M 105 6.56 72.61 9.78
C THR M 105 6.48 71.27 9.08
N LEU M 106 5.85 71.21 7.91
CA LEU M 106 5.66 70.01 7.12
C LEU M 106 6.01 70.31 5.70
N LEU M 107 6.99 69.61 5.12
CA LEU M 107 7.45 69.90 3.77
C LEU M 107 7.14 68.73 2.88
N THR M 108 7.07 69.01 1.57
CA THR M 108 6.75 68.03 0.56
C THR M 108 7.93 67.84 -0.36
N GLU M 109 7.98 66.71 -1.09
CA GLU M 109 9.06 66.46 -2.03
C GLU M 109 8.44 65.77 -3.22
N ALA M 110 9.25 65.35 -4.21
CA ALA M 110 8.79 64.56 -5.33
C ALA M 110 9.04 63.08 -5.10
N PRO M 111 8.12 62.14 -5.38
CA PRO M 111 8.36 60.71 -5.26
C PRO M 111 9.53 60.26 -6.11
N LEU M 112 10.48 59.49 -5.56
CA LEU M 112 11.69 59.10 -6.25
C LEU M 112 12.62 60.25 -6.61
N ASN M 113 13.02 61.08 -5.63
CA ASN M 113 13.96 62.16 -5.85
C ASN M 113 15.35 61.68 -5.45
N PRO M 114 16.46 62.27 -5.89
CA PRO M 114 17.78 61.75 -5.59
C PRO M 114 18.17 61.79 -4.12
N LYS M 115 18.94 60.80 -3.67
CA LYS M 115 19.62 60.79 -2.39
C LYS M 115 20.95 61.46 -2.70
N ALA M 116 21.42 62.46 -1.95
CA ALA M 116 21.07 62.86 -0.61
C ALA M 116 20.30 64.17 -0.64
N ASN M 117 19.50 64.43 -1.69
CA ASN M 117 18.75 65.67 -1.82
C ASN M 117 17.60 65.90 -0.85
N ARG M 118 17.17 64.89 -0.06
CA ARG M 118 16.19 65.11 0.99
C ARG M 118 16.92 65.37 2.30
N GLU M 119 18.08 64.71 2.46
CA GLU M 119 19.07 64.87 3.51
C GLU M 119 19.58 66.30 3.49
N LYS M 120 20.35 66.69 2.44
CA LYS M 120 20.87 68.03 2.20
C LYS M 120 19.88 69.15 2.49
N MET M 121 18.60 68.96 2.10
CA MET M 121 17.49 69.80 2.45
C MET M 121 17.27 69.87 3.94
N THR M 122 16.97 68.73 4.58
CA THR M 122 16.73 68.58 6.02
C THR M 122 17.83 69.21 6.86
N GLN M 123 19.11 69.02 6.48
CA GLN M 123 20.24 69.56 7.23
C GLN M 123 20.34 71.07 7.08
N ILE M 124 20.32 71.59 5.84
CA ILE M 124 20.33 73.01 5.57
C ILE M 124 19.15 73.73 6.21
N MET M 125 17.91 73.19 6.10
CA MET M 125 16.74 73.81 6.69
C MET M 125 16.74 73.90 8.22
N PHE M 126 17.42 72.96 8.90
CA PHE M 126 17.56 72.97 10.35
C PHE M 126 18.52 74.03 10.79
N GLU M 127 19.60 74.24 10.03
CA GLU M 127 20.66 75.16 10.37
C GLU M 127 20.31 76.58 9.96
N THR M 128 19.53 76.74 8.87
CA THR M 128 19.10 78.06 8.41
C THR M 128 17.93 78.59 9.21
N PHE M 129 16.84 77.83 9.38
CA PHE M 129 15.65 78.36 10.04
C PHE M 129 15.42 77.92 11.47
N ASN M 130 16.11 76.87 11.99
CA ASN M 130 16.13 76.54 13.42
C ASN M 130 14.75 76.21 14.02
N VAL M 131 13.86 75.64 13.20
CA VAL M 131 12.56 75.06 13.50
C VAL M 131 12.50 74.02 14.64
N PRO M 132 11.38 73.79 15.36
CA PRO M 132 11.40 72.87 16.48
C PRO M 132 11.32 71.42 16.04
N ALA M 133 10.61 71.15 14.93
CA ALA M 133 10.51 69.82 14.37
C ALA M 133 10.00 69.89 12.94
N MET M 134 10.20 68.82 12.15
CA MET M 134 9.79 68.80 10.76
C MET M 134 9.66 67.37 10.25
N TYR M 135 9.12 67.19 9.02
CA TYR M 135 9.04 65.91 8.34
C TYR M 135 8.87 66.21 6.86
N VAL M 136 9.14 65.24 5.97
CA VAL M 136 8.98 65.40 4.55
C VAL M 136 8.03 64.35 4.02
N ALA M 137 6.83 64.72 3.54
CA ALA M 137 5.91 63.77 2.95
C ALA M 137 5.89 63.87 1.44
N ILE M 138 5.81 62.76 0.69
CA ILE M 138 5.78 62.86 -0.77
C ILE M 138 4.46 63.37 -1.35
N GLN M 139 4.51 64.21 -2.41
CA GLN M 139 3.35 64.92 -2.93
C GLN M 139 2.26 64.02 -3.51
N ALA M 140 2.59 62.83 -4.07
CA ALA M 140 1.58 61.96 -4.65
C ALA M 140 0.65 61.32 -3.62
N VAL M 141 1.23 60.74 -2.54
CA VAL M 141 0.51 60.06 -1.48
C VAL M 141 -0.56 60.91 -0.85
N LEU M 142 -0.27 62.20 -0.65
CA LEU M 142 -1.19 63.13 -0.04
C LEU M 142 -2.48 63.31 -0.81
N SER M 143 -2.51 63.13 -2.15
CA SER M 143 -3.76 63.27 -2.88
C SER M 143 -4.77 62.19 -2.60
N LEU M 144 -4.37 61.07 -1.94
CA LEU M 144 -5.33 60.09 -1.46
C LEU M 144 -6.23 60.67 -0.41
N TYR M 145 -5.62 61.41 0.53
CA TYR M 145 -6.31 61.99 1.66
C TYR M 145 -7.32 63.05 1.26
N ALA M 146 -6.95 63.96 0.34
CA ALA M 146 -7.85 65.00 -0.11
C ALA M 146 -9.11 64.50 -0.78
N SER M 147 -9.02 63.43 -1.60
CA SER M 147 -10.19 62.83 -2.21
C SER M 147 -10.89 61.86 -1.27
N GLY M 148 -10.24 61.47 -0.16
CA GLY M 148 -10.84 60.62 0.86
C GLY M 148 -10.96 59.19 0.39
N ARG M 149 -9.90 58.67 -0.24
CA ARG M 149 -9.84 57.31 -0.75
C ARG M 149 -8.94 56.45 0.11
N THR M 150 -9.03 55.12 -0.05
CA THR M 150 -8.18 54.21 0.73
C THR M 150 -7.58 53.12 -0.16
N THR M 151 -7.67 53.28 -1.49
CA THR M 151 -7.16 52.39 -2.52
C THR M 151 -7.02 53.30 -3.72
N GLY M 152 -6.14 52.98 -4.70
CA GLY M 152 -6.07 53.77 -5.94
C GLY M 152 -4.70 54.25 -6.35
N ILE M 153 -4.57 54.60 -7.65
CA ILE M 153 -3.36 55.15 -8.24
C ILE M 153 -3.35 56.67 -8.27
N VAL M 154 -2.31 57.30 -7.67
CA VAL M 154 -2.13 58.75 -7.55
C VAL M 154 -1.14 59.39 -8.53
N LEU M 155 -1.63 60.43 -9.25
CA LEU M 155 -0.95 61.28 -10.21
C LEU M 155 -0.54 62.72 -9.78
N ASP M 156 0.71 63.03 -9.34
CA ASP M 156 1.10 64.41 -8.97
C ASP M 156 1.89 64.84 -10.16
N SER M 157 1.26 65.74 -10.94
CA SER M 157 1.75 66.18 -12.22
C SER M 157 1.89 67.67 -12.16
N GLY M 158 3.14 68.17 -12.13
CA GLY M 158 3.45 69.60 -12.20
C GLY M 158 4.52 69.88 -13.20
N ASP M 159 4.66 71.14 -13.65
CA ASP M 159 5.80 71.61 -14.41
C ASP M 159 7.13 71.44 -13.62
N GLY M 160 8.08 70.52 -13.90
CA GLY M 160 8.12 69.47 -14.90
C GLY M 160 8.39 68.04 -14.47
N VAL M 161 7.75 67.54 -13.39
CA VAL M 161 7.83 66.11 -13.09
C VAL M 161 6.46 65.60 -12.68
N THR M 162 5.95 64.60 -13.42
CA THR M 162 4.77 63.85 -13.07
C THR M 162 5.14 62.55 -12.36
N HIS M 163 4.21 61.93 -11.60
CA HIS M 163 4.53 60.62 -11.03
C HIS M 163 3.29 59.76 -11.00
N ASN M 164 3.47 58.43 -11.01
CA ASN M 164 2.39 57.45 -11.04
C ASN M 164 2.57 56.42 -9.95
N VAL M 165 1.96 56.61 -8.76
CA VAL M 165 2.14 55.68 -7.65
C VAL M 165 0.89 54.85 -7.35
N PRO M 166 0.86 53.52 -7.46
CA PRO M 166 -0.31 52.74 -7.06
C PRO M 166 -0.29 52.41 -5.58
N ILE M 167 -1.37 52.70 -4.82
CA ILE M 167 -1.46 52.47 -3.39
C ILE M 167 -2.71 51.67 -3.02
N TYR M 168 -2.57 50.63 -2.17
CA TYR M 168 -3.68 49.84 -1.66
C TYR M 168 -3.91 50.19 -0.20
N GLU M 169 -5.04 49.77 0.40
CA GLU M 169 -5.39 49.99 1.79
C GLU M 169 -4.41 49.28 2.73
N GLY M 170 -3.46 49.95 3.43
CA GLY M 170 -3.07 51.35 3.44
C GLY M 170 -1.57 51.40 3.24
N TYR M 171 -1.11 50.57 2.30
CA TYR M 171 0.27 50.28 2.00
C TYR M 171 0.62 50.62 0.57
N ALA M 172 1.88 51.04 0.34
CA ALA M 172 2.37 51.38 -0.97
C ALA M 172 3.12 50.19 -1.52
N LEU M 173 3.42 50.20 -2.83
CA LEU M 173 4.11 49.10 -3.46
C LEU M 173 5.44 49.55 -4.00
N PRO M 174 6.60 49.09 -3.51
CA PRO M 174 7.91 49.44 -4.08
C PRO M 174 8.01 48.95 -5.52
N HIS M 175 7.29 47.86 -5.83
CA HIS M 175 7.38 47.15 -7.08
C HIS M 175 6.76 47.92 -8.22
N ALA M 176 5.82 48.85 -7.93
CA ALA M 176 5.06 49.51 -8.97
C ALA M 176 5.23 51.01 -9.05
N ILE M 177 6.13 51.63 -8.26
CA ILE M 177 6.25 53.07 -8.25
C ILE M 177 6.97 53.62 -9.49
N MET M 178 6.27 54.41 -10.33
CA MET M 178 6.85 55.00 -11.53
C MET M 178 6.93 56.52 -11.53
N ARG M 179 8.11 57.09 -11.80
CA ARG M 179 8.32 58.53 -11.89
C ARG M 179 8.58 58.87 -13.32
N LEU M 180 7.75 59.71 -13.96
CA LEU M 180 8.01 60.11 -15.33
C LEU M 180 8.50 61.54 -15.37
N ASP M 181 9.65 61.81 -16.01
CA ASP M 181 10.07 63.18 -16.25
C ASP M 181 9.58 63.59 -17.65
N LEU M 182 8.56 64.46 -17.72
CA LEU M 182 7.98 64.86 -18.99
C LEU M 182 7.07 66.06 -18.84
N ALA M 183 5.85 65.90 -18.30
CA ALA M 183 4.94 67.02 -18.15
C ALA M 183 5.31 67.79 -16.89
N GLY M 184 5.15 69.13 -16.82
CA GLY M 184 4.51 70.05 -17.74
C GLY M 184 5.39 71.13 -18.33
N ARG M 185 6.59 71.40 -17.80
CA ARG M 185 7.45 72.47 -18.30
C ARG M 185 7.96 72.27 -19.72
N ASP M 186 8.03 71.02 -20.18
CA ASP M 186 8.31 70.65 -21.55
C ASP M 186 7.11 70.89 -22.44
N LEU M 187 5.89 70.91 -21.88
CA LEU M 187 4.69 71.31 -22.61
C LEU M 187 4.77 72.81 -22.82
N THR M 188 5.23 73.56 -21.81
CA THR M 188 5.48 74.99 -21.91
C THR M 188 6.53 75.31 -22.99
N ASP M 189 7.72 74.66 -22.95
CA ASP M 189 8.77 74.84 -23.95
C ASP M 189 8.30 74.42 -25.36
N TYR M 190 7.51 73.34 -25.46
CA TYR M 190 6.94 72.88 -26.70
C TYR M 190 5.93 73.85 -27.27
N LEU M 191 5.07 74.45 -26.43
CA LEU M 191 4.14 75.47 -26.87
C LEU M 191 4.87 76.67 -27.46
N MET M 192 6.00 77.09 -26.86
CA MET M 192 6.82 78.12 -27.45
C MET M 192 7.46 77.70 -28.76
N LYS M 193 7.76 76.41 -28.94
CA LYS M 193 8.35 75.87 -30.15
C LYS M 193 7.34 75.72 -31.29
N ILE M 194 6.06 75.50 -30.99
CA ILE M 194 5.06 75.38 -32.03
C ILE M 194 4.29 76.64 -32.26
N LEU M 195 4.52 77.74 -31.50
CA LEU M 195 4.01 79.02 -31.91
C LEU M 195 4.96 79.73 -32.84
N THR M 196 6.25 79.35 -32.85
CA THR M 196 7.18 79.79 -33.88
C THR M 196 6.78 79.26 -35.25
N GLU M 197 6.10 78.10 -35.30
CA GLU M 197 5.55 77.53 -36.52
C GLU M 197 4.46 78.40 -37.17
N ARG M 198 3.79 79.27 -36.37
CA ARG M 198 2.88 80.30 -36.87
C ARG M 198 3.43 81.72 -36.66
N GLY M 199 4.76 81.92 -36.58
CA GLY M 199 5.34 83.26 -36.71
C GLY M 199 5.30 84.14 -35.50
N TYR M 200 5.01 83.57 -34.32
CA TYR M 200 4.92 84.30 -33.08
C TYR M 200 6.12 83.96 -32.22
N SER M 201 7.31 84.41 -32.64
CA SER M 201 8.56 84.12 -31.98
C SER M 201 8.78 84.87 -30.66
N PHE M 202 9.06 84.12 -29.58
CA PHE M 202 9.30 84.66 -28.26
C PHE M 202 10.62 84.08 -27.79
N VAL M 203 11.47 84.86 -27.10
CA VAL M 203 12.80 84.38 -26.77
C VAL M 203 13.23 84.67 -25.35
N THR M 204 12.73 85.73 -24.68
CA THR M 204 13.28 86.04 -23.37
C THR M 204 12.60 85.18 -22.32
N THR M 205 13.27 84.94 -21.17
CA THR M 205 12.73 84.12 -20.08
C THR M 205 11.42 84.69 -19.61
N ALA M 206 11.41 86.02 -19.37
CA ALA M 206 10.22 86.72 -18.97
C ALA M 206 9.07 86.55 -19.95
N GLU M 207 9.28 86.72 -21.27
CA GLU M 207 8.23 86.53 -22.26
C GLU M 207 7.69 85.10 -22.31
N ARG M 208 8.50 84.09 -21.91
CA ARG M 208 8.07 82.71 -21.77
C ARG M 208 6.90 82.52 -20.80
N GLU M 209 6.80 83.36 -19.75
CA GLU M 209 5.67 83.35 -18.84
C GLU M 209 4.34 83.58 -19.55
N ILE M 210 4.29 84.49 -20.55
CA ILE M 210 3.08 84.72 -21.35
C ILE M 210 2.63 83.45 -22.05
N VAL M 211 3.58 82.66 -22.58
CA VAL M 211 3.29 81.34 -23.15
C VAL M 211 2.64 80.41 -22.14
N ARG M 212 3.19 80.36 -20.90
CA ARG M 212 2.66 79.60 -19.80
C ARG M 212 1.24 79.99 -19.44
N ASP M 213 0.93 81.30 -19.49
CA ASP M 213 -0.39 81.82 -19.20
C ASP M 213 -1.40 81.40 -20.29
N ILE M 214 -1.00 81.36 -21.57
CA ILE M 214 -1.84 80.81 -22.62
C ILE M 214 -1.94 79.28 -22.58
N LYS M 215 -0.99 78.58 -21.93
CA LYS M 215 -1.06 77.12 -21.72
C LYS M 215 -2.13 76.77 -20.73
N GLU M 216 -2.30 77.63 -19.70
CA GLU M 216 -3.35 77.58 -18.73
C GLU M 216 -4.72 77.73 -19.38
N LYS M 217 -5.01 78.92 -19.90
CA LYS M 217 -6.33 79.35 -20.28
C LYS M 217 -6.90 78.74 -21.55
N LEU M 218 -6.20 78.73 -22.69
CA LEU M 218 -6.87 78.43 -23.95
C LEU M 218 -6.79 77.01 -24.49
N CYS M 219 -5.83 76.18 -24.03
CA CYS M 219 -5.66 74.81 -24.50
C CYS M 219 -6.76 73.82 -24.14
N TYR M 220 -6.97 72.75 -24.94
CA TYR M 220 -7.90 71.68 -24.61
C TYR M 220 -7.47 70.37 -25.26
N VAL M 221 -7.95 69.21 -24.77
CA VAL M 221 -7.58 67.89 -25.29
C VAL M 221 -8.73 67.34 -26.11
N ALA M 222 -8.47 66.54 -27.16
CA ALA M 222 -9.50 66.00 -28.03
C ALA M 222 -10.15 64.77 -27.40
N LEU M 223 -11.16 64.16 -28.05
CA LEU M 223 -11.69 62.87 -27.59
C LEU M 223 -11.00 61.78 -28.40
N ASP M 224 -10.95 61.98 -29.71
CA ASP M 224 -10.24 61.17 -30.67
C ASP M 224 -9.42 62.15 -31.50
N PHE M 225 -8.09 62.13 -31.33
CA PHE M 225 -7.17 63.06 -31.95
C PHE M 225 -7.32 63.13 -33.45
N GLU M 226 -7.17 61.99 -34.15
CA GLU M 226 -7.23 61.88 -35.60
C GLU M 226 -8.47 62.50 -36.24
N ASN M 227 -9.66 62.37 -35.62
CA ASN M 227 -10.85 62.99 -36.18
C ASN M 227 -11.02 64.46 -35.81
N GLU M 228 -10.52 64.96 -34.66
CA GLU M 228 -10.51 66.40 -34.43
C GLU M 228 -9.48 67.08 -35.33
N MET M 229 -8.37 66.38 -35.62
CA MET M 229 -7.31 66.83 -36.51
C MET M 229 -7.75 66.94 -37.96
N ALA M 230 -8.60 65.99 -38.41
CA ALA M 230 -9.26 66.00 -39.70
C ALA M 230 -10.13 67.22 -39.89
N THR M 231 -11.05 67.48 -38.95
CA THR M 231 -11.95 68.64 -39.09
C THR M 231 -11.25 69.96 -38.85
N ALA M 232 -10.10 69.94 -38.14
CA ALA M 232 -9.21 71.07 -38.02
C ALA M 232 -8.59 71.49 -39.33
N ALA M 233 -8.30 70.49 -40.20
CA ALA M 233 -7.75 70.67 -41.53
C ALA M 233 -8.72 71.36 -42.48
N SER M 234 -10.04 71.24 -42.21
CA SER M 234 -11.09 71.96 -42.90
C SER M 234 -11.07 73.44 -42.54
N SER M 235 -11.86 74.27 -43.23
CA SER M 235 -11.81 75.72 -43.15
C SER M 235 -12.55 76.29 -41.95
N SER M 236 -13.37 75.44 -41.31
CA SER M 236 -14.18 75.75 -40.14
C SER M 236 -13.41 76.24 -38.93
N SER M 237 -13.91 77.30 -38.26
CA SER M 237 -13.20 77.99 -37.18
C SER M 237 -12.94 77.17 -35.94
N LEU M 238 -11.72 77.29 -35.38
CA LEU M 238 -11.38 76.86 -34.04
C LEU M 238 -10.71 77.98 -33.27
N GLU M 239 -10.27 79.03 -33.98
CA GLU M 239 -9.54 80.16 -33.46
C GLU M 239 -10.18 81.00 -32.38
N LYS M 240 -9.39 81.35 -31.35
CA LYS M 240 -9.71 82.38 -30.38
C LYS M 240 -8.66 83.47 -30.53
N SER M 241 -9.05 84.75 -30.53
CA SER M 241 -8.09 85.83 -30.71
C SER M 241 -7.68 86.37 -29.37
N TYR M 242 -6.39 86.22 -29.01
CA TYR M 242 -5.87 86.66 -27.74
C TYR M 242 -5.23 88.04 -27.90
N GLU M 243 -5.24 88.86 -26.83
CA GLU M 243 -4.58 90.15 -26.82
C GLU M 243 -3.40 90.11 -25.87
N LEU M 244 -2.27 90.73 -26.24
CA LEU M 244 -1.02 90.56 -25.54
C LEU M 244 -0.70 91.86 -24.79
N PRO M 245 0.03 91.85 -23.66
CA PRO M 245 0.25 93.06 -22.88
C PRO M 245 0.95 94.17 -23.62
N ASP M 246 1.91 93.85 -24.50
CA ASP M 246 2.55 94.81 -25.37
C ASP M 246 1.62 95.55 -26.33
N GLY M 247 0.61 94.86 -26.88
CA GLY M 247 -0.41 95.46 -27.74
C GLY M 247 -0.87 94.51 -28.81
N GLN M 248 -0.08 93.47 -29.11
CA GLN M 248 -0.26 92.63 -30.28
C GLN M 248 -1.46 91.67 -30.16
N VAL M 249 -2.16 91.38 -31.30
CA VAL M 249 -3.30 90.47 -31.34
C VAL M 249 -2.97 89.20 -32.10
N ILE M 250 -3.07 88.04 -31.40
CA ILE M 250 -2.69 86.71 -31.88
C ILE M 250 -3.89 85.80 -32.10
N THR M 251 -3.99 85.16 -33.28
CA THR M 251 -5.05 84.21 -33.64
C THR M 251 -4.50 82.80 -33.78
N ILE M 252 -4.67 81.92 -32.77
CA ILE M 252 -4.24 80.52 -32.84
C ILE M 252 -5.40 79.56 -32.96
N GLY M 253 -5.24 78.50 -33.78
CA GLY M 253 -6.25 77.49 -34.04
C GLY M 253 -5.81 76.09 -33.75
N ASN M 254 -5.17 75.41 -34.71
CA ASN M 254 -4.71 74.04 -34.58
C ASN M 254 -3.85 73.77 -33.36
N GLU M 255 -2.78 74.56 -33.15
CA GLU M 255 -1.86 74.36 -32.06
C GLU M 255 -2.48 74.39 -30.66
N ARG M 256 -3.64 75.04 -30.50
CA ARG M 256 -4.46 75.06 -29.31
C ARG M 256 -4.90 73.71 -28.73
N PHE M 257 -5.29 72.75 -29.60
CA PHE M 257 -5.54 71.40 -29.17
C PHE M 257 -4.33 70.51 -29.37
N ARG M 258 -3.33 70.91 -30.23
CA ARG M 258 -2.12 70.11 -30.49
C ARG M 258 -1.30 70.01 -29.20
N CYS M 259 -1.02 71.19 -28.56
CA CYS M 259 -0.10 71.24 -27.37
C CYS M 259 -0.49 70.33 -26.12
N PRO M 260 -1.68 70.25 -25.50
CA PRO M 260 -1.75 69.24 -24.27
C PRO M 260 -1.60 67.71 -24.44
N GLU M 261 -1.98 67.42 -25.69
CA GLU M 261 -2.10 66.11 -26.33
C GLU M 261 -0.76 65.58 -26.78
N THR M 262 0.29 66.37 -26.53
CA THR M 262 1.67 65.99 -26.81
C THR M 262 2.02 64.76 -25.96
N LEU M 263 1.55 64.75 -24.71
CA LEU M 263 1.75 63.64 -23.81
C LEU M 263 1.13 62.38 -24.42
N PHE M 264 -0.04 62.43 -25.07
CA PHE M 264 -0.46 61.13 -25.62
C PHE M 264 0.49 60.88 -26.75
N GLN M 265 1.37 59.83 -26.54
CA GLN M 265 2.46 59.47 -27.44
C GLN M 265 3.57 60.54 -27.42
N PRO M 266 4.48 60.57 -26.43
CA PRO M 266 5.56 61.54 -26.35
C PRO M 266 6.54 61.46 -27.50
N SER M 267 6.38 60.46 -28.38
CA SER M 267 7.00 60.25 -29.67
C SER M 267 7.17 61.50 -30.56
N PHE M 268 6.37 62.56 -30.37
CA PHE M 268 6.53 63.82 -31.09
C PHE M 268 7.82 64.54 -30.71
N ILE M 269 8.34 64.26 -29.51
CA ILE M 269 9.61 64.80 -29.02
C ILE M 269 10.74 63.82 -29.36
N GLY M 270 10.38 62.66 -29.94
CA GLY M 270 11.28 61.57 -30.34
C GLY M 270 11.59 60.58 -29.27
N MET M 271 11.41 60.97 -28.00
CA MET M 271 11.65 60.16 -26.85
C MET M 271 10.88 58.84 -26.76
N GLU M 272 11.52 57.84 -26.13
CA GLU M 272 10.99 56.50 -26.07
C GLU M 272 9.88 56.37 -25.04
N SER M 273 10.03 57.06 -23.89
CA SER M 273 9.11 57.18 -22.75
C SER M 273 7.63 57.14 -23.10
N ALA M 274 6.89 56.14 -22.60
CA ALA M 274 5.51 55.92 -23.00
C ALA M 274 4.54 56.91 -22.39
N GLY M 275 3.37 57.12 -23.04
CA GLY M 275 2.40 58.11 -22.60
C GLY M 275 1.69 57.73 -21.33
N ILE M 276 1.02 58.69 -20.66
CA ILE M 276 0.24 58.46 -19.46
C ILE M 276 -0.79 57.36 -19.59
N HIS M 277 -1.50 57.29 -20.74
CA HIS M 277 -2.20 56.11 -21.22
C HIS M 277 -1.55 54.78 -20.84
N GLU M 278 -0.32 54.55 -21.29
CA GLU M 278 0.36 53.29 -21.06
C GLU M 278 1.04 53.20 -19.71
N THR M 279 1.56 54.30 -19.11
CA THR M 279 2.23 54.24 -17.80
C THR M 279 1.26 53.97 -16.66
N THR M 280 0.01 54.41 -16.82
CA THR M 280 -1.09 54.12 -15.90
C THR M 280 -1.31 52.63 -15.86
N TYR M 281 -1.54 52.03 -17.04
CA TYR M 281 -1.69 50.60 -17.19
C TYR M 281 -0.46 49.80 -16.73
N ASN M 282 0.77 50.18 -17.16
CA ASN M 282 1.96 49.43 -16.85
C ASN M 282 2.35 49.44 -15.38
N SER M 283 1.91 50.46 -14.61
CA SER M 283 2.12 50.48 -13.17
C SER M 283 1.10 49.62 -12.46
N ILE M 284 -0.14 49.58 -12.97
CA ILE M 284 -1.21 48.73 -12.47
C ILE M 284 -0.86 47.26 -12.65
N MET M 285 -0.38 46.84 -13.84
CA MET M 285 0.03 45.45 -14.01
C MET M 285 1.39 45.10 -13.41
N LYS M 286 1.92 45.91 -12.47
CA LYS M 286 2.99 45.51 -11.58
C LYS M 286 2.44 45.27 -10.18
N CYS M 287 1.13 45.43 -9.95
CA CYS M 287 0.49 45.08 -8.70
C CYS M 287 0.00 43.64 -8.67
N ASP M 288 -0.05 43.02 -7.47
CA ASP M 288 -0.54 41.68 -7.19
C ASP M 288 -1.96 41.45 -7.72
N ILE M 289 -2.29 40.21 -8.16
CA ILE M 289 -3.47 39.91 -8.95
C ILE M 289 -4.78 40.28 -8.28
N ASP M 290 -4.99 39.89 -7.00
CA ASP M 290 -6.22 40.12 -6.29
C ASP M 290 -6.53 41.63 -6.12
N ILE M 291 -5.48 42.47 -5.99
CA ILE M 291 -5.67 43.88 -5.70
C ILE M 291 -6.09 44.67 -6.92
N ARG M 292 -5.78 44.18 -8.14
CA ARG M 292 -6.08 44.87 -9.39
C ARG M 292 -7.55 45.21 -9.54
N LYS M 293 -8.41 44.33 -8.98
CA LYS M 293 -9.85 44.43 -8.89
C LYS M 293 -10.37 45.75 -8.37
N ASP M 294 -9.69 46.38 -7.38
CA ASP M 294 -10.19 47.60 -6.78
C ASP M 294 -9.38 48.81 -7.20
N LEU M 295 -8.29 48.62 -7.97
CA LEU M 295 -7.59 49.73 -8.59
C LEU M 295 -8.35 50.27 -9.76
N TYR M 296 -8.98 49.36 -10.54
CA TYR M 296 -10.03 49.75 -11.45
C TYR M 296 -11.18 50.40 -10.68
N ALA M 297 -11.44 51.70 -10.96
CA ALA M 297 -12.46 52.53 -10.35
C ALA M 297 -11.97 53.25 -9.11
N ASN M 298 -10.65 53.42 -8.99
CA ASN M 298 -10.01 54.27 -8.02
C ASN M 298 -8.82 54.91 -8.72
N ASN M 299 -9.00 55.23 -10.02
CA ASN M 299 -8.08 56.03 -10.79
C ASN M 299 -8.34 57.50 -10.49
N VAL M 300 -7.51 58.09 -9.60
CA VAL M 300 -7.68 59.43 -9.09
C VAL M 300 -6.67 60.44 -9.62
N MET M 301 -7.13 61.43 -10.39
CA MET M 301 -6.22 62.38 -11.02
C MET M 301 -5.88 63.52 -10.06
N SER M 302 -4.76 64.23 -10.29
CA SER M 302 -4.35 65.32 -9.43
C SER M 302 -3.38 66.17 -10.20
N GLY M 303 -2.80 67.20 -9.58
CA GLY M 303 -1.87 68.16 -10.16
C GLY M 303 -2.50 69.20 -11.03
N GLY M 304 -1.99 70.44 -10.97
CA GLY M 304 -2.47 71.57 -11.77
C GLY M 304 -2.36 71.38 -13.26
N THR M 305 -1.42 70.54 -13.71
CA THR M 305 -1.22 70.30 -15.13
C THR M 305 -2.23 69.33 -15.71
N THR M 306 -3.24 68.89 -14.94
CA THR M 306 -4.36 68.11 -15.45
C THR M 306 -5.64 68.90 -15.62
N MET M 307 -5.60 70.24 -15.55
CA MET M 307 -6.83 71.02 -15.60
C MET M 307 -7.34 71.48 -16.96
N TYR M 308 -6.78 70.97 -18.08
CA TYR M 308 -7.36 71.18 -19.40
C TYR M 308 -8.79 70.63 -19.50
N PRO M 309 -9.78 71.28 -20.09
CA PRO M 309 -11.14 70.75 -20.24
C PRO M 309 -11.33 69.42 -20.94
N GLY M 310 -10.37 68.94 -21.76
CA GLY M 310 -10.54 67.71 -22.51
C GLY M 310 -10.16 66.42 -21.82
N ILE M 311 -9.69 66.47 -20.57
CA ILE M 311 -9.40 65.27 -19.80
C ILE M 311 -10.33 65.29 -18.62
N ALA M 312 -10.74 64.15 -18.06
CA ALA M 312 -10.21 62.80 -18.14
C ALA M 312 -10.95 61.88 -19.10
N ASP M 313 -11.92 62.35 -19.90
CA ASP M 313 -12.81 61.44 -20.61
C ASP M 313 -12.16 60.99 -21.94
N ARG M 314 -11.08 61.69 -22.34
CA ARG M 314 -10.08 61.21 -23.28
C ARG M 314 -9.36 60.01 -22.69
N MET M 315 -8.76 60.16 -21.50
CA MET M 315 -8.16 59.07 -20.74
C MET M 315 -9.06 57.85 -20.57
N GLN M 316 -10.37 58.06 -20.31
CA GLN M 316 -11.39 57.04 -20.21
C GLN M 316 -11.49 56.28 -21.50
N LYS M 317 -11.88 56.94 -22.61
CA LYS M 317 -11.98 56.34 -23.92
C LYS M 317 -10.73 55.55 -24.35
N GLU M 318 -9.51 56.02 -23.99
CA GLU M 318 -8.27 55.30 -24.23
C GLU M 318 -8.02 54.08 -23.34
N ILE M 319 -8.31 54.15 -22.02
CA ILE M 319 -8.10 53.06 -21.07
C ILE M 319 -9.04 51.93 -21.39
N THR M 320 -10.32 52.27 -21.65
CA THR M 320 -11.40 51.31 -21.95
C THR M 320 -11.08 50.40 -23.12
N ALA M 321 -10.23 50.86 -24.07
CA ALA M 321 -9.75 50.05 -25.16
C ALA M 321 -8.65 49.05 -24.79
N LEU M 322 -7.80 49.41 -23.82
CA LEU M 322 -6.61 48.66 -23.45
C LEU M 322 -6.81 47.69 -22.28
N ALA M 323 -7.67 48.04 -21.32
CA ALA M 323 -7.97 47.22 -20.17
C ALA M 323 -8.72 45.92 -20.50
N PRO M 324 -8.69 44.88 -19.66
CA PRO M 324 -9.52 43.68 -19.77
C PRO M 324 -10.99 43.86 -20.15
N SER M 325 -11.61 42.89 -20.83
CA SER M 325 -13.01 42.95 -21.23
C SER M 325 -13.96 43.02 -20.04
N THR M 326 -15.00 43.88 -20.14
CA THR M 326 -16.10 44.04 -19.19
C THR M 326 -15.69 44.23 -17.74
N MET M 327 -14.81 45.21 -17.50
CA MET M 327 -14.32 45.58 -16.20
C MET M 327 -14.68 47.03 -15.93
N LYS M 328 -15.35 47.32 -14.80
CA LYS M 328 -15.82 48.67 -14.50
C LYS M 328 -14.71 49.61 -14.01
N ILE M 329 -14.39 50.64 -14.82
CA ILE M 329 -13.32 51.58 -14.53
C ILE M 329 -13.90 52.97 -14.57
N LYS M 330 -13.85 53.69 -13.45
CA LYS M 330 -14.22 55.09 -13.37
C LYS M 330 -12.99 55.91 -13.05
N ILE M 331 -12.88 57.10 -13.66
CA ILE M 331 -11.75 57.97 -13.48
C ILE M 331 -12.26 59.21 -12.77
N ILE M 332 -11.66 59.55 -11.62
CA ILE M 332 -12.20 60.56 -10.75
C ILE M 332 -11.31 61.77 -10.79
N ALA M 333 -11.82 62.88 -11.36
CA ALA M 333 -11.12 64.14 -11.41
C ALA M 333 -12.01 65.22 -10.82
N PRO M 334 -11.81 65.67 -9.59
CA PRO M 334 -12.69 66.68 -9.00
C PRO M 334 -12.17 68.04 -9.42
N PRO M 335 -12.93 69.11 -9.62
CA PRO M 335 -12.43 70.48 -9.48
C PRO M 335 -11.76 70.69 -8.13
N GLU M 336 -10.53 71.28 -8.10
CA GLU M 336 -9.72 71.70 -6.95
C GLU M 336 -8.29 71.18 -7.09
N ARG M 337 -7.99 70.38 -8.12
CA ARG M 337 -6.79 69.56 -8.17
C ARG M 337 -5.45 70.22 -7.93
N LYS M 338 -5.28 71.52 -8.24
CA LYS M 338 -4.09 72.27 -7.90
C LYS M 338 -3.81 72.34 -6.41
N TYR M 339 -4.83 72.20 -5.58
CA TYR M 339 -4.63 72.31 -4.15
C TYR M 339 -4.82 70.95 -3.53
N SER M 340 -4.99 69.86 -4.32
CA SER M 340 -5.19 68.51 -3.79
C SER M 340 -4.14 68.11 -2.77
N VAL M 341 -2.87 68.16 -3.21
CA VAL M 341 -1.68 67.92 -2.42
C VAL M 341 -1.66 68.68 -1.10
N TRP M 342 -1.98 69.99 -1.15
CA TRP M 342 -1.98 70.86 0.01
C TRP M 342 -3.07 70.48 1.01
N ILE M 343 -4.28 70.16 0.52
CA ILE M 343 -5.41 69.69 1.32
C ILE M 343 -5.12 68.33 1.94
N GLY M 344 -4.22 67.55 1.32
CA GLY M 344 -3.64 66.33 1.89
C GLY M 344 -2.83 66.64 3.09
N GLY M 345 -1.80 67.49 2.93
CA GLY M 345 -0.89 67.90 3.99
C GLY M 345 -1.62 68.46 5.19
N SER M 346 -2.65 69.29 4.94
CA SER M 346 -3.53 69.86 5.95
C SER M 346 -4.22 68.85 6.84
N ILE M 347 -4.78 67.77 6.25
CA ILE M 347 -5.43 66.70 6.98
C ILE M 347 -4.46 65.98 7.89
N LEU M 348 -3.22 65.78 7.42
CA LEU M 348 -2.20 65.00 8.10
C LEU M 348 -1.72 65.69 9.35
N ALA M 349 -1.11 66.88 9.21
CA ALA M 349 -0.44 67.61 10.27
C ALA M 349 -1.36 68.05 11.41
N SER M 350 -2.68 68.03 11.18
CA SER M 350 -3.67 68.31 12.20
C SER M 350 -4.00 67.07 13.05
N LEU M 351 -3.90 65.85 12.51
CA LEU M 351 -4.17 64.60 13.23
C LEU M 351 -3.25 64.22 14.39
N SER M 352 -3.81 63.49 15.37
CA SER M 352 -3.03 62.51 16.13
C SER M 352 -3.36 61.16 15.48
N THR M 353 -2.50 60.14 15.51
CA THR M 353 -1.23 60.03 16.21
C THR M 353 -0.10 60.82 15.62
N PHE M 354 -0.13 61.23 14.34
CA PHE M 354 1.07 61.82 13.75
C PHE M 354 1.56 63.15 14.32
N GLN M 355 0.91 63.71 15.37
CA GLN M 355 1.44 64.73 16.25
C GLN M 355 2.76 64.35 16.93
N GLN M 356 2.95 63.08 17.28
CA GLN M 356 4.23 62.64 17.82
C GLN M 356 5.19 62.06 16.78
N MET M 357 4.95 62.23 15.46
CA MET M 357 5.89 61.65 14.49
C MET M 357 6.78 62.58 13.70
N TRP M 358 6.89 63.87 14.07
CA TRP M 358 7.89 64.72 13.46
C TRP M 358 9.28 64.42 13.99
N ILE M 359 10.33 64.81 13.25
CA ILE M 359 11.71 64.70 13.69
C ILE M 359 12.04 65.93 14.49
N THR M 360 12.23 65.78 15.81
CA THR M 360 12.45 66.89 16.72
C THR M 360 13.90 67.32 16.79
N LYS M 361 14.16 68.58 17.20
CA LYS M 361 15.46 69.21 17.18
C LYS M 361 16.54 68.46 17.95
N GLN M 362 16.27 67.98 19.18
CA GLN M 362 17.23 67.21 19.95
C GLN M 362 17.56 65.86 19.31
N GLU M 363 16.54 65.20 18.72
CA GLU M 363 16.68 63.93 18.02
C GLU M 363 17.52 64.13 16.78
N TYR M 364 17.30 65.24 16.04
CA TYR M 364 18.12 65.62 14.90
C TYR M 364 19.58 65.94 15.28
N ASP M 365 19.84 66.58 16.44
CA ASP M 365 21.20 66.85 16.92
C ASP M 365 21.96 65.54 17.10
N GLU M 366 21.28 64.52 17.66
CA GLU M 366 21.83 63.19 17.82
C GLU M 366 22.00 62.47 16.48
N ALA M 367 20.94 62.44 15.66
CA ALA M 367 20.86 61.68 14.44
C ALA M 367 21.73 62.16 13.29
N GLY M 368 21.76 63.48 13.05
CA GLY M 368 22.44 64.05 11.89
C GLY M 368 21.66 63.79 10.63
N PRO M 369 22.19 64.00 9.45
CA PRO M 369 21.46 63.82 8.19
C PRO M 369 20.88 62.43 7.97
N SER M 370 21.51 61.35 8.46
CA SER M 370 20.98 60.00 8.31
C SER M 370 19.81 59.67 9.21
N ILE M 371 18.71 60.42 9.00
CA ILE M 371 17.39 60.22 9.54
C ILE M 371 16.44 59.96 8.38
N VAL M 372 17.04 59.52 7.26
CA VAL M 372 16.44 59.23 5.98
C VAL M 372 15.42 58.11 6.00
N HIS M 373 15.60 57.09 6.86
CA HIS M 373 14.71 55.95 6.96
C HIS M 373 13.89 56.01 8.26
N THR N 7 16.87 67.66 -68.39
CA THR N 7 17.74 68.88 -68.39
C THR N 7 18.40 69.12 -67.06
N THR N 8 19.40 70.01 -66.98
CA THR N 8 20.14 70.25 -65.76
C THR N 8 19.33 71.11 -64.82
N ALA N 9 19.04 70.61 -63.60
CA ALA N 9 18.33 71.33 -62.56
C ALA N 9 19.04 72.60 -62.06
N LEU N 10 18.29 73.53 -61.47
CA LEU N 10 18.83 74.81 -61.07
C LEU N 10 18.68 74.96 -59.57
N VAL N 11 19.80 75.15 -58.85
CA VAL N 11 19.81 75.53 -57.45
C VAL N 11 19.96 77.03 -57.27
N CYS N 12 18.91 77.66 -56.77
CA CYS N 12 18.81 79.09 -56.62
C CYS N 12 18.57 79.25 -55.15
N ASP N 13 19.51 79.88 -54.45
CA ASP N 13 19.52 79.90 -53.02
C ASP N 13 19.03 81.27 -52.61
N ASN N 14 17.92 81.24 -51.85
CA ASN N 14 17.27 82.36 -51.22
C ASN N 14 18.06 82.77 -50.00
N GLY N 15 19.29 83.25 -50.25
CA GLY N 15 20.13 83.94 -49.29
C GLY N 15 19.43 84.96 -48.43
N SER N 16 19.96 85.16 -47.23
CA SER N 16 19.54 86.20 -46.34
C SER N 16 20.40 87.42 -46.62
N GLY N 17 21.53 87.19 -47.32
CA GLY N 17 22.49 88.15 -47.79
C GLY N 17 22.07 88.85 -49.06
N LEU N 18 22.58 88.61 -50.29
CA LEU N 18 23.46 87.60 -50.86
C LEU N 18 22.71 86.37 -51.36
N VAL N 19 21.81 86.58 -52.34
CA VAL N 19 21.21 85.49 -53.10
C VAL N 19 22.22 84.89 -54.04
N LYS N 20 22.25 83.55 -54.12
CA LYS N 20 23.23 82.82 -54.91
C LYS N 20 22.46 82.04 -55.95
N ALA N 21 22.86 82.04 -57.23
CA ALA N 21 22.16 81.24 -58.21
C ALA N 21 23.12 80.57 -59.16
N GLY N 22 22.90 79.28 -59.44
CA GLY N 22 23.80 78.50 -60.28
C GLY N 22 23.26 77.13 -60.51
N PHE N 23 23.52 76.52 -61.68
CA PHE N 23 22.97 75.21 -62.03
C PHE N 23 23.48 74.11 -61.10
N ALA N 24 22.91 72.89 -61.17
CA ALA N 24 23.31 71.79 -60.31
C ALA N 24 24.71 71.27 -60.61
N GLY N 25 25.72 71.79 -59.89
CA GLY N 25 27.12 71.53 -60.09
C GLY N 25 27.69 72.03 -61.40
N ASP N 26 28.99 71.86 -61.67
CA ASP N 26 29.99 71.17 -60.84
C ASP N 26 31.09 72.14 -60.45
N ASP N 27 30.82 73.45 -60.55
CA ASP N 27 31.81 74.50 -60.36
C ASP N 27 31.47 75.40 -59.17
N ALA N 28 30.67 76.46 -59.39
CA ALA N 28 30.45 77.53 -58.44
C ALA N 28 29.16 78.27 -58.80
N PRO N 29 28.59 79.16 -57.99
CA PRO N 29 27.39 79.91 -58.39
C PRO N 29 27.69 80.85 -59.56
N ARG N 30 26.78 80.99 -60.54
CA ARG N 30 26.95 81.94 -61.62
C ARG N 30 26.65 83.35 -61.19
N ALA N 31 25.74 83.56 -60.22
CA ALA N 31 25.35 84.90 -59.85
C ALA N 31 25.30 85.10 -58.35
N VAL N 32 25.97 86.16 -57.86
CA VAL N 32 25.86 86.59 -56.49
C VAL N 32 25.70 88.09 -56.48
N PHE N 33 24.75 88.62 -55.69
CA PHE N 33 24.54 90.04 -55.58
C PHE N 33 23.81 90.29 -54.28
N PRO N 34 23.86 91.44 -53.62
CA PRO N 34 23.44 91.49 -52.22
C PRO N 34 21.96 91.79 -52.07
N SER N 35 21.08 91.15 -52.86
CA SER N 35 19.61 91.07 -52.72
C SER N 35 18.79 92.34 -52.74
N ILE N 36 19.37 93.51 -52.44
CA ILE N 36 18.75 94.82 -52.41
C ILE N 36 17.92 95.22 -53.61
N VAL N 37 16.76 95.85 -53.34
CA VAL N 37 15.96 96.58 -54.29
C VAL N 37 16.04 98.03 -53.90
N GLY N 38 16.14 98.97 -54.87
CA GLY N 38 16.25 100.37 -54.55
C GLY N 38 15.50 101.23 -55.52
N ARG N 39 14.55 102.01 -55.00
CA ARG N 39 13.78 103.00 -55.74
C ARG N 39 14.52 104.35 -55.80
N PRO N 40 14.29 105.19 -56.80
CA PRO N 40 14.94 106.49 -56.92
C PRO N 40 14.26 107.53 -56.02
N ARG N 41 14.98 108.08 -55.03
CA ARG N 41 14.36 108.89 -53.99
C ARG N 41 14.40 110.39 -54.17
N HIS N 42 15.31 110.95 -55.01
CA HIS N 42 15.45 112.39 -55.14
C HIS N 42 14.51 112.94 -56.18
N GLN N 43 14.34 114.28 -56.23
CA GLN N 43 13.56 114.93 -57.27
C GLN N 43 14.12 114.69 -58.67
N GLY N 44 13.28 114.74 -59.71
CA GLY N 44 13.68 114.40 -61.07
C GLY N 44 14.53 115.42 -61.79
N VAL N 45 15.80 115.56 -61.37
CA VAL N 45 16.76 116.52 -61.90
C VAL N 45 17.39 116.07 -63.22
N MET N 46 17.61 114.76 -63.42
CA MET N 46 18.16 114.24 -64.66
C MET N 46 17.26 114.46 -65.86
N VAL N 47 17.84 115.03 -66.94
CA VAL N 47 17.26 115.08 -68.26
C VAL N 47 17.28 113.72 -68.95
N GLY N 48 16.23 113.41 -69.73
CA GLY N 48 16.24 112.25 -70.62
C GLY N 48 14.99 111.43 -70.45
N MET N 49 14.99 110.31 -69.71
CA MET N 49 16.07 109.68 -68.97
C MET N 49 15.97 108.17 -69.00
N GLY N 50 14.76 107.59 -69.19
CA GLY N 50 14.57 106.18 -69.54
C GLY N 50 14.77 105.16 -68.46
N GLN N 51 15.01 105.58 -67.21
CA GLN N 51 15.39 104.69 -66.13
C GLN N 51 14.26 103.90 -65.50
N LYS N 52 14.56 102.63 -65.13
CA LYS N 52 13.69 101.73 -64.42
C LYS N 52 13.18 102.26 -63.08
N ASP N 53 12.00 101.80 -62.63
CA ASP N 53 11.43 102.17 -61.36
C ASP N 53 12.02 101.34 -60.23
N SER N 54 12.60 100.16 -60.54
CA SER N 54 13.29 99.39 -59.53
C SER N 54 14.57 98.76 -60.04
N TYR N 55 15.73 99.21 -59.52
CA TYR N 55 17.01 98.58 -59.79
C TYR N 55 17.22 97.48 -58.77
N VAL N 56 17.56 96.25 -59.19
CA VAL N 56 18.05 95.23 -58.27
C VAL N 56 19.57 95.34 -58.21
N GLY N 57 20.27 94.62 -57.31
CA GLY N 57 21.72 94.44 -57.40
C GLY N 57 22.09 93.52 -58.54
N ASP N 58 23.27 93.62 -59.20
CA ASP N 58 24.43 94.47 -59.02
C ASP N 58 24.14 95.95 -59.20
N GLU N 59 23.25 96.33 -60.13
CA GLU N 59 22.98 97.71 -60.46
C GLU N 59 22.55 98.63 -59.30
N ALA N 60 21.90 98.10 -58.25
CA ALA N 60 21.62 98.83 -57.03
C ALA N 60 22.83 98.98 -56.10
N GLN N 61 23.99 98.43 -56.45
CA GLN N 61 25.21 98.57 -55.67
C GLN N 61 26.23 99.37 -56.46
N SER N 62 25.96 99.67 -57.74
CA SER N 62 26.79 100.55 -58.56
C SER N 62 26.18 101.91 -58.79
N LYS N 63 24.98 102.13 -58.24
CA LYS N 63 24.24 103.38 -58.35
C LYS N 63 23.90 103.88 -56.95
N ARG N 64 24.72 103.54 -55.94
CA ARG N 64 24.54 104.02 -54.58
C ARG N 64 24.52 105.53 -54.43
N GLY N 65 23.69 106.02 -53.48
CA GLY N 65 23.68 107.42 -53.07
C GLY N 65 22.62 108.23 -53.74
N ILE N 66 21.66 107.59 -54.42
CA ILE N 66 20.54 108.27 -55.03
C ILE N 66 19.30 107.41 -54.91
N LEU N 67 19.34 106.40 -54.01
CA LEU N 67 18.27 105.45 -53.85
C LEU N 67 17.91 105.31 -52.40
N THR N 68 16.83 104.59 -52.11
CA THR N 68 16.51 104.19 -50.74
C THR N 68 16.50 102.69 -50.75
N LEU N 69 17.62 102.06 -50.36
CA LEU N 69 17.75 100.61 -50.36
C LEU N 69 16.81 99.91 -49.39
N LYS N 70 16.07 98.90 -49.88
CA LYS N 70 15.16 98.13 -49.09
C LYS N 70 15.39 96.65 -49.32
N TYR N 71 15.97 95.95 -48.31
CA TYR N 71 16.21 94.53 -48.36
C TYR N 71 14.92 93.71 -48.46
N PRO N 72 14.82 92.66 -49.28
CA PRO N 72 13.57 91.93 -49.43
C PRO N 72 13.41 90.91 -48.32
N ILE N 73 14.48 90.63 -47.56
CA ILE N 73 14.46 89.70 -46.45
C ILE N 73 15.08 90.30 -45.22
N GLU N 74 14.38 90.23 -44.07
CA GLU N 74 14.78 90.83 -42.82
C GLU N 74 14.28 89.90 -41.73
N HIS N 75 15.09 89.62 -40.70
CA HIS N 75 14.83 88.60 -39.68
C HIS N 75 14.54 87.23 -40.26
N GLY N 76 15.20 86.88 -41.37
CA GLY N 76 15.14 85.56 -41.98
C GLY N 76 13.89 85.26 -42.73
N ILE N 77 12.99 86.25 -42.90
CA ILE N 77 11.74 86.08 -43.59
C ILE N 77 11.52 87.20 -44.59
N ILE N 78 10.89 86.89 -45.74
CA ILE N 78 10.63 87.86 -46.78
C ILE N 78 9.62 88.93 -46.37
N THR N 79 9.88 90.20 -46.74
CA THR N 79 9.03 91.33 -46.36
C THR N 79 7.77 91.46 -47.23
N ASN N 80 7.84 91.28 -48.56
CA ASN N 80 6.66 91.30 -49.40
C ASN N 80 6.96 90.66 -50.76
N TRP N 81 5.98 89.99 -51.40
CA TRP N 81 6.22 89.35 -52.67
C TRP N 81 6.16 90.26 -53.89
N ASP N 82 5.80 91.55 -53.73
CA ASP N 82 5.90 92.53 -54.79
C ASP N 82 7.35 92.79 -55.17
N ASP N 83 8.23 92.82 -54.14
CA ASP N 83 9.65 92.99 -54.28
C ASP N 83 10.30 91.66 -54.59
N MET N 84 9.87 90.57 -53.93
CA MET N 84 10.41 89.24 -54.17
C MET N 84 10.28 88.79 -55.61
N GLU N 85 9.11 88.95 -56.25
CA GLU N 85 8.95 88.59 -57.66
C GLU N 85 9.92 89.36 -58.56
N LYS N 86 10.25 90.63 -58.23
CA LYS N 86 11.20 91.42 -58.99
C LYS N 86 12.62 90.88 -58.80
N ILE N 87 13.00 90.45 -57.57
CA ILE N 87 14.22 89.66 -57.35
C ILE N 87 14.31 88.46 -58.27
N TRP N 88 13.28 87.61 -58.26
CA TRP N 88 13.21 86.39 -59.02
C TRP N 88 13.37 86.66 -60.51
N HIS N 89 12.50 87.53 -61.09
CA HIS N 89 12.51 87.92 -62.49
C HIS N 89 13.89 88.42 -62.94
N HIS N 90 14.49 89.34 -62.16
CA HIS N 90 15.83 89.83 -62.40
C HIS N 90 16.88 88.72 -62.41
N THR N 91 16.81 87.82 -61.41
CA THR N 91 17.76 86.73 -61.21
C THR N 91 17.77 85.76 -62.36
N PHE N 92 16.62 85.19 -62.74
CA PHE N 92 16.60 84.28 -63.88
C PHE N 92 16.96 84.93 -65.20
N TYR N 93 16.35 86.10 -65.49
CA TYR N 93 16.46 86.69 -66.79
C TYR N 93 17.72 87.47 -67.13
N ASN N 94 18.21 88.41 -66.30
CA ASN N 94 19.28 89.27 -66.77
C ASN N 94 20.64 88.89 -66.21
N GLU N 95 20.69 87.73 -65.55
CA GLU N 95 21.91 87.12 -65.07
C GLU N 95 22.01 85.80 -65.79
N LEU N 96 21.28 84.77 -65.33
CA LEU N 96 21.38 83.42 -65.84
C LEU N 96 21.02 83.21 -67.31
N ARG N 97 20.01 83.93 -67.84
CA ARG N 97 19.58 83.89 -69.23
C ARG N 97 18.89 82.60 -69.60
N VAL N 98 17.87 82.20 -68.83
CA VAL N 98 17.17 80.95 -69.06
C VAL N 98 15.71 81.15 -68.76
N ALA N 99 14.83 80.36 -69.40
CA ALA N 99 13.40 80.37 -69.16
C ALA N 99 13.07 79.36 -68.05
N PRO N 100 12.30 79.67 -67.02
CA PRO N 100 11.95 78.68 -65.99
C PRO N 100 11.18 77.46 -66.46
N GLU N 101 10.70 77.42 -67.71
CA GLU N 101 10.04 76.23 -68.23
C GLU N 101 11.07 75.19 -68.67
N GLU N 102 12.36 75.58 -68.82
CA GLU N 102 13.44 74.70 -69.25
C GLU N 102 13.98 73.75 -68.17
N HIS N 103 13.77 74.00 -66.87
CA HIS N 103 14.40 73.19 -65.84
C HIS N 103 13.46 72.92 -64.68
N PRO N 104 13.59 71.82 -63.93
CA PRO N 104 13.12 71.77 -62.55
C PRO N 104 13.99 72.58 -61.62
N THR N 105 13.41 73.27 -60.61
CA THR N 105 14.24 74.12 -59.77
C THR N 105 14.38 73.45 -58.41
N LEU N 106 15.33 73.92 -57.60
CA LEU N 106 15.62 73.48 -56.26
C LEU N 106 15.76 74.71 -55.44
N LEU N 107 14.93 74.91 -54.41
CA LEU N 107 14.92 76.14 -53.66
C LEU N 107 15.34 75.87 -52.23
N THR N 108 15.84 76.91 -51.55
CA THR N 108 16.29 76.81 -50.16
C THR N 108 15.43 77.68 -49.28
N GLU N 109 15.42 77.39 -47.96
CA GLU N 109 14.64 78.17 -47.01
C GLU N 109 15.47 78.28 -45.74
N ALA N 110 14.95 78.88 -44.66
CA ALA N 110 15.60 78.92 -43.38
C ALA N 110 15.04 77.85 -42.45
N PRO N 111 15.81 77.07 -41.69
CA PRO N 111 15.27 76.10 -40.73
C PRO N 111 14.39 76.75 -39.69
N LEU N 112 13.17 76.24 -39.44
CA LEU N 112 12.22 76.88 -38.55
C LEU N 112 11.73 78.24 -39.06
N ASN N 113 11.32 78.29 -40.34
CA ASN N 113 10.75 79.46 -40.98
C ASN N 113 9.26 79.43 -40.70
N PRO N 114 8.60 80.48 -40.24
CA PRO N 114 7.16 80.46 -39.98
C PRO N 114 6.28 80.00 -41.12
N LYS N 115 5.47 78.97 -40.93
CA LYS N 115 4.45 78.62 -41.90
C LYS N 115 3.29 79.61 -41.68
N ALA N 116 2.58 80.09 -42.70
CA ALA N 116 2.42 79.58 -44.04
C ALA N 116 3.30 80.31 -45.05
N ASN N 117 4.47 80.86 -44.64
CA ASN N 117 5.44 81.44 -45.55
C ASN N 117 6.08 80.44 -46.49
N ARG N 118 5.94 79.13 -46.26
CA ARG N 118 6.43 78.13 -47.20
C ARG N 118 5.34 77.73 -48.18
N GLU N 119 4.07 77.69 -47.73
CA GLU N 119 2.89 77.50 -48.56
C GLU N 119 2.82 78.62 -49.58
N LYS N 120 2.56 79.87 -49.10
CA LYS N 120 2.53 81.10 -49.88
C LYS N 120 3.68 81.23 -50.90
N MET N 121 4.91 80.83 -50.52
CA MET N 121 6.04 80.71 -51.42
C MET N 121 5.81 79.72 -52.53
N THR N 122 5.60 78.45 -52.19
CA THR N 122 5.35 77.33 -53.11
C THR N 122 4.24 77.66 -54.10
N GLN N 123 3.17 78.31 -53.61
CA GLN N 123 1.99 78.65 -54.39
C GLN N 123 2.28 79.78 -55.35
N ILE N 124 2.83 80.90 -54.87
CA ILE N 124 3.27 82.02 -55.68
C ILE N 124 4.32 81.67 -56.71
N MET N 125 5.38 80.90 -56.38
CA MET N 125 6.43 80.60 -57.34
C MET N 125 5.98 79.76 -58.55
N PHE N 126 4.94 78.94 -58.35
CA PHE N 126 4.37 78.12 -59.41
C PHE N 126 3.56 78.96 -60.35
N GLU N 127 2.85 79.96 -59.82
CA GLU N 127 1.95 80.81 -60.56
C GLU N 127 2.70 81.96 -61.22
N THR N 128 3.81 82.43 -60.63
CA THR N 128 4.61 83.50 -61.20
C THR N 128 5.53 82.98 -62.28
N PHE N 129 6.34 81.92 -62.05
CA PHE N 129 7.29 81.53 -63.08
C PHE N 129 6.90 80.31 -63.91
N ASN N 130 5.90 79.51 -63.47
CA ASN N 130 5.28 78.45 -64.26
C ASN N 130 6.25 77.33 -64.62
N VAL N 131 7.15 77.05 -63.68
CA VAL N 131 8.12 75.96 -63.58
C VAL N 131 7.50 74.55 -63.63
N PRO N 132 8.16 73.48 -64.10
CA PRO N 132 7.47 72.20 -64.21
C PRO N 132 7.64 71.38 -62.93
N ALA N 133 8.63 71.67 -62.06
CA ALA N 133 8.77 70.98 -60.80
C ALA N 133 9.53 71.79 -59.77
N MET N 134 9.29 71.51 -58.47
CA MET N 134 9.80 72.28 -57.34
C MET N 134 10.22 71.37 -56.19
N TYR N 135 11.19 71.80 -55.36
CA TYR N 135 11.49 71.17 -54.09
C TYR N 135 12.12 72.24 -53.22
N VAL N 136 11.92 72.19 -51.88
CA VAL N 136 12.49 73.15 -50.95
C VAL N 136 13.31 72.42 -49.92
N ALA N 137 14.63 72.62 -49.91
CA ALA N 137 15.54 72.04 -48.93
C ALA N 137 15.99 73.07 -47.90
N ILE N 138 16.13 72.71 -46.62
CA ILE N 138 16.61 73.68 -45.63
C ILE N 138 18.09 74.01 -45.77
N GLN N 139 18.51 75.28 -45.59
CA GLN N 139 19.88 75.72 -45.86
C GLN N 139 20.91 75.05 -44.95
N ALA N 140 20.56 74.67 -43.70
CA ALA N 140 21.51 74.04 -42.81
C ALA N 140 21.90 72.62 -43.20
N VAL N 141 20.93 71.73 -43.50
CA VAL N 141 21.16 70.35 -43.89
C VAL N 141 22.09 70.20 -45.07
N LEU N 142 21.96 71.07 -46.07
CA LEU N 142 22.79 71.02 -47.25
C LEU N 142 24.26 71.23 -46.94
N SER N 143 24.61 71.97 -45.87
CA SER N 143 26.00 72.19 -45.51
C SER N 143 26.68 70.93 -45.00
N LEU N 144 25.89 69.88 -44.68
CA LEU N 144 26.40 68.57 -44.33
C LEU N 144 27.01 67.88 -45.53
N TYR N 145 26.33 67.94 -46.69
CA TYR N 145 26.79 67.33 -47.91
C TYR N 145 28.06 67.95 -48.43
N ALA N 146 28.14 69.29 -48.43
CA ALA N 146 29.31 70.05 -48.85
C ALA N 146 30.54 69.75 -48.00
N SER N 147 30.29 69.42 -46.74
CA SER N 147 31.35 69.08 -45.80
C SER N 147 31.63 67.61 -45.76
N GLY N 148 30.94 66.77 -46.58
CA GLY N 148 31.17 65.33 -46.68
C GLY N 148 31.17 64.60 -45.36
N ARG N 149 30.10 64.77 -44.57
CA ARG N 149 29.94 64.15 -43.27
C ARG N 149 28.67 63.34 -43.19
N THR N 150 28.62 62.34 -42.30
CA THR N 150 27.44 61.49 -42.11
C THR N 150 26.93 61.65 -40.69
N THR N 151 27.47 62.60 -39.92
CA THR N 151 27.15 62.82 -38.52
C THR N 151 27.63 64.22 -38.25
N GLY N 152 27.03 64.97 -37.29
CA GLY N 152 27.52 66.31 -36.94
C GLY N 152 26.48 67.40 -36.91
N ILE N 153 26.82 68.49 -36.22
CA ILE N 153 25.97 69.67 -36.08
C ILE N 153 26.23 70.76 -37.12
N VAL N 154 25.17 71.16 -37.88
CA VAL N 154 25.18 72.10 -38.99
C VAL N 154 24.66 73.52 -38.73
N LEU N 155 25.50 74.52 -39.07
CA LEU N 155 25.40 75.97 -38.95
C LEU N 155 25.08 76.90 -40.16
N ASP N 156 23.83 77.39 -40.43
CA ASP N 156 23.57 78.33 -41.56
C ASP N 156 23.48 79.62 -40.80
N SER N 157 24.54 80.44 -40.95
CA SER N 157 24.69 81.69 -40.25
C SER N 157 24.87 82.75 -41.31
N GLY N 158 23.84 83.59 -41.54
CA GLY N 158 23.90 84.73 -42.45
C GLY N 158 23.36 85.98 -41.84
N ASP N 159 23.67 87.16 -42.40
CA ASP N 159 22.99 88.41 -42.06
C ASP N 159 21.47 88.32 -42.36
N GLY N 160 20.51 88.25 -41.40
CA GLY N 160 20.65 88.15 -39.96
C GLY N 160 19.92 87.05 -39.22
N VAL N 161 20.00 85.80 -39.68
CA VAL N 161 19.50 84.66 -38.90
C VAL N 161 20.48 83.52 -38.96
N THR N 162 20.98 83.06 -37.79
CA THR N 162 21.77 81.86 -37.65
C THR N 162 20.95 80.66 -37.19
N HIS N 163 21.43 79.41 -37.40
CA HIS N 163 20.75 78.24 -36.85
C HIS N 163 21.74 77.17 -36.45
N ASN N 164 21.36 76.30 -35.49
CA ASN N 164 22.18 75.25 -34.92
C ASN N 164 21.45 73.91 -34.96
N VAL N 165 21.64 73.07 -36.00
CA VAL N 165 20.90 71.82 -36.16
C VAL N 165 21.75 70.56 -35.92
N PRO N 166 21.49 69.70 -34.94
CA PRO N 166 22.27 68.45 -34.77
C PRO N 166 21.76 67.30 -35.62
N ILE N 167 22.63 66.62 -36.40
CA ILE N 167 22.30 65.51 -37.29
C ILE N 167 23.17 64.28 -37.02
N TYR N 168 22.56 63.08 -36.91
CA TYR N 168 23.30 61.82 -36.80
C TYR N 168 23.04 61.02 -38.07
N GLU N 169 23.85 60.00 -38.39
CA GLU N 169 23.68 59.16 -39.57
C GLU N 169 22.35 58.43 -39.60
N GLY N 170 21.37 58.77 -40.46
CA GLY N 170 21.27 59.87 -41.41
C GLY N 170 19.93 60.52 -41.20
N TYR N 171 19.69 60.83 -39.92
CA TYR N 171 18.44 61.28 -39.39
C TYR N 171 18.61 62.58 -38.62
N ALA N 172 17.53 63.36 -38.52
CA ALA N 172 17.51 64.63 -37.83
C ALA N 172 16.71 64.46 -36.57
N LEU N 173 17.00 65.27 -35.55
CA LEU N 173 16.35 65.18 -34.26
C LEU N 173 15.44 66.37 -34.06
N PRO N 174 14.11 66.23 -33.98
CA PRO N 174 13.22 67.37 -33.84
C PRO N 174 13.40 68.08 -32.51
N HIS N 175 13.85 67.43 -31.43
CA HIS N 175 13.85 68.05 -30.11
C HIS N 175 15.05 68.96 -29.95
N ALA N 176 16.06 68.80 -30.80
CA ALA N 176 17.31 69.51 -30.64
C ALA N 176 17.56 70.70 -31.55
N ILE N 177 16.69 71.01 -32.51
CA ILE N 177 16.95 72.10 -33.45
C ILE N 177 16.76 73.49 -32.86
N MET N 178 17.81 74.34 -32.87
CA MET N 178 17.74 75.70 -32.37
C MET N 178 17.97 76.79 -33.43
N ARG N 179 17.05 77.77 -33.52
CA ARG N 179 17.10 78.89 -34.44
C ARG N 179 17.37 80.17 -33.65
N LEU N 180 18.47 80.89 -33.90
CA LEU N 180 18.73 82.14 -33.20
C LEU N 180 18.51 83.32 -34.14
N ASP N 181 17.70 84.32 -33.75
CA ASP N 181 17.59 85.55 -34.52
C ASP N 181 18.62 86.60 -34.07
N LEU N 182 19.92 86.22 -34.13
CA LEU N 182 21.03 86.99 -33.62
C LEU N 182 21.93 87.61 -34.69
N ALA N 183 22.98 86.92 -35.16
CA ALA N 183 23.94 87.46 -36.11
C ALA N 183 23.45 87.27 -37.53
N GLY N 184 23.89 88.06 -38.54
CA GLY N 184 24.96 89.06 -38.55
C GLY N 184 24.53 90.47 -38.87
N ARG N 185 23.32 90.71 -39.38
CA ARG N 185 22.89 92.05 -39.75
C ARG N 185 22.76 93.02 -38.56
N ASP N 186 22.56 92.47 -37.36
CA ASP N 186 22.59 93.17 -36.10
C ASP N 186 24.03 93.49 -35.71
N LEU N 187 25.02 92.74 -36.21
CA LEU N 187 26.43 93.06 -36.06
C LEU N 187 26.75 94.24 -36.94
N THR N 188 26.16 94.31 -38.15
CA THR N 188 26.24 95.50 -39.01
C THR N 188 25.68 96.72 -38.29
N ASP N 189 24.45 96.61 -37.74
CA ASP N 189 23.81 97.67 -36.99
C ASP N 189 24.62 98.08 -35.74
N TYR N 190 25.26 97.11 -35.06
CA TYR N 190 26.15 97.33 -33.94
C TYR N 190 27.44 98.02 -34.31
N LEU N 191 28.09 97.65 -35.44
CA LEU N 191 29.27 98.35 -35.93
C LEU N 191 28.98 99.80 -36.21
N MET N 192 27.80 100.08 -36.79
CA MET N 192 27.32 101.43 -36.97
C MET N 192 27.03 102.13 -35.65
N LYS N 193 26.64 101.37 -34.61
CA LYS N 193 26.38 101.92 -33.29
C LYS N 193 27.65 102.21 -32.51
N ILE N 194 28.75 101.46 -32.74
CA ILE N 194 30.00 101.72 -32.05
C ILE N 194 30.99 102.49 -32.89
N LEU N 195 30.68 102.83 -34.15
CA LEU N 195 31.56 103.70 -34.91
C LEU N 195 31.25 105.17 -34.68
N THR N 196 30.04 105.49 -34.21
CA THR N 196 29.70 106.83 -33.70
C THR N 196 30.52 107.17 -32.47
N GLU N 197 30.96 106.15 -31.71
CA GLU N 197 31.83 106.26 -30.55
C GLU N 197 33.20 106.84 -30.86
N ARG N 198 33.66 106.77 -32.12
CA ARG N 198 34.87 107.45 -32.58
C ARG N 198 34.53 108.60 -33.51
N GLY N 199 33.32 109.18 -33.41
CA GLY N 199 33.06 110.48 -34.01
C GLY N 199 32.84 110.47 -35.50
N TYR N 200 32.36 109.35 -36.07
CA TYR N 200 32.12 109.24 -37.49
C TYR N 200 30.66 108.90 -37.70
N SER N 201 29.91 109.79 -38.38
CA SER N 201 28.46 109.68 -38.50
C SER N 201 27.96 109.05 -39.79
N PHE N 202 27.16 107.97 -39.68
CA PHE N 202 26.65 107.24 -40.81
C PHE N 202 25.18 106.99 -40.57
N VAL N 203 24.33 107.30 -41.55
CA VAL N 203 22.89 107.29 -41.32
C VAL N 203 22.10 106.76 -42.50
N THR N 204 22.55 106.92 -43.75
CA THR N 204 21.67 106.62 -44.88
C THR N 204 21.67 105.15 -45.25
N THR N 205 20.73 104.74 -46.14
CA THR N 205 20.62 103.36 -46.60
C THR N 205 21.89 102.91 -47.27
N ALA N 206 22.40 103.75 -48.20
CA ALA N 206 23.70 103.55 -48.81
C ALA N 206 24.82 103.48 -47.80
N GLU N 207 24.89 104.43 -46.83
CA GLU N 207 25.99 104.44 -45.88
C GLU N 207 26.04 103.21 -45.00
N ARG N 208 24.89 102.56 -44.72
CA ARG N 208 24.86 101.27 -44.07
C ARG N 208 25.57 100.14 -44.80
N GLU N 209 25.54 100.15 -46.16
CA GLU N 209 26.28 99.21 -46.98
C GLU N 209 27.77 99.30 -46.74
N ILE N 210 28.29 100.53 -46.61
CA ILE N 210 29.70 100.78 -46.38
C ILE N 210 30.17 100.14 -45.10
N VAL N 211 29.34 100.20 -44.04
CA VAL N 211 29.56 99.49 -42.79
C VAL N 211 29.68 97.99 -42.98
N ARG N 212 28.76 97.37 -43.77
CA ARG N 212 28.79 95.94 -44.09
C ARG N 212 30.08 95.53 -44.79
N ASP N 213 30.58 96.37 -45.70
CA ASP N 213 31.80 96.11 -46.43
C ASP N 213 33.03 96.16 -45.52
N ILE N 214 33.06 97.08 -44.54
CA ILE N 214 34.10 97.09 -43.52
C ILE N 214 33.96 95.97 -42.51
N LYS N 215 32.76 95.38 -42.36
CA LYS N 215 32.53 94.22 -41.51
C LYS N 215 33.14 92.97 -42.09
N GLU N 216 33.13 92.85 -43.43
CA GLU N 216 33.79 91.79 -44.17
C GLU N 216 35.29 91.86 -43.95
N LYS N 217 35.91 92.92 -44.47
CA LYS N 217 37.33 93.02 -44.65
C LYS N 217 38.13 93.28 -43.38
N LEU N 218 37.77 94.27 -42.55
CA LEU N 218 38.68 94.72 -41.51
C LEU N 218 38.51 94.14 -40.12
N CYS N 219 37.39 93.45 -39.82
CA CYS N 219 37.15 92.90 -38.48
C CYS N 219 37.87 91.58 -38.22
N TYR N 220 38.12 91.24 -36.94
CA TYR N 220 38.70 89.96 -36.57
C TYR N 220 38.25 89.57 -35.18
N VAL N 221 38.30 88.26 -34.84
CA VAL N 221 37.90 87.73 -33.54
C VAL N 221 39.12 87.53 -32.65
N ALA N 222 38.98 87.77 -31.33
CA ALA N 222 40.06 87.68 -30.38
C ALA N 222 40.31 86.26 -29.89
N LEU N 223 41.40 86.02 -29.13
CA LEU N 223 41.60 84.73 -28.47
C LEU N 223 40.85 84.69 -27.15
N ASP N 224 40.98 85.76 -26.36
CA ASP N 224 40.23 85.96 -25.14
C ASP N 224 39.94 87.45 -25.07
N PHE N 225 38.67 87.86 -24.90
CA PHE N 225 38.24 89.24 -24.90
C PHE N 225 39.02 90.11 -23.93
N GLU N 226 38.98 89.79 -22.62
CA GLU N 226 39.70 90.49 -21.55
C GLU N 226 41.19 90.67 -21.82
N ASN N 227 41.84 89.66 -22.42
CA ASN N 227 43.27 89.74 -22.69
C ASN N 227 43.58 90.50 -23.98
N GLU N 228 42.67 90.52 -24.99
CA GLU N 228 42.83 91.37 -26.16
C GLU N 228 42.61 92.84 -25.80
N MET N 229 41.71 93.08 -24.81
CA MET N 229 41.38 94.36 -24.24
C MET N 229 42.51 95.01 -23.47
N ALA N 230 43.31 94.20 -22.75
CA ALA N 230 44.45 94.66 -21.99
C ALA N 230 45.48 95.39 -22.84
N THR N 231 45.96 94.74 -23.92
CA THR N 231 46.93 95.38 -24.80
C THR N 231 46.31 96.47 -25.67
N ALA N 232 44.97 96.44 -25.88
CA ALA N 232 44.23 97.51 -26.53
C ALA N 232 44.24 98.83 -25.78
N ALA N 233 44.23 98.78 -24.44
CA ALA N 233 44.25 99.94 -23.55
C ALA N 233 45.58 100.72 -23.57
N SER N 234 46.66 100.02 -23.93
CA SER N 234 47.98 100.58 -24.15
C SER N 234 48.09 101.23 -25.51
N SER N 235 49.23 101.86 -25.83
CA SER N 235 49.42 102.62 -27.07
C SER N 235 49.68 101.67 -28.24
N SER N 236 49.85 100.37 -27.93
CA SER N 236 50.07 99.25 -28.84
C SER N 236 49.08 99.22 -29.97
N SER N 237 49.55 99.52 -31.19
CA SER N 237 48.66 99.82 -32.28
C SER N 237 47.84 98.64 -32.76
N LEU N 238 46.50 98.83 -32.80
CA LEU N 238 45.58 97.97 -33.49
C LEU N 238 44.91 98.76 -34.59
N GLU N 239 45.32 100.03 -34.81
CA GLU N 239 44.75 100.86 -35.85
C GLU N 239 45.19 100.43 -37.24
N LYS N 240 44.21 100.16 -38.13
CA LYS N 240 44.43 100.00 -39.54
C LYS N 240 43.70 101.15 -40.19
N SER N 241 44.30 101.82 -41.19
CA SER N 241 43.70 103.03 -41.73
C SER N 241 42.91 102.69 -42.96
N TYR N 242 41.58 102.87 -42.90
CA TYR N 242 40.74 102.60 -44.04
C TYR N 242 40.46 103.88 -44.81
N GLU N 243 40.25 103.80 -46.14
CA GLU N 243 39.84 104.92 -46.94
C GLU N 243 38.43 104.68 -47.43
N LEU N 244 37.57 105.70 -47.43
CA LEU N 244 36.16 105.53 -47.67
C LEU N 244 35.83 106.09 -49.05
N PRO N 245 34.80 105.61 -49.75
CA PRO N 245 34.54 105.95 -51.15
C PRO N 245 34.44 107.41 -51.51
N ASP N 246 33.90 108.32 -50.67
CA ASP N 246 33.87 109.73 -51.01
C ASP N 246 35.08 110.53 -50.57
N GLY N 247 36.06 109.92 -49.87
CA GLY N 247 37.34 110.57 -49.60
C GLY N 247 37.95 110.24 -48.26
N GLN N 248 37.14 110.16 -47.20
CA GLN N 248 37.57 110.19 -45.80
C GLN N 248 38.50 109.04 -45.38
N VAL N 249 39.46 109.32 -44.47
CA VAL N 249 40.35 108.30 -43.92
C VAL N 249 40.07 108.06 -42.44
N ILE N 250 39.66 106.82 -42.07
CA ILE N 250 39.28 106.43 -40.72
C ILE N 250 40.28 105.47 -40.07
N THR N 251 40.77 105.74 -38.83
CA THR N 251 41.66 104.81 -38.12
C THR N 251 40.94 104.22 -36.90
N ILE N 252 40.47 102.96 -37.02
CA ILE N 252 39.81 102.20 -35.96
C ILE N 252 40.65 101.05 -35.45
N GLY N 253 40.63 100.82 -34.12
CA GLY N 253 41.39 99.74 -33.48
C GLY N 253 40.61 98.95 -32.48
N ASN N 254 40.32 99.52 -31.30
CA ASN N 254 39.57 98.86 -30.23
C ASN N 254 38.25 98.23 -30.68
N GLU N 255 37.33 99.04 -31.21
CA GLU N 255 36.05 98.65 -31.77
C GLU N 255 36.10 97.63 -32.92
N ARG N 256 37.23 97.56 -33.65
CA ARG N 256 37.52 96.62 -34.71
C ARG N 256 37.41 95.15 -34.37
N PHE N 257 37.85 94.74 -33.17
CA PHE N 257 37.68 93.37 -32.72
C PHE N 257 36.46 93.25 -31.84
N ARG N 258 35.93 94.40 -31.36
CA ARG N 258 34.75 94.43 -30.52
C ARG N 258 33.53 94.01 -31.29
N CYS N 259 33.29 94.57 -32.49
CA CYS N 259 32.09 94.16 -33.23
C CYS N 259 31.88 92.65 -33.45
N PRO N 260 32.74 91.79 -33.99
CA PRO N 260 32.40 90.37 -34.07
C PRO N 260 32.36 89.67 -32.75
N GLU N 261 33.19 90.12 -31.79
CA GLU N 261 33.26 89.58 -30.43
C GLU N 261 31.93 89.60 -29.68
N THR N 262 31.06 90.58 -30.04
CA THR N 262 29.65 90.71 -29.59
C THR N 262 28.85 89.41 -29.56
N LEU N 263 29.18 88.47 -30.49
CA LEU N 263 28.56 87.18 -30.62
C LEU N 263 28.66 86.32 -29.37
N PHE N 264 29.79 86.39 -28.65
CA PHE N 264 29.92 85.83 -27.33
C PHE N 264 29.35 86.79 -26.30
N GLN N 265 28.36 86.31 -25.52
CA GLN N 265 27.64 87.10 -24.52
C GLN N 265 26.89 88.27 -25.15
N PRO N 266 25.87 88.06 -26.00
CA PRO N 266 25.13 89.12 -26.69
C PRO N 266 24.38 90.06 -25.77
N SER N 267 24.48 89.89 -24.44
CA SER N 267 24.04 90.83 -23.42
C SER N 267 24.59 92.25 -23.56
N PHE N 268 25.54 92.50 -24.49
CA PHE N 268 25.98 93.84 -24.89
C PHE N 268 24.84 94.61 -25.52
N ILE N 269 23.92 93.89 -26.18
CA ILE N 269 22.75 94.44 -26.85
C ILE N 269 21.60 94.55 -25.85
N GLY N 270 21.76 93.97 -24.64
CA GLY N 270 20.74 93.91 -23.60
C GLY N 270 19.73 92.82 -23.82
N MET N 271 19.90 92.03 -24.88
CA MET N 271 19.07 90.89 -25.19
C MET N 271 19.41 89.71 -24.30
N GLU N 272 18.44 88.81 -24.09
CA GLU N 272 18.54 87.82 -23.04
C GLU N 272 18.93 86.46 -23.55
N SER N 273 18.89 86.27 -24.88
CA SER N 273 19.29 85.07 -25.59
C SER N 273 20.74 84.67 -25.37
N ALA N 274 21.04 83.35 -25.35
CA ALA N 274 22.36 82.88 -25.01
C ALA N 274 23.35 82.93 -26.18
N GLY N 275 24.66 83.00 -25.88
CA GLY N 275 25.70 83.15 -26.89
C GLY N 275 26.01 81.85 -27.60
N ILE N 276 26.71 81.92 -28.75
CA ILE N 276 27.08 80.76 -29.54
C ILE N 276 27.81 79.64 -28.81
N HIS N 277 28.77 79.98 -27.92
CA HIS N 277 29.31 79.16 -26.83
C HIS N 277 28.31 78.19 -26.25
N GLU N 278 27.22 78.73 -25.68
CA GLU N 278 26.22 77.94 -24.99
C GLU N 278 25.14 77.36 -25.90
N THR N 279 24.76 78.00 -27.02
CA THR N 279 23.73 77.43 -27.91
C THR N 279 24.18 76.21 -28.68
N THR N 280 25.50 76.16 -28.98
CA THR N 280 26.14 75.00 -29.59
C THR N 280 26.01 73.82 -28.64
N TYR N 281 26.47 74.02 -27.40
CA TYR N 281 26.37 73.05 -26.35
C TYR N 281 24.94 72.61 -26.01
N ASN N 282 24.01 73.56 -25.80
CA ASN N 282 22.66 73.26 -25.35
C ASN N 282 21.83 72.50 -26.39
N SER N 283 22.19 72.59 -27.69
CA SER N 283 21.54 71.80 -28.72
C SER N 283 22.07 70.39 -28.73
N ILE N 284 23.38 70.21 -28.44
CA ILE N 284 24.02 68.92 -28.30
C ILE N 284 23.46 68.18 -27.10
N MET N 285 23.34 68.85 -25.93
CA MET N 285 22.74 68.22 -24.76
C MET N 285 21.20 68.18 -24.80
N LYS N 286 20.58 68.30 -25.99
CA LYS N 286 19.19 67.95 -26.23
C LYS N 286 19.10 66.74 -27.13
N CYS N 287 20.24 66.08 -27.43
CA CYS N 287 20.26 64.82 -28.16
C CYS N 287 20.39 63.62 -27.24
N ASP N 288 20.04 62.42 -27.74
CA ASP N 288 20.18 61.13 -27.06
C ASP N 288 21.62 60.83 -26.64
N ILE N 289 21.80 60.18 -25.49
CA ILE N 289 23.08 60.09 -24.80
C ILE N 289 24.21 59.44 -25.57
N ASP N 290 24.01 58.24 -26.15
CA ASP N 290 25.07 57.52 -26.82
C ASP N 290 25.60 58.25 -28.05
N ILE N 291 24.76 59.07 -28.70
CA ILE N 291 25.13 59.73 -29.94
C ILE N 291 26.02 60.92 -29.67
N ARG N 292 25.97 61.51 -28.46
CA ARG N 292 26.77 62.68 -28.10
C ARG N 292 28.26 62.48 -28.28
N LYS N 293 28.72 61.23 -28.08
CA LYS N 293 30.06 60.73 -28.29
C LYS N 293 30.64 61.07 -29.66
N ASP N 294 29.80 61.06 -30.69
CA ASP N 294 30.21 61.25 -32.06
C ASP N 294 29.76 62.61 -32.57
N LEU N 295 28.99 63.39 -31.78
CA LEU N 295 28.76 64.79 -32.07
C LEU N 295 29.99 65.59 -31.75
N TYR N 296 30.68 65.25 -30.65
CA TYR N 296 32.04 65.71 -30.43
C TYR N 296 32.93 65.23 -31.58
N ALA N 297 33.59 66.17 -32.28
CA ALA N 297 34.51 65.94 -33.38
C ALA N 297 33.81 65.84 -34.73
N ASN N 298 32.57 66.32 -34.81
CA ASN N 298 31.85 66.49 -36.05
C ASN N 298 31.12 67.83 -35.92
N ASN N 299 31.74 68.77 -35.19
CA ASN N 299 31.30 70.14 -35.06
C ASN N 299 31.75 70.96 -36.26
N VAL N 300 30.89 71.13 -37.28
CA VAL N 300 31.24 71.84 -38.50
C VAL N 300 30.57 73.20 -38.67
N MET N 301 31.35 74.29 -38.64
CA MET N 301 30.76 75.62 -38.75
C MET N 301 30.61 76.03 -40.22
N SER N 302 29.73 77.00 -40.54
CA SER N 302 29.57 77.40 -41.93
C SER N 302 28.93 78.76 -42.12
N GLY N 303 28.71 79.13 -43.39
CA GLY N 303 28.11 80.37 -43.90
C GLY N 303 29.10 81.48 -44.13
N GLY N 304 28.59 82.68 -44.42
CA GLY N 304 29.42 83.86 -44.59
C GLY N 304 29.74 84.56 -43.31
N THR N 305 28.89 84.44 -42.29
CA THR N 305 29.13 85.15 -41.03
C THR N 305 30.01 84.37 -40.09
N THR N 306 30.65 83.29 -40.58
CA THR N 306 31.74 82.62 -39.88
C THR N 306 33.06 82.90 -40.56
N MET N 307 33.12 83.82 -41.54
CA MET N 307 34.33 84.11 -42.29
C MET N 307 35.42 84.90 -41.59
N TYR N 308 35.16 85.50 -40.43
CA TYR N 308 36.18 86.21 -39.65
C TYR N 308 37.41 85.37 -39.29
N PRO N 309 38.61 85.90 -39.24
CA PRO N 309 39.73 85.17 -38.66
C PRO N 309 39.63 85.30 -37.14
N GLY N 310 40.11 84.30 -36.40
CA GLY N 310 40.04 84.23 -34.93
C GLY N 310 39.06 83.20 -34.46
N ILE N 311 38.17 82.77 -35.36
CA ILE N 311 37.38 81.57 -35.19
C ILE N 311 38.03 80.63 -36.17
N ALA N 312 38.19 79.34 -35.86
CA ALA N 312 37.57 78.55 -34.82
C ALA N 312 38.36 78.35 -33.55
N ASP N 313 39.56 78.93 -33.34
CA ASP N 313 40.37 78.50 -32.19
C ASP N 313 39.95 79.24 -30.93
N ARG N 314 39.18 80.34 -31.09
CA ARG N 314 38.35 80.92 -30.04
C ARG N 314 37.27 79.92 -29.66
N MET N 315 36.44 79.51 -30.62
CA MET N 315 35.43 78.48 -30.42
C MET N 315 35.91 77.19 -29.77
N GLN N 316 37.09 76.68 -30.19
CA GLN N 316 37.74 75.50 -29.65
C GLN N 316 38.05 75.71 -28.19
N LYS N 317 38.91 76.70 -27.85
CA LYS N 317 39.24 77.02 -26.48
C LYS N 317 38.02 77.23 -25.56
N GLU N 318 36.94 77.85 -26.06
CA GLU N 318 35.73 78.05 -25.28
C GLU N 318 34.89 76.78 -25.05
N ILE N 319 34.70 75.93 -26.08
CA ILE N 319 33.91 74.71 -25.98
C ILE N 319 34.60 73.70 -25.10
N THR N 320 35.91 73.50 -25.32
CA THR N 320 36.76 72.53 -24.62
C THR N 320 36.76 72.71 -23.11
N ALA N 321 36.49 73.94 -22.64
CA ALA N 321 36.37 74.27 -21.24
C ALA N 321 35.06 73.82 -20.61
N LEU N 322 33.96 73.77 -21.39
CA LEU N 322 32.64 73.45 -20.89
C LEU N 322 32.26 71.98 -21.02
N ALA N 323 32.74 71.31 -22.09
CA ALA N 323 32.47 69.90 -22.30
C ALA N 323 33.22 69.00 -21.29
N PRO N 324 32.76 67.80 -20.94
CA PRO N 324 33.48 66.85 -20.10
C PRO N 324 34.99 66.74 -20.27
N SER N 325 35.74 66.47 -19.18
CA SER N 325 37.19 66.29 -19.24
C SER N 325 37.58 65.06 -20.06
N THR N 326 38.72 65.15 -20.76
CA THR N 326 39.32 64.11 -21.62
C THR N 326 38.44 63.71 -22.76
N MET N 327 37.88 64.70 -23.48
CA MET N 327 37.05 64.46 -24.65
C MET N 327 37.68 65.16 -25.85
N LYS N 328 37.85 64.44 -26.97
CA LYS N 328 38.49 64.98 -28.16
C LYS N 328 37.50 65.66 -29.08
N ILE N 329 37.62 67.00 -29.22
CA ILE N 329 36.68 67.82 -29.97
C ILE N 329 37.40 68.56 -31.06
N LYS N 330 37.34 68.03 -32.30
CA LYS N 330 37.75 68.73 -33.50
C LYS N 330 36.63 69.62 -33.99
N ILE N 331 36.96 70.82 -34.48
CA ILE N 331 36.00 71.74 -35.02
C ILE N 331 36.41 71.97 -36.45
N ILE N 332 35.56 71.63 -37.42
CA ILE N 332 35.95 71.65 -38.80
C ILE N 332 35.43 72.92 -39.40
N ALA N 333 36.33 73.75 -39.92
CA ALA N 333 35.94 74.97 -40.58
C ALA N 333 36.77 75.11 -41.84
N PRO N 334 36.36 74.63 -43.01
CA PRO N 334 37.21 74.65 -44.20
C PRO N 334 37.18 76.04 -44.81
N PRO N 335 37.99 76.42 -45.77
CA PRO N 335 37.68 77.46 -46.75
C PRO N 335 36.33 77.25 -47.44
N GLU N 336 35.82 78.25 -48.17
CA GLU N 336 34.65 78.21 -49.04
C GLU N 336 33.30 78.24 -48.35
N ARG N 337 33.25 78.35 -47.01
CA ARG N 337 32.02 78.22 -46.24
C ARG N 337 30.83 79.07 -46.65
N LYS N 338 31.08 80.26 -47.23
CA LYS N 338 30.08 81.14 -47.81
C LYS N 338 29.27 80.51 -48.93
N TYR N 339 29.84 79.51 -49.63
CA TYR N 339 29.17 78.90 -50.76
C TYR N 339 28.79 77.49 -50.41
N SER N 340 28.95 77.09 -49.13
CA SER N 340 28.70 75.74 -48.62
C SER N 340 27.33 75.21 -48.99
N VAL N 341 26.28 75.95 -48.60
CA VAL N 341 24.89 75.66 -48.88
C VAL N 341 24.64 75.33 -50.35
N TRP N 342 25.19 76.15 -51.26
CA TRP N 342 25.01 75.99 -52.68
C TRP N 342 25.67 74.72 -53.18
N ILE N 343 26.90 74.43 -52.69
CA ILE N 343 27.61 73.20 -53.01
C ILE N 343 26.90 71.96 -52.48
N GLY N 344 26.08 72.13 -51.43
CA GLY N 344 25.15 71.14 -50.93
C GLY N 344 24.08 70.85 -51.94
N GLY N 345 23.31 71.88 -52.33
CA GLY N 345 22.22 71.78 -53.28
C GLY N 345 22.64 71.14 -54.58
N SER N 346 23.83 71.52 -55.08
CA SER N 346 24.46 70.97 -56.27
C SER N 346 24.66 69.47 -56.22
N ILE N 347 25.15 68.94 -55.08
CA ILE N 347 25.36 67.51 -54.88
C ILE N 347 24.05 66.75 -54.93
N LEU N 348 22.96 67.32 -54.39
CA LEU N 348 21.68 66.67 -54.29
C LEU N 348 21.04 66.51 -55.65
N ALA N 349 20.73 67.63 -56.31
CA ALA N 349 19.98 67.69 -57.54
C ALA N 349 20.65 67.01 -58.74
N SER N 350 21.96 66.73 -58.66
CA SER N 350 22.64 65.95 -59.68
C SER N 350 22.49 64.45 -59.46
N LEU N 351 22.39 64.00 -58.20
CA LEU N 351 22.25 62.61 -57.79
C LEU N 351 20.91 61.90 -57.99
N SER N 352 20.98 60.62 -58.39
CA SER N 352 19.93 59.64 -58.09
C SER N 352 20.29 59.05 -56.73
N THR N 353 19.39 58.56 -55.86
CA THR N 353 17.96 58.32 -55.98
C THR N 353 17.10 59.54 -56.23
N PHE N 354 17.43 60.70 -55.65
CA PHE N 354 16.51 61.83 -55.66
C PHE N 354 16.09 62.48 -56.99
N GLN N 355 16.50 62.00 -58.19
CA GLN N 355 15.90 62.44 -59.44
C GLN N 355 14.38 62.31 -59.57
N GLN N 356 13.80 61.27 -58.97
CA GLN N 356 12.37 61.06 -58.93
C GLN N 356 11.66 61.61 -57.69
N MET N 357 12.30 62.47 -56.87
CA MET N 357 11.60 62.93 -55.66
C MET N 357 11.14 64.38 -55.66
N TRP N 358 11.12 65.03 -56.82
CA TRP N 358 10.58 66.36 -57.02
C TRP N 358 9.07 66.45 -56.88
N ILE N 359 8.53 67.63 -56.52
CA ILE N 359 7.11 67.91 -56.56
C ILE N 359 6.76 68.33 -57.98
N THR N 360 5.98 67.51 -58.71
CA THR N 360 5.68 67.75 -60.13
C THR N 360 4.36 68.44 -60.37
N LYS N 361 4.25 69.24 -61.44
CA LYS N 361 3.13 70.14 -61.68
C LYS N 361 1.74 69.53 -61.71
N GLN N 362 1.53 68.38 -62.39
CA GLN N 362 0.22 67.74 -62.43
C GLN N 362 -0.29 67.32 -61.05
N GLU N 363 0.60 66.70 -60.25
CA GLU N 363 0.28 66.31 -58.89
C GLU N 363 0.12 67.52 -57.99
N TYR N 364 0.94 68.56 -58.19
CA TYR N 364 0.84 69.83 -57.49
C TYR N 364 -0.52 70.52 -57.71
N ASP N 365 -1.01 70.55 -58.97
CA ASP N 365 -2.30 71.13 -59.29
C ASP N 365 -3.43 70.39 -58.58
N GLU N 366 -3.36 69.04 -58.55
CA GLU N 366 -4.31 68.22 -57.83
C GLU N 366 -4.23 68.40 -56.31
N ALA N 367 -3.01 68.39 -55.75
CA ALA N 367 -2.76 68.43 -54.31
C ALA N 367 -3.04 69.76 -53.66
N GLY N 368 -2.67 70.87 -54.34
CA GLY N 368 -2.82 72.22 -53.80
C GLY N 368 -1.61 72.64 -53.01
N PRO N 369 -1.59 73.82 -52.43
CA PRO N 369 -0.43 74.34 -51.69
C PRO N 369 -0.03 73.52 -50.48
N SER N 370 -0.94 72.79 -49.82
CA SER N 370 -0.65 71.95 -48.68
C SER N 370 0.18 70.69 -48.95
N ILE N 371 0.80 70.56 -50.14
CA ILE N 371 1.71 69.49 -50.49
C ILE N 371 3.03 69.50 -49.73
N VAL N 372 3.41 70.63 -49.10
CA VAL N 372 4.62 70.74 -48.29
C VAL N 372 4.51 70.02 -46.95
N HIS N 373 4.47 68.68 -47.01
CA HIS N 373 4.28 67.75 -45.93
C HIS N 373 5.20 66.54 -46.16
MG MG O . -28.52 -92.54 35.76
PB ADP P . -28.85 -90.13 32.91
O1B ADP P . -28.21 -90.86 34.06
O2B ADP P . -28.90 -88.63 33.06
O3B ADP P . -30.13 -90.76 32.41
PA ADP P . -28.35 -90.19 30.18
O1A ADP P . -28.79 -91.54 29.67
O2A ADP P . -29.28 -89.00 30.16
O3A ADP P . -27.83 -90.36 31.69
O5' ADP P . -26.98 -89.76 29.44
C5' ADP P . -26.87 -88.50 28.80
C4' ADP P . -25.40 -88.26 28.52
O4' ADP P . -25.00 -89.10 27.44
C3' ADP P . -25.08 -86.83 28.12
O3' ADP P . -24.40 -86.18 29.20
C2' ADP P . -24.19 -86.93 26.90
O2' ADP P . -22.89 -86.42 27.18
C1' ADP P . -24.10 -88.41 26.57
N9 ADP P . -24.47 -88.67 25.15
C8 ADP P . -25.67 -88.42 24.58
N7 ADP P . -25.67 -88.78 23.28
C5 ADP P . -24.46 -89.30 22.99
C6 ADP P . -23.78 -89.86 21.80
N6 ADP P . -24.42 -89.97 20.61
N1 ADP P . -22.50 -90.27 21.94
C2 ADP P . -21.85 -90.16 23.12
N3 ADP P . -22.40 -89.67 24.23
C4 ADP P . -23.67 -89.21 24.23
MG MG Q . 6.50 -68.80 33.34
PB ADP R . 8.19 -65.46 33.66
O1B ADP R . 7.08 -66.46 33.41
O2B ADP R . 8.47 -64.54 32.50
O3B ADP R . 9.42 -66.05 34.33
PA ADP R . 8.59 -63.61 35.69
O1A ADP R . 8.90 -64.38 36.95
O2A ADP R . 9.69 -63.12 34.78
O3A ADP R . 7.58 -64.49 34.79
O5' ADP R . 7.65 -62.36 36.05
C5' ADP R . 8.00 -61.04 35.62
C4' ADP R . 6.76 -60.17 35.82
O4' ADP R . 6.56 -59.93 37.21
C3' ADP R . 6.88 -58.83 35.13
O3' ADP R . 6.03 -58.81 33.98
C2' ADP R . 6.43 -57.79 36.16
O2' ADP R . 5.23 -57.15 35.73
C1' ADP R . 6.16 -58.58 37.43
N9 ADP R . 6.91 -58.02 38.58
C8 ADP R . 8.25 -57.91 38.69
N7 ADP R . 8.59 -57.35 39.88
C5 ADP R . 7.47 -57.08 40.56
C6 ADP R . 7.11 -56.48 41.86
N6 ADP R . 8.06 -56.03 42.72
N1 ADP R . 5.80 -56.39 42.17
C2 ADP R . 4.84 -56.82 41.33
N3 ADP R . 5.09 -57.37 40.13
C4 ADP R . 6.36 -57.51 39.69
MG MG S . -20.59 -38.21 22.00
PB ADP T . -21.60 -35.50 19.62
O1B ADP T . -20.69 -36.44 20.39
O2B ADP T . -21.32 -34.03 19.84
O3B ADP T . -23.07 -35.88 19.69
PA ADP T . -22.27 -35.35 16.94
O1A ADP T . -23.11 -36.56 16.61
O2A ADP T . -22.90 -34.04 17.34
O3A ADP T . -21.22 -35.76 18.09
O5' ADP T . -21.27 -35.06 15.72
C5' ADP T . -21.19 -33.76 15.12
C4' ADP T . -19.95 -33.73 14.26
O4' ADP T . -20.17 -34.50 13.08
C3' ADP T . -19.57 -32.32 13.82
O3' ADP T . -18.41 -31.89 14.54
C2' ADP T . -19.28 -32.42 12.33
O2' ADP T . -17.90 -32.14 12.07
C1' ADP T . -19.59 -33.85 11.94
N9 ADP T . -20.55 -33.92 10.81
C8 ADP T . -21.80 -33.43 10.80
N7 ADP T . -22.40 -33.66 9.59
C5 ADP T . -21.51 -34.31 8.81
C6 ADP T . -21.49 -34.84 7.43
N6 ADP T . -22.56 -34.73 6.60
N1 ADP T . -20.35 -35.45 7.02
C2 ADP T . -19.28 -35.56 7.82
N3 ADP T . -19.23 -35.10 9.08
C4 ADP T . -20.29 -34.47 9.62
MG MG U . 14.14 -19.82 6.04
PB ADP V . 16.37 -16.83 5.74
O1B ADP V . 15.10 -17.61 5.94
O2B ADP V . 16.32 -15.84 4.60
O3B ADP V . 17.63 -17.66 5.82
PA ADP V . 17.87 -15.27 7.48
O1A ADP V . 18.52 -16.21 8.46
O2A ADP V . 18.58 -14.85 6.21
O3A ADP V . 16.46 -15.90 7.05
O5' ADP V . 17.39 -13.94 8.24
C5' ADP V . 17.76 -12.65 7.76
C4' ADP V . 16.89 -11.63 8.48
O4' ADP V . 17.32 -11.51 9.83
C3' ADP V . 16.96 -10.25 7.85
O3' ADP V . 15.73 -9.98 7.16
C2' ADP V . 17.15 -9.28 9.00
O2' ADP V . 16.01 -8.43 9.13
C1' ADP V . 17.28 -10.15 10.25
N9 ADP V . 18.52 -9.82 11.00
C8 ADP V . 19.78 -9.93 10.54
N7 ADP V . 20.68 -9.55 11.50
C5 ADP V . 19.97 -9.19 12.59
C6 ADP V . 20.30 -8.68 13.95
N6 ADP V . 21.57 -8.48 14.35
N1 ADP V . 19.25 -8.43 14.78
C2 ADP V . 17.98 -8.62 14.40
N3 ADP V . 17.63 -9.08 13.18
C4 ADP V . 18.56 -9.36 12.25
MG MG W . -9.33 15.42 8.01
PB ADP X . -10.73 18.49 6.37
O1B ADP X . -9.76 17.35 6.64
O2B ADP X . -10.12 19.86 6.48
O3B ADP X . -12.08 18.32 7.02
PA ADP X . -12.38 19.01 4.20
O1A ADP X . -13.48 17.98 4.22
O2A ADP X . -12.55 20.35 4.88
O3A ADP X . -11.04 18.33 4.80
O5' ADP X . -11.92 19.28 2.69
C5' ADP X . -11.86 20.60 2.17
C4' ADP X . -11.09 20.54 0.85
O4' ADP X . -11.89 19.93 -0.14
C3' ADP X . -10.68 21.91 0.34
O3' ADP X . -9.27 22.08 0.53
C2' ADP X . -11.03 21.92 -1.13
O2' ADP X . -9.86 22.02 -1.94
C1' ADP X . -11.72 20.60 -1.40
N9 ADP X . -13.06 20.79 -2.03
C8 ADP X . -14.11 21.46 -1.51
N7 ADP X . -15.16 21.45 -2.36
C5 ADP X . -14.79 20.76 -3.46
C6 ADP X . -15.43 20.38 -4.75
N6 ADP X . -16.70 20.72 -5.04
N1 ADP X . -14.68 19.66 -5.61
C2 ADP X . -13.42 19.30 -5.33
N3 ADP X . -12.78 19.61 -4.19
C4 ADP X . -13.41 20.34 -3.24
MG MG Y . 18.61 30.03 -20.32
PB ADP Z . 21.01 32.68 -21.41
O1B ADP Z . 19.82 32.08 -20.73
O2B ADP Z . 20.68 33.78 -22.40
O3B ADP Z . 22.03 31.67 -21.91
PA ADP Z . 23.34 33.80 -20.42
O1A ADP Z . 24.17 32.68 -19.83
O2A ADP Z . 23.54 34.24 -21.86
O3A ADP Z . 21.79 33.45 -20.24
O5' ADP Z . 23.47 35.11 -19.48
C5' ADP Z . 23.83 36.36 -20.03
C4' ADP Z . 23.52 37.42 -18.98
O4' ADP Z . 24.48 37.34 -17.93
C3' ADP Z . 23.58 38.84 -19.54
O3' ADP Z . 22.24 39.36 -19.65
C2' ADP Z . 24.38 39.64 -18.54
O2' ADP Z . 23.57 40.64 -17.92
C1' ADP Z . 24.86 38.64 -17.49
N9 ADP Z . 26.33 38.70 -17.32
C8 ADP Z . 27.26 38.46 -18.25
N7 ADP Z . 28.51 38.60 -17.76
C5 ADP Z . 28.40 38.94 -16.45
C6 ADP Z . 29.32 39.25 -15.34
N6 ADP Z . 30.67 39.22 -15.50
N1 ADP Z . 28.77 39.56 -14.14
C2 ADP Z . 27.45 39.60 -13.96
N3 ADP Z . 26.54 39.33 -14.93
C4 ADP Z . 26.96 39.01 -16.18
MG MG AA . 4.65 68.00 -7.60
PB ADP BA . 3.29 71.40 -8.42
O1B ADP BA . 4.05 70.11 -8.60
O2B ADP BA . 4.12 72.65 -8.52
O3B ADP BA . 2.30 71.37 -7.27
PA ADP BA . 1.02 72.38 -9.67
O1A ADP BA . -0.15 71.54 -9.24
O2A ADP BA . 1.39 73.66 -8.94
O3A ADP BA . 2.33 71.46 -9.71
O5' ADP BA . 0.86 72.74 -11.23
C5' ADP BA . 0.94 74.09 -11.69
C4' ADP BA . 1.10 74.04 -13.21
O4' ADP BA . -0.14 73.67 -13.80
C3' ADP BA . 1.50 75.39 -13.79
O3' ADP BA . 2.87 75.33 -14.20
C2' ADP BA . 0.59 75.61 -14.99
O2' ADP BA . 1.33 75.61 -16.20
C1' ADP BA . -0.38 74.43 -14.98
N9 ADP BA . -1.79 74.89 -15.00
C8 ADP BA . -2.40 75.65 -14.06
N7 ADP BA . -3.69 75.89 -14.40
C5 ADP BA . -3.94 75.27 -15.57
C6 ADP BA . -5.10 75.12 -16.48
N6 ADP BA . -6.30 75.68 -16.21
N1 ADP BA . -4.91 74.39 -17.61
C2 ADP BA . -3.72 73.83 -17.89
N3 ADP BA . -2.64 73.92 -17.12
C4 ADP BA . -2.68 74.63 -15.96
MG MG CA . 20.90 81.17 -44.50
PB ADP DA . 23.08 83.53 -46.42
O1B ADP DA . 22.18 83.04 -45.32
O2B ADP DA . 22.58 84.76 -47.15
O3B ADP DA . 23.61 82.44 -47.32
PA ADP DA . 25.78 84.19 -46.45
O1A ADP DA . 26.56 82.90 -46.28
O2A ADP DA . 25.46 84.73 -47.82
O3A ADP DA . 24.39 84.04 -45.64
O5' ADP DA . 26.50 85.35 -45.60
C5' ADP DA . 26.83 86.59 -46.21
C4' ADP DA . 27.15 87.57 -45.09
O4' ADP DA . 28.43 87.24 -44.54
C3' ADP DA . 27.23 89.01 -45.57
O3' ADP DA . 26.09 89.72 -45.10
C2' ADP DA . 28.51 89.58 -44.96
O2' ADP DA . 28.21 90.62 -44.03
C1' ADP DA . 29.17 88.42 -44.25
N9 ADP DA . 30.58 88.25 -44.69
C8 ADP DA . 30.99 87.96 -45.95
N7 ADP DA . 32.35 87.86 -46.00
C5 ADP DA . 32.82 88.08 -44.76
C6 ADP DA . 34.16 88.14 -44.12
N6 ADP DA . 35.30 87.92 -44.83
N1 ADP DA . 34.20 88.40 -42.79
C2 ADP DA . 33.09 88.62 -42.08
N3 ADP DA . 31.85 88.59 -42.60
C4 ADP DA . 31.66 88.34 -43.91
#